data_4L3C
#
_entry.id   4L3C
#
_cell.length_a   102.110
_cell.length_b   314.500
_cell.length_c   316.230
_cell.angle_alpha   90.00
_cell.angle_beta   90.00
_cell.angle_gamma   90.00
#
_symmetry.space_group_name_H-M   'P 21 21 21'
#
loop_
_entity.id
_entity.type
_entity.pdbx_description
1 polymer 'HLA class I histocompatibility antigen, A-2 alpha chain'
2 polymer Beta-2-microglobulin
3 polymer 'NY-ESO1 double mutant (1Y, 9V)'
4 non-polymer 'CHLORIDE ION'
5 non-polymer GLYCEROL
6 water water
#
loop_
_entity_poly.entity_id
_entity_poly.type
_entity_poly.pdbx_seq_one_letter_code
_entity_poly.pdbx_strand_id
1 'polypeptide(L)'
;GSHSMRYFFTSVSRPGRGEPRFIAVGYVDDTQFVRFDSDAASQRMEPRAPWIEQEGPEYWDGETRKVKAHSQTHRVDLGT
LRGYYNQSEAGSHTVQRMYGCDVGSDWRFLRGYHQYAYDGKDYIALKEDLRSWTAADMAAQTTKHKWEAAHVAEQLRAYL
EGTCVEWLRRYLENGKETLQRTDAPKTHMTHHAVSDHEATLRCWALSFYPAEITLTWQRDGEDQTQDTELVETRPAGDGT
FQKWAAVVVPSGQEQRYTCHVQHEGLPKPLTLRWEP
;
A,C,E,G,I,K,M,O,Q,S,U,W,Y,a
2 'polypeptide(L)'
;MIQRTPKIQVYSRHPAENGKSNFLNCYVSGFHPSDIEVDLLKNGERIEKVEHSDLSFSKDWSFYLLYYTEFTPTEKNEYA
CRVNHVTLSQPKIVKWDRDM
;
B,D,F,H,J,L,N,P,R,T,V,X,Z,b
3 'polypeptide(L)' YLLMWITQV m,i,k,f,l,h,e,n,p,o,c,g,q,j
#
# COMPACT_ATOMS: atom_id res chain seq x y z
N GLY A 1 37.78 23.84 -33.00
CA GLY A 1 38.30 22.45 -33.15
C GLY A 1 37.21 21.49 -33.64
N SER A 2 37.30 20.24 -33.21
CA SER A 2 36.33 19.22 -33.58
C SER A 2 35.07 19.38 -32.71
N HIS A 3 33.96 18.80 -33.14
CA HIS A 3 32.70 18.91 -32.43
C HIS A 3 31.92 17.62 -32.60
N SER A 4 30.99 17.36 -31.68
CA SER A 4 30.20 16.13 -31.72
C SER A 4 28.71 16.41 -31.52
N MET A 5 27.90 15.51 -32.05
CA MET A 5 26.49 15.41 -31.69
C MET A 5 26.27 13.98 -31.22
N ARG A 6 25.54 13.82 -30.12
CA ARG A 6 25.32 12.51 -29.52
C ARG A 6 23.95 12.43 -28.85
N TYR A 7 23.23 11.36 -29.12
CA TYR A 7 22.02 11.00 -28.39
C TYR A 7 22.31 9.78 -27.55
N PHE A 8 21.85 9.83 -26.30
CA PHE A 8 21.96 8.71 -25.37
C PHE A 8 20.54 8.32 -24.97
N PHE A 9 20.27 7.02 -24.99
CA PHE A 9 18.97 6.53 -24.63
C PHE A 9 19.16 5.44 -23.57
N THR A 10 18.28 5.43 -22.58
CA THR A 10 18.23 4.39 -21.59
C THR A 10 16.79 3.95 -21.49
N SER A 11 16.62 2.63 -21.46
CA SER A 11 15.32 1.99 -21.42
C SER A 11 15.36 0.88 -20.36
N VAL A 12 14.51 0.96 -19.34
CA VAL A 12 14.55 0.03 -18.20
C VAL A 12 13.20 -0.63 -18.08
N SER A 13 13.16 -1.96 -18.07
CA SER A 13 11.87 -2.64 -17.85
C SER A 13 11.48 -2.57 -16.37
N ARG A 14 10.19 -2.62 -16.10
CA ARG A 14 9.66 -2.49 -14.73
C ARG A 14 8.49 -3.44 -14.53
N PRO A 15 8.75 -4.74 -14.64
CA PRO A 15 7.66 -5.71 -14.43
C PRO A 15 6.99 -5.54 -13.06
N GLY A 16 5.66 -5.59 -13.07
CA GLY A 16 4.90 -5.55 -11.81
C GLY A 16 4.76 -4.16 -11.23
N ARG A 17 5.16 -3.15 -12.00
CA ARG A 17 5.26 -1.78 -11.49
C ARG A 17 5.06 -0.72 -12.58
N GLY A 18 4.51 -1.09 -13.73
CA GLY A 18 4.28 -0.13 -14.83
C GLY A 18 5.08 -0.42 -16.09
N GLU A 19 4.92 0.43 -17.10
CA GLU A 19 5.58 0.29 -18.40
C GLU A 19 7.07 0.67 -18.34
N PRO A 20 7.84 0.31 -19.38
CA PRO A 20 9.27 0.58 -19.34
C PRO A 20 9.57 2.04 -19.35
N ARG A 21 10.53 2.44 -18.53
CA ARG A 21 10.98 3.82 -18.50
C ARG A 21 11.89 4.03 -19.72
N PHE A 22 11.67 5.15 -20.41
CA PHE A 22 12.53 5.57 -21.50
C PHE A 22 12.99 6.99 -21.27
N ILE A 23 14.29 7.22 -21.42
CA ILE A 23 14.87 8.54 -21.30
C ILE A 23 15.81 8.77 -22.48
N ALA A 24 15.67 9.92 -23.13
CA ALA A 24 16.52 10.24 -24.25
C ALA A 24 17.12 11.61 -24.02
N VAL A 25 18.42 11.75 -24.26
CA VAL A 25 19.09 13.06 -24.20
C VAL A 25 20.06 13.28 -25.37
N GLY A 26 19.99 14.46 -25.97
CA GLY A 26 20.89 14.87 -27.03
C GLY A 26 21.86 15.91 -26.52
N TYR A 27 23.08 15.88 -27.08
CA TYR A 27 24.15 16.81 -26.71
C TYR A 27 24.83 17.31 -27.96
N VAL A 28 25.40 18.49 -27.86
CA VAL A 28 26.35 18.97 -28.84
C VAL A 28 27.56 19.34 -28.00
N ASP A 29 28.70 18.74 -28.30
CA ASP A 29 29.86 18.82 -27.43
C ASP A 29 29.47 18.47 -25.98
N ASP A 30 29.75 19.34 -25.01
CA ASP A 30 29.39 19.04 -23.63
C ASP A 30 28.08 19.71 -23.17
N THR A 31 27.29 20.22 -24.11
CA THR A 31 26.04 20.92 -23.80
C THR A 31 24.83 20.10 -24.18
N GLN A 32 23.96 19.86 -23.21
CA GLN A 32 22.70 19.20 -23.46
C GLN A 32 21.84 20.21 -24.18
N PHE A 33 21.00 19.75 -25.12
CA PHE A 33 20.08 20.65 -25.78
C PHE A 33 18.66 20.13 -25.91
N VAL A 34 18.44 18.83 -25.73
CA VAL A 34 17.07 18.26 -25.77
C VAL A 34 16.96 17.10 -24.81
N ARG A 35 15.72 16.74 -24.47
CA ARG A 35 15.46 15.51 -23.77
C ARG A 35 14.03 15.04 -23.88
N PHE A 36 13.82 13.75 -23.60
CA PHE A 36 12.49 13.15 -23.49
C PHE A 36 12.54 12.16 -22.36
N ASP A 37 11.52 12.17 -21.51
CA ASP A 37 11.40 11.23 -20.39
C ASP A 37 10.00 10.69 -20.40
N SER A 38 9.88 9.38 -20.55
CA SER A 38 8.59 8.70 -20.58
C SER A 38 7.70 9.07 -19.39
N ASP A 39 8.31 9.33 -18.23
CA ASP A 39 7.52 9.61 -17.01
C ASP A 39 7.11 11.07 -16.88
N ALA A 40 7.81 11.96 -17.58
CA ALA A 40 7.48 13.40 -17.59
C ALA A 40 6.12 13.64 -18.20
N ALA A 41 5.64 14.88 -18.14
CA ALA A 41 4.24 15.20 -18.45
C ALA A 41 4.00 15.79 -19.84
N SER A 42 5.00 16.48 -20.38
CA SER A 42 4.88 17.06 -21.72
C SER A 42 4.61 15.98 -22.77
N GLN A 43 5.34 14.87 -22.67
CA GLN A 43 5.35 13.81 -23.69
C GLN A 43 5.82 14.39 -25.03
N ARG A 44 6.79 15.30 -24.95
CA ARG A 44 7.35 15.97 -26.11
C ARG A 44 8.83 15.99 -25.93
N MET A 45 9.58 15.96 -27.03
CA MET A 45 10.99 16.29 -26.95
C MET A 45 11.02 17.73 -26.45
N GLU A 46 11.79 17.99 -25.40
CA GLU A 46 11.82 19.30 -24.76
C GLU A 46 13.20 19.93 -24.93
N PRO A 47 13.25 21.24 -25.19
CA PRO A 47 14.52 21.97 -25.30
C PRO A 47 15.20 22.14 -23.95
N ARG A 48 16.52 22.09 -23.93
CA ARG A 48 17.30 22.35 -22.72
C ARG A 48 18.53 23.24 -22.98
N ALA A 49 18.55 23.88 -24.14
CA ALA A 49 19.51 24.92 -24.44
C ALA A 49 18.80 25.98 -25.28
N PRO A 50 19.23 27.25 -25.15
CA PRO A 50 18.42 28.35 -25.71
C PRO A 50 18.40 28.42 -27.24
N TRP A 51 19.51 28.10 -27.88
CA TRP A 51 19.57 28.10 -29.33
C TRP A 51 18.61 27.10 -29.99
N ILE A 52 18.28 26.02 -29.31
CA ILE A 52 17.34 25.07 -29.92
C ILE A 52 15.90 25.57 -29.80
N GLU A 53 15.64 26.55 -28.91
CA GLU A 53 14.31 27.18 -28.83
C GLU A 53 13.95 27.97 -30.09
N GLN A 54 14.97 28.37 -30.85
CA GLN A 54 14.75 29.00 -32.15
C GLN A 54 13.88 28.14 -33.06
N GLU A 55 14.08 26.83 -33.03
CA GLU A 55 13.41 25.93 -33.97
C GLU A 55 11.88 26.00 -33.83
N GLY A 56 11.20 25.90 -34.95
CA GLY A 56 9.76 26.03 -35.01
C GLY A 56 9.02 24.72 -34.83
N PRO A 57 7.68 24.78 -34.94
CA PRO A 57 6.80 23.64 -34.66
C PRO A 57 7.08 22.38 -35.47
N GLU A 58 7.35 22.50 -36.77
CA GLU A 58 7.65 21.33 -37.61
C GLU A 58 8.76 20.49 -36.96
N TYR A 59 9.78 21.18 -36.48
CA TYR A 59 10.92 20.55 -35.86
C TYR A 59 10.56 19.76 -34.59
N TRP A 60 9.80 20.38 -33.68
CA TRP A 60 9.45 19.74 -32.40
C TRP A 60 8.47 18.61 -32.57
N ASP A 61 7.55 18.75 -33.52
CA ASP A 61 6.66 17.66 -33.85
C ASP A 61 7.46 16.47 -34.36
N GLY A 62 8.43 16.74 -35.23
CA GLY A 62 9.23 15.68 -35.84
C GLY A 62 10.12 14.97 -34.84
N GLU A 63 10.78 15.73 -33.96
CA GLU A 63 11.65 15.12 -32.96
C GLU A 63 10.86 14.30 -31.94
N THR A 64 9.68 14.80 -31.58
CA THR A 64 8.77 14.07 -30.69
C THR A 64 8.33 12.76 -31.34
N ARG A 65 7.85 12.84 -32.57
CA ARG A 65 7.50 11.65 -33.33
C ARG A 65 8.63 10.60 -33.37
N LYS A 66 9.85 11.04 -33.62
CA LYS A 66 10.95 10.11 -33.77
C LYS A 66 11.33 9.53 -32.41
N VAL A 67 11.37 10.36 -31.39
CA VAL A 67 11.76 9.85 -30.09
C VAL A 67 10.72 8.85 -29.58
N LYS A 68 9.45 9.02 -29.93
CA LYS A 68 8.41 8.04 -29.57
C LYS A 68 8.57 6.73 -30.33
N ALA A 69 8.92 6.79 -31.61
CA ALA A 69 9.25 5.57 -32.37
C ALA A 69 10.49 4.86 -31.79
N HIS A 70 11.49 5.61 -31.32
CA HIS A 70 12.67 5.03 -30.64
C HIS A 70 12.22 4.28 -29.40
N SER A 71 11.49 4.99 -28.55
CA SER A 71 10.84 4.40 -27.38
C SER A 71 10.15 3.09 -27.71
N GLN A 72 9.41 3.05 -28.82
CA GLN A 72 8.63 1.86 -29.16
C GLN A 72 9.49 0.70 -29.64
N THR A 73 10.53 1.00 -30.39
CA THR A 73 11.47 -0.02 -30.82
C THR A 73 12.15 -0.62 -29.58
N HIS A 74 12.55 0.21 -28.66
CA HIS A 74 13.14 -0.27 -27.41
C HIS A 74 12.21 -1.09 -26.57
N ARG A 75 10.93 -0.71 -26.56
CA ARG A 75 9.94 -1.46 -25.81
C ARG A 75 9.89 -2.88 -26.36
N VAL A 76 9.90 -2.99 -27.68
CA VAL A 76 9.91 -4.31 -28.31
C VAL A 76 11.24 -5.04 -28.07
N ASP A 77 12.34 -4.32 -28.23
CA ASP A 77 13.67 -4.87 -27.99
C ASP A 77 13.86 -5.53 -26.62
N LEU A 78 13.26 -4.99 -25.56
CA LEU A 78 13.33 -5.64 -24.24
C LEU A 78 12.69 -7.04 -24.25
N GLY A 79 11.63 -7.21 -25.03
CA GLY A 79 10.96 -8.50 -25.14
C GLY A 79 11.80 -9.52 -25.90
N THR A 80 12.42 -9.06 -26.98
CA THR A 80 13.22 -9.95 -27.80
C THR A 80 14.45 -10.40 -27.05
N LEU A 81 15.12 -9.46 -26.39
CA LEU A 81 16.37 -9.77 -25.70
C LEU A 81 16.16 -10.84 -24.64
N ARG A 82 15.07 -10.72 -23.91
CA ARG A 82 14.73 -11.65 -22.86
C ARG A 82 14.45 -13.03 -23.44
N GLY A 83 13.88 -13.09 -24.64
CA GLY A 83 13.78 -14.32 -25.39
C GLY A 83 15.13 -14.86 -25.87
N TYR A 84 16.01 -13.98 -26.37
CA TYR A 84 17.30 -14.44 -26.88
C TYR A 84 18.06 -15.12 -25.75
N TYR A 85 18.12 -14.47 -24.59
CA TYR A 85 18.84 -15.02 -23.43
C TYR A 85 18.03 -16.00 -22.55
N ASN A 86 16.80 -16.37 -22.96
CA ASN A 86 15.99 -17.32 -22.19
C ASN A 86 15.89 -16.85 -20.74
N GLN A 87 15.45 -15.61 -20.56
CA GLN A 87 15.38 -14.98 -19.26
C GLN A 87 13.94 -14.96 -18.73
N SER A 88 13.77 -15.27 -17.46
CA SER A 88 12.45 -15.19 -16.86
C SER A 88 11.94 -13.77 -16.99
N GLU A 89 10.69 -13.66 -17.38
CA GLU A 89 10.13 -12.38 -17.66
C GLU A 89 9.72 -11.75 -16.34
N ALA A 90 10.46 -12.02 -15.29
CA ALA A 90 10.17 -11.32 -14.10
C ALA A 90 11.41 -10.74 -13.56
N GLY A 91 11.93 -9.76 -14.22
CA GLY A 91 13.11 -9.04 -13.75
C GLY A 91 13.27 -7.73 -14.51
N SER A 92 13.86 -6.76 -13.83
CA SER A 92 14.15 -5.47 -14.44
C SER A 92 15.42 -5.59 -15.23
N HIS A 93 15.33 -5.22 -16.51
CA HIS A 93 16.47 -5.25 -17.41
C HIS A 93 16.70 -3.88 -18.03
N THR A 94 17.92 -3.65 -18.50
CA THR A 94 18.34 -2.33 -19.00
C THR A 94 18.94 -2.44 -20.39
N VAL A 95 18.42 -1.64 -21.32
CA VAL A 95 19.03 -1.45 -22.61
C VAL A 95 19.56 -0.03 -22.70
N GLN A 96 20.74 0.15 -23.29
CA GLN A 96 21.31 1.48 -23.54
C GLN A 96 21.75 1.64 -25.00
N ARG A 97 21.54 2.81 -25.60
CA ARG A 97 22.03 3.08 -26.95
C ARG A 97 22.66 4.47 -27.03
N MET A 98 23.78 4.56 -27.75
CA MET A 98 24.39 5.84 -28.04
C MET A 98 24.73 5.86 -29.52
N TYR A 99 24.30 6.90 -30.23
CA TYR A 99 24.80 7.14 -31.58
C TYR A 99 25.06 8.62 -31.83
N GLY A 100 25.85 8.88 -32.86
CA GLY A 100 26.25 10.22 -33.18
C GLY A 100 27.37 10.32 -34.18
N CYS A 101 27.70 11.58 -34.52
CA CYS A 101 28.73 11.89 -35.49
C CYS A 101 29.67 12.92 -34.89
N ASP A 102 30.89 12.94 -35.41
CA ASP A 102 31.88 13.97 -35.11
C ASP A 102 32.30 14.67 -36.39
N VAL A 103 32.60 15.95 -36.29
CA VAL A 103 33.20 16.70 -37.38
C VAL A 103 34.48 17.34 -36.89
N GLY A 104 35.42 17.52 -37.80
CA GLY A 104 36.70 18.16 -37.50
C GLY A 104 36.58 19.67 -37.49
N SER A 105 37.73 20.33 -37.43
CA SER A 105 37.85 21.80 -37.45
C SER A 105 37.10 22.41 -38.63
N ASP A 106 37.21 21.79 -39.80
CA ASP A 106 36.56 22.29 -41.00
C ASP A 106 35.09 21.89 -41.12
N TRP A 107 34.52 21.37 -40.03
CA TRP A 107 33.09 21.09 -39.93
C TRP A 107 32.63 20.01 -40.90
N ARG A 108 33.57 19.14 -41.24
CA ARG A 108 33.30 18.05 -42.15
C ARG A 108 33.44 16.74 -41.40
N PHE A 109 32.63 15.76 -41.80
CA PHE A 109 32.58 14.45 -41.15
C PHE A 109 33.94 13.84 -40.88
N LEU A 110 34.19 13.57 -39.61
CA LEU A 110 35.35 12.81 -39.15
C LEU A 110 35.02 11.35 -38.89
N ARG A 111 33.90 11.12 -38.23
CA ARG A 111 33.72 9.84 -37.56
C ARG A 111 32.26 9.67 -37.19
N GLY A 112 31.81 8.42 -37.18
CA GLY A 112 30.48 8.09 -36.72
C GLY A 112 30.48 6.89 -35.79
N TYR A 113 29.37 6.69 -35.09
CA TYR A 113 29.29 5.62 -34.11
C TYR A 113 27.86 5.34 -33.68
N HIS A 114 27.66 4.12 -33.24
CA HIS A 114 26.36 3.62 -32.82
C HIS A 114 26.61 2.41 -31.96
N GLN A 115 26.59 2.60 -30.65
CA GLN A 115 26.76 1.52 -29.67
C GLN A 115 25.45 1.13 -28.97
N TYR A 116 25.37 -0.11 -28.53
CA TYR A 116 24.18 -0.70 -27.91
C TYR A 116 24.63 -1.61 -26.77
N ALA A 117 24.00 -1.50 -25.61
CA ALA A 117 24.37 -2.29 -24.42
C ALA A 117 23.12 -2.94 -23.86
N TYR A 118 23.30 -4.12 -23.29
CA TYR A 118 22.24 -4.79 -22.56
C TYR A 118 22.76 -5.14 -21.16
N ASP A 119 22.02 -4.72 -20.14
CA ASP A 119 22.39 -4.92 -18.75
C ASP A 119 23.82 -4.46 -18.41
N GLY A 120 24.27 -3.40 -19.07
CA GLY A 120 25.55 -2.77 -18.74
C GLY A 120 26.75 -3.34 -19.47
N LYS A 121 26.53 -4.18 -20.47
CA LYS A 121 27.63 -4.79 -21.22
C LYS A 121 27.37 -4.56 -22.70
N ASP A 122 28.44 -4.30 -23.44
CA ASP A 122 28.40 -4.28 -24.89
C ASP A 122 27.53 -5.39 -25.39
N TYR A 123 26.63 -5.09 -26.31
CA TYR A 123 25.87 -6.10 -27.03
C TYR A 123 26.27 -6.07 -28.54
N ILE A 124 26.06 -4.93 -29.20
CA ILE A 124 26.47 -4.75 -30.61
C ILE A 124 26.90 -3.30 -30.86
N ALA A 125 27.90 -3.13 -31.73
CA ALA A 125 28.40 -1.81 -32.11
C ALA A 125 28.73 -1.78 -33.61
N LEU A 126 28.49 -0.62 -34.24
CA LEU A 126 28.99 -0.37 -35.57
C LEU A 126 30.48 -0.07 -35.46
N LYS A 127 31.28 -0.70 -36.31
CA LYS A 127 32.73 -0.47 -36.33
C LYS A 127 33.05 0.80 -37.12
N GLU A 128 34.25 1.33 -36.91
CA GLU A 128 34.62 2.67 -37.40
C GLU A 128 34.44 2.80 -38.93
N ASP A 129 34.48 1.68 -39.66
CA ASP A 129 34.31 1.69 -41.12
C ASP A 129 32.87 1.88 -41.56
N LEU A 130 31.95 1.97 -40.58
CA LEU A 130 30.53 2.28 -40.81
C LEU A 130 29.82 1.27 -41.72
N ARG A 131 30.34 0.06 -41.72
CA ARG A 131 30.04 -0.91 -42.75
C ARG A 131 29.75 -2.29 -42.18
N SER A 132 30.24 -2.56 -40.98
CA SER A 132 30.15 -3.87 -40.35
C SER A 132 29.89 -3.74 -38.85
N TRP A 133 29.66 -4.86 -38.18
CA TRP A 133 29.33 -4.86 -36.75
C TRP A 133 30.21 -5.76 -35.92
N THR A 134 30.38 -5.36 -34.66
CA THR A 134 30.99 -6.20 -33.62
C THR A 134 29.87 -6.66 -32.71
N ALA A 135 29.72 -7.97 -32.58
CA ALA A 135 28.69 -8.57 -31.74
C ALA A 135 29.38 -9.25 -30.58
N ALA A 136 28.94 -8.96 -29.36
CA ALA A 136 29.67 -9.36 -28.15
C ALA A 136 29.40 -10.80 -27.75
N ASP A 137 28.34 -11.41 -28.27
CA ASP A 137 27.93 -12.74 -27.84
C ASP A 137 26.93 -13.33 -28.82
N MET A 138 26.44 -14.55 -28.57
CA MET A 138 25.63 -15.26 -29.57
C MET A 138 24.28 -14.61 -29.80
N ALA A 139 23.72 -13.98 -28.79
CA ALA A 139 22.48 -13.24 -28.98
C ALA A 139 22.71 -12.10 -29.97
N ALA A 140 23.81 -11.38 -29.81
CA ALA A 140 24.16 -10.25 -30.67
C ALA A 140 24.53 -10.68 -32.11
N GLN A 141 25.04 -11.89 -32.26
CA GLN A 141 25.26 -12.49 -33.57
C GLN A 141 23.94 -12.63 -34.33
N THR A 142 22.88 -13.02 -33.63
CA THR A 142 21.56 -13.14 -34.22
C THR A 142 21.09 -11.78 -34.72
N THR A 143 21.32 -10.74 -33.92
CA THR A 143 20.97 -9.39 -34.36
C THR A 143 21.81 -8.97 -35.56
N LYS A 144 23.10 -9.34 -35.52
CA LYS A 144 24.04 -9.01 -36.58
C LYS A 144 23.63 -9.68 -37.90
N HIS A 145 23.31 -10.96 -37.88
CA HIS A 145 22.91 -11.65 -39.12
C HIS A 145 21.70 -10.93 -39.72
N LYS A 146 20.72 -10.62 -38.88
CA LYS A 146 19.48 -9.99 -39.30
C LYS A 146 19.74 -8.62 -39.90
N TRP A 147 20.56 -7.84 -39.19
CA TRP A 147 20.90 -6.49 -39.60
C TRP A 147 21.76 -6.47 -40.84
N GLU A 148 22.57 -7.51 -41.04
CA GLU A 148 23.37 -7.65 -42.28
C GLU A 148 22.43 -7.88 -43.46
N ALA A 149 21.54 -8.87 -43.34
CA ALA A 149 20.57 -9.19 -44.37
C ALA A 149 19.72 -7.97 -44.73
N ALA A 150 19.34 -7.18 -43.73
CA ALA A 150 18.43 -6.06 -43.96
C ALA A 150 19.17 -4.76 -44.33
N HIS A 151 20.51 -4.85 -44.41
CA HIS A 151 21.37 -3.76 -44.92
C HIS A 151 21.24 -2.48 -44.08
N VAL A 152 21.24 -2.69 -42.77
CA VAL A 152 21.10 -1.64 -41.78
C VAL A 152 22.30 -0.69 -41.68
N ALA A 153 23.52 -1.20 -41.74
CA ALA A 153 24.69 -0.33 -41.64
C ALA A 153 24.61 0.78 -42.67
N GLU A 154 24.18 0.40 -43.88
CA GLU A 154 24.08 1.33 -45.02
C GLU A 154 23.15 2.48 -44.73
N GLN A 155 21.94 2.18 -44.24
CA GLN A 155 21.02 3.25 -43.87
C GLN A 155 21.66 4.10 -42.76
N LEU A 156 22.16 3.44 -41.72
CA LEU A 156 22.85 4.16 -40.64
C LEU A 156 24.01 5.00 -41.15
N ARG A 157 24.83 4.45 -42.06
CA ARG A 157 25.98 5.18 -42.60
C ARG A 157 25.54 6.48 -43.33
N ALA A 158 24.56 6.40 -44.21
CA ALA A 158 23.99 7.61 -44.86
C ALA A 158 23.57 8.72 -43.85
N TYR A 159 23.01 8.32 -42.70
CA TYR A 159 22.65 9.28 -41.63
C TYR A 159 23.88 9.91 -41.00
N LEU A 160 24.79 9.06 -40.53
CA LEU A 160 25.99 9.48 -39.82
C LEU A 160 26.83 10.43 -40.67
N GLU A 161 26.96 10.10 -41.96
CA GLU A 161 27.70 10.93 -42.93
C GLU A 161 26.90 12.08 -43.55
N GLY A 162 25.58 11.98 -43.53
CA GLY A 162 24.71 13.03 -44.09
C GLY A 162 24.00 13.84 -43.02
N THR A 163 22.78 13.42 -42.69
CA THR A 163 21.89 14.20 -41.87
C THR A 163 22.54 14.64 -40.55
N CYS A 164 23.21 13.71 -39.89
CA CYS A 164 23.80 13.99 -38.60
C CYS A 164 24.72 15.22 -38.68
N VAL A 165 25.66 15.16 -39.60
CA VAL A 165 26.61 16.23 -39.85
C VAL A 165 25.94 17.51 -40.32
N GLU A 166 24.92 17.40 -41.15
CA GLU A 166 24.27 18.63 -41.63
C GLU A 166 23.54 19.37 -40.52
N TRP A 167 23.07 18.66 -39.50
CA TRP A 167 22.34 19.32 -38.41
C TRP A 167 23.32 19.74 -37.32
N LEU A 168 24.33 18.92 -37.07
CA LEU A 168 25.43 19.35 -36.22
C LEU A 168 25.86 20.77 -36.65
N ARG A 169 26.19 20.91 -37.92
CA ARG A 169 26.58 22.23 -38.48
C ARG A 169 25.53 23.30 -38.20
N ARG A 170 24.29 23.03 -38.59
CA ARG A 170 23.17 23.95 -38.33
C ARG A 170 23.11 24.38 -36.89
N TYR A 171 23.17 23.42 -35.96
CA TYR A 171 23.16 23.73 -34.53
C TYR A 171 24.35 24.62 -34.14
N LEU A 172 25.53 24.35 -34.68
CA LEU A 172 26.73 25.12 -34.37
C LEU A 172 26.64 26.60 -34.79
N GLU A 173 26.07 26.85 -35.97
CA GLU A 173 25.85 28.22 -36.45
C GLU A 173 24.82 28.91 -35.55
N ASN A 174 23.64 28.30 -35.45
CA ASN A 174 22.53 28.87 -34.67
C ASN A 174 22.87 29.14 -33.21
N GLY A 175 23.63 28.23 -32.60
CA GLY A 175 24.03 28.36 -31.20
C GLY A 175 25.46 28.81 -31.03
N LYS A 176 25.95 29.58 -31.99
CA LYS A 176 27.33 30.07 -32.04
C LYS A 176 27.82 30.76 -30.75
N GLU A 177 26.95 31.53 -30.11
CA GLU A 177 27.36 32.36 -28.98
C GLU A 177 27.80 31.55 -27.75
N THR A 178 27.29 30.32 -27.64
CA THR A 178 27.59 29.46 -26.50
C THR A 178 28.44 28.26 -26.93
N LEU A 179 27.98 27.54 -27.95
CA LEU A 179 28.69 26.36 -28.40
C LEU A 179 30.12 26.66 -28.86
N GLN A 180 30.34 27.79 -29.52
CA GLN A 180 31.68 28.09 -30.06
C GLN A 180 32.51 28.94 -29.10
N ARG A 181 32.01 29.11 -27.88
CA ARG A 181 32.72 29.78 -26.82
C ARG A 181 33.63 28.84 -26.08
N THR A 182 34.64 29.40 -25.45
CA THR A 182 35.34 28.72 -24.39
C THR A 182 35.26 29.61 -23.16
N ASP A 183 34.99 29.01 -22.01
CA ASP A 183 35.12 29.70 -20.74
C ASP A 183 36.42 29.17 -20.15
N ALA A 184 37.42 30.03 -20.12
CA ALA A 184 38.70 29.70 -19.50
C ALA A 184 38.47 29.39 -18.02
N PRO A 185 39.25 28.47 -17.45
CA PRO A 185 39.08 28.19 -16.03
C PRO A 185 39.55 29.33 -15.15
N LYS A 186 38.85 29.51 -14.03
CA LYS A 186 39.29 30.35 -12.93
C LYS A 186 40.00 29.42 -11.98
N THR A 187 41.20 29.80 -11.58
CA THR A 187 42.08 28.92 -10.85
C THR A 187 42.64 29.55 -9.60
N HIS A 188 43.03 28.68 -8.67
CA HIS A 188 43.58 29.06 -7.38
C HIS A 188 43.96 27.80 -6.62
N MET A 189 44.69 28.02 -5.52
CA MET A 189 45.28 26.94 -4.76
C MET A 189 45.01 27.13 -3.28
N THR A 190 44.77 26.02 -2.58
CA THR A 190 44.57 26.06 -1.14
C THR A 190 45.64 25.26 -0.44
N HIS A 191 45.93 25.66 0.80
CA HIS A 191 46.96 25.05 1.64
C HIS A 191 46.30 24.52 2.90
N HIS A 192 46.63 23.29 3.28
CA HIS A 192 46.00 22.64 4.43
C HIS A 192 46.99 21.76 5.19
N ALA A 193 47.47 22.25 6.34
CA ALA A 193 48.35 21.46 7.21
C ALA A 193 47.58 20.28 7.77
N VAL A 194 48.12 19.07 7.62
CA VAL A 194 47.50 17.89 8.21
C VAL A 194 48.26 17.40 9.45
N SER A 195 49.55 17.72 9.54
CA SER A 195 50.34 17.36 10.70
C SER A 195 51.60 18.24 10.79
N ASP A 196 52.40 18.03 11.83
CA ASP A 196 53.68 18.75 11.97
C ASP A 196 54.64 18.58 10.76
N HIS A 197 54.39 17.61 9.88
CA HIS A 197 55.31 17.36 8.76
C HIS A 197 54.64 17.13 7.40
N GLU A 198 53.33 17.32 7.32
CA GLU A 198 52.62 17.20 6.03
C GLU A 198 51.69 18.38 5.80
N ALA A 199 51.43 18.67 4.52
CA ALA A 199 50.41 19.63 4.11
C ALA A 199 49.74 19.14 2.83
N THR A 200 48.41 19.22 2.79
CA THR A 200 47.69 18.95 1.56
C THR A 200 47.63 20.25 0.75
N LEU A 201 48.14 20.21 -0.48
CA LEU A 201 48.04 21.32 -1.43
C LEU A 201 47.03 20.93 -2.49
N ARG A 202 46.03 21.79 -2.70
CA ARG A 202 44.99 21.50 -3.67
C ARG A 202 44.91 22.55 -4.77
N CYS A 203 44.83 22.06 -6.01
CA CYS A 203 44.67 22.90 -7.20
C CYS A 203 43.22 22.83 -7.62
N TRP A 204 42.64 23.99 -7.89
CA TRP A 204 41.20 24.11 -8.20
C TRP A 204 40.98 24.73 -9.58
N ALA A 205 40.19 24.06 -10.41
CA ALA A 205 39.75 24.61 -11.69
C ALA A 205 38.24 24.73 -11.66
N LEU A 206 37.74 25.95 -11.88
CA LEU A 206 36.31 26.26 -11.78
C LEU A 206 35.80 27.00 -13.01
N SER A 207 34.50 26.89 -13.25
CA SER A 207 33.85 27.62 -14.31
C SER A 207 34.47 27.49 -15.70
N PHE A 208 34.78 26.27 -16.13
CA PHE A 208 35.34 26.08 -17.48
C PHE A 208 34.45 25.26 -18.42
N TYR A 209 34.66 25.47 -19.71
CA TYR A 209 33.92 24.81 -20.77
C TYR A 209 34.79 24.79 -22.02
N PRO A 210 34.87 23.65 -22.73
CA PRO A 210 34.30 22.35 -22.43
C PRO A 210 34.95 21.64 -21.26
N ALA A 211 34.44 20.45 -20.94
CA ALA A 211 34.92 19.64 -19.83
C ALA A 211 36.38 19.22 -19.90
N GLU A 212 36.93 19.07 -21.10
CA GLU A 212 38.29 18.54 -21.27
C GLU A 212 39.29 19.43 -20.56
N ILE A 213 40.12 18.84 -19.70
CA ILE A 213 41.09 19.59 -18.91
C ILE A 213 42.16 18.66 -18.34
N THR A 214 43.33 19.20 -18.06
CA THR A 214 44.38 18.44 -17.43
C THR A 214 45.01 19.30 -16.36
N LEU A 215 44.94 18.80 -15.13
CA LEU A 215 45.56 19.38 -13.97
C LEU A 215 46.64 18.41 -13.56
N THR A 216 47.88 18.86 -13.47
CA THR A 216 48.96 17.98 -13.02
C THR A 216 49.90 18.74 -12.10
N TRP A 217 50.42 18.02 -11.12
CA TRP A 217 51.38 18.58 -10.20
C TRP A 217 52.79 18.18 -10.64
N GLN A 218 53.72 19.13 -10.49
CA GLN A 218 55.14 18.90 -10.72
C GLN A 218 55.95 19.32 -9.48
N ARG A 219 56.93 18.49 -9.10
CA ARG A 219 57.94 18.88 -8.12
C ARG A 219 59.26 19.15 -8.84
N ASP A 220 59.82 20.33 -8.60
CA ASP A 220 61.06 20.78 -9.26
C ASP A 220 61.00 20.71 -10.79
N GLY A 221 59.80 20.70 -11.36
CA GLY A 221 59.60 20.57 -12.81
C GLY A 221 59.38 19.15 -13.30
N GLU A 222 59.47 18.16 -12.41
CA GLU A 222 59.32 16.76 -12.78
C GLU A 222 57.92 16.28 -12.40
N ASP A 223 57.27 15.56 -13.31
CA ASP A 223 55.87 15.20 -13.15
C ASP A 223 55.61 14.20 -12.02
N GLN A 224 54.47 14.39 -11.35
CA GLN A 224 54.06 13.62 -10.19
C GLN A 224 52.75 12.91 -10.44
N THR A 225 52.61 12.28 -11.61
CA THR A 225 51.37 11.52 -11.89
C THR A 225 51.28 10.30 -10.97
N GLN A 226 52.28 10.13 -10.11
CA GLN A 226 52.32 9.02 -9.16
C GLN A 226 51.49 9.28 -7.88
N ASP A 227 51.65 10.45 -7.26
CA ASP A 227 51.07 10.67 -5.92
C ASP A 227 50.06 11.83 -5.79
N THR A 228 49.59 12.36 -6.92
CA THR A 228 48.48 13.30 -6.91
C THR A 228 47.18 12.52 -6.72
N GLU A 229 46.19 13.13 -6.07
CA GLU A 229 44.80 12.64 -6.10
C GLU A 229 44.01 13.53 -7.02
N LEU A 230 43.33 12.93 -8.00
CA LEU A 230 42.54 13.64 -8.99
C LEU A 230 41.08 13.27 -8.81
N VAL A 231 40.19 14.26 -8.78
CA VAL A 231 38.76 13.93 -8.87
C VAL A 231 38.29 13.92 -10.30
N GLU A 232 37.32 13.07 -10.55
CA GLU A 232 36.62 13.03 -11.81
C GLU A 232 35.96 14.40 -11.99
N THR A 233 36.01 14.92 -13.22
CA THR A 233 35.45 16.23 -13.52
C THR A 233 33.96 16.20 -13.25
N ARG A 234 33.43 17.27 -12.67
CA ARG A 234 32.02 17.33 -12.31
C ARG A 234 31.32 18.54 -12.83
N PRO A 235 30.00 18.44 -13.02
CA PRO A 235 29.26 19.57 -13.56
C PRO A 235 28.93 20.62 -12.50
N ALA A 236 29.09 21.89 -12.83
CA ALA A 236 28.72 22.94 -11.89
C ALA A 236 27.20 23.11 -11.76
N GLY A 237 26.45 22.63 -12.75
CA GLY A 237 25.01 22.82 -12.82
C GLY A 237 24.60 24.07 -13.60
N ASP A 238 25.55 24.92 -13.97
CA ASP A 238 25.23 26.10 -14.78
C ASP A 238 25.72 25.97 -16.21
N GLY A 239 26.14 24.77 -16.60
CA GLY A 239 26.73 24.55 -17.91
C GLY A 239 28.25 24.55 -17.93
N THR A 240 28.88 24.76 -16.77
CA THR A 240 30.35 24.79 -16.73
C THR A 240 30.81 23.62 -15.89
N PHE A 241 32.11 23.56 -15.61
CA PHE A 241 32.72 22.38 -15.01
C PHE A 241 33.76 22.73 -13.95
N GLN A 242 34.18 21.72 -13.20
CA GLN A 242 35.03 21.93 -12.05
C GLN A 242 35.92 20.74 -11.89
N LYS A 243 37.11 20.95 -11.35
CA LYS A 243 37.98 19.83 -11.03
C LYS A 243 39.08 20.29 -10.08
N TRP A 244 39.52 19.37 -9.24
CA TRP A 244 40.71 19.62 -8.45
C TRP A 244 41.69 18.44 -8.51
N ALA A 245 42.94 18.75 -8.14
CA ALA A 245 44.02 17.79 -8.00
C ALA A 245 44.76 18.15 -6.72
N ALA A 246 44.90 17.20 -5.81
CA ALA A 246 45.60 17.44 -4.56
C ALA A 246 46.93 16.68 -4.49
N VAL A 247 47.83 17.15 -3.64
CA VAL A 247 49.13 16.52 -3.43
C VAL A 247 49.51 16.73 -1.95
N VAL A 248 49.85 15.66 -1.24
CA VAL A 248 50.27 15.79 0.16
C VAL A 248 51.79 15.94 0.22
N VAL A 249 52.27 17.05 0.76
CA VAL A 249 53.70 17.35 0.66
C VAL A 249 54.36 17.49 2.03
N PRO A 250 55.66 17.16 2.12
CA PRO A 250 56.41 17.37 3.36
C PRO A 250 56.47 18.86 3.69
N SER A 251 56.44 19.20 4.98
CA SER A 251 56.37 20.59 5.39
C SER A 251 57.68 21.28 5.03
N GLY A 252 57.58 22.50 4.51
CA GLY A 252 58.75 23.26 4.08
C GLY A 252 59.08 23.21 2.59
N GLN A 253 58.38 22.32 1.86
CA GLN A 253 58.69 22.06 0.45
C GLN A 253 57.59 22.53 -0.52
N GLU A 254 56.71 23.43 -0.06
CA GLU A 254 55.62 23.99 -0.87
C GLU A 254 56.10 24.78 -2.08
N GLN A 255 57.00 25.71 -1.84
CA GLN A 255 57.63 26.50 -2.91
C GLN A 255 58.22 25.68 -4.06
N ARG A 256 58.44 24.37 -3.83
CA ARG A 256 58.96 23.48 -4.86
C ARG A 256 57.88 22.91 -5.79
N TYR A 257 56.62 22.94 -5.34
CA TYR A 257 55.54 22.33 -6.13
C TYR A 257 54.84 23.39 -6.96
N THR A 258 54.33 22.97 -8.12
CA THR A 258 53.67 23.84 -9.07
C THR A 258 52.55 23.07 -9.75
N CYS A 259 51.42 23.74 -9.98
CA CYS A 259 50.29 23.16 -10.71
C CYS A 259 50.22 23.70 -12.12
N HIS A 260 49.97 22.82 -13.09
CA HIS A 260 49.87 23.20 -14.49
C HIS A 260 48.48 22.89 -15.02
N VAL A 261 47.92 23.82 -15.79
CA VAL A 261 46.56 23.68 -16.25
C VAL A 261 46.49 23.86 -17.74
N GLN A 262 46.04 22.82 -18.43
CA GLN A 262 45.83 22.83 -19.85
C GLN A 262 44.34 22.83 -20.09
N HIS A 263 43.85 23.87 -20.74
CA HIS A 263 42.47 23.93 -21.20
C HIS A 263 42.43 24.75 -22.50
N GLU A 264 41.61 24.31 -23.43
CA GLU A 264 41.36 24.97 -24.72
C GLU A 264 41.17 26.48 -24.65
N GLY A 265 40.56 26.96 -23.56
CA GLY A 265 40.28 28.39 -23.37
C GLY A 265 41.42 29.24 -22.85
N LEU A 266 42.59 28.65 -22.65
CA LEU A 266 43.79 29.35 -22.17
C LEU A 266 44.74 29.71 -23.33
N PRO A 267 45.13 30.99 -23.44
CA PRO A 267 46.14 31.42 -24.42
C PRO A 267 47.36 30.50 -24.42
N LYS A 268 48.00 30.34 -23.25
CA LYS A 268 49.02 29.32 -23.06
C LYS A 268 48.78 28.62 -21.71
N PRO A 269 49.36 27.42 -21.52
CA PRO A 269 49.12 26.68 -20.25
C PRO A 269 49.62 27.41 -18.99
N LEU A 270 48.88 27.26 -17.89
CA LEU A 270 49.17 27.98 -16.64
C LEU A 270 50.04 27.18 -15.72
N THR A 271 51.07 27.85 -15.19
CA THR A 271 51.82 27.36 -14.06
C THR A 271 51.42 28.20 -12.84
N LEU A 272 50.90 27.54 -11.82
CA LEU A 272 50.60 28.23 -10.56
C LEU A 272 51.67 27.86 -9.57
N ARG A 273 52.19 28.87 -8.90
CA ARG A 273 53.38 28.70 -8.08
C ARG A 273 53.08 29.06 -6.65
N TRP A 274 53.81 28.44 -5.73
CA TRP A 274 53.73 28.80 -4.32
C TRP A 274 54.77 29.85 -4.03
N GLU A 275 54.36 31.09 -4.28
CA GLU A 275 55.19 32.26 -4.04
C GLU A 275 54.55 32.99 -2.88
N PRO A 276 55.27 33.15 -1.78
CA PRO A 276 54.69 33.84 -0.63
C PRO A 276 54.52 35.31 -0.95
N MET B 1 24.46 -8.76 -16.20
CA MET B 1 24.11 -8.02 -14.96
C MET B 1 25.38 -7.61 -14.21
N ILE B 2 26.09 -6.63 -14.76
CA ILE B 2 27.16 -5.99 -14.00
C ILE B 2 26.48 -5.15 -12.92
N GLN B 3 27.20 -4.90 -11.84
CA GLN B 3 26.73 -4.00 -10.79
C GLN B 3 27.88 -3.19 -10.26
N ARG B 4 27.72 -1.87 -10.37
CA ARG B 4 28.79 -0.94 -10.08
C ARG B 4 28.29 -0.02 -9.00
N THR B 5 29.14 0.21 -8.00
CA THR B 5 28.84 1.10 -6.88
C THR B 5 28.95 2.54 -7.34
N PRO B 6 28.06 3.43 -6.83
CA PRO B 6 28.14 4.86 -7.15
C PRO B 6 29.25 5.61 -6.43
N LYS B 7 29.99 6.42 -7.17
CA LYS B 7 30.89 7.42 -6.60
C LYS B 7 30.06 8.64 -6.33
N ILE B 8 30.47 9.46 -5.34
CA ILE B 8 29.66 10.59 -4.90
C ILE B 8 30.52 11.81 -4.60
N GLN B 9 30.12 12.97 -5.13
CA GLN B 9 30.73 14.21 -4.74
C GLN B 9 29.64 15.19 -4.32
N VAL B 10 29.88 15.86 -3.19
CA VAL B 10 28.98 16.91 -2.69
C VAL B 10 29.72 18.24 -2.68
N TYR B 11 29.13 19.23 -3.35
CA TYR B 11 29.82 20.49 -3.58
C TYR B 11 28.76 21.54 -3.82
N SER B 12 29.18 22.80 -3.91
CA SER B 12 28.28 23.90 -4.27
C SER B 12 28.65 24.41 -5.66
N ARG B 13 27.74 25.14 -6.29
CA ARG B 13 27.92 25.61 -7.67
C ARG B 13 28.91 26.77 -7.77
N HIS B 14 28.89 27.66 -6.79
CA HIS B 14 29.89 28.74 -6.70
C HIS B 14 30.61 28.63 -5.36
N PRO B 15 31.81 29.24 -5.25
CA PRO B 15 32.48 29.19 -3.94
C PRO B 15 31.54 29.66 -2.84
N ALA B 16 31.50 28.92 -1.74
CA ALA B 16 30.50 29.11 -0.70
C ALA B 16 30.78 30.37 0.11
N GLU B 17 29.71 31.03 0.51
CA GLU B 17 29.76 32.30 1.23
C GLU B 17 28.55 32.36 2.14
N ASN B 18 28.75 32.24 3.45
CA ASN B 18 27.62 32.32 4.40
C ASN B 18 26.73 33.53 4.12
N GLY B 19 25.43 33.29 4.10
CA GLY B 19 24.44 34.33 3.86
C GLY B 19 24.19 34.71 2.40
N LYS B 20 24.86 34.03 1.46
CA LYS B 20 24.70 34.27 0.02
C LYS B 20 24.18 33.03 -0.68
N SER B 21 23.03 33.17 -1.34
CA SER B 21 22.37 32.06 -2.01
C SER B 21 23.24 31.41 -3.08
N ASN B 22 23.05 30.11 -3.27
CA ASN B 22 23.96 29.26 -4.01
C ASN B 22 23.16 28.00 -4.39
N PHE B 23 23.83 26.99 -4.93
CA PHE B 23 23.19 25.69 -5.14
C PHE B 23 24.05 24.65 -4.50
N LEU B 24 23.41 23.71 -3.82
CA LEU B 24 24.08 22.55 -3.22
C LEU B 24 23.95 21.41 -4.19
N ASN B 25 25.09 20.88 -4.60
CA ASN B 25 25.16 19.84 -5.63
C ASN B 25 25.51 18.49 -5.06
N CYS B 26 24.87 17.45 -5.59
CA CYS B 26 25.29 16.07 -5.35
C CYS B 26 25.37 15.28 -6.65
N TYR B 27 26.60 14.97 -7.05
CA TYR B 27 26.90 14.30 -8.28
C TYR B 27 27.19 12.82 -8.01
N VAL B 28 26.27 11.96 -8.40
CA VAL B 28 26.49 10.51 -8.39
C VAL B 28 26.82 10.06 -9.81
N SER B 29 27.90 9.31 -9.95
CA SER B 29 28.36 8.79 -11.24
C SER B 29 28.82 7.36 -11.01
N GLY B 30 29.20 6.67 -12.08
CA GLY B 30 29.85 5.35 -11.99
C GLY B 30 28.99 4.14 -11.63
N PHE B 31 27.66 4.28 -11.60
CA PHE B 31 26.81 3.24 -11.01
C PHE B 31 25.97 2.48 -12.04
N HIS B 32 25.63 1.25 -11.70
CA HIS B 32 24.73 0.45 -12.53
C HIS B 32 24.06 -0.58 -11.64
N PRO B 33 22.76 -0.82 -11.81
CA PRO B 33 21.82 -0.22 -12.78
C PRO B 33 21.36 1.18 -12.32
N SER B 34 20.32 1.72 -12.97
CA SER B 34 19.99 3.13 -12.82
C SER B 34 19.11 3.47 -11.63
N ASP B 35 18.32 2.53 -11.12
CA ASP B 35 17.48 2.84 -9.94
C ASP B 35 18.42 3.27 -8.82
N ILE B 36 18.18 4.46 -8.28
CA ILE B 36 19.03 5.03 -7.24
C ILE B 36 18.29 6.10 -6.43
N GLU B 37 18.46 6.06 -5.11
CA GLU B 37 17.82 7.01 -4.22
C GLU B 37 18.86 8.03 -3.75
N VAL B 38 18.61 9.30 -4.01
CA VAL B 38 19.47 10.39 -3.54
C VAL B 38 18.62 11.46 -2.86
N ASP B 39 19.00 11.85 -1.65
CA ASP B 39 18.40 12.98 -0.96
C ASP B 39 19.48 13.92 -0.54
N LEU B 40 19.16 15.20 -0.54
CA LEU B 40 20.01 16.23 0.05
C LEU B 40 19.48 16.50 1.46
N LEU B 41 20.39 16.59 2.43
CA LEU B 41 20.02 16.74 3.84
C LEU B 41 20.43 18.10 4.44
N LYS B 42 19.51 18.71 5.18
CA LYS B 42 19.83 19.87 6.00
C LYS B 42 19.71 19.44 7.45
N ASN B 43 20.83 19.44 8.16
CA ASN B 43 20.86 19.03 9.56
C ASN B 43 20.17 17.67 9.78
N GLY B 44 20.43 16.71 8.90
CA GLY B 44 19.85 15.38 8.99
C GLY B 44 18.49 15.16 8.35
N GLU B 45 17.77 16.23 7.99
CA GLU B 45 16.43 16.12 7.40
C GLU B 45 16.47 16.28 5.89
N ARG B 46 15.62 15.55 5.17
CA ARG B 46 15.61 15.62 3.70
C ARG B 46 14.98 16.92 3.21
N ILE B 47 15.63 17.58 2.24
CA ILE B 47 15.13 18.80 1.61
C ILE B 47 14.11 18.39 0.54
N GLU B 48 13.18 19.27 0.20
CA GLU B 48 11.97 18.86 -0.52
C GLU B 48 11.87 19.26 -2.00
N LYS B 49 12.45 20.40 -2.38
CA LYS B 49 12.37 20.82 -3.79
C LYS B 49 13.69 20.57 -4.53
N VAL B 50 14.19 19.33 -4.40
CA VAL B 50 15.45 18.94 -5.00
C VAL B 50 15.21 18.48 -6.41
N GLU B 51 15.91 19.07 -7.37
CA GLU B 51 15.77 18.69 -8.78
C GLU B 51 16.93 17.85 -9.22
N HIS B 52 16.80 17.19 -10.38
CA HIS B 52 17.91 16.39 -10.88
C HIS B 52 18.05 16.39 -12.39
N SER B 53 19.26 16.05 -12.83
CA SER B 53 19.58 16.02 -14.25
C SER B 53 18.95 14.79 -14.88
N ASP B 54 18.84 14.80 -16.21
CA ASP B 54 18.37 13.63 -16.96
C ASP B 54 19.42 12.54 -16.97
N LEU B 55 18.99 11.31 -16.76
CA LEU B 55 19.90 10.17 -16.78
C LEU B 55 20.67 10.20 -18.07
N SER B 56 22.00 10.08 -17.96
CA SER B 56 22.89 9.87 -19.08
C SER B 56 23.94 8.87 -18.60
N PHE B 57 24.89 8.51 -19.46
CA PHE B 57 25.91 7.52 -19.07
C PHE B 57 27.21 7.67 -19.81
N SER B 58 28.25 7.07 -19.25
CA SER B 58 29.61 7.19 -19.76
C SER B 58 29.93 6.10 -20.76
N LYS B 59 31.13 6.20 -21.33
CA LYS B 59 31.67 5.26 -22.30
C LYS B 59 31.66 3.81 -21.79
N ASP B 60 31.86 3.60 -20.49
CA ASP B 60 31.81 2.25 -19.92
C ASP B 60 30.39 1.80 -19.57
N TRP B 61 29.41 2.60 -19.97
CA TRP B 61 27.96 2.32 -19.81
C TRP B 61 27.38 2.70 -18.45
N SER B 62 28.23 3.08 -17.50
CA SER B 62 27.80 3.41 -16.14
C SER B 62 27.10 4.76 -16.13
N PHE B 63 26.24 4.98 -15.13
CA PHE B 63 25.31 6.11 -15.12
C PHE B 63 25.81 7.26 -14.28
N TYR B 64 25.28 8.44 -14.58
CA TYR B 64 25.53 9.63 -13.78
C TYR B 64 24.32 10.60 -13.72
N LEU B 65 24.21 11.25 -12.57
CA LEU B 65 23.13 12.20 -12.27
C LEU B 65 23.64 13.36 -11.41
N LEU B 66 23.11 14.54 -11.66
CA LEU B 66 23.29 15.67 -10.75
C LEU B 66 21.99 15.97 -10.04
N TYR B 67 22.02 15.93 -8.71
CA TYR B 67 20.91 16.42 -7.88
C TYR B 67 21.31 17.78 -7.30
N TYR B 68 20.34 18.69 -7.23
CA TYR B 68 20.63 20.06 -6.85
C TYR B 68 19.43 20.83 -6.33
N THR B 69 19.69 21.68 -5.35
CA THR B 69 18.68 22.54 -4.76
C THR B 69 19.30 23.90 -4.41
N GLU B 70 18.45 24.92 -4.44
CA GLU B 70 18.85 26.28 -4.09
C GLU B 70 18.95 26.35 -2.56
N PHE B 71 19.97 27.05 -2.07
CA PHE B 71 20.15 27.20 -0.61
C PHE B 71 21.05 28.36 -0.24
N THR B 72 20.94 28.77 1.01
CA THR B 72 21.77 29.83 1.56
C THR B 72 22.53 29.24 2.74
N PRO B 73 23.80 28.86 2.52
CA PRO B 73 24.60 28.33 3.62
C PRO B 73 24.76 29.31 4.79
N THR B 74 24.83 28.79 6.00
CA THR B 74 25.11 29.58 7.19
C THR B 74 25.91 28.67 8.04
N GLU B 75 26.68 29.21 8.97
CA GLU B 75 27.65 28.39 9.70
C GLU B 75 26.98 27.38 10.63
N LYS B 76 25.76 27.67 11.08
CA LYS B 76 25.05 26.77 11.99
C LYS B 76 24.49 25.50 11.31
N ASN B 77 24.47 25.46 9.98
CA ASN B 77 23.84 24.37 9.25
C ASN B 77 24.80 23.41 8.53
N GLU B 78 24.67 22.13 8.83
CA GLU B 78 25.39 21.07 8.13
C GLU B 78 24.52 20.50 7.01
N TYR B 79 25.14 20.21 5.87
CA TYR B 79 24.45 19.64 4.73
C TYR B 79 25.12 18.35 4.27
N ALA B 80 24.33 17.40 3.77
CA ALA B 80 24.89 16.14 3.30
C ALA B 80 24.15 15.65 2.07
N CYS B 81 24.65 14.54 1.53
CA CYS B 81 23.97 13.79 0.48
C CYS B 81 23.82 12.35 0.97
N ARG B 82 22.61 11.81 0.87
CA ARG B 82 22.34 10.45 1.28
C ARG B 82 21.89 9.63 0.08
N VAL B 83 22.67 8.61 -0.25
CA VAL B 83 22.47 7.85 -1.47
C VAL B 83 22.24 6.40 -1.13
N ASN B 84 21.14 5.83 -1.62
CA ASN B 84 20.97 4.38 -1.53
C ASN B 84 20.91 3.71 -2.90
N HIS B 85 21.53 2.54 -2.98
CA HIS B 85 21.67 1.84 -4.23
C HIS B 85 21.82 0.35 -3.95
N VAL B 86 21.30 -0.48 -4.85
CA VAL B 86 21.30 -1.93 -4.65
C VAL B 86 22.72 -2.51 -4.40
N THR B 87 23.77 -1.80 -4.79
CA THR B 87 25.16 -2.20 -4.47
C THR B 87 25.62 -1.84 -3.05
N LEU B 88 24.83 -1.07 -2.32
CA LEU B 88 25.19 -0.63 -0.96
C LEU B 88 24.49 -1.46 0.13
N SER B 89 25.25 -1.88 1.13
CA SER B 89 24.70 -2.61 2.28
C SER B 89 23.90 -1.68 3.19
N GLN B 90 24.13 -0.38 3.07
CA GLN B 90 23.34 0.61 3.77
C GLN B 90 23.56 1.99 3.15
N PRO B 91 22.62 2.91 3.39
CA PRO B 91 22.74 4.26 2.82
C PRO B 91 24.08 4.91 3.12
N LYS B 92 24.63 5.60 2.13
CA LYS B 92 25.90 6.26 2.30
C LYS B 92 25.60 7.73 2.47
N ILE B 93 26.16 8.30 3.52
CA ILE B 93 25.99 9.71 3.82
C ILE B 93 27.32 10.40 3.60
N VAL B 94 27.35 11.35 2.66
CA VAL B 94 28.53 12.14 2.38
C VAL B 94 28.22 13.57 2.83
N LYS B 95 29.00 14.04 3.80
CA LYS B 95 28.88 15.39 4.34
C LYS B 95 29.46 16.37 3.35
N TRP B 96 28.91 17.58 3.33
CA TRP B 96 29.46 18.65 2.52
C TRP B 96 30.58 19.36 3.27
N ASP B 97 31.79 19.27 2.71
CA ASP B 97 32.95 19.98 3.19
C ASP B 97 33.14 21.23 2.31
N ARG B 98 32.94 22.41 2.90
CA ARG B 98 33.02 23.69 2.14
C ARG B 98 34.39 23.96 1.55
N ASP B 99 35.42 23.73 2.35
CA ASP B 99 36.78 24.09 1.99
C ASP B 99 37.60 22.89 1.56
N MET B 100 36.96 21.97 0.83
CA MET B 100 37.72 21.10 -0.04
C MET B 100 38.35 22.11 -0.99
N TYR C 1 19.23 16.10 -34.24
CA TYR C 1 18.18 15.62 -35.19
C TYR C 1 18.23 14.10 -35.19
N LEU C 2 17.18 13.45 -34.70
CA LEU C 2 17.17 12.00 -34.55
C LEU C 2 17.20 11.21 -35.88
N LEU C 3 17.50 9.91 -35.80
CA LEU C 3 17.25 8.98 -36.89
C LEU C 3 15.76 8.94 -37.14
N MET C 4 15.36 8.91 -38.42
CA MET C 4 13.95 8.80 -38.79
C MET C 4 13.32 7.52 -38.28
N TRP C 5 14.10 6.46 -38.12
CA TRP C 5 13.59 5.25 -37.48
C TRP C 5 14.73 4.36 -37.03
N ILE C 6 14.49 3.55 -35.99
CA ILE C 6 15.43 2.52 -35.56
C ILE C 6 14.87 1.11 -35.74
N THR C 7 15.76 0.17 -36.02
CA THR C 7 15.40 -1.18 -36.41
C THR C 7 15.55 -2.12 -35.21
N GLN C 8 14.55 -2.99 -35.05
CA GLN C 8 14.46 -3.96 -33.98
C GLN C 8 15.67 -4.86 -33.89
N VAL C 9 16.07 -5.14 -32.66
CA VAL C 9 17.27 -5.88 -32.35
C VAL C 9 17.01 -7.33 -32.74
N GLY D 1 20.92 -6.99 56.99
CA GLY D 1 22.39 -7.05 57.15
C GLY D 1 23.00 -5.68 57.47
N SER D 2 24.24 -5.47 57.01
CA SER D 2 25.01 -4.24 57.27
C SER D 2 24.34 -3.01 56.66
N HIS D 3 24.54 -1.87 57.30
CA HIS D 3 24.12 -0.61 56.75
C HIS D 3 25.17 0.46 56.89
N SER D 4 25.01 1.54 56.14
CA SER D 4 25.98 2.61 56.14
C SER D 4 25.30 3.98 56.02
N MET D 5 26.00 5.01 56.49
CA MET D 5 25.64 6.41 56.23
C MET D 5 26.89 7.13 55.74
N ARG D 6 26.78 7.86 54.64
CA ARG D 6 27.95 8.50 54.05
C ARG D 6 27.64 9.86 53.51
N TYR D 7 28.51 10.81 53.82
CA TYR D 7 28.46 12.11 53.18
C TYR D 7 29.63 12.27 52.24
N PHE D 8 29.33 12.81 51.06
CA PHE D 8 30.31 13.08 50.01
C PHE D 8 30.29 14.56 49.71
N PHE D 9 31.47 15.17 49.65
CA PHE D 9 31.60 16.62 49.48
C PHE D 9 32.56 16.93 48.36
N THR D 10 32.14 17.80 47.45
CA THR D 10 32.97 18.24 46.36
C THR D 10 33.08 19.73 46.38
N SER D 11 34.29 20.22 46.20
CA SER D 11 34.59 21.63 46.29
C SER D 11 35.48 21.99 45.13
N VAL D 12 35.10 23.00 44.32
CA VAL D 12 35.87 23.33 43.13
C VAL D 12 36.12 24.81 43.04
N SER D 13 37.40 25.21 43.00
CA SER D 13 37.73 26.62 42.83
C SER D 13 37.47 27.06 41.39
N ARG D 14 37.05 28.32 41.24
CA ARG D 14 36.59 28.83 39.96
C ARG D 14 37.21 30.20 39.70
N PRO D 15 38.54 30.27 39.72
CA PRO D 15 39.24 31.52 39.47
C PRO D 15 38.77 32.19 38.17
N GLY D 16 38.36 33.44 38.27
CA GLY D 16 37.97 34.21 37.09
C GLY D 16 36.51 34.12 36.71
N ARG D 17 35.75 33.28 37.42
CA ARG D 17 34.34 33.04 37.09
C ARG D 17 33.45 33.40 38.25
N GLY D 18 33.74 32.80 39.41
CA GLY D 18 32.98 33.07 40.62
C GLY D 18 33.63 32.48 41.85
N GLU D 19 32.83 32.45 42.92
CA GLU D 19 33.21 31.82 44.17
C GLU D 19 33.26 30.30 44.00
N PRO D 20 33.94 29.60 44.91
CA PRO D 20 34.09 28.15 44.73
C PRO D 20 32.81 27.36 44.86
N ARG D 21 32.59 26.47 43.91
CA ARG D 21 31.42 25.61 43.91
C ARG D 21 31.53 24.61 45.03
N PHE D 22 30.43 24.40 45.74
CA PHE D 22 30.39 23.41 46.79
C PHE D 22 29.14 22.54 46.66
N ILE D 23 29.33 21.23 46.65
CA ILE D 23 28.22 20.30 46.61
C ILE D 23 28.36 19.27 47.71
N ALA D 24 27.27 18.98 48.40
CA ALA D 24 27.24 17.94 49.42
C ALA D 24 26.05 17.01 49.18
N VAL D 25 26.26 15.70 49.31
CA VAL D 25 25.16 14.73 49.27
C VAL D 25 25.33 13.68 50.35
N GLY D 26 24.20 13.31 50.95
CA GLY D 26 24.19 12.26 51.94
C GLY D 26 23.44 11.05 51.45
N TYR D 27 23.96 9.90 51.84
CA TYR D 27 23.41 8.61 51.50
C TYR D 27 23.22 7.80 52.75
N VAL D 28 22.13 7.02 52.78
CA VAL D 28 22.01 5.88 53.67
C VAL D 28 21.89 4.64 52.78
N ASP D 29 22.85 3.73 52.92
CA ASP D 29 23.04 2.64 51.97
C ASP D 29 23.15 3.25 50.58
N ASP D 30 22.24 2.88 49.66
CA ASP D 30 22.40 3.29 48.26
C ASP D 30 21.33 4.31 47.89
N THR D 31 20.82 4.99 48.92
CA THR D 31 19.72 5.94 48.78
C THR D 31 20.14 7.31 49.26
N GLN D 32 20.14 8.29 48.35
CA GLN D 32 20.43 9.69 48.66
C GLN D 32 19.30 10.26 49.47
N PHE D 33 19.60 10.93 50.59
CA PHE D 33 18.54 11.58 51.39
C PHE D 33 18.68 13.10 51.56
N VAL D 34 19.85 13.68 51.29
CA VAL D 34 19.99 15.13 51.40
C VAL D 34 20.93 15.67 50.36
N ARG D 35 20.73 16.92 49.96
CA ARG D 35 21.69 17.59 49.09
C ARG D 35 21.81 19.04 49.43
N PHE D 36 23.01 19.54 49.16
CA PHE D 36 23.30 20.96 49.15
C PHE D 36 24.19 21.30 47.99
N ASP D 37 23.83 22.39 47.31
CA ASP D 37 24.59 22.91 46.17
C ASP D 37 24.70 24.42 46.34
N SER D 38 25.92 24.94 46.52
CA SER D 38 26.13 26.39 46.63
C SER D 38 25.57 27.20 45.44
N ASP D 39 25.47 26.58 44.26
CA ASP D 39 24.86 27.26 43.10
C ASP D 39 23.34 27.16 43.06
N ALA D 40 22.73 26.46 44.02
CA ALA D 40 21.26 26.32 44.04
C ALA D 40 20.58 27.56 44.63
N ALA D 41 19.25 27.63 44.50
CA ALA D 41 18.50 28.84 44.89
C ALA D 41 18.09 28.84 46.36
N SER D 42 17.83 27.66 46.91
CA SER D 42 17.38 27.54 48.28
C SER D 42 18.41 27.99 49.32
N GLN D 43 19.63 27.51 49.16
CA GLN D 43 20.72 27.75 50.10
C GLN D 43 20.40 27.12 51.44
N ARG D 44 19.79 25.94 51.37
CA ARG D 44 19.48 25.11 52.52
C ARG D 44 19.96 23.72 52.22
N MET D 45 20.12 22.91 53.25
CA MET D 45 20.20 21.47 53.08
C MET D 45 18.79 21.08 52.66
N GLU D 46 18.65 20.20 51.68
CA GLU D 46 17.33 19.83 51.13
C GLU D 46 17.12 18.30 51.14
N PRO D 47 15.86 17.85 51.24
CA PRO D 47 15.51 16.45 51.27
C PRO D 47 15.45 15.80 49.89
N ARG D 48 15.86 14.53 49.82
CA ARG D 48 15.81 13.75 48.59
C ARG D 48 15.24 12.37 48.76
N ALA D 49 14.71 12.09 49.94
CA ALA D 49 13.98 10.87 50.20
C ALA D 49 12.78 11.27 51.08
N PRO D 50 11.66 10.53 50.98
CA PRO D 50 10.46 10.94 51.73
C PRO D 50 10.65 10.87 53.24
N TRP D 51 11.23 9.78 53.74
CA TRP D 51 11.40 9.61 55.18
C TRP D 51 12.12 10.76 55.89
N ILE D 52 12.97 11.53 55.20
CA ILE D 52 13.66 12.65 55.87
C ILE D 52 12.76 13.89 55.98
N GLU D 53 11.72 13.95 55.15
CA GLU D 53 10.76 15.06 55.19
C GLU D 53 9.97 15.15 56.50
N GLN D 54 9.91 14.07 57.27
CA GLN D 54 9.37 14.10 58.64
C GLN D 54 10.15 15.07 59.53
N GLU D 55 11.47 15.04 59.41
CA GLU D 55 12.34 15.80 60.31
C GLU D 55 11.82 17.22 60.37
N GLY D 56 11.73 17.76 61.59
CA GLY D 56 11.15 19.07 61.80
C GLY D 56 12.13 20.18 61.54
N PRO D 57 11.66 21.43 61.67
CA PRO D 57 12.47 22.60 61.27
C PRO D 57 13.86 22.75 61.96
N GLU D 58 14.04 22.28 63.19
CA GLU D 58 15.35 22.42 63.85
C GLU D 58 16.41 21.52 63.21
N TYR D 59 15.99 20.34 62.78
CA TYR D 59 16.85 19.46 62.05
C TYR D 59 17.40 20.21 60.82
N TRP D 60 16.50 20.75 59.98
CA TRP D 60 16.91 21.44 58.75
C TRP D 60 17.67 22.71 59.01
N ASP D 61 17.35 23.40 60.10
CA ASP D 61 18.10 24.58 60.44
C ASP D 61 19.53 24.18 60.81
N GLY D 62 19.67 23.08 61.54
CA GLY D 62 20.98 22.63 62.03
C GLY D 62 21.88 22.12 60.93
N GLU D 63 21.32 21.27 60.04
CA GLU D 63 22.05 20.69 58.89
C GLU D 63 22.48 21.76 57.90
N THR D 64 21.61 22.75 57.69
CA THR D 64 21.95 23.89 56.83
C THR D 64 23.14 24.66 57.39
N ARG D 65 23.08 24.96 58.68
CA ARG D 65 24.20 25.61 59.36
C ARG D 65 25.52 24.81 59.28
N LYS D 66 25.44 23.49 59.48
CA LYS D 66 26.64 22.67 59.49
C LYS D 66 27.30 22.56 58.10
N VAL D 67 26.47 22.46 57.07
CA VAL D 67 26.95 22.30 55.72
C VAL D 67 27.56 23.59 55.26
N LYS D 68 27.00 24.72 55.66
CA LYS D 68 27.62 26.01 55.35
C LYS D 68 29.00 26.14 56.05
N ALA D 69 29.06 25.74 57.31
CA ALA D 69 30.34 25.60 57.99
C ALA D 69 31.30 24.69 57.20
N HIS D 70 30.81 23.54 56.73
CA HIS D 70 31.65 22.65 55.92
C HIS D 70 32.15 23.40 54.68
N SER D 71 31.22 24.03 53.99
CA SER D 71 31.55 24.85 52.82
C SER D 71 32.64 25.87 53.10
N GLN D 72 32.52 26.62 54.18
CA GLN D 72 33.51 27.62 54.50
C GLN D 72 34.90 27.03 54.77
N THR D 73 34.97 25.86 55.43
CA THR D 73 36.28 25.31 55.72
C THR D 73 36.93 24.94 54.41
N HIS D 74 36.15 24.31 53.56
CA HIS D 74 36.60 24.00 52.22
C HIS D 74 37.13 25.20 51.44
N ARG D 75 36.38 26.30 51.47
CA ARG D 75 36.82 27.50 50.82
C ARG D 75 38.22 27.89 51.31
N VAL D 76 38.43 27.84 52.61
CA VAL D 76 39.74 28.16 53.17
C VAL D 76 40.78 27.12 52.77
N ASP D 77 40.41 25.84 52.87
CA ASP D 77 41.30 24.76 52.47
C ASP D 77 41.90 24.93 51.08
N LEU D 78 41.09 25.44 50.13
CA LEU D 78 41.56 25.71 48.79
C LEU D 78 42.76 26.65 48.74
N GLY D 79 42.76 27.70 49.55
CA GLY D 79 43.89 28.60 49.64
C GLY D 79 45.11 27.94 50.26
N THR D 80 44.90 27.15 51.31
CA THR D 80 46.04 26.58 52.02
C THR D 80 46.82 25.58 51.15
N LEU D 81 46.09 24.79 50.37
CA LEU D 81 46.70 23.74 49.56
C LEU D 81 47.52 24.35 48.45
N ARG D 82 46.94 25.34 47.77
CA ARG D 82 47.67 26.23 46.87
C ARG D 82 49.01 26.71 47.45
N GLY D 83 48.97 27.16 48.69
CA GLY D 83 50.17 27.56 49.42
C GLY D 83 51.10 26.40 49.70
N TYR D 84 50.57 25.25 50.10
CA TYR D 84 51.37 24.08 50.41
C TYR D 84 52.12 23.52 49.20
N TYR D 85 51.56 23.69 48.00
CA TYR D 85 52.14 23.14 46.76
C TYR D 85 52.74 24.22 45.85
N ASN D 86 52.84 25.46 46.34
CA ASN D 86 53.44 26.56 45.60
C ASN D 86 52.80 26.73 44.19
N GLN D 87 51.48 26.62 44.12
CA GLN D 87 50.71 26.73 42.88
C GLN D 87 50.16 28.12 42.67
N SER D 88 50.50 28.78 41.56
CA SER D 88 49.88 30.07 41.26
C SER D 88 48.38 29.95 41.49
N GLU D 89 47.80 30.88 42.24
CA GLU D 89 46.35 30.85 42.43
C GLU D 89 45.62 31.42 41.23
N ALA D 90 45.94 30.88 40.05
CA ALA D 90 45.18 31.15 38.86
C ALA D 90 44.99 29.85 38.05
N GLY D 91 44.41 28.85 38.70
CA GLY D 91 44.00 27.60 38.07
C GLY D 91 42.95 26.92 38.93
N SER D 92 41.99 26.23 38.31
CA SER D 92 40.95 25.50 39.02
C SER D 92 41.46 24.20 39.66
N HIS D 93 41.22 24.03 40.96
CA HIS D 93 41.53 22.78 41.66
C HIS D 93 40.29 22.19 42.36
N THR D 94 40.34 20.89 42.62
CA THR D 94 39.26 20.17 43.25
C THR D 94 39.73 19.60 44.57
N VAL D 95 38.90 19.77 45.60
CA VAL D 95 39.00 19.00 46.83
C VAL D 95 37.78 18.12 46.97
N GLN D 96 37.96 16.92 47.52
CA GLN D 96 36.86 16.01 47.80
C GLN D 96 37.02 15.41 49.20
N ARG D 97 35.89 15.20 49.88
CA ARG D 97 35.85 14.59 51.21
C ARG D 97 34.68 13.62 51.36
N MET D 98 34.94 12.49 52.00
CA MET D 98 33.93 11.50 52.27
C MET D 98 34.10 11.05 53.68
N TYR D 99 33.00 11.02 54.42
CA TYR D 99 33.00 10.42 55.72
C TYR D 99 31.67 9.75 56.02
N GLY D 100 31.72 8.88 57.03
CA GLY D 100 30.55 8.10 57.44
C GLY D 100 30.87 6.89 58.31
N CYS D 101 29.86 6.07 58.53
CA CYS D 101 29.98 4.91 59.38
C CYS D 101 29.16 3.74 58.84
N ASP D 102 29.60 2.54 59.21
CA ASP D 102 28.90 1.29 58.95
C ASP D 102 28.40 0.70 60.26
N VAL D 103 27.21 0.11 60.22
CA VAL D 103 26.73 -0.74 61.31
C VAL D 103 26.53 -2.16 60.80
N GLY D 104 26.50 -3.12 61.73
CA GLY D 104 26.32 -4.54 61.38
C GLY D 104 24.86 -4.97 61.43
N SER D 105 24.60 -6.26 61.37
CA SER D 105 23.21 -6.75 61.38
C SER D 105 22.48 -6.34 62.67
N ASP D 106 23.23 -6.30 63.77
CA ASP D 106 22.70 -5.86 65.06
C ASP D 106 22.51 -4.34 65.20
N TRP D 107 22.98 -3.57 64.22
CA TRP D 107 22.88 -2.09 64.25
C TRP D 107 23.90 -1.44 65.21
N ARG D 108 24.86 -2.23 65.66
CA ARG D 108 25.98 -1.72 66.42
C ARG D 108 27.12 -1.30 65.48
N PHE D 109 27.96 -0.38 65.94
CA PHE D 109 29.10 0.13 65.17
C PHE D 109 30.02 -0.96 64.59
N LEU D 110 30.23 -0.92 63.28
CA LEU D 110 31.18 -1.80 62.58
C LEU D 110 32.47 -1.08 62.20
N ARG D 111 32.33 0.11 61.64
CA ARG D 111 33.45 0.74 60.95
C ARG D 111 33.21 2.22 60.69
N GLY D 112 34.31 2.98 60.66
CA GLY D 112 34.27 4.42 60.42
C GLY D 112 35.30 4.84 59.40
N TYR D 113 35.04 5.95 58.72
CA TYR D 113 35.95 6.40 57.70
C TYR D 113 35.82 7.87 57.43
N HIS D 114 36.94 8.43 56.97
CA HIS D 114 37.05 9.83 56.63
C HIS D 114 38.22 10.01 55.69
N GLN D 115 37.92 10.27 54.42
CA GLN D 115 38.95 10.37 53.39
C GLN D 115 38.86 11.74 52.70
N TYR D 116 40.03 12.25 52.31
CA TYR D 116 40.16 13.57 51.74
C TYR D 116 41.08 13.54 50.52
N ALA D 117 40.67 14.17 49.42
CA ALA D 117 41.45 14.14 48.16
C ALA D 117 41.72 15.54 47.65
N TYR D 118 42.87 15.72 47.00
CA TYR D 118 43.16 16.94 46.25
C TYR D 118 43.39 16.65 44.75
N ASP D 119 42.69 17.36 43.88
CA ASP D 119 42.79 17.17 42.44
C ASP D 119 42.79 15.70 42.06
N GLY D 120 41.87 14.92 42.61
CA GLY D 120 41.72 13.50 42.25
C GLY D 120 42.59 12.45 42.94
N LYS D 121 43.48 12.85 43.84
CA LYS D 121 44.43 11.92 44.48
C LYS D 121 44.29 11.95 45.97
N ASP D 122 44.41 10.78 46.60
CA ASP D 122 44.52 10.68 48.07
C ASP D 122 45.41 11.79 48.58
N TYR D 123 44.96 12.46 49.63
CA TYR D 123 45.73 13.46 50.38
C TYR D 123 45.93 12.94 51.80
N ILE D 124 44.82 12.80 52.55
CA ILE D 124 44.89 12.31 53.93
C ILE D 124 43.64 11.50 54.28
N ALA D 125 43.83 10.42 55.02
CA ALA D 125 42.71 9.55 55.43
C ALA D 125 42.87 9.03 56.86
N LEU D 126 41.75 9.00 57.59
CA LEU D 126 41.70 8.32 58.87
C LEU D 126 41.98 6.83 58.65
N LYS D 127 42.88 6.26 59.44
CA LYS D 127 43.12 4.83 59.30
C LYS D 127 42.02 4.04 59.97
N GLU D 128 42.01 2.76 59.67
CA GLU D 128 40.99 1.82 60.13
C GLU D 128 40.86 1.88 61.68
N ASP D 129 41.99 2.05 62.37
CA ASP D 129 41.97 2.04 63.83
C ASP D 129 41.33 3.31 64.43
N LEU D 130 41.07 4.30 63.58
CA LEU D 130 40.32 5.50 63.94
C LEU D 130 41.06 6.40 64.91
N ARG D 131 42.38 6.26 64.98
CA ARG D 131 43.17 7.14 65.85
C ARG D 131 44.44 7.63 65.19
N SER D 132 44.59 7.38 63.89
CA SER D 132 45.82 7.71 63.19
C SER D 132 45.56 7.96 61.70
N TRP D 133 46.52 8.63 61.08
CA TRP D 133 46.36 9.22 59.77
C TRP D 133 47.36 8.64 58.78
N THR D 134 46.87 8.39 57.57
CA THR D 134 47.69 8.08 56.42
C THR D 134 47.71 9.30 55.53
N ALA D 135 48.92 9.81 55.32
CA ALA D 135 49.19 11.01 54.57
C ALA D 135 49.92 10.59 53.29
N ALA D 136 49.40 11.03 52.15
CA ALA D 136 49.93 10.60 50.88
C ALA D 136 51.21 11.33 50.49
N ASP D 137 51.48 12.52 51.01
CA ASP D 137 52.63 13.31 50.56
C ASP D 137 53.04 14.40 51.56
N MET D 138 54.13 15.10 51.26
CA MET D 138 54.73 16.07 52.19
C MET D 138 53.80 17.19 52.64
N ALA D 139 52.85 17.55 51.79
CA ALA D 139 51.86 18.56 52.11
C ALA D 139 50.86 17.97 53.10
N ALA D 140 50.42 16.75 52.82
CA ALA D 140 49.52 16.05 53.72
C ALA D 140 50.21 15.80 55.06
N GLN D 141 51.50 15.48 55.04
CA GLN D 141 52.31 15.43 56.25
C GLN D 141 52.11 16.65 57.13
N THR D 142 52.06 17.83 56.51
CA THR D 142 51.86 19.06 57.25
C THR D 142 50.49 19.11 57.92
N THR D 143 49.48 18.56 57.25
CA THR D 143 48.13 18.49 57.81
C THR D 143 48.06 17.53 58.99
N LYS D 144 48.71 16.38 58.84
CA LYS D 144 48.71 15.31 59.85
C LYS D 144 49.33 15.79 61.14
N HIS D 145 50.45 16.50 61.04
CA HIS D 145 51.10 17.09 62.19
C HIS D 145 50.21 18.10 62.88
N LYS D 146 49.54 18.93 62.11
CA LYS D 146 48.66 19.95 62.66
C LYS D 146 47.52 19.25 63.40
N TRP D 147 46.87 18.30 62.71
CA TRP D 147 45.73 17.56 63.24
C TRP D 147 46.07 16.64 64.40
N GLU D 148 47.31 16.17 64.44
CA GLU D 148 47.81 15.39 65.58
C GLU D 148 48.02 16.31 66.76
N ALA D 149 48.66 17.44 66.55
CA ALA D 149 48.82 18.43 67.61
C ALA D 149 47.47 18.77 68.24
N ALA D 150 46.41 18.78 67.44
CA ALA D 150 45.10 19.24 67.90
C ALA D 150 44.14 18.11 68.35
N HIS D 151 44.56 16.86 68.21
CA HIS D 151 43.73 15.74 68.65
C HIS D 151 42.41 15.65 67.88
N VAL D 152 42.48 15.85 66.57
CA VAL D 152 41.32 15.78 65.68
C VAL D 152 40.75 14.37 65.52
N ALA D 153 41.61 13.36 65.55
CA ALA D 153 41.13 11.99 65.35
C ALA D 153 40.17 11.60 66.49
N GLU D 154 40.54 11.96 67.71
CA GLU D 154 39.75 11.61 68.87
C GLU D 154 38.33 12.20 68.81
N GLN D 155 38.21 13.44 68.35
CA GLN D 155 36.91 14.06 68.15
C GLN D 155 36.14 13.40 66.98
N LEU D 156 36.87 13.01 65.94
CA LEU D 156 36.25 12.38 64.77
C LEU D 156 35.69 11.01 65.19
N ARG D 157 36.53 10.24 65.87
CA ARG D 157 36.15 8.93 66.41
C ARG D 157 34.89 9.04 67.27
N ALA D 158 34.90 9.94 68.23
CA ALA D 158 33.70 10.13 69.05
C ALA D 158 32.44 10.34 68.17
N TYR D 159 32.52 11.15 67.11
CA TYR D 159 31.38 11.32 66.19
C TYR D 159 31.05 10.00 65.46
N LEU D 160 32.04 9.40 64.80
CA LEU D 160 31.86 8.14 64.07
C LEU D 160 31.29 7.01 64.92
N GLU D 161 31.86 6.84 66.11
CA GLU D 161 31.42 5.80 67.05
C GLU D 161 30.10 6.11 67.75
N GLY D 162 29.70 7.38 67.78
CA GLY D 162 28.52 7.78 68.56
C GLY D 162 27.41 8.40 67.74
N THR D 163 27.56 9.67 67.38
CA THR D 163 26.49 10.39 66.69
C THR D 163 26.11 9.76 65.34
N CYS D 164 27.12 9.45 64.53
CA CYS D 164 26.89 8.90 63.20
C CYS D 164 25.97 7.66 63.27
N VAL D 165 26.35 6.72 64.13
CA VAL D 165 25.64 5.47 64.30
C VAL D 165 24.26 5.72 64.90
N GLU D 166 24.19 6.55 65.94
CA GLU D 166 22.89 6.91 66.56
C GLU D 166 21.89 7.44 65.53
N TRP D 167 22.31 8.36 64.68
CA TRP D 167 21.42 8.92 63.65
C TRP D 167 21.15 7.96 62.51
N LEU D 168 22.13 7.13 62.19
CA LEU D 168 21.93 6.11 61.16
C LEU D 168 20.73 5.23 61.55
N ARG D 169 20.67 4.83 62.82
CA ARG D 169 19.60 3.99 63.35
C ARG D 169 18.26 4.68 63.30
N ARG D 170 18.27 5.94 63.67
CA ARG D 170 17.07 6.76 63.59
C ARG D 170 16.57 6.73 62.16
N TYR D 171 17.44 7.07 61.21
CA TYR D 171 17.06 7.10 59.79
C TYR D 171 16.48 5.75 59.34
N LEU D 172 17.13 4.66 59.76
CA LEU D 172 16.67 3.32 59.41
C LEU D 172 15.26 3.04 59.93
N GLU D 173 14.99 3.49 61.14
CA GLU D 173 13.69 3.24 61.75
C GLU D 173 12.62 4.03 61.01
N ASN D 174 12.93 5.32 60.74
CA ASN D 174 11.96 6.22 60.11
C ASN D 174 11.73 5.92 58.62
N GLY D 175 12.74 5.36 57.95
CA GLY D 175 12.63 4.99 56.54
C GLY D 175 12.60 3.50 56.28
N LYS D 176 12.23 2.73 57.30
CA LYS D 176 12.30 1.27 57.22
C LYS D 176 11.55 0.70 56.02
N GLU D 177 10.37 1.24 55.72
CA GLU D 177 9.57 0.74 54.60
C GLU D 177 10.34 0.83 53.29
N THR D 178 11.26 1.78 53.18
CA THR D 178 12.07 1.90 51.98
C THR D 178 13.50 1.35 52.18
N LEU D 179 14.23 1.90 53.14
CA LEU D 179 15.61 1.49 53.41
C LEU D 179 15.76 0.00 53.80
N GLN D 180 14.80 -0.56 54.52
CA GLN D 180 14.89 -1.97 54.92
C GLN D 180 14.12 -2.90 53.98
N ARG D 181 13.68 -2.36 52.85
CA ARG D 181 13.14 -3.17 51.76
C ARG D 181 14.30 -3.88 51.08
N THR D 182 13.96 -4.82 50.22
CA THR D 182 14.88 -5.25 49.19
C THR D 182 14.00 -5.52 47.97
N ASP D 183 14.43 -5.03 46.81
CA ASP D 183 13.75 -5.29 45.56
C ASP D 183 14.58 -6.30 44.82
N ALA D 184 14.06 -7.52 44.70
CA ALA D 184 14.75 -8.58 43.97
C ALA D 184 14.79 -8.16 42.51
N PRO D 185 15.83 -8.57 41.78
CA PRO D 185 15.91 -8.25 40.37
C PRO D 185 14.86 -8.98 39.56
N LYS D 186 14.37 -8.30 38.54
CA LYS D 186 13.55 -8.88 37.50
C LYS D 186 14.56 -9.26 36.45
N THR D 187 14.63 -10.54 36.11
CA THR D 187 15.63 -11.01 35.16
C THR D 187 15.01 -11.58 33.90
N HIS D 188 15.74 -11.43 32.80
CA HIS D 188 15.48 -12.15 31.56
C HIS D 188 16.75 -12.19 30.74
N MET D 189 16.70 -12.84 29.58
CA MET D 189 17.89 -13.02 28.73
C MET D 189 17.54 -12.73 27.26
N THR D 190 18.52 -12.24 26.49
CA THR D 190 18.30 -12.01 25.06
C THR D 190 19.34 -12.69 24.19
N HIS D 191 18.86 -13.13 23.03
CA HIS D 191 19.63 -13.83 22.00
C HIS D 191 19.82 -12.92 20.81
N HIS D 192 21.03 -12.88 20.28
CA HIS D 192 21.34 -12.04 19.13
C HIS D 192 22.38 -12.67 18.21
N ALA D 193 21.90 -13.17 17.07
CA ALA D 193 22.80 -13.71 16.05
C ALA D 193 23.65 -12.58 15.49
N VAL D 194 24.96 -12.79 15.42
CA VAL D 194 25.88 -11.83 14.77
C VAL D 194 26.48 -12.37 13.49
N SER D 195 26.67 -13.68 13.41
CA SER D 195 27.19 -14.31 12.19
C SER D 195 26.59 -15.70 12.01
N ASP D 196 26.98 -16.41 10.95
CA ASP D 196 26.57 -17.82 10.77
C ASP D 196 27.06 -18.73 11.89
N HIS D 197 28.11 -18.33 12.59
CA HIS D 197 28.72 -19.20 13.60
C HIS D 197 28.75 -18.61 15.01
N GLU D 198 28.23 -17.39 15.23
CA GLU D 198 28.24 -16.78 16.56
C GLU D 198 26.96 -16.04 16.93
N ALA D 199 26.65 -16.06 18.24
CA ALA D 199 25.54 -15.27 18.78
C ALA D 199 25.87 -14.68 20.16
N THR D 200 25.29 -13.51 20.43
CA THR D 200 25.45 -12.85 21.71
C THR D 200 24.32 -13.25 22.66
N LEU D 201 24.72 -13.73 23.84
CA LEU D 201 23.79 -13.99 24.91
C LEU D 201 24.01 -12.89 25.95
N ARG D 202 22.92 -12.26 26.34
CA ARG D 202 22.97 -11.18 27.28
C ARG D 202 21.98 -11.47 28.38
N CYS D 203 22.46 -11.28 29.60
CA CYS D 203 21.68 -11.49 30.78
C CYS D 203 21.39 -10.15 31.40
N TRP D 204 20.12 -9.92 31.74
CA TRP D 204 19.67 -8.62 32.26
C TRP D 204 19.16 -8.73 33.67
N ALA D 205 19.60 -7.81 34.53
CA ALA D 205 19.04 -7.67 35.87
C ALA D 205 18.54 -6.22 36.02
N LEU D 206 17.24 -6.06 36.23
CA LEU D 206 16.63 -4.73 36.27
C LEU D 206 15.88 -4.53 37.59
N SER D 207 15.76 -3.28 37.99
CA SER D 207 14.85 -2.90 39.05
C SER D 207 15.18 -3.47 40.42
N PHE D 208 16.46 -3.62 40.73
CA PHE D 208 16.84 -4.21 42.01
C PHE D 208 17.36 -3.14 42.95
N TYR D 209 17.23 -3.41 44.25
CA TYR D 209 17.79 -2.57 45.33
C TYR D 209 18.20 -3.50 46.45
N PRO D 210 19.39 -3.31 47.03
CA PRO D 210 20.40 -2.29 46.80
C PRO D 210 21.20 -2.64 45.57
N ALA D 211 22.20 -1.79 45.28
CA ALA D 211 23.01 -1.89 44.09
C ALA D 211 23.85 -3.15 43.94
N GLU D 212 24.19 -3.80 45.06
CA GLU D 212 25.14 -4.89 45.07
C GLU D 212 24.51 -6.12 44.42
N ILE D 213 25.24 -6.72 43.47
CA ILE D 213 24.71 -7.83 42.70
C ILE D 213 25.86 -8.55 42.00
N THR D 214 25.69 -9.84 41.75
CA THR D 214 26.67 -10.58 40.98
C THR D 214 26.00 -11.34 39.86
N LEU D 215 26.40 -11.04 38.63
CA LEU D 215 25.93 -11.72 37.42
C LEU D 215 27.13 -12.42 36.85
N THR D 216 27.01 -13.71 36.58
CA THR D 216 28.12 -14.44 35.95
C THR D 216 27.61 -15.57 35.05
N TRP D 217 28.35 -15.85 33.98
CA TRP D 217 28.00 -16.89 33.01
C TRP D 217 28.77 -18.18 33.28
N GLN D 218 28.16 -19.30 32.90
CA GLN D 218 28.73 -20.63 33.08
C GLN D 218 28.55 -21.48 31.84
N ARG D 219 29.55 -22.32 31.56
CA ARG D 219 29.48 -23.27 30.45
C ARG D 219 29.64 -24.67 31.03
N ASP D 220 28.58 -25.48 30.98
CA ASP D 220 28.57 -26.80 31.60
C ASP D 220 28.86 -26.71 33.10
N GLY D 221 28.47 -25.60 33.71
CA GLY D 221 28.73 -25.34 35.12
C GLY D 221 30.07 -24.69 35.43
N GLU D 222 30.86 -24.38 34.40
CA GLU D 222 32.18 -23.79 34.61
C GLU D 222 32.19 -22.28 34.31
N ASP D 223 32.51 -21.47 35.33
CA ASP D 223 32.47 -20.00 35.20
C ASP D 223 33.25 -19.46 33.99
N GLN D 224 32.70 -18.42 33.35
CA GLN D 224 33.25 -17.86 32.10
C GLN D 224 33.87 -16.48 32.30
N THR D 225 34.46 -16.26 33.47
CA THR D 225 34.96 -14.95 33.88
C THR D 225 35.72 -14.15 32.81
N GLN D 226 36.57 -14.81 32.02
CA GLN D 226 37.45 -14.07 31.08
C GLN D 226 36.85 -13.71 29.71
N ASP D 227 35.66 -14.21 29.39
CA ASP D 227 35.08 -14.04 28.04
C ASP D 227 33.68 -13.41 28.05
N THR D 228 33.25 -12.95 29.22
CA THR D 228 31.97 -12.26 29.37
C THR D 228 32.23 -10.76 29.48
N GLU D 229 31.35 -9.96 28.88
CA GLU D 229 31.40 -8.51 29.01
C GLU D 229 30.45 -8.08 30.14
N LEU D 230 30.87 -7.09 30.93
CA LEU D 230 30.10 -6.60 32.07
C LEU D 230 29.99 -5.09 32.01
N VAL D 231 28.79 -4.57 32.28
CA VAL D 231 28.64 -3.13 32.40
C VAL D 231 28.62 -2.73 33.86
N GLU D 232 29.14 -1.55 34.12
CA GLU D 232 29.03 -0.93 35.40
C GLU D 232 27.54 -0.84 35.74
N THR D 233 27.21 -1.14 36.98
CA THR D 233 25.85 -1.03 37.46
C THR D 233 25.44 0.41 37.41
N ARG D 234 24.20 0.66 36.97
CA ARG D 234 23.78 2.03 36.70
C ARG D 234 22.42 2.33 37.30
N PRO D 235 22.21 3.56 37.76
CA PRO D 235 20.96 3.86 38.41
C PRO D 235 19.81 3.89 37.38
N ALA D 236 18.66 3.31 37.73
CA ALA D 236 17.46 3.39 36.88
C ALA D 236 16.85 4.81 36.85
N GLY D 237 17.09 5.59 37.90
CA GLY D 237 16.54 6.93 38.02
C GLY D 237 15.38 7.02 39.00
N ASP D 238 14.87 5.85 39.42
CA ASP D 238 13.77 5.81 40.38
C ASP D 238 14.19 5.14 41.70
N GLY D 239 15.47 5.11 41.99
CA GLY D 239 15.94 4.51 43.23
C GLY D 239 16.42 3.06 43.08
N THR D 240 16.10 2.43 41.94
CA THR D 240 16.50 1.05 41.71
C THR D 240 17.72 0.98 40.79
N PHE D 241 18.18 -0.22 40.44
CA PHE D 241 19.39 -0.35 39.64
C PHE D 241 19.25 -1.38 38.52
N GLN D 242 20.20 -1.33 37.59
CA GLN D 242 20.21 -2.19 36.40
C GLN D 242 21.63 -2.72 36.09
N LYS D 243 21.71 -3.89 35.51
CA LYS D 243 23.00 -4.42 35.05
C LYS D 243 22.77 -5.47 33.99
N TRP D 244 23.77 -5.67 33.15
CA TRP D 244 23.77 -6.78 32.23
C TRP D 244 25.15 -7.37 32.00
N ALA D 245 25.17 -8.66 31.68
CA ALA D 245 26.38 -9.39 31.38
C ALA D 245 26.13 -10.14 30.09
N ALA D 246 27.08 -10.05 29.16
CA ALA D 246 26.95 -10.69 27.86
C ALA D 246 28.12 -11.64 27.62
N VAL D 247 27.85 -12.71 26.88
CA VAL D 247 28.91 -13.54 26.32
C VAL D 247 28.58 -13.93 24.88
N VAL D 248 29.60 -13.94 24.02
CA VAL D 248 29.46 -14.44 22.64
C VAL D 248 29.74 -15.94 22.57
N VAL D 249 28.81 -16.70 21.99
CA VAL D 249 28.88 -18.16 21.97
C VAL D 249 28.89 -18.76 20.54
N PRO D 250 29.55 -19.92 20.37
CA PRO D 250 29.44 -20.68 19.12
C PRO D 250 28.00 -21.09 18.86
N SER D 251 27.51 -20.87 17.64
CA SER D 251 26.09 -21.09 17.33
C SER D 251 25.70 -22.55 17.43
N GLY D 252 24.61 -22.82 18.14
CA GLY D 252 24.19 -24.19 18.42
C GLY D 252 24.48 -24.62 19.84
N GLN D 253 25.45 -23.98 20.48
CA GLN D 253 25.82 -24.30 21.85
C GLN D 253 25.11 -23.47 22.92
N GLU D 254 24.07 -22.71 22.56
CA GLU D 254 23.37 -21.85 23.55
C GLU D 254 22.96 -22.59 24.83
N GLN D 255 22.45 -23.80 24.69
CA GLN D 255 21.94 -24.58 25.84
C GLN D 255 23.03 -25.02 26.82
N ARG D 256 24.30 -24.92 26.45
CA ARG D 256 25.40 -25.17 27.37
C ARG D 256 25.55 -24.08 28.40
N TYR D 257 24.95 -22.91 28.15
CA TYR D 257 25.21 -21.71 28.94
C TYR D 257 24.11 -21.39 29.95
N THR D 258 24.51 -20.84 31.10
CA THR D 258 23.57 -20.46 32.15
C THR D 258 23.98 -19.14 32.79
N CYS D 259 22.99 -18.36 33.23
CA CYS D 259 23.21 -17.09 33.92
C CYS D 259 22.87 -17.25 35.39
N HIS D 260 23.79 -16.86 36.25
CA HIS D 260 23.61 -17.02 37.68
C HIS D 260 23.53 -15.64 38.27
N VAL D 261 22.46 -15.38 38.99
CA VAL D 261 22.21 -14.08 39.60
C VAL D 261 22.22 -14.19 41.12
N GLN D 262 23.06 -13.39 41.78
CA GLN D 262 23.10 -13.36 43.24
C GLN D 262 22.65 -12.01 43.75
N HIS D 263 21.74 -12.00 44.72
CA HIS D 263 21.24 -10.74 45.25
C HIS D 263 20.54 -10.90 46.59
N GLU D 264 20.76 -9.94 47.48
CA GLU D 264 20.21 -9.94 48.84
C GLU D 264 18.69 -10.11 48.94
N GLY D 265 17.97 -9.81 47.87
CA GLY D 265 16.52 -9.95 47.82
C GLY D 265 16.01 -11.24 47.20
N LEU D 266 16.93 -12.11 46.75
CA LEU D 266 16.54 -13.41 46.20
C LEU D 266 16.55 -14.49 47.28
N PRO D 267 15.46 -15.26 47.42
CA PRO D 267 15.46 -16.38 48.36
C PRO D 267 16.75 -17.20 48.27
N LYS D 268 17.08 -17.66 47.06
CA LYS D 268 18.39 -18.25 46.78
C LYS D 268 18.82 -17.87 45.34
N PRO D 269 20.10 -18.13 44.98
CA PRO D 269 20.60 -17.77 43.65
C PRO D 269 19.73 -18.26 42.46
N LEU D 270 19.58 -17.42 41.45
CA LEU D 270 18.82 -17.77 40.24
C LEU D 270 19.75 -18.37 39.20
N THR D 271 19.31 -19.47 38.59
CA THR D 271 19.98 -20.05 37.43
C THR D 271 19.05 -19.85 36.26
N LEU D 272 19.49 -19.10 35.25
CA LEU D 272 18.68 -18.87 34.05
C LEU D 272 19.23 -19.69 32.90
N ARG D 273 18.32 -20.38 32.21
CA ARG D 273 18.70 -21.44 31.27
C ARG D 273 18.13 -21.23 29.88
N TRP D 274 18.87 -21.70 28.89
CA TRP D 274 18.42 -21.74 27.51
C TRP D 274 17.77 -23.07 27.23
N GLU D 275 16.52 -23.19 27.65
CA GLU D 275 15.70 -24.35 27.37
C GLU D 275 14.34 -23.87 26.89
N PRO D 276 14.03 -24.10 25.61
CA PRO D 276 12.68 -23.81 25.13
C PRO D 276 11.71 -24.93 25.49
N MET E 1 47.63 16.12 39.42
CA MET E 1 46.59 16.53 38.44
C MET E 1 46.31 15.37 37.48
N ILE E 2 45.40 14.49 37.89
CA ILE E 2 44.97 13.39 37.04
C ILE E 2 43.76 13.77 36.19
N GLN E 3 43.60 13.04 35.09
CA GLN E 3 42.49 13.24 34.20
C GLN E 3 41.96 11.88 33.82
N ARG E 4 40.66 11.70 33.97
CA ARG E 4 40.04 10.44 33.65
C ARG E 4 38.95 10.70 32.63
N THR E 5 38.95 9.90 31.57
CA THR E 5 37.96 10.05 30.52
C THR E 5 36.64 9.37 30.93
N PRO E 6 35.51 10.03 30.67
CA PRO E 6 34.20 9.47 31.01
C PRO E 6 33.77 8.21 30.24
N LYS E 7 33.17 7.27 30.99
CA LYS E 7 32.42 6.16 30.44
C LYS E 7 30.97 6.60 30.31
N ILE E 8 30.30 6.17 29.25
CA ILE E 8 28.93 6.61 28.97
C ILE E 8 28.02 5.41 28.76
N GLN E 9 26.79 5.50 29.27
CA GLN E 9 25.73 4.56 28.95
C GLN E 9 24.45 5.34 28.69
N VAL E 10 23.78 5.02 27.59
CA VAL E 10 22.48 5.60 27.24
C VAL E 10 21.42 4.52 27.29
N TYR E 11 20.37 4.77 28.06
CA TYR E 11 19.33 3.78 28.28
C TYR E 11 18.09 4.46 28.78
N SER E 12 17.00 3.69 28.76
CA SER E 12 15.71 4.11 29.32
C SER E 12 15.52 3.61 30.74
N ARG E 13 14.64 4.26 31.49
CA ARG E 13 14.37 3.84 32.86
C ARG E 13 13.60 2.54 32.88
N HIS E 14 12.50 2.46 32.16
CA HIS E 14 11.75 1.22 32.06
C HIS E 14 12.03 0.62 30.70
N PRO E 15 11.74 -0.68 30.53
CA PRO E 15 11.92 -1.23 29.19
C PRO E 15 11.10 -0.43 28.19
N ALA E 16 11.73 -0.09 27.07
CA ALA E 16 11.20 0.90 26.16
C ALA E 16 10.06 0.30 25.37
N GLU E 17 9.10 1.15 25.04
CA GLU E 17 7.88 0.70 24.40
C GLU E 17 7.33 1.90 23.62
N ASN E 18 7.41 1.81 22.31
CA ASN E 18 6.92 2.85 21.42
C ASN E 18 5.51 3.30 21.79
N GLY E 19 5.31 4.63 21.84
CA GLY E 19 4.02 5.21 22.25
C GLY E 19 3.74 5.26 23.76
N LYS E 20 4.67 4.74 24.57
CA LYS E 20 4.47 4.67 26.01
C LYS E 20 5.51 5.51 26.75
N SER E 21 5.03 6.38 27.63
CA SER E 21 5.89 7.35 28.35
C SER E 21 6.98 6.71 29.21
N ASN E 22 8.14 7.35 29.31
CA ASN E 22 9.34 6.75 29.92
C ASN E 22 10.36 7.82 30.30
N PHE E 23 11.55 7.44 30.78
CA PHE E 23 12.64 8.40 30.93
C PHE E 23 13.85 7.93 30.14
N LEU E 24 14.49 8.87 29.46
CA LEU E 24 15.75 8.62 28.79
C LEU E 24 16.86 9.04 29.74
N ASN E 25 17.82 8.15 29.95
CA ASN E 25 18.94 8.40 30.84
C ASN E 25 20.26 8.43 30.10
N CYS E 26 21.12 9.35 30.49
CA CYS E 26 22.52 9.26 30.15
C CYS E 26 23.35 9.32 31.45
N TYR E 27 24.01 8.20 31.73
CA TYR E 27 24.81 8.00 32.92
C TYR E 27 26.31 8.13 32.56
N VAL E 28 26.94 9.18 33.06
CA VAL E 28 28.33 9.46 32.83
C VAL E 28 29.10 9.20 34.13
N SER E 29 30.14 8.34 34.06
CA SER E 29 30.91 7.96 35.24
C SER E 29 32.40 7.90 34.96
N GLY E 30 33.18 7.87 36.02
CA GLY E 30 34.62 7.65 35.92
C GLY E 30 35.44 8.82 35.42
N PHE E 31 34.95 10.04 35.59
CA PHE E 31 35.63 11.18 34.98
C PHE E 31 36.25 12.11 35.99
N HIS E 32 37.23 12.87 35.55
CA HIS E 32 37.89 13.83 36.41
C HIS E 32 38.70 14.78 35.55
N PRO E 33 38.62 16.08 35.81
CA PRO E 33 37.90 16.77 36.86
C PRO E 33 36.40 16.85 36.56
N SER E 34 35.63 17.56 37.39
CA SER E 34 34.16 17.47 37.36
C SER E 34 33.43 18.28 36.29
N ASP E 35 34.08 19.26 35.68
CA ASP E 35 33.39 20.07 34.64
C ASP E 35 33.05 19.16 33.46
N ILE E 36 31.80 19.13 33.06
CA ILE E 36 31.42 18.25 32.01
C ILE E 36 30.22 18.81 31.31
N GLU E 37 30.13 18.55 30.01
CA GLU E 37 28.99 19.02 29.24
C GLU E 37 28.20 17.82 28.77
N VAL E 38 26.93 17.75 29.15
CA VAL E 38 26.08 16.66 28.68
C VAL E 38 24.76 17.14 28.15
N ASP E 39 24.42 16.66 26.96
CA ASP E 39 23.16 16.95 26.33
C ASP E 39 22.52 15.67 25.83
N LEU E 40 21.21 15.60 25.96
CA LEU E 40 20.40 14.55 25.38
C LEU E 40 19.85 15.08 24.06
N LEU E 41 19.94 14.26 23.02
CA LEU E 41 19.62 14.68 21.67
C LEU E 41 18.40 13.95 21.16
N LYS E 42 17.49 14.70 20.55
CA LYS E 42 16.39 14.13 19.78
C LYS E 42 16.62 14.47 18.32
N ASN E 43 16.90 13.44 17.52
CA ASN E 43 17.18 13.62 16.09
C ASN E 43 18.30 14.64 15.85
N GLY E 44 19.28 14.66 16.75
CA GLY E 44 20.44 15.53 16.63
C GLY E 44 20.32 16.90 17.28
N GLU E 45 19.13 17.23 17.76
CA GLU E 45 18.89 18.49 18.46
C GLU E 45 18.78 18.24 19.96
N ARG E 46 19.33 19.16 20.75
CA ARG E 46 19.28 19.00 22.20
C ARG E 46 17.88 19.21 22.76
N ILE E 47 17.57 18.45 23.79
CA ILE E 47 16.30 18.54 24.51
C ILE E 47 16.55 19.50 25.68
N GLU E 48 15.54 20.28 26.06
CA GLU E 48 15.80 21.45 26.94
C GLU E 48 15.25 21.39 28.37
N LYS E 49 14.53 20.35 28.75
CA LYS E 49 14.18 20.24 30.17
C LYS E 49 14.89 19.04 30.81
N VAL E 50 16.19 18.97 30.54
CA VAL E 50 17.01 17.84 30.96
C VAL E 50 17.58 18.07 32.36
N GLU E 51 17.21 17.21 33.28
CA GLU E 51 17.64 17.30 34.68
C GLU E 51 18.81 16.36 34.96
N HIS E 52 19.49 16.58 36.07
CA HIS E 52 20.57 15.70 36.50
C HIS E 52 20.69 15.54 38.01
N SER E 53 21.27 14.42 38.41
CA SER E 53 21.55 14.12 39.80
C SER E 53 22.64 15.04 40.36
N ASP E 54 22.83 14.98 41.67
CA ASP E 54 23.88 15.70 42.35
C ASP E 54 25.23 15.01 42.20
N LEU E 55 26.25 15.78 41.83
CA LEU E 55 27.62 15.27 41.70
C LEU E 55 28.02 14.46 42.91
N SER E 56 28.41 13.22 42.66
CA SER E 56 28.99 12.36 43.66
C SER E 56 30.18 11.64 43.05
N PHE E 57 30.86 10.82 43.83
CA PHE E 57 32.05 10.16 43.34
C PHE E 57 32.25 8.78 43.94
N SER E 58 33.12 8.03 43.28
CA SER E 58 33.40 6.65 43.62
C SER E 58 34.61 6.51 44.55
N LYS E 59 34.88 5.27 44.90
CA LYS E 59 36.01 4.92 45.76
C LYS E 59 37.31 5.49 45.23
N ASP E 60 37.52 5.41 43.91
CA ASP E 60 38.75 5.93 43.29
C ASP E 60 38.76 7.46 43.02
N TRP E 61 37.78 8.18 43.56
CA TRP E 61 37.67 9.65 43.47
C TRP E 61 37.08 10.18 42.19
N SER E 62 36.82 9.31 41.20
CA SER E 62 36.23 9.76 39.93
C SER E 62 34.75 10.07 40.09
N PHE E 63 34.23 10.96 39.24
CA PHE E 63 32.85 11.49 39.41
C PHE E 63 31.81 10.73 38.59
N TYR E 64 30.55 10.81 39.04
CA TYR E 64 29.44 10.28 38.26
C TYR E 64 28.18 11.12 38.39
N LEU E 65 27.47 11.23 37.26
CA LEU E 65 26.21 12.00 37.15
C LEU E 65 25.19 11.20 36.34
N LEU E 66 23.91 11.44 36.59
CA LEU E 66 22.84 10.93 35.73
C LEU E 66 22.02 12.09 35.15
N TYR E 67 22.02 12.23 33.83
CA TYR E 67 21.15 13.18 33.11
C TYR E 67 19.91 12.49 32.55
N TYR E 68 18.73 13.07 32.76
CA TYR E 68 17.48 12.42 32.39
C TYR E 68 16.34 13.35 31.99
N THR E 69 15.53 12.90 31.05
CA THR E 69 14.33 13.63 30.68
C THR E 69 13.20 12.68 30.42
N GLU E 70 11.99 13.17 30.66
CA GLU E 70 10.76 12.42 30.38
C GLU E 70 10.59 12.42 28.87
N PHE E 71 10.17 11.29 28.31
CA PHE E 71 9.99 11.18 26.87
C PHE E 71 9.14 9.96 26.48
N THR E 72 8.52 10.05 25.30
CA THR E 72 7.76 8.97 24.70
C THR E 72 8.49 8.50 23.45
N PRO E 73 9.12 7.33 23.50
CA PRO E 73 9.76 6.87 22.26
C PRO E 73 8.74 6.46 21.21
N THR E 74 9.09 6.68 19.95
CA THR E 74 8.33 6.18 18.82
C THR E 74 9.38 5.73 17.83
N GLU E 75 9.00 4.96 16.83
CA GLU E 75 10.00 4.37 15.94
C GLU E 75 10.74 5.37 15.04
N LYS E 76 10.07 6.43 14.59
CA LYS E 76 10.68 7.45 13.71
C LYS E 76 11.82 8.30 14.31
N ASN E 77 11.89 8.37 15.64
CA ASN E 77 12.86 9.25 16.31
C ASN E 77 14.10 8.49 16.79
N GLU E 78 15.25 9.11 16.62
CA GLU E 78 16.51 8.59 17.16
C GLU E 78 16.92 9.47 18.33
N TYR E 79 17.47 8.84 19.37
CA TYR E 79 17.95 9.56 20.54
C TYR E 79 19.43 9.28 20.77
N ALA E 80 20.12 10.24 21.39
CA ALA E 80 21.56 10.10 21.65
C ALA E 80 21.97 10.94 22.86
N CYS E 81 23.15 10.68 23.38
CA CYS E 81 23.76 11.47 24.45
C CYS E 81 25.03 12.09 23.87
N ARG E 82 25.21 13.40 24.09
CA ARG E 82 26.42 14.08 23.65
C ARG E 82 27.21 14.62 24.86
N VAL E 83 28.44 14.16 24.98
CA VAL E 83 29.30 14.54 26.10
C VAL E 83 30.55 15.26 25.64
N ASN E 84 30.87 16.38 26.25
CA ASN E 84 32.18 16.96 26.07
C ASN E 84 32.86 17.15 27.40
N HIS E 85 34.19 17.10 27.37
CA HIS E 85 34.98 17.00 28.58
C HIS E 85 36.43 17.22 28.19
N VAL E 86 37.20 17.74 29.13
CA VAL E 86 38.56 18.15 28.86
C VAL E 86 39.49 17.00 28.40
N THR E 87 39.07 15.73 28.53
CA THR E 87 39.86 14.56 28.07
C THR E 87 39.45 14.09 26.68
N LEU E 88 38.45 14.72 26.10
CA LEU E 88 38.00 14.37 24.76
C LEU E 88 38.51 15.41 23.78
N SER E 89 38.97 14.94 22.63
CA SER E 89 39.41 15.81 21.56
C SER E 89 38.21 16.40 20.81
N GLN E 90 37.06 15.74 20.94
CA GLN E 90 35.82 16.24 20.37
C GLN E 90 34.60 15.61 21.06
N PRO E 91 33.44 16.30 21.00
CA PRO E 91 32.22 15.78 21.63
C PRO E 91 31.99 14.33 21.29
N LYS E 92 31.76 13.49 22.29
CA LYS E 92 31.43 12.10 22.02
C LYS E 92 29.91 11.92 21.99
N ILE E 93 29.46 11.17 20.99
CA ILE E 93 28.04 10.95 20.74
C ILE E 93 27.73 9.47 20.84
N VAL E 94 26.92 9.12 21.83
CA VAL E 94 26.54 7.74 22.07
C VAL E 94 25.05 7.59 21.78
N LYS E 95 24.72 6.88 20.70
CA LYS E 95 23.34 6.66 20.32
C LYS E 95 22.67 5.73 21.31
N TRP E 96 21.40 5.97 21.55
CA TRP E 96 20.58 5.05 22.31
C TRP E 96 20.22 3.81 21.49
N ASP E 97 20.66 2.65 21.95
CA ASP E 97 20.29 1.34 21.39
C ASP E 97 19.23 0.68 22.28
N ARG E 98 18.02 0.50 21.77
CA ARG E 98 16.87 0.10 22.59
C ARG E 98 17.02 -1.24 23.33
N ASP E 99 17.99 -2.05 22.90
CA ASP E 99 18.30 -3.33 23.54
C ASP E 99 19.61 -3.27 24.33
N MET E 100 19.89 -2.11 24.94
CA MET E 100 21.09 -1.90 25.78
C MET E 100 20.76 -0.93 26.95
N TYR F 1 23.14 13.15 59.44
CA TYR F 1 23.49 14.16 60.49
C TYR F 1 24.99 14.49 60.40
N LEU F 2 25.30 15.65 59.83
CA LEU F 2 26.68 16.13 59.69
C LEU F 2 27.40 16.42 61.00
N LEU F 3 28.73 16.37 60.93
CA LEU F 3 29.60 16.90 61.97
C LEU F 3 29.25 18.34 62.30
N MET F 4 29.45 18.70 63.57
CA MET F 4 29.14 20.04 64.07
C MET F 4 30.17 20.99 63.48
N TRP F 5 31.39 20.50 63.28
CA TRP F 5 32.35 21.25 62.50
C TRP F 5 33.46 20.38 61.93
N ILE F 6 34.10 20.85 60.86
CA ILE F 6 35.32 20.25 60.33
C ILE F 6 36.53 21.21 60.42
N THR F 7 37.70 20.65 60.67
CA THR F 7 38.91 21.39 60.97
C THR F 7 39.76 21.61 59.72
N GLN F 8 40.35 22.80 59.61
CA GLN F 8 41.12 23.23 58.46
C GLN F 8 42.24 22.27 58.17
N VAL F 9 42.68 22.27 56.93
CA VAL F 9 43.69 21.36 56.47
C VAL F 9 45.05 22.03 56.67
N GLY G 1 1.86 -79.07 20.14
CA GLY G 1 2.60 -77.79 19.87
C GLY G 1 1.68 -76.76 19.25
N SER G 2 2.18 -75.52 19.14
CA SER G 2 1.40 -74.46 18.49
C SER G 2 1.30 -74.72 17.01
N HIS G 3 0.25 -74.17 16.40
CA HIS G 3 0.10 -74.17 14.96
C HIS G 3 -0.41 -72.79 14.53
N SER G 4 -0.49 -72.57 13.22
CA SER G 4 -0.85 -71.24 12.74
C SER G 4 -1.39 -71.28 11.33
N MET G 5 -2.25 -70.32 11.05
CA MET G 5 -2.70 -70.06 9.70
C MET G 5 -2.28 -68.64 9.39
N ARG G 6 -1.55 -68.44 8.30
CA ARG G 6 -1.21 -67.09 7.81
C ARG G 6 -1.50 -66.97 6.32
N TYR G 7 -1.97 -65.79 5.92
CA TYR G 7 -2.02 -65.38 4.52
C TYR G 7 -1.07 -64.22 4.31
N PHE G 8 -0.32 -64.26 3.19
CA PHE G 8 0.59 -63.18 2.79
C PHE G 8 0.18 -62.59 1.43
N PHE G 9 -0.06 -61.28 1.39
CA PHE G 9 -0.49 -60.61 0.15
C PHE G 9 0.52 -59.57 -0.27
N THR G 10 0.84 -59.58 -1.56
CA THR G 10 1.68 -58.56 -2.14
C THR G 10 1.00 -57.94 -3.36
N SER G 11 0.92 -56.62 -3.36
CA SER G 11 0.47 -55.84 -4.52
C SER G 11 1.56 -54.96 -5.04
N VAL G 12 1.80 -54.97 -6.34
CA VAL G 12 2.81 -54.09 -6.92
C VAL G 12 2.20 -53.33 -8.07
N SER G 13 2.25 -51.99 -8.01
CA SER G 13 1.80 -51.18 -9.15
C SER G 13 2.88 -51.23 -10.24
N ARG G 14 2.41 -51.11 -11.47
CA ARG G 14 3.24 -51.30 -12.64
C ARG G 14 2.75 -50.29 -13.66
N PRO G 15 2.86 -49.00 -13.35
CA PRO G 15 2.41 -47.93 -14.23
C PRO G 15 3.16 -48.00 -15.55
N GLY G 16 2.49 -47.70 -16.65
CA GLY G 16 3.12 -47.76 -17.96
C GLY G 16 3.38 -49.16 -18.47
N ARG G 17 2.97 -50.18 -17.73
CA ARG G 17 3.30 -51.57 -18.11
C ARG G 17 2.08 -52.49 -18.07
N GLY G 18 1.31 -52.46 -16.99
CA GLY G 18 0.01 -53.15 -16.92
C GLY G 18 -0.79 -52.77 -15.68
N GLU G 19 -1.82 -53.55 -15.38
CA GLU G 19 -2.57 -53.48 -14.11
C GLU G 19 -1.64 -53.96 -13.01
N PRO G 20 -1.90 -53.57 -11.76
CA PRO G 20 -1.02 -53.98 -10.67
C PRO G 20 -1.03 -55.47 -10.45
N ARG G 21 0.14 -56.01 -10.16
CA ARG G 21 0.28 -57.43 -9.87
C ARG G 21 -0.23 -57.76 -8.47
N PHE G 22 -0.97 -58.85 -8.34
CA PHE G 22 -1.44 -59.30 -7.03
C PHE G 22 -1.09 -60.77 -6.77
N ILE G 23 -0.37 -61.05 -5.70
CA ILE G 23 -0.08 -62.46 -5.29
C ILE G 23 -0.56 -62.74 -3.86
N ALA G 24 -1.33 -63.80 -3.68
CA ALA G 24 -1.76 -64.19 -2.34
C ALA G 24 -1.25 -65.59 -2.12
N VAL G 25 -0.69 -65.86 -0.94
CA VAL G 25 -0.31 -67.23 -0.60
C VAL G 25 -0.78 -67.55 0.81
N GLY G 26 -1.33 -68.76 0.98
CA GLY G 26 -1.73 -69.24 2.29
C GLY G 26 -0.89 -70.39 2.82
N TYR G 27 -0.57 -70.32 4.09
CA TYR G 27 0.24 -71.33 4.76
C TYR G 27 -0.52 -71.84 5.96
N VAL G 28 -0.36 -73.13 6.29
CA VAL G 28 -0.60 -73.60 7.63
C VAL G 28 0.75 -74.03 8.20
N ASP G 29 1.16 -73.40 9.27
CA ASP G 29 2.50 -73.55 9.79
C ASP G 29 3.50 -73.30 8.64
N ASP G 30 4.40 -74.24 8.35
CA ASP G 30 5.40 -74.05 7.31
C ASP G 30 5.03 -74.72 5.98
N THR G 31 3.76 -75.08 5.79
CA THR G 31 3.29 -75.67 4.56
C THR G 31 2.35 -74.71 3.82
N GLN G 32 2.73 -74.39 2.56
CA GLN G 32 1.91 -73.60 1.63
C GLN G 32 0.72 -74.46 1.18
N PHE G 33 -0.51 -73.94 1.32
CA PHE G 33 -1.69 -74.72 0.96
C PHE G 33 -2.52 -74.13 -0.17
N VAL G 34 -2.44 -72.81 -0.38
CA VAL G 34 -3.15 -72.18 -1.50
C VAL G 34 -2.40 -71.00 -2.07
N ARG G 35 -2.77 -70.61 -3.27
CA ARG G 35 -2.16 -69.44 -3.90
C ARG G 35 -3.05 -68.76 -4.91
N PHE G 36 -2.75 -67.50 -5.15
CA PHE G 36 -3.42 -66.75 -6.18
C PHE G 36 -2.43 -65.80 -6.81
N ASP G 37 -2.55 -65.63 -8.12
CA ASP G 37 -1.64 -64.79 -8.88
C ASP G 37 -2.41 -64.16 -10.02
N SER G 38 -2.55 -62.84 -9.98
CA SER G 38 -3.28 -62.11 -11.02
C SER G 38 -2.67 -62.29 -12.43
N ASP G 39 -1.43 -62.79 -12.51
CA ASP G 39 -0.80 -63.03 -13.81
C ASP G 39 -0.87 -64.50 -14.29
N ALA G 40 -1.37 -65.39 -13.44
CA ALA G 40 -1.52 -66.79 -13.83
C ALA G 40 -2.75 -66.93 -14.71
N ALA G 41 -2.94 -68.08 -15.34
CA ALA G 41 -4.04 -68.29 -16.30
C ALA G 41 -5.40 -68.62 -15.68
N SER G 42 -5.41 -69.18 -14.48
CA SER G 42 -6.62 -69.74 -13.90
C SER G 42 -7.59 -68.68 -13.38
N GLN G 43 -7.04 -67.69 -12.68
CA GLN G 43 -7.84 -66.63 -12.07
C GLN G 43 -8.80 -67.24 -11.06
N ARG G 44 -8.28 -68.25 -10.37
CA ARG G 44 -8.92 -68.90 -9.24
C ARG G 44 -7.88 -69.11 -8.16
N MET G 45 -8.32 -69.25 -6.92
CA MET G 45 -7.43 -69.66 -5.86
C MET G 45 -7.18 -71.12 -6.15
N GLU G 46 -5.92 -71.54 -6.09
CA GLU G 46 -5.54 -72.89 -6.47
C GLU G 46 -4.92 -73.65 -5.29
N PRO G 47 -5.14 -74.97 -5.21
CA PRO G 47 -4.55 -75.78 -4.15
C PRO G 47 -3.05 -75.94 -4.31
N ARG G 48 -2.34 -76.05 -3.20
CA ARG G 48 -0.91 -76.33 -3.20
C ARG G 48 -0.52 -77.43 -2.22
N ALA G 49 -1.49 -78.11 -1.62
CA ALA G 49 -1.20 -79.22 -0.71
C ALA G 49 -2.32 -80.23 -0.81
N PRO G 50 -2.02 -81.54 -0.78
CA PRO G 50 -3.04 -82.56 -1.05
C PRO G 50 -4.29 -82.47 -0.18
N TRP G 51 -4.13 -82.33 1.12
CA TRP G 51 -5.27 -82.34 2.04
C TRP G 51 -6.29 -81.20 1.84
N ILE G 52 -6.00 -80.23 0.96
CA ILE G 52 -6.93 -79.16 0.65
C ILE G 52 -7.74 -79.48 -0.62
N GLU G 53 -7.23 -80.37 -1.45
CA GLU G 53 -7.99 -80.88 -2.60
C GLU G 53 -9.32 -81.50 -2.17
N GLN G 54 -9.34 -82.09 -0.98
CA GLN G 54 -10.56 -82.59 -0.33
C GLN G 54 -11.74 -81.61 -0.38
N GLU G 55 -11.46 -80.31 -0.27
CA GLU G 55 -12.50 -79.30 -0.27
C GLU G 55 -13.20 -79.28 -1.63
N GLY G 56 -14.51 -79.08 -1.63
CA GLY G 56 -15.28 -79.09 -2.86
C GLY G 56 -15.52 -77.71 -3.48
N PRO G 57 -16.25 -77.67 -4.60
CA PRO G 57 -16.51 -76.47 -5.40
C PRO G 57 -16.88 -75.24 -4.58
N GLU G 58 -17.82 -75.37 -3.65
CA GLU G 58 -18.23 -74.23 -2.82
C GLU G 58 -17.06 -73.54 -2.11
N TYR G 59 -16.12 -74.34 -1.61
CA TYR G 59 -14.90 -73.79 -0.99
C TYR G 59 -14.07 -72.98 -2.00
N TRP G 60 -13.74 -73.58 -3.14
CA TRP G 60 -12.89 -72.92 -4.14
C TRP G 60 -13.53 -71.69 -4.78
N ASP G 61 -14.82 -71.77 -5.09
CA ASP G 61 -15.52 -70.60 -5.62
C ASP G 61 -15.46 -69.47 -4.60
N GLY G 62 -15.62 -69.81 -3.32
CA GLY G 62 -15.69 -68.79 -2.28
C GLY G 62 -14.37 -68.12 -1.99
N GLU G 63 -13.31 -68.93 -1.93
CA GLU G 63 -11.97 -68.41 -1.66
C GLU G 63 -11.52 -67.59 -2.85
N THR G 64 -11.90 -68.02 -4.04
CA THR G 64 -11.60 -67.29 -5.26
C THR G 64 -12.30 -65.94 -5.28
N ARG G 65 -13.56 -65.93 -4.94
CA ARG G 65 -14.29 -64.66 -4.99
C ARG G 65 -13.76 -63.69 -3.90
N LYS G 66 -13.36 -64.24 -2.76
CA LYS G 66 -12.80 -63.42 -1.68
C LYS G 66 -11.41 -62.88 -2.03
N VAL G 67 -10.58 -63.72 -2.67
CA VAL G 67 -9.25 -63.26 -3.01
C VAL G 67 -9.31 -62.14 -4.05
N LYS G 68 -10.22 -62.24 -5.00
CA LYS G 68 -10.43 -61.17 -5.98
C LYS G 68 -10.86 -59.86 -5.31
N ALA G 69 -11.68 -59.96 -4.27
CA ALA G 69 -12.09 -58.78 -3.50
C ALA G 69 -10.92 -58.22 -2.72
N HIS G 70 -10.10 -59.07 -2.11
CA HIS G 70 -8.85 -58.60 -1.51
C HIS G 70 -8.08 -57.85 -2.57
N SER G 71 -7.99 -58.47 -3.74
CA SER G 71 -7.24 -57.88 -4.84
C SER G 71 -7.77 -56.50 -5.18
N GLN G 72 -9.07 -56.38 -5.32
CA GLN G 72 -9.67 -55.10 -5.67
C GLN G 72 -9.41 -54.03 -4.62
N THR G 73 -9.38 -54.40 -3.33
CA THR G 73 -9.06 -53.39 -2.30
C THR G 73 -7.63 -52.90 -2.40
N HIS G 74 -6.69 -53.78 -2.70
CA HIS G 74 -5.30 -53.34 -2.82
C HIS G 74 -5.09 -52.38 -3.99
N ARG G 75 -5.80 -52.66 -5.07
CA ARG G 75 -5.82 -51.80 -6.24
C ARG G 75 -6.17 -50.36 -5.86
N VAL G 76 -7.32 -50.17 -5.22
CA VAL G 76 -7.73 -48.86 -4.73
C VAL G 76 -6.76 -48.30 -3.68
N ASP G 77 -6.26 -49.16 -2.79
CA ASP G 77 -5.26 -48.72 -1.79
C ASP G 77 -4.01 -48.09 -2.42
N LEU G 78 -3.50 -48.69 -3.48
CA LEU G 78 -2.32 -48.13 -4.17
C LEU G 78 -2.54 -46.69 -4.54
N GLY G 79 -3.72 -46.36 -5.07
CA GLY G 79 -4.07 -44.97 -5.40
C GLY G 79 -4.17 -44.07 -4.18
N THR G 80 -4.80 -44.57 -3.13
CA THR G 80 -5.00 -43.77 -1.93
C THR G 80 -3.67 -43.37 -1.26
N LEU G 81 -2.78 -44.34 -1.11
CA LEU G 81 -1.48 -44.12 -0.45
C LEU G 81 -0.64 -43.06 -1.21
N ARG G 82 -0.75 -43.12 -2.52
CA ARG G 82 -0.23 -42.09 -3.41
C ARG G 82 -0.71 -40.67 -3.02
N GLY G 83 -2.01 -40.51 -2.83
CA GLY G 83 -2.59 -39.26 -2.34
C GLY G 83 -2.08 -38.86 -0.96
N TYR G 84 -2.04 -39.81 -0.03
CA TYR G 84 -1.57 -39.54 1.33
C TYR G 84 -0.14 -39.02 1.37
N TYR G 85 0.74 -39.57 0.53
CA TYR G 85 2.17 -39.23 0.54
C TYR G 85 2.57 -38.22 -0.55
N ASN G 86 1.58 -37.67 -1.25
CA ASN G 86 1.80 -36.72 -2.36
C ASN G 86 2.76 -37.20 -3.46
N GLN G 87 2.64 -38.47 -3.80
CA GLN G 87 3.53 -39.11 -4.78
C GLN G 87 2.94 -39.04 -6.18
N SER G 88 3.73 -38.57 -7.15
CA SER G 88 3.31 -38.59 -8.55
C SER G 88 2.89 -40.03 -8.91
N GLU G 89 1.80 -40.17 -9.67
CA GLU G 89 1.35 -41.48 -10.12
C GLU G 89 2.27 -42.01 -11.22
N ALA G 90 3.53 -42.20 -10.85
CA ALA G 90 4.58 -42.34 -11.81
C ALA G 90 5.71 -43.26 -11.37
N GLY G 91 5.45 -44.14 -10.42
CA GLY G 91 6.47 -45.04 -9.93
C GLY G 91 5.80 -46.30 -9.48
N SER G 92 6.53 -47.39 -9.47
CA SER G 92 6.04 -48.64 -8.93
C SER G 92 6.17 -48.63 -7.40
N HIS G 93 5.07 -48.84 -6.70
CA HIS G 93 5.09 -48.98 -5.24
C HIS G 93 4.56 -50.34 -4.83
N THR G 94 4.93 -50.76 -3.64
CA THR G 94 4.55 -52.08 -3.11
C THR G 94 3.67 -51.93 -1.87
N VAL G 95 2.58 -52.69 -1.83
CA VAL G 95 1.81 -52.89 -0.60
C VAL G 95 1.93 -54.36 -0.18
N GLN G 96 2.02 -54.57 1.13
CA GLN G 96 2.15 -55.93 1.69
C GLN G 96 1.21 -56.05 2.89
N ARG G 97 0.52 -57.17 2.96
CA ARG G 97 -0.36 -57.43 4.08
C ARG G 97 -0.17 -58.87 4.51
N MET G 98 -0.20 -59.07 5.82
CA MET G 98 -0.12 -60.40 6.44
C MET G 98 -1.14 -60.46 7.54
N TYR G 99 -1.99 -61.49 7.51
CA TYR G 99 -2.87 -61.76 8.63
C TYR G 99 -3.03 -63.25 8.93
N GLY G 100 -3.45 -63.56 10.15
CA GLY G 100 -3.57 -64.93 10.59
C GLY G 100 -3.66 -65.12 12.10
N CYS G 101 -3.88 -66.37 12.51
CA CYS G 101 -4.15 -66.70 13.90
C CYS G 101 -3.27 -67.89 14.34
N ASP G 102 -2.95 -67.95 15.63
CA ASP G 102 -2.25 -69.09 16.24
C ASP G 102 -3.15 -69.83 17.23
N VAL G 103 -2.89 -71.12 17.40
CA VAL G 103 -3.49 -71.90 18.47
C VAL G 103 -2.43 -72.66 19.27
N GLY G 104 -2.62 -72.75 20.58
CA GLY G 104 -1.73 -73.52 21.46
C GLY G 104 -1.86 -75.03 21.22
N SER G 105 -1.25 -75.82 22.10
CA SER G 105 -1.23 -77.29 21.95
C SER G 105 -2.60 -77.88 22.19
N ASP G 106 -3.40 -77.14 22.95
CA ASP G 106 -4.80 -77.44 23.20
C ASP G 106 -5.70 -77.09 22.01
N TRP G 107 -5.14 -76.43 20.99
CA TRP G 107 -5.88 -75.97 19.81
C TRP G 107 -6.83 -74.79 20.09
N ARG G 108 -6.68 -74.15 21.25
CA ARG G 108 -7.47 -72.98 21.57
C ARG G 108 -6.73 -71.74 21.12
N PHE G 109 -7.49 -70.70 20.76
CA PHE G 109 -6.94 -69.43 20.33
C PHE G 109 -5.80 -68.96 21.21
N LEU G 110 -4.64 -68.77 20.60
CA LEU G 110 -3.46 -68.21 21.27
C LEU G 110 -3.28 -66.73 20.97
N ARG G 111 -3.54 -66.38 19.72
CA ARG G 111 -3.03 -65.11 19.19
C ARG G 111 -3.58 -64.83 17.80
N GLY G 112 -3.65 -63.56 17.47
CA GLY G 112 -4.06 -63.10 16.12
C GLY G 112 -3.26 -61.88 15.72
N TYR G 113 -3.11 -61.66 14.42
CA TYR G 113 -2.33 -60.55 13.94
C TYR G 113 -2.78 -60.12 12.57
N HIS G 114 -2.47 -58.87 12.27
CA HIS G 114 -2.79 -58.27 11.01
C HIS G 114 -1.90 -57.05 10.78
N GLN G 115 -1.00 -57.14 9.81
CA GLN G 115 0.03 -56.12 9.58
C GLN G 115 0.08 -55.69 8.12
N TYR G 116 0.20 -54.39 7.91
CA TYR G 116 0.18 -53.77 6.59
C TYR G 116 1.45 -52.96 6.46
N ALA G 117 2.02 -52.94 5.25
CA ALA G 117 3.29 -52.26 4.96
C ALA G 117 3.20 -51.62 3.59
N TYR G 118 3.83 -50.44 3.45
CA TYR G 118 3.90 -49.73 2.18
C TYR G 118 5.37 -49.52 1.83
N ASP G 119 5.70 -49.70 0.56
CA ASP G 119 7.09 -49.67 0.08
C ASP G 119 8.08 -50.23 1.10
N GLY G 120 7.75 -51.37 1.66
CA GLY G 120 8.67 -52.10 2.55
C GLY G 120 8.83 -51.67 3.99
N LYS G 121 8.04 -50.69 4.45
CA LYS G 121 8.11 -50.22 5.84
C LYS G 121 6.73 -50.34 6.51
N ASP G 122 6.70 -50.56 7.82
CA ASP G 122 5.44 -50.70 8.58
C ASP G 122 4.56 -49.53 8.26
N TYR G 123 3.26 -49.77 8.12
CA TYR G 123 2.35 -48.69 7.86
C TYR G 123 1.36 -48.68 9.02
N ILE G 124 0.56 -49.73 9.11
CA ILE G 124 -0.36 -49.88 10.21
C ILE G 124 -0.42 -51.34 10.55
N ALA G 125 -0.69 -51.62 11.82
CA ALA G 125 -0.75 -52.98 12.35
C ALA G 125 -1.77 -53.02 13.53
N LEU G 126 -2.44 -54.16 13.67
CA LEU G 126 -3.23 -54.47 14.85
C LEU G 126 -2.27 -54.90 15.96
N LYS G 127 -2.44 -54.33 17.17
CA LYS G 127 -1.59 -54.65 18.33
C LYS G 127 -2.13 -55.91 18.96
N GLU G 128 -1.40 -56.49 19.91
CA GLU G 128 -1.80 -57.80 20.45
C GLU G 128 -3.11 -57.76 21.23
N ASP G 129 -3.51 -56.58 21.70
CA ASP G 129 -4.78 -56.46 22.45
C ASP G 129 -5.98 -56.77 21.58
N LEU G 130 -5.76 -56.79 20.25
CA LEU G 130 -6.77 -57.08 19.23
C LEU G 130 -7.85 -56.00 19.18
N ARG G 131 -7.55 -54.84 19.75
CA ARG G 131 -8.53 -53.79 19.79
C ARG G 131 -8.01 -52.41 19.36
N SER G 132 -6.69 -52.27 19.16
CA SER G 132 -6.12 -50.99 18.73
C SER G 132 -5.02 -51.12 17.68
N TRP G 133 -4.62 -49.97 17.14
CA TRP G 133 -3.75 -49.92 15.99
C TRP G 133 -2.46 -49.18 16.34
N THR G 134 -1.36 -49.58 15.67
CA THR G 134 -0.10 -48.85 15.70
C THR G 134 0.07 -48.19 14.36
N ALA G 135 0.14 -46.86 14.37
CA ALA G 135 0.35 -46.08 13.17
C ALA G 135 1.80 -45.62 13.11
N ALA G 136 2.53 -46.08 12.09
CA ALA G 136 3.94 -45.70 11.92
C ALA G 136 4.16 -44.18 11.75
N ASP G 137 3.36 -43.56 10.88
CA ASP G 137 3.55 -42.17 10.52
C ASP G 137 2.19 -41.52 10.33
N MET G 138 2.20 -40.23 9.99
CA MET G 138 0.99 -39.45 9.97
C MET G 138 0.03 -39.77 8.83
N ALA G 139 0.55 -40.28 7.71
CA ALA G 139 -0.33 -40.79 6.66
C ALA G 139 -1.15 -41.94 7.20
N ALA G 140 -0.52 -42.76 8.04
CA ALA G 140 -1.17 -43.90 8.68
C ALA G 140 -2.18 -43.51 9.78
N GLN G 141 -1.93 -42.39 10.45
CA GLN G 141 -2.92 -41.87 11.42
C GLN G 141 -4.27 -41.64 10.73
N THR G 142 -4.25 -41.20 9.47
CA THR G 142 -5.51 -41.00 8.75
C THR G 142 -6.26 -42.32 8.58
N THR G 143 -5.52 -43.38 8.26
CA THR G 143 -6.11 -44.70 8.12
C THR G 143 -6.64 -45.23 9.46
N LYS G 144 -5.84 -45.03 10.49
CA LYS G 144 -6.16 -45.44 11.85
C LYS G 144 -7.45 -44.82 12.34
N HIS G 145 -7.54 -43.49 12.24
CA HIS G 145 -8.77 -42.79 12.61
C HIS G 145 -9.98 -43.33 11.86
N LYS G 146 -9.81 -43.55 10.57
CA LYS G 146 -10.87 -44.06 9.70
C LYS G 146 -11.34 -45.47 10.09
N TRP G 147 -10.40 -46.30 10.53
CA TRP G 147 -10.69 -47.68 10.92
C TRP G 147 -11.28 -47.72 12.35
N GLU G 148 -10.87 -46.77 13.16
CA GLU G 148 -11.44 -46.62 14.51
C GLU G 148 -12.90 -46.18 14.42
N ALA G 149 -13.17 -45.20 13.55
CA ALA G 149 -14.52 -44.69 13.32
C ALA G 149 -15.45 -45.65 12.58
N ALA G 150 -14.91 -46.70 11.97
CA ALA G 150 -15.72 -47.75 11.36
C ALA G 150 -15.64 -49.05 12.14
N HIS G 151 -15.08 -49.01 13.35
CA HIS G 151 -15.03 -50.19 14.21
C HIS G 151 -14.50 -51.44 13.49
N VAL G 152 -13.41 -51.27 12.75
CA VAL G 152 -12.84 -52.35 11.96
C VAL G 152 -12.14 -53.43 12.82
N ALA G 153 -11.34 -53.00 13.79
CA ALA G 153 -10.68 -53.91 14.74
C ALA G 153 -11.65 -54.91 15.33
N GLU G 154 -12.85 -54.43 15.67
CA GLU G 154 -13.86 -55.31 16.22
C GLU G 154 -14.25 -56.45 15.27
N GLN G 155 -14.37 -56.17 13.97
CA GLN G 155 -14.71 -57.22 12.97
C GLN G 155 -13.56 -58.22 12.77
N LEU G 156 -12.36 -57.66 12.67
CA LEU G 156 -11.15 -58.43 12.48
C LEU G 156 -10.94 -59.37 13.67
N ARG G 157 -11.11 -58.82 14.87
CA ARG G 157 -11.03 -59.61 16.10
C ARG G 157 -12.00 -60.77 16.08
N ALA G 158 -13.23 -60.53 15.66
CA ALA G 158 -14.18 -61.62 15.63
C ALA G 158 -13.73 -62.69 14.61
N TYR G 159 -13.04 -62.30 13.53
CA TYR G 159 -12.51 -63.28 12.55
C TYR G 159 -11.38 -64.10 13.14
N LEU G 160 -10.39 -63.41 13.69
CA LEU G 160 -9.18 -64.06 14.20
C LEU G 160 -9.49 -65.02 15.33
N GLU G 161 -10.52 -64.72 16.12
CA GLU G 161 -10.93 -65.60 17.24
C GLU G 161 -11.87 -66.71 16.82
N GLY G 162 -12.76 -66.43 15.88
CA GLY G 162 -13.73 -67.43 15.43
C GLY G 162 -13.26 -68.17 14.20
N THR G 163 -13.55 -67.60 13.03
CA THR G 163 -13.43 -68.29 11.75
C THR G 163 -12.03 -68.77 11.52
N CYS G 164 -11.08 -67.89 11.73
CA CYS G 164 -9.69 -68.19 11.42
C CYS G 164 -9.31 -69.49 12.10
N VAL G 165 -9.59 -69.55 13.40
CA VAL G 165 -9.20 -70.63 14.28
C VAL G 165 -10.02 -71.90 14.01
N GLU G 166 -11.27 -71.70 13.66
CA GLU G 166 -12.16 -72.82 13.35
C GLU G 166 -11.68 -73.54 12.09
N TRP G 167 -11.27 -72.78 11.09
CA TRP G 167 -10.75 -73.36 9.84
C TRP G 167 -9.36 -73.94 9.98
N LEU G 168 -8.53 -73.29 10.80
CA LEU G 168 -7.21 -73.84 11.14
C LEU G 168 -7.35 -75.28 11.67
N ARG G 169 -8.24 -75.48 12.63
CA ARG G 169 -8.51 -76.81 13.20
C ARG G 169 -8.96 -77.79 12.15
N ARG G 170 -9.97 -77.39 11.40
CA ARG G 170 -10.47 -78.20 10.33
C ARG G 170 -9.30 -78.61 9.41
N TYR G 171 -8.49 -77.63 8.96
CA TYR G 171 -7.32 -77.92 8.14
C TYR G 171 -6.36 -78.90 8.84
N LEU G 172 -6.10 -78.71 10.13
CA LEU G 172 -5.20 -79.61 10.88
C LEU G 172 -5.73 -81.04 10.88
N GLU G 173 -7.03 -81.22 11.08
CA GLU G 173 -7.59 -82.58 11.07
C GLU G 173 -7.47 -83.18 9.68
N ASN G 174 -7.86 -82.45 8.65
CA ASN G 174 -7.87 -83.00 7.29
C ASN G 174 -6.46 -83.28 6.75
N GLY G 175 -5.49 -82.51 7.22
CA GLY G 175 -4.09 -82.72 6.84
C GLY G 175 -3.29 -83.37 7.94
N LYS G 176 -3.98 -84.09 8.81
CA LYS G 176 -3.39 -84.75 9.97
C LYS G 176 -2.07 -85.44 9.66
N GLU G 177 -2.07 -86.26 8.61
CA GLU G 177 -0.94 -87.16 8.35
C GLU G 177 0.30 -86.44 7.82
N THR G 178 0.15 -85.19 7.38
CA THR G 178 1.29 -84.38 6.99
C THR G 178 1.50 -83.20 7.95
N LEU G 179 0.46 -82.42 8.22
CA LEU G 179 0.62 -81.23 9.07
C LEU G 179 0.99 -81.55 10.52
N GLN G 180 0.48 -82.65 11.04
CA GLN G 180 0.81 -83.08 12.39
C GLN G 180 1.98 -84.06 12.44
N ARG G 181 2.70 -84.18 11.31
CA ARG G 181 3.91 -84.98 11.20
C ARG G 181 5.11 -84.14 11.62
N THR G 182 6.12 -84.79 12.18
CA THR G 182 7.43 -84.20 12.26
C THR G 182 8.34 -85.13 11.48
N ASP G 183 9.28 -84.56 10.72
CA ASP G 183 10.33 -85.32 10.03
C ASP G 183 11.61 -84.88 10.65
N ALA G 184 12.30 -85.79 11.33
CA ALA G 184 13.56 -85.44 11.97
C ALA G 184 14.63 -85.15 10.92
N PRO G 185 15.66 -84.37 11.31
CA PRO G 185 16.78 -84.18 10.42
C PRO G 185 17.62 -85.45 10.26
N LYS G 186 17.90 -85.81 9.01
CA LYS G 186 19.04 -86.64 8.67
C LYS G 186 20.27 -85.76 8.82
N THR G 187 21.13 -86.06 9.77
CA THR G 187 22.32 -85.25 10.01
C THR G 187 23.61 -85.99 9.66
N HIS G 188 24.67 -85.21 9.39
CA HIS G 188 26.03 -85.71 9.22
C HIS G 188 26.97 -84.53 9.22
N MET G 189 28.26 -84.80 9.06
CA MET G 189 29.29 -83.80 9.20
C MET G 189 30.42 -84.05 8.22
N THR G 190 31.00 -82.97 7.70
CA THR G 190 32.08 -83.07 6.74
C THR G 190 33.33 -82.40 7.30
N HIS G 191 34.47 -82.92 6.89
CA HIS G 191 35.79 -82.39 7.22
C HIS G 191 36.38 -81.80 5.95
N HIS G 192 37.02 -80.64 6.07
CA HIS G 192 37.66 -79.95 4.91
C HIS G 192 38.92 -79.15 5.31
N ALA G 193 40.09 -79.76 5.10
CA ALA G 193 41.35 -79.11 5.41
C ALA G 193 41.45 -77.83 4.61
N VAL G 194 41.71 -76.71 5.28
CA VAL G 194 41.93 -75.45 4.56
C VAL G 194 43.41 -75.07 4.50
N SER G 195 44.20 -75.49 5.49
CA SER G 195 45.65 -75.24 5.49
C SER G 195 46.36 -76.23 6.41
N ASP G 196 47.68 -76.07 6.52
CA ASP G 196 48.50 -76.90 7.43
C ASP G 196 48.14 -76.76 8.92
N HIS G 197 47.43 -75.69 9.29
CA HIS G 197 47.02 -75.52 10.67
C HIS G 197 45.50 -75.35 10.89
N GLU G 198 44.69 -75.51 9.83
CA GLU G 198 43.23 -75.31 9.95
C GLU G 198 42.36 -76.24 9.09
N ALA G 199 41.24 -76.67 9.66
CA ALA G 199 40.19 -77.38 8.91
C ALA G 199 38.83 -76.73 9.17
N THR G 200 37.95 -76.82 8.17
CA THR G 200 36.55 -76.43 8.39
C THR G 200 35.81 -77.67 8.78
N LEU G 201 34.99 -77.56 9.81
CA LEU G 201 34.06 -78.62 10.15
C LEU G 201 32.66 -78.07 9.86
N ARG G 202 31.86 -78.81 9.10
CA ARG G 202 30.53 -78.38 8.73
C ARG G 202 29.51 -79.40 9.22
N CYS G 203 28.47 -78.93 9.91
CA CYS G 203 27.38 -79.79 10.39
C CYS G 203 26.13 -79.58 9.54
N TRP G 204 25.57 -80.68 9.03
CA TRP G 204 24.47 -80.63 8.06
C TRP G 204 23.19 -81.23 8.62
N ALA G 205 22.07 -80.53 8.44
CA ALA G 205 20.76 -81.06 8.79
C ALA G 205 19.92 -81.01 7.52
N LEU G 206 19.33 -82.16 7.16
CA LEU G 206 18.57 -82.31 5.92
C LEU G 206 17.18 -82.95 6.13
N SER G 207 16.25 -82.62 5.23
CA SER G 207 14.89 -83.18 5.18
C SER G 207 14.11 -83.15 6.46
N PHE G 208 14.17 -82.03 7.17
CA PHE G 208 13.41 -81.88 8.38
C PHE G 208 12.15 -81.02 8.15
N TYR G 209 11.16 -81.26 9.00
CA TYR G 209 9.92 -80.49 9.04
C TYR G 209 9.44 -80.58 10.47
N PRO G 210 9.07 -79.43 11.07
CA PRO G 210 9.03 -78.07 10.52
C PRO G 210 10.40 -77.34 10.47
N ALA G 211 10.42 -76.18 9.84
CA ALA G 211 11.65 -75.39 9.68
C ALA G 211 12.46 -75.07 10.94
N GLU G 212 11.81 -74.94 12.09
CA GLU G 212 12.51 -74.47 13.30
C GLU G 212 13.52 -75.51 13.80
N ILE G 213 14.75 -75.05 13.98
CA ILE G 213 15.84 -75.94 14.27
C ILE G 213 16.98 -75.16 14.89
N THR G 214 17.79 -75.83 15.71
CA THR G 214 18.96 -75.17 16.26
C THR G 214 20.18 -76.06 16.12
N LEU G 215 21.21 -75.54 15.46
CA LEU G 215 22.49 -76.23 15.24
C LEU G 215 23.56 -75.41 15.91
N THR G 216 24.35 -76.03 16.78
CA THR G 216 25.39 -75.29 17.49
C THR G 216 26.59 -76.16 17.81
N TRP G 217 27.77 -75.64 17.54
CA TRP G 217 29.01 -76.31 17.86
C TRP G 217 29.43 -76.01 19.30
N GLN G 218 30.00 -77.02 19.95
CA GLN G 218 30.63 -76.83 21.25
C GLN G 218 32.10 -77.24 21.16
N ARG G 219 32.95 -76.52 21.90
CA ARG G 219 34.33 -76.99 22.13
C ARG G 219 34.40 -77.45 23.58
N ASP G 220 34.90 -78.65 23.80
CA ASP G 220 34.99 -79.23 25.16
C ASP G 220 33.71 -79.01 25.98
N GLY G 221 32.56 -78.91 25.30
CA GLY G 221 31.29 -78.71 25.97
C GLY G 221 30.82 -77.28 26.19
N GLU G 222 31.45 -76.31 25.52
CA GLU G 222 31.06 -74.90 25.65
C GLU G 222 30.75 -74.28 24.27
N ASP G 223 29.75 -73.40 24.22
CA ASP G 223 29.22 -72.87 22.95
C ASP G 223 30.21 -71.95 22.21
N GLN G 224 30.24 -72.07 20.88
CA GLN G 224 31.21 -71.35 20.03
C GLN G 224 30.60 -70.17 19.26
N THR G 225 29.40 -69.76 19.66
CA THR G 225 28.57 -68.81 18.92
C THR G 225 29.23 -67.71 18.09
N GLN G 226 30.32 -67.13 18.61
CA GLN G 226 30.94 -65.98 17.96
C GLN G 226 31.62 -66.35 16.63
N ASP G 227 32.23 -67.54 16.57
CA ASP G 227 33.04 -67.90 15.41
C ASP G 227 32.52 -69.12 14.66
N THR G 228 31.23 -69.39 14.81
CA THR G 228 30.53 -70.37 13.98
C THR G 228 29.70 -69.60 12.93
N GLU G 229 29.62 -70.16 11.73
CA GLU G 229 28.92 -69.55 10.61
C GLU G 229 27.64 -70.34 10.35
N LEU G 230 26.50 -69.67 10.37
CA LEU G 230 25.20 -70.31 10.18
C LEU G 230 24.65 -69.87 8.85
N VAL G 231 24.19 -70.79 8.01
CA VAL G 231 23.35 -70.38 6.90
C VAL G 231 21.91 -70.20 7.36
N GLU G 232 21.21 -69.33 6.64
CA GLU G 232 19.79 -69.19 6.77
C GLU G 232 19.19 -70.52 6.32
N THR G 233 18.20 -71.00 7.07
CA THR G 233 17.51 -72.24 6.76
C THR G 233 16.85 -72.11 5.40
N ARG G 234 16.89 -73.17 4.60
CA ARG G 234 16.42 -73.05 3.25
C ARG G 234 15.46 -74.18 2.87
N PRO G 235 14.52 -73.90 1.95
CA PRO G 235 13.60 -74.91 1.49
C PRO G 235 14.31 -75.92 0.56
N ALA G 236 13.97 -77.20 0.68
CA ALA G 236 14.55 -78.20 -0.23
C ALA G 236 13.77 -78.25 -1.54
N GLY G 237 12.52 -77.81 -1.49
CA GLY G 237 11.64 -77.80 -2.66
C GLY G 237 10.64 -78.93 -2.65
N ASP G 238 10.76 -79.81 -1.68
CA ASP G 238 9.80 -80.91 -1.51
C ASP G 238 8.97 -80.78 -0.23
N GLY G 239 9.04 -79.64 0.44
CA GLY G 239 8.29 -79.44 1.68
C GLY G 239 9.06 -79.59 2.99
N THR G 240 10.29 -80.10 2.91
CA THR G 240 11.19 -80.17 4.07
C THR G 240 12.23 -79.06 3.93
N PHE G 241 13.10 -78.91 4.92
CA PHE G 241 14.07 -77.80 4.92
C PHE G 241 15.46 -78.33 5.20
N GLN G 242 16.46 -77.45 5.07
CA GLN G 242 17.86 -77.77 5.26
C GLN G 242 18.58 -76.64 5.95
N LYS G 243 19.66 -76.98 6.65
CA LYS G 243 20.50 -75.98 7.25
C LYS G 243 21.87 -76.60 7.52
N TRP G 244 22.88 -75.74 7.65
CA TRP G 244 24.21 -76.17 8.09
C TRP G 244 24.90 -75.09 8.88
N ALA G 245 25.89 -75.50 9.67
CA ALA G 245 26.64 -74.61 10.54
C ALA G 245 28.09 -75.03 10.53
N ALA G 246 29.01 -74.07 10.44
CA ALA G 246 30.42 -74.37 10.22
C ALA G 246 31.32 -73.65 11.22
N VAL G 247 32.46 -74.27 11.52
CA VAL G 247 33.45 -73.67 12.38
C VAL G 247 34.82 -74.05 11.84
N VAL G 248 35.76 -73.11 11.90
CA VAL G 248 37.14 -73.33 11.49
C VAL G 248 37.94 -73.68 12.74
N VAL G 249 38.61 -74.83 12.72
CA VAL G 249 39.30 -75.36 13.89
C VAL G 249 40.76 -75.64 13.57
N PRO G 250 41.66 -75.54 14.56
CA PRO G 250 43.07 -75.88 14.31
C PRO G 250 43.26 -77.37 14.09
N SER G 251 44.27 -77.75 13.33
CA SER G 251 44.44 -79.14 12.91
C SER G 251 44.89 -79.99 14.08
N GLY G 252 44.18 -81.09 14.30
CA GLY G 252 44.45 -81.99 15.42
C GLY G 252 43.48 -81.85 16.57
N GLN G 253 42.70 -80.77 16.59
CA GLN G 253 41.76 -80.53 17.68
C GLN G 253 40.30 -80.84 17.31
N GLU G 254 40.09 -81.65 16.29
CA GLU G 254 38.74 -82.00 15.81
C GLU G 254 37.88 -82.70 16.86
N GLN G 255 38.49 -83.58 17.64
CA GLN G 255 37.78 -84.46 18.57
C GLN G 255 37.24 -83.72 19.79
N ARG G 256 37.60 -82.45 19.93
CA ARG G 256 37.09 -81.59 20.99
C ARG G 256 35.80 -80.87 20.59
N TYR G 257 35.49 -80.90 19.30
CA TYR G 257 34.34 -80.18 18.77
C TYR G 257 33.19 -81.13 18.58
N THR G 258 31.99 -80.73 18.99
CA THR G 258 30.76 -81.50 18.75
C THR G 258 29.60 -80.63 18.24
N CYS G 259 28.69 -81.26 17.51
CA CYS G 259 27.55 -80.58 16.92
C CYS G 259 26.27 -81.04 17.59
N HIS G 260 25.51 -80.07 18.10
CA HIS G 260 24.26 -80.34 18.81
C HIS G 260 23.08 -79.93 17.95
N VAL G 261 22.07 -80.79 17.91
CA VAL G 261 20.90 -80.58 17.08
C VAL G 261 19.65 -80.62 17.94
N GLN G 262 18.89 -79.52 17.95
CA GLN G 262 17.57 -79.49 18.58
C GLN G 262 16.48 -79.30 17.52
N HIS G 263 15.55 -80.25 17.46
CA HIS G 263 14.42 -80.19 16.54
C HIS G 263 13.28 -80.99 17.13
N GLU G 264 12.07 -80.66 16.73
CA GLU G 264 10.86 -81.21 17.35
C GLU G 264 10.65 -82.69 17.01
N GLY G 265 11.11 -83.11 15.85
CA GLY G 265 11.04 -84.51 15.45
C GLY G 265 12.04 -85.43 16.15
N LEU G 266 12.94 -84.87 16.96
CA LEU G 266 13.91 -85.67 17.70
C LEU G 266 13.43 -85.99 19.11
N PRO G 267 13.56 -87.26 19.55
CA PRO G 267 13.22 -87.57 20.96
C PRO G 267 14.16 -86.84 21.91
N LYS G 268 15.46 -87.03 21.73
CA LYS G 268 16.46 -86.29 22.49
C LYS G 268 17.28 -85.45 21.53
N PRO G 269 17.83 -84.33 22.02
CA PRO G 269 18.80 -83.64 21.20
C PRO G 269 19.98 -84.55 20.83
N LEU G 270 20.27 -84.66 19.53
CA LEU G 270 21.43 -85.44 19.05
C LEU G 270 22.72 -84.71 19.33
N THR G 271 23.77 -85.49 19.59
CA THR G 271 25.11 -84.96 19.80
C THR G 271 26.01 -85.65 18.78
N LEU G 272 26.54 -84.89 17.82
CA LEU G 272 27.37 -85.49 16.78
C LEU G 272 28.83 -85.29 17.11
N ARG G 273 29.58 -86.38 17.15
CA ARG G 273 30.93 -86.38 17.70
C ARG G 273 31.96 -86.76 16.63
N TRP G 274 33.20 -86.32 16.84
CA TRP G 274 34.30 -86.64 15.93
C TRP G 274 35.11 -87.82 16.47
N GLU G 275 34.72 -89.01 16.03
CA GLU G 275 35.35 -90.25 16.43
C GLU G 275 35.55 -91.10 15.17
N PRO G 276 36.82 -91.43 14.87
CA PRO G 276 37.10 -92.32 13.74
C PRO G 276 36.76 -93.76 14.12
N MET H 1 11.33 -45.05 0.42
CA MET H 1 11.56 -46.37 -0.22
C MET H 1 12.81 -47.02 0.37
N ILE H 2 12.64 -48.16 1.04
CA ILE H 2 13.79 -48.96 1.47
C ILE H 2 14.18 -49.97 0.39
N GLN H 3 15.47 -50.28 0.31
CA GLN H 3 15.99 -51.29 -0.61
C GLN H 3 16.93 -52.25 0.11
N ARG H 4 16.77 -53.55 -0.16
CA ARG H 4 17.59 -54.59 0.45
C ARG H 4 18.18 -55.49 -0.62
N THR H 5 19.46 -55.82 -0.50
CA THR H 5 20.11 -56.67 -1.50
C THR H 5 19.82 -58.15 -1.25
N PRO H 6 19.59 -58.93 -2.31
CA PRO H 6 19.26 -60.33 -2.14
C PRO H 6 20.40 -61.20 -1.64
N LYS H 7 20.06 -62.18 -0.80
CA LYS H 7 21.00 -63.24 -0.44
C LYS H 7 20.66 -64.41 -1.33
N ILE H 8 21.71 -65.13 -1.75
CA ILE H 8 21.59 -66.21 -2.70
C ILE H 8 22.22 -67.46 -2.16
N GLN H 9 21.52 -68.59 -2.29
CA GLN H 9 22.14 -69.90 -2.13
C GLN H 9 21.77 -70.77 -3.31
N VAL H 10 22.75 -71.54 -3.80
CA VAL H 10 22.59 -72.48 -4.89
C VAL H 10 22.91 -73.89 -4.36
N TYR H 11 22.02 -74.84 -4.59
CA TYR H 11 22.14 -76.16 -3.95
C TYR H 11 21.19 -77.13 -4.61
N SER H 12 21.34 -78.41 -4.28
CA SER H 12 20.45 -79.44 -4.80
C SER H 12 19.42 -79.90 -3.76
N ARG H 13 18.29 -80.44 -4.21
CA ARG H 13 17.26 -80.89 -3.29
C ARG H 13 17.71 -82.09 -2.48
N HIS H 14 18.22 -83.11 -3.16
CA HIS H 14 18.85 -84.26 -2.50
C HIS H 14 20.34 -84.21 -2.71
N PRO H 15 21.11 -84.88 -1.82
CA PRO H 15 22.56 -84.98 -1.97
C PRO H 15 22.98 -85.35 -3.40
N ALA H 16 23.94 -84.60 -3.93
CA ALA H 16 24.31 -84.65 -5.35
C ALA H 16 25.08 -85.92 -5.68
N GLU H 17 24.68 -86.54 -6.78
CA GLU H 17 25.25 -87.80 -7.19
C GLU H 17 25.28 -87.82 -8.72
N ASN H 18 26.47 -87.69 -9.28
CA ASN H 18 26.64 -87.72 -10.73
C ASN H 18 25.87 -88.86 -11.37
N GLY H 19 25.09 -88.52 -12.40
CA GLY H 19 24.26 -89.49 -13.08
C GLY H 19 22.89 -89.74 -12.47
N LYS H 20 22.57 -89.11 -11.33
CA LYS H 20 21.22 -89.20 -10.77
C LYS H 20 20.45 -87.91 -10.95
N SER H 21 19.22 -88.00 -11.42
CA SER H 21 18.40 -86.82 -11.54
C SER H 21 18.07 -86.30 -10.14
N ASN H 22 17.68 -85.03 -10.07
CA ASN H 22 17.76 -84.23 -8.86
C ASN H 22 17.18 -82.87 -9.25
N PHE H 23 17.12 -81.94 -8.31
CA PHE H 23 16.66 -80.59 -8.62
C PHE H 23 17.77 -79.64 -8.24
N LEU H 24 18.05 -78.67 -9.11
CA LEU H 24 18.97 -77.61 -8.79
C LEU H 24 18.13 -76.50 -8.27
N ASN H 25 18.52 -75.92 -7.13
CA ASN H 25 17.75 -74.87 -6.47
C ASN H 25 18.54 -73.58 -6.49
N CYS H 26 17.84 -72.46 -6.66
CA CYS H 26 18.40 -71.15 -6.32
C CYS H 26 17.38 -70.44 -5.43
N TYR H 27 17.76 -70.27 -4.17
CA TYR H 27 16.93 -69.63 -3.18
C TYR H 27 17.40 -68.23 -2.93
N VAL H 28 16.52 -67.28 -3.21
CA VAL H 28 16.81 -65.85 -3.15
C VAL H 28 15.93 -65.24 -2.05
N SER H 29 16.54 -64.44 -1.19
CA SER H 29 15.85 -63.94 0.00
C SER H 29 16.41 -62.61 0.47
N GLY H 30 15.68 -62.00 1.38
CA GLY H 30 16.09 -60.76 2.01
C GLY H 30 16.09 -59.54 1.10
N PHE H 31 15.33 -59.58 -0.01
CA PHE H 31 15.39 -58.48 -0.98
C PHE H 31 14.16 -57.57 -1.01
N HIS H 32 14.36 -56.34 -1.46
CA HIS H 32 13.24 -55.41 -1.67
C HIS H 32 13.71 -54.31 -2.66
N PRO H 33 12.87 -53.94 -3.64
CA PRO H 33 11.52 -54.39 -3.93
C PRO H 33 11.49 -55.77 -4.60
N SER H 34 10.30 -56.18 -5.03
CA SER H 34 10.04 -57.55 -5.45
C SER H 34 10.58 -57.93 -6.85
N ASP H 35 10.78 -56.95 -7.73
CA ASP H 35 11.31 -57.22 -9.08
C ASP H 35 12.71 -57.76 -8.96
N ILE H 36 12.94 -58.87 -9.65
CA ILE H 36 14.19 -59.59 -9.58
C ILE H 36 14.27 -60.53 -10.78
N GLU H 37 15.49 -60.75 -11.30
CA GLU H 37 15.66 -61.76 -12.35
C GLU H 37 16.60 -62.82 -11.84
N VAL H 38 16.18 -64.07 -11.98
CA VAL H 38 16.97 -65.21 -11.59
C VAL H 38 17.02 -66.19 -12.75
N ASP H 39 18.22 -66.50 -13.21
CA ASP H 39 18.41 -67.57 -14.16
C ASP H 39 19.26 -68.65 -13.55
N LEU H 40 18.98 -69.89 -13.93
CA LEU H 40 19.85 -71.02 -13.67
C LEU H 40 20.68 -71.28 -14.94
N LEU H 41 21.99 -71.42 -14.79
CA LEU H 41 22.92 -71.63 -15.94
C LEU H 41 23.50 -73.04 -15.97
N LYS H 42 23.75 -73.54 -17.18
CA LYS H 42 24.50 -74.76 -17.42
C LYS H 42 25.66 -74.35 -18.32
N ASN H 43 26.87 -74.30 -17.76
CA ASN H 43 28.04 -73.82 -18.47
C ASN H 43 27.87 -72.41 -19.04
N GLY H 44 27.25 -71.52 -18.25
CA GLY H 44 27.05 -70.11 -18.64
C GLY H 44 25.82 -69.81 -19.47
N GLU H 45 25.15 -70.85 -19.96
CA GLU H 45 23.97 -70.72 -20.81
C GLU H 45 22.72 -70.94 -19.98
N ARG H 46 21.73 -70.05 -20.09
CA ARG H 46 20.55 -70.11 -19.24
C ARG H 46 19.68 -71.34 -19.51
N ILE H 47 19.28 -72.03 -18.45
CA ILE H 47 18.44 -73.21 -18.55
C ILE H 47 16.99 -72.72 -18.67
N GLU H 48 16.18 -73.48 -19.40
CA GLU H 48 14.90 -72.96 -19.89
C GLU H 48 13.70 -73.18 -18.99
N LYS H 49 13.26 -74.42 -18.84
CA LYS H 49 11.99 -74.71 -18.16
C LYS H 49 12.16 -74.62 -16.64
N VAL H 50 12.57 -73.44 -16.17
CA VAL H 50 12.87 -73.21 -14.77
C VAL H 50 11.64 -72.65 -14.07
N GLU H 51 11.26 -73.27 -12.97
CA GLU H 51 10.08 -72.84 -12.23
C GLU H 51 10.45 -72.12 -10.93
N HIS H 52 9.48 -71.38 -10.40
CA HIS H 52 9.69 -70.68 -9.16
C HIS H 52 8.47 -70.71 -8.25
N SER H 53 8.73 -70.63 -6.95
CA SER H 53 7.67 -70.60 -5.97
C SER H 53 6.96 -69.26 -5.99
N ASP H 54 5.80 -69.23 -5.33
CA ASP H 54 5.01 -68.01 -5.21
C ASP H 54 5.63 -67.01 -4.25
N LEU H 55 5.78 -65.78 -4.74
CA LEU H 55 6.33 -64.70 -3.96
C LEU H 55 5.72 -64.68 -2.56
N SER H 56 6.58 -64.69 -1.54
CA SER H 56 6.16 -64.48 -0.15
C SER H 56 7.21 -63.67 0.60
N PHE H 57 7.00 -63.42 1.88
CA PHE H 57 7.87 -62.50 2.61
C PHE H 57 8.03 -62.78 4.09
N SER H 58 9.10 -62.24 4.66
CA SER H 58 9.50 -62.51 6.03
C SER H 58 8.93 -61.49 6.98
N LYS H 59 9.19 -61.70 8.26
CA LYS H 59 8.87 -60.70 9.29
C LYS H 59 9.37 -59.29 8.95
N ASP H 60 10.59 -59.14 8.43
CA ASP H 60 11.16 -57.79 8.15
C ASP H 60 10.61 -57.15 6.87
N TRP H 61 9.63 -57.80 6.25
CA TRP H 61 9.03 -57.43 4.95
C TRP H 61 9.82 -57.81 3.69
N SER H 62 11.08 -58.22 3.84
CA SER H 62 11.88 -58.58 2.66
C SER H 62 11.32 -59.83 2.03
N PHE H 63 11.52 -59.98 0.71
CA PHE H 63 10.92 -61.08 -0.06
C PHE H 63 11.84 -62.28 -0.19
N TYR H 64 11.25 -63.42 -0.52
CA TYR H 64 11.99 -64.61 -0.84
C TYR H 64 11.30 -65.45 -1.92
N LEU H 65 12.11 -66.10 -2.76
CA LEU H 65 11.64 -66.97 -3.85
C LEU H 65 12.60 -68.12 -4.02
N LEU H 66 12.07 -69.29 -4.40
CA LEU H 66 12.90 -70.43 -4.81
C LEU H 66 12.72 -70.67 -6.33
N TYR H 67 13.82 -70.65 -7.07
CA TYR H 67 13.86 -71.05 -8.48
C TYR H 67 14.43 -72.45 -8.58
N TYR H 68 13.85 -73.28 -9.45
CA TYR H 68 14.27 -74.67 -9.52
C TYR H 68 14.00 -75.38 -10.84
N THR H 69 14.81 -76.42 -11.09
CA THR H 69 14.74 -77.17 -12.33
C THR H 69 15.28 -78.56 -12.17
N GLU H 70 14.65 -79.51 -12.85
CA GLU H 70 15.09 -80.90 -12.83
C GLU H 70 16.42 -80.96 -13.58
N PHE H 71 17.35 -81.78 -13.09
CA PHE H 71 18.62 -81.96 -13.79
C PHE H 71 19.30 -83.20 -13.30
N THR H 72 20.30 -83.63 -14.08
CA THR H 72 21.14 -84.78 -13.75
C THR H 72 22.59 -84.33 -13.77
N PRO H 73 23.17 -84.10 -12.58
CA PRO H 73 24.52 -83.58 -12.62
C PRO H 73 25.51 -84.61 -13.16
N THR H 74 26.52 -84.10 -13.86
CA THR H 74 27.68 -84.87 -14.25
C THR H 74 28.86 -83.96 -13.99
N GLU H 75 30.06 -84.51 -13.97
CA GLU H 75 31.25 -83.76 -13.52
C GLU H 75 31.75 -82.84 -14.62
N LYS H 76 31.42 -83.17 -15.87
CA LYS H 76 31.85 -82.36 -17.00
C LYS H 76 31.12 -81.01 -17.12
N ASN H 77 30.05 -80.83 -16.34
CA ASN H 77 29.18 -79.65 -16.42
C ASN H 77 29.24 -78.74 -15.18
N GLU H 78 29.18 -77.44 -15.40
CA GLU H 78 29.20 -76.44 -14.33
C GLU H 78 27.87 -75.71 -14.25
N TYR H 79 27.40 -75.52 -13.03
CA TYR H 79 26.08 -74.95 -12.79
C TYR H 79 26.17 -73.75 -11.89
N ALA H 80 25.35 -72.76 -12.18
CA ALA H 80 25.39 -71.49 -11.47
C ALA H 80 23.99 -70.89 -11.36
N CYS H 81 23.84 -69.94 -10.45
CA CYS H 81 22.62 -69.12 -10.41
C CYS H 81 23.03 -67.70 -10.74
N ARG H 82 22.37 -67.08 -11.72
CA ARG H 82 22.59 -65.65 -12.02
C ARG H 82 21.38 -64.83 -11.60
N VAL H 83 21.63 -63.67 -11.00
CA VAL H 83 20.57 -62.85 -10.44
C VAL H 83 20.82 -61.37 -10.72
N ASN H 84 19.80 -60.65 -11.18
CA ASN H 84 19.86 -59.19 -11.22
C ASN H 84 18.72 -58.49 -10.45
N HIS H 85 19.08 -57.43 -9.74
CA HIS H 85 18.17 -56.71 -8.87
C HIS H 85 18.56 -55.23 -8.88
N VAL H 86 17.58 -54.39 -8.60
CA VAL H 86 17.77 -52.96 -8.62
C VAL H 86 18.92 -52.53 -7.67
N THR H 87 19.26 -53.35 -6.69
CA THR H 87 20.30 -53.01 -5.70
C THR H 87 21.70 -53.44 -6.11
N LEU H 88 21.82 -54.23 -7.18
CA LEU H 88 23.12 -54.70 -7.63
C LEU H 88 23.66 -53.82 -8.73
N SER H 89 24.94 -53.48 -8.65
CA SER H 89 25.57 -52.67 -9.69
C SER H 89 25.74 -53.47 -11.00
N GLN H 90 25.66 -54.79 -10.88
CA GLN H 90 25.64 -55.68 -12.04
C GLN H 90 25.25 -57.09 -11.59
N PRO H 91 24.91 -57.97 -12.57
CA PRO H 91 24.47 -59.33 -12.27
C PRO H 91 25.41 -60.06 -11.33
N LYS H 92 24.83 -60.84 -10.43
CA LYS H 92 25.62 -61.66 -9.53
C LYS H 92 25.45 -63.12 -9.87
N ILE H 93 26.57 -63.77 -10.16
CA ILE H 93 26.59 -65.19 -10.47
C ILE H 93 27.13 -65.92 -9.27
N VAL H 94 26.36 -66.87 -8.76
CA VAL H 94 26.85 -67.74 -7.70
C VAL H 94 26.90 -69.15 -8.28
N LYS H 95 28.10 -69.74 -8.22
CA LYS H 95 28.35 -71.09 -8.70
C LYS H 95 27.81 -72.12 -7.72
N TRP H 96 27.27 -73.20 -8.26
CA TRP H 96 26.88 -74.33 -7.46
C TRP H 96 28.11 -75.04 -6.96
N ASP H 97 28.36 -74.94 -5.66
CA ASP H 97 29.40 -75.70 -5.00
C ASP H 97 28.74 -76.89 -4.35
N ARG H 98 29.18 -78.10 -4.69
CA ARG H 98 28.43 -79.31 -4.34
C ARG H 98 28.46 -79.72 -2.86
N ASP H 99 29.15 -78.94 -2.02
CA ASP H 99 29.09 -79.13 -0.56
C ASP H 99 28.85 -77.79 0.17
N MET H 100 27.86 -77.03 -0.29
CA MET H 100 27.34 -75.84 0.41
C MET H 100 25.84 -75.61 0.15
N TYR I 1 -8.93 -70.11 5.04
CA TYR I 1 -10.22 -69.41 4.84
C TYR I 1 -10.06 -67.90 5.05
N LEU I 2 -10.17 -67.15 3.97
CA LEU I 2 -9.92 -65.69 4.01
C LEU I 2 -11.04 -64.86 4.63
N LEU I 3 -10.69 -63.64 5.03
CA LEU I 3 -11.66 -62.65 5.44
C LEU I 3 -12.68 -62.49 4.35
N MET I 4 -13.96 -62.37 4.74
CA MET I 4 -15.02 -62.25 3.77
C MET I 4 -14.84 -60.98 3.00
N TRP I 5 -14.22 -59.97 3.63
CA TRP I 5 -13.85 -58.76 2.92
C TRP I 5 -12.80 -57.99 3.69
N ILE I 6 -12.17 -57.02 3.04
CA ILE I 6 -11.27 -56.10 3.71
C ILE I 6 -11.61 -54.63 3.40
N THR I 7 -11.16 -53.74 4.27
CA THR I 7 -11.56 -52.35 4.25
C THR I 7 -10.40 -51.49 3.75
N GLN I 8 -10.73 -50.52 2.92
CA GLN I 8 -9.78 -49.61 2.33
C GLN I 8 -8.94 -48.90 3.39
N VAL I 9 -7.72 -48.57 2.99
CA VAL I 9 -6.77 -47.83 3.79
C VAL I 9 -7.14 -46.35 3.80
N GLY J 1 57.42 21.63 68.96
CA GLY J 1 57.66 22.20 67.60
C GLY J 1 58.63 21.30 66.83
N SER J 2 58.62 21.45 65.51
CA SER J 2 59.45 20.62 64.63
C SER J 2 60.89 21.12 64.55
N HIS J 3 61.72 20.42 63.78
CA HIS J 3 63.13 20.79 63.62
C HIS J 3 63.58 20.47 62.21
N SER J 4 64.49 21.29 61.67
CA SER J 4 64.98 21.09 60.32
C SER J 4 66.49 20.95 60.30
N MET J 5 67.00 20.23 59.31
CA MET J 5 68.41 20.17 58.99
C MET J 5 68.49 20.46 57.51
N ARG J 6 69.22 21.49 57.13
CA ARG J 6 69.29 21.89 55.74
C ARG J 6 70.69 22.26 55.31
N TYR J 7 71.01 21.95 54.08
CA TYR J 7 72.25 22.33 53.48
C TYR J 7 71.93 23.21 52.30
N PHE J 8 72.64 24.31 52.17
CA PHE J 8 72.48 25.20 51.05
C PHE J 8 73.79 25.22 50.31
N PHE J 9 73.75 25.02 49.01
CA PHE J 9 74.96 25.04 48.18
C PHE J 9 74.84 26.09 47.13
N THR J 10 75.95 26.80 46.91
CA THR J 10 76.01 27.83 45.91
C THR J 10 77.26 27.63 45.10
N SER J 11 77.10 27.67 43.79
CA SER J 11 78.22 27.50 42.89
C SER J 11 78.21 28.55 41.80
N VAL J 12 79.29 29.33 41.72
CA VAL J 12 79.40 30.37 40.69
C VAL J 12 80.59 30.18 39.77
N SER J 13 80.33 30.25 38.46
CA SER J 13 81.41 30.17 37.48
C SER J 13 82.07 31.54 37.40
N ARG J 14 83.37 31.54 37.12
CA ARG J 14 84.19 32.74 37.13
C ARG J 14 85.15 32.74 35.94
N PRO J 15 84.61 32.79 34.71
CA PRO J 15 85.41 32.64 33.51
C PRO J 15 86.49 33.72 33.42
N GLY J 16 87.70 33.32 33.05
CA GLY J 16 88.81 34.25 32.92
C GLY J 16 89.24 34.87 34.24
N ARG J 17 88.94 34.16 35.33
CA ARG J 17 89.27 34.59 36.70
C ARG J 17 89.63 33.42 37.62
N GLY J 18 89.14 32.21 37.33
CA GLY J 18 89.45 31.04 38.14
C GLY J 18 88.46 29.91 37.89
N GLU J 19 88.56 28.87 38.71
CA GLU J 19 87.58 27.80 38.72
C GLU J 19 86.37 28.27 39.54
N PRO J 20 85.24 27.55 39.45
CA PRO J 20 84.03 28.09 40.05
C PRO J 20 84.06 28.18 41.56
N ARG J 21 83.46 29.24 42.11
CA ARG J 21 83.38 29.42 43.55
C ARG J 21 82.35 28.45 44.06
N PHE J 22 82.67 27.78 45.18
CA PHE J 22 81.73 26.84 45.79
C PHE J 22 81.59 27.10 47.28
N ILE J 23 80.36 27.39 47.72
CA ILE J 23 80.06 27.60 49.13
C ILE J 23 78.96 26.63 49.59
N ALA J 24 79.23 25.90 50.67
CA ALA J 24 78.24 25.00 51.28
C ALA J 24 78.08 25.38 52.74
N VAL J 25 76.83 25.43 53.20
CA VAL J 25 76.52 25.66 54.61
C VAL J 25 75.42 24.71 55.05
N GLY J 26 75.50 24.27 56.31
CA GLY J 26 74.50 23.40 56.91
C GLY J 26 73.92 24.11 58.11
N TYR J 27 72.67 23.82 58.42
CA TYR J 27 71.94 24.48 59.51
C TYR J 27 71.07 23.45 60.21
N VAL J 28 70.86 23.65 61.49
CA VAL J 28 69.86 22.93 62.24
C VAL J 28 68.94 23.98 62.78
N ASP J 29 67.68 23.94 62.40
CA ASP J 29 66.80 25.08 62.60
C ASP J 29 67.51 26.34 62.06
N ASP J 30 67.64 27.40 62.85
CA ASP J 30 68.28 28.64 62.42
C ASP J 30 69.71 28.79 62.92
N THR J 31 70.34 27.68 63.26
CA THR J 31 71.70 27.68 63.72
C THR J 31 72.61 27.04 62.66
N GLN J 32 73.54 27.82 62.11
CA GLN J 32 74.54 27.26 61.21
C GLN J 32 75.48 26.36 62.00
N PHE J 33 75.82 25.19 61.48
CA PHE J 33 76.73 24.32 62.22
C PHE J 33 77.96 23.85 61.47
N VAL J 34 77.99 24.02 60.15
CA VAL J 34 79.16 23.64 59.36
C VAL J 34 79.20 24.48 58.11
N ARG J 35 80.39 24.53 57.51
CA ARG J 35 80.59 25.30 56.29
C ARG J 35 81.71 24.75 55.41
N PHE J 36 81.59 25.02 54.11
CA PHE J 36 82.66 24.82 53.16
C PHE J 36 82.73 25.99 52.20
N ASP J 37 83.98 26.37 51.87
CA ASP J 37 84.27 27.38 50.89
C ASP J 37 85.52 27.02 50.07
N SER J 38 85.34 26.89 48.75
CA SER J 38 86.43 26.45 47.89
C SER J 38 87.60 27.43 47.92
N ASP J 39 87.33 28.67 48.36
CA ASP J 39 88.37 29.71 48.46
C ASP J 39 89.01 29.85 49.86
N ALA J 40 88.72 28.95 50.79
CA ALA J 40 89.29 29.05 52.14
C ALA J 40 90.56 28.20 52.25
N ALA J 41 91.36 28.46 53.28
CA ALA J 41 92.65 27.79 53.44
C ALA J 41 92.52 26.30 53.77
N SER J 42 91.57 25.95 54.63
CA SER J 42 91.47 24.59 55.17
C SER J 42 91.17 23.54 54.12
N GLN J 43 90.23 23.84 53.23
CA GLN J 43 89.70 22.88 52.27
C GLN J 43 89.16 21.68 53.05
N ARG J 44 88.38 21.99 54.07
CA ARG J 44 87.69 21.01 54.88
C ARG J 44 86.30 21.55 55.15
N MET J 45 85.36 20.64 55.40
CA MET J 45 84.15 21.01 56.11
C MET J 45 84.58 21.49 57.50
N GLU J 46 84.08 22.65 57.92
CA GLU J 46 84.53 23.27 59.18
C GLU J 46 83.36 23.45 60.17
N PRO J 47 83.61 23.24 61.47
CA PRO J 47 82.53 23.39 62.44
C PRO J 47 82.20 24.86 62.65
N ARG J 48 80.91 25.17 62.81
CA ARG J 48 80.47 26.54 63.11
C ARG J 48 79.56 26.64 64.34
N ALA J 49 79.40 25.52 65.03
CA ALA J 49 78.63 25.42 66.26
C ALA J 49 79.40 24.51 67.24
N PRO J 50 79.26 24.73 68.56
CA PRO J 50 80.08 23.96 69.51
C PRO J 50 79.77 22.47 69.62
N TRP J 51 78.51 22.12 69.43
CA TRP J 51 78.06 20.73 69.55
C TRP J 51 78.45 19.83 68.38
N ILE J 52 78.83 20.41 67.24
CA ILE J 52 79.34 19.58 66.15
C ILE J 52 80.80 19.28 66.40
N GLU J 53 81.48 20.16 67.13
CA GLU J 53 82.88 19.95 67.50
C GLU J 53 83.16 18.64 68.26
N GLN J 54 82.13 17.96 68.77
CA GLN J 54 82.32 16.69 69.47
C GLN J 54 82.66 15.53 68.55
N GLU J 55 82.45 15.70 67.25
CA GLU J 55 82.54 14.59 66.32
C GLU J 55 84.00 14.30 66.01
N GLY J 56 84.30 13.02 65.78
CA GLY J 56 85.66 12.57 65.60
C GLY J 56 86.16 12.80 64.20
N PRO J 57 87.41 12.40 63.92
CA PRO J 57 88.00 12.44 62.58
C PRO J 57 87.20 11.71 61.50
N GLU J 58 86.59 10.57 61.83
CA GLU J 58 85.78 9.82 60.87
C GLU J 58 84.69 10.71 60.28
N TYR J 59 84.02 11.48 61.14
CA TYR J 59 82.97 12.37 60.70
C TYR J 59 83.50 13.38 59.70
N TRP J 60 84.57 14.09 60.07
CA TRP J 60 85.04 15.22 59.30
C TRP J 60 85.64 14.76 57.98
N ASP J 61 86.40 13.68 58.03
CA ASP J 61 86.93 13.10 56.83
C ASP J 61 85.80 12.90 55.83
N GLY J 62 84.75 12.19 56.27
CA GLY J 62 83.64 11.83 55.39
C GLY J 62 82.84 13.04 54.89
N GLU J 63 82.52 13.96 55.81
CA GLU J 63 81.78 15.14 55.44
C GLU J 63 82.54 15.94 54.39
N THR J 64 83.84 16.13 54.62
CA THR J 64 84.75 16.81 53.68
C THR J 64 84.78 16.09 52.34
N ARG J 65 84.97 14.79 52.41
CA ARG J 65 85.02 13.96 51.23
C ARG J 65 83.76 14.13 50.38
N LYS J 66 82.60 14.15 51.05
CA LYS J 66 81.31 14.25 50.38
C LYS J 66 81.03 15.64 49.85
N VAL J 67 81.52 16.67 50.51
CA VAL J 67 81.26 18.03 50.05
C VAL J 67 82.11 18.39 48.83
N LYS J 68 83.28 17.75 48.71
CA LYS J 68 84.12 17.94 47.52
C LYS J 68 83.49 17.26 46.32
N ALA J 69 82.86 16.10 46.54
CA ALA J 69 82.10 15.44 45.48
C ALA J 69 80.94 16.33 45.05
N HIS J 70 80.23 16.90 46.00
CA HIS J 70 79.15 17.81 45.66
C HIS J 70 79.69 18.91 44.76
N SER J 71 80.82 19.46 45.21
CA SER J 71 81.52 20.49 44.50
C SER J 71 81.89 20.07 43.10
N GLN J 72 82.40 18.85 42.96
CA GLN J 72 82.83 18.38 41.64
C GLN J 72 81.63 18.21 40.73
N THR J 73 80.53 17.68 41.27
CA THR J 73 79.30 17.53 40.49
C THR J 73 78.80 18.89 40.00
N HIS J 74 78.86 19.92 40.84
CA HIS J 74 78.35 21.24 40.43
C HIS J 74 79.25 21.89 39.41
N ARG J 75 80.52 21.53 39.43
CA ARG J 75 81.49 22.09 38.48
C ARG J 75 81.15 21.57 37.08
N VAL J 76 80.87 20.27 37.00
CA VAL J 76 80.36 19.68 35.77
C VAL J 76 78.99 20.23 35.39
N ASP J 77 78.07 20.30 36.33
CA ASP J 77 76.72 20.83 36.07
C ASP J 77 76.75 22.18 35.30
N LEU J 78 77.62 23.11 35.71
CA LEU J 78 77.76 24.42 35.04
C LEU J 78 78.03 24.30 33.53
N GLY J 79 78.93 23.41 33.13
CA GLY J 79 79.13 23.09 31.71
C GLY J 79 77.88 22.53 31.02
N THR J 80 77.18 21.60 31.66
CA THR J 80 75.98 21.03 31.07
C THR J 80 74.86 22.06 30.84
N LEU J 81 74.62 22.91 31.83
CA LEU J 81 73.54 23.86 31.74
C LEU J 81 73.78 24.84 30.61
N ARG J 82 75.06 25.15 30.39
CA ARG J 82 75.46 25.98 29.23
C ARG J 82 75.14 25.32 27.91
N GLY J 83 75.38 24.02 27.80
CA GLY J 83 74.97 23.29 26.61
C GLY J 83 73.47 23.45 26.43
N TYR J 84 72.73 23.04 27.44
CA TYR J 84 71.27 23.06 27.40
C TYR J 84 70.70 24.42 26.98
N TYR J 85 71.34 25.52 27.35
CA TYR J 85 70.76 26.84 27.08
C TYR J 85 71.43 27.63 25.95
N ASN J 86 72.35 26.99 25.22
CA ASN J 86 73.17 27.69 24.23
C ASN J 86 73.80 28.97 24.78
N GLN J 87 74.57 28.82 25.85
CA GLN J 87 75.20 29.97 26.49
C GLN J 87 76.70 29.98 26.18
N SER J 88 77.21 31.17 25.89
CA SER J 88 78.60 31.40 25.58
C SER J 88 79.40 31.36 26.82
N GLU J 89 80.50 30.65 26.77
CA GLU J 89 81.24 30.43 27.96
C GLU J 89 81.94 31.70 28.23
N ALA J 90 81.21 32.76 28.22
CA ALA J 90 81.87 33.96 28.53
C ALA J 90 81.11 34.61 29.64
N GLY J 91 80.12 33.94 30.12
CA GLY J 91 79.23 34.50 31.14
C GLY J 91 79.45 33.80 32.47
N SER J 92 79.22 34.56 33.54
CA SER J 92 79.19 34.00 34.89
C SER J 92 77.77 33.54 35.18
N HIS J 93 77.64 32.31 35.65
CA HIS J 93 76.34 31.74 35.98
C HIS J 93 76.34 31.14 37.39
N THR J 94 75.14 30.92 37.92
CA THR J 94 74.95 30.49 39.29
C THR J 94 74.04 29.28 39.37
N VAL J 95 74.55 28.21 39.99
CA VAL J 95 73.73 27.09 40.40
C VAL J 95 73.52 27.20 41.91
N GLN J 96 72.35 26.75 42.35
CA GLN J 96 71.95 26.79 43.74
C GLN J 96 71.16 25.54 44.06
N ARG J 97 71.48 24.96 45.21
CA ARG J 97 70.86 23.73 45.66
C ARG J 97 70.57 23.80 47.15
N MET J 98 69.51 23.11 47.57
CA MET J 98 69.05 23.08 48.94
C MET J 98 68.36 21.76 49.15
N TYR J 99 68.77 21.02 50.16
CA TYR J 99 68.06 19.82 50.55
C TYR J 99 68.10 19.60 52.05
N GLY J 100 67.13 18.86 52.55
CA GLY J 100 67.00 18.72 54.00
C GLY J 100 65.78 17.94 54.40
N CYS J 101 65.69 17.68 55.70
CA CYS J 101 64.59 16.95 56.27
C CYS J 101 64.12 17.61 57.53
N ASP J 102 62.83 17.45 57.81
CA ASP J 102 62.19 17.99 59.00
C ASP J 102 61.69 16.82 59.85
N VAL J 103 61.72 17.00 61.17
CA VAL J 103 61.08 16.06 62.08
C VAL J 103 60.08 16.79 62.98
N GLY J 104 59.06 16.06 63.41
CA GLY J 104 58.00 16.63 64.24
C GLY J 104 58.33 16.71 65.72
N SER J 105 57.30 16.99 66.52
CA SER J 105 57.40 17.12 67.97
C SER J 105 57.87 15.81 68.59
N ASP J 106 57.28 14.72 68.09
CA ASP J 106 57.71 13.35 68.40
C ASP J 106 59.10 13.00 67.86
N TRP J 107 59.76 13.97 67.22
CA TRP J 107 61.07 13.77 66.56
C TRP J 107 61.00 12.75 65.43
N ARG J 108 59.80 12.45 64.91
CA ARG J 108 59.64 11.52 63.79
C ARG J 108 59.67 12.24 62.46
N PHE J 109 59.84 11.47 61.39
CA PHE J 109 59.91 12.03 60.06
C PHE J 109 58.72 12.91 59.77
N LEU J 110 58.99 14.12 59.27
CA LEU J 110 57.92 15.04 58.91
C LEU J 110 57.93 15.33 57.42
N ARG J 111 59.10 15.70 56.93
CA ARG J 111 59.20 16.25 55.58
C ARG J 111 60.60 16.05 55.03
N GLY J 112 60.66 15.90 53.70
CA GLY J 112 61.90 15.88 52.94
C GLY J 112 61.78 16.75 51.71
N TYR J 113 62.89 17.33 51.28
CA TYR J 113 62.88 18.21 50.10
C TYR J 113 64.26 18.30 49.46
N HIS J 114 64.28 18.68 48.19
CA HIS J 114 65.51 18.86 47.44
C HIS J 114 65.20 19.78 46.27
N GLN J 115 65.77 20.97 46.27
CA GLN J 115 65.49 21.98 45.26
C GLN J 115 66.78 22.43 44.57
N TYR J 116 66.66 22.78 43.30
CA TYR J 116 67.78 23.17 42.46
C TYR J 116 67.38 24.32 41.57
N ALA J 117 68.17 25.38 41.56
CA ALA J 117 67.91 26.55 40.75
C ALA J 117 69.08 26.86 39.82
N TYR J 118 68.77 27.47 38.65
CA TYR J 118 69.80 27.98 37.72
C TYR J 118 69.61 29.49 37.41
N ASP J 119 70.62 30.28 37.75
CA ASP J 119 70.61 31.74 37.63
C ASP J 119 69.40 32.39 38.31
N GLY J 120 69.10 31.92 39.52
CA GLY J 120 68.06 32.50 40.35
C GLY J 120 66.63 32.02 40.14
N LYS J 121 66.43 31.05 39.24
CA LYS J 121 65.07 30.53 38.96
C LYS J 121 64.98 29.03 39.23
N ASP J 122 63.81 28.60 39.67
CA ASP J 122 63.49 27.18 39.78
C ASP J 122 64.00 26.45 38.54
N TYR J 123 64.70 25.34 38.74
CA TYR J 123 65.14 24.49 37.64
C TYR J 123 64.51 23.12 37.77
N ILE J 124 64.88 22.38 38.82
CA ILE J 124 64.23 21.12 39.13
C ILE J 124 64.11 20.97 40.65
N ALA J 125 63.02 20.33 41.08
CA ALA J 125 62.76 20.05 42.49
C ALA J 125 62.11 18.68 42.63
N LEU J 126 62.36 18.03 43.76
CA LEU J 126 61.67 16.80 44.10
C LEU J 126 60.23 17.18 44.46
N LYS J 127 59.28 16.41 43.93
CA LYS J 127 57.87 16.68 44.20
C LYS J 127 57.48 16.20 45.58
N GLU J 128 56.32 16.64 46.03
CA GLU J 128 55.81 16.36 47.36
C GLU J 128 55.63 14.86 47.73
N ASP J 129 55.43 14.00 46.74
CA ASP J 129 55.34 12.54 46.95
C ASP J 129 56.69 11.77 47.00
N LEU J 130 57.82 12.48 46.95
CA LEU J 130 59.15 11.87 47.01
C LEU J 130 59.45 10.79 45.93
N ARG J 131 58.68 10.79 44.86
CA ARG J 131 58.78 9.77 43.81
C ARG J 131 59.00 10.36 42.41
N SER J 132 58.89 11.67 42.28
CA SER J 132 58.96 12.30 40.99
C SER J 132 59.45 13.75 41.10
N TRP J 133 59.59 14.42 39.97
CA TRP J 133 60.30 15.69 39.87
C TRP J 133 59.48 16.72 39.11
N THR J 134 59.51 17.97 39.54
CA THR J 134 58.98 19.08 38.76
C THR J 134 60.11 19.74 38.01
N ALA J 135 60.08 19.62 36.68
CA ALA J 135 61.00 20.33 35.80
C ALA J 135 60.41 21.71 35.49
N ALA J 136 61.20 22.77 35.71
CA ALA J 136 60.69 24.13 35.52
C ALA J 136 60.53 24.52 34.04
N ASP J 137 61.39 24.00 33.16
CA ASP J 137 61.37 24.28 31.69
C ASP J 137 61.95 23.10 30.87
N MET J 138 61.95 23.21 29.54
CA MET J 138 62.45 22.14 28.65
C MET J 138 63.87 21.56 28.93
N ALA J 139 64.81 22.40 29.33
CA ALA J 139 66.13 21.90 29.66
C ALA J 139 66.00 20.98 30.86
N ALA J 140 65.31 21.44 31.89
CA ALA J 140 65.07 20.61 33.07
C ALA J 140 64.40 19.27 32.75
N GLN J 141 63.56 19.21 31.72
CA GLN J 141 62.92 17.96 31.32
C GLN J 141 63.90 16.92 30.82
N THR J 142 65.02 17.35 30.24
CA THR J 142 66.11 16.46 29.89
C THR J 142 66.69 15.86 31.17
N THR J 143 66.86 16.68 32.19
CA THR J 143 67.35 16.19 33.48
C THR J 143 66.38 15.21 34.11
N LYS J 144 65.09 15.57 34.09
CA LYS J 144 64.02 14.73 34.61
C LYS J 144 64.01 13.33 33.99
N HIS J 145 64.13 13.23 32.67
CA HIS J 145 64.14 11.91 32.02
C HIS J 145 65.37 11.10 32.46
N LYS J 146 66.53 11.75 32.53
CA LYS J 146 67.75 11.09 33.02
C LYS J 146 67.52 10.57 34.43
N TRP J 147 67.27 11.48 35.35
CA TRP J 147 67.04 11.13 36.76
C TRP J 147 65.96 10.08 36.97
N GLU J 148 64.86 10.13 36.20
CA GLU J 148 63.79 9.11 36.30
C GLU J 148 64.29 7.75 35.84
N ALA J 149 65.00 7.75 34.71
CA ALA J 149 65.58 6.53 34.13
C ALA J 149 66.58 5.88 35.11
N ALA J 150 67.35 6.71 35.80
CA ALA J 150 68.36 6.26 36.76
C ALA J 150 67.81 5.87 38.13
N HIS J 151 66.54 6.16 38.41
CA HIS J 151 65.90 5.83 39.69
C HIS J 151 66.50 6.63 40.85
N VAL J 152 66.77 7.90 40.56
CA VAL J 152 67.45 8.81 41.47
C VAL J 152 66.61 9.16 42.69
N ALA J 153 65.30 9.31 42.48
CA ALA J 153 64.34 9.60 43.57
C ALA J 153 64.22 8.56 44.69
N GLU J 154 64.44 7.29 44.38
CA GLU J 154 64.37 6.25 45.40
C GLU J 154 65.54 6.35 46.33
N GLN J 155 66.71 6.64 45.77
CA GLN J 155 67.91 6.80 46.55
C GLN J 155 67.77 7.99 47.50
N LEU J 156 67.22 9.09 47.00
CA LEU J 156 67.04 10.34 47.75
C LEU J 156 66.02 10.16 48.85
N ARG J 157 64.90 9.52 48.49
CA ARG J 157 63.85 9.19 49.44
C ARG J 157 64.41 8.38 50.60
N ALA J 158 65.25 7.38 50.30
CA ALA J 158 65.92 6.58 51.33
C ALA J 158 66.75 7.45 52.29
N TYR J 159 67.47 8.43 51.75
CA TYR J 159 68.29 9.31 52.58
C TYR J 159 67.44 10.27 53.43
N LEU J 160 66.48 10.95 52.82
CA LEU J 160 65.58 11.86 53.57
C LEU J 160 64.82 11.14 54.68
N GLU J 161 64.40 9.92 54.43
CA GLU J 161 63.60 9.19 55.41
C GLU J 161 64.46 8.42 56.42
N GLY J 162 65.74 8.23 56.13
CA GLY J 162 66.65 7.48 57.00
C GLY J 162 67.78 8.33 57.56
N THR J 163 68.92 8.27 56.89
CA THR J 163 70.14 8.97 57.32
C THR J 163 69.89 10.42 57.78
N CYS J 164 69.15 11.16 56.96
CA CYS J 164 68.94 12.59 57.21
C CYS J 164 68.30 12.81 58.57
N VAL J 165 67.19 12.13 58.80
CA VAL J 165 66.47 12.25 60.06
C VAL J 165 67.21 11.65 61.25
N GLU J 166 67.90 10.51 61.04
CA GLU J 166 68.73 9.89 62.08
C GLU J 166 69.87 10.81 62.59
N TRP J 167 70.50 11.54 61.68
CA TRP J 167 71.55 12.46 62.08
C TRP J 167 70.96 13.74 62.64
N LEU J 168 69.77 14.13 62.19
CA LEU J 168 69.11 15.31 62.76
C LEU J 168 68.83 15.11 64.24
N ARG J 169 68.34 13.93 64.63
CA ARG J 169 68.10 13.60 66.05
C ARG J 169 69.41 13.58 66.85
N ARG J 170 70.46 13.04 66.25
CA ARG J 170 71.77 13.00 66.89
C ARG J 170 72.25 14.40 67.18
N TYR J 171 72.11 15.28 66.19
CA TYR J 171 72.51 16.67 66.36
C TYR J 171 71.70 17.36 67.45
N LEU J 172 70.38 17.12 67.48
CA LEU J 172 69.52 17.80 68.47
C LEU J 172 69.88 17.38 69.89
N GLU J 173 70.18 16.09 70.05
CA GLU J 173 70.54 15.52 71.34
C GLU J 173 71.90 16.08 71.81
N ASN J 174 72.90 16.10 70.95
CA ASN J 174 74.23 16.60 71.32
C ASN J 174 74.27 18.11 71.51
N GLY J 175 73.49 18.83 70.72
CA GLY J 175 73.38 20.29 70.85
C GLY J 175 72.18 20.72 71.68
N LYS J 176 71.61 19.76 72.40
CA LYS J 176 70.47 19.97 73.31
C LYS J 176 70.49 21.31 74.04
N GLU J 177 71.62 21.65 74.65
CA GLU J 177 71.75 22.87 75.45
C GLU J 177 71.40 24.18 74.71
N THR J 178 71.57 24.19 73.40
CA THR J 178 71.35 25.40 72.61
C THR J 178 70.18 25.21 71.64
N LEU J 179 70.25 24.15 70.84
CA LEU J 179 69.24 23.92 69.80
C LEU J 179 67.82 23.72 70.32
N GLN J 180 67.67 23.28 71.56
CA GLN J 180 66.34 23.08 72.14
C GLN J 180 65.97 24.21 73.12
N ARG J 181 66.84 25.21 73.22
CA ARG J 181 66.52 26.42 73.95
C ARG J 181 65.52 27.24 73.14
N THR J 182 64.85 28.16 73.84
CA THR J 182 64.22 29.32 73.20
C THR J 182 64.69 30.55 73.97
N ASP J 183 64.94 31.64 73.25
CA ASP J 183 65.32 32.90 73.89
C ASP J 183 64.18 33.88 73.65
N ALA J 184 63.34 34.10 74.66
CA ALA J 184 62.23 35.03 74.55
C ALA J 184 62.76 36.37 74.12
N PRO J 185 61.97 37.10 73.33
CA PRO J 185 62.37 38.44 72.92
C PRO J 185 62.32 39.43 74.08
N LYS J 186 63.33 40.29 74.14
CA LYS J 186 63.36 41.44 75.07
C LYS J 186 62.75 42.60 74.31
N THR J 187 61.70 43.20 74.85
CA THR J 187 60.89 44.11 74.05
C THR J 187 60.74 45.49 74.69
N HIS J 188 60.70 46.50 73.84
CA HIS J 188 60.38 47.87 74.23
C HIS J 188 59.77 48.62 73.04
N MET J 189 59.34 49.86 73.31
CA MET J 189 58.72 50.72 72.32
C MET J 189 59.43 52.06 72.37
N THR J 190 59.28 52.85 71.30
CA THR J 190 59.84 54.21 71.27
C THR J 190 58.88 55.17 70.58
N HIS J 191 58.86 56.41 71.06
CA HIS J 191 58.06 57.51 70.54
C HIS J 191 58.97 58.48 69.82
N HIS J 192 58.55 58.95 68.64
CA HIS J 192 59.33 59.95 67.88
C HIS J 192 58.37 60.81 67.08
N ALA J 193 58.08 62.01 67.58
CA ALA J 193 57.23 62.96 66.90
C ALA J 193 57.91 63.40 65.63
N VAL J 194 57.18 63.43 64.52
CA VAL J 194 57.76 63.87 63.24
C VAL J 194 57.30 65.25 62.82
N SER J 195 56.12 65.68 63.29
CA SER J 195 55.53 66.96 62.92
C SER J 195 54.62 67.42 64.05
N ASP J 196 53.92 68.52 63.88
CA ASP J 196 53.07 69.02 64.97
C ASP J 196 51.82 68.17 65.29
N HIS J 197 51.49 67.19 64.44
CA HIS J 197 50.28 66.38 64.63
C HIS J 197 50.45 64.87 64.42
N GLU J 198 51.68 64.41 64.17
CA GLU J 198 51.96 62.99 64.00
C GLU J 198 53.18 62.57 64.80
N ALA J 199 53.17 61.33 65.30
CA ALA J 199 54.36 60.76 65.89
C ALA J 199 54.53 59.36 65.39
N THR J 200 55.79 58.94 65.29
CA THR J 200 56.14 57.59 64.95
C THR J 200 56.31 56.77 66.23
N LEU J 201 55.50 55.73 66.34
CA LEU J 201 55.63 54.76 67.40
C LEU J 201 56.27 53.54 66.81
N ARG J 202 57.28 52.99 67.49
CA ARG J 202 58.04 51.86 67.00
C ARG J 202 58.15 50.79 68.09
N CYS J 203 57.99 49.54 67.69
CA CYS J 203 57.99 48.41 68.59
C CYS J 203 59.22 47.54 68.27
N TRP J 204 59.88 47.02 69.30
CA TRP J 204 61.22 46.42 69.16
C TRP J 204 61.30 45.09 69.86
N ALA J 205 61.73 44.05 69.14
CA ALA J 205 61.99 42.74 69.74
C ALA J 205 63.44 42.36 69.48
N LEU J 206 64.19 42.13 70.56
CA LEU J 206 65.62 41.91 70.50
C LEU J 206 66.05 40.61 71.20
N SER J 207 67.25 40.15 70.84
CA SER J 207 67.83 38.91 71.34
C SER J 207 66.88 37.70 71.37
N PHE J 208 66.20 37.39 70.26
CA PHE J 208 65.31 36.21 70.28
C PHE J 208 65.74 35.04 69.38
N TYR J 209 65.19 33.88 69.69
CA TYR J 209 65.55 32.66 69.01
C TYR J 209 64.53 31.59 69.34
N PRO J 210 64.04 30.85 68.32
CA PRO J 210 64.39 30.93 66.89
C PRO J 210 63.94 32.23 66.21
N ALA J 211 64.15 32.32 64.91
CA ALA J 211 63.86 33.54 64.13
C ALA J 211 62.39 33.86 64.03
N GLU J 212 61.54 32.86 64.16
CA GLU J 212 60.11 33.02 63.88
C GLU J 212 59.42 33.86 64.97
N ILE J 213 58.92 35.03 64.58
CA ILE J 213 58.26 35.94 65.49
C ILE J 213 57.14 36.66 64.74
N THR J 214 56.10 37.08 65.45
CA THR J 214 55.08 37.97 64.86
C THR J 214 54.90 39.27 65.67
N LEU J 215 55.07 40.42 65.03
CA LEU J 215 54.84 41.76 65.63
C LEU J 215 53.71 42.45 64.89
N THR J 216 52.70 42.90 65.61
CA THR J 216 51.49 43.45 65.00
C THR J 216 50.98 44.64 65.78
N TRP J 217 50.66 45.72 65.08
CA TRP J 217 50.03 46.85 65.73
C TRP J 217 48.53 46.68 65.73
N GLN J 218 47.88 47.01 66.83
CA GLN J 218 46.42 47.08 66.88
C GLN J 218 45.96 48.44 67.35
N ARG J 219 44.87 48.93 66.77
CA ARG J 219 44.23 50.16 67.23
C ARG J 219 42.83 49.83 67.76
N ASP J 220 42.63 50.01 69.06
CA ASP J 220 41.37 49.66 69.73
C ASP J 220 41.06 48.16 69.68
N GLY J 221 42.09 47.35 69.43
CA GLY J 221 41.93 45.91 69.23
C GLY J 221 41.85 45.51 67.77
N GLU J 222 41.75 46.49 66.88
CA GLU J 222 41.61 46.25 65.44
C GLU J 222 42.99 46.27 64.77
N ASP J 223 43.38 45.15 64.15
CA ASP J 223 44.68 45.03 63.47
C ASP J 223 44.91 46.21 62.50
N GLN J 224 46.17 46.61 62.36
CA GLN J 224 46.53 47.77 61.56
C GLN J 224 47.55 47.39 60.50
N THR J 225 47.26 46.33 59.76
CA THR J 225 48.25 45.68 58.89
C THR J 225 48.70 46.57 57.72
N GLN J 226 47.74 47.21 57.06
CA GLN J 226 48.01 48.00 55.86
C GLN J 226 48.79 49.29 56.16
N ASP J 227 48.86 49.65 57.44
CA ASP J 227 49.38 50.95 57.88
C ASP J 227 50.65 50.81 58.74
N THR J 228 51.01 49.60 59.11
CA THR J 228 52.24 49.37 59.87
C THR J 228 53.40 49.19 58.90
N GLU J 229 54.62 49.15 59.44
CA GLU J 229 55.81 48.96 58.64
C GLU J 229 56.68 47.91 59.34
N LEU J 230 56.91 46.80 58.66
CA LEU J 230 57.73 45.72 59.17
C LEU J 230 59.08 45.78 58.50
N VAL J 231 60.14 45.50 59.23
CA VAL J 231 61.40 45.20 58.56
C VAL J 231 61.62 43.71 58.53
N GLU J 232 62.52 43.32 57.65
CA GLU J 232 63.00 41.97 57.53
C GLU J 232 63.66 41.59 58.86
N THR J 233 63.33 40.42 59.39
CA THR J 233 64.01 39.92 60.57
C THR J 233 65.46 39.78 60.22
N ARG J 234 66.34 40.13 61.15
CA ARG J 234 67.77 40.27 60.89
C ARG J 234 68.66 39.66 61.98
N PRO J 235 69.81 39.09 61.59
CA PRO J 235 70.71 38.46 62.54
C PRO J 235 71.45 39.49 63.40
N ALA J 236 71.51 39.22 64.71
CA ALA J 236 72.22 40.07 65.64
C ALA J 236 73.72 39.84 65.54
N GLY J 237 74.14 38.69 65.01
CA GLY J 237 75.54 38.35 64.89
C GLY J 237 75.99 37.32 65.92
N ASP J 238 75.18 37.13 66.96
CA ASP J 238 75.52 36.26 68.08
C ASP J 238 74.64 35.00 68.15
N GLY J 239 73.88 34.73 67.11
CA GLY J 239 73.01 33.58 67.08
C GLY J 239 71.56 33.90 67.36
N THR J 240 71.27 35.12 67.83
CA THR J 240 69.88 35.57 68.02
C THR J 240 69.43 36.59 66.95
N PHE J 241 68.19 37.05 67.04
CA PHE J 241 67.55 37.84 65.98
C PHE J 241 66.93 39.13 66.50
N GLN J 242 66.54 39.99 65.56
CA GLN J 242 66.04 41.35 65.86
C GLN J 242 64.94 41.68 64.85
N LYS J 243 63.98 42.52 65.25
CA LYS J 243 62.95 42.99 64.33
C LYS J 243 62.22 44.15 64.96
N TRP J 244 61.73 45.06 64.11
CA TRP J 244 60.84 46.12 64.57
C TRP J 244 59.66 46.31 63.63
N ALA J 245 58.65 47.00 64.15
CA ALA J 245 57.42 47.27 63.44
C ALA J 245 56.97 48.67 63.87
N ALA J 246 56.61 49.50 62.90
CA ALA J 246 56.35 50.91 63.17
C ALA J 246 55.03 51.39 62.54
N VAL J 247 54.38 52.33 63.21
CA VAL J 247 53.17 52.99 62.69
C VAL J 247 53.20 54.48 63.00
N VAL J 248 52.69 55.30 62.08
CA VAL J 248 52.60 56.73 62.27
C VAL J 248 51.18 57.05 62.73
N VAL J 249 51.04 57.69 63.90
CA VAL J 249 49.72 57.95 64.49
C VAL J 249 49.51 59.44 64.73
N PRO J 250 48.25 59.91 64.69
CA PRO J 250 48.02 61.34 64.91
C PRO J 250 48.16 61.67 66.38
N SER J 251 48.60 62.89 66.66
CA SER J 251 49.04 63.25 68.00
C SER J 251 47.91 63.24 69.01
N GLY J 252 48.17 62.65 70.18
CA GLY J 252 47.16 62.50 71.22
C GLY J 252 46.31 61.26 71.05
N GLN J 253 46.72 60.35 70.17
CA GLN J 253 46.03 59.07 70.01
C GLN J 253 46.96 57.88 70.37
N GLU J 254 48.08 58.18 71.02
CA GLU J 254 49.10 57.17 71.35
C GLU J 254 48.54 56.02 72.19
N GLN J 255 47.76 56.37 73.18
CA GLN J 255 47.13 55.39 74.09
C GLN J 255 46.19 54.38 73.40
N ARG J 256 45.74 54.68 72.20
CA ARG J 256 44.81 53.78 71.50
C ARG J 256 45.55 52.60 70.85
N TYR J 257 46.84 52.76 70.64
CA TYR J 257 47.63 51.74 69.98
C TYR J 257 48.24 50.82 71.01
N THR J 258 48.52 49.60 70.57
CA THR J 258 49.21 48.61 71.38
C THR J 258 50.02 47.75 70.41
N CYS J 259 51.13 47.18 70.87
CA CYS J 259 51.96 46.31 70.03
C CYS J 259 51.90 44.87 70.53
N HIS J 260 51.89 43.92 69.61
CA HIS J 260 51.62 42.53 69.95
C HIS J 260 52.70 41.62 69.41
N VAL J 261 53.28 40.82 70.31
CA VAL J 261 54.46 40.03 70.00
C VAL J 261 54.18 38.56 70.26
N GLN J 262 54.29 37.74 69.22
CA GLN J 262 54.09 36.28 69.35
C GLN J 262 55.40 35.54 69.09
N HIS J 263 55.84 34.76 70.07
CA HIS J 263 57.08 34.02 69.94
C HIS J 263 57.03 32.80 70.84
N GLU J 264 57.60 31.70 70.34
CA GLU J 264 57.63 30.41 71.00
C GLU J 264 58.30 30.48 72.38
N GLY J 265 59.15 31.48 72.58
CA GLY J 265 59.86 31.70 73.84
C GLY J 265 59.02 32.36 74.92
N LEU J 266 57.84 32.87 74.53
CA LEU J 266 56.90 33.50 75.48
C LEU J 266 55.85 32.54 75.99
N PRO J 267 55.63 32.49 77.33
CA PRO J 267 54.47 31.82 77.91
C PRO J 267 53.19 32.10 77.11
N LYS J 268 52.86 33.38 76.93
CA LYS J 268 51.76 33.75 76.06
C LYS J 268 52.01 35.11 75.43
N PRO J 269 51.26 35.44 74.36
CA PRO J 269 51.43 36.71 73.67
C PRO J 269 51.64 37.90 74.60
N LEU J 270 52.57 38.78 74.24
CA LEU J 270 52.77 40.03 74.95
C LEU J 270 51.91 41.09 74.32
N THR J 271 51.51 42.07 75.12
CA THR J 271 50.75 43.23 74.67
C THR J 271 51.38 44.44 75.35
N LEU J 272 51.93 45.34 74.56
CA LEU J 272 52.64 46.49 75.10
C LEU J 272 51.78 47.74 74.92
N ARG J 273 51.52 48.46 76.01
CA ARG J 273 50.54 49.54 75.97
C ARG J 273 51.19 50.90 76.17
N TRP J 274 50.52 51.94 75.70
CA TRP J 274 50.96 53.31 75.89
C TRP J 274 50.18 53.96 77.03
N GLU J 275 50.56 53.61 78.26
CA GLU J 275 50.02 54.25 79.45
C GLU J 275 51.13 55.05 80.14
N PRO J 276 50.80 56.26 80.64
CA PRO J 276 51.84 57.16 81.17
C PRO J 276 52.45 56.71 82.53
N MET K 1 67.89 34.65 33.60
CA MET K 1 68.86 35.53 34.30
C MET K 1 68.12 36.66 35.03
N ILE K 2 67.62 36.36 36.22
CA ILE K 2 66.92 37.36 37.03
C ILE K 2 67.93 38.19 37.82
N GLN K 3 67.65 39.47 37.97
CA GLN K 3 68.45 40.33 38.83
C GLN K 3 67.60 40.95 39.89
N ARG K 4 68.11 40.90 41.11
CA ARG K 4 67.44 41.47 42.27
C ARG K 4 68.41 42.37 42.99
N THR K 5 67.88 43.49 43.45
CA THR K 5 68.63 44.57 44.06
C THR K 5 68.62 44.36 45.58
N PRO K 6 69.73 44.68 46.25
CA PRO K 6 69.85 44.36 47.67
C PRO K 6 69.10 45.28 48.62
N LYS K 7 68.46 44.69 49.63
CA LYS K 7 67.92 45.47 50.73
C LYS K 7 69.08 45.63 51.70
N ILE K 8 69.14 46.75 52.39
CA ILE K 8 70.25 47.03 53.31
C ILE K 8 69.71 47.49 54.65
N GLN K 9 70.31 46.98 55.72
CA GLN K 9 70.08 47.46 57.08
C GLN K 9 71.40 47.57 57.81
N VAL K 10 71.57 48.63 58.59
CA VAL K 10 72.76 48.89 59.39
C VAL K 10 72.33 49.20 60.82
N TYR K 11 72.88 48.45 61.77
CA TYR K 11 72.43 48.44 63.17
C TYR K 11 73.51 47.76 63.96
N SER K 12 73.41 47.84 65.28
CA SER K 12 74.40 47.23 66.18
C SER K 12 73.86 45.97 66.82
N ARG K 13 74.78 45.12 67.27
CA ARG K 13 74.41 43.83 67.83
C ARG K 13 73.65 44.01 69.15
N HIS K 14 74.17 44.87 70.01
CA HIS K 14 73.51 45.23 71.27
C HIS K 14 73.10 46.68 71.20
N PRO K 15 72.15 47.10 72.06
CA PRO K 15 71.78 48.52 71.97
C PRO K 15 73.00 49.43 72.15
N ALA K 16 73.09 50.46 71.30
CA ALA K 16 74.25 51.35 71.28
C ALA K 16 74.37 52.17 72.56
N GLU K 17 75.58 52.19 73.13
CA GLU K 17 75.89 52.96 74.32
C GLU K 17 77.25 53.62 74.06
N ASN K 18 77.26 54.94 73.89
CA ASN K 18 78.50 55.67 73.62
C ASN K 18 79.53 55.27 74.66
N GLY K 19 80.76 55.01 74.20
CA GLY K 19 81.85 54.57 75.07
C GLY K 19 81.96 53.07 75.32
N LYS K 20 80.93 52.30 74.97
CA LYS K 20 80.87 50.88 75.32
C LYS K 20 80.99 49.98 74.09
N SER K 21 81.75 48.91 74.21
CA SER K 21 82.12 48.13 73.03
C SER K 21 80.95 47.27 72.50
N ASN K 22 80.94 47.04 71.20
CA ASN K 22 79.72 46.62 70.49
C ASN K 22 80.12 46.10 69.12
N PHE K 23 79.15 45.62 68.35
CA PHE K 23 79.40 45.26 66.95
C PHE K 23 78.51 46.07 66.05
N LEU K 24 79.09 46.66 64.99
CA LEU K 24 78.35 47.35 63.95
C LEU K 24 78.04 46.34 62.85
N ASN K 25 76.76 46.19 62.49
CA ASN K 25 76.32 45.23 61.49
C ASN K 25 75.80 45.90 60.22
N CYS K 26 76.06 45.30 59.07
CA CYS K 26 75.39 45.71 57.83
C CYS K 26 74.81 44.46 57.20
N TYR K 27 73.49 44.35 57.18
CA TYR K 27 72.85 43.14 56.69
C TYR K 27 72.24 43.38 55.30
N VAL K 28 72.76 42.65 54.33
CA VAL K 28 72.38 42.82 52.93
C VAL K 28 71.68 41.55 52.49
N SER K 29 70.55 41.69 51.84
CA SER K 29 69.72 40.53 51.51
C SER K 29 68.89 40.80 50.28
N GLY K 30 68.17 39.79 49.80
CA GLY K 30 67.29 39.90 48.63
C GLY K 30 67.97 40.16 47.29
N PHE K 31 69.28 39.92 47.19
CA PHE K 31 70.01 40.27 45.97
C PHE K 31 70.38 39.07 45.10
N HIS K 32 70.45 39.32 43.80
CA HIS K 32 70.90 38.33 42.83
C HIS K 32 71.50 39.11 41.67
N PRO K 33 72.68 38.71 41.17
CA PRO K 33 73.51 37.59 41.55
C PRO K 33 74.32 37.89 42.82
N SER K 34 75.22 36.98 43.18
CA SER K 34 75.85 36.98 44.50
C SER K 34 77.07 37.88 44.61
N ASP K 35 77.73 38.21 43.50
CA ASP K 35 78.86 39.13 43.53
C ASP K 35 78.37 40.45 44.10
N ILE K 36 78.98 40.85 45.22
CA ILE K 36 78.60 42.05 45.94
C ILE K 36 79.78 42.64 46.72
N GLU K 37 79.77 43.97 46.86
CA GLU K 37 80.81 44.74 47.57
C GLU K 37 80.19 45.58 48.67
N VAL K 38 80.63 45.31 49.90
CA VAL K 38 80.08 45.92 51.10
C VAL K 38 81.25 46.39 51.95
N ASP K 39 81.31 47.70 52.19
CA ASP K 39 82.27 48.28 53.10
C ASP K 39 81.52 48.96 54.24
N LEU K 40 82.04 48.81 55.45
CA LEU K 40 81.64 49.63 56.57
C LEU K 40 82.54 50.86 56.61
N LEU K 41 81.92 52.03 56.81
CA LEU K 41 82.65 53.29 56.84
C LEU K 41 82.61 53.91 58.22
N LYS K 42 83.78 54.35 58.69
CA LYS K 42 83.88 55.21 59.87
C LYS K 42 84.25 56.59 59.37
N ASN K 43 83.34 57.54 59.52
CA ASN K 43 83.55 58.91 59.03
C ASN K 43 83.88 58.97 57.53
N GLY K 44 83.30 58.05 56.75
CA GLY K 44 83.55 57.96 55.30
C GLY K 44 84.76 57.14 54.88
N GLU K 45 85.59 56.70 55.82
CA GLU K 45 86.75 55.85 55.52
C GLU K 45 86.39 54.41 55.81
N ARG K 46 86.67 53.51 54.87
CA ARG K 46 86.32 52.10 55.05
C ARG K 46 87.09 51.51 56.24
N ILE K 47 86.42 50.66 57.01
CA ILE K 47 87.04 50.02 58.17
C ILE K 47 87.73 48.75 57.72
N GLU K 48 88.80 48.38 58.40
CA GLU K 48 89.73 47.38 57.85
C GLU K 48 89.43 45.91 58.17
N LYS K 49 89.23 45.58 59.44
CA LYS K 49 89.08 44.17 59.80
C LYS K 49 87.61 43.80 59.86
N VAL K 50 86.98 43.81 58.68
CA VAL K 50 85.55 43.55 58.57
C VAL K 50 85.32 42.14 58.07
N GLU K 51 84.61 41.35 58.87
CA GLU K 51 84.31 39.98 58.52
C GLU K 51 82.91 39.88 57.95
N HIS K 52 82.57 38.69 57.47
CA HIS K 52 81.21 38.44 57.02
C HIS K 52 80.84 36.97 57.15
N SER K 53 79.52 36.73 57.26
CA SER K 53 78.96 35.39 57.33
C SER K 53 79.12 34.64 56.02
N ASP K 54 78.89 33.33 56.05
CA ASP K 54 78.96 32.54 54.84
C ASP K 54 77.72 32.76 54.00
N LEU K 55 77.92 32.85 52.70
CA LEU K 55 76.86 33.11 51.74
C LEU K 55 75.73 32.10 51.84
N SER K 56 74.51 32.59 51.97
CA SER K 56 73.35 31.72 52.00
C SER K 56 72.20 32.41 51.30
N PHE K 57 71.10 31.67 51.12
CA PHE K 57 69.96 32.20 50.40
C PHE K 57 68.62 31.72 50.93
N SER K 58 67.59 32.48 50.57
CA SER K 58 66.26 32.31 51.10
C SER K 58 65.42 31.51 50.14
N LYS K 59 64.18 31.27 50.53
CA LYS K 59 63.19 30.52 49.76
C LYS K 59 63.03 30.93 48.27
N ASP K 60 63.21 32.22 47.98
CA ASP K 60 63.11 32.75 46.62
C ASP K 60 64.45 32.78 45.89
N TRP K 61 65.48 32.18 46.49
CA TRP K 61 66.81 31.98 45.87
C TRP K 61 67.68 33.23 45.93
N SER K 62 67.16 34.29 46.54
CA SER K 62 67.93 35.51 46.71
C SER K 62 68.87 35.32 47.89
N PHE K 63 69.97 36.07 47.86
CA PHE K 63 71.10 35.83 48.75
C PHE K 63 71.10 36.77 49.89
N TYR K 64 71.74 36.35 50.98
CA TYR K 64 71.97 37.25 52.11
C TYR K 64 73.31 37.02 52.80
N LEU K 65 73.83 38.10 53.36
CA LEU K 65 75.10 38.12 54.03
C LEU K 65 74.99 39.11 55.16
N LEU K 66 75.74 38.87 56.22
CA LEU K 66 75.95 39.87 57.25
C LEU K 66 77.43 40.21 57.33
N TYR K 67 77.74 41.50 57.15
CA TYR K 67 79.06 42.06 57.42
C TYR K 67 79.09 42.69 58.79
N TYR K 68 80.18 42.50 59.53
CA TYR K 68 80.30 43.10 60.86
C TYR K 68 81.73 43.42 61.25
N THR K 69 81.88 44.38 62.16
CA THR K 69 83.15 44.64 62.82
C THR K 69 82.93 45.07 64.25
N GLU K 70 83.91 44.77 65.11
CA GLU K 70 83.88 45.21 66.50
C GLU K 70 84.25 46.68 66.52
N PHE K 71 83.61 47.44 67.41
CA PHE K 71 83.80 48.89 67.47
C PHE K 71 83.24 49.51 68.75
N THR K 72 83.53 50.80 68.95
CA THR K 72 83.07 51.53 70.14
C THR K 72 82.48 52.89 69.74
N PRO K 73 81.15 53.00 69.73
CA PRO K 73 80.56 54.27 69.33
C PRO K 73 80.94 55.41 70.26
N THR K 74 81.16 56.58 69.68
CA THR K 74 81.29 57.83 70.40
C THR K 74 80.47 58.83 69.62
N GLU K 75 80.08 59.93 70.25
CA GLU K 75 79.17 60.87 69.61
C GLU K 75 79.80 61.55 68.39
N LYS K 76 81.11 61.79 68.44
CA LYS K 76 81.79 62.52 67.36
C LYS K 76 81.88 61.77 66.03
N ASN K 77 81.81 60.44 66.06
CA ASN K 77 82.00 59.61 64.88
C ASN K 77 80.68 59.14 64.24
N GLU K 78 80.62 59.19 62.91
CA GLU K 78 79.46 58.73 62.15
C GLU K 78 79.84 57.48 61.39
N TYR K 79 78.91 56.55 61.31
CA TYR K 79 79.14 55.26 60.66
C TYR K 79 78.14 55.01 59.52
N ALA K 80 78.50 54.12 58.61
CA ALA K 80 77.62 53.83 57.48
C ALA K 80 78.06 52.55 56.80
N CYS K 81 77.15 52.03 55.97
CA CYS K 81 77.42 50.87 55.13
C CYS K 81 77.37 51.32 53.68
N ARG K 82 78.42 51.00 52.93
CA ARG K 82 78.47 51.28 51.50
C ARG K 82 78.41 49.97 50.77
N VAL K 83 77.48 49.87 49.82
CA VAL K 83 77.21 48.63 49.13
C VAL K 83 77.17 48.91 47.66
N ASN K 84 77.90 48.11 46.88
CA ASN K 84 77.78 48.16 45.43
C ASN K 84 77.46 46.79 44.88
N HIS K 85 76.61 46.78 43.86
CA HIS K 85 76.09 45.58 43.26
C HIS K 85 75.74 45.91 41.82
N VAL K 86 75.71 44.90 40.98
CA VAL K 86 75.48 45.06 39.57
C VAL K 86 74.13 45.69 39.25
N THR K 87 73.20 45.69 40.20
CA THR K 87 71.84 46.19 39.97
C THR K 87 71.66 47.67 40.39
N LEU K 88 72.69 48.23 41.01
CA LEU K 88 72.72 49.65 41.37
C LEU K 88 73.52 50.44 40.33
N SER K 89 73.07 51.66 40.03
CA SER K 89 73.80 52.53 39.08
C SER K 89 75.02 53.21 39.73
N GLN K 90 75.17 53.08 41.04
CA GLN K 90 76.33 53.58 41.76
C GLN K 90 76.27 53.08 43.21
N PRO K 91 77.36 53.21 43.97
CA PRO K 91 77.37 52.69 45.34
C PRO K 91 76.23 53.25 46.17
N LYS K 92 75.63 52.41 47.00
CA LYS K 92 74.61 52.88 47.93
C LYS K 92 75.22 52.99 49.31
N ILE K 93 75.01 54.14 49.94
CA ILE K 93 75.50 54.41 51.29
C ILE K 93 74.30 54.57 52.22
N VAL K 94 74.33 53.83 53.32
CA VAL K 94 73.26 53.86 54.32
C VAL K 94 73.92 54.12 55.67
N LYS K 95 73.55 55.25 56.26
CA LYS K 95 74.12 55.70 57.53
C LYS K 95 73.45 54.94 58.64
N TRP K 96 74.25 54.57 59.64
CA TRP K 96 73.76 53.99 60.86
C TRP K 96 72.99 55.00 61.68
N ASP K 97 71.68 54.85 61.70
CA ASP K 97 70.82 55.63 62.56
C ASP K 97 70.66 54.84 63.83
N ARG K 98 71.00 55.44 64.97
CA ARG K 98 70.92 54.72 66.25
C ARG K 98 69.47 54.50 66.74
N ASP K 99 68.48 54.77 65.88
CA ASP K 99 67.07 54.56 66.20
C ASP K 99 66.29 53.89 65.05
N MET K 100 66.94 52.96 64.33
CA MET K 100 66.27 52.18 63.27
C MET K 100 66.97 50.83 63.02
N TYR L 1 75.15 15.93 58.16
CA TYR L 1 75.48 14.70 57.39
C TYR L 1 74.93 14.76 55.96
N LEU L 2 75.85 14.86 54.99
CA LEU L 2 75.50 15.05 53.59
C LEU L 2 75.21 13.73 52.91
N LEU L 3 74.68 13.79 51.70
CA LEU L 3 74.50 12.64 50.85
C LEU L 3 75.85 12.08 50.43
N MET L 4 75.94 10.77 50.26
CA MET L 4 77.18 10.16 49.84
C MET L 4 77.61 10.70 48.47
N TRP L 5 76.63 10.99 47.62
CA TRP L 5 76.90 11.60 46.33
C TRP L 5 75.66 12.28 45.75
N ILE L 6 75.85 13.11 44.75
CA ILE L 6 74.75 13.68 43.98
C ILE L 6 74.99 13.43 42.50
N THR L 7 73.90 13.45 41.75
CA THR L 7 73.87 12.96 40.37
C THR L 7 73.77 14.16 39.45
N GLN L 8 74.52 14.09 38.35
CA GLN L 8 74.66 15.17 37.41
C GLN L 8 73.33 15.61 36.80
N VAL L 9 73.25 16.89 36.46
CA VAL L 9 72.10 17.41 35.72
C VAL L 9 72.17 16.90 34.29
N GLY M 1 20.07 -18.87 -46.50
CA GLY M 1 19.64 -18.81 -45.08
C GLY M 1 20.57 -19.59 -44.16
N SER M 2 20.21 -19.61 -42.87
CA SER M 2 21.01 -20.28 -41.84
C SER M 2 21.06 -21.80 -42.00
N HIS M 3 22.07 -22.41 -41.40
CA HIS M 3 22.15 -23.86 -41.32
C HIS M 3 22.72 -24.26 -39.98
N SER M 4 22.27 -25.38 -39.44
CA SER M 4 22.75 -25.88 -38.16
C SER M 4 23.32 -27.29 -38.32
N MET M 5 24.24 -27.64 -37.44
CA MET M 5 24.57 -29.02 -37.20
C MET M 5 24.45 -29.28 -35.71
N ARG M 6 23.75 -30.34 -35.34
CA ARG M 6 23.45 -30.65 -33.94
C ARG M 6 23.58 -32.12 -33.64
N TYR M 7 24.17 -32.42 -32.49
CA TYR M 7 24.11 -33.77 -31.94
C TYR M 7 23.22 -33.75 -30.70
N PHE M 8 22.39 -34.78 -30.61
CA PHE M 8 21.54 -35.04 -29.45
C PHE M 8 21.91 -36.38 -28.86
N PHE M 9 22.12 -36.39 -27.55
CA PHE M 9 22.56 -37.60 -26.83
C PHE M 9 21.63 -37.83 -25.67
N THR M 10 21.26 -39.09 -25.50
CA THR M 10 20.38 -39.50 -24.42
C THR M 10 20.99 -40.70 -23.73
N SER M 11 21.11 -40.62 -22.42
CA SER M 11 21.71 -41.70 -21.66
C SER M 11 20.77 -42.02 -20.53
N VAL M 12 20.42 -43.29 -20.40
CA VAL M 12 19.44 -43.73 -19.43
C VAL M 12 19.97 -44.90 -18.58
N SER M 13 19.97 -44.73 -17.25
CA SER M 13 20.45 -45.78 -16.36
C SER M 13 19.38 -46.86 -16.18
N ARG M 14 19.83 -48.11 -16.03
CA ARG M 14 18.94 -49.25 -15.98
C ARG M 14 19.39 -50.21 -14.86
N PRO M 15 19.40 -49.72 -13.61
CA PRO M 15 19.74 -50.55 -12.47
C PRO M 15 19.01 -51.91 -12.50
N GLY M 16 19.78 -53.00 -12.57
CA GLY M 16 19.18 -54.31 -12.52
C GLY M 16 18.63 -54.84 -13.83
N ARG M 17 18.92 -54.16 -14.93
CA ARG M 17 18.58 -54.65 -16.27
C ARG M 17 19.77 -54.53 -17.23
N GLY M 18 20.93 -54.13 -16.73
CA GLY M 18 22.12 -53.99 -17.58
C GLY M 18 22.78 -52.64 -17.43
N GLU M 19 23.77 -52.41 -18.30
CA GLU M 19 24.48 -51.14 -18.37
C GLU M 19 23.53 -50.08 -18.92
N PRO M 20 23.91 -48.80 -18.78
CA PRO M 20 23.04 -47.74 -19.27
C PRO M 20 22.91 -47.69 -20.79
N ARG M 21 21.69 -47.41 -21.25
CA ARG M 21 21.37 -47.19 -22.65
C ARG M 21 21.95 -45.88 -23.11
N PHE M 22 22.57 -45.89 -24.28
CA PHE M 22 23.09 -44.68 -24.87
C PHE M 22 22.71 -44.63 -26.35
N ILE M 23 22.00 -43.57 -26.73
CA ILE M 23 21.61 -43.28 -28.10
C ILE M 23 22.12 -41.89 -28.47
N ALA M 24 22.68 -41.75 -29.65
CA ALA M 24 23.18 -40.48 -30.14
C ALA M 24 22.71 -40.24 -31.58
N VAL M 25 22.24 -39.02 -31.88
CA VAL M 25 21.76 -38.67 -33.24
C VAL M 25 22.32 -37.35 -33.71
N GLY M 26 22.68 -37.30 -35.00
CA GLY M 26 23.23 -36.10 -35.61
C GLY M 26 22.34 -35.60 -36.72
N TYR M 27 22.16 -34.28 -36.77
CA TYR M 27 21.29 -33.60 -37.72
C TYR M 27 22.06 -32.46 -38.36
N VAL M 28 21.95 -32.32 -39.67
CA VAL M 28 22.19 -31.05 -40.31
C VAL M 28 20.80 -30.56 -40.69
N ASP M 29 20.47 -29.34 -40.24
CA ASP M 29 19.12 -28.78 -40.30
C ASP M 29 18.07 -29.77 -39.76
N ASP M 30 17.05 -30.11 -40.55
CA ASP M 30 16.06 -31.07 -40.08
C ASP M 30 16.31 -32.45 -40.72
N THR M 31 17.53 -32.69 -41.19
CA THR M 31 17.88 -33.99 -41.75
C THR M 31 18.90 -34.71 -40.88
N GLN M 32 18.48 -35.84 -40.31
CA GLN M 32 19.37 -36.75 -39.59
C GLN M 32 20.41 -37.42 -40.51
N PHE M 33 21.68 -37.35 -40.16
CA PHE M 33 22.74 -37.94 -41.01
C PHE M 33 23.54 -39.09 -40.35
N VAL M 34 23.51 -39.20 -39.03
CA VAL M 34 24.23 -40.26 -38.30
C VAL M 34 23.54 -40.68 -37.01
N ARG M 35 23.90 -41.85 -36.52
CA ARG M 35 23.33 -42.35 -35.29
C ARG M 35 24.20 -43.39 -34.65
N PHE M 36 24.13 -43.44 -33.32
CA PHE M 36 24.67 -44.54 -32.54
C PHE M 36 23.67 -44.95 -31.49
N ASP M 37 23.57 -46.27 -31.28
CA ASP M 37 22.71 -46.87 -30.26
C ASP M 37 23.50 -47.96 -29.57
N SER M 38 23.65 -47.87 -28.27
CA SER M 38 24.41 -48.87 -27.50
C SER M 38 23.84 -50.30 -27.58
N ASP M 39 22.54 -50.43 -27.83
CA ASP M 39 21.90 -51.76 -27.89
C ASP M 39 21.87 -52.38 -29.29
N ALA M 40 22.46 -51.73 -30.28
CA ALA M 40 22.46 -52.25 -31.67
C ALA M 40 23.68 -53.15 -31.95
N ALA M 41 23.64 -53.86 -33.07
CA ALA M 41 24.60 -54.91 -33.38
C ALA M 41 25.96 -54.38 -33.87
N SER M 42 25.92 -53.37 -34.73
CA SER M 42 27.14 -52.84 -35.33
C SER M 42 28.14 -52.27 -34.32
N GLN M 43 27.63 -51.60 -33.27
CA GLN M 43 28.48 -50.82 -32.36
C GLN M 43 29.37 -49.83 -33.13
N ARG M 44 28.85 -49.29 -34.22
CA ARG M 44 29.55 -48.28 -35.00
C ARG M 44 28.70 -47.06 -35.01
N MET M 45 29.31 -45.90 -35.24
CA MET M 45 28.50 -44.78 -35.71
C MET M 45 27.98 -45.24 -37.07
N GLU M 46 26.72 -45.01 -37.38
CA GLU M 46 26.18 -45.48 -38.67
C GLU M 46 25.58 -44.32 -39.46
N PRO M 47 25.72 -44.36 -40.80
CA PRO M 47 25.15 -43.32 -41.66
C PRO M 47 23.63 -43.38 -41.70
N ARG M 48 23.00 -42.21 -41.83
CA ARG M 48 21.54 -42.15 -42.01
C ARG M 48 21.10 -41.25 -43.17
N ALA M 49 22.05 -40.84 -44.01
CA ALA M 49 21.76 -39.99 -45.15
C ALA M 49 22.72 -40.32 -46.29
N PRO M 50 22.24 -40.28 -47.54
CA PRO M 50 23.08 -40.78 -48.67
C PRO M 50 24.43 -40.07 -48.80
N TRP M 51 24.43 -38.76 -48.55
CA TRP M 51 25.62 -37.94 -48.75
C TRP M 51 26.71 -38.08 -47.70
N ILE M 52 26.45 -38.72 -46.58
CA ILE M 52 27.49 -38.96 -45.57
C ILE M 52 28.23 -40.31 -45.82
N GLU M 53 27.62 -41.15 -46.65
CA GLU M 53 28.15 -42.49 -46.94
C GLU M 53 29.41 -42.47 -47.81
N GLN M 54 29.67 -41.33 -48.46
CA GLN M 54 30.90 -41.19 -49.24
C GLN M 54 32.16 -41.06 -48.35
N GLU M 55 32.00 -40.55 -47.13
CA GLU M 55 33.13 -40.37 -46.22
C GLU M 55 33.77 -41.73 -46.03
N GLY M 56 35.10 -41.78 -46.06
CA GLY M 56 35.81 -43.04 -46.02
C GLY M 56 35.97 -43.64 -44.64
N PRO M 57 36.77 -44.71 -44.53
CA PRO M 57 36.95 -45.49 -43.30
C PRO M 57 37.45 -44.69 -42.09
N GLU M 58 38.38 -43.78 -42.32
CA GLU M 58 38.92 -42.95 -41.24
C GLU M 58 37.86 -42.05 -40.57
N TYR M 59 36.90 -41.56 -41.35
CA TYR M 59 35.82 -40.78 -40.78
C TYR M 59 34.99 -41.63 -39.82
N TRP M 60 34.50 -42.77 -40.30
CA TRP M 60 33.69 -43.67 -39.47
C TRP M 60 34.47 -44.23 -38.29
N ASP M 61 35.76 -44.50 -38.47
CA ASP M 61 36.58 -44.97 -37.35
C ASP M 61 36.62 -43.90 -36.25
N GLY M 62 36.94 -42.67 -36.66
CA GLY M 62 37.08 -41.56 -35.74
C GLY M 62 35.78 -41.22 -35.05
N GLU M 63 34.70 -41.17 -35.81
CA GLU M 63 33.40 -40.87 -35.23
C GLU M 63 32.94 -41.95 -34.23
N THR M 64 33.19 -43.21 -34.55
CA THR M 64 32.81 -44.32 -33.69
C THR M 64 33.63 -44.28 -32.39
N ARG M 65 34.92 -44.06 -32.52
CA ARG M 65 35.79 -43.88 -31.36
C ARG M 65 35.29 -42.74 -30.45
N LYS M 66 34.93 -41.61 -31.06
CA LYS M 66 34.48 -40.45 -30.27
C LYS M 66 33.13 -40.65 -29.60
N VAL M 67 32.18 -41.25 -30.30
CA VAL M 67 30.85 -41.45 -29.75
C VAL M 67 30.90 -42.40 -28.54
N LYS M 68 31.78 -43.40 -28.59
CA LYS M 68 32.00 -44.33 -27.47
C LYS M 68 32.64 -43.66 -26.26
N ALA M 69 33.45 -42.63 -26.53
CA ALA M 69 34.03 -41.78 -25.49
C ALA M 69 32.91 -40.94 -24.85
N HIS M 70 32.02 -40.40 -25.67
CA HIS M 70 30.87 -39.66 -25.14
C HIS M 70 30.07 -40.58 -24.24
N SER M 71 29.82 -41.77 -24.77
CA SER M 71 29.16 -42.83 -24.03
C SER M 71 29.81 -43.09 -22.65
N GLN M 72 31.13 -43.23 -22.60
CA GLN M 72 31.78 -43.57 -21.34
C GLN M 72 31.71 -42.40 -20.37
N THR M 73 31.84 -41.18 -20.87
CA THR M 73 31.71 -40.01 -20.00
C THR M 73 30.33 -39.91 -19.37
N HIS M 74 29.30 -40.24 -20.15
CA HIS M 74 27.92 -40.21 -19.66
C HIS M 74 27.62 -41.25 -18.58
N ARG M 75 28.22 -42.42 -18.73
CA ARG M 75 28.01 -43.53 -17.80
C ARG M 75 28.60 -43.20 -16.42
N VAL M 76 29.81 -42.67 -16.40
CA VAL M 76 30.37 -42.10 -15.18
C VAL M 76 29.46 -40.96 -14.65
N ASP M 77 29.03 -40.05 -15.53
CA ASP M 77 28.22 -38.89 -15.07
C ASP M 77 26.98 -39.30 -14.29
N LEU M 78 26.25 -40.30 -14.79
CA LEU M 78 25.07 -40.81 -14.08
C LEU M 78 25.42 -41.14 -12.64
N GLY M 79 26.56 -41.78 -12.41
CA GLY M 79 27.01 -42.09 -11.05
C GLY M 79 27.28 -40.86 -10.18
N THR M 80 28.05 -39.92 -10.72
CA THR M 80 28.36 -38.69 -10.02
C THR M 80 27.08 -37.92 -9.61
N LEU M 81 26.11 -37.82 -10.52
CA LEU M 81 24.93 -37.01 -10.29
C LEU M 81 24.06 -37.64 -9.18
N ARG M 82 24.00 -38.96 -9.19
CA ARG M 82 23.47 -39.75 -8.08
C ARG M 82 24.11 -39.26 -6.76
N GLY M 83 25.43 -39.10 -6.77
CA GLY M 83 26.15 -38.60 -5.61
C GLY M 83 25.73 -37.19 -5.23
N TYR M 84 25.75 -36.26 -6.18
CA TYR M 84 25.43 -34.87 -5.87
C TYR M 84 24.05 -34.67 -5.29
N TYR M 85 23.10 -35.50 -5.75
CA TYR M 85 21.69 -35.35 -5.39
C TYR M 85 21.27 -36.37 -4.32
N ASN M 86 22.22 -37.14 -3.79
CA ASN M 86 21.94 -38.08 -2.70
C ASN M 86 20.88 -39.12 -3.05
N GLN M 87 20.89 -39.56 -4.30
CA GLN M 87 19.85 -40.43 -4.81
C GLN M 87 20.19 -41.90 -4.58
N SER M 88 19.15 -42.68 -4.27
CA SER M 88 19.27 -44.13 -4.11
C SER M 88 19.96 -44.74 -5.32
N GLU M 89 20.80 -45.75 -5.07
CA GLU M 89 21.45 -46.52 -6.12
C GLU M 89 20.47 -47.36 -6.94
N ALA M 90 19.18 -47.23 -6.67
CA ALA M 90 18.18 -48.02 -7.39
C ALA M 90 17.04 -47.15 -7.93
N GLY M 91 17.34 -46.35 -8.95
CA GLY M 91 16.30 -45.66 -9.69
C GLY M 91 16.80 -45.43 -11.09
N SER M 92 15.90 -45.40 -12.07
CA SER M 92 16.32 -45.03 -13.42
C SER M 92 16.38 -43.50 -13.54
N HIS M 93 17.46 -42.99 -14.12
CA HIS M 93 17.63 -41.55 -14.29
C HIS M 93 18.09 -41.26 -15.70
N THR M 94 17.96 -40.00 -16.12
CA THR M 94 18.23 -39.63 -17.50
C THR M 94 19.17 -38.45 -17.60
N VAL M 95 20.17 -38.60 -18.45
CA VAL M 95 20.99 -37.49 -18.89
C VAL M 95 20.77 -37.29 -20.39
N GLN M 96 20.78 -36.03 -20.80
CA GLN M 96 20.56 -35.60 -22.16
C GLN M 96 21.55 -34.49 -22.43
N ARG M 97 22.14 -34.51 -23.63
CA ARG M 97 23.08 -33.49 -24.01
C ARG M 97 22.83 -33.07 -25.46
N MET M 98 22.97 -31.79 -25.72
CA MET M 98 22.80 -31.26 -27.06
C MET M 98 23.83 -30.19 -27.32
N TYR M 99 24.65 -30.38 -28.35
CA TYR M 99 25.54 -29.35 -28.80
C TYR M 99 25.57 -29.24 -30.30
N GLY M 100 25.94 -28.07 -30.78
CA GLY M 100 25.94 -27.82 -32.19
C GLY M 100 26.38 -26.43 -32.53
N CYS M 101 26.51 -26.19 -33.83
CA CYS M 101 26.95 -24.89 -34.31
C CYS M 101 26.08 -24.45 -35.48
N ASP M 102 26.01 -23.15 -35.72
CA ASP M 102 25.24 -22.62 -36.86
C ASP M 102 26.16 -21.77 -37.77
N VAL M 103 25.85 -21.79 -39.06
CA VAL M 103 26.46 -20.86 -39.99
C VAL M 103 25.35 -20.06 -40.63
N GLY M 104 25.69 -18.85 -41.07
CA GLY M 104 24.72 -17.93 -41.63
C GLY M 104 24.57 -18.14 -43.12
N SER M 105 23.90 -17.20 -43.79
CA SER M 105 23.69 -17.25 -45.24
C SER M 105 25.00 -17.12 -46.02
N ASP M 106 26.03 -16.61 -45.37
CA ASP M 106 27.38 -16.56 -45.93
C ASP M 106 28.17 -17.83 -45.59
N TRP M 107 27.57 -18.73 -44.80
CA TRP M 107 28.23 -19.93 -44.27
C TRP M 107 29.36 -19.58 -43.32
N ARG M 108 29.28 -18.41 -42.70
CA ARG M 108 30.25 -18.04 -41.66
C ARG M 108 29.64 -18.38 -40.33
N PHE M 109 30.51 -18.45 -39.31
CA PHE M 109 30.08 -18.68 -37.95
C PHE M 109 28.92 -17.82 -37.58
N LEU M 110 27.83 -18.47 -37.18
CA LEU M 110 26.66 -17.79 -36.69
C LEU M 110 26.58 -17.95 -35.17
N ARG M 111 26.68 -19.19 -34.71
CA ARG M 111 26.31 -19.49 -33.31
C ARG M 111 26.91 -20.83 -32.85
N GLY M 112 27.15 -20.91 -31.55
CA GLY M 112 27.57 -22.15 -30.90
C GLY M 112 26.77 -22.32 -29.63
N TYR M 113 26.58 -23.57 -29.21
CA TYR M 113 25.81 -23.86 -28.01
C TYR M 113 26.12 -25.26 -27.49
N HIS M 114 25.95 -25.46 -26.18
CA HIS M 114 26.18 -26.75 -25.52
C HIS M 114 25.36 -26.84 -24.26
N GLN M 115 24.33 -27.68 -24.27
CA GLN M 115 23.37 -27.76 -23.16
C GLN M 115 23.28 -29.16 -22.61
N TYR M 116 23.11 -29.24 -21.29
CA TYR M 116 23.06 -30.50 -20.55
C TYR M 116 21.89 -30.47 -19.54
N ALA M 117 21.09 -31.53 -19.55
CA ALA M 117 19.96 -31.71 -18.61
C ALA M 117 20.09 -32.99 -17.78
N TYR M 118 19.48 -32.98 -16.58
CA TYR M 118 19.35 -34.17 -15.77
C TYR M 118 17.90 -34.41 -15.44
N ASP M 119 17.44 -35.63 -15.67
CA ASP M 119 16.07 -36.04 -15.40
C ASP M 119 15.05 -35.07 -15.96
N GLY M 120 15.27 -34.64 -17.19
CA GLY M 120 14.31 -33.78 -17.88
C GLY M 120 14.38 -32.29 -17.59
N LYS M 121 15.37 -31.88 -16.80
CA LYS M 121 15.52 -30.48 -16.36
C LYS M 121 16.92 -29.97 -16.61
N ASP M 122 17.01 -28.74 -17.10
CA ASP M 122 18.25 -27.99 -17.19
C ASP M 122 19.22 -28.28 -16.05
N TYR M 123 20.49 -28.50 -16.39
CA TYR M 123 21.53 -28.68 -15.42
C TYR M 123 22.62 -27.65 -15.62
N ILE M 124 23.35 -27.71 -16.72
CA ILE M 124 24.33 -26.67 -17.03
C ILE M 124 24.40 -26.42 -18.53
N ALA M 125 24.55 -25.16 -18.91
CA ALA M 125 24.63 -24.75 -20.31
C ALA M 125 25.78 -23.76 -20.50
N LEU M 126 26.38 -23.77 -21.69
CA LEU M 126 27.37 -22.77 -22.04
C LEU M 126 26.64 -21.45 -22.28
N LYS M 127 27.18 -20.34 -21.78
CA LYS M 127 26.51 -19.06 -21.90
C LYS M 127 26.74 -18.47 -23.28
N GLU M 128 26.05 -17.38 -23.55
CA GLU M 128 26.10 -16.71 -24.85
C GLU M 128 27.46 -16.10 -25.21
N ASP M 129 28.30 -15.84 -24.22
CA ASP M 129 29.64 -15.35 -24.50
C ASP M 129 30.65 -16.48 -24.81
N LEU M 130 30.23 -17.73 -24.75
CA LEU M 130 31.15 -18.85 -25.01
C LEU M 130 32.39 -18.91 -24.10
N ARG M 131 32.34 -18.28 -22.92
CA ARG M 131 33.45 -18.29 -21.96
C ARG M 131 33.04 -18.70 -20.55
N SER M 132 31.74 -18.91 -20.32
CA SER M 132 31.20 -19.22 -18.98
C SER M 132 29.92 -20.06 -19.06
N TRP M 133 29.46 -20.55 -17.91
CA TRP M 133 28.41 -21.56 -17.82
C TRP M 133 27.31 -21.07 -16.93
N THR M 134 26.12 -21.63 -17.09
CA THR M 134 24.99 -21.32 -16.24
C THR M 134 24.58 -22.58 -15.53
N ALA M 135 24.74 -22.59 -14.22
CA ALA M 135 24.31 -23.72 -13.41
C ALA M 135 22.85 -23.47 -12.98
N ALA M 136 22.04 -24.52 -13.02
CA ALA M 136 20.61 -24.42 -12.72
C ALA M 136 20.32 -24.66 -11.23
N ASP M 137 21.29 -25.20 -10.49
CA ASP M 137 21.17 -25.43 -9.06
C ASP M 137 22.52 -25.67 -8.41
N MET M 138 22.52 -25.95 -7.11
CA MET M 138 23.78 -26.10 -6.36
C MET M 138 24.66 -27.22 -6.85
N ALA M 139 24.06 -28.34 -7.25
CA ALA M 139 24.82 -29.45 -7.78
C ALA M 139 25.60 -28.97 -9.01
N ALA M 140 24.90 -28.34 -9.96
CA ALA M 140 25.54 -27.79 -11.16
C ALA M 140 26.68 -26.80 -10.86
N GLN M 141 26.57 -26.06 -9.75
CA GLN M 141 27.64 -25.13 -9.38
C GLN M 141 28.96 -25.83 -9.14
N THR M 142 28.91 -27.02 -8.58
CA THR M 142 30.13 -27.82 -8.43
C THR M 142 30.75 -28.14 -9.81
N THR M 143 29.95 -28.63 -10.75
CA THR M 143 30.41 -28.82 -12.15
C THR M 143 30.97 -27.52 -12.76
N LYS M 144 30.27 -26.40 -12.56
CA LYS M 144 30.71 -25.11 -13.08
C LYS M 144 32.12 -24.77 -12.64
N HIS M 145 32.40 -24.95 -11.35
CA HIS M 145 33.72 -24.66 -10.80
C HIS M 145 34.79 -25.63 -11.31
N LYS M 146 34.45 -26.92 -11.49
CA LYS M 146 35.39 -27.84 -12.13
C LYS M 146 35.71 -27.31 -13.52
N TRP M 147 34.67 -27.03 -14.30
CA TRP M 147 34.86 -26.68 -15.69
C TRP M 147 35.58 -25.36 -15.84
N GLU M 148 35.25 -24.39 -14.99
CA GLU M 148 35.85 -23.08 -15.11
C GLU M 148 37.32 -23.19 -14.78
N ALA M 149 37.64 -23.81 -13.65
CA ALA M 149 39.02 -24.04 -13.22
C ALA M 149 39.80 -24.79 -14.27
N ALA M 150 39.16 -25.72 -14.98
CA ALA M 150 39.84 -26.55 -15.98
C ALA M 150 39.91 -25.87 -17.34
N HIS M 151 39.22 -24.76 -17.50
CA HIS M 151 39.27 -24.02 -18.76
C HIS M 151 38.63 -24.80 -19.93
N VAL M 152 37.55 -25.50 -19.62
CA VAL M 152 36.82 -26.33 -20.57
C VAL M 152 36.17 -25.51 -21.66
N ALA M 153 35.52 -24.42 -21.26
CA ALA M 153 34.89 -23.48 -22.18
C ALA M 153 35.84 -23.08 -23.29
N GLU M 154 37.09 -22.81 -22.93
CA GLU M 154 38.09 -22.38 -23.90
C GLU M 154 38.17 -23.45 -25.01
N GLN M 155 38.40 -24.70 -24.61
CA GLN M 155 38.47 -25.80 -25.58
C GLN M 155 37.19 -25.94 -26.43
N LEU M 156 36.03 -25.76 -25.79
CA LEU M 156 34.74 -25.86 -26.45
C LEU M 156 34.58 -24.78 -27.51
N ARG M 157 34.77 -23.52 -27.12
CA ARG M 157 34.78 -22.40 -28.05
C ARG M 157 35.67 -22.66 -29.27
N ALA M 158 36.83 -23.29 -29.08
CA ALA M 158 37.69 -23.57 -30.24
C ALA M 158 36.99 -24.55 -31.23
N TYR M 159 36.24 -25.52 -30.72
CA TYR M 159 35.49 -26.47 -31.55
C TYR M 159 34.37 -25.81 -32.33
N LEU M 160 33.49 -25.14 -31.61
CA LEU M 160 32.30 -24.57 -32.20
C LEU M 160 32.63 -23.53 -33.26
N GLU M 161 33.72 -22.78 -33.05
CA GLU M 161 34.14 -21.72 -33.99
C GLU M 161 35.11 -22.21 -35.04
N GLY M 162 35.59 -23.44 -34.89
CA GLY M 162 36.62 -24.00 -35.78
C GLY M 162 36.11 -25.25 -36.46
N THR M 163 36.43 -26.40 -35.89
CA THR M 163 36.09 -27.71 -36.45
C THR M 163 34.61 -27.89 -36.79
N CYS M 164 33.75 -27.48 -35.87
CA CYS M 164 32.33 -27.74 -35.98
C CYS M 164 31.79 -27.15 -37.27
N VAL M 165 32.24 -25.93 -37.55
CA VAL M 165 31.68 -25.15 -38.63
C VAL M 165 32.31 -25.56 -39.97
N GLU M 166 33.58 -25.93 -39.91
CA GLU M 166 34.28 -26.44 -41.09
C GLU M 166 33.58 -27.70 -41.60
N TRP M 167 33.25 -28.60 -40.69
CA TRP M 167 32.58 -29.82 -41.07
C TRP M 167 31.15 -29.63 -41.53
N LEU M 168 30.47 -28.66 -40.95
CA LEU M 168 29.11 -28.33 -41.39
C LEU M 168 29.12 -27.81 -42.84
N ARG M 169 30.15 -27.07 -43.21
CA ARG M 169 30.26 -26.63 -44.62
C ARG M 169 30.47 -27.80 -45.57
N ARG M 170 31.41 -28.67 -45.23
CA ARG M 170 31.67 -29.87 -46.01
C ARG M 170 30.39 -30.70 -46.20
N TYR M 171 29.59 -30.84 -45.14
CA TYR M 171 28.36 -31.62 -45.22
C TYR M 171 27.37 -30.94 -46.12
N LEU M 172 27.26 -29.62 -45.99
CA LEU M 172 26.39 -28.85 -46.86
C LEU M 172 26.85 -28.87 -48.30
N GLU M 173 28.16 -28.92 -48.54
CA GLU M 173 28.66 -28.98 -49.92
C GLU M 173 28.37 -30.36 -50.49
N ASN M 174 28.76 -31.40 -49.75
CA ASN M 174 28.52 -32.79 -50.15
C ASN M 174 27.02 -33.15 -50.25
N GLY M 175 26.19 -32.49 -49.45
CA GLY M 175 24.76 -32.80 -49.38
C GLY M 175 23.91 -31.80 -50.13
N LYS M 176 24.53 -31.10 -51.08
CA LYS M 176 23.90 -30.01 -51.84
C LYS M 176 22.50 -30.32 -52.34
N GLU M 177 22.33 -31.50 -52.91
CA GLU M 177 21.12 -31.83 -53.66
C GLU M 177 19.90 -32.14 -52.78
N THR M 178 20.12 -32.26 -51.46
CA THR M 178 19.03 -32.51 -50.52
C THR M 178 18.94 -31.45 -49.44
N LEU M 179 20.07 -31.10 -48.83
CA LEU M 179 20.12 -30.12 -47.75
C LEU M 179 19.82 -28.68 -48.20
N GLN M 180 20.27 -28.32 -49.40
CA GLN M 180 20.04 -26.99 -49.94
C GLN M 180 18.79 -26.97 -50.81
N ARG M 181 17.97 -28.02 -50.71
CA ARG M 181 16.66 -28.05 -51.34
C ARG M 181 15.67 -27.38 -50.43
N THR M 182 14.57 -26.93 -51.00
CA THR M 182 13.36 -26.69 -50.24
C THR M 182 12.21 -27.32 -51.02
N ASP M 183 11.27 -27.90 -50.29
CA ASP M 183 10.04 -28.44 -50.83
C ASP M 183 8.93 -27.57 -50.33
N ALA M 184 8.27 -26.85 -51.23
CA ALA M 184 7.14 -26.03 -50.85
C ALA M 184 6.02 -26.97 -50.43
N PRO M 185 5.18 -26.54 -49.47
CA PRO M 185 4.05 -27.36 -49.10
C PRO M 185 3.00 -27.46 -50.21
N LYS M 186 2.25 -28.55 -50.20
CA LYS M 186 1.09 -28.73 -51.04
C LYS M 186 -0.07 -28.55 -50.10
N THR M 187 -1.05 -27.76 -50.51
CA THR M 187 -2.10 -27.40 -49.61
C THR M 187 -3.47 -27.65 -50.19
N HIS M 188 -4.46 -27.75 -49.30
CA HIS M 188 -5.84 -27.88 -49.68
C HIS M 188 -6.63 -27.66 -48.40
N MET M 189 -7.93 -27.49 -48.50
CA MET M 189 -8.79 -27.28 -47.35
C MET M 189 -9.94 -28.25 -47.44
N THR M 190 -10.43 -28.73 -46.30
CA THR M 190 -11.61 -29.60 -46.25
C THR M 190 -12.72 -28.87 -45.54
N HIS M 191 -13.95 -29.36 -45.74
CA HIS M 191 -15.16 -28.81 -45.10
C HIS M 191 -15.91 -29.97 -44.46
N HIS M 192 -16.37 -29.79 -43.23
CA HIS M 192 -17.04 -30.85 -42.48
C HIS M 192 -18.09 -30.24 -41.56
N ALA M 193 -19.34 -30.31 -41.99
CA ALA M 193 -20.47 -29.88 -41.21
C ALA M 193 -20.46 -30.72 -39.95
N VAL M 194 -20.74 -30.13 -38.81
CA VAL M 194 -20.82 -30.93 -37.58
C VAL M 194 -22.19 -30.80 -36.90
N SER M 195 -22.91 -29.72 -37.21
CA SER M 195 -24.31 -29.59 -36.83
C SER M 195 -25.03 -28.77 -37.89
N ASP M 196 -26.27 -28.42 -37.63
CA ASP M 196 -27.07 -27.60 -38.55
C ASP M 196 -26.66 -26.12 -38.59
N HIS M 197 -25.76 -25.69 -37.72
CA HIS M 197 -25.38 -24.27 -37.66
C HIS M 197 -23.86 -24.05 -37.56
N GLU M 198 -23.07 -25.12 -37.48
CA GLU M 198 -21.61 -25.02 -37.52
C GLU M 198 -20.97 -26.03 -38.47
N ALA M 199 -19.67 -25.79 -38.73
CA ALA M 199 -18.88 -26.64 -39.61
C ALA M 199 -17.36 -26.47 -39.38
N THR M 200 -16.60 -27.55 -39.58
CA THR M 200 -15.14 -27.48 -39.49
C THR M 200 -14.48 -27.18 -40.82
N LEU M 201 -13.65 -26.16 -40.84
CA LEU M 201 -12.81 -25.90 -41.99
C LEU M 201 -11.41 -26.28 -41.51
N ARG M 202 -10.76 -27.21 -42.21
CA ARG M 202 -9.41 -27.58 -41.87
C ARG M 202 -8.49 -27.27 -43.03
N CYS M 203 -7.33 -26.68 -42.73
CA CYS M 203 -6.37 -26.24 -43.74
C CYS M 203 -5.11 -27.10 -43.65
N TRP M 204 -4.60 -27.59 -44.78
CA TRP M 204 -3.55 -28.62 -44.78
C TRP M 204 -2.28 -28.20 -45.51
N ALA M 205 -1.12 -28.44 -44.89
CA ALA M 205 0.16 -28.31 -45.59
C ALA M 205 0.85 -29.66 -45.64
N LEU M 206 1.26 -30.09 -46.83
CA LEU M 206 1.86 -31.43 -46.99
C LEU M 206 3.17 -31.43 -47.76
N SER M 207 4.02 -32.40 -47.45
CA SER M 207 5.27 -32.64 -48.18
C SER M 207 6.24 -31.47 -48.19
N PHE M 208 6.27 -30.67 -47.14
CA PHE M 208 7.23 -29.56 -47.10
C PHE M 208 8.49 -29.90 -46.31
N TYR M 209 9.57 -29.19 -46.65
CA TYR M 209 10.85 -29.26 -45.96
C TYR M 209 11.55 -27.93 -46.21
N PRO M 210 12.17 -27.33 -45.19
CA PRO M 210 12.30 -27.78 -43.80
C PRO M 210 10.99 -27.66 -43.01
N ALA M 211 11.01 -28.15 -41.78
CA ALA M 211 9.82 -28.27 -40.92
C ALA M 211 9.14 -26.95 -40.57
N GLU M 212 9.89 -25.87 -40.61
CA GLU M 212 9.40 -24.54 -40.24
C GLU M 212 8.29 -24.08 -41.18
N ILE M 213 7.16 -23.67 -40.61
CA ILE M 213 5.99 -23.31 -41.39
C ILE M 213 5.03 -22.52 -40.52
N THR M 214 4.29 -21.58 -41.09
CA THR M 214 3.23 -20.91 -40.34
C THR M 214 1.90 -21.09 -41.05
N LEU M 215 0.93 -21.60 -40.30
CA LEU M 215 -0.44 -21.79 -40.74
C LEU M 215 -1.26 -20.90 -39.83
N THR M 216 -2.18 -20.13 -40.41
CA THR M 216 -2.97 -19.20 -39.64
C THR M 216 -4.29 -18.93 -40.34
N TRP M 217 -5.37 -18.81 -39.56
CA TRP M 217 -6.70 -18.53 -40.11
C TRP M 217 -7.08 -17.07 -39.93
N GLN M 218 -7.79 -16.51 -40.91
CA GLN M 218 -8.26 -15.12 -40.85
C GLN M 218 -9.76 -15.03 -41.13
N ARG M 219 -10.46 -14.24 -40.32
CA ARG M 219 -11.84 -13.86 -40.62
C ARG M 219 -11.81 -12.40 -40.99
N ASP M 220 -12.33 -12.06 -42.17
CA ASP M 220 -12.40 -10.68 -42.64
C ASP M 220 -11.02 -10.01 -42.55
N GLY M 221 -9.99 -10.71 -43.02
CA GLY M 221 -8.62 -10.24 -42.94
C GLY M 221 -7.99 -10.22 -41.55
N GLU M 222 -8.74 -10.59 -40.51
CA GLU M 222 -8.25 -10.52 -39.13
C GLU M 222 -7.92 -11.91 -38.61
N ASP M 223 -6.83 -12.03 -37.86
CA ASP M 223 -6.42 -13.32 -37.31
C ASP M 223 -7.47 -13.90 -36.34
N GLN M 224 -7.37 -15.20 -36.08
CA GLN M 224 -8.31 -15.93 -35.23
C GLN M 224 -7.58 -16.85 -34.26
N THR M 225 -6.32 -16.51 -33.96
CA THR M 225 -5.43 -17.39 -33.18
C THR M 225 -6.07 -18.02 -31.94
N GLN M 226 -6.95 -17.27 -31.28
CA GLN M 226 -7.74 -17.80 -30.17
C GLN M 226 -8.63 -18.97 -30.60
N ASP M 227 -9.35 -18.80 -31.72
CA ASP M 227 -10.42 -19.72 -32.12
C ASP M 227 -9.97 -20.95 -32.93
N THR M 228 -8.72 -20.94 -33.42
CA THR M 228 -8.25 -22.05 -34.25
C THR M 228 -7.75 -23.21 -33.38
N GLU M 229 -7.32 -24.28 -34.05
CA GLU M 229 -6.65 -25.42 -33.42
C GLU M 229 -5.45 -25.80 -34.28
N LEU M 230 -4.27 -25.87 -33.67
CA LEU M 230 -3.04 -26.23 -34.37
C LEU M 230 -2.55 -27.55 -33.85
N VAL M 231 -2.16 -28.45 -34.75
CA VAL M 231 -1.44 -29.63 -34.31
C VAL M 231 0.05 -29.38 -34.43
N GLU M 232 0.84 -30.10 -33.66
CA GLU M 232 2.28 -30.04 -33.78
C GLU M 232 2.67 -30.53 -35.18
N THR M 233 3.68 -29.88 -35.75
CA THR M 233 4.25 -30.29 -37.02
C THR M 233 4.86 -31.67 -36.89
N ARG M 234 4.54 -32.55 -37.82
CA ARG M 234 4.92 -33.95 -37.69
C ARG M 234 5.64 -34.44 -38.94
N PRO M 235 6.59 -35.39 -38.76
CA PRO M 235 7.34 -35.95 -39.87
C PRO M 235 6.46 -36.92 -40.66
N ALA M 236 6.56 -36.85 -42.00
CA ALA M 236 5.82 -37.77 -42.86
C ALA M 236 6.52 -39.12 -42.97
N GLY M 237 7.80 -39.17 -42.58
CA GLY M 237 8.58 -40.40 -42.58
C GLY M 237 9.57 -40.53 -43.73
N ASP M 238 9.49 -39.62 -44.69
CA ASP M 238 10.32 -39.69 -45.91
C ASP M 238 11.28 -38.51 -46.02
N GLY M 239 11.24 -37.62 -45.03
CA GLY M 239 12.10 -36.47 -45.07
C GLY M 239 11.31 -35.18 -45.07
N THR M 240 10.07 -35.23 -45.50
CA THR M 240 9.24 -34.03 -45.49
C THR M 240 8.41 -34.00 -44.21
N PHE M 241 7.64 -32.94 -44.01
CA PHE M 241 6.83 -32.76 -42.81
C PHE M 241 5.41 -32.38 -43.19
N GLN M 242 4.53 -32.34 -42.19
CA GLN M 242 3.12 -32.02 -42.40
C GLN M 242 2.56 -31.23 -41.21
N LYS M 243 1.45 -30.53 -41.46
CA LYS M 243 0.76 -29.79 -40.41
C LYS M 243 -0.61 -29.33 -40.90
N TRP M 244 -1.58 -29.26 -39.99
CA TRP M 244 -2.89 -28.69 -40.31
C TRP M 244 -3.39 -27.74 -39.22
N ALA M 245 -4.32 -26.88 -39.60
CA ALA M 245 -4.97 -25.93 -38.68
C ALA M 245 -6.47 -25.94 -38.98
N ALA M 246 -7.29 -25.88 -37.94
CA ALA M 246 -8.74 -25.98 -38.09
C ALA M 246 -9.43 -24.89 -37.27
N VAL M 247 -10.61 -24.48 -37.74
CA VAL M 247 -11.47 -23.53 -37.06
C VAL M 247 -12.91 -23.98 -37.27
N VAL M 248 -13.81 -23.60 -36.35
CA VAL M 248 -15.20 -23.99 -36.42
C VAL M 248 -16.04 -22.74 -36.67
N VAL M 249 -16.67 -22.68 -37.85
CA VAL M 249 -17.37 -21.48 -38.29
C VAL M 249 -18.87 -21.71 -38.33
N PRO M 250 -19.65 -20.63 -38.22
CA PRO M 250 -21.09 -20.77 -38.32
C PRO M 250 -21.50 -20.94 -39.77
N SER M 251 -22.57 -21.69 -40.02
CA SER M 251 -22.99 -21.97 -41.40
C SER M 251 -23.32 -20.69 -42.15
N GLY M 252 -23.06 -20.67 -43.45
CA GLY M 252 -23.31 -19.50 -44.28
C GLY M 252 -22.27 -18.40 -44.17
N GLN M 253 -21.15 -18.69 -43.50
CA GLN M 253 -20.07 -17.72 -43.32
C GLN M 253 -18.71 -18.30 -43.75
N GLU M 254 -18.75 -19.39 -44.50
CA GLU M 254 -17.54 -20.08 -44.93
C GLU M 254 -16.61 -19.17 -45.75
N GLN M 255 -17.20 -18.28 -46.54
CA GLN M 255 -16.42 -17.42 -47.43
C GLN M 255 -15.73 -16.21 -46.75
N ARG M 256 -16.01 -16.00 -45.47
CA ARG M 256 -15.35 -14.92 -44.74
C ARG M 256 -13.97 -15.32 -44.23
N TYR M 257 -13.71 -16.62 -44.22
CA TYR M 257 -12.46 -17.18 -43.71
C TYR M 257 -11.46 -17.45 -44.82
N THR M 258 -10.18 -17.33 -44.49
CA THR M 258 -9.08 -17.69 -45.38
C THR M 258 -7.96 -18.37 -44.60
N CYS M 259 -7.14 -19.13 -45.31
CA CYS M 259 -5.99 -19.76 -44.68
C CYS M 259 -4.74 -19.29 -45.36
N HIS M 260 -3.75 -18.95 -44.53
CA HIS M 260 -2.53 -18.35 -44.98
C HIS M 260 -1.38 -19.26 -44.61
N VAL M 261 -0.56 -19.58 -45.60
CA VAL M 261 0.56 -20.47 -45.42
C VAL M 261 1.87 -19.73 -45.65
N GLN M 262 2.82 -19.93 -44.74
CA GLN M 262 4.12 -19.30 -44.85
C GLN M 262 5.23 -20.33 -44.74
N HIS M 263 6.00 -20.45 -45.80
CA HIS M 263 7.10 -21.41 -45.87
C HIS M 263 8.18 -20.90 -46.80
N GLU M 264 9.43 -21.02 -46.37
CA GLU M 264 10.56 -20.45 -47.11
C GLU M 264 10.72 -21.04 -48.53
N GLY M 265 9.95 -22.08 -48.85
CA GLY M 265 9.88 -22.63 -50.21
C GLY M 265 8.82 -21.99 -51.11
N LEU M 266 7.97 -21.13 -50.54
CA LEU M 266 6.99 -20.39 -51.33
C LEU M 266 7.54 -19.03 -51.75
N PRO M 267 7.56 -18.74 -53.07
CA PRO M 267 7.77 -17.38 -53.55
C PRO M 267 7.11 -16.31 -52.68
N LYS M 268 5.84 -16.53 -52.33
CA LYS M 268 5.16 -15.65 -51.39
C LYS M 268 4.03 -16.36 -50.65
N PRO M 269 3.60 -15.81 -49.50
CA PRO M 269 2.50 -16.34 -48.71
C PRO M 269 1.24 -16.71 -49.49
N LEU M 270 0.89 -17.98 -49.48
CA LEU M 270 -0.38 -18.44 -50.03
C LEU M 270 -1.55 -17.95 -49.19
N THR M 271 -2.64 -17.66 -49.88
CA THR M 271 -3.93 -17.43 -49.26
C THR M 271 -4.92 -18.39 -49.94
N LEU M 272 -5.30 -19.46 -49.25
CA LEU M 272 -6.33 -20.35 -49.75
C LEU M 272 -7.68 -19.71 -49.40
N ARG M 273 -8.60 -19.63 -50.36
CA ARG M 273 -9.91 -19.04 -50.08
C ARG M 273 -11.07 -19.93 -50.48
N TRP M 274 -12.22 -19.65 -49.87
CA TRP M 274 -13.44 -20.40 -50.09
C TRP M 274 -14.26 -19.75 -51.22
N GLU M 275 -13.84 -20.03 -52.46
CA GLU M 275 -14.54 -19.56 -53.65
C GLU M 275 -15.54 -20.63 -54.11
N PRO M 276 -16.85 -20.32 -54.07
CA PRO M 276 -17.90 -21.30 -54.42
C PRO M 276 -17.67 -22.04 -55.73
N MET N 1 12.53 -34.70 -10.50
CA MET N 1 12.22 -35.52 -11.70
C MET N 1 10.85 -35.14 -12.24
N ILE N 2 10.83 -34.51 -13.42
CA ILE N 2 9.56 -34.14 -14.03
C ILE N 2 9.07 -35.29 -14.91
N GLN N 3 7.78 -35.27 -15.20
CA GLN N 3 7.17 -36.28 -16.03
C GLN N 3 6.15 -35.63 -16.95
N ARG N 4 6.31 -35.86 -18.23
CA ARG N 4 5.44 -35.28 -19.23
C ARG N 4 4.72 -36.39 -19.99
N THR N 5 3.42 -36.21 -20.13
CA THR N 5 2.56 -37.18 -20.80
C THR N 5 2.70 -37.02 -22.32
N PRO N 6 2.65 -38.13 -23.07
CA PRO N 6 2.83 -38.06 -24.51
C PRO N 6 1.69 -37.41 -25.27
N LYS N 7 2.03 -36.84 -26.43
CA LYS N 7 1.06 -36.39 -27.40
C LYS N 7 1.07 -37.43 -28.49
N ILE N 8 -0.10 -37.78 -29.03
CA ILE N 8 -0.15 -38.87 -30.00
C ILE N 8 -0.84 -38.41 -31.30
N GLN N 9 -0.24 -38.74 -32.44
CA GLN N 9 -0.85 -38.52 -33.74
C GLN N 9 -0.71 -39.77 -34.62
N VAL N 10 -1.83 -40.21 -35.18
CA VAL N 10 -1.87 -41.33 -36.11
C VAL N 10 -2.28 -40.83 -37.49
N TYR N 11 -1.47 -41.11 -38.50
CA TYR N 11 -1.70 -40.57 -39.84
C TYR N 11 -0.96 -41.41 -40.84
N SER N 12 -1.23 -41.15 -42.13
CA SER N 12 -0.55 -41.85 -43.22
C SER N 12 0.54 -40.95 -43.82
N ARG N 13 1.61 -41.56 -44.34
CA ARG N 13 2.71 -40.81 -44.96
C ARG N 13 2.16 -40.00 -46.14
N HIS N 14 1.57 -40.69 -47.11
CA HIS N 14 0.94 -40.04 -48.26
C HIS N 14 -0.57 -40.06 -48.04
N PRO N 15 -1.31 -39.22 -48.78
CA PRO N 15 -2.77 -39.20 -48.63
C PRO N 15 -3.38 -40.61 -48.80
N ALA N 16 -4.27 -41.00 -47.89
CA ALA N 16 -4.79 -42.34 -47.90
C ALA N 16 -5.69 -42.54 -49.12
N GLU N 17 -5.34 -43.53 -49.92
CA GLU N 17 -6.15 -43.97 -51.04
C GLU N 17 -6.34 -45.49 -50.94
N ASN N 18 -7.57 -45.94 -50.70
CA ASN N 18 -7.87 -47.38 -50.58
C ASN N 18 -7.31 -48.19 -51.73
N GLY N 19 -6.66 -49.31 -51.40
CA GLY N 19 -6.06 -50.21 -52.40
C GLY N 19 -4.62 -49.89 -52.75
N LYS N 20 -4.11 -48.77 -52.25
CA LYS N 20 -2.80 -48.26 -52.62
C LYS N 20 -1.82 -48.30 -51.42
N SER N 21 -0.61 -48.80 -51.65
CA SER N 21 0.36 -48.97 -50.57
C SER N 21 0.88 -47.61 -50.09
N ASN N 22 1.18 -47.55 -48.80
CA ASN N 22 1.36 -46.29 -48.08
C ASN N 22 2.14 -46.62 -46.79
N PHE N 23 2.30 -45.66 -45.89
CA PHE N 23 2.87 -45.94 -44.58
C PHE N 23 1.95 -45.44 -43.50
N LEU N 24 1.81 -46.22 -42.44
CA LEU N 24 1.03 -45.81 -41.29
C LEU N 24 2.01 -45.25 -40.26
N ASN N 25 1.65 -44.13 -39.65
CA ASN N 25 2.55 -43.48 -38.69
C ASN N 25 1.88 -43.32 -37.33
N CYS N 26 2.67 -43.51 -36.29
CA CYS N 26 2.32 -43.05 -34.96
C CYS N 26 3.49 -42.19 -34.50
N TYR N 27 3.19 -40.91 -34.31
CA TYR N 27 4.15 -39.94 -33.84
C TYR N 27 3.81 -39.60 -32.42
N VAL N 28 4.76 -39.85 -31.53
CA VAL N 28 4.58 -39.57 -30.11
C VAL N 28 5.63 -38.55 -29.68
N SER N 29 5.20 -37.49 -29.00
CA SER N 29 6.09 -36.37 -28.66
C SER N 29 5.71 -35.79 -27.32
N GLY N 30 6.56 -34.91 -26.79
CA GLY N 30 6.30 -34.21 -25.52
C GLY N 30 6.37 -35.03 -24.24
N PHE N 31 6.91 -36.24 -24.32
CA PHE N 31 6.92 -37.13 -23.17
C PHE N 31 8.28 -37.27 -22.51
N HIS N 32 8.24 -37.58 -21.21
CA HIS N 32 9.42 -37.79 -20.40
C HIS N 32 8.98 -38.66 -19.23
N PRO N 33 9.74 -39.70 -18.87
CA PRO N 33 11.03 -40.12 -19.41
C PRO N 33 10.87 -40.93 -20.69
N SER N 34 11.97 -41.50 -21.14
CA SER N 34 12.09 -42.11 -22.46
C SER N 34 11.40 -43.47 -22.66
N ASP N 35 11.19 -44.22 -21.58
CA ASP N 35 10.55 -45.54 -21.70
C ASP N 35 9.12 -45.41 -22.19
N ILE N 36 8.83 -46.02 -23.33
CA ILE N 36 7.53 -45.90 -23.95
C ILE N 36 7.20 -47.14 -24.78
N GLU N 37 5.94 -47.52 -24.80
CA GLU N 37 5.50 -48.68 -25.56
C GLU N 37 4.46 -48.21 -26.59
N VAL N 38 4.78 -48.42 -27.85
CA VAL N 38 3.94 -48.05 -28.98
C VAL N 38 3.73 -49.26 -29.88
N ASP N 39 2.48 -49.67 -29.99
CA ASP N 39 2.08 -50.67 -30.94
C ASP N 39 1.17 -50.03 -31.96
N LEU N 40 1.21 -50.54 -33.18
CA LEU N 40 0.24 -50.21 -34.21
C LEU N 40 -0.70 -51.42 -34.41
N LEU N 41 -2.01 -51.16 -34.42
CA LEU N 41 -3.01 -52.22 -34.49
C LEU N 41 -3.74 -52.31 -35.83
N LYS N 42 -3.89 -53.54 -36.33
CA LYS N 42 -4.83 -53.83 -37.41
C LYS N 42 -6.04 -54.59 -36.86
N ASN N 43 -7.20 -53.96 -36.92
CA ASN N 43 -8.44 -54.53 -36.37
C ASN N 43 -8.27 -54.99 -34.92
N GLY N 44 -7.51 -54.21 -34.15
CA GLY N 44 -7.27 -54.49 -32.73
C GLY N 44 -6.03 -55.32 -32.44
N GLU N 45 -5.59 -56.13 -33.41
CA GLU N 45 -4.38 -56.96 -33.26
C GLU N 45 -3.12 -56.16 -33.57
N ARG N 46 -2.07 -56.34 -32.78
CA ARG N 46 -0.81 -55.60 -33.04
C ARG N 46 -0.14 -56.11 -34.33
N ILE N 47 0.57 -55.19 -34.99
CA ILE N 47 1.34 -55.48 -36.19
C ILE N 47 2.79 -55.70 -35.76
N GLU N 48 3.48 -56.64 -36.42
CA GLU N 48 4.76 -57.14 -35.89
C GLU N 48 6.00 -56.55 -36.53
N LYS N 49 5.92 -56.14 -37.80
CA LYS N 49 7.11 -55.64 -38.49
C LYS N 49 7.17 -54.12 -38.39
N VAL N 50 7.00 -53.62 -37.17
CA VAL N 50 6.87 -52.18 -36.93
C VAL N 50 8.25 -51.60 -36.58
N GLU N 51 8.60 -50.49 -37.24
CA GLU N 51 9.88 -49.83 -37.02
C GLU N 51 9.64 -48.50 -36.36
N HIS N 52 10.74 -47.91 -35.87
CA HIS N 52 10.68 -46.58 -35.28
C HIS N 52 11.95 -45.75 -35.55
N SER N 53 11.82 -44.44 -35.42
CA SER N 53 12.96 -43.55 -35.52
C SER N 53 13.86 -43.60 -34.27
N ASP N 54 15.12 -43.21 -34.46
CA ASP N 54 16.04 -43.04 -33.37
C ASP N 54 15.60 -41.94 -32.42
N LEU N 55 15.72 -42.23 -31.13
CA LEU N 55 15.22 -41.35 -30.11
C LEU N 55 15.95 -40.01 -30.15
N SER N 56 15.17 -38.94 -30.16
CA SER N 56 15.70 -37.60 -30.05
C SER N 56 14.75 -36.77 -29.19
N PHE N 57 15.13 -35.52 -28.94
CA PHE N 57 14.36 -34.64 -28.07
C PHE N 57 14.33 -33.20 -28.54
N SER N 58 13.37 -32.46 -27.99
CA SER N 58 13.05 -31.07 -28.35
C SER N 58 13.68 -30.08 -27.40
N LYS N 59 13.48 -28.80 -27.69
CA LYS N 59 14.08 -27.71 -26.90
C LYS N 59 13.77 -27.77 -25.38
N ASP N 60 12.61 -28.32 -25.03
CA ASP N 60 12.18 -28.43 -23.65
C ASP N 60 12.61 -29.75 -22.98
N TRP N 61 13.44 -30.53 -23.66
CA TRP N 61 13.96 -31.82 -23.17
C TRP N 61 13.02 -33.01 -23.36
N SER N 62 11.80 -32.75 -23.83
CA SER N 62 10.81 -33.82 -24.06
C SER N 62 11.17 -34.66 -25.30
N PHE N 63 10.90 -35.96 -25.26
CA PHE N 63 11.31 -36.87 -26.34
C PHE N 63 10.24 -36.99 -27.42
N TYR N 64 10.66 -37.46 -28.60
CA TYR N 64 9.73 -37.78 -29.69
C TYR N 64 10.21 -38.98 -30.54
N LEU N 65 9.25 -39.73 -31.09
CA LEU N 65 9.52 -40.95 -31.87
C LEU N 65 8.43 -41.11 -32.94
N LEU N 66 8.82 -41.60 -34.11
CA LEU N 66 7.88 -41.97 -35.16
C LEU N 66 7.89 -43.48 -35.32
N TYR N 67 6.72 -44.09 -35.17
CA TYR N 67 6.58 -45.52 -35.43
C TYR N 67 5.91 -45.61 -36.76
N TYR N 68 6.25 -46.62 -37.56
CA TYR N 68 5.74 -46.72 -38.90
C TYR N 68 5.80 -48.12 -39.46
N THR N 69 4.89 -48.40 -40.39
CA THR N 69 4.84 -49.66 -41.07
C THR N 69 4.13 -49.56 -42.43
N GLU N 70 4.69 -50.24 -43.42
CA GLU N 70 4.06 -50.37 -44.72
C GLU N 70 2.66 -50.99 -44.53
N PHE N 71 1.67 -50.48 -45.25
CA PHE N 71 0.34 -51.08 -45.24
C PHE N 71 -0.48 -50.67 -46.48
N THR N 72 -1.56 -51.41 -46.74
CA THR N 72 -2.48 -51.08 -47.82
C THR N 72 -3.87 -50.87 -47.25
N PRO N 73 -4.26 -49.61 -47.01
CA PRO N 73 -5.58 -49.41 -46.46
C PRO N 73 -6.68 -49.86 -47.41
N THR N 74 -7.75 -50.39 -46.82
CA THR N 74 -8.95 -50.79 -47.54
C THR N 74 -10.10 -50.50 -46.59
N GLU N 75 -11.32 -50.41 -47.12
CA GLU N 75 -12.45 -49.98 -46.28
C GLU N 75 -12.86 -51.00 -45.22
N LYS N 76 -12.53 -52.28 -45.42
CA LYS N 76 -12.88 -53.29 -44.43
C LYS N 76 -12.07 -53.20 -43.13
N ASN N 77 -10.94 -52.49 -43.15
CA ASN N 77 -10.00 -52.51 -42.01
C ASN N 77 -9.85 -51.17 -41.26
N GLU N 78 -9.73 -51.27 -39.94
CA GLU N 78 -9.55 -50.11 -39.07
C GLU N 78 -8.18 -50.24 -38.42
N TYR N 79 -7.57 -49.09 -38.17
CA TYR N 79 -6.22 -49.05 -37.66
C TYR N 79 -6.17 -48.12 -36.48
N ALA N 80 -5.21 -48.35 -35.60
CA ALA N 80 -5.04 -47.50 -34.42
C ALA N 80 -3.60 -47.54 -33.94
N CYS N 81 -3.30 -46.69 -32.97
CA CYS N 81 -2.02 -46.70 -32.27
C CYS N 81 -2.34 -46.92 -30.81
N ARG N 82 -1.60 -47.80 -30.16
CA ARG N 82 -1.74 -48.06 -28.73
C ARG N 82 -0.44 -47.67 -28.05
N VAL N 83 -0.53 -46.74 -27.10
CA VAL N 83 0.65 -46.21 -26.44
C VAL N 83 0.54 -46.38 -24.93
N ASN N 84 1.63 -46.81 -24.29
CA ASN N 84 1.66 -46.87 -22.83
C ASN N 84 2.92 -46.22 -22.28
N HIS N 85 2.74 -45.42 -21.24
CA HIS N 85 3.81 -44.63 -20.68
C HIS N 85 3.57 -44.56 -19.18
N VAL N 86 4.61 -44.29 -18.41
CA VAL N 86 4.45 -44.28 -16.97
C VAL N 86 3.45 -43.21 -16.49
N THR N 87 3.24 -42.16 -17.26
CA THR N 87 2.27 -41.10 -16.94
C THR N 87 0.80 -41.45 -17.26
N LEU N 88 0.56 -42.53 -17.99
CA LEU N 88 -0.79 -42.98 -18.31
C LEU N 88 -1.25 -44.05 -17.34
N SER N 89 -2.47 -43.90 -16.82
CA SER N 89 -3.05 -44.87 -15.89
C SER N 89 -3.49 -46.14 -16.60
N GLN N 90 -3.69 -46.06 -17.91
CA GLN N 90 -3.82 -47.27 -18.73
C GLN N 90 -3.47 -46.92 -20.17
N PRO N 91 -3.30 -47.93 -21.05
CA PRO N 91 -2.95 -47.64 -22.42
C PRO N 91 -3.96 -46.71 -23.10
N LYS N 92 -3.46 -45.77 -23.89
CA LYS N 92 -4.30 -44.89 -24.69
C LYS N 92 -4.27 -45.35 -26.13
N ILE N 93 -5.46 -45.48 -26.72
CA ILE N 93 -5.65 -45.97 -28.09
C ILE N 93 -6.22 -44.86 -28.96
N VAL N 94 -5.45 -44.39 -29.94
CA VAL N 94 -5.91 -43.36 -30.87
C VAL N 94 -6.19 -43.98 -32.25
N LYS N 95 -7.47 -44.05 -32.60
CA LYS N 95 -7.93 -44.58 -33.90
C LYS N 95 -7.41 -43.71 -35.02
N TRP N 96 -6.99 -44.34 -36.11
CA TRP N 96 -6.60 -43.62 -37.29
C TRP N 96 -7.84 -43.06 -38.00
N ASP N 97 -7.89 -41.74 -38.12
CA ASP N 97 -8.95 -41.05 -38.83
C ASP N 97 -8.37 -40.53 -40.13
N ARG N 98 -8.82 -41.09 -41.25
CA ARG N 98 -8.26 -40.77 -42.56
C ARG N 98 -8.23 -39.28 -42.94
N ASP N 99 -8.93 -38.43 -42.18
CA ASP N 99 -8.84 -36.96 -42.34
C ASP N 99 -8.40 -36.26 -41.05
N MET N 100 -7.24 -36.67 -40.51
CA MET N 100 -6.56 -35.95 -39.40
C MET N 100 -5.08 -36.36 -39.31
N TYR O 1 30.73 -34.10 -37.21
CA TYR O 1 32.05 -34.32 -36.60
C TYR O 1 31.98 -33.99 -35.09
N LEU O 2 32.04 -35.02 -34.25
CA LEU O 2 31.90 -34.85 -32.80
C LEU O 2 33.13 -34.23 -32.18
N LEU O 3 32.96 -33.70 -30.96
CA LEU O 3 34.08 -33.31 -30.12
C LEU O 3 35.01 -34.49 -29.89
N MET O 4 36.31 -34.22 -29.84
CA MET O 4 37.30 -35.27 -29.62
C MET O 4 37.06 -35.99 -28.30
N TRP O 5 36.59 -35.27 -27.28
CA TRP O 5 36.17 -35.89 -26.03
C TRP O 5 35.23 -34.96 -25.27
N ILE O 6 34.50 -35.49 -24.29
CA ILE O 6 33.72 -34.63 -23.38
C ILE O 6 34.08 -34.83 -21.90
N THR O 7 34.13 -33.71 -21.17
CA THR O 7 34.59 -33.72 -19.76
C THR O 7 33.49 -34.13 -18.76
N GLN O 8 33.88 -34.95 -17.79
CA GLN O 8 33.00 -35.40 -16.73
C GLN O 8 32.35 -34.24 -15.97
N VAL O 9 31.17 -34.50 -15.43
CA VAL O 9 30.38 -33.49 -14.76
C VAL O 9 30.83 -33.34 -13.28
N GLY P 1 8.97 38.48 89.85
CA GLY P 1 9.98 39.46 89.31
C GLY P 1 9.47 40.89 89.40
N SER P 2 10.38 41.85 89.51
CA SER P 2 9.97 43.25 89.58
C SER P 2 9.44 43.74 88.23
N HIS P 3 8.39 44.55 88.26
CA HIS P 3 7.84 45.10 87.03
C HIS P 3 7.91 46.61 87.05
N SER P 4 7.73 47.21 85.87
CA SER P 4 7.84 48.66 85.74
C SER P 4 6.88 49.21 84.71
N MET P 5 6.50 50.46 84.94
CA MET P 5 5.76 51.27 83.99
C MET P 5 6.62 52.49 83.72
N ARG P 6 6.86 52.79 82.46
CA ARG P 6 7.65 53.96 82.08
C ARG P 6 7.07 54.74 80.92
N TYR P 7 7.13 56.06 81.07
CA TYR P 7 6.77 57.01 80.05
C TYR P 7 8.02 57.76 79.64
N PHE P 8 8.31 57.74 78.35
CA PHE P 8 9.43 58.47 77.77
C PHE P 8 8.88 59.60 76.91
N PHE P 9 9.37 60.82 77.11
CA PHE P 9 8.90 61.99 76.37
C PHE P 9 10.07 62.67 75.72
N THR P 10 9.94 63.03 74.44
CA THR P 10 11.00 63.71 73.70
C THR P 10 10.38 64.85 72.95
N SER P 11 11.01 66.01 73.11
CA SER P 11 10.52 67.26 72.57
C SER P 11 11.65 67.97 71.87
N VAL P 12 11.45 68.31 70.59
CA VAL P 12 12.48 68.91 69.77
C VAL P 12 11.96 70.16 69.08
N SER P 13 12.64 71.28 69.30
CA SER P 13 12.30 72.52 68.61
C SER P 13 12.77 72.46 67.15
N ARG P 14 12.06 73.19 66.28
CA ARG P 14 12.32 73.14 64.84
C ARG P 14 12.20 74.55 64.27
N PRO P 15 13.12 75.45 64.66
CA PRO P 15 13.04 76.79 64.16
C PRO P 15 13.12 76.80 62.63
N GLY P 16 12.25 77.57 61.99
CA GLY P 16 12.31 77.71 60.54
C GLY P 16 11.65 76.59 59.75
N ARG P 17 11.16 75.56 60.44
CA ARG P 17 10.51 74.40 59.80
C ARG P 17 9.09 74.11 60.32
N GLY P 18 8.70 74.70 61.44
CA GLY P 18 7.39 74.44 62.01
C GLY P 18 7.43 74.44 63.52
N GLU P 19 6.39 73.85 64.12
CA GLU P 19 6.22 73.79 65.56
C GLU P 19 7.01 72.62 66.14
N PRO P 20 7.24 72.62 67.46
CA PRO P 20 8.08 71.56 68.03
C PRO P 20 7.49 70.16 67.93
N ARG P 21 8.36 69.19 67.65
CA ARG P 21 8.00 67.77 67.62
C ARG P 21 7.85 67.28 69.05
N PHE P 22 6.80 66.51 69.28
CA PHE P 22 6.57 65.91 70.59
C PHE P 22 6.19 64.44 70.42
N ILE P 23 6.99 63.58 71.02
CA ILE P 23 6.79 62.15 71.01
C ILE P 23 6.78 61.61 72.43
N ALA P 24 5.72 60.88 72.76
CA ALA P 24 5.57 60.23 74.04
C ALA P 24 5.32 58.74 73.80
N VAL P 25 5.94 57.92 74.63
CA VAL P 25 5.77 56.49 74.55
C VAL P 25 5.72 55.95 75.96
N GLY P 26 4.76 55.06 76.20
CA GLY P 26 4.66 54.38 77.47
C GLY P 26 5.01 52.92 77.33
N TYR P 27 5.75 52.41 78.32
CA TYR P 27 6.10 50.98 78.39
C TYR P 27 5.64 50.36 79.68
N VAL P 28 5.24 49.10 79.63
CA VAL P 28 5.31 48.24 80.82
C VAL P 28 6.40 47.17 80.58
N ASP P 29 7.33 47.09 81.52
CA ASP P 29 8.56 46.32 81.33
C ASP P 29 9.14 46.61 79.95
N ASP P 30 9.49 45.59 79.18
CA ASP P 30 10.07 45.78 77.84
C ASP P 30 9.03 45.83 76.69
N THR P 31 7.76 46.04 77.01
CA THR P 31 6.68 46.05 76.05
C THR P 31 6.03 47.43 75.93
N GLN P 32 6.16 48.07 74.77
CA GLN P 32 5.47 49.33 74.51
C GLN P 32 3.98 49.11 74.47
N PHE P 33 3.22 49.98 75.12
CA PHE P 33 1.78 49.82 75.19
C PHE P 33 0.94 51.03 74.72
N VAL P 34 1.52 52.20 74.63
CA VAL P 34 0.86 53.35 74.01
C VAL P 34 1.88 54.31 73.38
N ARG P 35 1.39 55.12 72.46
CA ARG P 35 2.20 56.18 71.87
C ARG P 35 1.43 57.44 71.44
N PHE P 36 2.17 58.54 71.39
CA PHE P 36 1.72 59.84 70.85
C PHE P 36 2.84 60.53 70.09
N ASP P 37 2.49 61.08 68.92
CA ASP P 37 3.42 61.79 68.06
C ASP P 37 2.73 62.98 67.46
N SER P 38 3.17 64.18 67.82
CA SER P 38 2.56 65.43 67.36
C SER P 38 2.44 65.52 65.84
N ASP P 39 3.33 64.80 65.13
CA ASP P 39 3.33 64.80 63.66
C ASP P 39 2.34 63.79 63.03
N ALA P 40 1.66 63.00 63.86
CA ALA P 40 0.82 61.93 63.33
C ALA P 40 -0.59 62.44 63.06
N ALA P 41 -1.44 61.63 62.46
CA ALA P 41 -2.72 62.11 61.94
C ALA P 41 -3.86 62.09 62.95
N SER P 42 -3.83 61.15 63.88
CA SER P 42 -4.92 60.92 64.80
C SER P 42 -5.04 62.01 65.86
N GLN P 43 -3.88 62.49 66.32
CA GLN P 43 -3.79 63.46 67.42
C GLN P 43 -4.42 62.90 68.70
N ARG P 44 -4.24 61.59 68.87
CA ARG P 44 -4.77 60.82 69.98
C ARG P 44 -3.60 60.07 70.58
N MET P 45 -3.70 59.73 71.85
CA MET P 45 -2.86 58.70 72.43
C MET P 45 -3.34 57.36 71.82
N GLU P 46 -2.47 56.66 71.10
CA GLU P 46 -2.85 55.40 70.43
C GLU P 46 -2.29 54.16 71.15
N PRO P 47 -3.05 53.06 71.14
CA PRO P 47 -2.59 51.84 71.76
C PRO P 47 -1.53 51.17 70.92
N ARG P 48 -0.65 50.40 71.54
CA ARG P 48 0.32 49.61 70.80
C ARG P 48 0.54 48.24 71.42
N ALA P 49 -0.43 47.79 72.21
CA ALA P 49 -0.45 46.45 72.76
C ALA P 49 -1.91 46.01 72.80
N PRO P 50 -2.18 44.73 72.57
CA PRO P 50 -3.58 44.25 72.52
C PRO P 50 -4.35 44.40 73.83
N TRP P 51 -3.67 44.24 74.97
CA TRP P 51 -4.32 44.25 76.28
C TRP P 51 -4.79 45.64 76.71
N ILE P 52 -4.20 46.69 76.14
CA ILE P 52 -4.63 48.03 76.46
C ILE P 52 -5.92 48.42 75.71
N GLU P 53 -6.23 47.73 74.61
CA GLU P 53 -7.40 48.06 73.76
C GLU P 53 -8.74 47.70 74.43
N GLN P 54 -8.68 46.93 75.51
CA GLN P 54 -9.84 46.70 76.38
C GLN P 54 -10.36 47.99 77.01
N GLU P 55 -9.49 48.97 77.18
CA GLU P 55 -9.86 50.19 77.88
C GLU P 55 -10.84 51.00 77.03
N GLY P 56 -11.76 51.69 77.68
CA GLY P 56 -12.80 52.44 76.99
C GLY P 56 -12.44 53.88 76.64
N PRO P 57 -13.37 54.59 75.99
CA PRO P 57 -13.22 56.00 75.63
C PRO P 57 -12.75 56.93 76.76
N GLU P 58 -13.25 56.71 77.98
CA GLU P 58 -12.78 57.53 79.11
C GLU P 58 -11.28 57.44 79.29
N TYR P 59 -10.74 56.23 79.18
CA TYR P 59 -9.32 56.04 79.31
C TYR P 59 -8.60 56.79 78.19
N TRP P 60 -9.01 56.55 76.94
CA TRP P 60 -8.37 57.19 75.78
C TRP P 60 -8.50 58.72 75.75
N ASP P 61 -9.70 59.23 75.95
CA ASP P 61 -9.91 60.69 75.99
C ASP P 61 -9.05 61.25 77.12
N GLY P 62 -9.14 60.63 78.29
CA GLY P 62 -8.30 60.99 79.43
C GLY P 62 -6.84 61.05 79.07
N GLU P 63 -6.29 59.97 78.50
CA GLU P 63 -4.85 59.94 78.19
C GLU P 63 -4.49 60.90 77.06
N THR P 64 -5.38 61.06 76.08
CA THR P 64 -5.15 62.07 75.05
C THR P 64 -5.02 63.51 75.61
N ARG P 65 -5.91 63.91 76.52
CA ARG P 65 -5.83 65.25 77.13
C ARG P 65 -4.57 65.41 77.95
N LYS P 66 -4.29 64.41 78.78
CA LYS P 66 -3.12 64.47 79.64
C LYS P 66 -1.84 64.54 78.79
N VAL P 67 -1.80 63.84 77.66
CA VAL P 67 -0.58 63.92 76.86
C VAL P 67 -0.48 65.27 76.14
N LYS P 68 -1.59 65.75 75.57
CA LYS P 68 -1.58 67.10 74.95
C LYS P 68 -1.15 68.18 75.96
N ALA P 69 -1.54 68.03 77.21
CA ALA P 69 -1.08 68.93 78.26
C ALA P 69 0.42 68.80 78.50
N HIS P 70 0.95 67.59 78.49
CA HIS P 70 2.40 67.36 78.56
C HIS P 70 3.11 68.10 77.44
N SER P 71 2.58 67.92 76.23
CA SER P 71 3.07 68.58 75.02
C SER P 71 3.20 70.08 75.22
N GLN P 72 2.16 70.71 75.76
CA GLN P 72 2.14 72.16 75.86
C GLN P 72 3.17 72.67 76.87
N THR P 73 3.33 71.94 77.98
CA THR P 73 4.33 72.33 78.96
C THR P 73 5.74 72.25 78.36
N HIS P 74 6.02 71.22 77.56
CA HIS P 74 7.34 71.10 76.93
C HIS P 74 7.62 72.23 75.93
N ARG P 75 6.57 72.68 75.25
CA ARG P 75 6.66 73.81 74.35
C ARG P 75 7.13 75.09 75.06
N VAL P 76 6.51 75.38 76.20
CA VAL P 76 6.93 76.49 77.06
C VAL P 76 8.37 76.33 77.55
N ASP P 77 8.73 75.10 77.92
CA ASP P 77 10.03 74.82 78.51
C ASP P 77 11.18 75.13 77.55
N LEU P 78 11.09 74.59 76.33
CA LEU P 78 12.08 74.92 75.28
C LEU P 78 12.45 76.41 75.27
N GLY P 79 11.44 77.28 75.40
CA GLY P 79 11.66 78.72 75.47
C GLY P 79 12.33 79.17 76.76
N THR P 80 11.82 78.70 77.90
CA THR P 80 12.39 79.08 79.19
C THR P 80 13.85 78.69 79.25
N LEU P 81 14.15 77.47 78.82
CA LEU P 81 15.51 76.95 78.86
C LEU P 81 16.43 77.73 77.94
N ARG P 82 15.90 78.18 76.81
CA ARG P 82 16.68 79.04 75.93
C ARG P 82 17.10 80.34 76.63
N GLY P 83 16.20 80.91 77.42
CA GLY P 83 16.52 82.02 78.34
C GLY P 83 17.62 81.68 79.34
N TYR P 84 17.44 80.61 80.11
CA TYR P 84 18.41 80.26 81.14
C TYR P 84 19.80 80.18 80.59
N TYR P 85 19.97 79.57 79.42
CA TYR P 85 21.30 79.35 78.86
C TYR P 85 21.75 80.48 77.92
N ASN P 86 20.95 81.54 77.85
CA ASN P 86 21.13 82.64 76.88
C ASN P 86 21.50 82.16 75.47
N GLN P 87 20.57 81.43 74.86
CA GLN P 87 20.76 80.89 73.52
C GLN P 87 19.89 81.68 72.54
N SER P 88 20.45 81.99 71.37
CA SER P 88 19.67 82.55 70.27
C SER P 88 18.48 81.64 69.98
N GLU P 89 17.32 82.24 69.70
CA GLU P 89 16.13 81.48 69.34
C GLU P 89 16.22 80.76 68.00
N ALA P 90 17.40 80.76 67.38
CA ALA P 90 17.54 80.22 66.04
C ALA P 90 18.38 78.94 65.99
N GLY P 91 18.32 78.14 67.05
CA GLY P 91 18.90 76.78 67.00
C GLY P 91 17.89 75.71 67.39
N SER P 92 18.14 74.49 66.94
CA SER P 92 17.30 73.35 67.32
C SER P 92 17.77 72.76 68.65
N HIS P 93 16.85 72.63 69.61
CA HIS P 93 17.17 72.08 70.94
C HIS P 93 16.24 70.92 71.34
N THR P 94 16.73 70.06 72.23
CA THR P 94 16.05 68.83 72.65
C THR P 94 15.83 68.81 74.17
N VAL P 95 14.60 68.54 74.58
CA VAL P 95 14.27 68.23 75.96
C VAL P 95 13.75 66.80 76.00
N GLN P 96 14.25 66.03 76.96
CA GLN P 96 13.84 64.65 77.18
C GLN P 96 13.38 64.51 78.63
N ARG P 97 12.30 63.77 78.84
CA ARG P 97 11.82 63.47 80.18
C ARG P 97 11.41 61.99 80.30
N MET P 98 11.74 61.40 81.44
CA MET P 98 11.34 60.01 81.76
C MET P 98 10.84 59.99 83.18
N TYR P 99 9.66 59.43 83.39
CA TYR P 99 9.20 59.12 84.75
C TYR P 99 8.47 57.78 84.78
N GLY P 100 8.41 57.18 85.96
CA GLY P 100 7.72 55.91 86.13
C GLY P 100 7.95 55.23 87.46
N CYS P 101 7.28 54.11 87.66
CA CYS P 101 7.33 53.39 88.94
C CYS P 101 7.63 51.93 88.75
N ASP P 102 8.30 51.36 89.74
CA ASP P 102 8.61 49.93 89.79
C ASP P 102 7.87 49.27 90.96
N VAL P 103 7.44 48.03 90.76
CA VAL P 103 6.97 47.20 91.87
C VAL P 103 7.83 45.91 91.99
N GLY P 104 8.01 45.46 93.23
CA GLY P 104 8.75 44.22 93.49
C GLY P 104 7.88 43.00 93.28
N SER P 105 8.47 41.83 93.49
CA SER P 105 7.82 40.53 93.25
C SER P 105 6.48 40.39 93.94
N ASP P 106 6.31 41.11 95.05
CA ASP P 106 5.05 41.12 95.81
C ASP P 106 4.00 42.10 95.24
N TRP P 107 4.35 42.79 94.15
CA TRP P 107 3.53 43.86 93.52
C TRP P 107 3.34 45.07 94.43
N ARG P 108 4.14 45.15 95.49
CA ARG P 108 4.13 46.31 96.35
C ARG P 108 5.11 47.31 95.74
N PHE P 109 4.91 48.58 96.08
CA PHE P 109 5.76 49.64 95.55
C PHE P 109 7.23 49.39 95.93
N LEU P 110 8.11 49.55 94.96
CA LEU P 110 9.54 49.39 95.15
C LEU P 110 10.29 50.73 94.98
N ARG P 111 9.91 51.50 93.97
CA ARG P 111 10.74 52.63 93.53
C ARG P 111 10.03 53.55 92.53
N GLY P 112 10.44 54.81 92.51
CA GLY P 112 9.91 55.79 91.55
C GLY P 112 11.01 56.70 91.07
N TYR P 113 10.81 57.32 89.91
CA TYR P 113 11.83 58.21 89.34
C TYR P 113 11.26 59.18 88.31
N HIS P 114 11.90 60.33 88.19
CA HIS P 114 11.47 61.38 87.30
C HIS P 114 12.71 62.14 86.87
N GLN P 115 13.10 61.97 85.61
CA GLN P 115 14.35 62.55 85.12
C GLN P 115 14.07 63.46 83.92
N TYR P 116 14.88 64.51 83.85
CA TYR P 116 14.74 65.57 82.87
C TYR P 116 16.13 65.88 82.33
N ALA P 117 16.27 65.91 81.00
CA ALA P 117 17.52 66.26 80.35
C ALA P 117 17.29 67.38 79.35
N TYR P 118 18.37 68.07 79.01
CA TYR P 118 18.33 69.13 78.03
C TYR P 118 19.56 69.04 77.14
N ASP P 119 19.32 69.03 75.83
CA ASP P 119 20.35 68.77 74.83
C ASP P 119 21.20 67.55 75.23
N GLY P 120 20.51 66.49 75.64
CA GLY P 120 21.13 65.20 75.87
C GLY P 120 22.08 65.16 77.04
N LYS P 121 21.78 65.96 78.05
CA LYS P 121 22.58 65.97 79.28
C LYS P 121 21.66 66.14 80.46
N ASP P 122 21.95 65.37 81.52
CA ASP P 122 21.26 65.53 82.81
C ASP P 122 20.99 67.00 83.08
N TYR P 123 19.75 67.32 83.45
CA TYR P 123 19.38 68.67 83.87
C TYR P 123 18.93 68.68 85.33
N ILE P 124 17.75 68.14 85.60
CA ILE P 124 17.25 67.95 86.97
C ILE P 124 16.64 66.55 87.12
N ALA P 125 16.80 65.94 88.31
CA ALA P 125 16.24 64.61 88.62
C ALA P 125 15.71 64.51 90.06
N LEU P 126 14.59 63.82 90.24
CA LEU P 126 14.07 63.51 91.57
C LEU P 126 14.96 62.49 92.24
N LYS P 127 15.45 62.80 93.45
CA LYS P 127 16.29 61.86 94.18
C LYS P 127 15.50 60.61 94.61
N GLU P 128 16.25 59.60 95.03
CA GLU P 128 15.72 58.28 95.32
C GLU P 128 14.63 58.32 96.40
N ASP P 129 14.80 59.21 97.37
CA ASP P 129 13.83 59.47 98.44
C ASP P 129 12.51 60.17 98.02
N LEU P 130 12.43 60.64 96.78
CA LEU P 130 11.19 61.29 96.27
C LEU P 130 10.80 62.59 97.00
N ARG P 131 11.71 63.13 97.81
CA ARG P 131 11.48 64.34 98.59
C ARG P 131 12.35 65.52 98.11
N SER P 132 13.31 65.26 97.24
CA SER P 132 14.24 66.31 96.81
C SER P 132 14.88 66.06 95.44
N TRP P 133 15.62 67.05 94.96
CA TRP P 133 16.07 67.09 93.58
C TRP P 133 17.56 67.21 93.43
N THR P 134 18.04 66.92 92.22
CA THR P 134 19.46 66.98 91.91
C THR P 134 19.67 67.81 90.64
N ALA P 135 20.27 68.98 90.83
CA ALA P 135 20.46 69.95 89.77
C ALA P 135 21.89 69.83 89.24
N ALA P 136 22.03 69.66 87.93
CA ALA P 136 23.33 69.37 87.34
C ALA P 136 24.18 70.63 87.13
N ASP P 137 23.55 71.80 87.21
CA ASP P 137 24.25 73.07 87.03
C ASP P 137 23.43 74.24 87.60
N MET P 138 23.90 75.46 87.35
CA MET P 138 23.26 76.68 87.87
C MET P 138 21.88 76.93 87.26
N ALA P 139 21.73 76.61 85.98
CA ALA P 139 20.42 76.71 85.35
C ALA P 139 19.41 75.81 86.06
N ALA P 140 19.84 74.60 86.43
CA ALA P 140 18.94 73.64 87.09
C ALA P 140 18.54 74.10 88.49
N GLN P 141 19.46 74.73 89.19
CA GLN P 141 19.17 75.33 90.49
C GLN P 141 17.87 76.15 90.48
N THR P 142 17.65 76.95 89.46
CA THR P 142 16.48 77.81 89.41
C THR P 142 15.22 76.97 89.31
N THR P 143 15.22 76.01 88.40
CA THR P 143 14.11 75.07 88.29
C THR P 143 13.92 74.36 89.61
N LYS P 144 15.03 73.96 90.21
CA LYS P 144 15.01 73.32 91.52
C LYS P 144 14.35 74.18 92.57
N HIS P 145 14.83 75.42 92.71
CA HIS P 145 14.28 76.31 93.72
C HIS P 145 12.80 76.59 93.46
N LYS P 146 12.46 76.78 92.19
CA LYS P 146 11.08 76.97 91.77
C LYS P 146 10.19 75.78 92.18
N TRP P 147 10.64 74.57 91.86
CA TRP P 147 9.88 73.34 92.14
C TRP P 147 9.81 72.98 93.64
N GLU P 148 10.86 73.33 94.39
CA GLU P 148 10.82 73.23 95.86
C GLU P 148 9.70 74.10 96.42
N ALA P 149 9.69 75.36 95.98
CA ALA P 149 8.67 76.33 96.39
C ALA P 149 7.24 75.95 95.99
N ALA P 150 7.09 75.17 94.92
CA ALA P 150 5.77 74.68 94.48
C ALA P 150 5.37 73.35 95.13
N HIS P 151 6.30 72.71 95.83
CA HIS P 151 6.06 71.39 96.43
C HIS P 151 5.62 70.42 95.33
N VAL P 152 6.45 70.34 94.30
CA VAL P 152 6.24 69.40 93.20
C VAL P 152 6.55 67.99 93.68
N ALA P 153 7.66 67.82 94.38
CA ALA P 153 8.05 66.49 94.85
C ALA P 153 6.92 65.77 95.57
N GLU P 154 6.12 66.51 96.35
CA GLU P 154 5.02 65.90 97.12
C GLU P 154 3.92 65.38 96.21
N GLN P 155 3.45 66.22 95.28
CA GLN P 155 2.39 65.81 94.34
C GLN P 155 2.88 64.59 93.56
N LEU P 156 4.12 64.65 93.10
CA LEU P 156 4.76 63.55 92.35
C LEU P 156 4.85 62.24 93.16
N ARG P 157 5.27 62.35 94.43
CA ARG P 157 5.42 61.18 95.30
C ARG P 157 4.08 60.47 95.52
N ALA P 158 3.00 61.23 95.59
CA ALA P 158 1.66 60.67 95.68
C ALA P 158 1.31 59.87 94.42
N TYR P 159 1.64 60.42 93.26
CA TYR P 159 1.45 59.73 91.99
C TYR P 159 2.16 58.39 92.01
N LEU P 160 3.45 58.41 92.35
CA LEU P 160 4.29 57.26 92.16
C LEU P 160 3.87 56.15 93.10
N GLU P 161 3.76 56.50 94.39
CA GLU P 161 3.41 55.55 95.43
C GLU P 161 1.95 55.12 95.36
N GLY P 162 1.13 55.89 94.66
CA GLY P 162 -0.29 55.56 94.49
C GLY P 162 -0.62 55.25 93.04
N THR P 163 -1.19 56.26 92.36
CA THR P 163 -1.80 56.08 91.06
C THR P 163 -0.93 55.30 90.09
N CYS P 164 0.35 55.65 90.00
CA CYS P 164 1.29 54.99 89.07
C CYS P 164 1.27 53.47 89.27
N VAL P 165 1.55 53.04 90.49
CA VAL P 165 1.61 51.62 90.78
C VAL P 165 0.24 50.94 90.69
N GLU P 166 -0.82 51.66 91.05
CA GLU P 166 -2.17 51.09 90.98
C GLU P 166 -2.50 50.67 89.55
N TRP P 167 -2.17 51.54 88.61
CA TRP P 167 -2.43 51.23 87.21
C TRP P 167 -1.47 50.16 86.74
N LEU P 168 -0.20 50.26 87.09
CA LEU P 168 0.76 49.19 86.77
C LEU P 168 0.16 47.79 87.03
N ARG P 169 -0.33 47.57 88.23
CA ARG P 169 -0.93 46.28 88.59
C ARG P 169 -2.12 45.94 87.72
N ARG P 170 -2.91 46.94 87.36
CA ARG P 170 -4.07 46.75 86.52
C ARG P 170 -3.63 46.27 85.13
N TYR P 171 -2.63 46.94 84.58
CA TYR P 171 -2.04 46.56 83.29
C TYR P 171 -1.42 45.16 83.36
N LEU P 172 -0.68 44.88 84.43
CA LEU P 172 -0.10 43.55 84.65
C LEU P 172 -1.17 42.46 84.62
N GLU P 173 -2.27 42.70 85.34
CA GLU P 173 -3.41 41.77 85.35
C GLU P 173 -4.06 41.68 83.96
N ASN P 174 -4.36 42.81 83.31
CA ASN P 174 -5.01 42.75 82.00
C ASN P 174 -4.16 42.07 80.95
N GLY P 175 -2.87 42.37 80.96
CA GLY P 175 -1.90 41.79 80.02
C GLY P 175 -1.21 40.52 80.51
N LYS P 176 -1.84 39.83 81.45
CA LYS P 176 -1.28 38.63 82.10
C LYS P 176 -0.72 37.61 81.10
N GLU P 177 -1.52 37.25 80.11
CA GLU P 177 -1.13 36.25 79.12
C GLU P 177 0.17 36.62 78.40
N THR P 178 0.45 37.92 78.31
CA THR P 178 1.64 38.42 77.62
C THR P 178 2.65 39.03 78.60
N LEU P 179 2.28 40.11 79.27
CA LEU P 179 3.18 40.77 80.23
C LEU P 179 3.85 39.88 81.29
N GLN P 180 3.22 38.75 81.63
CA GLN P 180 3.75 37.89 82.70
C GLN P 180 4.35 36.56 82.21
N ARG P 181 4.26 36.33 80.90
CA ARG P 181 4.96 35.24 80.25
C ARG P 181 6.46 35.44 80.42
N THR P 182 7.21 34.42 80.09
CA THR P 182 8.60 34.59 79.70
C THR P 182 8.79 33.74 78.46
N ASP P 183 9.51 34.27 77.48
CA ASP P 183 9.93 33.48 76.33
C ASP P 183 11.41 33.13 76.50
N ALA P 184 11.68 31.85 76.68
CA ALA P 184 13.06 31.38 76.75
C ALA P 184 13.77 31.64 75.43
N PRO P 185 15.08 31.96 75.48
CA PRO P 185 15.80 32.12 74.21
C PRO P 185 15.96 30.80 73.49
N LYS P 186 15.79 30.81 72.17
CA LYS P 186 16.09 29.67 71.31
C LYS P 186 17.54 29.80 70.89
N THR P 187 18.38 28.84 71.24
CA THR P 187 19.80 29.05 71.13
C THR P 187 20.48 28.17 70.12
N HIS P 188 21.58 28.68 69.56
CA HIS P 188 22.45 27.90 68.70
C HIS P 188 23.79 28.58 68.48
N MET P 189 24.70 27.84 67.84
CA MET P 189 26.04 28.34 67.55
C MET P 189 26.39 28.18 66.09
N THR P 190 27.38 28.94 65.63
CA THR P 190 27.93 28.74 64.30
C THR P 190 29.43 28.72 64.33
N HIS P 191 29.99 28.11 63.29
CA HIS P 191 31.41 27.98 63.11
C HIS P 191 31.75 28.63 61.77
N HIS P 192 32.80 29.44 61.72
CA HIS P 192 33.21 30.10 60.48
C HIS P 192 34.74 30.23 60.45
N ALA P 193 35.38 29.48 59.57
CA ALA P 193 36.82 29.46 59.45
C ALA P 193 37.22 30.73 58.75
N VAL P 194 38.11 31.50 59.38
CA VAL P 194 38.62 32.74 58.81
C VAL P 194 39.99 32.52 58.16
N SER P 195 40.72 31.50 58.61
CA SER P 195 42.03 31.17 58.03
C SER P 195 42.42 29.74 58.29
N ASP P 196 43.60 29.35 57.83
CA ASP P 196 44.16 28.02 58.14
C ASP P 196 44.19 27.72 59.65
N HIS P 197 44.35 28.74 60.48
CA HIS P 197 44.60 28.49 61.89
C HIS P 197 43.59 29.12 62.87
N GLU P 198 42.46 29.63 62.37
CA GLU P 198 41.46 30.28 63.22
C GLU P 198 40.03 30.18 62.69
N ALA P 199 39.05 30.12 63.60
CA ALA P 199 37.64 30.18 63.23
C ALA P 199 36.89 31.10 64.16
N THR P 200 35.85 31.79 63.66
CA THR P 200 34.93 32.50 64.53
C THR P 200 33.88 31.54 65.05
N LEU P 201 33.64 31.57 66.35
CA LEU P 201 32.55 30.82 66.94
C LEU P 201 31.57 31.87 67.38
N ARG P 202 30.29 31.63 67.11
CA ARG P 202 29.29 32.61 67.48
C ARG P 202 28.07 31.98 68.17
N CYS P 203 27.68 32.59 69.28
CA CYS P 203 26.59 32.13 70.11
C CYS P 203 25.41 33.06 69.88
N TRP P 204 24.23 32.47 69.69
CA TRP P 204 23.04 33.17 69.24
C TRP P 204 21.90 32.93 70.21
N ALA P 205 21.24 34.02 70.64
CA ALA P 205 20.05 33.92 71.47
C ALA P 205 18.93 34.65 70.74
N LEU P 206 17.88 33.92 70.38
CA LEU P 206 16.80 34.49 69.58
C LEU P 206 15.46 34.35 70.29
N SER P 207 14.53 35.21 69.90
CA SER P 207 13.13 35.07 70.25
C SER P 207 12.89 35.02 71.77
N PHE P 208 13.64 35.84 72.50
CA PHE P 208 13.49 35.88 73.96
C PHE P 208 12.80 37.16 74.50
N TYR P 209 12.24 37.03 75.68
CA TYR P 209 11.58 38.12 76.37
C TYR P 209 11.56 37.80 77.87
N PRO P 210 11.97 38.75 78.71
CA PRO P 210 12.41 40.12 78.48
C PRO P 210 13.81 40.26 77.85
N ALA P 211 14.22 41.52 77.64
CA ALA P 211 15.53 41.89 77.09
C ALA P 211 16.75 41.43 77.88
N GLU P 212 16.61 41.34 79.20
CA GLU P 212 17.76 41.08 80.06
C GLU P 212 18.30 39.68 79.81
N ILE P 213 19.59 39.57 79.53
CA ILE P 213 20.22 38.30 79.15
C ILE P 213 21.75 38.42 79.26
N THR P 214 22.42 37.35 79.66
CA THR P 214 23.88 37.29 79.67
C THR P 214 24.34 36.18 78.73
N LEU P 215 25.31 36.48 77.87
CA LEU P 215 25.96 35.52 76.99
C LEU P 215 27.43 35.59 77.30
N THR P 216 28.03 34.48 77.67
CA THR P 216 29.45 34.53 77.95
C THR P 216 30.15 33.30 77.40
N TRP P 217 31.40 33.47 76.98
CA TRP P 217 32.18 32.36 76.47
C TRP P 217 33.13 31.90 77.56
N GLN P 218 33.25 30.58 77.71
CA GLN P 218 34.28 30.00 78.56
C GLN P 218 35.23 29.19 77.71
N ARG P 219 36.50 29.23 78.09
CA ARG P 219 37.48 28.25 77.62
C ARG P 219 37.85 27.40 78.82
N ASP P 220 37.80 26.08 78.66
CA ASP P 220 38.12 25.18 79.76
C ASP P 220 37.44 25.64 81.05
N GLY P 221 36.19 26.07 80.96
CA GLY P 221 35.46 26.59 82.10
C GLY P 221 35.80 28.01 82.54
N GLU P 222 36.80 28.65 81.93
CA GLU P 222 37.21 30.00 82.34
C GLU P 222 36.62 31.07 81.42
N ASP P 223 36.17 32.17 82.03
CA ASP P 223 35.51 33.25 81.29
C ASP P 223 36.50 34.03 80.40
N GLN P 224 36.00 34.44 79.24
CA GLN P 224 36.80 35.05 78.19
C GLN P 224 36.36 36.48 77.87
N THR P 225 35.84 37.22 78.83
CA THR P 225 35.17 38.48 78.48
C THR P 225 36.01 39.39 77.60
N GLN P 226 37.31 39.49 77.87
CA GLN P 226 38.16 40.36 77.08
C GLN P 226 38.29 39.94 75.61
N ASP P 227 38.20 38.63 75.32
CA ASP P 227 38.38 38.14 73.95
C ASP P 227 37.10 38.02 73.15
N THR P 228 35.96 38.31 73.77
CA THR P 228 34.70 38.13 73.06
C THR P 228 34.02 39.44 72.63
N GLU P 229 33.44 39.41 71.45
CA GLU P 229 32.68 40.51 70.90
C GLU P 229 31.20 40.29 71.23
N LEU P 230 30.57 41.28 71.86
CA LEU P 230 29.14 41.26 72.21
C LEU P 230 28.44 42.36 71.42
N VAL P 231 27.41 42.03 70.63
CA VAL P 231 26.58 43.10 70.11
C VAL P 231 25.61 43.55 71.20
N GLU P 232 25.17 44.79 71.09
CA GLU P 232 24.11 45.30 71.93
C GLU P 232 22.82 44.54 71.58
N THR P 233 22.07 44.14 72.59
CA THR P 233 20.80 43.46 72.40
C THR P 233 19.89 44.32 71.57
N ARG P 234 19.13 43.70 70.67
CA ARG P 234 18.39 44.40 69.64
C ARG P 234 17.00 43.77 69.47
N PRO P 235 16.01 44.57 69.06
CA PRO P 235 14.65 44.05 68.94
C PRO P 235 14.40 43.32 67.63
N ALA P 236 13.65 42.22 67.70
CA ALA P 236 13.26 41.45 66.53
C ALA P 236 12.14 42.16 65.82
N GLY P 237 11.43 43.03 66.53
CA GLY P 237 10.34 43.78 65.97
C GLY P 237 8.99 43.10 66.17
N ASP P 238 8.96 42.01 66.92
CA ASP P 238 7.69 41.35 67.27
C ASP P 238 7.50 41.26 68.77
N GLY P 239 8.28 42.01 69.55
CA GLY P 239 8.09 42.02 71.01
C GLY P 239 9.14 41.19 71.75
N THR P 240 9.90 40.40 71.00
CA THR P 240 10.99 39.63 71.54
C THR P 240 12.34 40.24 71.15
N PHE P 241 13.43 39.59 71.55
CA PHE P 241 14.76 40.15 71.37
C PHE P 241 15.80 39.11 70.91
N GLN P 242 16.95 39.61 70.49
CA GLN P 242 17.98 38.78 69.93
C GLN P 242 19.32 39.31 70.39
N LYS P 243 20.31 38.43 70.44
CA LYS P 243 21.68 38.86 70.71
C LYS P 243 22.67 37.79 70.30
N TRP P 244 23.92 38.19 70.04
CA TRP P 244 24.97 37.24 69.85
C TRP P 244 26.28 37.63 70.53
N ALA P 245 27.12 36.61 70.72
CA ALA P 245 28.45 36.73 71.28
C ALA P 245 29.43 35.92 70.44
N ALA P 246 30.59 36.47 70.09
CA ALA P 246 31.57 35.75 69.25
C ALA P 246 32.93 35.70 69.89
N VAL P 247 33.65 34.62 69.59
CA VAL P 247 35.06 34.52 69.92
C VAL P 247 35.78 33.93 68.72
N VAL P 248 37.03 34.32 68.53
CA VAL P 248 37.88 33.75 67.48
C VAL P 248 38.83 32.76 68.13
N VAL P 249 38.82 31.49 67.71
CA VAL P 249 39.59 30.45 68.40
C VAL P 249 40.60 29.71 67.47
N PRO P 250 41.71 29.21 68.03
CA PRO P 250 42.65 28.46 67.20
C PRO P 250 42.01 27.16 66.69
N SER P 251 42.33 26.79 65.47
CA SER P 251 41.71 25.64 64.84
C SER P 251 42.09 24.38 65.59
N GLY P 252 41.10 23.55 65.90
CA GLY P 252 41.35 22.32 66.66
C GLY P 252 41.07 22.43 68.14
N GLN P 253 40.74 23.62 68.62
CA GLN P 253 40.49 23.84 70.04
C GLN P 253 39.03 24.12 70.38
N GLU P 254 38.15 23.94 69.38
CA GLU P 254 36.74 24.32 69.50
C GLU P 254 36.08 23.68 70.72
N GLN P 255 36.38 22.40 70.92
CA GLN P 255 35.74 21.59 71.96
C GLN P 255 36.05 22.08 73.38
N ARG P 256 37.03 22.98 73.50
CA ARG P 256 37.36 23.61 74.77
C ARG P 256 36.43 24.76 75.12
N TYR P 257 35.63 25.20 74.15
CA TYR P 257 34.88 26.42 74.31
C TYR P 257 33.43 26.08 74.51
N THR P 258 32.81 26.78 75.45
CA THR P 258 31.41 26.60 75.72
C THR P 258 30.71 27.95 75.84
N CYS P 259 29.44 28.01 75.46
CA CYS P 259 28.67 29.23 75.64
C CYS P 259 27.63 29.10 76.73
N HIS P 260 27.53 30.13 77.57
CA HIS P 260 26.64 30.10 78.72
C HIS P 260 25.57 31.16 78.58
N VAL P 261 24.33 30.79 78.88
CA VAL P 261 23.19 31.68 78.64
C VAL P 261 22.29 31.74 79.89
N GLN P 262 22.05 32.96 80.35
CA GLN P 262 21.23 33.20 81.54
C GLN P 262 20.07 34.09 81.13
N HIS P 263 18.85 33.61 81.35
CA HIS P 263 17.63 34.36 81.07
C HIS P 263 16.56 33.92 82.04
N GLU P 264 15.75 34.86 82.54
CA GLU P 264 14.77 34.49 83.56
C GLU P 264 13.75 33.42 83.10
N GLY P 265 13.62 33.20 81.81
CA GLY P 265 12.70 32.20 81.27
C GLY P 265 13.30 30.81 81.16
N LEU P 266 14.56 30.65 81.57
CA LEU P 266 15.23 29.36 81.55
C LEU P 266 15.15 28.72 82.93
N PRO P 267 14.71 27.44 83.01
CA PRO P 267 14.75 26.73 84.29
C PRO P 267 16.11 26.88 84.98
N LYS P 268 17.18 26.69 84.21
CA LYS P 268 18.54 26.80 84.72
C LYS P 268 19.46 27.18 83.57
N PRO P 269 20.61 27.83 83.88
CA PRO P 269 21.48 28.34 82.81
C PRO P 269 21.89 27.25 81.80
N LEU P 270 22.05 27.66 80.55
CA LEU P 270 22.44 26.74 79.48
C LEU P 270 23.94 26.79 79.23
N THR P 271 24.52 25.65 78.91
CA THR P 271 25.87 25.57 78.37
C THR P 271 25.79 24.96 76.97
N LEU P 272 26.38 25.62 75.99
CA LEU P 272 26.34 25.12 74.63
C LEU P 272 27.72 24.64 74.28
N ARG P 273 27.83 23.35 74.00
CA ARG P 273 29.13 22.74 73.87
C ARG P 273 29.42 22.41 72.40
N TRP P 274 30.70 22.35 72.06
CA TRP P 274 31.12 21.85 70.77
C TRP P 274 31.48 20.38 70.87
N GLU P 275 30.47 19.53 70.70
CA GLU P 275 30.68 18.08 70.70
C GLU P 275 30.34 17.53 69.32
N PRO P 276 31.31 16.85 68.71
CA PRO P 276 31.27 16.50 67.30
C PRO P 276 30.01 15.72 66.92
N MET Q 1 25.61 71.48 71.90
CA MET Q 1 25.07 70.10 72.11
C MET Q 1 26.18 69.09 72.38
N ILE Q 2 25.86 68.05 73.13
CA ILE Q 2 26.63 66.82 73.07
C ILE Q 2 26.18 66.06 71.82
N GLN Q 3 27.13 65.45 71.13
CA GLN Q 3 26.85 64.72 69.90
C GLN Q 3 27.36 63.30 69.98
N ARG Q 4 26.49 62.37 69.64
CA ARG Q 4 26.82 60.96 69.70
C ARG Q 4 26.53 60.35 68.33
N THR Q 5 27.50 59.58 67.84
CA THR Q 5 27.39 58.89 66.56
C THR Q 5 26.66 57.56 66.71
N PRO Q 6 25.76 57.23 65.76
CA PRO Q 6 24.94 56.03 65.88
C PRO Q 6 25.65 54.71 65.63
N LYS Q 7 25.26 53.69 66.39
CA LYS Q 7 25.58 52.30 66.06
C LYS Q 7 24.51 51.82 65.09
N ILE Q 8 24.85 50.88 64.21
CA ILE Q 8 23.88 50.34 63.25
C ILE Q 8 23.94 48.80 63.24
N GLN Q 9 22.78 48.16 63.17
CA GLN Q 9 22.70 46.72 62.94
C GLN Q 9 21.63 46.45 61.87
N VAL Q 10 21.97 45.63 60.88
CA VAL Q 10 21.02 45.15 59.87
C VAL Q 10 20.85 43.65 60.05
N TYR Q 11 19.60 43.21 60.12
CA TYR Q 11 19.30 41.82 60.44
C TYR Q 11 17.84 41.54 60.16
N SER Q 12 17.50 40.26 60.04
CA SER Q 12 16.12 39.89 59.82
C SER Q 12 15.40 39.57 61.14
N ARG Q 13 14.08 39.60 61.10
CA ARG Q 13 13.28 39.34 62.28
C ARG Q 13 13.34 37.84 62.56
N HIS Q 14 13.07 37.03 61.55
CA HIS Q 14 13.26 35.58 61.67
C HIS Q 14 14.51 35.14 60.92
N PRO Q 15 15.04 33.97 61.28
CA PRO Q 15 16.20 33.45 60.53
C PRO Q 15 15.89 33.44 59.04
N ALA Q 16 16.80 33.98 58.23
CA ALA Q 16 16.54 34.16 56.82
C ALA Q 16 16.46 32.81 56.12
N GLU Q 17 15.54 32.70 55.17
CA GLU Q 17 15.37 31.51 54.38
C GLU Q 17 14.87 31.97 53.02
N ASN Q 18 15.73 31.86 52.01
CA ASN Q 18 15.38 32.28 50.66
C ASN Q 18 14.04 31.77 50.21
N GLY Q 19 13.19 32.65 49.68
CA GLY Q 19 11.85 32.28 49.23
C GLY Q 19 10.77 32.30 50.30
N LYS Q 20 11.13 32.67 51.53
CA LYS Q 20 10.17 32.77 52.63
C LYS Q 20 10.01 34.21 53.11
N SER Q 21 8.78 34.71 53.27
CA SER Q 21 8.62 36.11 53.66
C SER Q 21 9.10 36.33 55.10
N ASN Q 22 9.47 37.57 55.41
CA ASN Q 22 10.22 37.88 56.62
C ASN Q 22 10.20 39.41 56.76
N PHE Q 23 10.87 39.95 57.77
CA PHE Q 23 11.05 41.40 57.89
C PHE Q 23 12.53 41.75 57.87
N LEU Q 24 12.88 42.79 57.10
CA LEU Q 24 14.25 43.28 57.12
C LEU Q 24 14.33 44.43 58.11
N ASN Q 25 15.26 44.31 59.07
CA ASN Q 25 15.37 45.23 60.19
C ASN Q 25 16.68 46.01 60.18
N CYS Q 26 16.59 47.29 60.50
CA CYS Q 26 17.77 48.13 60.72
C CYS Q 26 17.59 48.83 62.05
N TYR Q 27 18.50 48.57 62.98
CA TYR Q 27 18.41 49.11 64.33
C TYR Q 27 19.50 50.14 64.52
N VAL Q 28 19.09 51.37 64.76
CA VAL Q 28 20.02 52.47 64.97
C VAL Q 28 19.88 52.97 66.41
N SER Q 29 21.01 53.22 67.07
CA SER Q 29 20.98 53.59 68.49
C SER Q 29 22.23 54.33 68.91
N GLY Q 30 22.25 54.77 70.15
CA GLY Q 30 23.39 55.46 70.73
C GLY Q 30 23.61 56.84 70.17
N PHE Q 31 22.58 57.42 69.55
CA PHE Q 31 22.80 58.66 68.82
C PHE Q 31 22.15 59.90 69.41
N HIS Q 32 22.80 61.03 69.20
CA HIS Q 32 22.28 62.33 69.60
C HIS Q 32 22.82 63.40 68.67
N PRO Q 33 21.96 64.31 68.18
CA PRO Q 33 20.54 64.49 68.38
C PRO Q 33 19.69 63.59 67.49
N SER Q 34 18.37 63.75 67.62
CA SER Q 34 17.38 62.79 67.14
C SER Q 34 17.14 62.80 65.64
N ASP Q 35 17.45 63.89 64.97
CA ASP Q 35 17.25 63.91 63.53
C ASP Q 35 18.22 62.93 62.92
N ILE Q 36 17.67 62.04 62.10
CA ILE Q 36 18.44 61.00 61.47
C ILE Q 36 17.72 60.48 60.23
N GLU Q 37 18.47 60.28 59.14
CA GLU Q 37 17.89 59.72 57.91
C GLU Q 37 18.30 58.27 57.77
N VAL Q 38 17.32 57.40 57.51
CA VAL Q 38 17.56 55.97 57.39
C VAL Q 38 16.74 55.38 56.25
N ASP Q 39 17.41 54.80 55.27
CA ASP Q 39 16.73 54.01 54.26
C ASP Q 39 17.29 52.60 54.20
N LEU Q 40 16.40 51.68 53.86
CA LEU Q 40 16.74 50.30 53.54
C LEU Q 40 16.87 50.21 52.02
N LEU Q 41 17.87 49.46 51.54
CA LEU Q 41 18.15 49.39 50.10
C LEU Q 41 17.98 47.96 49.58
N LYS Q 42 17.33 47.81 48.43
CA LYS Q 42 17.35 46.55 47.67
C LYS Q 42 18.18 46.75 46.41
N ASN Q 43 19.38 46.17 46.40
CA ASN Q 43 20.37 46.37 45.35
C ASN Q 43 20.71 47.84 45.14
N GLY Q 44 20.97 48.53 46.25
CA GLY Q 44 21.37 49.94 46.23
C GLY Q 44 20.25 50.93 45.92
N GLU Q 45 19.01 50.46 45.87
CA GLU Q 45 17.85 51.30 45.56
C GLU Q 45 16.91 51.32 46.77
N ARG Q 46 16.54 52.51 47.24
CA ARG Q 46 15.75 52.62 48.47
C ARG Q 46 14.37 51.99 48.35
N ILE Q 47 13.95 51.31 49.42
CA ILE Q 47 12.67 50.63 49.46
C ILE Q 47 11.62 51.61 50.00
N GLU Q 48 10.37 51.47 49.56
CA GLU Q 48 9.40 52.56 49.69
C GLU Q 48 8.45 52.56 50.89
N LYS Q 49 8.02 51.40 51.36
CA LYS Q 49 7.07 51.38 52.48
C LYS Q 49 7.76 50.98 53.79
N VAL Q 50 8.81 51.73 54.12
CA VAL Q 50 9.61 51.46 55.31
C VAL Q 50 9.00 52.17 56.50
N GLU Q 51 8.57 51.39 57.48
CA GLU Q 51 8.08 51.92 58.75
C GLU Q 51 9.22 52.01 59.74
N HIS Q 52 8.97 52.70 60.84
CA HIS Q 52 9.92 52.77 61.91
C HIS Q 52 9.16 52.87 63.21
N SER Q 53 9.85 52.57 64.30
CA SER Q 53 9.23 52.54 65.61
C SER Q 53 9.13 53.96 66.15
N ASP Q 54 8.41 54.13 67.24
CA ASP Q 54 8.30 55.43 67.89
C ASP Q 54 9.60 55.79 68.63
N LEU Q 55 10.16 56.95 68.32
CA LEU Q 55 11.43 57.41 68.92
C LEU Q 55 11.47 57.30 70.44
N SER Q 56 12.55 56.75 70.96
CA SER Q 56 12.70 56.46 72.38
C SER Q 56 14.17 56.60 72.76
N PHE Q 57 14.49 56.52 74.05
CA PHE Q 57 15.88 56.73 74.46
C PHE Q 57 16.34 55.90 75.65
N SER Q 58 17.66 55.75 75.72
CA SER Q 58 18.29 54.93 76.72
C SER Q 58 18.52 55.67 78.03
N LYS Q 59 19.00 54.92 79.02
CA LYS Q 59 19.43 55.45 80.30
C LYS Q 59 20.40 56.64 80.16
N ASP Q 60 21.28 56.58 79.16
CA ASP Q 60 22.25 57.65 78.92
C ASP Q 60 21.73 58.77 77.98
N TRP Q 61 20.44 58.74 77.66
CA TRP Q 61 19.74 59.80 76.92
C TRP Q 61 19.89 59.72 75.40
N SER Q 62 20.81 58.88 74.92
CA SER Q 62 20.94 58.67 73.49
C SER Q 62 19.74 57.91 72.96
N PHE Q 63 19.45 58.08 71.68
CA PHE Q 63 18.18 57.65 71.10
C PHE Q 63 18.29 56.33 70.40
N TYR Q 64 17.15 55.66 70.20
CA TYR Q 64 17.11 54.46 69.38
C TYR Q 64 15.79 54.31 68.61
N LEU Q 65 15.90 53.71 67.42
CA LEU Q 65 14.80 53.46 66.49
C LEU Q 65 15.01 52.14 65.74
N LEU Q 66 13.93 51.39 65.53
CA LEU Q 66 13.94 50.28 64.60
C LEU Q 66 13.19 50.66 63.32
N TYR Q 67 13.90 50.62 62.18
CA TYR Q 67 13.28 50.73 60.85
C TYR Q 67 13.10 49.33 60.27
N TYR Q 68 11.97 49.07 59.64
CA TYR Q 68 11.61 47.73 59.18
C TYR Q 68 10.68 47.69 57.96
N THR Q 69 10.75 46.59 57.23
CA THR Q 69 9.88 46.38 56.09
C THR Q 69 9.73 44.89 55.82
N GLU Q 70 8.51 44.47 55.46
CA GLU Q 70 8.26 43.12 54.97
C GLU Q 70 9.09 42.90 53.70
N PHE Q 71 9.68 41.71 53.57
CA PHE Q 71 10.39 41.32 52.33
C PHE Q 71 10.52 39.81 52.20
N THR Q 72 10.79 39.37 50.97
CA THR Q 72 11.07 37.96 50.71
C THR Q 72 12.48 37.82 50.12
N PRO Q 73 13.47 37.49 50.98
CA PRO Q 73 14.83 37.38 50.48
C PRO Q 73 14.96 36.27 49.46
N THR Q 74 15.83 36.48 48.48
CA THR Q 74 16.25 35.45 47.54
C THR Q 74 17.74 35.67 47.30
N GLU Q 75 18.42 34.69 46.72
CA GLU Q 75 19.89 34.71 46.65
C GLU Q 75 20.42 35.80 45.70
N LYS Q 76 19.62 36.20 44.72
CA LYS Q 76 20.07 37.19 43.74
C LYS Q 76 20.10 38.63 44.28
N ASN Q 77 19.33 38.91 45.33
CA ASN Q 77 19.24 40.27 45.85
C ASN Q 77 20.19 40.53 47.02
N GLU Q 78 20.70 41.75 47.09
CA GLU Q 78 21.46 42.24 48.24
C GLU Q 78 20.70 43.37 48.92
N TYR Q 79 20.77 43.41 50.24
CA TYR Q 79 20.09 44.43 51.02
C TYR Q 79 21.06 45.17 51.89
N ALA Q 80 20.75 46.41 52.21
CA ALA Q 80 21.60 47.22 53.07
C ALA Q 80 20.75 48.25 53.81
N CYS Q 81 21.32 48.80 54.87
CA CYS Q 81 20.77 49.96 55.55
C CYS Q 81 21.67 51.15 55.18
N ARG Q 82 21.06 52.29 54.81
CA ARG Q 82 21.80 53.55 54.61
C ARG Q 82 21.39 54.59 55.65
N VAL Q 83 22.38 55.16 56.33
CA VAL Q 83 22.14 56.01 57.48
C VAL Q 83 22.89 57.34 57.34
N ASN Q 84 22.15 58.44 57.44
CA ASN Q 84 22.78 59.74 57.57
C ASN Q 84 22.41 60.48 58.85
N HIS Q 85 23.44 61.08 59.44
CA HIS Q 85 23.33 61.75 60.71
C HIS Q 85 24.37 62.86 60.73
N VAL Q 86 24.07 63.87 61.53
CA VAL Q 86 24.92 65.04 61.66
C VAL Q 86 26.35 64.71 62.07
N THR Q 87 26.57 63.56 62.69
CA THR Q 87 27.92 63.19 63.16
C THR Q 87 28.78 62.47 62.11
N LEU Q 88 28.12 62.02 61.03
CA LEU Q 88 28.78 61.29 59.97
C LEU Q 88 29.13 62.23 58.83
N SER Q 89 30.33 62.07 58.27
CA SER Q 89 30.80 62.93 57.18
C SER Q 89 30.24 62.53 55.82
N GLN Q 90 29.61 61.35 55.77
CA GLN Q 90 28.94 60.86 54.55
C GLN Q 90 28.05 59.70 54.97
N PRO Q 91 27.00 59.42 54.17
CA PRO Q 91 26.11 58.30 54.55
C PRO Q 91 26.89 57.03 54.85
N LYS Q 92 26.49 56.29 55.88
CA LYS Q 92 27.09 54.99 56.17
C LYS Q 92 26.17 53.87 55.69
N ILE Q 93 26.74 53.02 54.84
CA ILE Q 93 26.02 51.87 54.33
C ILE Q 93 26.51 50.66 55.08
N VAL Q 94 25.56 49.93 55.68
CA VAL Q 94 25.85 48.67 56.30
C VAL Q 94 25.05 47.63 55.56
N LYS Q 95 25.79 46.70 54.93
CA LYS Q 95 25.22 45.58 54.19
C LYS Q 95 24.59 44.57 55.14
N TRP Q 96 23.56 43.89 54.66
CA TRP Q 96 22.94 42.79 55.40
C TRP Q 96 23.72 41.48 55.13
N ASP Q 97 24.39 40.99 56.17
CA ASP Q 97 25.12 39.75 56.13
C ASP Q 97 24.28 38.74 56.90
N ARG Q 98 23.89 37.65 56.24
CA ARG Q 98 22.87 36.76 56.82
C ARG Q 98 23.28 36.03 58.12
N ASP Q 99 24.56 36.07 58.50
CA ASP Q 99 24.99 35.59 59.82
C ASP Q 99 25.64 36.67 60.71
N MET Q 100 25.00 37.83 60.76
CA MET Q 100 25.30 38.88 61.75
C MET Q 100 24.05 39.76 61.95
N TYR R 1 -1.08 55.20 82.77
CA TYR R 1 -1.90 56.33 83.25
C TYR R 1 -0.97 57.48 83.55
N LEU R 2 -1.02 58.51 82.71
CA LEU R 2 -0.13 59.65 82.84
C LEU R 2 -0.46 60.54 84.04
N LEU R 3 0.50 61.35 84.46
CA LEU R 3 0.27 62.43 85.42
C LEU R 3 -0.81 63.37 84.91
N MET R 4 -1.69 63.84 85.81
CA MET R 4 -2.80 64.72 85.42
C MET R 4 -2.27 66.08 84.96
N TRP R 5 -1.05 66.42 85.34
CA TRP R 5 -0.39 67.57 84.74
C TRP R 5 1.08 67.61 85.12
N ILE R 6 1.86 68.34 84.31
CA ILE R 6 3.23 68.63 84.64
C ILE R 6 3.45 70.14 84.78
N THR R 7 4.36 70.50 85.68
CA THR R 7 4.72 71.85 86.01
C THR R 7 5.93 72.30 85.20
N GLN R 8 5.86 73.54 84.76
CA GLN R 8 6.88 74.23 83.99
C GLN R 8 8.24 74.17 84.66
N VAL R 9 9.29 74.07 83.86
CA VAL R 9 10.67 74.12 84.35
C VAL R 9 11.01 75.56 84.72
N GLY S 1 -12.11 -32.02 18.31
CA GLY S 1 -11.29 -32.92 17.43
C GLY S 1 -9.82 -32.56 17.47
N SER S 2 -9.18 -32.55 16.29
CA SER S 2 -7.77 -32.20 16.20
C SER S 2 -7.55 -30.65 16.23
N HIS S 3 -6.41 -30.21 16.74
CA HIS S 3 -6.11 -28.77 16.85
C HIS S 3 -4.65 -28.42 16.60
N SER S 4 -4.39 -27.26 16.02
CA SER S 4 -3.02 -26.88 15.70
C SER S 4 -2.64 -25.52 16.22
N MET S 5 -1.38 -25.35 16.58
CA MET S 5 -0.77 -24.02 16.73
C MET S 5 0.37 -23.92 15.70
N ARG S 6 0.36 -22.87 14.90
CA ARG S 6 1.37 -22.66 13.85
C ARG S 6 1.85 -21.24 13.80
N TYR S 7 3.16 -21.07 13.71
CA TYR S 7 3.76 -19.78 13.41
C TYR S 7 4.33 -19.79 12.00
N PHE S 8 4.16 -18.68 11.31
CA PHE S 8 4.67 -18.49 9.95
C PHE S 8 5.52 -17.22 9.92
N PHE S 9 6.76 -17.32 9.47
CA PHE S 9 7.64 -16.15 9.39
C PHE S 9 8.09 -15.98 7.97
N THR S 10 8.05 -14.73 7.47
CA THR S 10 8.58 -14.38 6.17
C THR S 10 9.58 -13.24 6.36
N SER S 11 10.77 -13.43 5.77
CA SER S 11 11.82 -12.41 5.75
C SER S 11 12.24 -12.12 4.32
N VAL S 12 12.15 -10.86 3.92
CA VAL S 12 12.45 -10.46 2.53
C VAL S 12 13.53 -9.37 2.53
N SER S 13 14.67 -9.65 1.89
CA SER S 13 15.75 -8.67 1.82
C SER S 13 15.40 -7.54 0.85
N ARG S 14 15.94 -6.36 1.12
CA ARG S 14 15.54 -5.15 0.38
C ARG S 14 16.74 -4.28 0.06
N PRO S 15 17.74 -4.84 -0.65
CA PRO S 15 18.98 -4.13 -0.91
C PRO S 15 18.72 -2.85 -1.70
N GLY S 16 19.27 -1.72 -1.23
CA GLY S 16 18.99 -0.43 -1.86
C GLY S 16 17.69 0.24 -1.41
N ARG S 17 16.80 -0.50 -0.76
CA ARG S 17 15.57 0.07 -0.18
C ARG S 17 15.68 0.21 1.33
N GLY S 18 16.36 -0.74 1.99
CA GLY S 18 16.49 -0.73 3.45
C GLY S 18 16.92 -2.06 4.04
N GLU S 19 16.56 -2.26 5.31
CA GLU S 19 16.82 -3.51 6.03
C GLU S 19 15.67 -4.49 5.77
N PRO S 20 15.85 -5.77 6.13
CA PRO S 20 14.91 -6.77 5.66
C PRO S 20 13.52 -6.66 6.26
N ARG S 21 12.51 -6.95 5.45
CA ARG S 21 11.17 -6.99 5.92
C ARG S 21 11.05 -8.25 6.70
N PHE S 22 10.47 -8.14 7.91
CA PHE S 22 10.16 -9.29 8.73
C PHE S 22 8.69 -9.26 9.16
N ILE S 23 7.97 -10.34 8.83
CA ILE S 23 6.58 -10.54 9.24
C ILE S 23 6.42 -11.90 9.91
N ALA S 24 5.84 -11.89 11.10
CA ALA S 24 5.54 -13.12 11.81
C ALA S 24 4.05 -13.15 12.11
N VAL S 25 3.38 -14.26 11.76
CA VAL S 25 2.01 -14.51 12.25
C VAL S 25 1.85 -15.86 12.95
N GLY S 26 1.03 -15.84 13.99
CA GLY S 26 0.65 -17.04 14.72
C GLY S 26 -0.82 -17.38 14.56
N TYR S 27 -1.11 -18.68 14.51
CA TYR S 27 -2.49 -19.18 14.35
C TYR S 27 -2.75 -20.33 15.29
N VAL S 28 -3.98 -20.39 15.82
CA VAL S 28 -4.53 -21.64 16.34
C VAL S 28 -5.64 -22.02 15.40
N ASP S 29 -5.58 -23.24 14.87
CA ASP S 29 -6.49 -23.66 13.81
C ASP S 29 -6.49 -22.60 12.69
N ASP S 30 -7.65 -22.11 12.29
CA ASP S 30 -7.72 -21.12 11.22
C ASP S 30 -7.92 -19.66 11.72
N THR S 31 -7.55 -19.40 12.98
CA THR S 31 -7.68 -18.08 13.59
C THR S 31 -6.30 -17.52 13.90
N GLN S 32 -5.93 -16.42 13.24
CA GLN S 32 -4.73 -15.68 13.60
C GLN S 32 -4.94 -15.10 14.99
N PHE S 33 -3.92 -15.18 15.85
CA PHE S 33 -4.02 -14.61 17.20
C PHE S 33 -2.91 -13.60 17.54
N VAL S 34 -1.77 -13.63 16.85
CA VAL S 34 -0.75 -12.60 17.07
C VAL S 34 -0.08 -12.23 15.76
N ARG S 35 0.54 -11.04 15.73
CA ARG S 35 1.29 -10.62 14.54
C ARG S 35 2.46 -9.73 14.92
N PHE S 36 3.54 -9.82 14.14
CA PHE S 36 4.62 -8.87 14.26
C PHE S 36 5.06 -8.51 12.87
N ASP S 37 5.30 -7.21 12.65
CA ASP S 37 5.72 -6.69 11.35
C ASP S 37 6.81 -5.68 11.60
N SER S 38 8.01 -5.95 11.12
CA SER S 38 9.14 -5.04 11.35
C SER S 38 8.93 -3.59 10.83
N ASP S 39 8.00 -3.40 9.89
CA ASP S 39 7.68 -2.05 9.37
C ASP S 39 6.53 -1.35 10.13
N ALA S 40 6.00 -1.97 11.19
CA ALA S 40 4.88 -1.39 11.95
C ALA S 40 5.40 -0.54 13.10
N ALA S 41 4.55 0.34 13.64
CA ALA S 41 5.01 1.40 14.56
C ALA S 41 5.28 0.90 16.00
N SER S 42 4.50 -0.07 16.44
CA SER S 42 4.55 -0.54 17.82
C SER S 42 5.85 -1.23 18.16
N GLN S 43 6.41 -1.94 17.19
CA GLN S 43 7.59 -2.77 17.42
C GLN S 43 7.38 -3.76 18.57
N ARG S 44 6.16 -4.28 18.67
CA ARG S 44 5.78 -5.28 19.66
C ARG S 44 5.14 -6.46 18.95
N MET S 45 5.06 -7.60 19.62
CA MET S 45 4.14 -8.66 19.22
C MET S 45 2.75 -8.16 19.63
N GLU S 46 1.80 -8.14 18.69
CA GLU S 46 0.48 -7.52 18.92
C GLU S 46 -0.62 -8.57 18.94
N PRO S 47 -1.66 -8.37 19.77
CA PRO S 47 -2.77 -9.32 19.79
C PRO S 47 -3.63 -9.18 18.53
N ARG S 48 -4.25 -10.27 18.11
CA ARG S 48 -5.17 -10.23 16.97
C ARG S 48 -6.39 -11.11 17.24
N ALA S 49 -6.67 -11.34 18.51
CA ALA S 49 -7.87 -12.09 18.91
C ALA S 49 -8.23 -11.76 20.36
N PRO S 50 -9.54 -11.70 20.66
CA PRO S 50 -9.96 -11.27 22.00
C PRO S 50 -9.33 -12.09 23.15
N TRP S 51 -9.37 -13.41 23.03
CA TRP S 51 -8.86 -14.27 24.11
C TRP S 51 -7.36 -14.17 24.44
N ILE S 52 -6.54 -13.71 23.50
CA ILE S 52 -5.12 -13.50 23.80
C ILE S 52 -4.83 -12.13 24.45
N GLU S 53 -5.77 -11.19 24.37
CA GLU S 53 -5.62 -9.85 25.00
C GLU S 53 -5.49 -9.91 26.51
N GLN S 54 -6.04 -10.96 27.12
CA GLN S 54 -6.01 -11.12 28.56
C GLN S 54 -4.66 -11.63 29.09
N GLU S 55 -3.75 -12.04 28.20
CA GLU S 55 -2.41 -12.39 28.66
C GLU S 55 -1.78 -11.10 29.20
N GLY S 56 -0.94 -11.23 30.23
CA GLY S 56 -0.33 -10.11 30.91
C GLY S 56 0.91 -9.55 30.24
N PRO S 57 1.53 -8.54 30.86
CA PRO S 57 2.73 -7.92 30.33
C PRO S 57 3.89 -8.89 30.12
N GLU S 58 4.13 -9.79 31.07
CA GLU S 58 5.23 -10.74 30.92
C GLU S 58 5.13 -11.54 29.61
N TYR S 59 3.93 -11.99 29.27
CA TYR S 59 3.68 -12.63 27.99
C TYR S 59 4.13 -11.75 26.81
N TRP S 60 3.59 -10.54 26.72
CA TRP S 60 3.88 -9.66 25.59
C TRP S 60 5.35 -9.26 25.51
N ASP S 61 5.95 -9.04 26.66
CA ASP S 61 7.36 -8.73 26.72
C ASP S 61 8.22 -9.84 26.12
N GLY S 62 7.98 -11.08 26.53
CA GLY S 62 8.80 -12.22 26.11
C GLY S 62 8.49 -12.62 24.69
N GLU S 63 7.21 -12.68 24.34
CA GLU S 63 6.85 -12.88 22.95
C GLU S 63 7.54 -11.83 22.07
N THR S 64 7.53 -10.56 22.49
CA THR S 64 8.20 -9.51 21.70
C THR S 64 9.70 -9.77 21.64
N ARG S 65 10.27 -10.08 22.80
CA ARG S 65 11.71 -10.41 22.91
C ARG S 65 12.10 -11.53 21.97
N LYS S 66 11.27 -12.56 21.94
CA LYS S 66 11.53 -13.73 21.11
C LYS S 66 11.33 -13.45 19.60
N VAL S 67 10.29 -12.70 19.21
CA VAL S 67 10.09 -12.47 17.78
C VAL S 67 11.22 -11.62 17.21
N LYS S 68 11.80 -10.74 18.02
CA LYS S 68 12.96 -9.93 17.59
C LYS S 68 14.21 -10.80 17.45
N ALA S 69 14.40 -11.77 18.34
CA ALA S 69 15.50 -12.72 18.17
C ALA S 69 15.32 -13.51 16.89
N HIS S 70 14.12 -14.05 16.68
CA HIS S 70 13.78 -14.77 15.44
C HIS S 70 14.19 -13.90 14.26
N SER S 71 13.79 -12.63 14.30
CA SER S 71 14.14 -11.67 13.25
C SER S 71 15.66 -11.48 13.07
N GLN S 72 16.41 -11.36 14.14
CA GLN S 72 17.85 -11.20 13.96
C GLN S 72 18.46 -12.49 13.35
N THR S 73 17.97 -13.67 13.74
CA THR S 73 18.52 -14.89 13.15
C THR S 73 18.28 -14.85 11.64
N HIS S 74 17.08 -14.42 11.24
CA HIS S 74 16.74 -14.39 9.80
C HIS S 74 17.55 -13.40 9.01
N ARG S 75 17.94 -12.32 9.66
CA ARG S 75 18.77 -11.27 9.08
C ARG S 75 20.15 -11.83 8.72
N VAL S 76 20.73 -12.55 9.67
CA VAL S 76 21.98 -13.28 9.42
C VAL S 76 21.77 -14.34 8.35
N ASP S 77 20.69 -15.10 8.44
CA ASP S 77 20.43 -16.20 7.52
C ASP S 77 20.48 -15.77 6.04
N LEU S 78 19.90 -14.61 5.72
CA LEU S 78 19.87 -14.08 4.35
C LEU S 78 21.26 -13.92 3.74
N GLY S 79 22.19 -13.35 4.49
CA GLY S 79 23.57 -13.22 4.04
C GLY S 79 24.24 -14.58 3.86
N THR S 80 24.04 -15.48 4.82
CA THR S 80 24.66 -16.80 4.76
C THR S 80 24.18 -17.57 3.54
N LEU S 81 22.88 -17.65 3.36
CA LEU S 81 22.30 -18.34 2.23
C LEU S 81 22.82 -17.76 0.92
N ARG S 82 23.00 -16.44 0.91
CA ARG S 82 23.60 -15.74 -0.22
C ARG S 82 25.01 -16.29 -0.52
N GLY S 83 25.82 -16.44 0.53
CA GLY S 83 27.16 -17.02 0.40
C GLY S 83 27.16 -18.48 -0.04
N TYR S 84 26.25 -19.28 0.51
CA TYR S 84 26.16 -20.71 0.15
C TYR S 84 25.84 -20.91 -1.33
N TYR S 85 25.06 -20.02 -1.91
CA TYR S 85 24.63 -20.13 -3.31
C TYR S 85 25.45 -19.25 -4.26
N ASN S 86 26.48 -18.58 -3.72
CA ASN S 86 27.30 -17.60 -4.43
C ASN S 86 26.45 -16.64 -5.28
N GLN S 87 25.60 -15.87 -4.61
CA GLN S 87 24.71 -14.89 -5.24
C GLN S 87 25.16 -13.45 -4.97
N SER S 88 25.02 -12.56 -5.95
CA SER S 88 25.34 -11.13 -5.74
C SER S 88 24.43 -10.56 -4.63
N GLU S 89 25.01 -9.76 -3.72
CA GLU S 89 24.25 -9.18 -2.60
C GLU S 89 23.22 -8.14 -3.02
N ALA S 90 23.11 -7.92 -4.32
CA ALA S 90 22.21 -6.91 -4.85
C ALA S 90 21.04 -7.53 -5.60
N GLY S 91 20.26 -8.34 -4.88
CA GLY S 91 18.95 -8.77 -5.34
C GLY S 91 18.12 -9.15 -4.13
N SER S 92 16.81 -8.98 -4.22
CA SER S 92 15.90 -9.33 -3.13
C SER S 92 15.59 -10.83 -3.11
N HIS S 93 15.86 -11.47 -1.97
CA HIS S 93 15.50 -12.89 -1.76
C HIS S 93 14.55 -13.06 -0.58
N THR S 94 13.94 -14.26 -0.50
CA THR S 94 12.96 -14.61 0.52
C THR S 94 13.34 -15.87 1.28
N VAL S 95 13.16 -15.83 2.60
CA VAL S 95 13.29 -16.96 3.49
C VAL S 95 11.94 -17.09 4.18
N GLN S 96 11.39 -18.31 4.25
CA GLN S 96 10.10 -18.53 4.91
C GLN S 96 10.25 -19.69 5.87
N ARG S 97 9.65 -19.56 7.06
CA ARG S 97 9.73 -20.60 8.09
C ARG S 97 8.36 -20.92 8.68
N MET S 98 8.11 -22.19 8.95
CA MET S 98 6.89 -22.58 9.60
C MET S 98 7.25 -23.63 10.65
N TYR S 99 6.81 -23.46 11.88
CA TYR S 99 6.85 -24.53 12.83
C TYR S 99 5.61 -24.51 13.71
N GLY S 100 5.32 -25.66 14.31
CA GLY S 100 4.12 -25.81 15.15
C GLY S 100 3.83 -27.24 15.61
N CYS S 101 2.78 -27.39 16.41
CA CYS S 101 2.39 -28.71 16.94
C CYS S 101 0.90 -28.94 16.75
N ASP S 102 0.47 -30.20 16.70
CA ASP S 102 -0.95 -30.55 16.71
C ASP S 102 -1.26 -31.43 17.93
N VAL S 103 -2.52 -31.41 18.38
CA VAL S 103 -2.99 -32.36 19.38
C VAL S 103 -4.28 -33.01 18.90
N GLY S 104 -4.53 -34.25 19.34
CA GLY S 104 -5.75 -34.97 18.98
C GLY S 104 -6.92 -34.52 19.82
N SER S 105 -8.04 -35.25 19.68
CA SER S 105 -9.24 -35.02 20.52
C SER S 105 -8.94 -35.12 22.02
N ASP S 106 -7.99 -35.97 22.39
CA ASP S 106 -7.53 -36.08 23.77
C ASP S 106 -6.61 -34.92 24.20
N TRP S 107 -6.29 -34.02 23.25
CA TRP S 107 -5.37 -32.89 23.47
C TRP S 107 -3.96 -33.34 23.82
N ARG S 108 -3.59 -34.56 23.45
CA ARG S 108 -2.23 -35.01 23.67
C ARG S 108 -1.41 -34.72 22.45
N PHE S 109 -0.11 -34.55 22.64
CA PHE S 109 0.79 -34.34 21.52
C PHE S 109 0.49 -35.37 20.47
N LEU S 110 0.51 -34.94 19.23
CA LEU S 110 0.13 -35.76 18.09
C LEU S 110 1.14 -35.62 16.96
N ARG S 111 1.48 -34.38 16.62
CA ARG S 111 2.37 -34.07 15.49
C ARG S 111 3.23 -32.86 15.83
N GLY S 112 4.43 -32.82 15.27
CA GLY S 112 5.30 -31.65 15.39
C GLY S 112 5.96 -31.34 14.06
N TYR S 113 6.21 -30.06 13.79
CA TYR S 113 6.83 -29.68 12.52
C TYR S 113 7.66 -28.40 12.60
N HIS S 114 8.66 -28.36 11.74
CA HIS S 114 9.52 -27.22 11.54
C HIS S 114 10.05 -27.21 10.12
N GLN S 115 9.53 -26.31 9.29
CA GLN S 115 9.90 -26.25 7.86
C GLN S 115 10.52 -24.91 7.51
N TYR S 116 11.42 -24.91 6.52
CA TYR S 116 12.21 -23.73 6.15
C TYR S 116 12.46 -23.75 4.65
N ALA S 117 12.20 -22.63 3.96
CA ALA S 117 12.39 -22.54 2.51
C ALA S 117 13.16 -21.27 2.12
N TYR S 118 13.86 -21.36 0.99
CA TYR S 118 14.58 -20.23 0.43
C TYR S 118 14.08 -19.97 -0.99
N ASP S 119 13.74 -18.71 -1.26
CA ASP S 119 13.20 -18.28 -2.55
C ASP S 119 12.08 -19.16 -3.07
N GLY S 120 11.17 -19.56 -2.17
CA GLY S 120 9.96 -20.30 -2.52
C GLY S 120 10.11 -21.80 -2.66
N LYS S 121 11.20 -22.35 -2.18
CA LYS S 121 11.46 -23.78 -2.33
C LYS S 121 12.02 -24.38 -1.04
N ASP S 122 11.54 -25.59 -0.70
CA ASP S 122 12.06 -26.40 0.40
C ASP S 122 13.57 -26.23 0.52
N TYR S 123 14.04 -25.96 1.73
CA TYR S 123 15.45 -25.89 2.00
C TYR S 123 15.84 -27.01 2.97
N ILE S 124 15.26 -26.98 4.16
CA ILE S 124 15.49 -28.00 5.17
C ILE S 124 14.23 -28.13 6.01
N ALA S 125 13.86 -29.35 6.34
CA ALA S 125 12.67 -29.61 7.17
C ALA S 125 13.00 -30.66 8.22
N LEU S 126 12.33 -30.58 9.35
CA LEU S 126 12.46 -31.60 10.39
C LEU S 126 11.58 -32.76 9.97
N LYS S 127 12.13 -33.96 10.05
CA LYS S 127 11.37 -35.14 9.68
C LYS S 127 10.31 -35.45 10.71
N GLU S 128 9.30 -36.16 10.24
CA GLU S 128 8.16 -36.59 11.04
C GLU S 128 8.48 -37.20 12.41
N ASP S 129 9.63 -37.87 12.54
CA ASP S 129 10.03 -38.49 13.82
C ASP S 129 10.72 -37.51 14.79
N LEU S 130 11.00 -36.30 14.32
CA LEU S 130 11.62 -35.24 15.13
C LEU S 130 13.05 -35.55 15.59
N ARG S 131 13.73 -36.48 14.94
CA ARG S 131 15.11 -36.82 15.31
C ARG S 131 16.11 -36.64 14.17
N SER S 132 15.74 -35.91 13.13
CA SER S 132 16.59 -35.80 11.92
C SER S 132 15.97 -34.85 10.90
N TRP S 133 16.73 -34.56 9.83
CA TRP S 133 16.34 -33.53 8.87
C TRP S 133 16.36 -34.00 7.42
N THR S 134 15.46 -33.45 6.61
CA THR S 134 15.52 -33.60 5.16
C THR S 134 16.13 -32.31 4.60
N ALA S 135 17.37 -32.39 4.09
CA ALA S 135 18.00 -31.27 3.39
C ALA S 135 17.60 -31.36 1.91
N ALA S 136 17.33 -30.23 1.27
CA ALA S 136 16.82 -30.22 -0.11
C ALA S 136 17.92 -30.19 -1.18
N ASP S 137 19.15 -29.88 -0.79
CA ASP S 137 20.30 -29.80 -1.70
C ASP S 137 21.60 -29.64 -0.91
N MET S 138 22.72 -29.48 -1.63
CA MET S 138 24.05 -29.39 -0.99
C MET S 138 24.23 -28.28 0.03
N ALA S 139 23.59 -27.13 -0.15
CA ALA S 139 23.72 -26.03 0.81
C ALA S 139 22.96 -26.38 2.09
N ALA S 140 21.77 -26.92 1.91
CA ALA S 140 20.99 -27.50 2.99
C ALA S 140 21.75 -28.58 3.77
N GLN S 141 22.64 -29.30 3.10
CA GLN S 141 23.47 -30.31 3.77
C GLN S 141 24.53 -29.69 4.69
N THR S 142 25.00 -28.50 4.36
CA THR S 142 25.98 -27.81 5.20
C THR S 142 25.28 -27.45 6.50
N THR S 143 24.12 -26.83 6.36
CA THR S 143 23.25 -26.54 7.48
C THR S 143 22.91 -27.78 8.29
N LYS S 144 22.66 -28.89 7.58
CA LYS S 144 22.21 -30.12 8.22
C LYS S 144 23.27 -30.75 9.12
N HIS S 145 24.53 -30.79 8.69
CA HIS S 145 25.60 -31.33 9.54
C HIS S 145 25.82 -30.43 10.75
N LYS S 146 25.78 -29.13 10.49
CA LYS S 146 25.94 -28.12 11.51
C LYS S 146 24.88 -28.32 12.61
N TRP S 147 23.60 -28.39 12.24
CA TRP S 147 22.52 -28.62 13.23
C TRP S 147 22.55 -29.99 13.90
N GLU S 148 23.11 -30.98 13.23
CA GLU S 148 23.29 -32.30 13.84
C GLU S 148 24.35 -32.24 14.94
N ALA S 149 25.51 -31.65 14.65
CA ALA S 149 26.56 -31.53 15.66
C ALA S 149 26.06 -30.77 16.87
N ALA S 150 25.23 -29.76 16.63
CA ALA S 150 24.68 -28.90 17.69
C ALA S 150 23.56 -29.55 18.51
N HIS S 151 23.02 -30.67 18.04
CA HIS S 151 21.88 -31.33 18.70
C HIS S 151 20.69 -30.38 18.73
N VAL S 152 20.48 -29.67 17.62
CA VAL S 152 19.34 -28.78 17.45
C VAL S 152 18.00 -29.49 17.59
N ALA S 153 17.85 -30.67 16.99
CA ALA S 153 16.56 -31.38 17.00
C ALA S 153 16.12 -31.93 18.36
N GLU S 154 17.04 -32.10 19.31
CA GLU S 154 16.68 -32.51 20.66
C GLU S 154 15.90 -31.41 21.29
N GLN S 155 16.44 -30.21 21.15
CA GLN S 155 15.88 -29.02 21.78
C GLN S 155 14.57 -28.73 21.08
N LEU S 156 14.58 -28.83 19.76
CA LEU S 156 13.38 -28.64 18.96
C LEU S 156 12.27 -29.63 19.35
N ARG S 157 12.62 -30.91 19.46
CA ARG S 157 11.67 -31.93 19.93
C ARG S 157 11.07 -31.55 21.27
N ALA S 158 11.92 -31.21 22.23
CA ALA S 158 11.45 -30.87 23.56
C ALA S 158 10.40 -29.76 23.50
N TYR S 159 10.69 -28.67 22.77
CA TYR S 159 9.73 -27.58 22.57
C TYR S 159 8.41 -28.10 22.02
N LEU S 160 8.49 -28.96 21.00
CA LEU S 160 7.30 -29.36 20.27
C LEU S 160 6.41 -30.30 21.10
N GLU S 161 7.02 -31.27 21.78
CA GLU S 161 6.27 -32.24 22.59
C GLU S 161 5.92 -31.71 23.97
N GLY S 162 6.52 -30.61 24.37
CA GLY S 162 6.29 -30.04 25.69
C GLY S 162 5.63 -28.67 25.62
N THR S 163 6.45 -27.63 25.46
CA THR S 163 5.98 -26.25 25.56
C THR S 163 4.88 -25.90 24.56
N CYS S 164 5.12 -26.24 23.29
CA CYS S 164 4.19 -25.91 22.23
C CYS S 164 2.80 -26.43 22.59
N VAL S 165 2.73 -27.70 22.96
CA VAL S 165 1.45 -28.35 23.25
C VAL S 165 0.75 -27.83 24.52
N GLU S 166 1.53 -27.56 25.58
CA GLU S 166 0.97 -26.98 26.83
C GLU S 166 0.35 -25.61 26.61
N TRP S 167 0.98 -24.74 25.83
CA TRP S 167 0.41 -23.42 25.57
C TRP S 167 -0.76 -23.49 24.58
N LEU S 168 -0.72 -24.43 23.65
CA LEU S 168 -1.88 -24.66 22.78
C LEU S 168 -3.11 -24.98 23.64
N ARG S 169 -2.93 -25.84 24.63
CA ARG S 169 -4.02 -26.20 25.54
C ARG S 169 -4.53 -24.98 26.31
N ARG S 170 -3.58 -24.19 26.80
CA ARG S 170 -3.95 -22.95 27.46
C ARG S 170 -4.77 -22.07 26.52
N TYR S 171 -4.29 -21.88 25.28
CA TYR S 171 -5.01 -21.01 24.33
C TYR S 171 -6.38 -21.59 24.06
N LEU S 172 -6.45 -22.91 23.89
CA LEU S 172 -7.70 -23.59 23.62
C LEU S 172 -8.69 -23.39 24.77
N GLU S 173 -8.20 -23.53 26.01
CA GLU S 173 -9.08 -23.32 27.16
C GLU S 173 -9.47 -21.84 27.22
N ASN S 174 -8.50 -20.94 27.15
CA ASN S 174 -8.78 -19.51 27.24
C ASN S 174 -9.69 -18.97 26.12
N GLY S 175 -9.55 -19.50 24.91
CA GLY S 175 -10.40 -19.10 23.78
C GLY S 175 -11.56 -20.04 23.53
N LYS S 176 -12.02 -20.71 24.59
CA LYS S 176 -13.09 -21.69 24.50
C LYS S 176 -14.24 -21.20 23.61
N GLU S 177 -14.82 -20.06 23.98
CA GLU S 177 -16.07 -19.62 23.38
C GLU S 177 -15.99 -19.46 21.84
N THR S 178 -14.81 -19.17 21.30
CA THR S 178 -14.63 -19.01 19.84
C THR S 178 -13.86 -20.16 19.17
N LEU S 179 -12.76 -20.60 19.76
CA LEU S 179 -11.90 -21.60 19.14
C LEU S 179 -12.55 -22.98 19.07
N GLN S 180 -13.24 -23.38 20.14
CA GLN S 180 -13.88 -24.69 20.17
C GLN S 180 -15.31 -24.67 19.59
N ARG S 181 -15.67 -23.59 18.89
CA ARG S 181 -16.98 -23.50 18.25
C ARG S 181 -16.88 -24.07 16.86
N THR S 182 -18.03 -24.41 16.29
CA THR S 182 -18.10 -24.65 14.86
C THR S 182 -19.21 -23.78 14.29
N ASP S 183 -19.06 -23.36 13.04
CA ASP S 183 -20.09 -22.62 12.34
C ASP S 183 -20.46 -23.42 11.10
N ALA S 184 -21.68 -23.92 11.10
CA ALA S 184 -22.18 -24.67 9.98
C ALA S 184 -22.33 -23.71 8.81
N PRO S 185 -22.02 -24.16 7.60
CA PRO S 185 -22.16 -23.29 6.44
C PRO S 185 -23.61 -22.96 6.19
N LYS S 186 -23.86 -21.72 5.79
CA LYS S 186 -25.16 -21.34 5.26
C LYS S 186 -25.02 -21.67 3.79
N THR S 187 -25.94 -22.46 3.26
CA THR S 187 -25.81 -22.89 1.89
C THR S 187 -27.05 -22.52 1.10
N HIS S 188 -26.84 -22.17 -0.17
CA HIS S 188 -27.92 -22.04 -1.14
C HIS S 188 -27.40 -22.34 -2.57
N MET S 189 -28.28 -22.29 -3.57
CA MET S 189 -27.90 -22.55 -4.96
C MET S 189 -28.39 -21.43 -5.87
N THR S 190 -27.67 -21.16 -6.95
CA THR S 190 -28.18 -20.25 -7.98
C THR S 190 -28.29 -20.96 -9.32
N HIS S 191 -29.17 -20.43 -10.16
CA HIS S 191 -29.44 -20.94 -11.50
C HIS S 191 -29.19 -19.78 -12.45
N HIS S 192 -28.26 -19.96 -13.39
CA HIS S 192 -27.94 -18.93 -14.38
C HIS S 192 -27.98 -19.47 -15.81
N ALA S 193 -29.03 -19.14 -16.56
CA ALA S 193 -29.18 -19.61 -17.93
C ALA S 193 -28.15 -18.93 -18.81
N VAL S 194 -27.39 -19.73 -19.56
CA VAL S 194 -26.26 -19.24 -20.36
C VAL S 194 -26.40 -19.43 -21.89
N SER S 195 -27.42 -20.17 -22.31
CA SER S 195 -27.77 -20.29 -23.73
C SER S 195 -29.17 -20.88 -23.78
N ASP S 196 -29.63 -21.25 -24.96
CA ASP S 196 -30.95 -21.92 -25.07
C ASP S 196 -30.93 -23.37 -24.59
N HIS S 197 -29.74 -23.95 -24.49
CA HIS S 197 -29.60 -25.37 -24.13
C HIS S 197 -28.76 -25.62 -22.85
N GLU S 198 -28.09 -24.60 -22.34
CA GLU S 198 -27.27 -24.76 -21.14
C GLU S 198 -27.59 -23.76 -20.04
N ALA S 199 -27.29 -24.17 -18.80
CA ALA S 199 -27.51 -23.37 -17.60
C ALA S 199 -26.42 -23.65 -16.57
N THR S 200 -25.93 -22.61 -15.90
CA THR S 200 -24.91 -22.77 -14.88
C THR S 200 -25.58 -22.85 -13.51
N LEU S 201 -25.46 -24.00 -12.85
CA LEU S 201 -25.91 -24.16 -11.48
C LEU S 201 -24.72 -23.90 -10.59
N ARG S 202 -24.88 -23.10 -9.54
CA ARG S 202 -23.79 -22.85 -8.58
C ARG S 202 -24.27 -23.14 -7.15
N CYS S 203 -23.44 -23.91 -6.42
CA CYS S 203 -23.68 -24.27 -5.03
C CYS S 203 -22.79 -23.40 -4.14
N TRP S 204 -23.41 -22.73 -3.15
CA TRP S 204 -22.73 -21.77 -2.25
C TRP S 204 -22.65 -22.25 -0.81
N ALA S 205 -21.52 -22.01 -0.16
CA ALA S 205 -21.35 -22.25 1.28
C ALA S 205 -20.69 -21.04 1.89
N LEU S 206 -21.38 -20.43 2.86
CA LEU S 206 -20.97 -19.18 3.48
C LEU S 206 -20.97 -19.24 5.03
N SER S 207 -20.12 -18.42 5.64
CA SER S 207 -20.14 -18.18 7.08
C SER S 207 -19.73 -19.37 7.91
N PHE S 208 -18.84 -20.21 7.40
CA PHE S 208 -18.49 -21.44 8.14
C PHE S 208 -17.10 -21.39 8.80
N TYR S 209 -16.97 -22.18 9.86
CA TYR S 209 -15.71 -22.30 10.57
C TYR S 209 -15.61 -23.69 11.19
N PRO S 210 -14.50 -24.40 10.95
CA PRO S 210 -13.29 -23.97 10.28
C PRO S 210 -13.29 -24.09 8.74
N ALA S 211 -12.18 -23.69 8.13
CA ALA S 211 -12.00 -23.68 6.68
C ALA S 211 -12.36 -24.99 5.98
N GLU S 212 -11.85 -26.10 6.49
CA GLU S 212 -12.06 -27.43 5.91
C GLU S 212 -13.51 -27.69 5.54
N ILE S 213 -13.76 -28.03 4.27
CA ILE S 213 -15.11 -28.29 3.78
C ILE S 213 -15.02 -28.99 2.42
N THR S 214 -16.01 -29.82 2.08
CA THR S 214 -16.06 -30.41 0.76
C THR S 214 -17.37 -30.06 0.08
N LEU S 215 -17.29 -29.62 -1.17
CA LEU S 215 -18.47 -29.32 -1.98
C LEU S 215 -18.39 -30.16 -3.22
N THR S 216 -19.46 -30.91 -3.49
CA THR S 216 -19.45 -31.90 -4.56
C THR S 216 -20.79 -31.93 -5.31
N TRP S 217 -20.75 -31.88 -6.64
CA TRP S 217 -21.94 -32.11 -7.44
C TRP S 217 -22.10 -33.58 -7.81
N GLN S 218 -23.34 -34.05 -7.85
CA GLN S 218 -23.65 -35.37 -8.35
C GLN S 218 -24.77 -35.28 -9.39
N ARG S 219 -24.69 -36.16 -10.39
CA ARG S 219 -25.71 -36.32 -11.41
C ARG S 219 -26.25 -37.75 -11.31
N ASP S 220 -27.49 -37.90 -10.84
CA ASP S 220 -28.08 -39.21 -10.54
C ASP S 220 -27.14 -40.04 -9.65
N GLY S 221 -26.61 -39.40 -8.61
CA GLY S 221 -25.77 -40.07 -7.61
C GLY S 221 -24.29 -40.15 -7.92
N GLU S 222 -23.92 -40.06 -9.20
CA GLU S 222 -22.53 -40.28 -9.59
C GLU S 222 -21.76 -38.97 -9.66
N ASP S 223 -20.57 -38.97 -9.06
CA ASP S 223 -19.77 -37.75 -8.85
C ASP S 223 -19.30 -37.15 -10.18
N GLN S 224 -19.44 -35.83 -10.30
CA GLN S 224 -19.07 -35.09 -11.50
C GLN S 224 -17.73 -34.36 -11.36
N THR S 225 -16.80 -34.92 -10.60
CA THR S 225 -15.56 -34.19 -10.30
C THR S 225 -14.77 -33.68 -11.53
N GLN S 226 -15.17 -34.09 -12.74
CA GLN S 226 -14.48 -33.72 -13.98
C GLN S 226 -15.03 -32.43 -14.61
N ASP S 227 -16.35 -32.24 -14.52
CA ASP S 227 -17.05 -31.14 -15.19
C ASP S 227 -17.43 -29.98 -14.25
N THR S 228 -16.79 -29.88 -13.07
CA THR S 228 -17.17 -28.88 -12.06
C THR S 228 -16.06 -27.87 -11.74
N GLU S 229 -16.43 -26.59 -11.69
CA GLU S 229 -15.53 -25.51 -11.30
C GLU S 229 -15.58 -25.35 -9.79
N LEU S 230 -14.42 -25.44 -9.13
CA LEU S 230 -14.27 -25.19 -7.70
C LEU S 230 -13.40 -23.95 -7.49
N VAL S 231 -13.89 -22.96 -6.74
CA VAL S 231 -12.99 -21.90 -6.28
C VAL S 231 -12.33 -22.32 -4.98
N GLU S 232 -11.06 -21.94 -4.86
CA GLU S 232 -10.30 -22.01 -3.62
C GLU S 232 -11.09 -21.36 -2.49
N THR S 233 -10.84 -21.81 -1.26
CA THR S 233 -11.62 -21.39 -0.10
C THR S 233 -11.11 -20.09 0.47
N ARG S 234 -12.02 -19.13 0.61
CA ARG S 234 -11.64 -17.75 0.89
C ARG S 234 -12.20 -17.25 2.22
N PRO S 235 -11.48 -16.34 2.88
CA PRO S 235 -11.98 -15.73 4.11
C PRO S 235 -13.02 -14.64 3.85
N ALA S 236 -14.11 -14.64 4.62
CA ALA S 236 -15.11 -13.61 4.54
C ALA S 236 -14.58 -12.30 5.14
N GLY S 237 -13.60 -12.41 6.03
CA GLY S 237 -12.96 -11.25 6.68
C GLY S 237 -13.41 -11.03 8.12
N ASP S 238 -14.41 -11.79 8.55
CA ASP S 238 -14.91 -11.71 9.91
C ASP S 238 -14.51 -12.93 10.73
N GLY S 239 -13.57 -13.72 10.21
CA GLY S 239 -13.15 -14.95 10.85
C GLY S 239 -13.75 -16.22 10.26
N THR S 240 -14.73 -16.10 9.36
CA THR S 240 -15.31 -17.30 8.73
C THR S 240 -14.85 -17.43 7.28
N PHE S 241 -15.40 -18.38 6.56
CA PHE S 241 -14.93 -18.71 5.22
C PHE S 241 -16.09 -18.97 4.25
N GLN S 242 -15.73 -19.03 2.99
CA GLN S 242 -16.69 -19.11 1.90
C GLN S 242 -16.11 -20.00 0.82
N LYS S 243 -16.98 -20.79 0.18
CA LYS S 243 -16.59 -21.55 -1.02
C LYS S 243 -17.80 -21.71 -1.90
N TRP S 244 -17.59 -21.80 -3.21
CA TRP S 244 -18.65 -22.26 -4.11
C TRP S 244 -18.17 -23.32 -5.09
N ALA S 245 -19.13 -24.06 -5.65
CA ALA S 245 -18.87 -25.13 -6.63
C ALA S 245 -19.91 -25.01 -7.77
N ALA S 246 -19.46 -25.13 -9.02
CA ALA S 246 -20.33 -24.86 -10.18
C ALA S 246 -20.24 -25.91 -11.27
N VAL S 247 -21.37 -26.12 -11.95
CA VAL S 247 -21.47 -27.10 -13.01
C VAL S 247 -22.46 -26.62 -14.07
N VAL S 248 -22.12 -26.84 -15.35
CA VAL S 248 -22.96 -26.48 -16.50
C VAL S 248 -23.72 -27.69 -16.98
N VAL S 249 -25.04 -27.58 -17.11
CA VAL S 249 -25.91 -28.74 -17.32
C VAL S 249 -26.86 -28.53 -18.49
N PRO S 250 -27.13 -29.59 -19.28
CA PRO S 250 -28.10 -29.44 -20.36
C PRO S 250 -29.45 -28.99 -19.81
N SER S 251 -30.14 -28.15 -20.56
CA SER S 251 -31.37 -27.54 -20.08
C SER S 251 -32.48 -28.58 -19.97
N GLY S 252 -33.27 -28.48 -18.92
CA GLY S 252 -34.30 -29.47 -18.63
C GLY S 252 -33.87 -30.51 -17.62
N GLN S 253 -32.56 -30.69 -17.45
CA GLN S 253 -31.99 -31.73 -16.58
C GLN S 253 -31.56 -31.23 -15.17
N GLU S 254 -31.99 -30.05 -14.76
CA GLU S 254 -31.56 -29.49 -13.48
C GLU S 254 -31.83 -30.46 -12.32
N GLN S 255 -32.98 -31.14 -12.40
CA GLN S 255 -33.44 -32.05 -11.35
C GLN S 255 -32.60 -33.33 -11.24
N ARG S 256 -31.85 -33.64 -12.30
CA ARG S 256 -30.88 -34.74 -12.25
C ARG S 256 -29.72 -34.42 -11.31
N TYR S 257 -29.50 -33.14 -11.01
CA TYR S 257 -28.30 -32.69 -10.28
C TYR S 257 -28.57 -32.38 -8.81
N THR S 258 -27.60 -32.74 -7.96
CA THR S 258 -27.64 -32.44 -6.54
C THR S 258 -26.27 -31.95 -6.04
N CYS S 259 -26.30 -31.07 -5.04
CA CYS S 259 -25.08 -30.57 -4.41
C CYS S 259 -24.91 -31.18 -3.02
N HIS S 260 -23.70 -31.59 -2.71
CA HIS S 260 -23.41 -32.25 -1.44
C HIS S 260 -22.35 -31.50 -0.68
N VAL S 261 -22.65 -31.21 0.58
CA VAL S 261 -21.82 -30.38 1.40
C VAL S 261 -21.42 -31.13 2.64
N GLN S 262 -20.12 -31.16 2.92
CA GLN S 262 -19.59 -31.83 4.08
C GLN S 262 -18.80 -30.87 4.95
N HIS S 263 -19.19 -30.73 6.20
CA HIS S 263 -18.51 -29.83 7.12
C HIS S 263 -18.70 -30.30 8.54
N GLU S 264 -17.68 -30.06 9.37
CA GLU S 264 -17.67 -30.45 10.78
C GLU S 264 -18.88 -29.95 11.58
N GLY S 265 -19.38 -28.78 11.25
CA GLY S 265 -20.48 -28.17 12.01
C GLY S 265 -21.86 -28.63 11.61
N LEU S 266 -21.93 -29.61 10.71
CA LEU S 266 -23.20 -30.22 10.30
C LEU S 266 -23.34 -31.59 10.95
N PRO S 267 -24.48 -31.85 11.61
CA PRO S 267 -24.74 -33.17 12.20
C PRO S 267 -24.62 -34.31 11.18
N LYS S 268 -25.19 -34.10 9.99
CA LYS S 268 -25.07 -35.03 8.87
C LYS S 268 -24.96 -34.26 7.56
N PRO S 269 -24.18 -34.80 6.58
CA PRO S 269 -23.92 -34.08 5.34
C PRO S 269 -25.18 -33.66 4.57
N LEU S 270 -25.17 -32.47 4.00
CA LEU S 270 -26.36 -31.90 3.37
C LEU S 270 -26.51 -32.27 1.92
N THR S 271 -27.77 -32.37 1.49
CA THR S 271 -28.10 -32.69 0.11
C THR S 271 -29.06 -31.65 -0.42
N LEU S 272 -28.58 -30.85 -1.38
CA LEU S 272 -29.38 -29.78 -1.93
C LEU S 272 -29.91 -30.19 -3.29
N ARG S 273 -31.23 -30.15 -3.43
CA ARG S 273 -31.89 -30.67 -4.62
C ARG S 273 -32.75 -29.62 -5.33
N TRP S 274 -32.83 -29.77 -6.64
CA TRP S 274 -33.64 -28.91 -7.47
C TRP S 274 -35.07 -29.42 -7.51
N GLU S 275 -35.78 -29.18 -6.41
CA GLU S 275 -37.19 -29.50 -6.31
C GLU S 275 -37.94 -28.33 -6.94
N PRO S 276 -39.04 -28.61 -7.68
CA PRO S 276 -39.60 -27.57 -8.53
C PRO S 276 -40.13 -26.37 -7.73
N MET T 1 15.28 -19.38 -9.32
CA MET T 1 14.24 -18.54 -8.66
C MET T 1 12.85 -18.88 -9.26
N ILE T 2 11.93 -19.33 -8.40
CA ILE T 2 10.56 -19.64 -8.83
C ILE T 2 9.63 -18.44 -8.71
N GLN T 3 8.73 -18.30 -9.68
CA GLN T 3 7.79 -17.19 -9.69
C GLN T 3 6.36 -17.69 -9.96
N ARG T 4 5.50 -17.55 -8.97
CA ARG T 4 4.10 -17.93 -9.10
C ARG T 4 3.25 -16.68 -9.33
N THR T 5 2.30 -16.82 -10.24
CA THR T 5 1.44 -15.70 -10.59
C THR T 5 0.17 -15.74 -9.70
N PRO T 6 -0.38 -14.57 -9.35
CA PRO T 6 -1.45 -14.55 -8.37
C PRO T 6 -2.82 -14.99 -8.87
N LYS T 7 -3.54 -15.74 -8.05
CA LYS T 7 -4.96 -15.98 -8.31
C LYS T 7 -5.66 -14.83 -7.67
N ILE T 8 -6.86 -14.53 -8.14
CA ILE T 8 -7.59 -13.35 -7.69
C ILE T 8 -9.06 -13.66 -7.55
N GLN T 9 -9.63 -13.30 -6.39
CA GLN T 9 -11.09 -13.31 -6.21
C GLN T 9 -11.55 -12.00 -5.63
N VAL T 10 -12.67 -11.48 -6.15
CA VAL T 10 -13.23 -10.24 -5.67
C VAL T 10 -14.70 -10.46 -5.30
N TYR T 11 -15.05 -10.07 -4.07
CA TYR T 11 -16.31 -10.47 -3.46
C TYR T 11 -16.56 -9.66 -2.20
N SER T 12 -17.81 -9.69 -1.73
CA SER T 12 -18.20 -8.95 -0.53
C SER T 12 -18.28 -9.86 0.68
N ARG T 13 -18.16 -9.27 1.88
CA ARG T 13 -18.16 -10.05 3.12
C ARG T 13 -19.48 -10.75 3.38
N HIS T 14 -20.57 -10.01 3.25
CA HIS T 14 -21.91 -10.58 3.34
C HIS T 14 -22.61 -10.46 2.00
N PRO T 15 -23.70 -11.21 1.82
CA PRO T 15 -24.42 -11.10 0.55
C PRO T 15 -24.73 -9.64 0.21
N ALA T 16 -24.41 -9.22 -1.01
CA ALA T 16 -24.58 -7.83 -1.37
C ALA T 16 -26.04 -7.41 -1.35
N GLU T 17 -26.33 -6.28 -0.70
CA GLU T 17 -27.61 -5.62 -0.83
C GLU T 17 -27.39 -4.13 -1.04
N ASN T 18 -27.90 -3.62 -2.15
CA ASN T 18 -27.89 -2.19 -2.45
C ASN T 18 -28.42 -1.36 -1.28
N GLY T 19 -27.63 -0.36 -0.90
CA GLY T 19 -27.96 0.51 0.23
C GLY T 19 -27.63 -0.01 1.62
N LYS T 20 -27.02 -1.19 1.70
CA LYS T 20 -26.61 -1.76 2.99
C LYS T 20 -25.09 -1.90 3.08
N SER T 21 -24.52 -1.31 4.13
CA SER T 21 -23.09 -1.41 4.43
C SER T 21 -22.58 -2.85 4.51
N ASN T 22 -21.31 -3.03 4.16
CA ASN T 22 -20.75 -4.34 3.86
C ASN T 22 -19.23 -4.12 3.71
N PHE T 23 -18.47 -5.14 3.33
CA PHE T 23 -17.05 -4.98 3.11
C PHE T 23 -16.71 -5.56 1.75
N LEU T 24 -15.96 -4.83 0.94
CA LEU T 24 -15.52 -5.33 -0.35
C LEU T 24 -14.16 -5.95 -0.13
N ASN T 25 -14.01 -7.18 -0.62
CA ASN T 25 -12.80 -7.96 -0.44
C ASN T 25 -12.12 -8.21 -1.75
N CYS T 26 -10.79 -8.25 -1.72
CA CYS T 26 -10.00 -8.82 -2.80
C CYS T 26 -8.96 -9.76 -2.23
N TYR T 27 -9.11 -11.04 -2.55
CA TYR T 27 -8.22 -12.07 -2.04
C TYR T 27 -7.22 -12.43 -3.11
N VAL T 28 -5.94 -12.24 -2.84
CA VAL T 28 -4.89 -12.67 -3.75
C VAL T 28 -4.09 -13.79 -3.09
N SER T 29 -3.84 -14.86 -3.85
CA SER T 29 -3.14 -16.02 -3.31
C SER T 29 -2.28 -16.71 -4.34
N GLY T 30 -1.55 -17.72 -3.90
CA GLY T 30 -0.76 -18.52 -4.81
C GLY T 30 0.39 -17.82 -5.49
N PHE T 31 0.84 -16.67 -4.97
CA PHE T 31 1.87 -15.88 -5.68
C PHE T 31 3.20 -15.90 -4.97
N HIS T 32 4.25 -15.71 -5.76
CA HIS T 32 5.61 -15.63 -5.26
C HIS T 32 6.43 -14.88 -6.31
N PRO T 33 7.28 -13.93 -5.87
CA PRO T 33 7.58 -13.52 -4.51
C PRO T 33 6.51 -12.59 -3.93
N SER T 34 6.75 -12.05 -2.73
CA SER T 34 5.69 -11.42 -1.92
C SER T 34 5.30 -9.99 -2.31
N ASP T 35 6.20 -9.25 -2.96
CA ASP T 35 5.89 -7.90 -3.39
C ASP T 35 4.74 -7.96 -4.34
N ILE T 36 3.68 -7.23 -4.05
CA ILE T 36 2.49 -7.22 -4.87
C ILE T 36 1.75 -5.91 -4.65
N GLU T 37 1.11 -5.39 -5.68
CA GLU T 37 0.35 -4.16 -5.55
C GLU T 37 -1.12 -4.46 -5.76
N VAL T 38 -1.95 -4.08 -4.80
CA VAL T 38 -3.36 -4.37 -4.89
C VAL T 38 -4.15 -3.12 -4.56
N ASP T 39 -4.85 -2.61 -5.56
CA ASP T 39 -5.78 -1.52 -5.35
C ASP T 39 -7.18 -2.05 -5.54
N LEU T 40 -8.11 -1.42 -4.83
CA LEU T 40 -9.52 -1.66 -4.95
C LEU T 40 -10.10 -0.43 -5.64
N LEU T 41 -11.05 -0.63 -6.54
CA LEU T 41 -11.55 0.46 -7.37
C LEU T 41 -13.04 0.67 -7.23
N LYS T 42 -13.43 1.93 -7.17
CA LYS T 42 -14.82 2.34 -7.34
C LYS T 42 -14.87 3.11 -8.65
N ASN T 43 -15.58 2.58 -9.64
CA ASN T 43 -15.69 3.25 -10.96
C ASN T 43 -14.32 3.63 -11.56
N GLY T 44 -13.37 2.71 -11.47
CA GLY T 44 -12.04 2.93 -12.02
C GLY T 44 -11.11 3.81 -11.20
N GLU T 45 -11.58 4.38 -10.10
CA GLU T 45 -10.76 5.24 -9.25
C GLU T 45 -10.49 4.50 -7.93
N ARG T 46 -9.25 4.58 -7.45
CA ARG T 46 -8.85 3.78 -6.29
C ARG T 46 -9.38 4.33 -4.96
N ILE T 47 -9.62 3.42 -4.02
CA ILE T 47 -10.14 3.75 -2.69
C ILE T 47 -8.94 3.78 -1.74
N GLU T 48 -8.97 4.67 -0.74
CA GLU T 48 -7.74 4.95 0.02
C GLU T 48 -7.61 4.27 1.39
N LYS T 49 -8.69 4.15 2.15
CA LYS T 49 -8.61 3.51 3.47
C LYS T 49 -8.81 2.00 3.30
N VAL T 50 -7.90 1.40 2.54
CA VAL T 50 -7.97 -0.01 2.22
C VAL T 50 -6.93 -0.73 3.06
N GLU T 51 -7.41 -1.62 3.92
CA GLU T 51 -6.57 -2.35 4.84
C GLU T 51 -6.26 -3.70 4.24
N HIS T 52 -5.22 -4.33 4.75
CA HIS T 52 -4.97 -5.71 4.41
C HIS T 52 -4.56 -6.55 5.60
N SER T 53 -4.58 -7.86 5.37
CA SER T 53 -4.26 -8.86 6.36
C SER T 53 -2.76 -9.03 6.39
N ASP T 54 -2.25 -9.69 7.42
CA ASP T 54 -0.82 -9.89 7.55
C ASP T 54 -0.39 -10.99 6.60
N LEU T 55 0.77 -10.81 6.01
CA LEU T 55 1.27 -11.72 5.01
C LEU T 55 1.50 -13.09 5.64
N SER T 56 0.99 -14.12 4.98
CA SER T 56 1.11 -15.51 5.41
C SER T 56 1.14 -16.36 4.14
N PHE T 57 1.39 -17.65 4.29
CA PHE T 57 1.60 -18.53 3.13
C PHE T 57 1.14 -19.96 3.35
N SER T 58 1.03 -20.68 2.24
CA SER T 58 0.44 -22.03 2.20
C SER T 58 1.47 -23.15 2.24
N LYS T 59 0.98 -24.38 2.28
CA LYS T 59 1.83 -25.57 2.24
C LYS T 59 2.90 -25.49 1.16
N ASP T 60 2.56 -24.90 0.00
CA ASP T 60 3.52 -24.81 -1.11
C ASP T 60 4.35 -23.52 -1.12
N TRP T 61 4.36 -22.79 0.00
CA TRP T 61 5.13 -21.55 0.18
C TRP T 61 4.61 -20.32 -0.60
N SER T 62 3.54 -20.49 -1.36
CA SER T 62 2.96 -19.35 -2.06
C SER T 62 2.23 -18.48 -1.03
N PHE T 63 2.24 -17.17 -1.26
CA PHE T 63 1.72 -16.21 -0.31
C PHE T 63 0.25 -15.94 -0.55
N TYR T 64 -0.45 -15.53 0.51
CA TYR T 64 -1.81 -15.02 0.36
C TYR T 64 -2.05 -13.77 1.25
N LEU T 65 -3.03 -12.97 0.82
CA LEU T 65 -3.33 -11.70 1.43
C LEU T 65 -4.80 -11.38 1.20
N LEU T 66 -5.47 -10.83 2.19
CA LEU T 66 -6.78 -10.24 1.96
C LEU T 66 -6.71 -8.73 2.11
N TYR T 67 -7.14 -8.02 1.06
CA TYR T 67 -7.33 -6.57 1.08
C TYR T 67 -8.81 -6.32 1.20
N TYR T 68 -9.22 -5.28 1.93
CA TYR T 68 -10.65 -5.05 2.18
C TYR T 68 -10.98 -3.62 2.62
N THR T 69 -12.22 -3.20 2.42
CA THR T 69 -12.66 -1.86 2.82
C THR T 69 -14.18 -1.79 2.99
N GLU T 70 -14.62 -1.00 3.98
CA GLU T 70 -16.03 -0.87 4.27
C GLU T 70 -16.66 -0.14 3.12
N PHE T 71 -17.88 -0.54 2.73
CA PHE T 71 -18.57 0.12 1.63
C PHE T 71 -20.06 -0.19 1.65
N THR T 72 -20.82 0.69 1.00
CA THR T 72 -22.24 0.52 0.81
C THR T 72 -22.48 0.50 -0.70
N PRO T 73 -22.71 -0.69 -1.27
CA PRO T 73 -22.89 -0.76 -2.71
C PRO T 73 -24.26 -0.25 -3.14
N THR T 74 -24.30 0.36 -4.33
CA THR T 74 -25.53 0.75 -5.00
C THR T 74 -25.46 0.33 -6.48
N GLU T 75 -26.60 0.31 -7.16
CA GLU T 75 -26.64 -0.19 -8.54
C GLU T 75 -25.77 0.61 -9.51
N LYS T 76 -25.70 1.92 -9.31
CA LYS T 76 -24.96 2.80 -10.22
C LYS T 76 -23.45 2.56 -10.21
N ASN T 77 -22.92 2.11 -9.07
CA ASN T 77 -21.48 1.93 -8.90
C ASN T 77 -20.91 0.56 -9.35
N GLU T 78 -19.74 0.61 -9.97
CA GLU T 78 -19.02 -0.57 -10.45
C GLU T 78 -17.77 -0.67 -9.57
N TYR T 79 -17.43 -1.87 -9.11
CA TYR T 79 -16.27 -2.07 -8.25
C TYR T 79 -15.34 -3.11 -8.83
N ALA T 80 -14.03 -2.90 -8.69
CA ALA T 80 -13.07 -3.89 -9.18
C ALA T 80 -11.87 -4.00 -8.22
N CYS T 81 -10.96 -4.93 -8.51
CA CYS T 81 -9.67 -5.05 -7.83
C CYS T 81 -8.59 -4.85 -8.90
N ARG T 82 -7.55 -4.08 -8.62
CA ARG T 82 -6.41 -3.96 -9.55
C ARG T 82 -5.10 -4.42 -8.92
N VAL T 83 -4.54 -5.48 -9.50
CA VAL T 83 -3.39 -6.20 -8.96
C VAL T 83 -2.22 -6.14 -9.92
N ASN T 84 -1.07 -5.63 -9.47
CA ASN T 84 0.15 -5.81 -10.25
C ASN T 84 1.17 -6.66 -9.50
N HIS T 85 1.94 -7.43 -10.27
CA HIS T 85 2.92 -8.37 -9.74
C HIS T 85 3.98 -8.66 -10.80
N VAL T 86 5.19 -8.99 -10.35
CA VAL T 86 6.31 -9.20 -11.27
C VAL T 86 6.01 -10.23 -12.38
N THR T 87 5.08 -11.15 -12.14
CA THR T 87 4.71 -12.19 -13.11
C THR T 87 3.69 -11.71 -14.16
N LEU T 88 3.20 -10.49 -13.99
CA LEU T 88 2.21 -9.95 -14.91
C LEU T 88 2.88 -8.98 -15.88
N SER T 89 2.51 -9.06 -17.15
CA SER T 89 2.99 -8.09 -18.15
C SER T 89 2.30 -6.73 -17.98
N GLN T 90 1.15 -6.71 -17.32
CA GLN T 90 0.42 -5.47 -17.06
C GLN T 90 -0.56 -5.68 -15.89
N PRO T 91 -1.05 -4.58 -15.30
CA PRO T 91 -2.07 -4.68 -14.24
C PRO T 91 -3.32 -5.49 -14.63
N LYS T 92 -3.73 -6.43 -13.77
CA LYS T 92 -4.94 -7.21 -14.01
C LYS T 92 -6.15 -6.66 -13.24
N ILE T 93 -7.22 -6.39 -13.96
CA ILE T 93 -8.42 -5.86 -13.34
C ILE T 93 -9.43 -7.00 -13.28
N VAL T 94 -9.97 -7.24 -12.09
CA VAL T 94 -11.05 -8.20 -11.93
C VAL T 94 -12.23 -7.45 -11.35
N LYS T 95 -13.35 -7.50 -12.08
CA LYS T 95 -14.56 -6.78 -11.70
C LYS T 95 -15.30 -7.53 -10.63
N TRP T 96 -15.92 -6.82 -9.71
CA TRP T 96 -16.79 -7.45 -8.73
C TRP T 96 -18.11 -7.82 -9.38
N ASP T 97 -18.36 -9.12 -9.50
CA ASP T 97 -19.64 -9.64 -9.94
C ASP T 97 -20.36 -10.07 -8.67
N ARG T 98 -21.60 -9.61 -8.49
CA ARG T 98 -22.35 -9.89 -7.26
C ARG T 98 -22.72 -11.37 -7.07
N ASP T 99 -22.70 -12.14 -8.16
CA ASP T 99 -23.00 -13.58 -8.10
C ASP T 99 -21.74 -14.44 -8.27
N MET T 100 -20.63 -13.98 -7.70
CA MET T 100 -19.35 -14.71 -7.70
C MET T 100 -18.50 -14.37 -6.46
N TYR U 1 3.11 -19.38 21.77
CA TYR U 1 4.36 -19.27 22.55
C TYR U 1 5.52 -19.67 21.66
N LEU U 2 6.37 -18.70 21.31
CA LEU U 2 7.49 -18.95 20.41
C LEU U 2 8.60 -19.72 21.09
N LEU U 3 9.49 -20.26 20.26
CA LEU U 3 10.80 -20.75 20.71
C LEU U 3 11.60 -19.63 21.34
N MET U 4 12.42 -19.95 22.33
CA MET U 4 13.26 -18.93 22.97
C MET U 4 14.28 -18.44 21.97
N TRP U 5 14.83 -19.35 21.16
CA TRP U 5 15.66 -18.92 20.04
C TRP U 5 15.58 -19.85 18.87
N ILE U 6 16.09 -19.37 17.73
CA ILE U 6 16.28 -20.20 16.56
C ILE U 6 17.73 -20.12 16.12
N THR U 7 18.26 -21.20 15.59
CA THR U 7 19.69 -21.31 15.29
C THR U 7 19.90 -20.95 13.84
N GLN U 8 21.01 -20.28 13.59
CA GLN U 8 21.38 -19.87 12.25
C GLN U 8 21.46 -21.03 11.25
N VAL U 9 20.96 -20.77 10.06
CA VAL U 9 21.28 -21.58 8.90
C VAL U 9 22.80 -21.58 8.70
N GLY V 1 -48.25 -75.53 -6.58
CA GLY V 1 -49.09 -74.29 -6.65
C GLY V 1 -49.82 -74.19 -7.98
N SER V 2 -49.87 -72.98 -8.54
CA SER V 2 -50.53 -72.75 -9.83
C SER V 2 -49.75 -73.38 -10.97
N HIS V 3 -50.39 -73.45 -12.13
CA HIS V 3 -49.76 -73.92 -13.34
C HIS V 3 -50.45 -73.29 -14.53
N SER V 4 -49.68 -73.02 -15.58
CA SER V 4 -50.20 -72.32 -16.75
C SER V 4 -49.82 -73.03 -18.04
N MET V 5 -50.69 -72.93 -19.03
CA MET V 5 -50.37 -73.25 -20.41
C MET V 5 -50.69 -72.04 -21.27
N ARG V 6 -49.73 -71.58 -22.04
CA ARG V 6 -49.87 -70.36 -22.84
C ARG V 6 -49.24 -70.59 -24.20
N TYR V 7 -49.86 -70.00 -25.22
CA TYR V 7 -49.31 -69.98 -26.56
C TYR V 7 -49.09 -68.53 -26.97
N PHE V 8 -47.89 -68.22 -27.46
CA PHE V 8 -47.55 -66.86 -27.92
C PHE V 8 -47.40 -66.88 -29.42
N PHE V 9 -47.96 -65.89 -30.11
CA PHE V 9 -47.83 -65.83 -31.57
C PHE V 9 -47.40 -64.47 -32.02
N THR V 10 -46.56 -64.43 -33.03
CA THR V 10 -46.12 -63.19 -33.63
C THR V 10 -46.19 -63.34 -35.15
N SER V 11 -46.87 -62.38 -35.77
CA SER V 11 -46.97 -62.28 -37.22
C SER V 11 -46.46 -60.90 -37.61
N VAL V 12 -45.72 -60.83 -38.73
CA VAL V 12 -45.02 -59.61 -39.15
C VAL V 12 -44.98 -59.50 -40.68
N SER V 13 -45.61 -58.46 -41.23
CA SER V 13 -45.61 -58.22 -42.68
C SER V 13 -44.23 -57.81 -43.16
N ARG V 14 -43.89 -58.22 -44.38
CA ARG V 14 -42.59 -57.95 -44.97
C ARG V 14 -42.82 -57.52 -46.42
N PRO V 15 -43.57 -56.41 -46.61
CA PRO V 15 -43.83 -55.91 -47.95
C PRO V 15 -42.53 -55.55 -48.65
N GLY V 16 -42.30 -56.11 -49.83
CA GLY V 16 -41.08 -55.83 -50.59
C GLY V 16 -39.92 -56.77 -50.37
N ARG V 17 -40.04 -57.69 -49.41
CA ARG V 17 -38.98 -58.66 -49.13
C ARG V 17 -39.47 -60.12 -49.19
N GLY V 18 -40.66 -60.41 -48.68
CA GLY V 18 -41.22 -61.75 -48.83
C GLY V 18 -42.62 -61.91 -48.25
N GLU V 19 -42.98 -63.17 -47.99
CA GLU V 19 -44.24 -63.52 -47.33
C GLU V 19 -44.15 -63.20 -45.83
N PRO V 20 -45.30 -63.08 -45.14
CA PRO V 20 -45.29 -62.66 -43.74
C PRO V 20 -44.69 -63.68 -42.76
N ARG V 21 -43.87 -63.19 -41.84
CA ARG V 21 -43.24 -64.05 -40.85
C ARG V 21 -44.28 -64.51 -39.85
N PHE V 22 -44.24 -65.79 -39.51
CA PHE V 22 -45.09 -66.33 -38.47
C PHE V 22 -44.28 -67.23 -37.52
N ILE V 23 -44.27 -66.88 -36.24
CA ILE V 23 -43.57 -67.64 -35.21
C ILE V 23 -44.55 -67.96 -34.10
N ALA V 24 -44.58 -69.22 -33.68
CA ALA V 24 -45.48 -69.67 -32.62
C ALA V 24 -44.68 -70.43 -31.56
N VAL V 25 -44.91 -70.14 -30.29
CA VAL V 25 -44.31 -70.93 -29.23
C VAL V 25 -45.32 -71.23 -28.15
N GLY V 26 -45.20 -72.41 -27.55
CA GLY V 26 -46.07 -72.82 -26.45
C GLY V 26 -45.26 -73.05 -25.19
N TYR V 27 -45.78 -72.57 -24.07
CA TYR V 27 -45.14 -72.76 -22.77
C TYR V 27 -46.06 -73.49 -21.80
N VAL V 28 -45.46 -74.26 -20.90
CA VAL V 28 -46.12 -74.66 -19.66
C VAL V 28 -45.24 -74.08 -18.55
N ASP V 29 -45.83 -73.23 -17.73
CA ASP V 29 -45.06 -72.43 -16.77
C ASP V 29 -43.99 -71.62 -17.50
N ASP V 30 -42.74 -71.70 -17.06
CA ASP V 30 -41.65 -70.94 -17.66
C ASP V 30 -40.81 -71.84 -18.57
N THR V 31 -41.46 -72.90 -19.07
CA THR V 31 -40.79 -73.93 -19.83
C THR V 31 -41.39 -74.09 -21.23
N GLN V 32 -40.64 -73.70 -22.26
CA GLN V 32 -41.08 -73.80 -23.63
C GLN V 32 -41.15 -75.24 -24.09
N PHE V 33 -42.27 -75.66 -24.66
CA PHE V 33 -42.40 -77.04 -25.12
C PHE V 33 -42.61 -77.27 -26.63
N VAL V 34 -43.12 -76.29 -27.35
CA VAL V 34 -43.34 -76.40 -28.78
C VAL V 34 -43.03 -75.09 -29.48
N ARG V 35 -42.78 -75.17 -30.79
CA ARG V 35 -42.51 -73.98 -31.59
C ARG V 35 -42.83 -74.23 -33.04
N PHE V 36 -43.10 -73.16 -33.77
CA PHE V 36 -43.23 -73.21 -35.22
C PHE V 36 -42.71 -71.89 -35.79
N ASP V 37 -41.99 -71.96 -36.91
CA ASP V 37 -41.42 -70.78 -37.53
C ASP V 37 -41.63 -70.87 -39.04
N SER V 38 -42.23 -69.85 -39.62
CA SER V 38 -42.57 -69.89 -41.05
C SER V 38 -41.31 -69.98 -41.91
N ASP V 39 -40.21 -69.35 -41.47
CA ASP V 39 -38.93 -69.35 -42.20
C ASP V 39 -38.04 -70.54 -41.84
N ALA V 40 -38.62 -71.63 -41.36
CA ALA V 40 -37.81 -72.79 -40.94
C ALA V 40 -38.08 -73.96 -41.88
N ALA V 41 -37.17 -74.92 -41.90
CA ALA V 41 -37.15 -75.93 -42.98
C ALA V 41 -38.21 -77.02 -42.82
N SER V 42 -38.46 -77.45 -41.59
CA SER V 42 -39.37 -78.57 -41.30
C SER V 42 -40.82 -78.28 -41.67
N GLN V 43 -41.27 -77.05 -41.48
CA GLN V 43 -42.66 -76.70 -41.75
C GLN V 43 -43.62 -77.60 -40.97
N ARG V 44 -43.30 -77.74 -39.69
CA ARG V 44 -44.03 -78.56 -38.75
C ARG V 44 -43.87 -77.97 -37.38
N MET V 45 -44.84 -78.22 -36.51
CA MET V 45 -44.68 -77.86 -35.09
C MET V 45 -43.62 -78.79 -34.52
N GLU V 46 -42.58 -78.21 -33.90
CA GLU V 46 -41.43 -78.97 -33.42
C GLU V 46 -41.37 -79.04 -31.89
N PRO V 47 -40.95 -80.18 -31.35
CA PRO V 47 -40.79 -80.36 -29.91
C PRO V 47 -39.62 -79.57 -29.36
N ARG V 48 -39.77 -79.01 -28.16
CA ARG V 48 -38.69 -78.34 -27.48
C ARG V 48 -38.59 -78.73 -26.00
N ALA V 49 -39.15 -79.87 -25.64
CA ALA V 49 -39.04 -80.40 -24.29
C ALA V 49 -39.07 -81.90 -24.38
N PRO V 50 -38.25 -82.60 -23.56
CA PRO V 50 -38.21 -84.07 -23.60
C PRO V 50 -39.58 -84.73 -23.42
N TRP V 51 -40.36 -84.21 -22.49
CA TRP V 51 -41.66 -84.80 -22.15
C TRP V 51 -42.78 -84.58 -23.19
N ILE V 52 -42.54 -83.83 -24.26
CA ILE V 52 -43.55 -83.73 -25.32
C ILE V 52 -43.22 -84.71 -26.44
N GLU V 53 -41.99 -85.19 -26.47
CA GLU V 53 -41.59 -86.19 -27.45
C GLU V 53 -42.24 -87.57 -27.26
N GLN V 54 -42.91 -87.82 -26.14
CA GLN V 54 -43.77 -89.02 -26.00
C GLN V 54 -44.87 -89.06 -27.06
N GLU V 55 -45.32 -87.89 -27.51
CA GLU V 55 -46.52 -87.81 -28.33
C GLU V 55 -46.29 -88.49 -29.68
N GLY V 56 -47.32 -89.16 -30.16
CA GLY V 56 -47.25 -89.86 -31.43
C GLY V 56 -47.47 -88.95 -32.61
N PRO V 57 -47.25 -89.51 -33.83
CA PRO V 57 -47.44 -88.81 -35.10
C PRO V 57 -48.74 -88.01 -35.17
N GLU V 58 -49.84 -88.61 -34.74
CA GLU V 58 -51.16 -87.94 -34.77
C GLU V 58 -51.20 -86.59 -34.06
N TYR V 59 -50.59 -86.53 -32.89
CA TYR V 59 -50.48 -85.28 -32.15
C TYR V 59 -49.71 -84.21 -32.95
N TRP V 60 -48.58 -84.57 -33.53
CA TRP V 60 -47.76 -83.59 -34.28
C TRP V 60 -48.42 -83.14 -35.57
N ASP V 61 -48.96 -84.09 -36.34
CA ASP V 61 -49.73 -83.79 -37.53
C ASP V 61 -50.76 -82.71 -37.23
N GLY V 62 -51.61 -82.99 -36.25
CA GLY V 62 -52.70 -82.10 -35.92
C GLY V 62 -52.20 -80.75 -35.47
N GLU V 63 -51.21 -80.73 -34.60
CA GLU V 63 -50.68 -79.46 -34.09
C GLU V 63 -50.10 -78.64 -35.25
N THR V 64 -49.39 -79.32 -36.14
CA THR V 64 -48.86 -78.71 -37.35
C THR V 64 -49.99 -78.12 -38.18
N ARG V 65 -51.03 -78.91 -38.35
CA ARG V 65 -52.14 -78.56 -39.20
C ARG V 65 -52.89 -77.38 -38.57
N LYS V 66 -53.08 -77.43 -37.26
CA LYS V 66 -53.70 -76.32 -36.54
C LYS V 66 -52.86 -75.04 -36.57
N VAL V 67 -51.54 -75.16 -36.40
CA VAL V 67 -50.67 -73.97 -36.33
C VAL V 67 -50.60 -73.27 -37.68
N LYS V 68 -50.67 -74.05 -38.76
CA LYS V 68 -50.76 -73.50 -40.11
C LYS V 68 -52.11 -72.84 -40.39
N ALA V 69 -53.21 -73.35 -39.81
CA ALA V 69 -54.46 -72.61 -39.86
C ALA V 69 -54.34 -71.29 -39.08
N HIS V 70 -53.73 -71.35 -37.90
CA HIS V 70 -53.44 -70.12 -37.14
C HIS V 70 -52.69 -69.14 -38.00
N SER V 71 -51.70 -69.64 -38.73
CA SER V 71 -50.89 -68.82 -39.64
C SER V 71 -51.71 -68.07 -40.71
N GLN V 72 -52.52 -68.80 -41.44
CA GLN V 72 -53.34 -68.22 -42.47
C GLN V 72 -54.39 -67.19 -41.94
N THR V 73 -54.84 -67.33 -40.70
CA THR V 73 -55.75 -66.33 -40.16
C THR V 73 -55.01 -65.01 -39.92
N HIS V 74 -53.77 -65.10 -39.48
CA HIS V 74 -52.97 -63.90 -39.21
C HIS V 74 -52.47 -63.25 -40.48
N ARG V 75 -52.26 -64.05 -41.52
CA ARG V 75 -51.96 -63.51 -42.83
C ARG V 75 -53.12 -62.63 -43.30
N VAL V 76 -54.32 -63.18 -43.35
CA VAL V 76 -55.52 -62.44 -43.70
C VAL V 76 -55.72 -61.23 -42.77
N ASP V 77 -55.56 -61.46 -41.48
CA ASP V 77 -55.73 -60.40 -40.48
C ASP V 77 -54.85 -59.18 -40.75
N LEU V 78 -53.61 -59.40 -41.18
CA LEU V 78 -52.71 -58.26 -41.47
C LEU V 78 -53.33 -57.38 -42.53
N GLY V 79 -53.98 -58.01 -43.51
CA GLY V 79 -54.73 -57.29 -44.53
C GLY V 79 -55.87 -56.48 -43.96
N THR V 80 -56.62 -57.06 -43.03
CA THR V 80 -57.82 -56.41 -42.54
C THR V 80 -57.44 -55.22 -41.67
N LEU V 81 -56.57 -55.45 -40.69
CA LEU V 81 -56.15 -54.39 -39.78
C LEU V 81 -55.66 -53.15 -40.55
N ARG V 82 -54.99 -53.40 -41.68
CA ARG V 82 -54.51 -52.35 -42.54
C ARG V 82 -55.65 -51.46 -43.05
N GLY V 83 -56.79 -52.08 -43.35
CA GLY V 83 -58.02 -51.37 -43.70
C GLY V 83 -58.56 -50.56 -42.54
N TYR V 84 -58.84 -51.25 -41.41
CA TYR V 84 -59.38 -50.57 -40.22
C TYR V 84 -58.60 -49.31 -39.82
N TYR V 85 -57.28 -49.30 -40.04
CA TYR V 85 -56.47 -48.13 -39.70
C TYR V 85 -56.15 -47.19 -40.87
N ASN V 86 -56.37 -47.65 -42.10
CA ASN V 86 -56.11 -46.81 -43.28
C ASN V 86 -54.62 -46.49 -43.42
N GLN V 87 -53.83 -47.56 -43.59
CA GLN V 87 -52.38 -47.46 -43.77
C GLN V 87 -52.03 -48.08 -45.12
N SER V 88 -51.10 -47.48 -45.84
CA SER V 88 -50.65 -48.05 -47.10
C SER V 88 -50.15 -49.48 -46.88
N GLU V 89 -50.27 -50.32 -47.91
CA GLU V 89 -49.71 -51.68 -47.86
C GLU V 89 -48.17 -51.71 -47.86
N ALA V 90 -47.54 -50.53 -47.90
CA ALA V 90 -46.09 -50.42 -47.98
C ALA V 90 -45.43 -50.06 -46.65
N GLY V 91 -45.72 -50.86 -45.63
CA GLY V 91 -45.11 -50.71 -44.32
C GLY V 91 -45.19 -52.02 -43.58
N SER V 92 -44.17 -52.32 -42.78
CA SER V 92 -44.18 -53.54 -41.99
C SER V 92 -45.00 -53.33 -40.72
N HIS V 93 -45.94 -54.23 -40.47
CA HIS V 93 -46.73 -54.19 -39.22
C HIS V 93 -46.66 -55.51 -38.44
N THR V 94 -46.82 -55.42 -37.13
CA THR V 94 -46.78 -56.59 -36.24
C THR V 94 -48.14 -56.88 -35.59
N VAL V 95 -48.59 -58.12 -35.73
CA VAL V 95 -49.74 -58.63 -34.97
C VAL V 95 -49.19 -59.60 -33.91
N GLN V 96 -49.71 -59.53 -32.69
CA GLN V 96 -49.26 -60.39 -31.59
C GLN V 96 -50.46 -60.98 -30.86
N ARG V 97 -50.41 -62.28 -30.57
CA ARG V 97 -51.52 -62.96 -29.92
C ARG V 97 -51.04 -63.89 -28.82
N MET V 98 -51.75 -63.88 -27.70
CA MET V 98 -51.42 -64.77 -26.58
C MET V 98 -52.68 -65.33 -25.99
N TYR V 99 -52.80 -66.66 -26.00
CA TYR V 99 -53.90 -67.28 -25.27
C TYR V 99 -53.45 -68.44 -24.42
N GLY V 100 -54.26 -68.72 -23.41
CA GLY V 100 -54.05 -69.86 -22.55
C GLY V 100 -54.89 -69.85 -21.30
N CYS V 101 -54.51 -70.69 -20.35
CA CYS V 101 -55.36 -71.00 -19.22
C CYS V 101 -54.52 -71.38 -18.01
N ASP V 102 -54.96 -70.98 -16.82
CA ASP V 102 -54.32 -71.39 -15.57
C ASP V 102 -55.18 -72.42 -14.84
N VAL V 103 -54.51 -73.34 -14.13
CA VAL V 103 -55.16 -74.19 -13.12
C VAL V 103 -54.51 -73.88 -11.75
N GLY V 104 -55.18 -74.32 -10.67
CA GLY V 104 -54.71 -74.08 -9.30
C GLY V 104 -53.95 -75.25 -8.72
N SER V 105 -53.63 -75.17 -7.41
CA SER V 105 -52.94 -76.26 -6.67
C SER V 105 -53.66 -77.59 -6.83
N ASP V 106 -54.99 -77.50 -6.82
CA ASP V 106 -55.86 -78.64 -7.03
C ASP V 106 -55.99 -79.07 -8.50
N TRP V 107 -55.28 -78.37 -9.40
CA TRP V 107 -55.34 -78.61 -10.85
C TRP V 107 -56.73 -78.42 -11.47
N ARG V 108 -57.59 -77.66 -10.80
CA ARG V 108 -58.88 -77.34 -11.38
C ARG V 108 -58.75 -76.01 -12.10
N PHE V 109 -59.59 -75.80 -13.11
CA PHE V 109 -59.56 -74.57 -13.88
C PHE V 109 -59.60 -73.35 -12.97
N LEU V 110 -58.61 -72.49 -13.09
CA LEU V 110 -58.55 -71.25 -12.32
C LEU V 110 -58.89 -70.01 -13.16
N ARG V 111 -58.55 -70.03 -14.45
CA ARG V 111 -58.57 -68.79 -15.25
C ARG V 111 -58.20 -69.04 -16.71
N GLY V 112 -58.70 -68.17 -17.59
CA GLY V 112 -58.43 -68.25 -19.02
C GLY V 112 -58.13 -66.89 -19.61
N TYR V 113 -57.35 -66.86 -20.68
CA TYR V 113 -57.10 -65.60 -21.34
C TYR V 113 -56.89 -65.73 -22.83
N HIS V 114 -57.18 -64.62 -23.50
CA HIS V 114 -56.90 -64.48 -24.90
C HIS V 114 -56.72 -62.99 -25.17
N GLN V 115 -55.53 -62.61 -25.64
CA GLN V 115 -55.20 -61.21 -25.91
C GLN V 115 -54.55 -61.02 -27.29
N TYR V 116 -54.75 -59.84 -27.88
CA TYR V 116 -54.37 -59.54 -29.29
C TYR V 116 -53.91 -58.09 -29.39
N ALA V 117 -52.70 -57.88 -29.92
CA ALA V 117 -52.14 -56.53 -30.05
C ALA V 117 -51.76 -56.26 -31.50
N TYR V 118 -51.83 -55.00 -31.90
CA TYR V 118 -51.41 -54.56 -33.24
C TYR V 118 -50.36 -53.47 -33.10
N ASP V 119 -49.23 -53.64 -33.80
CA ASP V 119 -48.08 -52.75 -33.66
C ASP V 119 -47.72 -52.43 -32.20
N GLY V 120 -47.87 -53.42 -31.31
CA GLY V 120 -47.43 -53.27 -29.92
C GLY V 120 -48.41 -52.70 -28.89
N LYS V 121 -49.61 -52.31 -29.31
CA LYS V 121 -50.62 -51.79 -28.37
C LYS V 121 -51.81 -52.73 -28.29
N ASP V 122 -52.41 -52.85 -27.11
CA ASP V 122 -53.63 -53.64 -26.94
C ASP V 122 -54.61 -53.31 -28.06
N TYR V 123 -55.20 -54.34 -28.65
CA TYR V 123 -56.26 -54.18 -29.63
C TYR V 123 -57.50 -54.77 -28.98
N ILE V 124 -57.52 -56.09 -28.80
CA ILE V 124 -58.67 -56.72 -28.15
C ILE V 124 -58.27 -57.81 -27.18
N ALA V 125 -59.05 -57.95 -26.11
CA ALA V 125 -58.82 -58.96 -25.08
C ALA V 125 -60.13 -59.53 -24.50
N LEU V 126 -60.11 -60.81 -24.10
CA LEU V 126 -61.25 -61.42 -23.43
C LEU V 126 -61.20 -60.96 -21.98
N LYS V 127 -62.34 -60.56 -21.41
CA LYS V 127 -62.38 -60.10 -20.04
C LYS V 127 -62.28 -61.28 -19.07
N GLU V 128 -61.82 -61.00 -17.85
CA GLU V 128 -61.77 -61.98 -16.75
C GLU V 128 -62.95 -62.99 -16.81
N ASP V 129 -64.15 -62.47 -17.05
CA ASP V 129 -65.39 -63.27 -16.97
C ASP V 129 -65.62 -64.21 -18.13
N LEU V 130 -64.92 -64.00 -19.24
CA LEU V 130 -64.91 -64.92 -20.41
C LEU V 130 -66.16 -64.89 -21.31
N ARG V 131 -67.01 -63.90 -21.13
CA ARG V 131 -68.23 -63.78 -21.93
C ARG V 131 -68.29 -62.48 -22.73
N SER V 132 -67.27 -61.64 -22.57
CA SER V 132 -67.23 -60.35 -23.27
C SER V 132 -65.79 -59.89 -23.60
N TRP V 133 -65.69 -58.73 -24.23
CA TRP V 133 -64.43 -58.20 -24.76
C TRP V 133 -64.17 -56.74 -24.35
N THR V 134 -62.91 -56.43 -24.10
CA THR V 134 -62.41 -55.06 -24.02
C THR V 134 -61.80 -54.74 -25.37
N ALA V 135 -62.18 -53.59 -25.95
CA ALA V 135 -61.64 -53.11 -27.21
C ALA V 135 -60.91 -51.79 -26.97
N ALA V 136 -59.60 -51.76 -27.22
CA ALA V 136 -58.75 -50.61 -26.85
C ALA V 136 -59.26 -49.28 -27.43
N ASP V 137 -59.73 -49.31 -28.67
CA ASP V 137 -60.14 -48.11 -29.38
C ASP V 137 -61.22 -48.44 -30.42
N MET V 138 -61.43 -47.56 -31.39
CA MET V 138 -62.50 -47.69 -32.40
C MET V 138 -62.34 -48.86 -33.36
N ALA V 139 -61.12 -49.07 -33.86
CA ALA V 139 -60.86 -50.20 -34.77
C ALA V 139 -61.23 -51.52 -34.12
N ALA V 140 -60.87 -51.66 -32.85
CA ALA V 140 -61.20 -52.83 -32.05
C ALA V 140 -62.70 -53.01 -31.80
N GLN V 141 -63.50 -51.95 -31.98
CA GLN V 141 -64.97 -52.09 -31.85
C GLN V 141 -65.56 -52.85 -33.05
N THR V 142 -65.06 -52.58 -34.26
CA THR V 142 -65.56 -53.28 -35.43
C THR V 142 -65.34 -54.80 -35.24
N THR V 143 -64.17 -55.17 -34.72
CA THR V 143 -63.87 -56.57 -34.44
C THR V 143 -64.69 -57.09 -33.26
N LYS V 144 -64.81 -56.29 -32.21
CA LYS V 144 -65.61 -56.68 -31.04
C LYS V 144 -67.03 -57.08 -31.45
N HIS V 145 -67.70 -56.23 -32.24
CA HIS V 145 -69.08 -56.52 -32.69
C HIS V 145 -69.13 -57.74 -33.59
N LYS V 146 -68.10 -57.93 -34.40
CA LYS V 146 -68.04 -59.09 -35.31
C LYS V 146 -68.02 -60.39 -34.51
N TRP V 147 -67.14 -60.47 -33.51
CA TRP V 147 -67.01 -61.67 -32.67
C TRP V 147 -68.22 -61.90 -31.74
N GLU V 148 -69.02 -60.86 -31.53
CA GLU V 148 -70.30 -61.02 -30.81
C GLU V 148 -71.31 -61.71 -31.71
N ALA V 149 -71.49 -61.20 -32.93
CA ALA V 149 -72.33 -61.84 -33.92
C ALA V 149 -71.93 -63.30 -34.20
N ALA V 150 -70.64 -63.61 -34.07
CA ALA V 150 -70.15 -64.98 -34.36
C ALA V 150 -70.18 -65.92 -33.14
N HIS V 151 -70.56 -65.41 -31.97
CA HIS V 151 -70.60 -66.21 -30.74
C HIS V 151 -69.26 -66.86 -30.49
N VAL V 152 -68.29 -66.05 -30.07
CA VAL V 152 -66.87 -66.42 -30.06
C VAL V 152 -66.36 -66.69 -28.64
N ALA V 153 -66.69 -65.83 -27.70
CA ALA V 153 -66.42 -66.14 -26.30
C ALA V 153 -66.93 -67.55 -26.02
N GLU V 154 -68.11 -67.87 -26.55
CA GLU V 154 -68.72 -69.19 -26.37
C GLU V 154 -67.75 -70.34 -26.68
N GLN V 155 -67.15 -70.27 -27.86
CA GLN V 155 -66.23 -71.32 -28.31
C GLN V 155 -64.96 -71.33 -27.48
N LEU V 156 -64.38 -70.16 -27.27
CA LEU V 156 -63.16 -70.01 -26.46
C LEU V 156 -63.36 -70.53 -25.04
N ARG V 157 -64.45 -70.11 -24.39
CA ARG V 157 -64.76 -70.55 -23.02
C ARG V 157 -64.81 -72.08 -22.96
N ALA V 158 -65.47 -72.71 -23.93
CA ALA V 158 -65.46 -74.18 -24.00
C ALA V 158 -64.02 -74.71 -24.03
N TYR V 159 -63.18 -74.09 -24.86
CA TYR V 159 -61.79 -74.46 -24.99
C TYR V 159 -61.05 -74.23 -23.69
N LEU V 160 -61.11 -73.00 -23.19
CA LEU V 160 -60.34 -72.61 -22.03
C LEU V 160 -60.69 -73.45 -20.80
N GLU V 161 -61.97 -73.79 -20.63
CA GLU V 161 -62.45 -74.54 -19.44
C GLU V 161 -62.42 -76.07 -19.58
N GLY V 162 -62.20 -76.59 -20.78
CA GLY V 162 -62.11 -78.03 -21.00
C GLY V 162 -60.79 -78.45 -21.61
N THR V 163 -60.71 -78.43 -22.95
CA THR V 163 -59.56 -78.94 -23.69
C THR V 163 -58.24 -78.40 -23.16
N CYS V 164 -58.11 -77.07 -23.13
CA CYS V 164 -56.90 -76.40 -22.64
C CYS V 164 -56.43 -77.06 -21.36
N VAL V 165 -57.33 -77.16 -20.38
CA VAL V 165 -56.99 -77.65 -19.05
C VAL V 165 -56.71 -79.14 -19.06
N GLU V 166 -57.63 -79.90 -19.64
CA GLU V 166 -57.44 -81.34 -19.79
C GLU V 166 -56.01 -81.64 -20.29
N TRP V 167 -55.58 -80.91 -21.32
CA TRP V 167 -54.24 -81.08 -21.89
C TRP V 167 -53.14 -80.54 -20.98
N LEU V 168 -53.42 -79.43 -20.28
CA LEU V 168 -52.45 -78.92 -19.31
C LEU V 168 -52.16 -79.96 -18.24
N ARG V 169 -53.20 -80.62 -17.75
CA ARG V 169 -53.03 -81.66 -16.74
C ARG V 169 -52.21 -82.83 -17.29
N ARG V 170 -52.45 -83.18 -18.55
CA ARG V 170 -51.70 -84.24 -19.20
C ARG V 170 -50.23 -83.87 -19.39
N TYR V 171 -49.97 -82.64 -19.85
CA TYR V 171 -48.59 -82.19 -20.00
C TYR V 171 -47.89 -82.22 -18.62
N LEU V 172 -48.59 -81.74 -17.60
CA LEU V 172 -48.07 -81.77 -16.22
C LEU V 172 -47.76 -83.18 -15.72
N GLU V 173 -48.60 -84.16 -16.06
CA GLU V 173 -48.34 -85.54 -15.62
C GLU V 173 -47.20 -86.16 -16.43
N ASN V 174 -47.20 -85.93 -17.75
CA ASN V 174 -46.14 -86.46 -18.62
C ASN V 174 -44.78 -85.92 -18.19
N GLY V 175 -44.70 -84.61 -17.97
CA GLY V 175 -43.44 -83.96 -17.59
C GLY V 175 -43.24 -83.77 -16.11
N LYS V 176 -43.81 -84.66 -15.30
CA LYS V 176 -43.70 -84.61 -13.84
C LYS V 176 -42.30 -84.22 -13.36
N GLU V 177 -41.30 -84.96 -13.81
CA GLU V 177 -39.94 -84.79 -13.29
C GLU V 177 -39.43 -83.36 -13.40
N THR V 178 -39.71 -82.67 -14.51
CA THR V 178 -39.22 -81.30 -14.70
C THR V 178 -40.23 -80.22 -14.30
N LEU V 179 -41.45 -80.27 -14.83
CA LEU V 179 -42.45 -79.22 -14.54
C LEU V 179 -42.90 -79.11 -13.05
N GLN V 180 -42.82 -80.20 -12.30
CA GLN V 180 -43.19 -80.17 -10.86
C GLN V 180 -41.99 -80.16 -9.91
N ARG V 181 -40.79 -80.11 -10.49
CA ARG V 181 -39.58 -79.81 -9.73
C ARG V 181 -39.63 -78.34 -9.39
N THR V 182 -38.95 -77.96 -8.31
CA THR V 182 -38.58 -76.56 -8.10
C THR V 182 -37.11 -76.56 -7.75
N ASP V 183 -36.33 -75.70 -8.40
CA ASP V 183 -34.92 -75.56 -8.08
C ASP V 183 -34.72 -74.31 -7.24
N ALA V 184 -34.36 -74.51 -5.98
CA ALA V 184 -33.98 -73.41 -5.12
C ALA V 184 -32.70 -72.73 -5.65
N PRO V 185 -32.63 -71.40 -5.49
CA PRO V 185 -31.47 -70.64 -5.97
C PRO V 185 -30.19 -70.99 -5.22
N LYS V 186 -29.08 -70.95 -5.94
CA LYS V 186 -27.77 -70.96 -5.33
C LYS V 186 -27.44 -69.50 -5.16
N THR V 187 -27.12 -69.10 -3.93
CA THR V 187 -26.93 -67.70 -3.62
C THR V 187 -25.50 -67.46 -3.13
N HIS V 188 -25.00 -66.25 -3.41
CA HIS V 188 -23.74 -65.76 -2.86
C HIS V 188 -23.66 -64.26 -3.10
N MET V 189 -22.57 -63.67 -2.61
CA MET V 189 -22.39 -62.23 -2.66
C MET V 189 -20.96 -61.86 -2.98
N THR V 190 -20.78 -60.66 -3.55
CA THR V 190 -19.45 -60.17 -3.93
C THR V 190 -19.21 -58.77 -3.40
N HIS V 191 -17.95 -58.53 -3.04
CA HIS V 191 -17.47 -57.23 -2.55
C HIS V 191 -16.56 -56.63 -3.61
N HIS V 192 -16.73 -55.35 -3.93
CA HIS V 192 -15.91 -54.68 -4.94
C HIS V 192 -15.73 -53.21 -4.57
N ALA V 193 -14.56 -52.91 -4.00
CA ALA V 193 -14.21 -51.57 -3.63
C ALA V 193 -14.12 -50.69 -4.88
N VAL V 194 -14.87 -49.59 -4.86
CA VAL V 194 -14.98 -48.72 -6.02
C VAL V 194 -14.17 -47.44 -5.83
N SER V 195 -13.68 -47.21 -4.62
CA SER V 195 -12.91 -46.02 -4.27
C SER V 195 -12.42 -46.18 -2.84
N ASP V 196 -11.89 -45.11 -2.26
CA ASP V 196 -11.39 -45.18 -0.89
C ASP V 196 -12.48 -45.09 0.18
N HIS V 197 -13.72 -44.74 -0.21
CA HIS V 197 -14.80 -44.67 0.78
C HIS V 197 -16.07 -45.50 0.50
N GLU V 198 -16.19 -46.10 -0.69
CA GLU V 198 -17.35 -46.93 -1.04
C GLU V 198 -17.00 -48.32 -1.64
N ALA V 199 -17.95 -49.24 -1.55
CA ALA V 199 -17.83 -50.59 -2.13
C ALA V 199 -19.16 -51.06 -2.66
N THR V 200 -19.15 -51.81 -3.76
CA THR V 200 -20.37 -52.41 -4.29
C THR V 200 -20.55 -53.76 -3.65
N LEU V 201 -21.70 -53.99 -3.06
CA LEU V 201 -22.06 -55.32 -2.62
C LEU V 201 -23.05 -55.81 -3.63
N ARG V 202 -22.83 -57.00 -4.16
CA ARG V 202 -23.75 -57.59 -5.09
C ARG V 202 -24.25 -58.93 -4.59
N CYS V 203 -25.54 -59.18 -4.74
CA CYS V 203 -26.18 -60.40 -4.28
C CYS V 203 -26.64 -61.18 -5.47
N TRP V 204 -26.35 -62.49 -5.46
CA TRP V 204 -26.56 -63.34 -6.61
C TRP V 204 -27.50 -64.48 -6.31
N ALA V 205 -28.47 -64.69 -7.19
CA ALA V 205 -29.31 -65.88 -7.18
C ALA V 205 -29.16 -66.53 -8.54
N LEU V 206 -28.68 -67.77 -8.55
CA LEU V 206 -28.43 -68.50 -9.78
C LEU V 206 -29.21 -69.80 -9.82
N SER V 207 -29.41 -70.29 -11.04
CA SER V 207 -29.85 -71.67 -11.24
C SER V 207 -31.17 -72.03 -10.56
N PHE V 208 -32.04 -71.06 -10.34
CA PHE V 208 -33.37 -71.33 -9.80
C PHE V 208 -34.46 -71.53 -10.88
N TYR V 209 -35.52 -72.23 -10.50
CA TYR V 209 -36.71 -72.39 -11.34
C TYR V 209 -37.86 -72.55 -10.38
N PRO V 210 -38.96 -71.80 -10.59
CA PRO V 210 -39.27 -70.86 -11.66
C PRO V 210 -38.68 -69.46 -11.50
N ALA V 211 -38.99 -68.62 -12.48
CA ALA V 211 -38.58 -67.20 -12.56
C ALA V 211 -38.95 -66.32 -11.36
N GLU V 212 -40.09 -66.56 -10.73
CA GLU V 212 -40.52 -65.65 -9.66
C GLU V 212 -39.53 -65.70 -8.50
N ILE V 213 -38.93 -64.56 -8.19
CA ILE V 213 -38.00 -64.45 -7.08
C ILE V 213 -37.94 -63.00 -6.60
N THR V 214 -37.76 -62.81 -5.30
CA THR V 214 -37.50 -61.47 -4.79
C THR V 214 -36.14 -61.46 -4.11
N LEU V 215 -35.34 -60.45 -4.47
CA LEU V 215 -34.05 -60.18 -3.84
C LEU V 215 -34.14 -58.79 -3.29
N THR V 216 -33.84 -58.58 -2.01
CA THR V 216 -33.82 -57.24 -1.44
C THR V 216 -32.64 -57.05 -0.52
N TRP V 217 -32.22 -55.78 -0.39
CA TRP V 217 -31.20 -55.36 0.56
C TRP V 217 -31.84 -54.57 1.70
N GLN V 218 -31.51 -54.99 2.91
CA GLN V 218 -31.85 -54.25 4.10
C GLN V 218 -30.58 -53.65 4.70
N ARG V 219 -30.70 -52.44 5.23
CA ARG V 219 -29.67 -51.87 6.07
C ARG V 219 -30.27 -51.78 7.46
N ASP V 220 -29.58 -52.37 8.44
CA ASP V 220 -30.06 -52.38 9.82
C ASP V 220 -31.52 -52.84 9.92
N GLY V 221 -31.91 -53.78 9.06
CA GLY V 221 -33.28 -54.29 9.01
C GLY V 221 -34.25 -53.51 8.12
N GLU V 222 -33.84 -52.32 7.66
CA GLU V 222 -34.72 -51.45 6.87
C GLU V 222 -34.48 -51.66 5.38
N ASP V 223 -35.55 -51.76 4.60
CA ASP V 223 -35.43 -51.93 3.17
C ASP V 223 -34.70 -50.77 2.49
N GLN V 224 -33.94 -51.09 1.46
CA GLN V 224 -33.10 -50.11 0.77
C GLN V 224 -33.48 -49.90 -0.70
N THR V 225 -34.75 -50.07 -1.05
CA THR V 225 -35.19 -50.11 -2.46
C THR V 225 -34.75 -48.95 -3.34
N GLN V 226 -34.58 -47.75 -2.79
CA GLN V 226 -34.19 -46.58 -3.62
C GLN V 226 -32.70 -46.53 -3.99
N ASP V 227 -31.84 -47.15 -3.19
CA ASP V 227 -30.37 -47.06 -3.38
C ASP V 227 -29.77 -48.32 -4.05
N THR V 228 -30.64 -49.15 -4.63
CA THR V 228 -30.24 -50.47 -5.14
C THR V 228 -30.51 -50.64 -6.65
N GLU V 229 -29.55 -51.25 -7.35
CA GLU V 229 -29.72 -51.63 -8.75
C GLU V 229 -30.21 -53.07 -8.81
N LEU V 230 -31.24 -53.31 -9.62
CA LEU V 230 -31.83 -54.65 -9.82
C LEU V 230 -31.80 -54.96 -11.30
N VAL V 231 -31.23 -56.09 -11.71
CA VAL V 231 -31.34 -56.46 -13.12
C VAL V 231 -32.56 -57.33 -13.32
N GLU V 232 -33.10 -57.29 -14.53
CA GLU V 232 -34.21 -58.12 -14.91
C GLU V 232 -33.78 -59.59 -14.82
N THR V 233 -34.67 -60.40 -14.26
CA THR V 233 -34.47 -61.83 -14.22
C THR V 233 -34.22 -62.32 -15.65
N ARG V 234 -33.14 -63.08 -15.83
CA ARG V 234 -32.73 -63.52 -17.15
C ARG V 234 -32.61 -65.04 -17.22
N PRO V 235 -32.72 -65.62 -18.42
CA PRO V 235 -32.58 -67.06 -18.55
C PRO V 235 -31.13 -67.53 -18.64
N ALA V 236 -30.81 -68.57 -17.88
CA ALA V 236 -29.51 -69.24 -17.91
C ALA V 236 -29.24 -69.94 -19.26
N GLY V 237 -30.30 -70.47 -19.86
CA GLY V 237 -30.19 -71.20 -21.13
C GLY V 237 -30.39 -72.71 -20.98
N ASP V 238 -30.40 -73.18 -19.73
CA ASP V 238 -30.58 -74.62 -19.41
C ASP V 238 -31.96 -74.90 -18.79
N GLY V 239 -32.84 -73.91 -18.84
CA GLY V 239 -34.15 -74.06 -18.23
C GLY V 239 -34.24 -73.37 -16.88
N THR V 240 -33.15 -72.78 -16.40
CA THR V 240 -33.12 -72.08 -15.11
C THR V 240 -32.98 -70.58 -15.30
N PHE V 241 -32.98 -69.81 -14.21
CA PHE V 241 -32.87 -68.35 -14.29
C PHE V 241 -31.83 -67.79 -13.33
N GLN V 242 -31.49 -66.53 -13.54
CA GLN V 242 -30.50 -65.84 -12.75
C GLN V 242 -30.96 -64.41 -12.46
N LYS V 243 -30.54 -63.88 -11.33
CA LYS V 243 -30.81 -62.48 -10.99
C LYS V 243 -29.75 -61.99 -10.02
N TRP V 244 -29.46 -60.67 -10.06
CA TRP V 244 -28.71 -60.02 -9.00
C TRP V 244 -29.29 -58.66 -8.55
N ALA V 245 -28.89 -58.24 -7.35
CA ALA V 245 -29.21 -56.94 -6.77
C ALA V 245 -27.93 -56.38 -6.20
N ALA V 246 -27.65 -55.10 -6.45
CA ALA V 246 -26.43 -54.47 -5.95
C ALA V 246 -26.73 -53.17 -5.21
N VAL V 247 -25.80 -52.80 -4.34
CA VAL V 247 -25.94 -51.64 -3.49
C VAL V 247 -24.53 -51.11 -3.24
N VAL V 248 -24.37 -49.79 -3.23
CA VAL V 248 -23.10 -49.15 -2.93
C VAL V 248 -23.11 -48.68 -1.47
N VAL V 249 -22.08 -49.04 -0.71
CA VAL V 249 -22.07 -48.74 0.71
C VAL V 249 -20.78 -48.02 1.13
N PRO V 250 -20.85 -47.21 2.21
CA PRO V 250 -19.67 -46.56 2.80
C PRO V 250 -18.65 -47.55 3.31
N SER V 251 -17.38 -47.14 3.29
CA SER V 251 -16.32 -47.96 3.82
C SER V 251 -16.60 -48.25 5.27
N GLY V 252 -16.56 -49.52 5.64
CA GLY V 252 -16.64 -49.95 7.04
C GLY V 252 -18.03 -50.26 7.54
N GLN V 253 -19.04 -50.11 6.68
CA GLN V 253 -20.42 -50.34 7.08
C GLN V 253 -20.99 -51.62 6.49
N GLU V 254 -20.16 -52.38 5.77
CA GLU V 254 -20.59 -53.66 5.20
C GLU V 254 -21.57 -54.42 6.10
N GLN V 255 -21.09 -54.76 7.29
CA GLN V 255 -21.82 -55.63 8.24
C GLN V 255 -23.23 -55.15 8.57
N ARG V 256 -23.52 -53.89 8.25
CA ARG V 256 -24.87 -53.35 8.39
C ARG V 256 -25.87 -53.88 7.36
N TYR V 257 -25.39 -54.47 6.26
CA TYR V 257 -26.27 -54.82 5.12
C TYR V 257 -26.52 -56.29 5.02
N THR V 258 -27.75 -56.66 4.68
CA THR V 258 -28.11 -58.07 4.52
C THR V 258 -28.90 -58.23 3.25
N CYS V 259 -28.64 -59.34 2.53
CA CYS V 259 -29.40 -59.67 1.34
C CYS V 259 -30.52 -60.63 1.73
N HIS V 260 -31.65 -60.54 1.04
CA HIS V 260 -32.86 -61.29 1.38
C HIS V 260 -33.49 -61.94 0.17
N VAL V 261 -33.77 -63.23 0.28
CA VAL V 261 -34.19 -64.03 -0.87
C VAL V 261 -35.43 -64.84 -0.63
N GLN V 262 -36.43 -64.64 -1.47
CA GLN V 262 -37.69 -65.36 -1.38
C GLN V 262 -37.92 -66.08 -2.68
N HIS V 263 -37.95 -67.41 -2.60
CA HIS V 263 -38.24 -68.23 -3.74
C HIS V 263 -39.01 -69.48 -3.29
N GLU V 264 -39.97 -69.91 -4.11
CA GLU V 264 -40.84 -71.04 -3.81
C GLU V 264 -40.09 -72.30 -3.38
N GLY V 265 -38.90 -72.49 -3.92
CA GLY V 265 -38.07 -73.67 -3.63
C GLY V 265 -37.24 -73.54 -2.37
N LEU V 266 -37.47 -72.48 -1.58
CA LEU V 266 -36.81 -72.32 -0.31
C LEU V 266 -37.80 -72.64 0.80
N PRO V 267 -37.39 -73.51 1.75
CA PRO V 267 -38.20 -73.75 2.93
C PRO V 267 -38.67 -72.43 3.55
N LYS V 268 -37.74 -71.49 3.65
CA LYS V 268 -37.98 -70.21 4.31
C LYS V 268 -37.10 -69.13 3.68
N PRO V 269 -37.57 -67.86 3.72
CA PRO V 269 -36.79 -66.71 3.29
C PRO V 269 -35.34 -66.76 3.77
N LEU V 270 -34.40 -66.50 2.86
CA LEU V 270 -32.97 -66.53 3.17
C LEU V 270 -32.45 -65.15 3.46
N THR V 271 -31.44 -65.10 4.31
CA THR V 271 -30.80 -63.89 4.77
C THR V 271 -29.28 -64.08 4.67
N LEU V 272 -28.62 -63.30 3.82
CA LEU V 272 -27.18 -63.42 3.71
C LEU V 272 -26.51 -62.22 4.37
N ARG V 273 -25.58 -62.53 5.25
CA ARG V 273 -25.01 -61.55 6.15
C ARG V 273 -23.53 -61.39 5.83
N TRP V 274 -23.00 -60.22 6.15
CA TRP V 274 -21.57 -59.99 6.05
C TRP V 274 -20.94 -60.21 7.42
N GLU V 275 -20.64 -61.47 7.71
CA GLU V 275 -20.00 -61.87 8.95
C GLU V 275 -18.53 -62.15 8.63
N PRO V 276 -17.62 -61.61 9.45
CA PRO V 276 -16.22 -61.94 9.25
C PRO V 276 -15.93 -63.26 9.99
N MET W 1 -47.54 -45.81 -33.74
CA MET W 1 -46.52 -46.88 -33.87
C MET W 1 -45.44 -46.73 -32.79
N ILE W 2 -45.59 -47.50 -31.70
CA ILE W 2 -44.67 -47.41 -30.57
C ILE W 2 -43.37 -48.12 -30.90
N GLN W 3 -42.28 -47.60 -30.38
CA GLN W 3 -40.98 -48.21 -30.55
C GLN W 3 -40.25 -48.20 -29.22
N ARG W 4 -39.76 -49.38 -28.81
CA ARG W 4 -39.05 -49.54 -27.55
C ARG W 4 -37.62 -50.01 -27.81
N THR W 5 -36.67 -49.41 -27.10
CA THR W 5 -35.28 -49.76 -27.26
C THR W 5 -34.96 -51.01 -26.42
N PRO W 6 -34.07 -51.89 -26.92
CA PRO W 6 -33.73 -53.12 -26.22
C PRO W 6 -32.83 -52.97 -25.00
N LYS W 7 -33.15 -53.70 -23.94
CA LYS W 7 -32.23 -53.85 -22.81
C LYS W 7 -31.33 -55.00 -23.17
N ILE W 8 -30.11 -54.98 -22.63
CA ILE W 8 -29.10 -55.97 -22.97
C ILE W 8 -28.36 -56.48 -21.74
N GLN W 9 -28.14 -57.79 -21.69
CA GLN W 9 -27.26 -58.40 -20.69
C GLN W 9 -26.44 -59.44 -21.38
N VAL W 10 -25.14 -59.46 -21.07
CA VAL W 10 -24.19 -60.45 -21.54
C VAL W 10 -23.58 -61.19 -20.35
N TYR W 11 -23.63 -62.51 -20.39
CA TYR W 11 -23.28 -63.30 -19.21
C TYR W 11 -23.13 -64.74 -19.62
N SER W 12 -22.47 -65.52 -18.77
CA SER W 12 -22.29 -66.93 -19.03
C SER W 12 -23.40 -67.78 -18.39
N ARG W 13 -23.65 -68.96 -18.96
CA ARG W 13 -24.65 -69.86 -18.41
C ARG W 13 -24.25 -70.35 -17.03
N HIS W 14 -22.99 -70.73 -16.87
CA HIS W 14 -22.47 -71.08 -15.55
C HIS W 14 -21.40 -70.09 -15.16
N PRO W 15 -21.06 -70.03 -13.86
CA PRO W 15 -20.01 -69.12 -13.43
C PRO W 15 -18.75 -69.32 -14.26
N ALA W 16 -18.16 -68.24 -14.72
CA ALA W 16 -17.03 -68.31 -15.64
C ALA W 16 -15.85 -68.93 -14.95
N GLU W 17 -15.20 -69.86 -15.62
CA GLU W 17 -14.00 -70.51 -15.13
C GLU W 17 -13.07 -70.71 -16.32
N ASN W 18 -11.96 -69.97 -16.34
CA ASN W 18 -10.96 -70.07 -17.43
C ASN W 18 -10.56 -71.52 -17.76
N GLY W 19 -10.55 -71.84 -19.05
CA GLY W 19 -10.21 -73.19 -19.53
C GLY W 19 -11.32 -74.23 -19.49
N LYS W 20 -12.51 -73.84 -19.04
CA LYS W 20 -13.60 -74.78 -18.80
C LYS W 20 -14.82 -74.42 -19.65
N SER W 21 -15.19 -75.31 -20.57
CA SER W 21 -16.28 -75.04 -21.51
C SER W 21 -17.59 -74.61 -20.83
N ASN W 22 -18.24 -73.64 -21.47
CA ASN W 22 -19.38 -72.92 -20.93
C ASN W 22 -20.22 -72.42 -22.14
N PHE W 23 -21.24 -71.60 -21.88
CA PHE W 23 -22.03 -70.99 -22.93
C PHE W 23 -22.04 -69.51 -22.69
N LEU W 24 -21.86 -68.72 -23.73
CA LEU W 24 -21.95 -67.27 -23.61
C LEU W 24 -23.30 -66.79 -24.12
N ASN W 25 -24.01 -66.03 -23.27
CA ASN W 25 -25.36 -65.55 -23.55
C ASN W 25 -25.43 -64.05 -23.83
N CYS W 26 -26.28 -63.67 -24.76
CA CYS W 26 -26.72 -62.29 -24.89
C CYS W 26 -28.24 -62.34 -24.90
N TYR W 27 -28.83 -61.80 -23.85
CA TYR W 27 -30.25 -61.75 -23.69
C TYR W 27 -30.71 -60.35 -23.99
N VAL W 28 -31.59 -60.20 -24.97
CA VAL W 28 -32.12 -58.88 -25.34
C VAL W 28 -33.62 -58.84 -25.18
N SER W 29 -34.11 -57.79 -24.56
CA SER W 29 -35.52 -57.73 -24.19
C SER W 29 -36.08 -56.33 -24.22
N GLY W 30 -37.39 -56.24 -24.02
CA GLY W 30 -38.03 -54.94 -23.89
C GLY W 30 -38.05 -54.11 -25.16
N PHE W 31 -37.87 -54.77 -26.31
CA PHE W 31 -37.78 -54.05 -27.58
C PHE W 31 -38.99 -54.24 -28.52
N HIS W 32 -39.27 -53.22 -29.31
CA HIS W 32 -40.31 -53.27 -30.31
C HIS W 32 -39.93 -52.31 -31.45
N PRO W 33 -40.10 -52.71 -32.71
CA PRO W 33 -40.58 -53.97 -33.27
C PRO W 33 -39.52 -55.07 -33.33
N SER W 34 -39.92 -56.25 -33.84
CA SER W 34 -39.13 -57.47 -33.68
C SER W 34 -37.84 -57.58 -34.49
N ASP W 35 -37.71 -56.84 -35.59
CA ASP W 35 -36.49 -56.94 -36.41
C ASP W 35 -35.30 -56.49 -35.57
N ILE W 36 -34.33 -57.37 -35.38
CA ILE W 36 -33.19 -57.04 -34.57
C ILE W 36 -31.94 -57.83 -35.02
N GLU W 37 -30.77 -57.24 -34.78
CA GLU W 37 -29.51 -57.85 -35.18
C GLU W 37 -28.64 -58.00 -33.97
N VAL W 38 -28.26 -59.24 -33.69
CA VAL W 38 -27.45 -59.57 -32.53
C VAL W 38 -26.28 -60.45 -32.95
N ASP W 39 -25.07 -59.94 -32.79
CA ASP W 39 -23.85 -60.74 -32.96
C ASP W 39 -23.11 -60.85 -31.65
N LEU W 40 -22.47 -62.00 -31.47
CA LEU W 40 -21.57 -62.22 -30.36
C LEU W 40 -20.13 -62.09 -30.84
N LEU W 41 -19.34 -61.30 -30.12
CA LEU W 41 -17.99 -60.96 -30.56
C LEU W 41 -16.92 -61.65 -29.75
N LYS W 42 -15.87 -62.08 -30.44
CA LYS W 42 -14.64 -62.52 -29.83
C LYS W 42 -13.52 -61.62 -30.33
N ASN W 43 -12.86 -60.92 -29.40
CA ASN W 43 -11.82 -59.96 -29.74
C ASN W 43 -12.25 -59.08 -30.92
N GLY W 44 -13.48 -58.59 -30.86
CA GLY W 44 -14.02 -57.70 -31.89
C GLY W 44 -14.52 -58.34 -33.17
N GLU W 45 -14.21 -59.61 -33.40
CA GLU W 45 -14.67 -60.35 -34.58
C GLU W 45 -15.91 -61.18 -34.24
N ARG W 46 -16.87 -61.27 -35.17
CA ARG W 46 -18.13 -61.95 -34.88
C ARG W 46 -17.96 -63.46 -34.90
N ILE W 47 -18.66 -64.14 -34.00
CA ILE W 47 -18.62 -65.59 -33.87
C ILE W 47 -19.68 -66.14 -34.82
N GLU W 48 -19.59 -67.42 -35.19
CA GLU W 48 -20.40 -67.93 -36.30
C GLU W 48 -21.59 -68.84 -35.90
N LYS W 49 -21.33 -69.94 -35.21
CA LYS W 49 -22.44 -70.87 -34.92
C LYS W 49 -23.31 -70.38 -33.75
N VAL W 50 -23.80 -69.15 -33.84
CA VAL W 50 -24.61 -68.59 -32.76
C VAL W 50 -26.08 -68.98 -32.94
N GLU W 51 -26.66 -69.56 -31.91
CA GLU W 51 -28.06 -69.92 -31.92
C GLU W 51 -28.87 -68.89 -31.15
N HIS W 52 -30.15 -68.78 -31.46
CA HIS W 52 -31.04 -67.97 -30.64
C HIS W 52 -32.33 -68.69 -30.25
N SER W 53 -32.98 -68.19 -29.20
CA SER W 53 -34.26 -68.71 -28.77
C SER W 53 -35.32 -68.33 -29.78
N ASP W 54 -36.45 -69.02 -29.73
CA ASP W 54 -37.62 -68.60 -30.49
C ASP W 54 -38.19 -67.31 -29.92
N LEU W 55 -38.61 -66.43 -30.82
CA LEU W 55 -39.08 -65.10 -30.47
C LEU W 55 -40.33 -65.20 -29.62
N SER W 56 -40.34 -64.48 -28.50
CA SER W 56 -41.55 -64.35 -27.69
C SER W 56 -41.63 -62.94 -27.09
N PHE W 57 -42.65 -62.69 -26.27
CA PHE W 57 -42.88 -61.35 -25.74
C PHE W 57 -43.50 -61.34 -24.34
N SER W 58 -43.33 -60.22 -23.64
CA SER W 58 -43.73 -60.08 -22.25
C SER W 58 -45.15 -59.53 -22.16
N LYS W 59 -45.67 -59.43 -20.93
CA LYS W 59 -47.01 -58.90 -20.72
C LYS W 59 -47.29 -57.63 -21.52
N ASP W 60 -46.29 -56.75 -21.59
CA ASP W 60 -46.40 -55.44 -22.24
C ASP W 60 -46.14 -55.50 -23.74
N TRP W 61 -46.14 -56.71 -24.29
CA TRP W 61 -45.99 -56.96 -25.73
C TRP W 61 -44.56 -56.71 -26.25
N SER W 62 -43.66 -56.18 -25.42
CA SER W 62 -42.26 -56.04 -25.84
C SER W 62 -41.67 -57.43 -26.00
N PHE W 63 -40.68 -57.57 -26.88
CA PHE W 63 -40.13 -58.86 -27.26
C PHE W 63 -38.88 -59.24 -26.48
N TYR W 64 -38.58 -60.54 -26.44
CA TYR W 64 -37.29 -60.96 -25.90
C TYR W 64 -36.65 -62.14 -26.63
N LEU W 65 -35.31 -62.14 -26.68
CA LEU W 65 -34.54 -63.21 -27.34
C LEU W 65 -33.23 -63.50 -26.57
N LEU W 66 -32.84 -64.78 -26.54
CA LEU W 66 -31.54 -65.18 -25.99
C LEU W 66 -30.64 -65.69 -27.12
N TYR W 67 -29.52 -65.00 -27.37
CA TYR W 67 -28.51 -65.51 -28.29
C TYR W 67 -27.45 -66.18 -27.45
N TYR W 68 -26.92 -67.29 -27.94
CA TYR W 68 -25.98 -68.10 -27.16
C TYR W 68 -25.03 -68.93 -28.03
N THR W 69 -23.82 -69.12 -27.54
CA THR W 69 -22.85 -69.97 -28.23
C THR W 69 -21.96 -70.70 -27.22
N GLU W 70 -21.57 -71.93 -27.55
CA GLU W 70 -20.65 -72.69 -26.71
C GLU W 70 -19.28 -72.06 -26.83
N PHE W 71 -18.60 -71.86 -25.69
CA PHE W 71 -17.23 -71.33 -25.68
C PHE W 71 -16.45 -71.76 -24.45
N THR W 72 -15.13 -71.64 -24.53
CA THR W 72 -14.24 -71.88 -23.40
C THR W 72 -13.51 -70.58 -23.11
N PRO W 73 -13.96 -69.83 -22.10
CA PRO W 73 -13.24 -68.58 -21.81
C PRO W 73 -11.81 -68.80 -21.33
N THR W 74 -10.94 -67.82 -21.57
CA THR W 74 -9.56 -67.83 -21.09
C THR W 74 -9.17 -66.37 -20.88
N GLU W 75 -8.07 -66.13 -20.17
CA GLU W 75 -7.78 -64.76 -19.72
C GLU W 75 -7.37 -63.82 -20.85
N LYS W 76 -6.76 -64.37 -21.89
CA LYS W 76 -6.38 -63.56 -23.05
C LYS W 76 -7.61 -62.95 -23.78
N ASN W 77 -8.65 -63.76 -23.97
CA ASN W 77 -9.78 -63.38 -24.83
C ASN W 77 -10.83 -62.46 -24.19
N GLU W 78 -11.37 -61.56 -25.00
CA GLU W 78 -12.42 -60.64 -24.61
C GLU W 78 -13.66 -60.92 -25.46
N TYR W 79 -14.84 -60.83 -24.83
CA TYR W 79 -16.12 -61.13 -25.47
C TYR W 79 -17.09 -59.98 -25.28
N ALA W 80 -18.03 -59.85 -26.22
CA ALA W 80 -19.00 -58.76 -26.17
C ALA W 80 -20.27 -59.13 -26.92
N CYS W 81 -21.29 -58.27 -26.81
CA CYS W 81 -22.49 -58.40 -27.60
C CYS W 81 -22.62 -57.11 -28.37
N ARG W 82 -22.90 -57.23 -29.67
CA ARG W 82 -23.16 -56.09 -30.55
C ARG W 82 -24.59 -56.17 -31.00
N VAL W 83 -25.36 -55.13 -30.73
CA VAL W 83 -26.78 -55.11 -31.05
C VAL W 83 -27.14 -53.90 -31.89
N ASN W 84 -27.83 -54.13 -33.01
CA ASN W 84 -28.49 -53.03 -33.71
C ASN W 84 -29.99 -53.20 -33.82
N HIS W 85 -30.68 -52.06 -33.80
CA HIS W 85 -32.12 -51.99 -33.80
C HIS W 85 -32.54 -50.59 -34.24
N VAL W 86 -33.69 -50.53 -34.89
CA VAL W 86 -34.21 -49.30 -35.45
C VAL W 86 -34.24 -48.13 -34.46
N THR W 87 -34.39 -48.42 -33.16
CA THR W 87 -34.42 -47.38 -32.13
C THR W 87 -33.02 -46.88 -31.69
N LEU W 88 -31.96 -47.57 -32.10
CA LEU W 88 -30.58 -47.13 -31.78
C LEU W 88 -30.02 -46.27 -32.91
N SER W 89 -29.15 -45.31 -32.57
CA SER W 89 -28.49 -44.47 -33.56
C SER W 89 -27.24 -45.15 -34.15
N GLN W 90 -26.74 -46.18 -33.46
CA GLN W 90 -25.66 -47.01 -33.99
C GLN W 90 -25.62 -48.34 -33.21
N PRO W 91 -24.81 -49.31 -33.69
CA PRO W 91 -24.65 -50.57 -32.97
C PRO W 91 -24.20 -50.37 -31.53
N LYS W 92 -24.90 -51.01 -30.59
CA LYS W 92 -24.54 -50.93 -29.17
C LYS W 92 -23.67 -52.12 -28.75
N ILE W 93 -22.43 -51.85 -28.35
CA ILE W 93 -21.53 -52.89 -27.90
C ILE W 93 -21.49 -53.00 -26.37
N VAL W 94 -21.98 -54.13 -25.85
CA VAL W 94 -21.91 -54.41 -24.42
C VAL W 94 -20.89 -55.53 -24.18
N LYS W 95 -19.87 -55.21 -23.39
CA LYS W 95 -18.78 -56.14 -23.07
C LYS W 95 -19.20 -57.14 -21.99
N TRP W 96 -18.73 -58.38 -22.12
CA TRP W 96 -18.94 -59.37 -21.09
C TRP W 96 -18.03 -59.06 -19.90
N ASP W 97 -18.65 -58.64 -18.80
CA ASP W 97 -17.97 -58.46 -17.52
C ASP W 97 -18.24 -59.70 -16.70
N ARG W 98 -17.20 -60.33 -16.18
CA ARG W 98 -17.34 -61.65 -15.55
C ARG W 98 -18.07 -61.65 -14.19
N ASP W 99 -18.27 -60.48 -13.59
CA ASP W 99 -19.17 -60.36 -12.44
C ASP W 99 -20.31 -59.36 -12.65
N MET W 100 -21.08 -59.57 -13.71
CA MET W 100 -22.34 -58.87 -13.94
C MET W 100 -23.27 -59.67 -14.87
N TYR X 1 -51.77 -77.88 -26.72
CA TYR X 1 -52.84 -78.30 -27.66
C TYR X 1 -53.58 -77.06 -28.15
N LEU X 2 -53.41 -76.75 -29.44
CA LEU X 2 -53.92 -75.51 -30.02
C LEU X 2 -55.40 -75.60 -30.28
N LEU X 3 -56.05 -74.43 -30.32
CA LEU X 3 -57.39 -74.30 -30.86
C LEU X 3 -57.47 -75.00 -32.20
N MET X 4 -58.60 -75.62 -32.50
CA MET X 4 -58.80 -76.24 -33.81
C MET X 4 -58.86 -75.18 -34.91
N TRP X 5 -59.30 -73.97 -34.58
CA TRP X 5 -59.26 -72.87 -35.55
C TRP X 5 -59.33 -71.54 -34.83
N ILE X 6 -59.09 -70.46 -35.56
CA ILE X 6 -59.31 -69.13 -35.02
C ILE X 6 -60.10 -68.30 -36.02
N THR X 7 -60.89 -67.38 -35.48
CA THR X 7 -61.71 -66.48 -36.27
C THR X 7 -60.95 -65.23 -36.66
N GLN X 8 -61.15 -64.85 -37.93
CA GLN X 8 -60.64 -63.63 -38.50
C GLN X 8 -61.00 -62.38 -37.69
N VAL X 9 -60.03 -61.46 -37.61
CA VAL X 9 -60.19 -60.16 -36.97
C VAL X 9 -61.12 -59.28 -37.81
N GLY Y 1 70.06 -47.98 -41.63
CA GLY Y 1 70.42 -48.45 -40.26
C GLY Y 1 71.05 -49.83 -40.27
N SER Y 2 71.27 -50.35 -39.09
CA SER Y 2 71.79 -51.69 -38.93
C SER Y 2 70.78 -52.69 -39.47
N HIS Y 3 71.29 -53.82 -39.94
CA HIS Y 3 70.49 -55.00 -40.17
C HIS Y 3 71.10 -56.19 -39.44
N SER Y 4 70.30 -57.21 -39.19
CA SER Y 4 70.74 -58.33 -38.40
C SER Y 4 70.18 -59.62 -38.96
N MET Y 5 70.95 -60.69 -38.83
CA MET Y 5 70.46 -62.05 -39.11
C MET Y 5 70.67 -62.89 -37.86
N ARG Y 6 69.68 -63.70 -37.51
CA ARG Y 6 69.73 -64.49 -36.29
C ARG Y 6 68.98 -65.79 -36.38
N TYR Y 7 69.53 -66.80 -35.71
CA TYR Y 7 68.90 -68.09 -35.56
C TYR Y 7 68.71 -68.37 -34.08
N PHE Y 8 67.51 -68.83 -33.73
CA PHE Y 8 67.22 -69.22 -32.36
C PHE Y 8 66.91 -70.70 -32.38
N PHE Y 9 67.54 -71.45 -31.49
CA PHE Y 9 67.42 -72.91 -31.44
C PHE Y 9 66.95 -73.30 -30.04
N THR Y 10 65.94 -74.16 -29.96
CA THR Y 10 65.41 -74.62 -28.68
C THR Y 10 65.34 -76.12 -28.71
N SER Y 11 65.89 -76.77 -27.68
CA SER Y 11 65.92 -78.22 -27.56
C SER Y 11 65.39 -78.55 -26.23
N VAL Y 12 64.37 -79.41 -26.19
CA VAL Y 12 63.78 -79.86 -24.94
C VAL Y 12 63.73 -81.35 -24.89
N SER Y 13 64.21 -81.92 -23.79
CA SER Y 13 64.15 -83.36 -23.56
C SER Y 13 62.82 -83.70 -22.94
N ARG Y 14 62.39 -84.92 -23.26
CA ARG Y 14 61.05 -85.39 -22.94
C ARG Y 14 61.20 -86.84 -22.52
N PRO Y 15 61.94 -87.08 -21.44
CA PRO Y 15 62.14 -88.44 -20.97
C PRO Y 15 60.80 -89.11 -20.64
N GLY Y 16 60.55 -90.27 -21.22
CA GLY Y 16 59.32 -90.99 -20.96
C GLY Y 16 58.15 -90.59 -21.85
N ARG Y 17 58.37 -89.67 -22.79
CA ARG Y 17 57.35 -89.25 -23.77
C ARG Y 17 57.89 -89.14 -25.21
N GLY Y 18 59.13 -89.56 -25.46
CA GLY Y 18 59.67 -89.59 -26.84
C GLY Y 18 61.07 -89.02 -26.99
N GLU Y 19 61.45 -88.73 -28.23
CA GLU Y 19 62.73 -88.09 -28.56
C GLU Y 19 62.65 -86.62 -28.18
N PRO Y 20 63.80 -85.91 -28.21
CA PRO Y 20 63.75 -84.53 -27.78
C PRO Y 20 63.11 -83.61 -28.80
N ARG Y 21 62.39 -82.62 -28.31
CA ARG Y 21 61.80 -81.62 -29.18
C ARG Y 21 62.88 -80.63 -29.64
N PHE Y 22 62.97 -80.41 -30.94
CA PHE Y 22 63.91 -79.46 -31.52
C PHE Y 22 63.18 -78.44 -32.39
N ILE Y 23 63.36 -77.15 -32.09
CA ILE Y 23 62.75 -76.08 -32.88
C ILE Y 23 63.81 -75.03 -33.21
N ALA Y 24 63.86 -74.64 -34.48
CA ALA Y 24 64.83 -73.67 -35.00
C ALA Y 24 64.11 -72.59 -35.83
N VAL Y 25 64.41 -71.32 -35.58
CA VAL Y 25 63.85 -70.23 -36.41
C VAL Y 25 64.91 -69.19 -36.75
N GLY Y 26 64.84 -68.74 -38.00
CA GLY Y 26 65.76 -67.76 -38.51
C GLY Y 26 65.05 -66.48 -38.85
N TYR Y 27 65.62 -65.37 -38.38
CA TYR Y 27 65.09 -64.03 -38.68
C TYR Y 27 66.09 -63.22 -39.49
N VAL Y 28 65.57 -62.25 -40.24
CA VAL Y 28 66.36 -61.12 -40.70
C VAL Y 28 65.63 -59.88 -40.18
N ASP Y 29 66.34 -59.06 -39.43
CA ASP Y 29 65.73 -57.95 -38.75
C ASP Y 29 64.57 -58.51 -37.92
N ASP Y 30 63.35 -58.00 -38.09
CA ASP Y 30 62.22 -58.46 -37.27
C ASP Y 30 61.28 -59.36 -38.07
N THR Y 31 61.82 -59.92 -39.15
CA THR Y 31 61.07 -60.81 -40.05
C THR Y 31 61.61 -62.24 -39.98
N GLN Y 32 60.76 -63.17 -39.53
CA GLN Y 32 61.10 -64.60 -39.62
C GLN Y 32 61.10 -65.02 -41.08
N PHE Y 33 62.11 -65.81 -41.49
CA PHE Y 33 62.16 -66.31 -42.87
C PHE Y 33 62.32 -67.85 -42.97
N VAL Y 34 62.69 -68.52 -41.91
CA VAL Y 34 62.78 -69.98 -41.95
C VAL Y 34 62.41 -70.59 -40.62
N ARG Y 35 62.06 -71.86 -40.67
CA ARG Y 35 61.74 -72.60 -39.48
C ARG Y 35 62.01 -74.10 -39.68
N PHE Y 36 62.24 -74.78 -38.58
CA PHE Y 36 62.30 -76.22 -38.56
C PHE Y 36 61.79 -76.65 -37.22
N ASP Y 37 61.01 -77.72 -37.22
CA ASP Y 37 60.39 -78.28 -36.03
C ASP Y 37 60.44 -79.79 -36.09
N SER Y 38 61.06 -80.42 -35.11
CA SER Y 38 61.25 -81.87 -35.14
C SER Y 38 59.92 -82.61 -35.18
N ASP Y 39 58.88 -82.03 -34.59
CA ASP Y 39 57.58 -82.69 -34.47
C ASP Y 39 56.63 -82.38 -35.64
N ALA Y 40 57.15 -81.99 -36.80
CA ALA Y 40 56.29 -81.59 -37.93
C ALA Y 40 56.47 -82.54 -39.12
N ALA Y 41 55.51 -82.50 -40.04
CA ALA Y 41 55.39 -83.46 -41.14
C ALA Y 41 56.59 -83.54 -42.11
N SER Y 42 57.14 -82.39 -42.48
CA SER Y 42 58.05 -82.28 -43.62
C SER Y 42 59.46 -82.80 -43.34
N GLN Y 43 59.97 -82.47 -42.17
CA GLN Y 43 61.34 -82.82 -41.82
C GLN Y 43 62.33 -82.10 -42.75
N ARG Y 44 61.96 -80.88 -43.13
CA ARG Y 44 62.74 -80.00 -43.97
C ARG Y 44 62.83 -78.69 -43.22
N MET Y 45 63.83 -77.89 -43.56
CA MET Y 45 63.77 -76.46 -43.26
C MET Y 45 62.75 -75.88 -44.24
N GLU Y 46 61.78 -75.12 -43.73
CA GLU Y 46 60.69 -74.60 -44.54
C GLU Y 46 60.71 -73.07 -44.55
N PRO Y 47 60.39 -72.45 -45.70
CA PRO Y 47 60.36 -70.98 -45.83
C PRO Y 47 59.22 -70.34 -45.07
N ARG Y 48 59.44 -69.11 -44.61
CA ARG Y 48 58.41 -68.29 -43.94
C ARG Y 48 58.33 -66.83 -44.42
N ALA Y 49 59.00 -66.54 -45.53
CA ALA Y 49 59.01 -65.22 -46.13
C ALA Y 49 59.07 -65.40 -47.64
N PRO Y 50 58.34 -64.56 -48.40
CA PRO Y 50 58.22 -64.81 -49.84
C PRO Y 50 59.56 -64.79 -50.57
N TRP Y 51 60.43 -63.86 -50.19
CA TRP Y 51 61.70 -63.68 -50.89
C TRP Y 51 62.66 -64.85 -50.78
N ILE Y 52 62.54 -65.66 -49.74
CA ILE Y 52 63.42 -66.82 -49.60
C ILE Y 52 62.94 -68.00 -50.44
N GLU Y 53 61.80 -67.87 -51.12
CA GLU Y 53 61.31 -68.93 -52.01
C GLU Y 53 62.05 -68.97 -53.35
N GLN Y 54 62.56 -67.82 -53.80
CA GLN Y 54 63.55 -67.73 -54.89
C GLN Y 54 64.61 -68.84 -54.86
N GLU Y 55 65.07 -69.17 -53.67
CA GLU Y 55 66.19 -70.07 -53.51
C GLU Y 55 65.83 -71.43 -54.08
N GLY Y 56 66.81 -72.05 -54.75
CA GLY Y 56 66.62 -73.34 -55.38
C GLY Y 56 66.83 -74.52 -54.45
N PRO Y 57 66.65 -75.75 -54.99
CA PRO Y 57 66.75 -77.01 -54.26
C PRO Y 57 68.06 -77.26 -53.52
N GLU Y 58 69.19 -76.75 -54.02
CA GLU Y 58 70.48 -76.91 -53.31
C GLU Y 58 70.45 -76.18 -51.96
N TYR Y 59 69.82 -75.01 -51.95
CA TYR Y 59 69.71 -74.23 -50.73
C TYR Y 59 68.93 -74.97 -49.63
N TRP Y 60 67.76 -75.50 -49.98
CA TRP Y 60 66.89 -76.14 -49.00
C TRP Y 60 67.46 -77.47 -48.54
N ASP Y 61 67.99 -78.22 -49.51
CA ASP Y 61 68.70 -79.43 -49.22
C ASP Y 61 69.81 -79.18 -48.19
N GLY Y 62 70.57 -78.11 -48.38
CA GLY Y 62 71.70 -77.80 -47.53
C GLY Y 62 71.29 -77.36 -46.14
N GLU Y 63 70.32 -76.44 -46.07
CA GLU Y 63 69.89 -75.91 -44.79
C GLU Y 63 69.28 -77.01 -43.94
N THR Y 64 68.49 -77.85 -44.58
CA THR Y 64 67.83 -78.97 -43.93
C THR Y 64 68.89 -79.88 -43.32
N ARG Y 65 69.80 -80.29 -44.17
CA ARG Y 65 70.93 -81.12 -43.77
C ARG Y 65 71.69 -80.51 -42.58
N LYS Y 66 71.98 -79.21 -42.64
CA LYS Y 66 72.66 -78.53 -41.56
C LYS Y 66 71.82 -78.42 -40.26
N VAL Y 67 70.53 -78.10 -40.36
CA VAL Y 67 69.74 -77.95 -39.13
C VAL Y 67 69.54 -79.29 -38.46
N LYS Y 68 69.48 -80.37 -39.24
CA LYS Y 68 69.46 -81.71 -38.69
C LYS Y 68 70.77 -82.04 -37.94
N ALA Y 69 71.91 -81.60 -38.48
CA ALA Y 69 73.18 -81.64 -37.75
C ALA Y 69 73.08 -80.88 -36.42
N HIS Y 70 72.50 -79.70 -36.43
CA HIS Y 70 72.38 -78.90 -35.22
C HIS Y 70 71.57 -79.68 -34.17
N SER Y 71 70.47 -80.24 -34.65
CA SER Y 71 69.55 -81.05 -33.84
C SER Y 71 70.26 -82.23 -33.21
N GLN Y 72 71.09 -82.91 -33.99
CA GLN Y 72 71.85 -84.02 -33.45
C GLN Y 72 72.85 -83.57 -32.37
N THR Y 73 73.54 -82.46 -32.60
CA THR Y 73 74.47 -81.97 -31.57
C THR Y 73 73.78 -81.66 -30.24
N HIS Y 74 72.66 -80.92 -30.29
CA HIS Y 74 71.90 -80.58 -29.07
C HIS Y 74 71.44 -81.80 -28.33
N ARG Y 75 71.03 -82.81 -29.07
CA ARG Y 75 70.64 -84.08 -28.50
C ARG Y 75 71.78 -84.70 -27.67
N VAL Y 76 72.99 -84.65 -28.20
CA VAL Y 76 74.13 -85.16 -27.46
C VAL Y 76 74.36 -84.23 -26.28
N ASP Y 77 74.31 -82.92 -26.53
CA ASP Y 77 74.51 -81.95 -25.43
C ASP Y 77 73.55 -82.16 -24.26
N LEU Y 78 72.29 -82.50 -24.54
CA LEU Y 78 71.33 -82.77 -23.44
C LEU Y 78 71.89 -83.80 -22.46
N GLY Y 79 72.39 -84.92 -22.99
CA GLY Y 79 73.02 -85.96 -22.17
C GLY Y 79 74.32 -85.55 -21.52
N THR Y 80 75.21 -84.86 -22.23
CA THR Y 80 76.46 -84.44 -21.63
C THR Y 80 76.21 -83.47 -20.48
N LEU Y 81 75.33 -82.50 -20.70
CA LEU Y 81 74.98 -81.54 -19.67
C LEU Y 81 74.45 -82.19 -18.40
N ARG Y 82 73.71 -83.27 -18.58
CA ARG Y 82 73.14 -84.00 -17.46
C ARG Y 82 74.26 -84.64 -16.66
N GLY Y 83 75.23 -85.20 -17.38
CA GLY Y 83 76.49 -85.67 -16.80
C GLY Y 83 77.24 -84.61 -16.00
N TYR Y 84 77.49 -83.45 -16.60
CA TYR Y 84 78.26 -82.39 -15.95
C TYR Y 84 77.65 -81.92 -14.64
N TYR Y 85 76.32 -81.94 -14.55
CA TYR Y 85 75.59 -81.43 -13.39
C TYR Y 85 75.09 -82.54 -12.46
N ASN Y 86 75.44 -83.79 -12.77
CA ASN Y 86 75.02 -84.96 -11.99
C ASN Y 86 73.51 -84.95 -11.82
N GLN Y 87 72.80 -85.04 -12.94
CA GLN Y 87 71.36 -84.89 -12.93
C GLN Y 87 70.64 -86.17 -13.28
N SER Y 88 69.82 -86.64 -12.35
CA SER Y 88 68.96 -87.81 -12.54
C SER Y 88 68.19 -87.63 -13.83
N GLU Y 89 68.24 -88.64 -14.70
CA GLU Y 89 67.48 -88.59 -15.94
C GLU Y 89 66.03 -88.75 -15.54
N ALA Y 90 65.57 -87.92 -14.61
CA ALA Y 90 64.16 -87.85 -14.32
C ALA Y 90 63.70 -86.86 -15.33
N GLY Y 91 64.37 -85.72 -15.33
CA GLY Y 91 63.76 -84.47 -15.76
C GLY Y 91 63.88 -84.09 -17.21
N SER Y 92 62.90 -83.31 -17.64
CA SER Y 92 62.98 -82.58 -18.90
C SER Y 92 63.89 -81.39 -18.72
N HIS Y 93 64.86 -81.22 -19.61
CA HIS Y 93 65.76 -80.07 -19.58
C HIS Y 93 65.73 -79.35 -20.92
N THR Y 94 66.04 -78.05 -20.88
CA THR Y 94 66.03 -77.16 -22.05
C THR Y 94 67.43 -76.70 -22.39
N VAL Y 95 67.78 -76.76 -23.67
CA VAL Y 95 68.93 -76.01 -24.21
C VAL Y 95 68.44 -74.93 -25.17
N GLN Y 96 69.06 -73.77 -25.12
CA GLN Y 96 68.74 -72.72 -26.08
C GLN Y 96 70.05 -72.15 -26.64
N ARG Y 97 70.05 -71.83 -27.92
CA ARG Y 97 71.16 -71.16 -28.58
C ARG Y 97 70.68 -70.07 -29.51
N MET Y 98 71.46 -68.99 -29.57
CA MET Y 98 71.20 -67.93 -30.51
C MET Y 98 72.53 -67.47 -31.09
N TYR Y 99 72.57 -67.32 -32.41
CA TYR Y 99 73.74 -66.76 -33.06
C TYR Y 99 73.38 -66.00 -34.32
N GLY Y 100 74.31 -65.16 -34.74
CA GLY Y 100 74.11 -64.34 -35.91
C GLY Y 100 74.98 -63.10 -35.92
N CYS Y 101 74.76 -62.27 -36.91
CA CYS Y 101 75.64 -61.16 -37.21
C CYS Y 101 74.86 -59.87 -37.53
N ASP Y 102 75.46 -58.73 -37.21
CA ASP Y 102 74.92 -57.44 -37.62
C ASP Y 102 75.89 -56.76 -38.59
N VAL Y 103 75.30 -56.05 -39.56
CA VAL Y 103 76.01 -55.10 -40.39
C VAL Y 103 75.47 -53.68 -40.17
N GLY Y 104 76.33 -52.68 -40.36
CA GLY Y 104 75.93 -51.26 -40.27
C GLY Y 104 75.21 -50.79 -41.52
N SER Y 105 74.97 -49.48 -41.61
CA SER Y 105 74.29 -48.89 -42.76
C SER Y 105 75.09 -49.01 -44.04
N ASP Y 106 76.41 -49.03 -43.91
CA ASP Y 106 77.28 -49.37 -45.05
C ASP Y 106 77.11 -50.82 -45.53
N TRP Y 107 76.48 -51.68 -44.73
CA TRP Y 107 76.44 -53.14 -44.98
C TRP Y 107 77.80 -53.78 -44.69
N ARG Y 108 78.65 -53.08 -43.96
CA ARG Y 108 79.90 -53.66 -43.49
C ARG Y 108 79.62 -54.41 -42.21
N PHE Y 109 80.40 -55.47 -41.97
CA PHE Y 109 80.33 -56.21 -40.72
C PHE Y 109 80.45 -55.28 -39.52
N LEU Y 110 79.47 -55.38 -38.63
CA LEU Y 110 79.41 -54.60 -37.41
C LEU Y 110 79.73 -55.44 -36.17
N ARG Y 111 79.23 -56.66 -36.13
CA ARG Y 111 79.18 -57.39 -34.87
C ARG Y 111 78.69 -58.81 -35.07
N GLY Y 112 79.12 -59.69 -34.17
CA GLY Y 112 78.73 -61.11 -34.21
C GLY Y 112 78.51 -61.63 -32.82
N TYR Y 113 77.68 -62.64 -32.69
CA TYR Y 113 77.39 -63.18 -31.39
C TYR Y 113 76.95 -64.61 -31.45
N HIS Y 114 77.10 -65.28 -30.33
CA HIS Y 114 76.77 -66.69 -30.18
C HIS Y 114 76.63 -67.01 -28.71
N GLN Y 115 75.40 -67.30 -28.30
CA GLN Y 115 75.04 -67.48 -26.90
C GLN Y 115 74.29 -68.80 -26.70
N TYR Y 116 74.51 -69.38 -25.52
CA TYR Y 116 74.08 -70.73 -25.21
C TYR Y 116 73.59 -70.75 -23.77
N ALA Y 117 72.40 -71.33 -23.56
CA ALA Y 117 71.75 -71.38 -22.23
C ALA Y 117 71.32 -72.80 -21.88
N TYR Y 118 71.32 -73.10 -20.59
CA TYR Y 118 70.80 -74.37 -20.10
C TYR Y 118 69.79 -74.05 -18.99
N ASP Y 119 68.62 -74.65 -19.08
CA ASP Y 119 67.50 -74.41 -18.15
C ASP Y 119 67.28 -72.93 -17.84
N GLY Y 120 67.32 -72.10 -18.88
CA GLY Y 120 67.01 -70.68 -18.76
C GLY Y 120 68.10 -69.76 -18.24
N LYS Y 121 69.27 -70.31 -17.89
CA LYS Y 121 70.41 -69.49 -17.42
C LYS Y 121 71.60 -69.53 -18.41
N ASP Y 122 72.20 -68.38 -18.63
CA ASP Y 122 73.47 -68.28 -19.36
C ASP Y 122 74.37 -69.44 -19.03
N TYR Y 123 74.91 -70.10 -20.06
CA TYR Y 123 75.86 -71.18 -19.89
C TYR Y 123 77.24 -70.80 -20.45
N ILE Y 124 77.33 -70.60 -21.77
CA ILE Y 124 78.56 -70.10 -22.37
C ILE Y 124 78.25 -69.14 -23.51
N ALA Y 125 79.08 -68.10 -23.64
CA ALA Y 125 78.91 -67.08 -24.68
C ALA Y 125 80.25 -66.72 -25.31
N LEU Y 126 80.23 -66.43 -26.60
CA LEU Y 126 81.33 -65.79 -27.25
C LEU Y 126 81.27 -64.31 -26.88
N LYS Y 127 82.39 -63.75 -26.43
CA LYS Y 127 82.46 -62.33 -26.07
C LYS Y 127 82.55 -61.48 -27.32
N GLU Y 128 82.38 -60.17 -27.17
CA GLU Y 128 82.33 -59.25 -28.32
C GLU Y 128 83.69 -59.15 -29.09
N ASP Y 129 84.80 -59.63 -28.50
CA ASP Y 129 86.10 -59.65 -29.22
C ASP Y 129 86.18 -60.76 -30.27
N LEU Y 130 85.30 -61.76 -30.14
CA LEU Y 130 85.19 -62.92 -31.05
C LEU Y 130 86.31 -63.96 -30.91
N ARG Y 131 87.11 -63.87 -29.85
CA ARG Y 131 88.26 -64.75 -29.68
C ARG Y 131 88.26 -65.50 -28.34
N SER Y 132 87.23 -65.28 -27.51
CA SER Y 132 87.18 -65.84 -26.16
C SER Y 132 85.73 -66.01 -25.64
N TRP Y 133 85.62 -66.72 -24.52
CA TRP Y 133 84.35 -67.19 -24.01
C TRP Y 133 84.07 -66.74 -22.59
N THR Y 134 82.85 -66.31 -22.32
CA THR Y 134 82.36 -66.16 -20.95
C THR Y 134 81.72 -67.46 -20.49
N ALA Y 135 82.37 -68.14 -19.56
CA ALA Y 135 81.86 -69.36 -18.94
C ALA Y 135 81.06 -69.00 -17.70
N ALA Y 136 79.76 -69.29 -17.70
CA ALA Y 136 78.92 -68.94 -16.55
C ALA Y 136 79.30 -69.64 -15.24
N ASP Y 137 79.88 -70.83 -15.30
CA ASP Y 137 80.14 -71.65 -14.12
C ASP Y 137 81.08 -72.81 -14.43
N MET Y 138 81.25 -73.71 -13.47
CA MET Y 138 82.28 -74.74 -13.57
C MET Y 138 82.04 -75.77 -14.67
N ALA Y 139 80.79 -76.20 -14.86
CA ALA Y 139 80.48 -77.09 -15.98
C ALA Y 139 80.80 -76.39 -17.30
N ALA Y 140 80.37 -75.14 -17.43
CA ALA Y 140 80.75 -74.32 -18.57
C ALA Y 140 82.29 -74.13 -18.71
N GLN Y 141 83.02 -74.08 -17.61
CA GLN Y 141 84.50 -74.09 -17.68
C GLN Y 141 85.07 -75.32 -18.42
N THR Y 142 84.39 -76.47 -18.27
CA THR Y 142 84.80 -77.69 -18.99
C THR Y 142 84.61 -77.50 -20.49
N THR Y 143 83.49 -76.90 -20.87
CA THR Y 143 83.21 -76.65 -22.30
C THR Y 143 84.21 -75.62 -22.84
N LYS Y 144 84.44 -74.56 -22.06
CA LYS Y 144 85.41 -73.52 -22.44
C LYS Y 144 86.73 -74.10 -22.89
N HIS Y 145 87.36 -74.90 -22.01
CA HIS Y 145 88.69 -75.46 -22.25
C HIS Y 145 88.68 -76.42 -23.42
N LYS Y 146 87.61 -77.18 -23.52
CA LYS Y 146 87.41 -78.10 -24.62
C LYS Y 146 87.33 -77.33 -25.95
N TRP Y 147 86.60 -76.22 -25.91
CA TRP Y 147 86.40 -75.37 -27.10
C TRP Y 147 87.62 -74.52 -27.44
N GLU Y 148 88.40 -74.15 -26.44
CA GLU Y 148 89.67 -73.44 -26.67
C GLU Y 148 90.69 -74.39 -27.34
N ALA Y 149 90.75 -75.63 -26.85
CA ALA Y 149 91.72 -76.62 -27.35
C ALA Y 149 91.45 -77.00 -28.80
N ALA Y 150 90.18 -77.08 -29.18
CA ALA Y 150 89.80 -77.33 -30.59
C ALA Y 150 89.75 -76.05 -31.44
N HIS Y 151 90.17 -74.91 -30.87
CA HIS Y 151 90.15 -73.65 -31.59
C HIS Y 151 88.79 -73.45 -32.28
N VAL Y 152 87.75 -73.49 -31.46
CA VAL Y 152 86.36 -73.38 -31.91
C VAL Y 152 86.00 -71.95 -32.28
N ALA Y 153 86.37 -71.00 -31.42
CA ALA Y 153 86.18 -69.57 -31.68
C ALA Y 153 86.67 -69.16 -33.07
N GLU Y 154 87.81 -69.67 -33.49
CA GLU Y 154 88.35 -69.25 -34.77
C GLU Y 154 87.44 -69.63 -35.95
N GLN Y 155 86.90 -70.84 -35.94
CA GLN Y 155 85.98 -71.27 -37.01
C GLN Y 155 84.71 -70.42 -36.94
N LEU Y 156 84.15 -70.28 -35.75
CA LEU Y 156 82.94 -69.49 -35.56
C LEU Y 156 83.15 -68.08 -36.08
N ARG Y 157 84.29 -67.50 -35.71
CA ARG Y 157 84.61 -66.16 -36.13
C ARG Y 157 84.65 -66.06 -37.64
N ALA Y 158 85.28 -67.02 -38.30
CA ALA Y 158 85.38 -66.96 -39.74
C ALA Y 158 83.97 -66.92 -40.33
N TYR Y 159 83.04 -67.71 -39.78
CA TYR Y 159 81.65 -67.73 -40.24
C TYR Y 159 80.99 -66.38 -40.04
N LEU Y 160 81.00 -65.89 -38.81
CA LEU Y 160 80.35 -64.61 -38.51
C LEU Y 160 80.89 -63.53 -39.45
N GLU Y 161 82.21 -63.36 -39.52
CA GLU Y 161 82.78 -62.26 -40.30
C GLU Y 161 82.66 -62.41 -41.81
N GLY Y 162 82.47 -63.64 -42.29
CA GLY Y 162 82.38 -63.90 -43.73
C GLY Y 162 80.99 -64.29 -44.18
N THR Y 163 80.73 -65.60 -44.14
CA THR Y 163 79.48 -66.21 -44.60
C THR Y 163 78.18 -65.57 -44.13
N CYS Y 164 78.07 -65.38 -42.82
CA CYS Y 164 76.87 -64.85 -42.21
C CYS Y 164 76.47 -63.51 -42.84
N VAL Y 165 77.47 -62.64 -42.93
CA VAL Y 165 77.33 -61.27 -43.40
C VAL Y 165 77.10 -61.27 -44.89
N GLU Y 166 77.71 -62.21 -45.59
CA GLU Y 166 77.56 -62.34 -47.04
C GLU Y 166 76.14 -62.78 -47.44
N TRP Y 167 75.60 -63.76 -46.73
CA TRP Y 167 74.21 -64.19 -46.94
C TRP Y 167 73.21 -63.20 -46.36
N LEU Y 168 73.57 -62.49 -45.30
CA LEU Y 168 72.73 -61.42 -44.83
C LEU Y 168 72.50 -60.43 -45.98
N ARG Y 169 73.60 -59.96 -46.58
CA ARG Y 169 73.53 -59.04 -47.72
C ARG Y 169 72.66 -59.55 -48.86
N ARG Y 170 72.95 -60.75 -49.31
CA ARG Y 170 72.15 -61.39 -50.35
C ARG Y 170 70.64 -61.36 -50.04
N TYR Y 171 70.27 -61.81 -48.85
CA TYR Y 171 68.86 -61.81 -48.45
C TYR Y 171 68.29 -60.41 -48.51
N LEU Y 172 69.07 -59.45 -48.07
CA LEU Y 172 68.65 -58.06 -48.08
C LEU Y 172 68.34 -57.56 -49.49
N GLU Y 173 69.14 -57.95 -50.48
CA GLU Y 173 68.90 -57.47 -51.84
C GLU Y 173 67.70 -58.24 -52.42
N ASN Y 174 67.73 -59.56 -52.29
CA ASN Y 174 66.60 -60.39 -52.73
C ASN Y 174 65.29 -60.03 -52.04
N GLY Y 175 65.36 -59.58 -50.79
CA GLY Y 175 64.18 -59.12 -50.04
C GLY Y 175 63.98 -57.61 -50.05
N LYS Y 176 64.67 -56.90 -50.94
CA LYS Y 176 64.60 -55.45 -51.04
C LYS Y 176 63.19 -54.93 -50.74
N GLU Y 177 62.22 -55.50 -51.46
CA GLU Y 177 60.84 -55.03 -51.44
C GLU Y 177 60.21 -54.98 -50.05
N THR Y 178 60.56 -55.93 -49.19
CA THR Y 178 59.98 -55.97 -47.84
C THR Y 178 61.00 -55.56 -46.78
N LEU Y 179 62.15 -56.25 -46.72
CA LEU Y 179 63.11 -56.00 -45.64
C LEU Y 179 63.61 -54.56 -45.54
N GLN Y 180 63.64 -53.84 -46.65
CA GLN Y 180 64.11 -52.46 -46.63
C GLN Y 180 63.00 -51.40 -46.66
N ARG Y 181 61.75 -51.86 -46.67
CA ARG Y 181 60.61 -50.97 -46.48
C ARG Y 181 60.62 -50.49 -45.05
N THR Y 182 59.82 -49.49 -44.78
CA THR Y 182 59.45 -49.17 -43.42
C THR Y 182 57.94 -48.96 -43.45
N ASP Y 183 57.25 -49.48 -42.46
CA ASP Y 183 55.84 -49.18 -42.29
C ASP Y 183 55.68 -48.22 -41.13
N ALA Y 184 55.32 -46.98 -41.45
CA ALA Y 184 55.07 -45.96 -40.45
C ALA Y 184 53.89 -46.39 -39.57
N PRO Y 185 53.94 -46.06 -38.28
CA PRO Y 185 52.80 -46.37 -37.46
C PRO Y 185 51.60 -45.55 -37.87
N LYS Y 186 50.45 -46.20 -38.03
CA LYS Y 186 49.18 -45.53 -38.10
C LYS Y 186 48.83 -45.27 -36.66
N THR Y 187 48.65 -44.00 -36.29
CA THR Y 187 48.48 -43.63 -34.89
C THR Y 187 47.14 -42.96 -34.61
N HIS Y 188 46.65 -43.15 -33.39
CA HIS Y 188 45.41 -42.50 -32.89
C HIS Y 188 45.35 -42.63 -31.37
N MET Y 189 44.47 -41.85 -30.74
CA MET Y 189 44.33 -41.83 -29.26
C MET Y 189 42.89 -42.10 -28.81
N THR Y 190 42.75 -42.62 -27.59
CA THR Y 190 41.44 -42.86 -27.01
C THR Y 190 41.28 -42.13 -25.68
N HIS Y 191 40.03 -41.87 -25.31
CA HIS Y 191 39.65 -41.21 -24.06
C HIS Y 191 38.70 -42.13 -23.31
N HIS Y 192 38.90 -42.25 -22.00
CA HIS Y 192 38.11 -43.15 -21.16
C HIS Y 192 37.99 -42.65 -19.72
N ALA Y 193 36.81 -42.15 -19.38
CA ALA Y 193 36.52 -41.63 -18.04
C ALA Y 193 36.44 -42.77 -17.04
N VAL Y 194 37.24 -42.68 -15.97
CA VAL Y 194 37.21 -43.67 -14.89
C VAL Y 194 36.44 -43.20 -13.66
N SER Y 195 36.17 -41.91 -13.55
CA SER Y 195 35.44 -41.35 -12.40
C SER Y 195 35.15 -39.86 -12.61
N ASP Y 196 34.46 -39.27 -11.65
CA ASP Y 196 34.27 -37.82 -11.65
C ASP Y 196 35.62 -37.08 -11.79
N HIS Y 197 36.67 -37.58 -11.14
CA HIS Y 197 37.91 -36.81 -11.08
C HIS Y 197 38.98 -37.21 -12.11
N GLU Y 198 38.95 -38.44 -12.62
CA GLU Y 198 40.00 -38.93 -13.55
C GLU Y 198 39.49 -39.49 -14.90
N ALA Y 199 40.34 -39.38 -15.92
CA ALA Y 199 40.15 -40.06 -17.21
C ALA Y 199 41.43 -40.77 -17.64
N THR Y 200 41.28 -41.87 -18.37
CA THR Y 200 42.42 -42.55 -18.94
C THR Y 200 42.55 -42.16 -20.40
N LEU Y 201 43.70 -41.57 -20.74
CA LEU Y 201 44.06 -41.27 -22.11
C LEU Y 201 45.05 -42.33 -22.56
N ARG Y 202 44.96 -42.73 -23.83
CA ARG Y 202 45.79 -43.82 -24.32
C ARG Y 202 46.24 -43.62 -25.77
N CYS Y 203 47.54 -43.77 -26.00
CA CYS Y 203 48.15 -43.62 -27.31
C CYS Y 203 48.27 -44.99 -27.99
N TRP Y 204 47.97 -45.05 -29.28
CA TRP Y 204 48.03 -46.27 -30.05
C TRP Y 204 48.94 -46.16 -31.25
N ALA Y 205 49.84 -47.14 -31.40
CA ALA Y 205 50.65 -47.26 -32.59
C ALA Y 205 50.38 -48.65 -33.16
N LEU Y 206 49.88 -48.70 -34.40
CA LEU Y 206 49.45 -49.91 -35.07
C LEU Y 206 50.12 -50.05 -36.45
N SER Y 207 50.39 -51.31 -36.83
CA SER Y 207 50.80 -51.66 -38.19
C SER Y 207 52.17 -51.13 -38.54
N PHE Y 208 53.09 -51.17 -37.59
CA PHE Y 208 54.43 -50.69 -37.93
C PHE Y 208 55.49 -51.78 -38.13
N TYR Y 209 56.61 -51.37 -38.66
CA TYR Y 209 57.74 -52.24 -38.93
C TYR Y 209 58.90 -51.31 -39.26
N PRO Y 210 60.05 -51.49 -38.60
CA PRO Y 210 60.37 -52.49 -37.56
C PRO Y 210 59.66 -52.28 -36.23
N ALA Y 211 59.92 -53.20 -35.31
CA ALA Y 211 59.36 -53.19 -33.96
C ALA Y 211 59.85 -52.05 -33.06
N GLU Y 212 61.06 -51.56 -33.29
CA GLU Y 212 61.59 -50.47 -32.48
C GLU Y 212 60.70 -49.23 -32.62
N ILE Y 213 60.31 -48.68 -31.48
CA ILE Y 213 59.39 -47.57 -31.45
C ILE Y 213 59.44 -46.95 -30.07
N THR Y 214 59.28 -45.64 -30.01
CA THR Y 214 59.12 -44.97 -28.73
C THR Y 214 57.82 -44.16 -28.69
N LEU Y 215 57.06 -44.36 -27.61
CA LEU Y 215 55.82 -43.64 -27.36
C LEU Y 215 55.94 -43.01 -25.99
N THR Y 216 55.92 -41.69 -25.90
CA THR Y 216 56.00 -41.03 -24.60
C THR Y 216 54.83 -40.05 -24.40
N TRP Y 217 54.43 -39.89 -23.15
CA TRP Y 217 53.44 -38.88 -22.80
C TRP Y 217 54.12 -37.67 -22.17
N GLN Y 218 53.81 -36.49 -22.69
CA GLN Y 218 54.31 -35.24 -22.11
C GLN Y 218 53.15 -34.45 -21.52
N ARG Y 219 53.42 -33.77 -20.40
CA ARG Y 219 52.47 -32.83 -19.81
C ARG Y 219 53.09 -31.44 -19.83
N ASP Y 220 52.46 -30.53 -20.59
CA ASP Y 220 52.98 -29.17 -20.78
C ASP Y 220 54.39 -29.12 -21.39
N GLY Y 221 54.81 -30.22 -22.01
CA GLY Y 221 56.14 -30.33 -22.60
C GLY Y 221 57.06 -31.26 -21.83
N GLU Y 222 56.81 -31.39 -20.54
CA GLU Y 222 57.67 -32.17 -19.65
C GLU Y 222 57.30 -33.64 -19.77
N ASP Y 223 58.30 -34.50 -19.93
CA ASP Y 223 58.07 -35.95 -20.03
C ASP Y 223 57.48 -36.50 -18.73
N GLN Y 224 56.58 -37.48 -18.84
CA GLN Y 224 55.85 -38.05 -17.70
C GLN Y 224 56.17 -39.53 -17.52
N THR Y 225 57.45 -39.87 -17.55
CA THR Y 225 57.88 -41.25 -17.69
C THR Y 225 57.61 -42.19 -16.50
N GLN Y 226 56.99 -41.70 -15.43
CA GLN Y 226 56.79 -42.54 -14.23
C GLN Y 226 55.34 -42.70 -13.76
N ASP Y 227 54.39 -42.11 -14.50
CA ASP Y 227 52.96 -42.34 -14.26
C ASP Y 227 52.26 -42.90 -15.52
N THR Y 228 53.07 -43.38 -16.47
CA THR Y 228 52.59 -43.85 -17.77
C THR Y 228 52.86 -45.35 -17.98
N GLU Y 229 51.77 -46.13 -18.07
CA GLU Y 229 51.82 -47.56 -18.39
C GLU Y 229 52.21 -47.79 -19.85
N LEU Y 230 53.04 -48.81 -20.10
CA LEU Y 230 53.46 -49.24 -21.45
C LEU Y 230 53.31 -50.75 -21.61
N VAL Y 231 52.49 -51.24 -22.55
CA VAL Y 231 52.51 -52.67 -22.84
C VAL Y 231 53.73 -53.01 -23.66
N GLU Y 232 54.15 -54.26 -23.55
CA GLU Y 232 55.19 -54.78 -24.38
C GLU Y 232 54.69 -54.79 -25.84
N THR Y 233 55.59 -54.45 -26.76
CA THR Y 233 55.31 -54.41 -28.18
C THR Y 233 54.94 -55.78 -28.69
N ARG Y 234 53.88 -55.86 -29.47
CA ARG Y 234 53.33 -57.16 -29.85
C ARG Y 234 53.13 -57.34 -31.35
N PRO Y 235 53.21 -58.59 -31.83
CA PRO Y 235 53.01 -58.87 -33.24
C PRO Y 235 51.53 -58.87 -33.62
N ALA Y 236 51.21 -58.15 -34.71
CA ALA Y 236 49.85 -58.16 -35.27
C ALA Y 236 49.52 -59.52 -35.85
N GLY Y 237 50.54 -60.25 -36.29
CA GLY Y 237 50.36 -61.56 -36.90
C GLY Y 237 50.42 -61.50 -38.41
N ASP Y 238 50.73 -60.32 -38.95
CA ASP Y 238 50.82 -60.15 -40.40
C ASP Y 238 52.18 -59.64 -40.85
N GLY Y 239 53.14 -59.57 -39.91
CA GLY Y 239 54.47 -59.03 -40.19
C GLY Y 239 54.72 -57.64 -39.61
N THR Y 240 53.65 -56.98 -39.17
CA THR Y 240 53.75 -55.66 -38.55
C THR Y 240 53.54 -55.78 -37.04
N PHE Y 241 53.68 -54.67 -36.30
CA PHE Y 241 53.58 -54.69 -34.83
C PHE Y 241 52.63 -53.62 -34.29
N GLN Y 242 52.31 -53.72 -33.00
CA GLN Y 242 51.36 -52.84 -32.28
C GLN Y 242 51.91 -52.48 -30.90
N LYS Y 243 51.55 -51.30 -30.39
CA LYS Y 243 51.94 -50.91 -29.05
C LYS Y 243 51.01 -49.80 -28.56
N TRP Y 244 50.84 -49.70 -27.25
CA TRP Y 244 50.20 -48.54 -26.67
C TRP Y 244 50.88 -48.10 -25.40
N ALA Y 245 50.69 -46.83 -25.05
CA ALA Y 245 51.02 -46.27 -23.73
C ALA Y 245 49.81 -45.47 -23.26
N ALA Y 246 49.46 -45.62 -21.97
CA ALA Y 246 48.33 -44.92 -21.39
C ALA Y 246 48.83 -44.09 -20.22
N VAL Y 247 48.04 -43.07 -19.88
CA VAL Y 247 48.31 -42.22 -18.73
C VAL Y 247 46.97 -41.81 -18.11
N VAL Y 248 46.95 -41.66 -16.78
CA VAL Y 248 45.74 -41.25 -16.06
C VAL Y 248 45.88 -39.81 -15.66
N VAL Y 249 44.90 -38.99 -16.05
CA VAL Y 249 45.01 -37.56 -15.94
C VAL Y 249 43.79 -37.02 -15.23
N PRO Y 250 43.96 -35.95 -14.43
CA PRO Y 250 42.79 -35.37 -13.76
C PRO Y 250 41.81 -34.84 -14.80
N SER Y 251 40.51 -34.96 -14.50
CA SER Y 251 39.46 -34.54 -15.41
C SER Y 251 39.57 -33.06 -15.70
N GLY Y 252 39.48 -32.70 -16.98
CA GLY Y 252 39.65 -31.31 -17.42
C GLY Y 252 41.04 -30.94 -17.91
N GLN Y 253 42.05 -31.76 -17.62
CA GLN Y 253 43.43 -31.42 -18.00
C GLN Y 253 43.92 -32.11 -19.28
N GLU Y 254 43.00 -32.67 -20.06
CA GLU Y 254 43.33 -33.40 -21.29
C GLU Y 254 44.34 -32.63 -22.16
N GLN Y 255 43.97 -31.39 -22.52
CA GLN Y 255 44.74 -30.56 -23.46
C GLN Y 255 46.19 -30.31 -23.07
N ARG Y 256 46.53 -30.49 -21.81
CA ARG Y 256 47.91 -30.32 -21.35
C ARG Y 256 48.78 -31.52 -21.66
N TYR Y 257 48.17 -32.62 -22.10
CA TYR Y 257 48.87 -33.85 -22.37
C TYR Y 257 49.03 -34.01 -23.89
N THR Y 258 50.12 -34.65 -24.29
CA THR Y 258 50.43 -34.90 -25.69
C THR Y 258 51.23 -36.19 -25.81
N CYS Y 259 50.97 -36.95 -26.87
CA CYS Y 259 51.70 -38.17 -27.14
C CYS Y 259 52.72 -37.92 -28.22
N HIS Y 260 53.89 -38.51 -28.05
CA HIS Y 260 54.98 -38.39 -28.99
C HIS Y 260 55.38 -39.76 -29.46
N VAL Y 261 55.53 -39.87 -30.77
CA VAL Y 261 55.80 -41.14 -31.40
C VAL Y 261 57.09 -41.02 -32.20
N GLN Y 262 58.05 -41.93 -31.94
CA GLN Y 262 59.30 -41.98 -32.71
C GLN Y 262 59.45 -43.35 -33.36
N HIS Y 263 59.71 -43.35 -34.67
CA HIS Y 263 59.81 -44.56 -35.46
C HIS Y 263 60.55 -44.25 -36.75
N GLU Y 264 61.48 -45.13 -37.11
CA GLU Y 264 62.30 -44.96 -38.33
C GLU Y 264 61.50 -44.50 -39.57
N GLY Y 265 60.31 -45.05 -39.73
CA GLY Y 265 59.47 -44.78 -40.92
C GLY Y 265 58.75 -43.43 -40.93
N LEU Y 266 58.91 -42.65 -39.87
CA LEU Y 266 58.34 -41.31 -39.80
C LEU Y 266 59.35 -40.30 -40.34
N PRO Y 267 58.92 -39.41 -41.26
CA PRO Y 267 59.76 -38.26 -41.62
C PRO Y 267 60.29 -37.52 -40.38
N LYS Y 268 59.38 -37.04 -39.54
CA LYS Y 268 59.76 -36.47 -38.23
C LYS Y 268 58.91 -37.08 -37.11
N PRO Y 269 59.40 -37.03 -35.87
CA PRO Y 269 58.63 -37.47 -34.70
C PRO Y 269 57.24 -36.83 -34.67
N LEU Y 270 56.24 -37.60 -34.30
CA LEU Y 270 54.84 -37.16 -34.30
C LEU Y 270 54.49 -36.64 -32.94
N THR Y 271 53.65 -35.61 -32.92
CA THR Y 271 53.03 -35.13 -31.68
C THR Y 271 51.52 -35.22 -31.81
N LEU Y 272 50.87 -35.93 -30.92
CA LEU Y 272 49.43 -36.07 -30.98
C LEU Y 272 48.84 -35.27 -29.84
N ARG Y 273 47.91 -34.40 -30.20
CA ARG Y 273 47.42 -33.37 -29.30
C ARG Y 273 45.93 -33.56 -29.09
N TRP Y 274 45.49 -33.26 -27.87
CA TRP Y 274 44.08 -33.22 -27.53
C TRP Y 274 43.55 -31.83 -27.78
N GLU Y 275 43.08 -31.60 -28.99
CA GLU Y 275 42.31 -30.42 -29.28
C GLU Y 275 41.20 -30.81 -30.22
N PRO Y 276 39.98 -30.36 -29.92
CA PRO Y 276 38.83 -30.76 -30.73
C PRO Y 276 38.72 -29.94 -32.02
N MET Z 1 67.51 -74.57 -12.39
CA MET Z 1 66.12 -74.42 -12.93
C MET Z 1 65.55 -73.06 -12.54
N ILE Z 2 65.19 -72.25 -13.53
CA ILE Z 2 64.43 -71.03 -13.28
C ILE Z 2 62.98 -71.20 -13.78
N GLN Z 3 62.08 -70.41 -13.22
CA GLN Z 3 60.69 -70.39 -13.65
C GLN Z 3 60.22 -68.97 -13.80
N ARG Z 4 59.75 -68.63 -14.99
CA ARG Z 4 59.17 -67.31 -15.24
C ARG Z 4 57.72 -67.50 -15.66
N THR Z 5 56.84 -66.70 -15.08
CA THR Z 5 55.42 -66.79 -15.34
C THR Z 5 55.07 -66.03 -16.62
N PRO Z 6 54.11 -66.54 -17.40
CA PRO Z 6 53.75 -65.86 -18.63
C PRO Z 6 53.04 -64.54 -18.46
N LYS Z 7 53.33 -63.60 -19.35
CA LYS Z 7 52.54 -62.40 -19.56
C LYS Z 7 51.60 -62.73 -20.70
N ILE Z 8 50.45 -62.07 -20.73
CA ILE Z 8 49.44 -62.36 -21.72
C ILE Z 8 48.83 -61.08 -22.25
N GLN Z 9 48.67 -61.02 -23.58
CA GLN Z 9 47.81 -60.01 -24.22
C GLN Z 9 46.83 -60.71 -25.16
N VAL Z 10 45.57 -60.28 -25.09
CA VAL Z 10 44.55 -60.77 -26.00
C VAL Z 10 44.04 -59.56 -26.77
N TYR Z 11 44.07 -59.66 -28.09
CA TYR Z 11 43.80 -58.53 -28.94
C TYR Z 11 43.48 -59.03 -30.32
N SER Z 12 43.01 -58.16 -31.21
CA SER Z 12 42.76 -58.53 -32.61
C SER Z 12 43.84 -57.95 -33.54
N ARG Z 13 44.03 -58.61 -34.69
CA ARG Z 13 45.01 -58.15 -35.67
C ARG Z 13 44.65 -56.78 -36.27
N HIS Z 14 43.37 -56.55 -36.54
CA HIS Z 14 42.93 -55.27 -37.07
C HIS Z 14 41.93 -54.67 -36.13
N PRO Z 15 41.79 -53.33 -36.16
CA PRO Z 15 40.73 -52.74 -35.35
C PRO Z 15 39.45 -53.54 -35.54
N ALA Z 16 38.95 -54.07 -34.43
CA ALA Z 16 37.75 -54.92 -34.45
C ALA Z 16 36.53 -54.11 -34.88
N GLU Z 17 35.74 -54.74 -35.74
CA GLU Z 17 34.46 -54.23 -36.17
C GLU Z 17 33.49 -55.40 -36.31
N ASN Z 18 32.39 -55.38 -35.57
CA ASN Z 18 31.38 -56.44 -35.63
C ASN Z 18 30.90 -56.75 -37.05
N GLY Z 19 30.72 -58.03 -37.34
CA GLY Z 19 30.30 -58.49 -38.67
C GLY Z 19 31.44 -58.62 -39.67
N LYS Z 20 32.65 -58.28 -39.23
CA LYS Z 20 33.79 -58.14 -40.15
C LYS Z 20 34.88 -59.14 -39.79
N SER Z 21 35.39 -59.84 -40.80
CA SER Z 21 36.37 -60.91 -40.57
C SER Z 21 37.69 -60.33 -40.06
N ASN Z 22 38.36 -61.08 -39.21
CA ASN Z 22 39.52 -60.59 -38.49
C ASN Z 22 40.35 -61.76 -37.96
N PHE Z 23 41.41 -61.49 -37.21
CA PHE Z 23 42.12 -62.57 -36.50
C PHE Z 23 42.12 -62.24 -35.05
N LEU Z 24 41.82 -63.22 -34.21
CA LEU Z 24 41.93 -63.08 -32.75
C LEU Z 24 43.29 -63.58 -32.33
N ASN Z 25 43.96 -62.80 -31.47
CA ASN Z 25 45.35 -63.07 -31.07
C ASN Z 25 45.44 -63.29 -29.58
N CYS Z 26 46.24 -64.27 -29.20
CA CYS Z 26 46.78 -64.39 -27.83
C CYS Z 26 48.32 -64.46 -27.84
N TYR Z 27 48.96 -63.39 -27.40
CA TYR Z 27 50.42 -63.31 -27.31
C TYR Z 27 50.88 -63.67 -25.89
N VAL Z 28 51.57 -64.80 -25.73
CA VAL Z 28 52.14 -65.13 -24.42
C VAL Z 28 53.64 -65.01 -24.50
N SER Z 29 54.23 -64.44 -23.46
CA SER Z 29 55.63 -64.16 -23.46
C SER Z 29 56.24 -64.15 -22.04
N GLY Z 30 57.55 -64.02 -21.99
CA GLY Z 30 58.25 -63.96 -20.72
C GLY Z 30 58.18 -65.21 -19.87
N PHE Z 31 57.94 -66.37 -20.49
CA PHE Z 31 57.73 -67.57 -19.73
C PHE Z 31 58.87 -68.56 -19.86
N HIS Z 32 59.17 -69.24 -18.77
CA HIS Z 32 60.10 -70.36 -18.79
C HIS Z 32 59.66 -71.37 -17.73
N PRO Z 33 59.69 -72.67 -18.05
CA PRO Z 33 60.05 -73.35 -19.30
C PRO Z 33 59.00 -73.24 -20.41
N SER Z 34 59.22 -73.98 -21.50
CA SER Z 34 58.54 -73.74 -22.77
C SER Z 34 57.22 -74.47 -22.98
N ASP Z 35 56.94 -75.51 -22.17
CA ASP Z 35 55.69 -76.25 -22.23
C ASP Z 35 54.58 -75.33 -21.76
N ILE Z 36 53.65 -75.04 -22.65
CA ILE Z 36 52.56 -74.15 -22.29
C ILE Z 36 51.24 -74.58 -22.98
N GLU Z 37 50.15 -74.48 -22.23
CA GLU Z 37 48.82 -74.76 -22.74
C GLU Z 37 48.15 -73.43 -23.01
N VAL Z 38 47.74 -73.21 -24.26
CA VAL Z 38 46.99 -72.01 -24.64
C VAL Z 38 45.75 -72.42 -25.46
N ASP Z 39 44.60 -71.91 -25.04
CA ASP Z 39 43.36 -72.12 -25.79
C ASP Z 39 42.65 -70.79 -25.94
N LEU Z 40 42.12 -70.55 -27.13
CA LEU Z 40 41.25 -69.41 -27.37
C LEU Z 40 39.80 -69.83 -27.10
N LEU Z 41 39.10 -69.11 -26.22
CA LEU Z 41 37.70 -69.43 -25.91
C LEU Z 41 36.68 -68.51 -26.60
N LYS Z 42 35.60 -69.11 -27.09
CA LYS Z 42 34.43 -68.41 -27.58
C LYS Z 42 33.27 -68.79 -26.67
N ASN Z 43 32.81 -67.84 -25.85
CA ASN Z 43 31.74 -68.08 -24.89
C ASN Z 43 32.09 -69.23 -23.96
N GLY Z 44 33.34 -69.23 -23.48
CA GLY Z 44 33.81 -70.26 -22.55
C GLY Z 44 34.21 -71.61 -23.13
N GLU Z 45 33.96 -71.85 -24.42
CA GLU Z 45 34.28 -73.13 -25.07
C GLU Z 45 35.47 -73.00 -26.02
N ARG Z 46 36.30 -74.04 -26.16
CA ARG Z 46 37.53 -73.90 -26.94
C ARG Z 46 37.35 -73.93 -28.45
N ILE Z 47 38.09 -73.05 -29.13
CA ILE Z 47 38.06 -72.93 -30.60
C ILE Z 47 39.08 -73.90 -31.17
N GLU Z 48 38.79 -74.45 -32.35
CA GLU Z 48 39.57 -75.58 -32.85
C GLU Z 48 40.73 -75.20 -33.77
N LYS Z 49 40.45 -74.59 -34.91
CA LYS Z 49 41.51 -74.31 -35.90
C LYS Z 49 42.41 -73.16 -35.43
N VAL Z 50 43.15 -73.38 -34.34
CA VAL Z 50 44.00 -72.36 -33.75
C VAL Z 50 45.44 -72.65 -34.09
N GLU Z 51 46.13 -71.68 -34.66
CA GLU Z 51 47.50 -71.85 -35.08
C GLU Z 51 48.39 -71.09 -34.13
N HIS Z 52 49.67 -71.42 -34.15
CA HIS Z 52 50.64 -70.68 -33.37
C HIS Z 52 51.97 -70.56 -34.11
N SER Z 53 52.70 -69.50 -33.79
CA SER Z 53 54.02 -69.22 -34.34
C SER Z 53 55.06 -70.20 -33.81
N ASP Z 54 56.20 -70.21 -34.47
CA ASP Z 54 57.27 -71.08 -34.06
C ASP Z 54 57.90 -70.49 -32.82
N LEU Z 55 58.21 -71.37 -31.87
CA LEU Z 55 58.73 -70.95 -30.57
C LEU Z 55 60.03 -70.17 -30.74
N SER Z 56 60.17 -69.12 -29.96
CA SER Z 56 61.38 -68.33 -29.94
C SER Z 56 61.59 -67.73 -28.57
N PHE Z 57 62.64 -66.95 -28.39
CA PHE Z 57 62.95 -66.38 -27.07
C PHE Z 57 63.66 -65.06 -27.15
N SER Z 58 63.64 -64.33 -26.05
CA SER Z 58 64.20 -62.99 -25.96
C SER Z 58 65.60 -63.02 -25.36
N LYS Z 59 66.15 -61.83 -25.19
CA LYS Z 59 67.47 -61.61 -24.56
C LYS Z 59 67.60 -62.34 -23.21
N ASP Z 60 66.56 -62.27 -22.37
CA ASP Z 60 66.61 -62.91 -21.05
C ASP Z 60 66.29 -64.42 -21.11
N TRP Z 61 66.29 -64.98 -22.32
CA TRP Z 61 66.02 -66.41 -22.56
C TRP Z 61 64.55 -66.82 -22.46
N SER Z 62 63.69 -65.94 -21.98
CA SER Z 62 62.30 -66.31 -21.78
C SER Z 62 61.62 -66.47 -23.15
N PHE Z 63 60.63 -67.36 -23.21
CA PHE Z 63 59.99 -67.73 -24.47
C PHE Z 63 58.81 -66.83 -24.81
N TYR Z 64 58.41 -66.84 -26.08
CA TYR Z 64 57.18 -66.20 -26.50
C TYR Z 64 56.52 -66.90 -27.70
N LEU Z 65 55.22 -66.72 -27.81
CA LEU Z 65 54.38 -67.39 -28.81
C LEU Z 65 53.19 -66.53 -29.17
N LEU Z 66 52.78 -66.62 -30.44
CA LEU Z 66 51.49 -66.06 -30.87
C LEU Z 66 50.51 -67.15 -31.24
N TYR Z 67 49.37 -67.17 -30.57
CA TYR Z 67 48.26 -68.06 -30.92
C TYR Z 67 47.21 -67.21 -31.60
N TYR Z 68 46.69 -67.70 -32.72
CA TYR Z 68 45.78 -66.92 -33.52
C TYR Z 68 44.80 -67.76 -34.35
N THR Z 69 43.61 -67.21 -34.54
CA THR Z 69 42.60 -67.86 -35.36
C THR Z 69 41.68 -66.86 -36.02
N GLU Z 70 41.20 -67.20 -37.21
CA GLU Z 70 40.31 -66.35 -37.99
C GLU Z 70 38.96 -66.36 -37.32
N PHE Z 71 38.31 -65.20 -37.27
CA PHE Z 71 36.98 -65.11 -36.68
C PHE Z 71 36.29 -63.85 -37.13
N THR Z 72 35.00 -63.79 -36.87
CA THR Z 72 34.19 -62.63 -37.16
C THR Z 72 33.48 -62.19 -35.89
N PRO Z 73 34.01 -61.18 -35.19
CA PRO Z 73 33.33 -60.76 -33.96
C PRO Z 73 31.89 -60.29 -34.18
N THR Z 74 31.07 -60.54 -33.16
CA THR Z 74 29.72 -59.98 -33.07
C THR Z 74 29.45 -59.70 -31.61
N GLU Z 75 28.48 -58.83 -31.35
CA GLU Z 75 28.25 -58.31 -29.99
C GLU Z 75 27.73 -59.36 -29.00
N LYS Z 76 27.02 -60.37 -29.50
CA LYS Z 76 26.49 -61.42 -28.64
C LYS Z 76 27.55 -62.41 -28.13
N ASN Z 77 28.80 -62.27 -28.56
CA ASN Z 77 29.86 -63.23 -28.29
C ASN Z 77 31.04 -62.67 -27.48
N GLU Z 78 31.36 -63.35 -26.40
CA GLU Z 78 32.53 -63.07 -25.56
C GLU Z 78 33.72 -63.93 -26.01
N TYR Z 79 34.91 -63.35 -25.99
CA TYR Z 79 36.12 -64.08 -26.40
C TYR Z 79 37.16 -63.94 -25.33
N ALA Z 80 37.92 -65.02 -25.11
CA ALA Z 80 38.98 -65.01 -24.10
C ALA Z 80 40.19 -65.91 -24.49
N CYS Z 81 41.25 -65.87 -23.67
CA CYS Z 81 42.43 -66.72 -23.88
C CYS Z 81 42.66 -67.46 -22.56
N ARG Z 82 42.68 -68.80 -22.59
CA ARG Z 82 42.98 -69.59 -21.39
C ARG Z 82 44.35 -70.22 -21.49
N VAL Z 83 45.14 -70.05 -20.43
CA VAL Z 83 46.54 -70.35 -20.45
C VAL Z 83 46.92 -71.11 -19.19
N ASN Z 84 47.54 -72.27 -19.35
CA ASN Z 84 48.13 -72.94 -18.22
C ASN Z 84 49.61 -73.23 -18.40
N HIS Z 85 50.33 -73.11 -17.29
CA HIS Z 85 51.76 -73.17 -17.26
C HIS Z 85 52.18 -73.59 -15.87
N VAL Z 86 53.29 -74.31 -15.79
CA VAL Z 86 53.72 -74.91 -14.55
C VAL Z 86 53.84 -73.90 -13.39
N THR Z 87 53.94 -72.60 -13.69
CA THR Z 87 54.14 -71.57 -12.68
C THR Z 87 52.82 -71.03 -12.15
N LEU Z 88 51.70 -71.50 -12.70
CA LEU Z 88 50.38 -71.02 -12.34
C LEU Z 88 49.67 -72.04 -11.47
N SER Z 89 49.00 -71.57 -10.42
CA SER Z 89 48.20 -72.43 -9.56
C SER Z 89 46.89 -72.85 -10.23
N GLN Z 90 46.48 -72.12 -11.27
CA GLN Z 90 45.29 -72.51 -12.04
C GLN Z 90 45.24 -71.83 -13.41
N PRO Z 91 44.42 -72.37 -14.33
CA PRO Z 91 44.29 -71.73 -15.63
C PRO Z 91 43.97 -70.26 -15.49
N LYS Z 92 44.71 -69.42 -16.22
CA LYS Z 92 44.48 -68.00 -16.23
C LYS Z 92 43.69 -67.64 -17.49
N ILE Z 93 42.55 -66.99 -17.27
CA ILE Z 93 41.67 -66.59 -18.34
C ILE Z 93 41.72 -65.08 -18.43
N VAL Z 94 42.05 -64.58 -19.61
CA VAL Z 94 42.09 -63.16 -19.86
C VAL Z 94 41.06 -62.87 -20.95
N LYS Z 95 40.07 -62.06 -20.57
CA LYS Z 95 38.99 -61.70 -21.47
C LYS Z 95 39.46 -60.70 -22.49
N TRP Z 96 39.02 -60.88 -23.74
CA TRP Z 96 39.25 -59.91 -24.79
C TRP Z 96 38.43 -58.66 -24.56
N ASP Z 97 39.14 -57.57 -24.26
CA ASP Z 97 38.56 -56.24 -24.17
C ASP Z 97 38.91 -55.54 -25.47
N ARG Z 98 37.91 -55.13 -26.24
CA ARG Z 98 38.18 -54.60 -27.58
C ARG Z 98 39.04 -53.32 -27.62
N ASP Z 99 39.19 -52.64 -26.47
CA ASP Z 99 39.99 -51.41 -26.39
C ASP Z 99 41.34 -51.59 -25.69
N MET Z 100 41.96 -52.76 -25.86
CA MET Z 100 43.28 -53.04 -25.29
C MET Z 100 44.10 -53.95 -26.22
N TYR AA 1 71.58 -68.46 -43.59
CA TYR AA 1 72.56 -69.54 -43.99
C TYR AA 1 73.26 -70.06 -42.74
N LEU AA 2 72.90 -71.27 -42.31
CA LEU AA 2 73.43 -71.87 -41.09
C LEU AA 2 74.88 -72.28 -41.17
N LEU AA 3 75.52 -72.28 -40.00
CA LEU AA 3 76.81 -72.92 -39.81
C LEU AA 3 76.77 -74.31 -40.38
N MET AA 4 77.87 -74.74 -40.99
CA MET AA 4 77.94 -76.07 -41.57
C MET AA 4 77.98 -77.15 -40.51
N TRP AA 5 78.53 -76.83 -39.35
CA TRP AA 5 78.37 -77.69 -38.18
C TRP AA 5 78.50 -76.90 -36.89
N ILE AA 6 78.10 -77.56 -35.80
CA ILE AA 6 78.31 -77.05 -34.47
C ILE AA 6 78.94 -78.16 -33.62
N THR AA 7 79.66 -77.75 -32.59
CA THR AA 7 80.54 -78.60 -31.84
C THR AA 7 79.95 -78.86 -30.49
N GLN AA 8 80.02 -80.13 -30.09
CA GLN AA 8 79.50 -80.58 -28.82
C GLN AA 8 80.05 -79.75 -27.69
N VAL AA 9 79.19 -79.55 -26.70
CA VAL AA 9 79.46 -78.77 -25.53
C VAL AA 9 80.24 -79.65 -24.54
N GLY BA 1 -11.56 24.23 -60.78
CA GLY BA 1 -12.06 22.82 -60.83
C GLY BA 1 -13.57 22.77 -60.82
N SER BA 2 -14.16 21.59 -61.01
CA SER BA 2 -15.61 21.44 -60.91
C SER BA 2 -16.09 21.96 -59.55
N HIS BA 3 -17.33 22.43 -59.49
CA HIS BA 3 -17.92 22.86 -58.22
C HIS BA 3 -19.34 22.36 -58.11
N SER BA 4 -19.79 22.23 -56.87
CA SER BA 4 -21.08 21.62 -56.59
C SER BA 4 -21.89 22.41 -55.58
N MET BA 5 -23.20 22.25 -55.65
CA MET BA 5 -24.11 22.79 -54.65
C MET BA 5 -25.18 21.75 -54.42
N ARG BA 6 -25.27 21.26 -53.19
CA ARG BA 6 -26.12 20.13 -52.87
C ARG BA 6 -27.00 20.45 -51.68
N TYR BA 7 -28.17 19.83 -51.63
CA TYR BA 7 -29.04 19.94 -50.47
C TYR BA 7 -29.45 18.57 -50.00
N PHE BA 8 -29.12 18.26 -48.76
CA PHE BA 8 -29.47 16.97 -48.15
C PHE BA 8 -30.56 17.19 -47.10
N PHE BA 9 -31.69 16.50 -47.25
CA PHE BA 9 -32.80 16.61 -46.30
C PHE BA 9 -33.04 15.24 -45.72
N THR BA 10 -33.45 15.21 -44.45
CA THR BA 10 -33.75 13.95 -43.77
C THR BA 10 -35.02 14.14 -42.95
N SER BA 11 -35.87 13.13 -42.96
CA SER BA 11 -37.18 13.21 -42.33
C SER BA 11 -37.50 11.89 -41.66
N VAL BA 12 -37.62 11.88 -40.33
CA VAL BA 12 -37.88 10.68 -39.55
C VAL BA 12 -39.19 10.81 -38.74
N SER BA 13 -40.11 9.86 -38.89
CA SER BA 13 -41.33 9.84 -38.08
C SER BA 13 -41.04 9.33 -36.68
N ARG BA 14 -41.72 9.90 -35.68
CA ARG BA 14 -41.44 9.61 -34.27
C ARG BA 14 -42.72 9.24 -33.50
N PRO BA 15 -43.44 8.23 -33.98
CA PRO BA 15 -44.73 7.89 -33.39
C PRO BA 15 -44.60 7.50 -31.92
N GLY BA 16 -45.48 8.03 -31.07
CA GLY BA 16 -45.39 7.79 -29.62
C GLY BA 16 -44.55 8.84 -28.93
N ARG BA 17 -43.81 9.61 -29.72
CA ARG BA 17 -43.13 10.84 -29.31
C ARG BA 17 -43.72 11.95 -30.17
N GLY BA 18 -42.99 13.02 -30.41
CA GLY BA 18 -43.59 14.16 -31.10
C GLY BA 18 -43.89 13.98 -32.58
N GLU BA 19 -43.78 15.09 -33.30
CA GLU BA 19 -44.00 15.15 -34.74
C GLU BA 19 -42.68 14.89 -35.46
N PRO BA 20 -42.71 14.69 -36.78
CA PRO BA 20 -41.53 14.14 -37.43
C PRO BA 20 -40.31 15.06 -37.46
N ARG BA 21 -39.15 14.50 -37.17
CA ARG BA 21 -37.90 15.22 -37.26
C ARG BA 21 -37.63 15.64 -38.68
N PHE BA 22 -37.21 16.89 -38.85
CA PHE BA 22 -36.78 17.35 -40.15
C PHE BA 22 -35.50 18.16 -40.03
N ILE BA 23 -34.48 17.69 -40.74
CA ILE BA 23 -33.18 18.36 -40.82
C ILE BA 23 -32.80 18.61 -42.28
N ALA BA 24 -32.32 19.81 -42.59
CA ALA BA 24 -31.83 20.15 -43.93
C ALA BA 24 -30.47 20.82 -43.87
N VAL BA 25 -29.55 20.41 -44.75
CA VAL BA 25 -28.25 21.05 -44.89
C VAL BA 25 -27.89 21.28 -46.35
N GLY BA 26 -27.33 22.45 -46.61
CA GLY BA 26 -26.81 22.78 -47.90
C GLY BA 26 -25.31 22.88 -47.79
N TYR BA 27 -24.64 22.35 -48.80
CA TYR BA 27 -23.19 22.45 -48.96
C TYR BA 27 -22.92 23.07 -50.32
N VAL BA 28 -21.93 23.95 -50.39
CA VAL BA 28 -21.23 24.22 -51.62
C VAL BA 28 -19.91 23.45 -51.52
N ASP BA 29 -19.68 22.56 -52.48
CA ASP BA 29 -18.50 21.73 -52.47
C ASP BA 29 -18.39 21.00 -51.13
N ASP BA 30 -17.35 21.27 -50.35
CA ASP BA 30 -17.12 20.53 -49.09
C ASP BA 30 -17.31 21.42 -47.85
N THR BA 31 -17.96 22.56 -48.06
CA THR BA 31 -18.22 23.56 -47.03
C THR BA 31 -19.73 23.65 -46.83
N GLN BA 32 -20.19 23.38 -45.63
CA GLN BA 32 -21.59 23.60 -45.26
C GLN BA 32 -21.81 25.10 -45.13
N PHE BA 33 -22.85 25.64 -45.78
CA PHE BA 33 -23.15 27.08 -45.68
C PHE BA 33 -24.47 27.43 -44.97
N VAL BA 34 -25.38 26.46 -44.83
CA VAL BA 34 -26.67 26.73 -44.20
C VAL BA 34 -27.25 25.49 -43.54
N ARG BA 35 -28.15 25.69 -42.57
CA ARG BA 35 -28.88 24.56 -41.97
C ARG BA 35 -30.26 24.89 -41.44
N PHE BA 36 -31.06 23.85 -41.28
CA PHE BA 36 -32.35 23.92 -40.62
C PHE BA 36 -32.64 22.64 -39.87
N ASP BA 37 -33.09 22.78 -38.63
CA ASP BA 37 -33.49 21.63 -37.79
C ASP BA 37 -34.82 21.96 -37.12
N SER BA 38 -35.86 21.19 -37.45
CA SER BA 38 -37.18 21.41 -36.87
C SER BA 38 -37.13 21.50 -35.35
N ASP BA 39 -36.26 20.72 -34.72
CA ASP BA 39 -36.12 20.71 -33.27
C ASP BA 39 -35.24 21.86 -32.68
N ALA BA 40 -34.72 22.76 -33.53
CA ALA BA 40 -33.91 23.88 -33.06
C ALA BA 40 -34.80 25.06 -32.62
N ALA BA 41 -34.28 25.92 -31.76
CA ALA BA 41 -35.04 27.06 -31.24
C ALA BA 41 -35.49 28.04 -32.32
N SER BA 42 -34.61 28.32 -33.27
CA SER BA 42 -34.84 29.45 -34.18
C SER BA 42 -36.01 29.27 -35.14
N GLN BA 43 -36.12 28.07 -35.71
CA GLN BA 43 -37.02 27.81 -36.83
C GLN BA 43 -36.70 28.76 -38.00
N ARG BA 44 -35.40 28.89 -38.29
CA ARG BA 44 -34.88 29.68 -39.42
C ARG BA 44 -33.87 28.86 -40.19
N MET BA 45 -33.73 29.16 -41.48
CA MET BA 45 -32.53 28.75 -42.17
C MET BA 45 -31.43 29.56 -41.47
N GLU BA 46 -30.41 28.88 -40.99
CA GLU BA 46 -29.34 29.56 -40.28
C GLU BA 46 -28.06 29.55 -41.12
N PRO BA 47 -27.28 30.65 -41.05
CA PRO BA 47 -25.99 30.67 -41.70
C PRO BA 47 -24.99 29.77 -40.98
N ARG BA 48 -24.17 29.06 -41.74
CA ARG BA 48 -23.10 28.22 -41.19
C ARG BA 48 -21.75 28.45 -41.86
N ALA BA 49 -21.61 29.55 -42.60
CA ALA BA 49 -20.34 29.91 -43.20
C ALA BA 49 -20.34 31.42 -43.28
N PRO BA 50 -19.17 32.06 -43.06
CA PRO BA 50 -19.11 33.51 -42.92
C PRO BA 50 -19.60 34.28 -44.15
N TRP BA 51 -19.39 33.69 -45.33
CA TRP BA 51 -19.70 34.39 -46.58
C TRP BA 51 -21.19 34.54 -46.84
N ILE BA 52 -22.00 33.62 -46.30
CA ILE BA 52 -23.44 33.66 -46.52
C ILE BA 52 -24.14 34.68 -45.60
N GLU BA 53 -23.44 35.16 -44.56
CA GLU BA 53 -24.02 36.15 -43.65
C GLU BA 53 -24.22 37.49 -44.34
N GLN BA 54 -23.42 37.73 -45.39
CA GLN BA 54 -23.53 38.92 -46.23
C GLN BA 54 -24.97 39.12 -46.76
N GLU BA 55 -25.70 38.02 -47.00
CA GLU BA 55 -27.05 38.09 -47.55
C GLU BA 55 -28.02 38.73 -46.57
N GLY BA 56 -28.90 39.58 -47.11
CA GLY BA 56 -29.80 40.37 -46.31
C GLY BA 56 -31.03 39.62 -45.86
N PRO BA 57 -31.96 40.31 -45.18
CA PRO BA 57 -33.15 39.67 -44.59
C PRO BA 57 -34.04 38.95 -45.58
N GLU BA 58 -34.11 39.46 -46.81
CA GLU BA 58 -35.00 38.89 -47.83
C GLU BA 58 -34.54 37.50 -48.26
N TYR BA 59 -33.25 37.30 -48.42
CA TYR BA 59 -32.73 35.95 -48.70
C TYR BA 59 -33.15 35.00 -47.57
N TRP BA 60 -32.80 35.34 -46.32
CA TRP BA 60 -33.11 34.46 -45.19
C TRP BA 60 -34.60 34.17 -45.05
N ASP BA 61 -35.43 35.20 -45.19
CA ASP BA 61 -36.88 35.01 -45.20
C ASP BA 61 -37.30 34.03 -46.29
N GLY BA 62 -36.75 34.22 -47.49
CA GLY BA 62 -37.02 33.33 -48.61
C GLY BA 62 -36.62 31.90 -48.28
N GLU BA 63 -35.38 31.72 -47.85
CA GLU BA 63 -34.90 30.36 -47.58
C GLU BA 63 -35.70 29.71 -46.47
N THR BA 64 -36.04 30.50 -45.45
CA THR BA 64 -36.84 29.97 -44.35
C THR BA 64 -38.20 29.50 -44.86
N ARG BA 65 -38.89 30.33 -45.63
CA ARG BA 65 -40.19 29.94 -46.19
C ARG BA 65 -40.10 28.63 -46.97
N LYS BA 66 -39.09 28.54 -47.82
CA LYS BA 66 -38.89 27.35 -48.64
C LYS BA 66 -38.52 26.11 -47.81
N VAL BA 67 -37.61 26.25 -46.85
CA VAL BA 67 -37.23 25.07 -46.07
C VAL BA 67 -38.42 24.53 -45.33
N LYS BA 68 -39.25 25.42 -44.82
CA LYS BA 68 -40.50 25.04 -44.16
C LYS BA 68 -41.44 24.35 -45.14
N ALA BA 69 -41.55 24.86 -46.37
CA ALA BA 69 -42.37 24.21 -47.42
C ALA BA 69 -41.85 22.81 -47.70
N HIS BA 70 -40.54 22.67 -47.92
CA HIS BA 70 -39.95 21.34 -48.04
C HIS BA 70 -40.38 20.45 -46.87
N SER BA 71 -40.30 21.00 -45.67
CA SER BA 71 -40.67 20.26 -44.46
C SER BA 71 -42.09 19.72 -44.56
N GLN BA 72 -43.05 20.59 -44.79
CA GLN BA 72 -44.44 20.16 -44.84
C GLN BA 72 -44.68 19.07 -45.90
N THR BA 73 -44.01 19.15 -47.04
CA THR BA 73 -44.15 18.11 -48.07
C THR BA 73 -43.68 16.76 -47.53
N HIS BA 74 -42.50 16.73 -46.92
CA HIS BA 74 -41.97 15.48 -46.33
C HIS BA 74 -42.90 14.89 -45.28
N ARG BA 75 -43.45 15.76 -44.45
CA ARG BA 75 -44.38 15.34 -43.42
C ARG BA 75 -45.61 14.64 -43.99
N VAL BA 76 -46.07 15.06 -45.18
CA VAL BA 76 -47.15 14.36 -45.92
C VAL BA 76 -46.64 13.06 -46.55
N ASP BA 77 -45.47 13.12 -47.18
CA ASP BA 77 -44.90 11.93 -47.83
C ASP BA 77 -44.86 10.75 -46.87
N LEU BA 78 -44.22 10.93 -45.72
CA LEU BA 78 -44.09 9.86 -44.72
C LEU BA 78 -45.33 8.98 -44.59
N GLY BA 79 -46.51 9.59 -44.49
CA GLY BA 79 -47.79 8.86 -44.36
C GLY BA 79 -48.35 8.36 -45.70
N THR BA 80 -47.97 9.01 -46.79
CA THR BA 80 -48.32 8.53 -48.12
C THR BA 80 -47.61 7.21 -48.35
N LEU BA 81 -46.29 7.23 -48.18
CA LEU BA 81 -45.44 6.04 -48.38
C LEU BA 81 -45.88 4.90 -47.47
N ARG BA 82 -46.32 5.27 -46.27
CA ARG BA 82 -46.91 4.33 -45.34
C ARG BA 82 -48.07 3.63 -46.03
N GLY BA 83 -48.96 4.43 -46.61
CA GLY BA 83 -50.10 3.90 -47.38
C GLY BA 83 -49.66 2.99 -48.52
N TYR BA 84 -48.70 3.43 -49.32
CA TYR BA 84 -48.21 2.63 -50.44
C TYR BA 84 -47.69 1.28 -49.97
N TYR BA 85 -46.70 1.28 -49.09
CA TYR BA 85 -46.09 0.02 -48.63
C TYR BA 85 -46.96 -0.73 -47.62
N ASN BA 86 -48.16 -0.24 -47.37
CA ASN BA 86 -49.13 -0.95 -46.54
C ASN BA 86 -48.50 -1.46 -45.25
N GLN BA 87 -48.10 -0.51 -44.40
CA GLN BA 87 -47.44 -0.82 -43.14
C GLN BA 87 -48.04 0.06 -42.04
N SER BA 88 -48.24 -0.53 -40.86
CA SER BA 88 -48.82 0.16 -39.72
C SER BA 88 -48.32 1.59 -39.53
N GLU BA 89 -49.21 2.45 -39.05
CA GLU BA 89 -48.82 3.82 -38.72
C GLU BA 89 -48.03 3.94 -37.42
N ALA BA 90 -47.69 2.80 -36.81
CA ALA BA 90 -46.89 2.75 -35.59
C ALA BA 90 -45.55 2.06 -35.86
N GLY BA 91 -44.62 2.81 -36.44
CA GLY BA 91 -43.22 2.39 -36.57
C GLY BA 91 -42.44 3.58 -37.09
N SER BA 92 -41.19 3.74 -36.68
CA SER BA 92 -40.39 4.86 -37.22
C SER BA 92 -39.82 4.53 -38.60
N HIS BA 93 -40.02 5.45 -39.55
CA HIS BA 93 -39.50 5.30 -40.91
C HIS BA 93 -38.71 6.53 -41.33
N THR BA 94 -37.92 6.39 -42.40
CA THR BA 94 -37.02 7.45 -42.82
C THR BA 94 -37.15 7.79 -44.30
N VAL BA 95 -37.16 9.09 -44.59
CA VAL BA 95 -37.09 9.58 -45.95
C VAL BA 95 -35.88 10.48 -46.05
N GLN BA 96 -35.18 10.39 -47.17
CA GLN BA 96 -33.99 11.18 -47.45
C GLN BA 96 -34.07 11.66 -48.88
N ARG BA 97 -33.52 12.84 -49.13
CA ARG BA 97 -33.57 13.47 -50.43
C ARG BA 97 -32.33 14.28 -50.62
N MET BA 98 -31.67 14.08 -51.75
CA MET BA 98 -30.55 14.91 -52.15
C MET BA 98 -30.83 15.46 -53.54
N TYR BA 99 -30.60 16.76 -53.69
CA TYR BA 99 -30.63 17.37 -54.99
C TYR BA 99 -29.67 18.51 -55.01
N GLY BA 100 -29.22 18.84 -56.20
CA GLY BA 100 -28.19 19.82 -56.39
C GLY BA 100 -27.66 19.81 -57.80
N CYS BA 101 -26.59 20.55 -58.02
CA CYS BA 101 -26.07 20.76 -59.36
C CYS BA 101 -24.59 21.04 -59.34
N ASP BA 102 -23.89 20.62 -60.40
CA ASP BA 102 -22.46 20.89 -60.59
C ASP BA 102 -22.20 21.74 -61.84
N VAL BA 103 -21.10 22.48 -61.81
CA VAL BA 103 -20.59 23.20 -62.97
C VAL BA 103 -19.11 22.90 -63.17
N GLY BA 104 -18.63 23.05 -64.40
CA GLY BA 104 -17.25 22.78 -64.76
C GLY BA 104 -16.32 23.91 -64.34
N SER BA 105 -15.04 23.78 -64.72
CA SER BA 105 -13.99 24.77 -64.40
C SER BA 105 -14.25 26.12 -65.05
N ASP BA 106 -14.91 26.06 -66.21
CA ASP BA 106 -15.41 27.24 -66.90
C ASP BA 106 -16.71 27.77 -66.30
N TRP BA 107 -17.16 27.16 -65.21
CA TRP BA 107 -18.40 27.56 -64.51
C TRP BA 107 -19.59 27.50 -65.44
N ARG BA 108 -19.74 26.39 -66.15
CA ARG BA 108 -20.94 26.15 -66.97
C ARG BA 108 -21.64 24.89 -66.49
N PHE BA 109 -22.96 24.87 -66.64
CA PHE BA 109 -23.75 23.73 -66.24
C PHE BA 109 -23.10 22.44 -66.73
N LEU BA 110 -23.19 21.40 -65.92
CA LEU BA 110 -22.54 20.12 -66.19
C LEU BA 110 -23.52 19.01 -65.84
N ARG BA 111 -23.90 18.98 -64.56
CA ARG BA 111 -24.75 17.94 -64.01
C ARG BA 111 -25.83 18.56 -63.16
N GLY BA 112 -26.95 17.86 -63.08
CA GLY BA 112 -28.00 18.13 -62.13
C GLY BA 112 -28.54 16.79 -61.67
N TYR BA 113 -28.96 16.71 -60.42
CA TYR BA 113 -29.35 15.43 -59.84
C TYR BA 113 -30.44 15.65 -58.80
N HIS BA 114 -31.23 14.60 -58.57
CA HIS BA 114 -32.29 14.63 -57.60
C HIS BA 114 -32.68 13.22 -57.16
N GLN BA 115 -32.00 12.73 -56.13
CA GLN BA 115 -32.26 11.40 -55.57
C GLN BA 115 -33.15 11.44 -54.33
N TYR BA 116 -33.94 10.39 -54.16
CA TYR BA 116 -34.92 10.29 -53.11
C TYR BA 116 -34.92 8.83 -52.62
N ALA BA 117 -34.83 8.62 -51.31
CA ALA BA 117 -34.68 7.28 -50.72
C ALA BA 117 -35.70 7.08 -49.61
N TYR BA 118 -36.11 5.84 -49.39
CA TYR BA 118 -37.06 5.50 -48.34
C TYR BA 118 -36.57 4.33 -47.48
N ASP BA 119 -36.41 4.61 -46.19
CA ASP BA 119 -35.90 3.63 -45.23
C ASP BA 119 -34.54 3.05 -45.65
N GLY BA 120 -33.66 3.93 -46.10
CA GLY BA 120 -32.29 3.56 -46.48
C GLY BA 120 -32.10 3.05 -47.91
N LYS BA 121 -33.19 2.64 -48.56
CA LYS BA 121 -33.14 2.19 -49.97
C LYS BA 121 -33.48 3.31 -50.93
N ASP BA 122 -32.91 3.25 -52.14
CA ASP BA 122 -33.32 4.09 -53.28
C ASP BA 122 -34.80 3.95 -53.53
N TYR BA 123 -35.46 5.07 -53.86
CA TYR BA 123 -36.91 5.05 -54.11
C TYR BA 123 -37.23 5.58 -55.51
N ILE BA 124 -36.99 6.88 -55.72
CA ILE BA 124 -37.07 7.48 -57.04
C ILE BA 124 -35.88 8.40 -57.24
N ALA BA 125 -35.34 8.39 -58.45
CA ALA BA 125 -34.22 9.26 -58.83
C ALA BA 125 -34.47 9.80 -60.24
N LEU BA 126 -33.99 11.01 -60.51
CA LEU BA 126 -34.11 11.61 -61.83
C LEU BA 126 -32.88 11.21 -62.62
N LYS BA 127 -33.08 10.81 -63.88
CA LYS BA 127 -31.99 10.28 -64.69
C LYS BA 127 -31.05 11.40 -65.11
N GLU BA 128 -29.91 11.02 -65.68
CA GLU BA 128 -28.84 11.96 -66.00
C GLU BA 128 -29.37 13.09 -66.85
N ASP BA 129 -30.17 12.71 -67.85
CA ASP BA 129 -30.72 13.61 -68.86
C ASP BA 129 -31.87 14.50 -68.40
N LEU BA 130 -32.19 14.51 -67.10
CA LEU BA 130 -33.13 15.48 -66.52
C LEU BA 130 -34.52 15.49 -67.18
N ARG BA 131 -34.93 14.38 -67.76
CA ARG BA 131 -36.28 14.26 -68.34
C ARG BA 131 -37.01 12.98 -67.92
N SER BA 132 -36.40 12.18 -67.05
CA SER BA 132 -36.92 10.85 -66.77
C SER BA 132 -36.54 10.35 -65.39
N TRP BA 133 -37.37 9.46 -64.87
CA TRP BA 133 -37.21 8.90 -63.53
C TRP BA 133 -36.87 7.42 -63.57
N THR BA 134 -35.99 6.99 -62.66
CA THR BA 134 -35.79 5.57 -62.35
C THR BA 134 -36.62 5.28 -61.11
N ALA BA 135 -37.31 4.13 -61.09
CA ALA BA 135 -38.13 3.72 -59.95
C ALA BA 135 -37.72 2.31 -59.52
N ALA BA 136 -37.47 2.13 -58.23
CA ALA BA 136 -36.94 0.86 -57.73
C ALA BA 136 -37.97 -0.26 -57.70
N ASP BA 137 -39.18 0.04 -57.26
CA ASP BA 137 -40.20 -0.98 -57.00
C ASP BA 137 -41.59 -0.54 -57.44
N MET BA 138 -42.61 -1.35 -57.17
CA MET BA 138 -43.98 -1.01 -57.55
C MET BA 138 -44.49 0.29 -56.91
N ALA BA 139 -44.24 0.45 -55.61
CA ALA BA 139 -44.65 1.67 -54.90
C ALA BA 139 -44.14 2.92 -55.63
N ALA BA 140 -42.83 2.97 -55.90
CA ALA BA 140 -42.21 4.10 -56.60
C ALA BA 140 -42.79 4.33 -57.99
N GLN BA 141 -43.38 3.29 -58.58
CA GLN BA 141 -44.03 3.41 -59.90
C GLN BA 141 -45.34 4.22 -59.81
N THR BA 142 -46.08 4.08 -58.73
CA THR BA 142 -47.21 4.99 -58.47
C THR BA 142 -46.73 6.46 -58.41
N THR BA 143 -45.55 6.69 -57.85
CA THR BA 143 -44.98 8.04 -57.78
C THR BA 143 -44.47 8.46 -59.15
N LYS BA 144 -43.87 7.53 -59.86
CA LYS BA 144 -43.43 7.76 -61.25
C LYS BA 144 -44.60 8.27 -62.11
N HIS BA 145 -45.74 7.57 -62.04
CA HIS BA 145 -46.94 8.00 -62.75
C HIS BA 145 -47.32 9.44 -62.40
N LYS BA 146 -47.36 9.73 -61.10
CA LYS BA 146 -47.77 11.06 -60.61
C LYS BA 146 -46.86 12.17 -61.13
N TRP BA 147 -45.55 11.92 -61.06
CA TRP BA 147 -44.56 12.95 -61.37
C TRP BA 147 -44.38 13.13 -62.86
N GLU BA 148 -44.89 12.18 -63.62
CA GLU BA 148 -44.97 12.32 -65.06
C GLU BA 148 -46.26 13.08 -65.37
N ALA BA 149 -47.38 12.66 -64.78
CA ALA BA 149 -48.64 13.39 -64.97
C ALA BA 149 -48.52 14.86 -64.60
N ALA BA 150 -47.73 15.12 -63.55
CA ALA BA 150 -47.61 16.44 -62.96
C ALA BA 150 -46.46 17.29 -63.52
N HIS BA 151 -45.84 16.83 -64.61
CA HIS BA 151 -44.74 17.58 -65.27
C HIS BA 151 -43.64 17.99 -64.30
N VAL BA 152 -43.33 17.12 -63.35
CA VAL BA 152 -42.35 17.45 -62.31
C VAL BA 152 -40.94 17.53 -62.88
N ALA BA 153 -40.64 16.70 -63.88
CA ALA BA 153 -39.29 16.59 -64.39
C ALA BA 153 -38.83 17.88 -65.08
N GLU BA 154 -39.77 18.62 -65.65
CA GLU BA 154 -39.46 19.85 -66.39
C GLU BA 154 -39.12 21.05 -65.48
N GLN BA 155 -39.80 21.15 -64.34
CA GLN BA 155 -39.51 22.22 -63.35
C GLN BA 155 -38.10 22.06 -62.72
N LEU BA 156 -37.74 20.83 -62.39
CA LEU BA 156 -36.39 20.53 -61.89
C LEU BA 156 -35.30 20.88 -62.88
N ARG BA 157 -35.60 20.64 -64.16
CA ARG BA 157 -34.67 20.92 -65.25
C ARG BA 157 -34.42 22.40 -65.28
N ALA BA 158 -35.52 23.16 -65.28
CA ALA BA 158 -35.44 24.62 -65.22
C ALA BA 158 -34.57 25.03 -64.03
N TYR BA 159 -34.92 24.53 -62.85
CA TYR BA 159 -34.16 24.80 -61.62
C TYR BA 159 -32.68 24.49 -61.78
N LEU BA 160 -32.36 23.25 -62.09
CA LEU BA 160 -30.98 22.83 -62.15
C LEU BA 160 -30.18 23.59 -63.21
N GLU BA 161 -30.78 23.77 -64.40
CA GLU BA 161 -30.13 24.47 -65.51
C GLU BA 161 -29.90 25.98 -65.24
N GLY BA 162 -30.89 26.64 -64.62
CA GLY BA 162 -30.80 28.07 -64.31
C GLY BA 162 -30.43 28.41 -62.88
N THR BA 163 -31.44 28.53 -62.02
CA THR BA 163 -31.27 29.13 -60.68
C THR BA 163 -30.13 28.50 -59.88
N CYS BA 164 -30.15 27.17 -59.77
CA CYS BA 164 -29.15 26.42 -59.01
C CYS BA 164 -27.76 26.88 -59.42
N VAL BA 165 -27.47 26.76 -60.72
CA VAL BA 165 -26.15 27.12 -61.24
C VAL BA 165 -25.87 28.60 -61.02
N GLU BA 166 -26.89 29.43 -61.17
CA GLU BA 166 -26.72 30.89 -61.02
C GLU BA 166 -26.35 31.31 -59.60
N TRP BA 167 -27.01 30.74 -58.61
CA TRP BA 167 -26.71 31.05 -57.21
C TRP BA 167 -25.41 30.38 -56.82
N LEU BA 168 -25.21 29.15 -57.29
CA LEU BA 168 -23.91 28.49 -57.16
C LEU BA 168 -22.77 29.39 -57.56
N ARG BA 169 -22.94 30.12 -58.66
CA ARG BA 169 -21.89 31.01 -59.15
C ARG BA 169 -21.68 32.13 -58.15
N ARG BA 170 -22.76 32.88 -57.89
CA ARG BA 170 -22.75 33.93 -56.86
C ARG BA 170 -22.04 33.53 -55.58
N TYR BA 171 -22.48 32.41 -54.99
CA TYR BA 171 -21.89 31.91 -53.75
C TYR BA 171 -20.37 31.78 -53.86
N LEU BA 172 -19.91 31.28 -55.00
CA LEU BA 172 -18.48 31.17 -55.27
C LEU BA 172 -17.80 32.54 -55.32
N GLU BA 173 -18.38 33.49 -56.03
CA GLU BA 173 -17.79 34.84 -56.13
C GLU BA 173 -17.76 35.50 -54.75
N ASN BA 174 -18.87 35.37 -54.00
CA ASN BA 174 -18.96 35.90 -52.64
C ASN BA 174 -18.04 35.23 -51.63
N GLY BA 175 -17.96 33.91 -51.67
CA GLY BA 175 -17.08 33.16 -50.76
C GLY BA 175 -15.71 32.86 -51.35
N LYS BA 176 -15.15 33.83 -52.06
CA LYS BA 176 -13.92 33.65 -52.85
C LYS BA 176 -12.70 33.28 -52.00
N GLU BA 177 -12.52 33.97 -50.88
CA GLU BA 177 -11.32 33.79 -50.06
C GLU BA 177 -11.20 32.34 -49.55
N THR BA 178 -12.34 31.68 -49.39
CA THR BA 178 -12.36 30.35 -48.82
C THR BA 178 -12.74 29.28 -49.83
N LEU BA 179 -13.92 29.39 -50.44
CA LEU BA 179 -14.40 28.36 -51.37
C LEU BA 179 -13.43 28.09 -52.53
N GLN BA 180 -12.66 29.09 -52.93
CA GLN BA 180 -11.69 28.94 -54.04
C GLN BA 180 -10.24 28.87 -53.56
N ARG BA 181 -10.04 28.73 -52.24
CA ARG BA 181 -8.75 28.36 -51.68
C ARG BA 181 -8.57 26.86 -51.87
N THR BA 182 -7.32 26.43 -52.04
CA THR BA 182 -6.97 25.06 -51.76
C THR BA 182 -6.06 25.17 -50.56
N ASP BA 183 -6.30 24.33 -49.56
CA ASP BA 183 -5.34 24.15 -48.48
C ASP BA 183 -4.67 22.84 -48.77
N ALA BA 184 -3.37 22.89 -49.00
CA ALA BA 184 -2.63 21.69 -49.32
C ALA BA 184 -2.47 20.86 -48.05
N PRO BA 185 -2.36 19.53 -48.20
CA PRO BA 185 -2.12 18.69 -47.04
C PRO BA 185 -0.80 18.96 -46.34
N LYS BA 186 -0.81 18.82 -45.03
CA LYS BA 186 0.42 18.74 -44.24
C LYS BA 186 0.55 17.25 -43.99
N THR BA 187 1.72 16.71 -44.28
CA THR BA 187 1.91 15.28 -44.37
C THR BA 187 3.11 14.90 -43.54
N HIS BA 188 3.08 13.69 -43.01
CA HIS BA 188 4.21 13.11 -42.28
C HIS BA 188 3.97 11.61 -42.18
N MET BA 189 4.96 10.89 -41.67
CA MET BA 189 4.88 9.44 -41.51
C MET BA 189 5.35 9.02 -40.13
N THR BA 190 4.81 7.92 -39.61
CA THR BA 190 5.15 7.41 -38.28
C THR BA 190 5.62 5.96 -38.38
N HIS BA 191 6.58 5.59 -37.54
CA HIS BA 191 7.09 4.22 -37.44
C HIS BA 191 6.68 3.63 -36.09
N HIS BA 192 6.28 2.36 -36.10
CA HIS BA 192 5.87 1.71 -34.88
C HIS BA 192 6.18 0.23 -34.95
N ALA BA 193 7.30 -0.17 -34.34
CA ALA BA 193 7.63 -1.58 -34.16
C ALA BA 193 6.43 -2.27 -33.51
N VAL BA 194 5.96 -3.35 -34.13
CA VAL BA 194 4.89 -4.16 -33.58
C VAL BA 194 5.39 -5.52 -33.07
N SER BA 195 6.53 -5.98 -33.59
CA SER BA 195 7.24 -7.14 -33.04
C SER BA 195 8.70 -7.11 -33.51
N ASP BA 196 9.45 -8.17 -33.27
CA ASP BA 196 10.87 -8.21 -33.65
C ASP BA 196 11.05 -8.24 -35.17
N HIS BA 197 10.05 -8.77 -35.88
CA HIS BA 197 10.14 -8.88 -37.33
C HIS BA 197 9.24 -7.90 -38.10
N GLU BA 198 8.38 -7.14 -37.40
CA GLU BA 198 7.42 -6.25 -38.10
C GLU BA 198 7.26 -4.85 -37.49
N ALA BA 199 6.95 -3.87 -38.35
CA ALA BA 199 6.61 -2.50 -37.95
C ALA BA 199 5.48 -1.94 -38.79
N THR BA 200 4.67 -1.05 -38.20
CA THR BA 200 3.66 -0.33 -38.93
C THR BA 200 4.18 1.03 -39.38
N LEU BA 201 4.10 1.28 -40.68
CA LEU BA 201 4.34 2.62 -41.25
C LEU BA 201 2.99 3.23 -41.54
N ARG BA 202 2.75 4.43 -41.05
CA ARG BA 202 1.50 5.12 -41.32
C ARG BA 202 1.77 6.46 -42.00
N CYS BA 203 0.97 6.76 -43.01
CA CYS BA 203 1.08 8.00 -43.77
C CYS BA 203 -0.10 8.93 -43.39
N TRP BA 204 0.22 10.16 -43.01
CA TRP BA 204 -0.76 11.11 -42.50
C TRP BA 204 -0.96 12.29 -43.45
N ALA BA 205 -2.20 12.57 -43.83
CA ALA BA 205 -2.55 13.83 -44.53
C ALA BA 205 -3.47 14.62 -43.63
N LEU BA 206 -3.06 15.83 -43.25
CA LEU BA 206 -3.85 16.67 -42.34
C LEU BA 206 -4.12 18.09 -42.92
N SER BA 207 -5.14 18.77 -42.39
CA SER BA 207 -5.49 20.17 -42.73
C SER BA 207 -5.63 20.47 -44.22
N PHE BA 208 -6.42 19.68 -44.93
CA PHE BA 208 -6.59 19.88 -46.35
C PHE BA 208 -8.03 20.10 -46.78
N TYR BA 209 -8.17 20.83 -47.89
CA TYR BA 209 -9.46 21.16 -48.47
C TYR BA 209 -9.28 21.25 -49.98
N PRO BA 210 -10.15 20.60 -50.76
CA PRO BA 210 -11.33 19.82 -50.39
C PRO BA 210 -11.03 18.37 -49.96
N ALA BA 211 -12.09 17.64 -49.66
CA ALA BA 211 -12.03 16.27 -49.13
C ALA BA 211 -11.39 15.24 -50.02
N GLU BA 212 -11.27 15.53 -51.30
CA GLU BA 212 -10.79 14.55 -52.29
C GLU BA 212 -9.28 14.37 -52.17
N ILE BA 213 -8.84 13.15 -51.94
CA ILE BA 213 -7.43 12.86 -51.74
C ILE BA 213 -7.14 11.41 -52.08
N THR BA 214 -5.92 11.12 -52.50
CA THR BA 214 -5.48 9.74 -52.66
C THR BA 214 -4.15 9.51 -51.95
N LEU BA 215 -4.19 8.59 -50.98
CA LEU BA 215 -3.03 8.13 -50.23
C LEU BA 215 -2.80 6.69 -50.62
N THR BA 216 -1.61 6.38 -51.09
CA THR BA 216 -1.31 5.08 -51.64
C THR BA 216 0.13 4.72 -51.29
N TRP BA 217 0.36 3.47 -50.93
CA TRP BA 217 1.67 2.98 -50.60
C TRP BA 217 2.26 2.18 -51.77
N GLN BA 218 3.56 2.35 -51.99
CA GLN BA 218 4.26 1.56 -52.99
C GLN BA 218 5.46 0.87 -52.35
N ARG BA 219 5.74 -0.34 -52.83
CA ARG BA 219 6.94 -1.07 -52.53
C ARG BA 219 7.70 -1.12 -53.84
N ASP BA 220 8.93 -0.62 -53.86
CA ASP BA 220 9.73 -0.57 -55.08
C ASP BA 220 8.93 0.02 -56.26
N GLY BA 221 8.01 0.95 -55.96
CA GLY BA 221 7.18 1.59 -56.96
C GLY BA 221 6.03 0.73 -57.46
N GLU BA 222 5.69 -0.33 -56.73
CA GLU BA 222 4.53 -1.14 -57.08
C GLU BA 222 3.43 -0.99 -56.03
N ASP BA 223 2.24 -0.67 -56.49
CA ASP BA 223 1.10 -0.36 -55.62
C ASP BA 223 0.79 -1.51 -54.67
N GLN BA 224 0.65 -1.19 -53.39
CA GLN BA 224 0.37 -2.18 -52.35
C GLN BA 224 -1.09 -2.14 -51.88
N THR BA 225 -2.00 -1.93 -52.83
CA THR BA 225 -3.43 -1.79 -52.57
C THR BA 225 -4.03 -2.89 -51.67
N GLN BA 226 -3.72 -4.15 -51.98
CA GLN BA 226 -4.26 -5.27 -51.19
C GLN BA 226 -3.84 -5.26 -49.71
N ASP BA 227 -2.70 -4.65 -49.38
CA ASP BA 227 -2.09 -4.76 -48.04
C ASP BA 227 -2.05 -3.46 -47.23
N THR BA 228 -2.71 -2.40 -47.70
CA THR BA 228 -2.81 -1.17 -46.92
C THR BA 228 -4.18 -1.01 -46.25
N GLU BA 229 -4.16 -0.62 -44.97
CA GLU BA 229 -5.37 -0.19 -44.26
C GLU BA 229 -5.57 1.30 -44.52
N LEU BA 230 -6.78 1.67 -44.89
CA LEU BA 230 -7.16 3.05 -45.22
C LEU BA 230 -8.30 3.43 -44.32
N VAL BA 231 -8.20 4.57 -43.64
CA VAL BA 231 -9.35 5.05 -42.90
C VAL BA 231 -10.17 5.92 -43.81
N GLU BA 232 -11.48 5.85 -43.60
CA GLU BA 232 -12.41 6.74 -44.27
C GLU BA 232 -11.98 8.16 -43.97
N THR BA 233 -12.11 9.04 -44.95
CA THR BA 233 -11.72 10.45 -44.81
C THR BA 233 -12.64 11.17 -43.83
N ARG BA 234 -12.06 11.98 -42.95
CA ARG BA 234 -12.78 12.50 -41.80
C ARG BA 234 -12.57 13.99 -41.58
N PRO BA 235 -13.57 14.67 -41.00
CA PRO BA 235 -13.46 16.12 -40.79
C PRO BA 235 -12.72 16.48 -39.52
N ALA BA 236 -11.90 17.52 -39.58
CA ALA BA 236 -11.13 17.96 -38.42
C ALA BA 236 -12.04 18.68 -37.40
N GLY BA 237 -13.19 19.15 -37.88
CA GLY BA 237 -14.10 19.99 -37.12
C GLY BA 237 -13.98 21.46 -37.44
N ASP BA 238 -12.92 21.84 -38.17
CA ASP BA 238 -12.66 23.24 -38.55
C ASP BA 238 -12.79 23.49 -40.07
N GLY BA 239 -13.40 22.56 -40.81
CA GLY BA 239 -13.59 22.73 -42.26
C GLY BA 239 -12.56 22.02 -43.15
N THR BA 240 -11.39 21.70 -42.61
CA THR BA 240 -10.42 20.86 -43.33
C THR BA 240 -10.68 19.40 -43.00
N PHE BA 241 -9.90 18.50 -43.58
CA PHE BA 241 -10.08 17.08 -43.38
C PHE BA 241 -8.74 16.43 -43.07
N GLN BA 242 -8.79 15.14 -42.74
CA GLN BA 242 -7.62 14.35 -42.38
C GLN BA 242 -7.80 12.95 -42.92
N LYS BA 243 -6.70 12.31 -43.27
CA LYS BA 243 -6.72 10.90 -43.65
C LYS BA 243 -5.40 10.24 -43.30
N TRP BA 244 -5.45 8.93 -43.10
CA TRP BA 244 -4.22 8.17 -43.04
C TRP BA 244 -4.32 6.83 -43.74
N ALA BA 245 -3.16 6.31 -44.17
CA ALA BA 245 -3.03 4.94 -44.67
C ALA BA 245 -1.85 4.25 -43.97
N ALA BA 246 -1.97 2.95 -43.74
CA ALA BA 246 -0.96 2.18 -43.00
C ALA BA 246 -0.64 0.88 -43.70
N VAL BA 247 0.61 0.44 -43.55
CA VAL BA 247 1.09 -0.83 -44.10
C VAL BA 247 1.98 -1.52 -43.04
N VAL BA 248 1.90 -2.83 -42.94
CA VAL BA 248 2.80 -3.57 -42.06
C VAL BA 248 3.97 -4.13 -42.87
N VAL BA 249 5.20 -3.80 -42.47
CA VAL BA 249 6.35 -4.13 -43.28
C VAL BA 249 7.38 -4.95 -42.53
N PRO BA 250 8.09 -5.85 -43.24
CA PRO BA 250 9.13 -6.63 -42.58
C PRO BA 250 10.22 -5.70 -42.08
N SER BA 251 10.79 -6.00 -40.93
CA SER BA 251 11.74 -5.09 -40.30
C SER BA 251 12.99 -4.99 -41.15
N GLY BA 252 13.48 -3.78 -41.35
CA GLY BA 252 14.66 -3.55 -42.20
C GLY BA 252 14.36 -3.27 -43.65
N GLN BA 253 13.09 -3.34 -44.07
CA GLN BA 253 12.70 -3.05 -45.46
C GLN BA 253 11.99 -1.68 -45.65
N GLU BA 254 12.10 -0.79 -44.67
CA GLU BA 254 11.32 0.46 -44.66
C GLU BA 254 11.62 1.31 -45.87
N GLN BA 255 12.90 1.45 -46.18
CA GLN BA 255 13.38 2.23 -47.32
C GLN BA 255 12.85 1.81 -48.71
N ARG BA 256 12.16 0.67 -48.79
CA ARG BA 256 11.57 0.21 -50.03
C ARG BA 256 10.20 0.87 -50.22
N TYR BA 257 9.65 1.42 -49.14
CA TYR BA 257 8.28 1.93 -49.15
C TYR BA 257 8.22 3.44 -49.28
N THR BA 258 7.29 3.88 -50.12
CA THR BA 258 7.04 5.31 -50.32
C THR BA 258 5.54 5.56 -50.26
N CYS BA 259 5.14 6.71 -49.75
CA CYS BA 259 3.72 7.08 -49.70
C CYS BA 259 3.48 8.19 -50.70
N HIS BA 260 2.41 8.03 -51.48
CA HIS BA 260 2.10 8.94 -52.54
C HIS BA 260 0.80 9.63 -52.25
N VAL BA 261 0.84 10.95 -52.34
CA VAL BA 261 -0.30 11.79 -51.99
C VAL BA 261 -0.71 12.62 -53.18
N GLN BA 262 -1.97 12.51 -53.56
CA GLN BA 262 -2.50 13.32 -54.66
C GLN BA 262 -3.62 14.20 -54.12
N HIS BA 263 -3.53 15.50 -54.40
CA HIS BA 263 -4.57 16.44 -54.01
C HIS BA 263 -4.53 17.70 -54.87
N GLU BA 264 -5.68 18.34 -55.04
CA GLU BA 264 -5.81 19.54 -55.90
C GLU BA 264 -4.94 20.71 -55.48
N GLY BA 265 -4.64 20.80 -54.18
CA GLY BA 265 -3.82 21.89 -53.65
C GLY BA 265 -2.34 21.66 -53.80
N LEU BA 266 -1.99 20.54 -54.43
CA LEU BA 266 -0.59 20.16 -54.59
C LEU BA 266 -0.12 20.43 -56.00
N PRO BA 267 0.91 21.30 -56.15
CA PRO BA 267 1.45 21.62 -57.48
C PRO BA 267 1.63 20.37 -58.29
N LYS BA 268 2.19 19.34 -57.63
CA LYS BA 268 2.38 18.01 -58.22
C LYS BA 268 2.51 17.01 -57.08
N PRO BA 269 2.13 15.74 -57.34
CA PRO BA 269 2.02 14.76 -56.25
C PRO BA 269 3.23 14.70 -55.31
N LEU BA 270 2.98 14.37 -54.05
CA LEU BA 270 4.05 14.14 -53.11
C LEU BA 270 4.48 12.66 -53.12
N THR BA 271 5.75 12.45 -52.80
CA THR BA 271 6.30 11.14 -52.56
C THR BA 271 7.11 11.24 -51.28
N LEU BA 272 6.66 10.55 -50.25
CA LEU BA 272 7.26 10.63 -48.94
C LEU BA 272 8.14 9.41 -48.74
N ARG BA 273 9.42 9.65 -48.51
CA ARG BA 273 10.39 8.58 -48.49
C ARG BA 273 10.93 8.36 -47.07
N TRP BA 274 11.21 7.10 -46.77
CA TRP BA 274 11.96 6.74 -45.57
C TRP BA 274 13.46 6.90 -45.85
N GLU BA 275 13.95 8.12 -45.67
CA GLU BA 275 15.36 8.43 -45.85
C GLU BA 275 15.95 8.70 -44.46
N PRO BA 276 17.03 7.98 -44.12
CA PRO BA 276 17.46 7.84 -42.73
C PRO BA 276 17.89 9.18 -42.13
N MET CA 1 -36.31 -2.17 -44.86
CA MET CA 1 -35.71 -1.57 -43.64
C MET CA 1 -34.28 -2.08 -43.47
N ILE CA 2 -33.36 -1.44 -44.18
CA ILE CA 2 -31.95 -1.78 -44.06
C ILE CA 2 -31.41 -1.25 -42.74
N GLN CA 3 -30.38 -1.92 -42.24
CA GLN CA 3 -29.75 -1.54 -40.98
C GLN CA 3 -28.25 -1.66 -41.15
N ARG CA 4 -27.55 -0.54 -41.03
CA ARG CA 4 -26.10 -0.50 -41.19
C ARG CA 4 -25.49 -0.12 -39.87
N THR CA 5 -24.28 -0.61 -39.64
CA THR CA 5 -23.64 -0.49 -38.35
C THR CA 5 -22.65 0.67 -38.42
N PRO CA 6 -22.60 1.51 -37.38
CA PRO CA 6 -21.74 2.68 -37.42
C PRO CA 6 -20.26 2.36 -37.44
N LYS CA 7 -19.50 3.16 -38.18
CA LYS CA 7 -18.04 3.20 -38.07
C LYS CA 7 -17.71 4.40 -37.20
N ILE CA 8 -16.64 4.27 -36.42
CA ILE CA 8 -16.28 5.24 -35.38
C ILE CA 8 -14.80 5.59 -35.47
N GLN CA 9 -14.45 6.87 -35.31
CA GLN CA 9 -13.05 7.26 -35.19
C GLN CA 9 -12.94 8.35 -34.14
N VAL CA 10 -11.97 8.20 -33.23
CA VAL CA 10 -11.76 9.20 -32.17
C VAL CA 10 -10.41 9.83 -32.33
N TYR CA 11 -10.38 11.15 -32.30
CA TYR CA 11 -9.18 11.91 -32.66
C TYR CA 11 -9.35 13.37 -32.33
N SER CA 12 -8.23 14.06 -32.17
CA SER CA 12 -8.24 15.50 -31.93
C SER CA 12 -8.34 16.30 -33.24
N ARG CA 13 -8.71 17.56 -33.13
CA ARG CA 13 -8.76 18.45 -34.29
C ARG CA 13 -7.35 18.80 -34.75
N HIS CA 14 -6.46 19.04 -33.81
CA HIS CA 14 -5.05 19.30 -34.11
C HIS CA 14 -4.18 18.20 -33.54
N PRO CA 15 -2.90 18.18 -33.95
CA PRO CA 15 -1.98 17.30 -33.26
C PRO CA 15 -2.05 17.59 -31.76
N ALA CA 16 -2.24 16.53 -30.99
CA ALA CA 16 -2.52 16.67 -29.58
C ALA CA 16 -1.23 16.98 -28.86
N GLU CA 17 -1.30 17.91 -27.92
CA GLU CA 17 -0.16 18.36 -27.17
C GLU CA 17 -0.60 18.62 -25.72
N ASN CA 18 0.06 17.96 -24.77
CA ASN CA 18 -0.35 18.01 -23.36
C ASN CA 18 -0.28 19.42 -22.83
N GLY CA 19 -1.35 19.86 -22.18
CA GLY CA 19 -1.48 21.23 -21.68
C GLY CA 19 -1.89 22.26 -22.73
N LYS CA 20 -2.35 21.80 -23.89
CA LYS CA 20 -2.58 22.69 -25.03
C LYS CA 20 -4.00 22.54 -25.51
N SER CA 21 -4.81 23.57 -25.30
CA SER CA 21 -6.22 23.49 -25.69
C SER CA 21 -6.36 22.95 -27.12
N ASN CA 22 -7.41 22.16 -27.33
CA ASN CA 22 -7.63 21.41 -28.57
C ASN CA 22 -9.13 21.13 -28.63
N PHE CA 23 -9.55 20.30 -29.57
CA PHE CA 23 -10.92 19.75 -29.63
C PHE CA 23 -10.78 18.24 -29.74
N LEU CA 24 -11.64 17.52 -29.02
CA LEU CA 24 -11.70 16.07 -29.08
C LEU CA 24 -12.88 15.71 -29.95
N ASN CA 25 -12.64 14.86 -30.96
CA ASN CA 25 -13.66 14.53 -31.95
C ASN CA 25 -14.09 13.07 -31.89
N CYS CA 26 -15.35 12.80 -32.17
CA CYS CA 26 -15.83 11.46 -32.45
C CYS CA 26 -16.66 11.53 -33.73
N TYR CA 27 -16.18 10.87 -34.78
CA TYR CA 27 -16.87 10.82 -36.06
C TYR CA 27 -17.62 9.51 -36.17
N VAL CA 28 -18.94 9.55 -36.35
CA VAL CA 28 -19.66 8.30 -36.57
C VAL CA 28 -20.32 8.39 -37.94
N SER CA 29 -20.35 7.27 -38.67
CA SER CA 29 -20.68 7.23 -40.09
C SER CA 29 -21.11 5.85 -40.54
N GLY CA 30 -21.69 5.77 -41.73
CA GLY CA 30 -22.09 4.49 -42.30
C GLY CA 30 -23.22 3.81 -41.53
N PHE CA 31 -24.02 4.58 -40.80
CA PHE CA 31 -25.05 4.00 -39.96
C PHE CA 31 -26.47 4.36 -40.39
N HIS CA 32 -27.37 3.42 -40.16
CA HIS CA 32 -28.76 3.58 -40.54
C HIS CA 32 -29.55 2.64 -39.65
N PRO CA 33 -30.65 3.13 -39.05
CA PRO CA 33 -31.26 4.44 -39.16
C PRO CA 33 -30.54 5.50 -38.32
N SER CA 34 -31.10 6.72 -38.29
CA SER CA 34 -30.35 7.89 -37.84
C SER CA 34 -30.20 8.00 -36.32
N ASP CA 35 -31.16 7.47 -35.57
CA ASP CA 35 -31.12 7.66 -34.13
C ASP CA 35 -29.92 6.90 -33.57
N ILE CA 36 -29.02 7.68 -32.97
CA ILE CA 36 -27.78 7.19 -32.42
C ILE CA 36 -27.49 7.88 -31.07
N GLU CA 37 -26.74 7.20 -30.20
CA GLU CA 37 -26.38 7.73 -28.88
C GLU CA 37 -24.87 7.84 -28.74
N VAL CA 38 -24.36 9.07 -28.72
CA VAL CA 38 -22.91 9.27 -28.65
C VAL CA 38 -22.51 10.21 -27.53
N ASP CA 39 -21.70 9.68 -26.63
CA ASP CA 39 -21.15 10.42 -25.52
C ASP CA 39 -19.61 10.38 -25.57
N LEU CA 40 -18.99 11.51 -25.27
CA LEU CA 40 -17.54 11.62 -25.09
C LEU CA 40 -17.19 11.50 -23.61
N LEU CA 41 -16.27 10.59 -23.28
CA LEU CA 41 -15.95 10.30 -21.90
C LEU CA 41 -14.57 10.84 -21.51
N LYS CA 42 -14.47 11.33 -20.27
CA LYS CA 42 -13.19 11.57 -19.61
C LYS CA 42 -13.16 10.63 -18.39
N ASN CA 43 -12.18 9.72 -18.37
CA ASN CA 43 -12.03 8.75 -17.30
C ASN CA 43 -13.33 7.98 -17.03
N GLY CA 44 -13.99 7.56 -18.10
CA GLY CA 44 -15.21 6.78 -18.01
C GLY CA 44 -16.49 7.56 -17.76
N GLU CA 45 -16.36 8.83 -17.38
CA GLU CA 45 -17.50 9.70 -17.07
C GLU CA 45 -17.87 10.52 -18.29
N ARG CA 46 -19.17 10.67 -18.57
CA ARG CA 46 -19.58 11.42 -19.76
C ARG CA 46 -19.35 12.94 -19.58
N ILE CA 47 -18.91 13.58 -20.67
CA ILE CA 47 -18.65 15.01 -20.70
C ILE CA 47 -19.93 15.65 -21.17
N GLU CA 48 -20.24 16.85 -20.68
CA GLU CA 48 -21.58 17.38 -20.85
C GLU CA 48 -21.74 18.36 -22.02
N LYS CA 49 -20.88 19.37 -22.11
CA LYS CA 49 -21.12 20.46 -23.08
C LYS CA 49 -20.76 20.09 -24.52
N VAL CA 50 -20.94 18.82 -24.87
CA VAL CA 50 -20.54 18.28 -26.16
C VAL CA 50 -21.54 18.68 -27.26
N GLU CA 51 -21.01 19.26 -28.35
CA GLU CA 51 -21.85 19.65 -29.49
C GLU CA 51 -21.77 18.58 -30.56
N HIS CA 52 -22.68 18.66 -31.55
CA HIS CA 52 -22.54 17.85 -32.74
C HIS CA 52 -22.93 18.59 -34.01
N SER CA 53 -22.56 18.01 -35.14
CA SER CA 53 -22.77 18.62 -36.43
C SER CA 53 -24.16 18.31 -36.92
N ASP CA 54 -24.58 19.03 -37.94
CA ASP CA 54 -25.86 18.80 -38.54
C ASP CA 54 -25.84 17.52 -39.37
N LEU CA 55 -26.84 16.68 -39.17
CA LEU CA 55 -26.91 15.35 -39.79
C LEU CA 55 -26.99 15.46 -41.30
N SER CA 56 -26.17 14.65 -41.96
CA SER CA 56 -26.09 14.60 -43.42
C SER CA 56 -25.71 13.17 -43.78
N PHE CA 57 -25.80 12.83 -45.07
CA PHE CA 57 -25.59 11.45 -45.47
C PHE CA 57 -24.79 11.31 -46.75
N SER CA 58 -24.23 10.12 -46.91
CA SER CA 58 -23.29 9.80 -47.99
C SER CA 58 -24.03 9.25 -49.18
N LYS CA 59 -23.28 9.05 -50.27
CA LYS CA 59 -23.86 8.65 -51.56
C LYS CA 59 -24.70 7.39 -51.46
N ASP CA 60 -24.40 6.54 -50.47
CA ASP CA 60 -25.15 5.27 -50.24
C ASP CA 60 -26.29 5.39 -49.22
N TRP CA 61 -26.63 6.62 -48.84
CA TRP CA 61 -27.73 6.90 -47.90
C TRP CA 61 -27.41 6.64 -46.43
N SER CA 62 -26.22 6.14 -46.10
CA SER CA 62 -25.85 5.94 -44.70
C SER CA 62 -25.56 7.31 -44.13
N PHE CA 63 -25.66 7.43 -42.80
CA PHE CA 63 -25.58 8.74 -42.12
C PHE CA 63 -24.22 8.94 -41.51
N TYR CA 64 -23.91 10.19 -41.22
CA TYR CA 64 -22.66 10.57 -40.58
C TYR CA 64 -22.81 11.86 -39.75
N LEU CA 65 -22.14 11.87 -38.60
CA LEU CA 65 -22.18 12.96 -37.63
C LEU CA 65 -20.83 13.07 -36.95
N LEU CA 66 -20.39 14.29 -36.73
CA LEU CA 66 -19.27 14.58 -35.85
C LEU CA 66 -19.76 15.14 -34.49
N TYR CA 67 -19.35 14.48 -33.41
CA TYR CA 67 -19.45 15.02 -32.05
C TYR CA 67 -18.10 15.55 -31.63
N TYR CA 68 -18.09 16.65 -30.88
CA TYR CA 68 -16.84 17.31 -30.54
C TYR CA 68 -16.99 18.21 -29.32
N THR CA 69 -15.90 18.39 -28.57
CA THR CA 69 -15.83 19.35 -27.48
C THR CA 69 -14.42 19.82 -27.21
N GLU CA 70 -14.30 21.08 -26.82
CA GLU CA 70 -13.05 21.68 -26.36
C GLU CA 70 -12.54 20.93 -25.12
N PHE CA 71 -11.22 20.73 -25.05
CA PHE CA 71 -10.60 20.09 -23.89
C PHE CA 71 -9.10 20.30 -23.92
N THR CA 72 -8.44 20.04 -22.80
CA THR CA 72 -6.99 20.15 -22.69
C THR CA 72 -6.44 18.82 -22.22
N PRO CA 73 -5.90 18.02 -23.16
CA PRO CA 73 -5.34 16.74 -22.76
C PRO CA 73 -4.15 16.93 -21.84
N THR CA 74 -4.08 16.08 -20.83
CA THR CA 74 -2.89 15.95 -19.98
C THR CA 74 -2.61 14.47 -19.91
N GLU CA 75 -1.46 14.09 -19.38
CA GLU CA 75 -1.02 12.70 -19.48
C GLU CA 75 -1.83 11.77 -18.59
N LYS CA 76 -2.24 12.29 -17.44
CA LYS CA 76 -2.99 11.51 -16.45
C LYS CA 76 -4.49 11.33 -16.76
N ASN CA 77 -4.94 11.72 -17.95
CA ASN CA 77 -6.35 11.59 -18.34
C ASN CA 77 -6.53 10.73 -19.58
N GLU CA 78 -7.55 9.87 -19.53
CA GLU CA 78 -7.91 9.01 -20.65
C GLU CA 78 -9.28 9.39 -21.17
N TYR CA 79 -9.39 9.47 -22.49
CA TYR CA 79 -10.60 9.90 -23.15
C TYR CA 79 -11.12 8.80 -24.03
N ALA CA 80 -12.41 8.81 -24.32
CA ALA CA 80 -12.97 7.80 -25.20
C ALA CA 80 -14.26 8.29 -25.87
N CYS CA 81 -14.86 7.44 -26.71
CA CYS CA 81 -16.16 7.70 -27.31
C CYS CA 81 -17.05 6.49 -27.04
N ARG CA 82 -18.21 6.71 -26.44
CA ARG CA 82 -19.17 5.63 -26.23
C ARG CA 82 -20.37 5.87 -27.14
N VAL CA 83 -20.86 4.81 -27.76
CA VAL CA 83 -21.85 4.94 -28.79
C VAL CA 83 -22.75 3.74 -28.70
N ASN CA 84 -24.06 3.98 -28.68
CA ASN CA 84 -25.01 2.88 -28.80
C ASN CA 84 -25.86 3.15 -30.02
N HIS CA 85 -26.33 2.08 -30.64
CA HIS CA 85 -27.13 2.16 -31.84
C HIS CA 85 -27.93 0.88 -31.93
N VAL CA 86 -29.09 0.95 -32.60
CA VAL CA 86 -30.00 -0.19 -32.72
C VAL CA 86 -29.35 -1.47 -33.31
N THR CA 87 -28.20 -1.34 -34.00
CA THR CA 87 -27.44 -2.47 -34.57
C THR CA 87 -26.35 -3.04 -33.66
N LEU CA 88 -26.12 -2.41 -32.51
CA LEU CA 88 -25.15 -2.91 -31.52
C LEU CA 88 -25.87 -3.62 -30.36
N SER CA 89 -25.46 -4.86 -30.09
CA SER CA 89 -25.97 -5.66 -28.97
C SER CA 89 -25.73 -4.99 -27.61
N GLN CA 90 -24.66 -4.19 -27.53
CA GLN CA 90 -24.40 -3.35 -26.37
C GLN CA 90 -23.61 -2.14 -26.82
N PRO CA 91 -23.45 -1.12 -25.94
CA PRO CA 91 -22.66 0.06 -26.28
C PRO CA 91 -21.28 -0.30 -26.81
N LYS CA 92 -20.74 0.52 -27.72
CA LYS CA 92 -19.34 0.38 -28.10
C LYS CA 92 -18.51 1.55 -27.61
N ILE CA 93 -17.38 1.23 -26.97
CA ILE CA 93 -16.44 2.21 -26.47
C ILE CA 93 -15.17 2.07 -27.29
N VAL CA 94 -14.65 3.21 -27.73
CA VAL CA 94 -13.42 3.29 -28.51
C VAL CA 94 -12.50 4.31 -27.85
N LYS CA 95 -11.35 3.86 -27.36
CA LYS CA 95 -10.42 4.73 -26.65
C LYS CA 95 -9.69 5.65 -27.62
N TRP CA 96 -9.46 6.89 -27.19
CA TRP CA 96 -8.67 7.82 -27.96
C TRP CA 96 -7.20 7.42 -27.88
N ASP CA 97 -6.65 7.02 -29.02
CA ASP CA 97 -5.23 6.73 -29.16
C ASP CA 97 -4.54 7.95 -29.76
N ARG CA 98 -3.56 8.51 -29.05
CA ARG CA 98 -2.91 9.76 -29.47
C ARG CA 98 -2.00 9.66 -30.70
N ASP CA 99 -1.98 8.49 -31.35
CA ASP CA 99 -1.41 8.42 -32.69
C ASP CA 99 -2.38 7.71 -33.64
N MET CA 100 -3.62 8.17 -33.65
CA MET CA 100 -4.66 7.73 -34.59
C MET CA 100 -5.86 8.71 -34.64
N TYR DA 1 -29.67 28.49 -52.59
CA TYR DA 1 -31.06 28.85 -52.96
C TYR DA 1 -31.82 27.56 -53.21
N LEU DA 2 -32.88 27.31 -52.47
CA LEU DA 2 -33.64 26.07 -52.58
C LEU DA 2 -34.63 26.15 -53.73
N LEU DA 3 -35.30 25.03 -54.02
CA LEU DA 3 -36.47 25.01 -54.89
C LEU DA 3 -37.57 25.83 -54.23
N MET DA 4 -38.38 26.52 -55.03
CA MET DA 4 -39.50 27.28 -54.47
C MET DA 4 -40.57 26.36 -53.86
N TRP DA 5 -40.73 25.17 -54.42
CA TRP DA 5 -41.57 24.15 -53.82
C TRP DA 5 -41.12 22.77 -54.26
N ILE DA 6 -41.54 21.73 -53.55
CA ILE DA 6 -41.37 20.36 -54.02
C ILE DA 6 -42.72 19.69 -54.06
N THR DA 7 -42.84 18.66 -54.90
CA THR DA 7 -44.11 18.03 -55.16
C THR DA 7 -44.19 16.77 -54.34
N GLN DA 8 -45.40 16.41 -53.94
CA GLN DA 8 -45.67 15.27 -53.08
C GLN DA 8 -45.38 13.94 -53.80
N VAL DA 9 -45.44 12.83 -53.08
CA VAL DA 9 -45.04 11.54 -53.59
C VAL DA 9 -46.27 10.65 -53.89
N GLY EA 1 56.23 60.40 7.08
CA GLY EA 1 57.06 59.81 8.16
C GLY EA 1 57.17 58.34 7.89
N SER EA 2 57.31 57.54 8.94
CA SER EA 2 57.27 56.08 8.81
C SER EA 2 55.85 55.55 8.76
N HIS EA 3 55.68 54.37 8.15
CA HIS EA 3 54.44 53.61 8.20
C HIS EA 3 54.70 52.12 8.29
N SER EA 4 53.70 51.39 8.79
CA SER EA 4 53.83 49.96 9.02
C SER EA 4 52.58 49.22 8.59
N MET EA 5 52.75 47.94 8.27
CA MET EA 5 51.62 47.04 8.10
C MET EA 5 51.87 45.86 9.02
N ARG EA 6 50.95 45.58 9.94
CA ARG EA 6 51.10 44.40 10.80
C ARG EA 6 49.86 43.56 10.90
N TYR EA 7 50.07 42.27 10.99
CA TYR EA 7 48.99 41.32 11.18
C TYR EA 7 49.27 40.66 12.52
N PHE EA 8 48.26 40.66 13.40
CA PHE EA 8 48.34 39.96 14.69
C PHE EA 8 47.40 38.75 14.70
N PHE EA 9 47.90 37.63 15.18
CA PHE EA 9 47.13 36.38 15.24
C PHE EA 9 47.15 35.80 16.65
N THR EA 10 45.98 35.36 17.13
CA THR EA 10 45.84 34.71 18.42
C THR EA 10 45.05 33.41 18.23
N SER EA 11 45.59 32.33 18.79
CA SER EA 11 45.00 31.01 18.68
C SER EA 11 44.92 30.41 20.08
N VAL EA 12 43.70 30.11 20.54
CA VAL EA 12 43.49 29.52 21.87
C VAL EA 12 42.79 28.16 21.74
N SER EA 13 43.39 27.11 22.32
CA SER EA 13 42.75 25.79 22.39
C SER EA 13 41.70 25.83 23.47
N ARG EA 14 40.62 25.09 23.27
CA ARG EA 14 39.49 25.05 24.21
C ARG EA 14 39.00 23.62 24.44
N PRO EA 15 39.90 22.73 24.93
CA PRO EA 15 39.57 21.32 25.14
C PRO EA 15 38.32 21.12 25.96
N GLY EA 16 37.45 20.23 25.50
CA GLY EA 16 36.24 19.93 26.20
C GLY EA 16 35.17 20.98 26.06
N ARG EA 17 35.36 21.89 25.11
CA ARG EA 17 34.33 22.90 24.79
C ARG EA 17 34.13 22.99 23.29
N GLY EA 18 35.20 23.26 22.56
CA GLY EA 18 35.19 23.15 21.11
C GLY EA 18 36.58 23.24 20.50
N GLU EA 19 36.61 23.47 19.18
CA GLU EA 19 37.86 23.61 18.45
C GLU EA 19 38.45 24.99 18.71
N PRO EA 20 39.76 25.16 18.45
CA PRO EA 20 40.44 26.34 18.97
C PRO EA 20 39.94 27.66 18.44
N ARG EA 21 40.03 28.69 19.28
CA ARG EA 21 39.65 30.03 18.87
C ARG EA 21 40.75 30.58 17.96
N PHE EA 22 40.34 31.29 16.92
CA PHE EA 22 41.29 31.96 16.04
C PHE EA 22 40.80 33.38 15.76
N ILE EA 23 41.65 34.34 16.07
CA ILE EA 23 41.37 35.73 15.77
C ILE EA 23 42.54 36.30 15.02
N ALA EA 24 42.23 37.07 14.01
CA ALA EA 24 43.23 37.69 13.18
C ALA EA 24 42.83 39.14 12.96
N VAL EA 25 43.78 40.05 13.16
CA VAL EA 25 43.55 41.46 12.85
C VAL EA 25 44.74 42.06 12.11
N GLY EA 26 44.41 42.92 11.14
CA GLY EA 26 45.41 43.65 10.37
C GLY EA 26 45.35 45.14 10.67
N TYR EA 27 46.52 45.75 10.73
CA TYR EA 27 46.69 47.18 11.00
C TYR EA 27 47.62 47.77 9.96
N VAL EA 28 47.33 49.00 9.57
CA VAL EA 28 48.29 49.89 8.92
C VAL EA 28 48.43 51.03 9.90
N ASP EA 29 49.65 51.27 10.37
CA ASP EA 29 49.92 52.20 11.47
C ASP EA 29 49.00 51.88 12.66
N ASP EA 30 48.31 52.87 13.21
CA ASP EA 30 47.46 52.64 14.39
C ASP EA 30 45.99 52.43 14.02
N THR EA 31 45.72 52.10 12.76
CA THR EA 31 44.36 51.87 12.27
C THR EA 31 44.14 50.44 11.83
N GLN EA 32 43.10 49.80 12.37
CA GLN EA 32 42.68 48.46 12.00
C GLN EA 32 42.00 48.49 10.63
N PHE EA 33 42.41 47.62 9.71
CA PHE EA 33 41.70 47.57 8.42
C PHE EA 33 41.02 46.25 8.08
N VAL EA 34 41.37 45.16 8.75
CA VAL EA 34 40.68 43.89 8.55
C VAL EA 34 40.69 43.03 9.80
N ARG EA 35 39.67 42.18 9.92
CA ARG EA 35 39.68 41.12 10.92
C ARG EA 35 39.09 39.79 10.43
N PHE EA 36 39.47 38.74 11.16
CA PHE EA 36 38.85 37.41 11.04
C PHE EA 36 38.65 36.82 12.43
N ASP EA 37 37.43 36.37 12.73
CA ASP EA 37 37.15 35.64 13.99
C ASP EA 37 36.52 34.31 13.66
N SER EA 38 37.19 33.20 13.99
CA SER EA 38 36.68 31.85 13.69
C SER EA 38 35.30 31.52 14.28
N ASP EA 39 34.84 32.31 15.25
CA ASP EA 39 33.52 32.16 15.86
C ASP EA 39 32.47 33.08 15.26
N ALA EA 40 32.85 33.98 14.37
CA ALA EA 40 31.86 34.87 13.74
C ALA EA 40 31.01 34.11 12.71
N ALA EA 41 29.90 34.70 12.26
CA ALA EA 41 28.97 34.01 11.36
C ALA EA 41 29.44 34.00 9.91
N SER EA 42 30.12 35.06 9.51
CA SER EA 42 30.53 35.24 8.11
C SER EA 42 31.60 34.24 7.65
N GLN EA 43 32.56 33.95 8.51
CA GLN EA 43 33.73 33.16 8.14
C GLN EA 43 34.45 33.74 6.91
N ARG EA 44 34.61 35.05 6.91
CA ARG EA 44 35.36 35.76 5.87
C ARG EA 44 36.39 36.68 6.52
N MET EA 45 37.35 37.14 5.71
CA MET EA 45 38.14 38.29 6.14
C MET EA 45 37.22 39.47 5.96
N GLU EA 46 37.04 40.29 6.99
CA GLU EA 46 36.05 41.37 6.94
C GLU EA 46 36.73 42.73 6.98
N PRO EA 47 36.09 43.73 6.35
CA PRO EA 47 36.60 45.09 6.30
C PRO EA 47 36.38 45.83 7.60
N ARG EA 48 37.39 46.58 8.02
CA ARG EA 48 37.24 47.41 9.23
C ARG EA 48 37.60 48.87 9.00
N ALA EA 49 38.08 49.22 7.81
CA ALA EA 49 38.38 50.61 7.48
C ALA EA 49 37.77 50.96 6.13
N PRO EA 50 37.18 52.17 5.99
CA PRO EA 50 36.46 52.52 4.76
C PRO EA 50 37.23 52.30 3.45
N TRP EA 51 38.54 52.54 3.50
CA TRP EA 51 39.36 52.53 2.30
C TRP EA 51 39.73 51.14 1.78
N ILE EA 52 39.62 50.10 2.61
CA ILE EA 52 39.83 48.73 2.13
C ILE EA 52 38.57 48.16 1.46
N GLU EA 53 37.41 48.77 1.72
CA GLU EA 53 36.15 48.34 1.11
C GLU EA 53 36.17 48.50 -0.43
N GLN EA 54 37.02 49.39 -0.93
CA GLN EA 54 37.30 49.52 -2.37
C GLN EA 54 37.69 48.21 -3.06
N GLU EA 55 38.39 47.34 -2.34
CA GLU EA 55 38.96 46.15 -2.94
C GLU EA 55 37.83 45.20 -3.36
N GLY EA 56 38.00 44.59 -4.52
CA GLY EA 56 36.95 43.78 -5.12
C GLY EA 56 37.01 42.33 -4.69
N PRO EA 57 36.06 41.51 -5.19
CA PRO EA 57 35.89 40.10 -4.82
C PRO EA 57 37.15 39.25 -4.78
N GLU EA 58 38.08 39.45 -5.71
CA GLU EA 58 39.29 38.62 -5.76
C GLU EA 58 40.10 38.75 -4.47
N TYR EA 59 40.38 39.99 -4.09
CA TYR EA 59 40.99 40.34 -2.80
C TYR EA 59 40.39 39.54 -1.64
N TRP EA 60 39.09 39.71 -1.37
CA TRP EA 60 38.42 39.09 -0.21
C TRP EA 60 38.47 37.56 -0.23
N ASP EA 61 38.14 36.96 -1.37
CA ASP EA 61 38.27 35.51 -1.50
C ASP EA 61 39.70 35.06 -1.20
N GLY EA 62 40.67 35.83 -1.69
CA GLY EA 62 42.06 35.51 -1.46
C GLY EA 62 42.41 35.63 0.00
N GLU EA 63 42.15 36.79 0.59
CA GLU EA 63 42.48 37.03 1.99
C GLU EA 63 41.79 36.02 2.91
N THR EA 64 40.52 35.76 2.66
CA THR EA 64 39.75 34.76 3.38
C THR EA 64 40.37 33.40 3.22
N ARG EA 65 40.78 33.05 2.01
CA ARG EA 65 41.42 31.75 1.78
C ARG EA 65 42.76 31.60 2.52
N LYS EA 66 43.57 32.67 2.54
CA LYS EA 66 44.85 32.65 3.23
C LYS EA 66 44.70 32.65 4.75
N VAL EA 67 43.73 33.41 5.28
CA VAL EA 67 43.55 33.46 6.72
C VAL EA 67 43.07 32.11 7.27
N LYS EA 68 42.28 31.39 6.48
CA LYS EA 68 41.80 30.08 6.88
C LYS EA 68 42.94 29.07 6.86
N ALA EA 69 43.85 29.21 5.92
CA ALA EA 69 45.06 28.40 5.92
C ALA EA 69 45.92 28.76 7.16
N HIS EA 70 46.07 30.04 7.46
CA HIS EA 70 46.73 30.44 8.69
C HIS EA 70 46.07 29.77 9.89
N SER EA 71 44.74 29.78 9.89
CA SER EA 71 43.99 29.17 10.95
C SER EA 71 44.34 27.71 11.06
N GLN EA 72 44.42 27.04 9.92
CA GLN EA 72 44.67 25.61 9.93
C GLN EA 72 46.07 25.28 10.44
N THR EA 73 47.07 26.09 10.10
CA THR EA 73 48.43 25.81 10.54
C THR EA 73 48.56 25.97 12.07
N HIS EA 74 47.97 27.01 12.62
CA HIS EA 74 47.94 27.19 14.09
C HIS EA 74 47.20 26.06 14.82
N ARG EA 75 46.16 25.52 14.20
CA ARG EA 75 45.44 24.38 14.74
C ARG EA 75 46.41 23.22 14.93
N VAL EA 76 47.12 22.87 13.87
CA VAL EA 76 48.15 21.84 13.96
C VAL EA 76 49.27 22.21 14.94
N ASP EA 77 49.74 23.44 14.88
CA ASP EA 77 50.81 23.89 15.79
C ASP EA 77 50.49 23.61 17.28
N LEU EA 78 49.22 23.83 17.68
CA LEU EA 78 48.81 23.62 19.07
C LEU EA 78 49.07 22.21 19.55
N GLY EA 79 48.78 21.24 18.68
CA GLY EA 79 49.02 19.83 18.98
C GLY EA 79 50.50 19.51 19.03
N THR EA 80 51.29 20.15 18.19
CA THR EA 80 52.73 19.89 18.14
C THR EA 80 53.43 20.49 19.35
N LEU EA 81 53.03 21.69 19.72
CA LEU EA 81 53.69 22.36 20.83
C LEU EA 81 53.51 21.55 22.11
N ARG EA 82 52.39 20.86 22.22
CA ARG EA 82 52.12 19.97 23.35
C ARG EA 82 53.01 18.73 23.35
N GLY EA 83 53.28 18.20 22.16
CA GLY EA 83 54.26 17.15 22.00
C GLY EA 83 55.61 17.63 22.47
N TYR EA 84 56.10 18.71 21.87
CA TYR EA 84 57.44 19.24 22.20
C TYR EA 84 57.63 19.44 23.71
N TYR EA 85 56.56 19.91 24.39
CA TYR EA 85 56.64 20.29 25.79
C TYR EA 85 56.15 19.20 26.74
N ASN EA 86 55.65 18.10 26.19
CA ASN EA 86 55.14 16.99 26.99
C ASN EA 86 54.04 17.40 27.99
N GLN EA 87 52.97 18.02 27.48
CA GLN EA 87 51.87 18.51 28.31
C GLN EA 87 50.59 17.71 28.08
N SER EA 88 49.88 17.37 29.16
CA SER EA 88 48.56 16.74 29.07
C SER EA 88 47.63 17.54 28.15
N GLU EA 89 47.08 16.85 27.14
CA GLU EA 89 46.24 17.48 26.11
C GLU EA 89 45.02 18.22 26.67
N ALA EA 90 44.73 18.01 27.94
CA ALA EA 90 43.66 18.73 28.60
C ALA EA 90 44.21 19.97 29.32
N GLY EA 91 44.30 21.06 28.58
CA GLY EA 91 44.53 22.37 29.14
C GLY EA 91 44.45 23.39 28.04
N SER EA 92 43.92 24.58 28.34
CA SER EA 92 43.86 25.65 27.35
C SER EA 92 45.26 26.26 27.17
N HIS EA 93 45.66 26.48 25.93
CA HIS EA 93 46.98 27.11 25.62
C HIS EA 93 46.82 28.19 24.55
N THR EA 94 47.88 28.98 24.36
CA THR EA 94 47.84 30.14 23.48
C THR EA 94 49.06 30.20 22.56
N VAL EA 95 48.80 30.29 21.26
CA VAL EA 95 49.83 30.64 20.28
C VAL EA 95 49.55 32.06 19.82
N GLN EA 96 50.62 32.84 19.62
CA GLN EA 96 50.51 34.21 19.12
C GLN EA 96 51.52 34.39 18.03
N ARG EA 97 51.07 34.97 16.91
CA ARG EA 97 51.95 35.36 15.82
C ARG EA 97 51.75 36.82 15.42
N MET EA 98 52.85 37.46 15.04
CA MET EA 98 52.83 38.83 14.55
C MET EA 98 53.82 38.94 13.39
N TYR EA 99 53.40 39.57 12.30
CA TYR EA 99 54.33 39.86 11.22
C TYR EA 99 53.89 41.01 10.35
N GLY EA 100 54.87 41.61 9.68
CA GLY EA 100 54.64 42.84 8.93
C GLY EA 100 55.91 43.53 8.49
N CYS EA 101 55.74 44.64 7.78
CA CYS EA 101 56.87 45.41 7.25
C CYS EA 101 56.74 46.87 7.63
N ASP EA 102 57.86 47.57 7.59
CA ASP EA 102 57.93 49.02 7.80
C ASP EA 102 58.55 49.67 6.58
N VAL EA 103 57.99 50.82 6.18
CA VAL EA 103 58.63 51.66 5.17
C VAL EA 103 58.93 53.04 5.73
N GLY EA 104 59.98 53.67 5.19
CA GLY EA 104 60.40 54.99 5.64
C GLY EA 104 59.62 56.08 4.95
N SER EA 105 59.93 57.33 5.27
CA SER EA 105 59.31 58.50 4.62
C SER EA 105 59.26 58.41 3.08
N ASP EA 106 60.27 57.78 2.47
CA ASP EA 106 60.31 57.52 1.03
C ASP EA 106 59.47 56.32 0.54
N TRP EA 107 58.73 55.68 1.45
CA TRP EA 107 57.91 54.50 1.14
C TRP EA 107 58.74 53.31 0.63
N ARG EA 108 60.01 53.28 1.00
CA ARG EA 108 60.90 52.17 0.66
C ARG EA 108 61.01 51.22 1.84
N PHE EA 109 61.30 49.95 1.55
CA PHE EA 109 61.46 48.97 2.63
C PHE EA 109 62.48 49.46 3.63
N LEU EA 110 62.09 49.38 4.90
CA LEU EA 110 62.93 49.81 6.03
C LEU EA 110 63.30 48.65 6.93
N ARG EA 111 62.36 47.72 7.14
CA ARG EA 111 62.41 46.81 8.26
C ARG EA 111 61.36 45.67 8.12
N GLY EA 112 61.68 44.51 8.70
CA GLY EA 112 60.85 43.32 8.60
C GLY EA 112 60.90 42.46 9.83
N TYR EA 113 59.78 41.81 10.14
CA TYR EA 113 59.68 41.02 11.38
C TYR EA 113 58.62 39.94 11.31
N HIS EA 114 58.90 38.83 12.00
CA HIS EA 114 57.98 37.73 12.15
C HIS EA 114 58.26 37.04 13.45
N GLN EA 115 57.33 37.19 14.41
CA GLN EA 115 57.50 36.76 15.79
C GLN EA 115 56.38 35.82 16.26
N TYR EA 116 56.75 34.84 17.08
CA TYR EA 116 55.88 33.74 17.49
C TYR EA 116 56.06 33.48 18.97
N ALA EA 117 54.94 33.41 19.69
CA ALA EA 117 54.93 33.19 21.15
C ALA EA 117 54.05 32.01 21.53
N TYR EA 118 54.43 31.30 22.58
CA TYR EA 118 53.63 30.22 23.16
C TYR EA 118 53.29 30.57 24.60
N ASP EA 119 52.02 30.45 24.94
CA ASP EA 119 51.55 30.80 26.27
C ASP EA 119 52.12 32.11 26.80
N GLY EA 120 52.07 33.15 25.96
CA GLY EA 120 52.56 34.49 26.33
C GLY EA 120 54.07 34.68 26.46
N LYS EA 121 54.86 33.72 25.99
CA LYS EA 121 56.33 33.87 25.99
C LYS EA 121 56.94 33.59 24.62
N ASP EA 122 57.94 34.40 24.26
CA ASP EA 122 58.76 34.22 23.06
C ASP EA 122 59.08 32.76 22.79
N TYR EA 123 58.89 32.35 21.53
CA TYR EA 123 59.18 30.99 21.09
C TYR EA 123 60.25 30.99 19.96
N ILE EA 124 59.91 31.54 18.81
CA ILE EA 124 60.88 31.72 17.74
C ILE EA 124 60.62 33.04 17.03
N ALA EA 125 61.68 33.73 16.61
CA ALA EA 125 61.53 35.01 15.88
C ALA EA 125 62.50 35.11 14.71
N LEU EA 126 62.02 35.64 13.59
CA LEU EA 126 62.91 36.06 12.52
C LEU EA 126 63.84 37.18 13.02
N LYS EA 127 65.08 37.16 12.55
CA LYS EA 127 66.08 38.11 13.03
C LYS EA 127 66.18 39.34 12.14
N GLU EA 128 66.68 40.44 12.70
CA GLU EA 128 66.78 41.71 11.99
C GLU EA 128 67.23 41.52 10.52
N ASP EA 129 68.23 40.66 10.29
CA ASP EA 129 68.77 40.44 8.93
C ASP EA 129 67.83 39.69 7.94
N LEU EA 130 66.82 38.99 8.47
CA LEU EA 130 65.82 38.26 7.66
C LEU EA 130 66.34 36.95 7.08
N ARG EA 131 67.51 36.51 7.59
CA ARG EA 131 68.20 35.34 7.07
C ARG EA 131 68.23 34.19 8.08
N SER EA 132 68.05 34.52 9.36
CA SER EA 132 68.20 33.58 10.46
C SER EA 132 67.13 33.79 11.56
N TRP EA 133 67.04 32.81 12.46
CA TRP EA 133 66.03 32.80 13.52
C TRP EA 133 66.63 32.86 14.92
N THR EA 134 65.81 33.27 15.88
CA THR EA 134 66.19 33.23 17.29
C THR EA 134 65.21 32.30 17.99
N ALA EA 135 65.74 31.23 18.58
CA ALA EA 135 64.94 30.26 19.30
C ALA EA 135 65.08 30.53 20.78
N ALA EA 136 63.99 30.37 21.51
CA ALA EA 136 63.95 30.70 22.93
C ALA EA 136 64.42 29.55 23.83
N ASP EA 137 64.19 28.30 23.41
CA ASP EA 137 64.51 27.12 24.22
C ASP EA 137 64.76 25.91 23.34
N MET EA 138 64.99 24.74 23.94
CA MET EA 138 65.24 23.52 23.17
C MET EA 138 64.11 23.16 22.20
N ALA EA 139 62.86 23.38 22.61
CA ALA EA 139 61.73 23.02 21.75
C ALA EA 139 61.74 23.86 20.50
N ALA EA 140 61.97 25.16 20.68
CA ALA EA 140 62.03 26.07 19.56
C ALA EA 140 63.25 25.84 18.65
N GLN EA 141 64.34 25.24 19.16
CA GLN EA 141 65.49 24.86 18.31
C GLN EA 141 65.08 23.80 17.27
N THR EA 142 64.23 22.86 17.67
CA THR EA 142 63.69 21.85 16.76
C THR EA 142 62.99 22.50 15.57
N THR EA 143 62.14 23.49 15.84
CA THR EA 143 61.50 24.25 14.78
C THR EA 143 62.53 24.97 13.91
N LYS EA 144 63.39 25.74 14.56
CA LYS EA 144 64.50 26.44 13.90
C LYS EA 144 65.23 25.60 12.86
N HIS EA 145 65.74 24.44 13.26
CA HIS EA 145 66.46 23.56 12.35
C HIS EA 145 65.60 23.08 11.18
N LYS EA 146 64.38 22.70 11.49
CA LYS EA 146 63.37 22.27 10.53
C LYS EA 146 63.14 23.35 9.49
N TRP EA 147 63.11 24.59 9.97
CA TRP EA 147 62.84 25.77 9.16
C TRP EA 147 64.05 26.23 8.33
N GLU EA 148 65.24 26.11 8.91
CA GLU EA 148 66.46 26.39 8.15
C GLU EA 148 66.55 25.38 6.99
N ALA EA 149 66.32 24.11 7.31
CA ALA EA 149 66.32 23.03 6.33
C ALA EA 149 65.31 23.24 5.20
N ALA EA 150 64.19 23.89 5.50
CA ALA EA 150 63.19 24.20 4.49
C ALA EA 150 63.47 25.52 3.78
N HIS EA 151 64.47 26.25 4.21
CA HIS EA 151 64.78 27.58 3.66
C HIS EA 151 63.54 28.49 3.76
N VAL EA 152 62.88 28.44 4.92
CA VAL EA 152 61.68 29.21 5.19
C VAL EA 152 61.90 30.73 5.19
N ALA EA 153 62.97 31.17 5.82
CA ALA EA 153 63.30 32.60 5.91
C ALA EA 153 63.47 33.21 4.53
N GLU EA 154 64.08 32.46 3.62
CA GLU EA 154 64.28 32.92 2.25
C GLU EA 154 62.92 33.33 1.70
N GLN EA 155 61.93 32.46 1.82
CA GLN EA 155 60.59 32.77 1.31
C GLN EA 155 59.90 33.89 2.14
N LEU EA 156 60.19 33.93 3.43
CA LEU EA 156 59.64 34.99 4.30
C LEU EA 156 60.16 36.39 3.90
N ARG EA 157 61.45 36.46 3.58
CA ARG EA 157 62.08 37.71 3.18
C ARG EA 157 61.54 38.25 1.87
N ALA EA 158 61.33 37.36 0.90
CA ALA EA 158 60.76 37.76 -0.39
C ALA EA 158 59.37 38.38 -0.20
N TYR EA 159 58.68 38.00 0.87
CA TYR EA 159 57.40 38.63 1.23
C TYR EA 159 57.62 39.96 1.91
N LEU EA 160 58.41 39.96 2.99
CA LEU EA 160 58.59 41.16 3.78
C LEU EA 160 59.16 42.31 2.96
N GLU EA 161 60.20 42.03 2.20
CA GLU EA 161 60.79 43.02 1.29
C GLU EA 161 59.87 43.30 0.10
N GLY EA 162 59.19 42.27 -0.38
CA GLY EA 162 58.47 42.35 -1.66
C GLY EA 162 57.01 42.74 -1.56
N THR EA 163 56.16 41.73 -1.39
CA THR EA 163 54.71 41.93 -1.42
C THR EA 163 54.19 42.85 -0.32
N CYS EA 164 54.69 42.64 0.89
CA CYS EA 164 54.24 43.39 2.05
C CYS EA 164 54.35 44.92 1.85
N VAL EA 165 55.48 45.38 1.34
CA VAL EA 165 55.67 46.81 1.09
C VAL EA 165 54.79 47.32 -0.06
N GLU EA 166 54.64 46.49 -1.09
CA GLU EA 166 53.89 46.85 -2.29
C GLU EA 166 52.47 47.11 -1.95
N TRP EA 167 51.93 46.25 -1.09
CA TRP EA 167 50.56 46.39 -0.62
C TRP EA 167 50.42 47.50 0.42
N LEU EA 168 51.36 47.59 1.34
CA LEU EA 168 51.39 48.73 2.25
C LEU EA 168 51.34 50.05 1.47
N ARG EA 169 52.18 50.18 0.44
CA ARG EA 169 52.15 51.36 -0.45
C ARG EA 169 50.75 51.55 -0.98
N ARG EA 170 50.18 50.47 -1.49
CA ARG EA 170 48.86 50.51 -2.08
C ARG EA 170 47.81 50.98 -1.08
N TYR EA 171 47.80 50.40 0.12
CA TYR EA 171 46.87 50.81 1.18
C TYR EA 171 47.02 52.29 1.53
N LEU EA 172 48.27 52.76 1.69
CA LEU EA 172 48.53 54.17 2.00
C LEU EA 172 47.97 55.11 0.95
N GLU EA 173 48.23 54.77 -0.30
CA GLU EA 173 47.68 55.49 -1.45
C GLU EA 173 46.16 55.54 -1.33
N ASN EA 174 45.54 54.38 -1.29
CA ASN EA 174 44.08 54.29 -1.29
C ASN EA 174 43.42 54.90 -0.04
N GLY EA 175 44.18 54.98 1.04
CA GLY EA 175 43.72 55.59 2.28
C GLY EA 175 44.40 56.91 2.63
N LYS EA 176 44.88 57.65 1.62
CA LYS EA 176 45.58 58.92 1.87
C LYS EA 176 44.80 59.84 2.80
N GLU EA 177 43.50 59.96 2.58
CA GLU EA 177 42.69 60.95 3.33
C GLU EA 177 42.67 60.67 4.83
N THR EA 178 42.61 59.38 5.19
CA THR EA 178 42.54 58.97 6.58
C THR EA 178 43.89 58.51 7.17
N LEU EA 179 44.74 57.83 6.41
CA LEU EA 179 46.00 57.30 6.96
C LEU EA 179 47.17 58.28 7.00
N GLN EA 180 47.19 59.25 6.10
CA GLN EA 180 48.27 60.24 6.03
C GLN EA 180 47.88 61.54 6.74
N ARG EA 181 46.74 61.54 7.42
CA ARG EA 181 46.36 62.64 8.29
C ARG EA 181 47.22 62.64 9.54
N THR EA 182 47.14 63.73 10.28
CA THR EA 182 47.44 63.71 11.70
C THR EA 182 46.38 64.56 12.34
N ASP EA 183 45.89 64.14 13.49
CA ASP EA 183 44.99 64.95 14.28
C ASP EA 183 45.73 65.41 15.49
N ALA EA 184 45.94 66.72 15.56
CA ALA EA 184 46.65 67.31 16.68
C ALA EA 184 45.76 67.20 17.90
N PRO EA 185 46.38 67.04 19.08
CA PRO EA 185 45.69 66.89 20.34
C PRO EA 185 45.07 68.18 20.82
N LYS EA 186 43.85 68.09 21.36
CA LYS EA 186 43.18 69.21 22.02
C LYS EA 186 43.56 69.12 23.48
N THR EA 187 43.98 70.22 24.07
CA THR EA 187 44.62 70.15 25.38
C THR EA 187 44.07 71.17 26.35
N HIS EA 188 44.07 70.81 27.63
CA HIS EA 188 43.56 71.64 28.71
C HIS EA 188 44.08 71.09 30.04
N MET EA 189 43.88 71.82 31.14
CA MET EA 189 44.32 71.36 32.47
C MET EA 189 43.23 71.60 33.50
N THR EA 190 43.29 70.89 34.62
CA THR EA 190 42.34 71.04 35.69
C THR EA 190 43.08 71.25 36.98
N HIS EA 191 42.35 71.73 37.98
CA HIS EA 191 42.89 71.98 39.31
C HIS EA 191 41.95 71.36 40.32
N HIS EA 192 42.51 70.59 41.24
CA HIS EA 192 41.74 69.91 42.24
C HIS EA 192 42.47 69.97 43.58
N ALA EA 193 41.98 70.79 44.48
CA ALA EA 193 42.51 70.83 45.83
C ALA EA 193 42.23 69.47 46.46
N VAL EA 194 43.23 68.89 47.10
CA VAL EA 194 43.04 67.62 47.81
C VAL EA 194 43.00 67.91 49.30
N SER EA 195 43.69 68.96 49.71
CA SER EA 195 43.78 69.37 51.10
C SER EA 195 44.08 70.87 51.17
N ASP EA 196 44.24 71.36 52.39
CA ASP EA 196 44.51 72.78 52.65
C ASP EA 196 45.89 73.28 52.21
N HIS EA 197 46.78 72.37 51.83
CA HIS EA 197 48.11 72.77 51.35
C HIS EA 197 48.60 72.07 50.08
N GLU EA 198 47.75 71.26 49.44
CA GLU EA 198 48.10 70.57 48.18
C GLU EA 198 46.99 70.69 47.14
N ALA EA 199 47.36 70.53 45.87
CA ALA EA 199 46.38 70.42 44.78
C ALA EA 199 46.89 69.51 43.69
N THR EA 200 45.96 68.82 43.05
CA THR EA 200 46.27 67.99 41.88
C THR EA 200 46.13 68.83 40.63
N LEU EA 201 47.24 68.94 39.90
CA LEU EA 201 47.25 69.54 38.57
C LEU EA 201 47.26 68.41 37.59
N ARG EA 202 46.29 68.36 36.69
CA ARG EA 202 46.23 67.30 35.68
C ARG EA 202 46.22 67.88 34.25
N CYS EA 203 47.02 67.28 33.38
CA CYS EA 203 47.17 67.75 32.02
C CYS EA 203 46.55 66.78 31.03
N TRP EA 204 45.74 67.30 30.11
CA TRP EA 204 44.98 66.44 29.20
C TRP EA 204 45.32 66.64 27.73
N ALA EA 205 45.54 65.52 27.03
CA ALA EA 205 45.58 65.53 25.57
C ALA EA 205 44.48 64.62 25.08
N LEU EA 206 43.57 65.14 24.27
CA LEU EA 206 42.45 64.36 23.74
C LEU EA 206 42.40 64.31 22.21
N SER EA 207 41.70 63.32 21.70
CA SER EA 207 41.30 63.29 20.30
C SER EA 207 42.47 63.45 19.32
N PHE EA 208 43.52 62.67 19.53
CA PHE EA 208 44.72 62.79 18.69
C PHE EA 208 45.06 61.48 17.95
N TYR EA 209 45.83 61.62 16.86
CA TYR EA 209 46.24 60.50 16.01
C TYR EA 209 47.50 60.89 15.25
N PRO EA 210 48.50 59.99 15.18
CA PRO EA 210 48.59 58.63 15.72
C PRO EA 210 48.78 58.60 17.24
N ALA EA 211 48.96 57.40 17.80
CA ALA EA 211 48.94 57.23 19.27
C ALA EA 211 50.14 57.81 20.00
N GLU EA 212 51.31 57.74 19.38
CA GLU EA 212 52.55 58.26 20.01
C GLU EA 212 52.39 59.73 20.41
N ILE EA 213 52.90 60.07 21.58
CA ILE EA 213 52.76 61.41 22.15
C ILE EA 213 53.58 61.44 23.42
N THR EA 214 54.14 62.58 23.77
CA THR EA 214 54.81 62.72 25.05
C THR EA 214 54.12 63.83 25.84
N LEU EA 215 53.76 63.53 27.09
CA LEU EA 215 53.23 64.54 28.01
C LEU EA 215 54.17 64.59 29.19
N THR EA 216 54.64 65.78 29.52
CA THR EA 216 55.53 65.93 30.66
C THR EA 216 55.18 67.21 31.42
N TRP EA 217 55.48 67.18 32.71
CA TRP EA 217 55.32 68.33 33.57
C TRP EA 217 56.69 68.87 33.91
N GLN EA 218 56.77 70.19 34.06
CA GLN EA 218 57.99 70.81 34.54
C GLN EA 218 57.70 71.72 35.71
N ARG EA 219 58.72 71.94 36.53
CA ARG EA 219 58.68 72.91 37.61
C ARG EA 219 59.91 73.80 37.47
N ASP EA 220 59.67 75.12 37.42
CA ASP EA 220 60.73 76.10 37.15
C ASP EA 220 61.61 75.69 35.95
N GLY EA 221 60.96 75.24 34.89
CA GLY EA 221 61.65 74.85 33.66
C GLY EA 221 62.33 73.49 33.67
N GLU EA 222 62.41 72.87 34.85
CA GLU EA 222 63.10 71.57 35.04
C GLU EA 222 62.10 70.42 35.07
N ASP EA 223 62.54 69.24 34.67
CA ASP EA 223 61.63 68.08 34.55
C ASP EA 223 61.27 67.42 35.90
N GLN EA 224 60.01 67.01 36.02
CA GLN EA 224 59.47 66.35 37.21
C GLN EA 224 59.18 64.88 36.91
N THR EA 225 60.14 64.19 36.33
CA THR EA 225 59.93 62.82 35.84
C THR EA 225 59.55 61.77 36.90
N GLN EA 226 59.72 62.08 38.18
CA GLN EA 226 59.43 61.12 39.26
C GLN EA 226 58.19 61.44 40.10
N ASP EA 227 57.75 62.69 40.04
CA ASP EA 227 56.72 63.20 40.94
C ASP EA 227 55.37 63.32 40.20
N THR EA 228 55.18 62.49 39.17
CA THR EA 228 54.15 62.70 38.15
C THR EA 228 53.52 61.39 37.68
N GLU EA 229 52.19 61.29 37.77
CA GLU EA 229 51.46 60.08 37.36
C GLU EA 229 51.08 60.17 35.86
N LEU EA 230 51.38 59.12 35.09
CA LEU EA 230 51.10 59.06 33.65
C LEU EA 230 50.17 57.90 33.38
N VAL EA 231 48.98 58.12 32.83
CA VAL EA 231 48.18 56.98 32.43
C VAL EA 231 48.66 56.45 31.10
N GLU EA 232 48.42 55.17 30.88
CA GLU EA 232 48.63 54.54 29.59
C GLU EA 232 47.69 55.14 28.54
N THR EA 233 48.25 55.51 27.39
CA THR EA 233 47.48 56.06 26.28
C THR EA 233 46.39 55.09 25.87
N ARG EA 234 45.22 55.61 25.54
CA ARG EA 234 44.04 54.77 25.41
C ARG EA 234 43.19 55.21 24.23
N PRO EA 235 42.54 54.24 23.59
CA PRO EA 235 41.71 54.52 22.44
C PRO EA 235 40.43 55.24 22.84
N ALA EA 236 40.04 56.25 22.06
CA ALA EA 236 38.78 56.94 22.27
C ALA EA 236 37.60 56.13 21.71
N GLY EA 237 37.85 55.28 20.71
CA GLY EA 237 36.81 54.47 20.07
C GLY EA 237 36.40 54.99 18.69
N ASP EA 238 37.03 56.08 18.26
CA ASP EA 238 36.70 56.75 17.00
C ASP EA 238 37.94 56.92 16.12
N GLY EA 239 38.98 56.14 16.39
CA GLY EA 239 40.24 56.22 15.66
C GLY EA 239 41.30 57.08 16.36
N THR EA 240 40.88 57.88 17.34
CA THR EA 240 41.81 58.79 18.02
C THR EA 240 42.19 58.26 19.41
N PHE EA 241 43.06 58.99 20.10
CA PHE EA 241 43.60 58.52 21.35
C PHE EA 241 43.49 59.56 22.44
N GLN EA 242 43.83 59.16 23.65
CA GLN EA 242 43.76 60.05 24.80
C GLN EA 242 44.83 59.71 25.81
N LYS EA 243 45.25 60.70 26.57
CA LYS EA 243 46.25 60.52 27.59
C LYS EA 243 46.18 61.68 28.55
N TRP EA 244 46.57 61.45 29.80
CA TRP EA 244 46.77 62.50 30.77
C TRP EA 244 47.99 62.23 31.67
N ALA EA 245 48.46 63.31 32.29
CA ALA EA 245 49.55 63.26 33.26
C ALA EA 245 49.20 64.19 34.41
N ALA EA 246 49.47 63.75 35.63
CA ALA EA 246 49.17 64.55 36.81
C ALA EA 246 50.32 64.61 37.82
N VAL EA 247 50.19 65.55 38.76
CA VAL EA 247 51.23 65.97 39.65
C VAL EA 247 50.58 66.73 40.81
N VAL EA 248 51.04 66.46 42.02
CA VAL EA 248 50.50 67.09 43.22
C VAL EA 248 51.49 68.18 43.62
N VAL EA 249 50.99 69.41 43.79
CA VAL EA 249 51.85 70.55 44.11
C VAL EA 249 51.38 71.24 45.39
N PRO EA 250 52.32 71.76 46.20
CA PRO EA 250 51.90 72.49 47.39
C PRO EA 250 51.28 73.82 46.98
N SER EA 251 50.43 74.39 47.85
CA SER EA 251 49.54 75.48 47.43
C SER EA 251 50.29 76.79 47.23
N GLY EA 252 49.91 77.52 46.18
CA GLY EA 252 50.61 78.75 45.81
C GLY EA 252 51.68 78.53 44.75
N GLN EA 253 52.15 77.30 44.61
CA GLN EA 253 53.23 76.97 43.67
C GLN EA 253 52.72 76.67 42.25
N GLU EA 254 51.41 76.79 42.02
CA GLU EA 254 50.77 76.43 40.74
C GLU EA 254 51.48 77.05 39.53
N GLN EA 255 51.72 78.35 39.60
CA GLN EA 255 52.32 79.10 38.50
C GLN EA 255 53.77 78.67 38.15
N ARG EA 256 54.42 77.93 39.04
CA ARG EA 256 55.74 77.36 38.75
C ARG EA 256 55.63 76.25 37.71
N TYR EA 257 54.53 75.50 37.73
CA TYR EA 257 54.41 74.28 36.96
C TYR EA 257 53.89 74.52 35.55
N THR EA 258 54.40 73.74 34.60
CA THR EA 258 54.10 73.88 33.19
C THR EA 258 53.92 72.50 32.58
N CYS EA 259 52.94 72.35 31.69
CA CYS EA 259 52.72 71.08 31.03
C CYS EA 259 53.16 71.16 29.57
N HIS EA 260 53.88 70.15 29.12
CA HIS EA 260 54.49 70.14 27.81
C HIS EA 260 54.02 68.95 27.01
N VAL EA 261 53.80 69.17 25.72
CA VAL EA 261 53.20 68.17 24.86
C VAL EA 261 53.93 68.13 23.52
N GLN EA 262 54.29 66.94 23.07
CA GLN EA 262 54.92 66.77 21.74
C GLN EA 262 54.09 65.78 20.95
N HIS EA 263 53.71 66.14 19.74
CA HIS EA 263 52.96 65.23 18.89
C HIS EA 263 53.24 65.55 17.42
N GLU EA 264 53.23 64.52 16.58
CA GLU EA 264 53.46 64.70 15.15
C GLU EA 264 52.61 65.81 14.51
N GLY EA 265 51.35 65.89 14.91
CA GLY EA 265 50.40 66.85 14.33
C GLY EA 265 50.49 68.28 14.84
N LEU EA 266 51.39 68.54 15.79
CA LEU EA 266 51.60 69.88 16.33
C LEU EA 266 52.73 70.59 15.56
N PRO EA 267 52.46 71.81 15.04
CA PRO EA 267 53.54 72.56 14.39
C PRO EA 267 54.82 72.59 15.22
N LYS EA 268 54.68 72.77 16.53
CA LYS EA 268 55.81 72.70 17.47
C LYS EA 268 55.29 72.41 18.87
N PRO EA 269 56.16 71.99 19.81
CA PRO EA 269 55.75 71.64 21.18
C PRO EA 269 54.86 72.69 21.88
N LEU EA 270 53.81 72.23 22.54
CA LEU EA 270 52.96 73.12 23.33
C LEU EA 270 53.55 73.27 24.72
N THR EA 271 53.43 74.47 25.28
CA THR EA 271 53.72 74.68 26.68
C THR EA 271 52.48 75.31 27.31
N LEU EA 272 51.89 74.59 28.25
CA LEU EA 272 50.66 75.04 28.89
C LEU EA 272 50.98 75.50 30.30
N ARG EA 273 50.64 76.76 30.59
CA ARG EA 273 51.07 77.44 31.82
C ARG EA 273 49.87 77.86 32.66
N TRP EA 274 50.11 78.15 33.94
CA TRP EA 274 49.04 78.54 34.84
C TRP EA 274 48.91 80.08 34.90
N GLU EA 275 48.39 80.63 33.80
CA GLU EA 275 48.23 82.07 33.62
C GLU EA 275 47.08 82.62 34.50
N PRO EA 276 47.43 83.40 35.54
CA PRO EA 276 46.43 83.86 36.52
C PRO EA 276 45.17 84.48 35.90
N MET FA 1 52.97 28.53 32.61
CA MET FA 1 52.57 29.72 31.82
C MET FA 1 52.91 31.00 32.55
N ILE FA 2 52.73 32.13 31.86
CA ILE FA 2 52.71 33.42 32.52
C ILE FA 2 51.27 33.90 32.65
N GLN FA 3 51.04 34.67 33.69
CA GLN FA 3 49.73 35.22 33.97
C GLN FA 3 49.88 36.66 34.37
N ARG FA 4 49.32 37.54 33.56
CA ARG FA 4 49.41 38.97 33.81
C ARG FA 4 48.05 39.48 34.20
N THR FA 5 48.02 40.36 35.19
CA THR FA 5 46.77 40.90 35.69
C THR FA 5 46.36 42.13 34.82
N PRO FA 6 45.04 42.31 34.59
CA PRO FA 6 44.62 43.36 33.69
C PRO FA 6 44.63 44.77 34.30
N LYS FA 7 45.06 45.75 33.52
CA LYS FA 7 44.86 47.16 33.86
C LYS FA 7 43.53 47.63 33.27
N ILE FA 8 42.87 48.56 33.97
CA ILE FA 8 41.52 48.97 33.66
C ILE FA 8 41.45 50.49 33.65
N GLN FA 9 40.85 51.06 32.63
CA GLN FA 9 40.48 52.47 32.65
C GLN FA 9 39.03 52.54 32.22
N VAL FA 10 38.25 53.40 32.88
CA VAL FA 10 36.87 53.66 32.53
C VAL FA 10 36.75 55.14 32.22
N TYR FA 11 36.15 55.47 31.09
CA TYR FA 11 36.11 56.85 30.62
C TYR FA 11 35.12 56.99 29.47
N SER FA 12 34.94 58.20 28.97
CA SER FA 12 33.97 58.47 27.91
C SER FA 12 34.71 58.96 26.69
N ARG FA 13 34.14 58.69 25.53
CA ARG FA 13 34.79 59.00 24.24
C ARG FA 13 35.02 60.50 24.07
N HIS FA 14 34.00 61.29 24.41
CA HIS FA 14 34.08 62.76 24.35
C HIS FA 14 33.92 63.29 25.76
N PRO FA 15 34.31 64.56 26.00
CA PRO FA 15 34.10 65.05 27.37
C PRO FA 15 32.63 64.99 27.77
N ALA FA 16 32.39 64.55 29.00
CA ALA FA 16 31.05 64.26 29.50
C ALA FA 16 30.27 65.54 29.72
N GLU FA 17 29.06 65.58 29.15
CA GLU FA 17 28.12 66.62 29.43
C GLU FA 17 26.80 65.94 29.77
N ASN FA 18 26.28 66.23 30.96
CA ASN FA 18 25.00 65.68 31.36
C ASN FA 18 23.94 66.03 30.34
N GLY FA 19 23.18 65.01 29.91
CA GLY FA 19 22.13 65.16 28.91
C GLY FA 19 22.54 65.04 27.45
N LYS FA 20 23.84 64.98 27.18
CA LYS FA 20 24.37 64.81 25.81
C LYS FA 20 24.89 63.40 25.61
N SER FA 21 24.40 62.72 24.59
CA SER FA 21 24.83 61.34 24.33
C SER FA 21 26.32 61.27 24.00
N ASN FA 22 26.91 60.10 24.27
CA ASN FA 22 28.34 59.93 24.32
C ASN FA 22 28.58 58.43 24.32
N PHE FA 23 29.84 58.00 24.40
CA PHE FA 23 30.13 56.59 24.53
C PHE FA 23 30.86 56.42 25.82
N LEU FA 24 30.49 55.36 26.56
CA LEU FA 24 31.17 54.98 27.80
C LEU FA 24 32.09 53.84 27.48
N ASN FA 25 33.36 53.99 27.82
CA ASN FA 25 34.40 53.03 27.49
C ASN FA 25 34.98 52.33 28.70
N CYS FA 26 35.36 51.06 28.50
CA CYS FA 26 36.21 50.35 29.44
C CYS FA 26 37.40 49.71 28.69
N TYR FA 27 38.58 50.26 28.92
CA TYR FA 27 39.79 49.77 28.30
C TYR FA 27 40.50 48.81 29.25
N VAL FA 28 40.59 47.54 28.87
CA VAL FA 28 41.29 46.53 29.67
C VAL FA 28 42.50 46.12 28.87
N SER FA 29 43.66 46.12 29.51
CA SER FA 29 44.91 45.79 28.82
C SER FA 29 45.94 45.18 29.74
N GLY FA 30 47.04 44.71 29.14
CA GLY FA 30 48.15 44.12 29.87
C GLY FA 30 47.91 42.73 30.47
N PHE FA 31 46.92 41.98 29.96
CA PHE FA 31 46.52 40.71 30.59
C PHE FA 31 46.85 39.45 29.80
N HIS FA 32 46.89 38.33 30.50
CA HIS FA 32 47.19 37.03 29.91
C HIS FA 32 46.78 36.00 30.94
N PRO FA 33 46.04 34.97 30.53
CA PRO FA 33 45.60 34.63 29.18
C PRO FA 33 44.49 35.54 28.70
N SER FA 34 43.83 35.19 27.59
CA SER FA 34 42.90 36.13 26.92
C SER FA 34 41.44 36.03 27.38
N ASP FA 35 41.06 34.92 28.00
CA ASP FA 35 39.69 34.79 28.51
C ASP FA 35 39.49 35.81 29.62
N ILE FA 36 38.41 36.57 29.51
CA ILE FA 36 38.17 37.70 30.37
C ILE FA 36 36.71 38.09 30.27
N GLU FA 37 36.13 38.53 31.39
CA GLU FA 37 34.73 38.97 31.45
C GLU FA 37 34.73 40.47 31.69
N VAL FA 38 34.00 41.21 30.85
CA VAL FA 38 33.84 42.63 31.09
C VAL FA 38 32.37 43.01 30.98
N ASP FA 39 31.83 43.55 32.07
CA ASP FA 39 30.49 44.15 32.04
C ASP FA 39 30.61 45.61 32.35
N LEU FA 40 29.77 46.40 31.70
CA LEU FA 40 29.55 47.79 32.03
C LEU FA 40 28.29 47.87 32.90
N LEU FA 41 28.37 48.65 33.97
CA LEU FA 41 27.30 48.75 34.96
C LEU FA 41 26.65 50.13 34.99
N LYS FA 42 25.32 50.16 35.05
CA LYS FA 42 24.56 51.38 35.32
C LYS FA 42 23.82 51.20 36.63
N ASN FA 43 24.29 51.90 37.66
CA ASN FA 43 23.73 51.79 39.00
C ASN FA 43 23.76 50.34 39.52
N GLY FA 44 24.85 49.65 39.23
CA GLY FA 44 25.05 48.28 39.69
C GLY FA 44 24.55 47.17 38.78
N GLU FA 45 23.67 47.50 37.83
CA GLU FA 45 23.13 46.50 36.88
C GLU FA 45 23.94 46.51 35.58
N ARG FA 46 24.05 45.35 34.92
CA ARG FA 46 24.86 45.25 33.71
C ARG FA 46 24.09 45.79 32.51
N ILE FA 47 24.80 46.52 31.64
CA ILE FA 47 24.21 47.07 30.42
C ILE FA 47 24.30 45.99 29.34
N GLU FA 48 23.34 46.00 28.42
CA GLU FA 48 23.14 44.85 27.54
C GLU FA 48 23.84 44.95 26.20
N LYS FA 49 23.43 45.89 25.36
CA LYS FA 49 24.03 45.98 24.03
C LYS FA 49 25.39 46.67 24.12
N VAL FA 50 26.38 45.90 24.59
CA VAL FA 50 27.75 46.37 24.76
C VAL FA 50 28.59 45.71 23.71
N GLU FA 51 29.51 46.47 23.13
CA GLU FA 51 30.36 45.93 22.09
C GLU FA 51 31.81 45.98 22.51
N HIS FA 52 32.65 45.25 21.79
CA HIS FA 52 34.08 45.31 22.01
C HIS FA 52 34.86 45.14 20.74
N SER FA 53 36.05 45.73 20.76
CA SER FA 53 37.01 45.61 19.69
C SER FA 53 37.49 44.18 19.56
N ASP FA 54 38.07 43.88 18.40
CA ASP FA 54 38.66 42.61 18.13
C ASP FA 54 39.96 42.49 18.89
N LEU FA 55 40.18 41.33 19.48
CA LEU FA 55 41.34 41.05 20.32
C LEU FA 55 42.64 41.21 19.53
N SER FA 56 43.54 42.00 20.06
CA SER FA 56 44.92 42.08 19.60
C SER FA 56 45.79 42.19 20.84
N PHE FA 57 47.10 42.38 20.65
CA PHE FA 57 48.04 42.35 21.77
C PHE FA 57 49.25 43.25 21.55
N SER FA 58 50.03 43.43 22.62
CA SER FA 58 51.15 44.36 22.62
C SER FA 58 52.48 43.67 22.35
N LYS FA 59 53.50 44.49 22.25
CA LYS FA 59 54.87 44.06 22.07
C LYS FA 59 55.24 42.93 23.03
N ASP FA 60 54.82 43.04 24.29
CA ASP FA 60 55.13 42.03 25.31
C ASP FA 60 54.18 40.81 25.29
N TRP FA 61 53.34 40.71 24.26
CA TRP FA 61 52.36 39.62 24.08
C TRP FA 61 51.10 39.73 24.93
N SER FA 62 50.99 40.76 25.77
CA SER FA 62 49.81 40.91 26.62
C SER FA 62 48.68 41.47 25.79
N PHE FA 63 47.46 41.04 26.09
CA PHE FA 63 46.31 41.43 25.28
C PHE FA 63 45.72 42.74 25.76
N TYR FA 64 45.00 43.39 24.86
CA TYR FA 64 44.15 44.53 25.21
C TYR FA 64 42.83 44.46 24.43
N LEU FA 65 41.84 45.20 24.95
CA LEU FA 65 40.48 45.18 24.40
C LEU FA 65 39.72 46.39 24.90
N LEU FA 66 38.88 46.94 24.03
CA LEU FA 66 38.01 48.05 24.42
C LEU FA 66 36.57 47.60 24.33
N TYR FA 67 35.82 47.77 25.42
CA TYR FA 67 34.37 47.52 25.45
C TYR FA 67 33.64 48.86 25.54
N TYR FA 68 32.59 49.04 24.76
CA TYR FA 68 31.90 50.33 24.66
C TYR FA 68 30.40 50.20 24.45
N THR FA 69 29.68 51.26 24.82
CA THR FA 69 28.25 51.31 24.66
C THR FA 69 27.80 52.77 24.61
N GLU FA 70 26.84 53.07 23.74
CA GLU FA 70 26.31 54.43 23.60
C GLU FA 70 25.53 54.73 24.84
N PHE FA 71 25.58 55.98 25.29
CA PHE FA 71 24.85 56.39 26.49
C PHE FA 71 24.74 57.88 26.62
N THR FA 72 23.90 58.30 27.57
CA THR FA 72 23.66 59.71 27.81
C THR FA 72 23.75 59.95 29.29
N PRO FA 73 24.88 60.50 29.78
CA PRO FA 73 25.02 60.76 31.22
C PRO FA 73 24.02 61.77 31.79
N THR FA 74 23.60 61.54 33.02
CA THR FA 74 22.84 62.54 33.80
C THR FA 74 23.37 62.38 35.20
N GLU FA 75 23.15 63.36 36.07
CA GLU FA 75 23.82 63.38 37.37
C GLU FA 75 23.32 62.26 38.31
N LYS FA 76 22.07 61.84 38.10
CA LYS FA 76 21.42 60.83 38.96
C LYS FA 76 21.99 59.40 38.80
N ASN FA 77 22.78 59.15 37.78
CA ASN FA 77 23.19 57.80 37.42
C ASN FA 77 24.68 57.56 37.56
N GLU FA 78 25.01 56.38 38.09
CA GLU FA 78 26.39 55.95 38.33
C GLU FA 78 26.78 54.86 37.33
N TYR FA 79 27.99 54.95 36.80
CA TYR FA 79 28.48 53.97 35.83
C TYR FA 79 29.81 53.39 36.26
N ALA FA 80 30.05 52.14 35.93
CA ALA FA 80 31.24 51.43 36.38
C ALA FA 80 31.57 50.26 35.45
N CYS FA 81 32.83 49.87 35.40
CA CYS FA 81 33.22 48.69 34.63
C CYS FA 81 33.37 47.54 35.61
N ARG FA 82 32.98 46.33 35.22
CA ARG FA 82 33.22 45.13 36.05
C ARG FA 82 33.99 44.08 35.27
N VAL FA 83 35.07 43.59 35.87
CA VAL FA 83 36.02 42.75 35.16
C VAL FA 83 36.33 41.50 35.96
N ASN FA 84 36.22 40.32 35.33
CA ASN FA 84 36.83 39.15 35.96
C ASN FA 84 37.86 38.51 35.06
N HIS FA 85 38.83 37.86 35.68
CA HIS FA 85 39.93 37.25 34.96
C HIS FA 85 40.53 36.18 35.88
N VAL FA 86 41.23 35.23 35.30
CA VAL FA 86 41.82 34.17 36.09
C VAL FA 86 42.81 34.67 37.18
N THR FA 87 43.32 35.89 37.05
CA THR FA 87 44.36 36.42 37.95
C THR FA 87 43.81 37.22 39.12
N LEU FA 88 42.50 37.46 39.11
CA LEU FA 88 41.81 38.18 40.18
C LEU FA 88 41.13 37.18 41.12
N SER FA 89 41.19 37.47 42.42
CA SER FA 89 40.57 36.61 43.41
C SER FA 89 39.08 36.93 43.48
N GLN FA 90 38.69 38.06 42.91
CA GLN FA 90 37.29 38.41 42.78
C GLN FA 90 37.07 39.45 41.69
N PRO FA 91 35.82 39.67 41.29
CA PRO FA 91 35.58 40.72 40.30
C PRO FA 91 36.10 42.08 40.77
N LYS FA 92 36.66 42.85 39.84
CA LYS FA 92 37.11 44.21 40.13
C LYS FA 92 36.15 45.20 39.52
N ILE FA 93 35.71 46.15 40.34
CA ILE FA 93 34.75 47.17 39.94
C ILE FA 93 35.40 48.53 40.02
N VAL FA 94 35.65 49.12 38.84
CA VAL FA 94 36.23 50.46 38.76
C VAL FA 94 35.15 51.44 38.33
N LYS FA 95 34.83 52.38 39.19
CA LYS FA 95 33.76 53.36 38.95
C LYS FA 95 34.21 54.40 37.96
N TRP FA 96 33.27 54.91 37.17
CA TRP FA 96 33.55 56.00 36.24
C TRP FA 96 33.59 57.37 36.94
N ASP FA 97 34.78 57.99 36.93
CA ASP FA 97 34.97 59.36 37.36
C ASP FA 97 34.97 60.24 36.12
N ARG FA 98 34.08 61.22 36.07
CA ARG FA 98 34.00 62.12 34.91
C ARG FA 98 35.28 62.93 34.63
N ASP FA 99 36.22 62.93 35.59
CA ASP FA 99 37.43 63.75 35.49
C ASP FA 99 38.72 62.90 35.63
N MET FA 100 38.67 61.68 35.10
CA MET FA 100 39.84 60.80 34.99
C MET FA 100 39.73 59.91 33.73
N TYR GA 1 47.61 42.50 3.05
CA TYR GA 1 47.81 41.31 2.16
C TYR GA 1 48.62 40.28 2.93
N LEU GA 2 48.01 39.13 3.20
CA LEU GA 2 48.64 38.07 3.99
C LEU GA 2 49.68 37.30 3.21
N LEU GA 3 50.47 36.50 3.92
CA LEU GA 3 51.30 35.45 3.33
C LEU GA 3 50.43 34.40 2.63
N MET GA 4 50.95 33.72 1.61
CA MET GA 4 50.18 32.71 0.89
C MET GA 4 50.09 31.41 1.69
N TRP GA 5 51.05 31.19 2.59
CA TRP GA 5 50.93 30.13 3.57
C TRP GA 5 51.94 30.31 4.66
N ILE GA 6 51.73 29.62 5.77
CA ILE GA 6 52.68 29.63 6.85
C ILE GA 6 53.06 28.20 7.20
N THR GA 7 54.35 27.96 7.39
CA THR GA 7 54.87 26.61 7.67
C THR GA 7 54.66 26.20 9.14
N GLN GA 8 54.36 24.91 9.33
CA GLN GA 8 54.14 24.36 10.67
C GLN GA 8 55.36 24.46 11.55
N VAL GA 9 55.11 24.53 12.85
CA VAL GA 9 56.18 24.65 13.82
C VAL GA 9 56.74 23.25 14.12
N GLY HA 1 -55.97 60.99 -56.96
CA GLY HA 1 -55.75 60.63 -55.52
C GLY HA 1 -56.60 61.45 -54.58
N SER HA 2 -57.83 61.00 -54.36
CA SER HA 2 -58.76 61.68 -53.47
C SER HA 2 -58.29 61.59 -52.03
N HIS HA 3 -58.94 62.38 -51.18
CA HIS HA 3 -58.67 62.37 -49.74
C HIS HA 3 -59.97 62.57 -48.97
N SER HA 4 -59.99 62.16 -47.72
CA SER HA 4 -61.20 62.21 -46.91
C SER HA 4 -60.85 62.63 -45.50
N MET HA 5 -61.80 63.31 -44.86
CA MET HA 5 -61.76 63.53 -43.43
C MET HA 5 -63.08 63.06 -42.89
N ARG HA 6 -63.01 62.17 -41.91
CA ARG HA 6 -64.20 61.54 -41.38
C ARG HA 6 -64.14 61.50 -39.88
N TYR HA 7 -65.31 61.62 -39.27
CA TYR HA 7 -65.46 61.56 -37.83
C TYR HA 7 -66.47 60.49 -37.47
N PHE HA 8 -66.07 59.61 -36.56
CA PHE HA 8 -66.91 58.50 -36.15
C PHE HA 8 -67.26 58.66 -34.67
N PHE HA 9 -68.56 58.55 -34.34
CA PHE HA 9 -69.03 58.70 -32.96
C PHE HA 9 -69.91 57.54 -32.54
N THR HA 10 -69.64 56.99 -31.37
CA THR HA 10 -70.43 55.92 -30.81
C THR HA 10 -70.94 56.33 -29.42
N SER HA 11 -72.24 56.12 -29.18
CA SER HA 11 -72.83 56.35 -27.87
C SER HA 11 -73.63 55.16 -27.44
N VAL HA 12 -73.49 54.76 -26.19
CA VAL HA 12 -74.07 53.52 -25.71
C VAL HA 12 -74.56 53.76 -24.29
N SER HA 13 -75.84 53.48 -24.02
CA SER HA 13 -76.38 53.72 -22.67
C SER HA 13 -76.05 52.55 -21.78
N ARG HA 14 -76.01 52.80 -20.48
CA ARG HA 14 -75.58 51.80 -19.52
C ARG HA 14 -76.50 51.83 -18.32
N PRO HA 15 -77.80 51.63 -18.54
CA PRO HA 15 -78.71 51.66 -17.41
C PRO HA 15 -78.29 50.66 -16.32
N GLY HA 16 -78.10 51.16 -15.10
CA GLY HA 16 -77.77 50.32 -13.96
C GLY HA 16 -76.29 50.25 -13.66
N ARG HA 17 -75.45 50.64 -14.62
CA ARG HA 17 -74.00 50.59 -14.43
C ARG HA 17 -73.35 51.96 -14.35
N GLY HA 18 -73.91 52.96 -15.02
CA GLY HA 18 -73.30 54.29 -14.99
C GLY HA 18 -74.07 55.32 -15.79
N GLU HA 19 -73.33 56.24 -16.40
CA GLU HA 19 -73.89 57.15 -17.39
C GLU HA 19 -73.23 56.81 -18.73
N PRO HA 20 -73.82 57.27 -19.84
CA PRO HA 20 -73.52 56.60 -21.10
C PRO HA 20 -72.11 56.83 -21.62
N ARG HA 21 -71.61 55.84 -22.34
CA ARG HA 21 -70.28 55.88 -22.93
C ARG HA 21 -70.31 56.67 -24.21
N PHE HA 22 -69.33 57.56 -24.39
CA PHE HA 22 -69.18 58.31 -25.64
C PHE HA 22 -67.77 58.16 -26.20
N ILE HA 23 -67.63 57.82 -27.47
CA ILE HA 23 -66.30 57.68 -28.08
C ILE HA 23 -66.26 58.31 -29.45
N ALA HA 24 -65.38 59.27 -29.65
CA ALA HA 24 -65.23 59.93 -30.94
C ALA HA 24 -63.84 59.69 -31.49
N VAL HA 25 -63.75 59.50 -32.79
CA VAL HA 25 -62.46 59.38 -33.45
C VAL HA 25 -62.52 60.10 -34.78
N GLY HA 26 -61.41 60.77 -35.10
CA GLY HA 26 -61.29 61.49 -36.34
C GLY HA 26 -60.20 60.83 -37.18
N TYR HA 27 -60.49 60.70 -38.46
CA TYR HA 27 -59.56 60.14 -39.43
C TYR HA 27 -59.29 61.13 -40.54
N VAL HA 28 -58.09 61.05 -41.11
CA VAL HA 28 -57.82 61.62 -42.43
C VAL HA 28 -57.31 60.45 -43.27
N ASP HA 29 -58.02 60.16 -44.36
CA ASP HA 29 -57.84 58.93 -45.12
C ASP HA 29 -57.87 57.75 -44.16
N ASP HA 30 -56.87 56.87 -44.20
CA ASP HA 30 -56.89 55.68 -43.36
C ASP HA 30 -56.11 55.87 -42.06
N THR HA 31 -55.76 57.13 -41.77
CA THR HA 31 -54.98 57.50 -40.58
C THR HA 31 -55.80 58.23 -39.50
N GLN HA 32 -55.90 57.63 -38.32
CA GLN HA 32 -56.58 58.28 -37.19
C GLN HA 32 -55.69 59.38 -36.68
N PHE HA 33 -56.27 60.58 -36.48
CA PHE HA 33 -55.52 61.74 -35.98
C PHE HA 33 -55.96 62.29 -34.60
N VAL HA 34 -57.17 61.98 -34.15
CA VAL HA 34 -57.65 62.39 -32.81
C VAL HA 34 -58.60 61.34 -32.24
N ARG HA 35 -58.78 61.38 -30.92
CA ARG HA 35 -59.79 60.61 -30.21
C ARG HA 35 -60.32 61.31 -28.96
N PHE HA 36 -61.56 61.01 -28.60
CA PHE HA 36 -62.08 61.36 -27.28
C PHE HA 36 -62.84 60.17 -26.70
N ASP HA 37 -62.73 59.99 -25.38
CA ASP HA 37 -63.42 58.88 -24.71
C ASP HA 37 -63.92 59.33 -23.35
N SER HA 38 -65.24 59.25 -23.15
CA SER HA 38 -65.84 59.70 -21.90
C SER HA 38 -65.19 59.04 -20.68
N ASP HA 39 -64.78 57.78 -20.82
CA ASP HA 39 -64.20 57.03 -19.71
C ASP HA 39 -62.69 57.27 -19.48
N ALA HA 40 -62.07 58.09 -20.31
CA ALA HA 40 -60.63 58.35 -20.16
C ALA HA 40 -60.37 59.43 -19.10
N ALA HA 41 -59.12 59.59 -18.71
CA ALA HA 41 -58.77 60.50 -17.63
C ALA HA 41 -58.69 61.96 -18.08
N SER HA 42 -58.14 62.19 -19.27
CA SER HA 42 -57.88 63.54 -19.78
C SER HA 42 -59.15 64.40 -19.88
N GLN HA 43 -60.22 63.78 -20.35
CA GLN HA 43 -61.45 64.49 -20.73
C GLN HA 43 -61.12 65.60 -21.72
N ARG HA 44 -60.29 65.27 -22.69
CA ARG HA 44 -59.93 66.19 -23.75
C ARG HA 44 -59.98 65.40 -25.05
N MET HA 45 -60.08 66.13 -26.17
CA MET HA 45 -59.80 65.55 -27.46
C MET HA 45 -58.27 65.38 -27.52
N GLU HA 46 -57.81 64.13 -27.61
CA GLU HA 46 -56.38 63.83 -27.57
C GLU HA 46 -55.81 63.58 -28.99
N PRO HA 47 -54.54 63.94 -29.21
CA PRO HA 47 -53.90 63.70 -30.49
C PRO HA 47 -53.44 62.23 -30.66
N ARG HA 48 -53.60 61.71 -31.88
CA ARG HA 48 -53.19 60.35 -32.23
C ARG HA 48 -52.32 60.27 -33.50
N ALA HA 49 -51.90 61.41 -34.05
CA ALA HA 49 -50.95 61.42 -35.14
C ALA HA 49 -50.00 62.59 -34.94
N PRO HA 50 -48.70 62.40 -35.23
CA PRO HA 50 -47.67 63.39 -34.90
C PRO HA 50 -47.99 64.79 -35.42
N TRP HA 51 -48.52 64.86 -36.65
CA TRP HA 51 -48.71 66.14 -37.31
C TRP HA 51 -49.82 66.99 -36.72
N ILE HA 52 -50.80 66.38 -36.04
CA ILE HA 52 -51.83 67.18 -35.37
C ILE HA 52 -51.28 67.82 -34.09
N GLU HA 53 -50.23 67.23 -33.52
CA GLU HA 53 -49.64 67.72 -32.28
C GLU HA 53 -49.23 69.18 -32.38
N GLN HA 54 -48.85 69.62 -33.58
CA GLN HA 54 -48.38 71.01 -33.80
C GLN HA 54 -49.47 72.10 -33.70
N GLU HA 55 -50.74 71.72 -33.66
CA GLU HA 55 -51.80 72.72 -33.49
C GLU HA 55 -51.72 73.25 -32.06
N GLY HA 56 -52.05 74.53 -31.87
CA GLY HA 56 -51.93 75.18 -30.58
C GLY HA 56 -53.06 74.91 -29.60
N PRO HA 57 -52.96 75.46 -28.38
CA PRO HA 57 -53.96 75.34 -27.32
C PRO HA 57 -55.38 75.69 -27.74
N GLU HA 58 -55.54 76.67 -28.61
CA GLU HA 58 -56.86 77.09 -29.07
C GLU HA 58 -57.52 75.99 -29.89
N TYR HA 59 -56.72 75.25 -30.68
CA TYR HA 59 -57.27 74.12 -31.42
C TYR HA 59 -57.82 73.11 -30.43
N TRP HA 60 -57.02 72.78 -29.41
CA TRP HA 60 -57.35 71.69 -28.50
C TRP HA 60 -58.48 72.03 -27.54
N ASP HA 61 -58.57 73.30 -27.18
CA ASP HA 61 -59.68 73.75 -26.35
C ASP HA 61 -60.97 73.69 -27.14
N GLY HA 62 -60.95 74.17 -28.38
CA GLY HA 62 -62.13 74.25 -29.24
C GLY HA 62 -62.71 72.89 -29.55
N GLU HA 63 -61.85 71.99 -30.00
CA GLU HA 63 -62.26 70.63 -30.34
C GLU HA 63 -62.82 69.89 -29.11
N THR HA 64 -62.16 70.03 -27.97
CA THR HA 64 -62.60 69.42 -26.71
C THR HA 64 -64.00 69.90 -26.35
N ARG HA 65 -64.18 71.21 -26.40
CA ARG HA 65 -65.48 71.84 -26.17
C ARG HA 65 -66.53 71.28 -27.12
N LYS HA 66 -66.21 71.24 -28.40
CA LYS HA 66 -67.14 70.78 -29.44
C LYS HA 66 -67.48 69.30 -29.25
N VAL HA 67 -66.49 68.51 -28.86
CA VAL HA 67 -66.71 67.08 -28.67
C VAL HA 67 -67.60 66.84 -27.45
N LYS HA 68 -67.43 67.64 -26.42
CA LYS HA 68 -68.32 67.56 -25.24
C LYS HA 68 -69.76 67.97 -25.58
N ALA HA 69 -69.93 68.96 -26.45
CA ALA HA 69 -71.26 69.35 -26.92
C ALA HA 69 -71.93 68.22 -27.73
N HIS HA 70 -71.14 67.52 -28.53
CA HIS HA 70 -71.64 66.39 -29.34
C HIS HA 70 -72.03 65.26 -28.42
N SER HA 71 -71.19 65.05 -27.40
CA SER HA 71 -71.46 64.06 -26.38
C SER HA 71 -72.80 64.30 -25.73
N GLN HA 72 -73.10 65.55 -25.38
CA GLN HA 72 -74.35 65.89 -24.72
C GLN HA 72 -75.58 65.78 -25.63
N THR HA 73 -75.44 66.02 -26.94
CA THR HA 73 -76.59 65.85 -27.84
C THR HA 73 -76.90 64.38 -27.96
N HIS HA 74 -75.88 63.55 -28.07
CA HIS HA 74 -76.11 62.09 -28.09
C HIS HA 74 -76.75 61.55 -26.81
N ARG HA 75 -76.43 62.17 -25.68
CA ARG HA 75 -77.00 61.78 -24.40
C ARG HA 75 -78.52 62.01 -24.39
N VAL HA 76 -78.94 63.20 -24.80
CA VAL HA 76 -80.37 63.52 -24.96
C VAL HA 76 -81.00 62.62 -26.01
N ASP HA 77 -80.31 62.44 -27.13
CA ASP HA 77 -80.87 61.65 -28.24
C ASP HA 77 -81.17 60.20 -27.82
N LEU HA 78 -80.40 59.65 -26.89
CA LEU HA 78 -80.68 58.30 -26.44
C LEU HA 78 -82.06 58.22 -25.81
N GLY HA 79 -82.42 59.25 -25.05
CA GLY HA 79 -83.74 59.37 -24.45
C GLY HA 79 -84.86 59.48 -25.48
N THR HA 80 -84.71 60.40 -26.42
CA THR HA 80 -85.74 60.65 -27.42
C THR HA 80 -86.03 59.40 -28.25
N LEU HA 81 -84.98 58.69 -28.65
CA LEU HA 81 -85.14 57.50 -29.49
C LEU HA 81 -85.90 56.40 -28.74
N ARG HA 82 -85.58 56.23 -27.48
CA ARG HA 82 -86.32 55.33 -26.62
C ARG HA 82 -87.83 55.70 -26.59
N GLY HA 83 -88.12 57.01 -26.55
CA GLY HA 83 -89.49 57.53 -26.61
C GLY HA 83 -90.19 57.31 -27.94
N TYR HA 84 -89.48 57.51 -29.06
CA TYR HA 84 -90.07 57.26 -30.39
C TYR HA 84 -90.41 55.81 -30.64
N TYR HA 85 -89.55 54.90 -30.16
CA TYR HA 85 -89.74 53.46 -30.33
C TYR HA 85 -90.48 52.83 -29.15
N ASN HA 86 -90.76 53.65 -28.12
CA ASN HA 86 -91.52 53.23 -26.95
C ASN HA 86 -90.85 52.05 -26.28
N GLN HA 87 -89.56 52.21 -26.01
CA GLN HA 87 -88.78 51.15 -25.41
C GLN HA 87 -88.72 51.40 -23.91
N SER HA 88 -88.96 50.34 -23.12
CA SER HA 88 -88.82 50.43 -21.67
C SER HA 88 -87.42 51.00 -21.37
N GLU HA 89 -87.30 51.70 -20.26
CA GLU HA 89 -86.06 52.41 -19.95
C GLU HA 89 -84.96 51.52 -19.35
N ALA HA 90 -85.00 50.21 -19.62
CA ALA HA 90 -84.10 49.27 -18.96
C ALA HA 90 -83.20 48.47 -19.90
N GLY HA 91 -83.15 48.84 -21.17
CA GLY HA 91 -82.27 48.15 -22.11
C GLY HA 91 -81.07 49.01 -22.44
N SER HA 92 -79.98 48.37 -22.84
CA SER HA 92 -78.84 49.10 -23.39
C SER HA 92 -79.06 49.30 -24.89
N HIS HA 93 -78.88 50.53 -25.36
CA HIS HA 93 -79.03 50.84 -26.78
C HIS HA 93 -77.81 51.59 -27.30
N THR HA 94 -77.77 51.78 -28.61
CA THR HA 94 -76.58 52.28 -29.28
C THR HA 94 -76.97 53.29 -30.31
N VAL HA 95 -76.30 54.43 -30.32
CA VAL HA 95 -76.41 55.38 -31.40
C VAL HA 95 -75.04 55.53 -32.03
N GLN HA 96 -74.98 55.61 -33.35
CA GLN HA 96 -73.74 55.81 -34.09
C GLN HA 96 -73.96 56.87 -35.14
N ARG HA 97 -72.99 57.78 -35.27
CA ARG HA 97 -73.04 58.82 -36.28
C ARG HA 97 -71.69 58.90 -36.99
N MET HA 98 -71.74 59.22 -38.27
CA MET HA 98 -70.53 59.43 -39.08
C MET HA 98 -70.75 60.59 -40.04
N TYR HA 99 -69.83 61.54 -40.05
CA TYR HA 99 -69.86 62.60 -41.05
C TYR HA 99 -68.46 63.03 -41.43
N GLY HA 100 -68.40 63.75 -42.56
CA GLY HA 100 -67.15 64.24 -43.10
C GLY HA 100 -67.26 64.58 -44.57
N CYS HA 101 -66.14 64.93 -45.18
CA CYS HA 101 -66.09 65.38 -46.56
C CYS HA 101 -64.93 64.75 -47.34
N ASP HA 102 -65.09 64.71 -48.66
CA ASP HA 102 -64.07 64.21 -49.57
C ASP HA 102 -63.59 65.35 -50.47
N VAL HA 103 -62.31 65.33 -50.80
CA VAL HA 103 -61.82 66.15 -51.89
C VAL HA 103 -61.29 65.21 -52.97
N GLY HA 104 -61.42 65.65 -54.21
CA GLY HA 104 -60.77 64.99 -55.36
C GLY HA 104 -59.32 65.44 -55.49
N SER HA 105 -58.63 64.91 -56.50
CA SER HA 105 -57.18 65.12 -56.70
C SER HA 105 -56.76 66.57 -56.73
N ASP HA 106 -57.60 67.38 -57.38
CA ASP HA 106 -57.48 68.84 -57.37
C ASP HA 106 -57.60 69.48 -55.97
N TRP HA 107 -58.01 68.69 -54.96
CA TRP HA 107 -58.35 69.17 -53.61
C TRP HA 107 -59.57 70.10 -53.59
N ARG HA 108 -60.47 69.92 -54.55
CA ARG HA 108 -61.74 70.63 -54.56
C ARG HA 108 -62.76 69.76 -53.83
N PHE HA 109 -63.76 70.37 -53.20
CA PHE HA 109 -64.88 69.59 -52.68
C PHE HA 109 -65.32 68.59 -53.74
N LEU HA 110 -65.57 67.36 -53.32
CA LEU HA 110 -66.00 66.28 -54.20
C LEU HA 110 -67.32 65.71 -53.72
N ARG HA 111 -67.34 65.36 -52.43
CA ARG HA 111 -68.51 64.77 -51.80
C ARG HA 111 -68.44 65.03 -50.29
N GLY HA 112 -69.60 64.96 -49.64
CA GLY HA 112 -69.69 65.07 -48.20
C GLY HA 112 -70.83 64.18 -47.77
N TYR HA 113 -70.87 63.84 -46.49
CA TYR HA 113 -71.91 62.93 -46.02
C TYR HA 113 -72.14 63.06 -44.54
N HIS HA 114 -73.31 62.59 -44.13
CA HIS HA 114 -73.68 62.57 -42.73
C HIS HA 114 -74.71 61.49 -42.52
N GLN HA 115 -74.36 60.49 -41.71
CA GLN HA 115 -75.18 59.31 -41.51
C GLN HA 115 -75.44 59.06 -40.03
N TYR HA 116 -76.63 58.55 -39.70
CA TYR HA 116 -77.03 58.32 -38.32
C TYR HA 116 -77.74 56.98 -38.23
N ALA HA 117 -77.28 56.15 -37.29
CA ALA HA 117 -77.84 54.82 -37.08
C ALA HA 117 -78.18 54.63 -35.61
N TYR HA 118 -79.18 53.79 -35.37
CA TYR HA 118 -79.64 53.47 -34.03
C TYR HA 118 -79.76 51.96 -33.91
N ASP HA 119 -79.14 51.41 -32.88
CA ASP HA 119 -79.12 49.98 -32.63
C ASP HA 119 -78.68 49.17 -33.85
N GLY HA 120 -77.71 49.73 -34.58
CA GLY HA 120 -77.06 49.05 -35.70
C GLY HA 120 -77.68 49.15 -37.09
N LYS HA 121 -78.86 49.75 -37.24
CA LYS HA 121 -79.41 49.97 -38.60
C LYS HA 121 -79.58 51.45 -38.91
N ASP HA 122 -79.61 51.76 -40.20
CA ASP HA 122 -79.69 53.15 -40.66
C ASP HA 122 -80.91 53.80 -40.03
N TYR HA 123 -80.78 55.05 -39.65
CA TYR HA 123 -81.89 55.80 -39.09
C TYR HA 123 -82.18 57.00 -39.97
N ILE HA 124 -81.25 57.97 -40.00
CA ILE HA 124 -81.39 59.11 -40.91
C ILE HA 124 -80.06 59.42 -41.57
N ALA HA 125 -80.08 59.73 -42.86
CA ALA HA 125 -78.86 60.03 -43.62
C ALA HA 125 -79.07 61.22 -44.55
N LEU HA 126 -78.04 62.05 -44.69
CA LEU HA 126 -78.06 63.19 -45.60
C LEU HA 126 -77.79 62.69 -47.01
N LYS HA 127 -78.62 63.07 -47.96
CA LYS HA 127 -78.47 62.63 -49.36
C LYS HA 127 -77.29 63.35 -50.03
N GLU HA 128 -76.83 62.78 -51.13
CA GLU HA 128 -75.68 63.31 -51.88
C GLU HA 128 -75.79 64.80 -52.22
N ASP HA 129 -76.99 65.27 -52.60
CA ASP HA 129 -77.17 66.69 -52.97
C ASP HA 129 -76.96 67.65 -51.80
N LEU HA 130 -77.06 67.13 -50.57
CA LEU HA 130 -76.84 67.92 -49.35
C LEU HA 130 -77.96 68.93 -49.09
N ARG HA 131 -79.17 68.59 -49.54
CA ARG HA 131 -80.33 69.48 -49.40
C ARG HA 131 -81.56 68.76 -48.81
N SER HA 132 -81.49 67.43 -48.70
CA SER HA 132 -82.63 66.61 -48.30
C SER HA 132 -82.15 65.39 -47.49
N TRP HA 133 -83.08 64.59 -46.98
CA TRP HA 133 -82.75 63.51 -46.06
C TRP HA 133 -83.47 62.21 -46.41
N THR HA 134 -82.81 61.09 -46.11
CA THR HA 134 -83.42 59.76 -46.17
C THR HA 134 -83.67 59.24 -44.76
N ALA HA 135 -84.90 58.83 -44.50
CA ALA HA 135 -85.29 58.21 -43.24
C ALA HA 135 -85.77 56.79 -43.56
N ALA HA 136 -85.48 55.86 -42.64
CA ALA HA 136 -85.68 54.42 -42.91
C ALA HA 136 -86.99 53.89 -42.36
N ASP HA 137 -87.57 54.58 -41.37
CA ASP HA 137 -88.86 54.19 -40.80
C ASP HA 137 -89.64 55.41 -40.30
N MET HA 138 -90.79 55.17 -39.67
CA MET HA 138 -91.66 56.28 -39.23
C MET HA 138 -91.16 57.00 -37.97
N ALA HA 139 -90.28 56.35 -37.21
CA ALA HA 139 -89.61 57.02 -36.10
C ALA HA 139 -88.64 58.09 -36.65
N ALA HA 140 -87.97 57.77 -37.75
CA ALA HA 140 -87.01 58.71 -38.38
C ALA HA 140 -87.67 59.89 -39.10
N GLN HA 141 -88.89 59.67 -39.58
CA GLN HA 141 -89.67 60.74 -40.25
C GLN HA 141 -89.82 61.94 -39.34
N THR HA 142 -90.21 61.70 -38.09
CA THR HA 142 -90.34 62.75 -37.09
C THR HA 142 -89.08 63.61 -37.07
N THR HA 143 -87.93 62.95 -37.07
CA THR HA 143 -86.64 63.62 -37.05
C THR HA 143 -86.40 64.39 -38.34
N LYS HA 144 -86.65 63.73 -39.48
CA LYS HA 144 -86.53 64.36 -40.80
C LYS HA 144 -87.26 65.71 -40.85
N HIS HA 145 -88.54 65.69 -40.50
CA HIS HA 145 -89.35 66.90 -40.56
C HIS HA 145 -88.80 68.01 -39.65
N LYS HA 146 -88.27 67.62 -38.50
CA LYS HA 146 -87.69 68.56 -37.53
C LYS HA 146 -86.51 69.31 -38.14
N TRP HA 147 -85.63 68.57 -38.81
CA TRP HA 147 -84.40 69.12 -39.39
C TRP HA 147 -84.63 69.85 -40.71
N GLU HA 148 -85.80 69.67 -41.31
CA GLU HA 148 -86.19 70.47 -42.48
C GLU HA 148 -86.59 71.85 -41.98
N ALA HA 149 -87.64 71.90 -41.14
CA ALA HA 149 -88.04 73.13 -40.47
C ALA HA 149 -86.84 73.92 -39.93
N ALA HA 150 -85.96 73.23 -39.20
CA ALA HA 150 -84.79 73.87 -38.59
C ALA HA 150 -83.62 74.17 -39.58
N HIS HA 151 -83.84 73.98 -40.89
CA HIS HA 151 -82.84 74.36 -41.90
C HIS HA 151 -81.47 73.72 -41.64
N VAL HA 152 -81.47 72.49 -41.14
CA VAL HA 152 -80.23 71.83 -40.72
C VAL HA 152 -79.32 71.50 -41.92
N ALA HA 153 -79.91 71.01 -43.00
CA ALA HA 153 -79.16 70.75 -44.24
C ALA HA 153 -78.29 71.93 -44.66
N GLU HA 154 -78.85 73.14 -44.60
CA GLU HA 154 -78.10 74.34 -45.00
C GLU HA 154 -76.82 74.43 -44.19
N GLN HA 155 -76.96 74.34 -42.87
CA GLN HA 155 -75.83 74.53 -41.98
C GLN HA 155 -74.76 73.48 -42.31
N LEU HA 156 -75.19 72.22 -42.44
CA LEU HA 156 -74.28 71.13 -42.80
C LEU HA 156 -73.55 71.38 -44.11
N ARG HA 157 -74.32 71.75 -45.14
CA ARG HA 157 -73.75 72.09 -46.45
C ARG HA 157 -72.65 73.14 -46.29
N ALA HA 158 -72.91 74.18 -45.49
CA ALA HA 158 -71.90 75.19 -45.19
C ALA HA 158 -70.63 74.58 -44.59
N TYR HA 159 -70.80 73.62 -43.70
CA TYR HA 159 -69.68 72.95 -43.06
C TYR HA 159 -68.90 72.16 -44.08
N LEU HA 160 -69.62 71.26 -44.76
CA LEU HA 160 -69.01 70.26 -45.64
C LEU HA 160 -68.31 70.88 -46.87
N GLU HA 161 -68.94 71.87 -47.52
CA GLU HA 161 -68.30 72.56 -48.65
C GLU HA 161 -67.30 73.59 -48.13
N GLY HA 162 -67.51 74.04 -46.90
CA GLY HA 162 -66.68 75.07 -46.34
C GLY HA 162 -65.61 74.53 -45.44
N THR HA 163 -65.89 74.54 -44.13
CA THR HA 163 -64.85 74.36 -43.13
C THR HA 163 -64.28 72.94 -43.14
N CYS HA 164 -65.14 71.93 -43.33
CA CYS HA 164 -64.64 70.55 -43.39
C CYS HA 164 -63.49 70.43 -44.38
N VAL HA 165 -63.68 71.01 -45.57
CA VAL HA 165 -62.70 70.91 -46.66
C VAL HA 165 -61.48 71.80 -46.40
N GLU HA 166 -61.69 72.99 -45.87
CA GLU HA 166 -60.57 73.88 -45.61
C GLU HA 166 -59.57 73.25 -44.63
N TRP HA 167 -60.07 72.71 -43.52
CA TRP HA 167 -59.22 72.04 -42.51
C TRP HA 167 -58.65 70.71 -43.01
N LEU HA 168 -59.35 70.04 -43.93
CA LEU HA 168 -58.78 68.87 -44.59
C LEU HA 168 -57.48 69.27 -45.29
N ARG HA 169 -57.53 70.36 -46.05
CA ARG HA 169 -56.35 70.88 -46.74
C ARG HA 169 -55.27 71.27 -45.75
N ARG HA 170 -55.68 71.89 -44.65
CA ARG HA 170 -54.74 72.28 -43.62
C ARG HA 170 -53.95 71.06 -43.16
N TYR HA 171 -54.67 70.02 -42.78
CA TYR HA 171 -54.05 68.81 -42.25
C TYR HA 171 -53.13 68.17 -43.28
N LEU HA 172 -53.60 68.11 -44.54
CA LEU HA 172 -52.84 67.52 -45.64
C LEU HA 172 -51.50 68.23 -45.92
N GLU HA 173 -51.42 69.55 -45.74
CA GLU HA 173 -50.13 70.25 -45.87
C GLU HA 173 -49.32 69.97 -44.61
N ASN HA 174 -49.92 70.27 -43.46
CA ASN HA 174 -49.26 70.11 -42.16
C ASN HA 174 -48.69 68.70 -41.95
N GLY HA 175 -49.39 67.69 -42.45
CA GLY HA 175 -48.97 66.28 -42.32
C GLY HA 175 -48.40 65.70 -43.61
N LYS HA 176 -47.74 66.57 -44.38
CA LYS HA 176 -47.23 66.29 -45.73
C LYS HA 176 -46.44 64.98 -45.84
N GLU HA 177 -45.54 64.77 -44.88
CA GLU HA 177 -44.61 63.65 -44.95
C GLU HA 177 -45.30 62.30 -44.86
N THR HA 178 -46.39 62.24 -44.11
CA THR HA 178 -47.06 60.97 -43.87
C THR HA 178 -48.31 60.80 -44.75
N LEU HA 179 -49.32 61.63 -44.54
CA LEU HA 179 -50.61 61.49 -45.23
C LEU HA 179 -50.49 61.40 -46.77
N GLN HA 180 -49.49 62.06 -47.34
CA GLN HA 180 -49.23 62.03 -48.80
C GLN HA 180 -48.21 60.97 -49.23
N ARG HA 181 -47.79 60.11 -48.29
CA ARG HA 181 -46.92 58.98 -48.61
C ARG HA 181 -47.77 57.89 -49.23
N THR HA 182 -47.13 57.03 -50.02
CA THR HA 182 -47.70 55.73 -50.36
C THR HA 182 -46.63 54.70 -50.04
N ASP HA 183 -47.01 53.65 -49.33
CA ASP HA 183 -46.12 52.54 -49.01
C ASP HA 183 -46.58 51.38 -49.86
N ALA HA 184 -45.76 50.99 -50.84
CA ALA HA 184 -46.06 49.84 -51.66
C ALA HA 184 -46.00 48.61 -50.77
N PRO HA 185 -46.90 47.64 -50.98
CA PRO HA 185 -46.83 46.44 -50.14
C PRO HA 185 -45.55 45.67 -50.42
N LYS HA 186 -45.08 44.93 -49.41
CA LYS HA 186 -44.06 43.92 -49.60
C LYS HA 186 -44.81 42.61 -49.76
N THR HA 187 -44.47 41.87 -50.80
CA THR HA 187 -45.22 40.68 -51.16
C THR HA 187 -44.30 39.48 -51.20
N HIS HA 188 -44.81 38.36 -50.71
CA HIS HA 188 -44.23 37.04 -50.94
C HIS HA 188 -45.37 36.04 -51.00
N MET HA 189 -45.03 34.77 -51.20
CA MET HA 189 -46.00 33.69 -51.25
C MET HA 189 -45.50 32.50 -50.43
N THR HA 190 -46.40 31.57 -50.12
CA THR HA 190 -46.06 30.37 -49.39
C THR HA 190 -46.75 29.13 -49.95
N HIS HA 191 -46.11 27.98 -49.69
CA HIS HA 191 -46.53 26.66 -50.14
C HIS HA 191 -46.78 25.80 -48.90
N HIS HA 192 -47.87 25.04 -48.89
CA HIS HA 192 -48.18 24.15 -47.77
C HIS HA 192 -49.04 22.98 -48.26
N ALA HA 193 -48.40 21.83 -48.42
CA ALA HA 193 -49.08 20.59 -48.78
C ALA HA 193 -50.07 20.19 -47.70
N VAL HA 194 -51.29 19.83 -48.11
CA VAL HA 194 -52.30 19.31 -47.18
C VAL HA 194 -52.55 17.80 -47.37
N SER HA 195 -52.02 17.25 -48.46
CA SER HA 195 -52.12 15.82 -48.74
C SER HA 195 -51.25 15.47 -49.97
N ASP HA 196 -51.35 14.25 -50.47
CA ASP HA 196 -50.59 13.88 -51.66
C ASP HA 196 -51.14 14.50 -52.96
N HIS HA 197 -52.40 14.95 -52.94
CA HIS HA 197 -53.01 15.49 -54.15
C HIS HA 197 -53.33 16.98 -54.06
N GLU HA 198 -53.05 17.59 -52.89
CA GLU HA 198 -53.40 19.01 -52.70
C GLU HA 198 -52.35 19.82 -51.93
N ALA HA 199 -52.38 21.14 -52.17
CA ALA HA 199 -51.49 22.10 -51.52
C ALA HA 199 -52.18 23.46 -51.45
N THR HA 200 -51.94 24.21 -50.39
CA THR HA 200 -52.49 25.55 -50.23
C THR HA 200 -51.43 26.55 -50.70
N LEU HA 201 -51.82 27.40 -51.64
CA LEU HA 201 -51.00 28.56 -52.01
C LEU HA 201 -51.59 29.77 -51.27
N ARG HA 202 -50.73 30.72 -50.88
CA ARG HA 202 -51.15 31.91 -50.14
C ARG HA 202 -50.32 33.12 -50.52
N CYS HA 203 -51.00 34.18 -50.90
CA CYS HA 203 -50.36 35.41 -51.31
C CYS HA 203 -50.39 36.41 -50.15
N TRP HA 204 -49.24 36.98 -49.83
CA TRP HA 204 -49.12 37.90 -48.71
C TRP HA 204 -48.78 39.28 -49.23
N ALA HA 205 -49.48 40.29 -48.73
CA ALA HA 205 -49.13 41.68 -48.97
C ALA HA 205 -48.95 42.31 -47.62
N LEU HA 206 -47.83 42.99 -47.39
CA LEU HA 206 -47.53 43.55 -46.07
C LEU HA 206 -47.02 44.97 -46.15
N SER HA 207 -47.21 45.67 -45.04
CA SER HA 207 -46.69 47.01 -44.79
C SER HA 207 -47.19 48.07 -45.77
N PHE HA 208 -48.37 47.87 -46.33
CA PHE HA 208 -48.90 48.84 -47.27
C PHE HA 208 -49.75 49.92 -46.59
N TYR HA 209 -49.81 51.07 -47.24
CA TYR HA 209 -50.68 52.18 -46.84
C TYR HA 209 -50.91 52.98 -48.10
N PRO HA 210 -52.17 53.38 -48.38
CA PRO HA 210 -53.42 53.16 -47.66
C PRO HA 210 -53.95 51.74 -47.74
N ALA HA 211 -55.11 51.50 -47.14
CA ALA HA 211 -55.72 50.15 -47.05
C ALA HA 211 -56.25 49.56 -48.34
N GLU HA 212 -56.58 50.40 -49.32
CA GLU HA 212 -57.20 49.92 -50.56
C GLU HA 212 -56.25 49.00 -51.35
N ILE HA 213 -56.64 47.73 -51.51
CA ILE HA 213 -55.80 46.75 -52.17
C ILE HA 213 -56.60 45.61 -52.79
N THR HA 214 -56.05 45.04 -53.86
CA THR HA 214 -56.66 43.87 -54.50
C THR HA 214 -55.62 42.76 -54.73
N LEU HA 215 -55.89 41.59 -54.14
CA LEU HA 215 -55.11 40.38 -54.36
C LEU HA 215 -56.02 39.43 -55.08
N THR HA 216 -55.70 39.13 -56.33
CA THR HA 216 -56.45 38.11 -57.07
C THR HA 216 -55.48 36.99 -57.45
N TRP HA 217 -56.01 35.77 -57.56
CA TRP HA 217 -55.27 34.64 -58.10
C TRP HA 217 -55.78 34.35 -59.50
N GLN HA 218 -54.85 34.10 -60.42
CA GLN HA 218 -55.21 33.61 -61.75
C GLN HA 218 -54.71 32.17 -61.98
N ARG HA 219 -55.35 31.50 -62.94
CA ARG HA 219 -54.94 30.18 -63.41
C ARG HA 219 -54.90 30.24 -64.93
N ASP HA 220 -53.69 30.34 -65.48
CA ASP HA 220 -53.48 30.49 -66.93
C ASP HA 220 -53.93 31.86 -67.46
N GLY HA 221 -54.06 32.83 -66.56
CA GLY HA 221 -54.53 34.18 -66.90
C GLY HA 221 -56.04 34.35 -66.76
N GLU HA 222 -56.66 33.58 -65.87
CA GLU HA 222 -58.10 33.63 -65.63
C GLU HA 222 -58.43 33.69 -64.15
N ASP HA 223 -59.17 34.74 -63.76
CA ASP HA 223 -59.62 34.93 -62.38
C ASP HA 223 -60.13 33.65 -61.70
N GLN HA 224 -59.68 33.41 -60.47
CA GLN HA 224 -60.12 32.27 -59.66
C GLN HA 224 -60.98 32.75 -58.49
N THR HA 225 -61.73 33.83 -58.71
CA THR HA 225 -62.48 34.48 -57.63
C THR HA 225 -63.31 33.51 -56.78
N GLN HA 226 -63.93 32.52 -57.42
CA GLN HA 226 -64.86 31.65 -56.70
C GLN HA 226 -64.20 30.69 -55.72
N ASP HA 227 -63.08 30.08 -56.12
CA ASP HA 227 -62.43 29.03 -55.30
C ASP HA 227 -61.34 29.55 -54.35
N THR HA 228 -61.40 30.84 -53.97
CA THR HA 228 -60.30 31.45 -53.20
C THR HA 228 -60.74 32.26 -51.97
N GLU HA 229 -59.98 32.10 -50.89
CA GLU HA 229 -60.26 32.70 -49.59
C GLU HA 229 -59.57 34.06 -49.46
N LEU HA 230 -60.34 35.09 -49.12
CA LEU HA 230 -59.79 36.42 -48.87
C LEU HA 230 -60.04 36.76 -47.42
N VAL HA 231 -58.99 37.12 -46.69
CA VAL HA 231 -59.19 37.70 -45.37
C VAL HA 231 -59.42 39.18 -45.51
N GLU HA 232 -60.17 39.72 -44.56
CA GLU HA 232 -60.44 41.14 -44.45
C GLU HA 232 -59.08 41.83 -44.23
N THR HA 233 -58.81 42.89 -44.98
CA THR HA 233 -57.62 43.71 -44.73
C THR HA 233 -57.59 44.11 -43.27
N ARG HA 234 -56.42 43.97 -42.64
CA ARG HA 234 -56.29 44.26 -41.21
C ARG HA 234 -55.08 45.16 -40.87
N PRO HA 235 -55.13 45.84 -39.72
CA PRO HA 235 -54.06 46.78 -39.40
C PRO HA 235 -52.82 46.10 -38.83
N ALA HA 236 -51.65 46.55 -39.27
CA ALA HA 236 -50.41 46.08 -38.71
C ALA HA 236 -50.31 46.48 -37.25
N GLY HA 237 -50.86 47.65 -36.91
CA GLY HA 237 -50.75 48.23 -35.58
C GLY HA 237 -49.77 49.39 -35.56
N ASP HA 238 -49.20 49.71 -36.73
CA ASP HA 238 -48.17 50.76 -36.84
C ASP HA 238 -48.48 51.80 -37.92
N GLY HA 239 -49.72 51.80 -38.43
CA GLY HA 239 -50.09 52.68 -39.55
C GLY HA 239 -50.35 51.92 -40.84
N THR HA 240 -49.56 50.87 -41.07
CA THR HA 240 -49.70 50.08 -42.29
C THR HA 240 -50.76 48.99 -42.13
N PHE HA 241 -51.05 48.29 -43.23
CA PHE HA 241 -52.06 47.24 -43.28
C PHE HA 241 -51.49 45.95 -43.86
N GLN HA 242 -52.28 44.88 -43.79
CA GLN HA 242 -51.87 43.55 -44.23
C GLN HA 242 -53.07 42.85 -44.85
N LYS HA 243 -52.83 41.95 -45.78
CA LYS HA 243 -53.87 41.12 -46.37
C LYS HA 243 -53.23 39.90 -46.99
N TRP HA 244 -53.97 38.79 -46.97
CA TRP HA 244 -53.63 37.63 -47.75
C TRP HA 244 -54.83 37.02 -48.49
N ALA HA 245 -54.52 36.18 -49.46
CA ALA HA 245 -55.52 35.43 -50.22
C ALA HA 245 -54.89 34.09 -50.55
N ALA HA 246 -55.69 33.03 -50.45
CA ALA HA 246 -55.21 31.66 -50.67
C ALA HA 246 -56.08 30.93 -51.68
N VAL HA 247 -55.49 29.92 -52.31
CA VAL HA 247 -56.23 28.99 -53.18
C VAL HA 247 -55.65 27.61 -52.93
N VAL HA 248 -56.52 26.60 -52.82
CA VAL HA 248 -56.08 25.21 -52.66
C VAL HA 248 -55.93 24.57 -54.04
N VAL HA 249 -54.69 24.26 -54.43
CA VAL HA 249 -54.39 23.78 -55.79
C VAL HA 249 -54.06 22.28 -55.88
N PRO HA 250 -54.34 21.66 -57.05
CA PRO HA 250 -54.01 20.26 -57.33
C PRO HA 250 -52.49 20.06 -57.42
N SER HA 251 -51.97 18.98 -56.86
CA SER HA 251 -50.50 18.81 -56.81
C SER HA 251 -49.87 18.76 -58.20
N GLY HA 252 -48.77 19.48 -58.37
CA GLY HA 252 -48.05 19.56 -59.65
C GLY HA 252 -48.49 20.69 -60.59
N GLN HA 253 -49.54 21.42 -60.23
CA GLN HA 253 -50.11 22.45 -61.08
C GLN HA 253 -49.81 23.89 -60.62
N GLU HA 254 -48.77 24.04 -59.79
CA GLU HA 254 -48.37 25.34 -59.22
C GLU HA 254 -48.04 26.38 -60.28
N GLN HA 255 -47.11 26.04 -61.18
CA GLN HA 255 -46.59 26.96 -62.20
C GLN HA 255 -47.65 27.58 -63.10
N ARG HA 256 -48.83 26.98 -63.14
CA ARG HA 256 -50.00 27.57 -63.77
C ARG HA 256 -50.54 28.78 -62.99
N TYR HA 257 -50.10 28.98 -61.76
CA TYR HA 257 -50.72 29.98 -60.89
C TYR HA 257 -49.92 31.26 -60.75
N THR HA 258 -50.67 32.36 -60.66
CA THR HA 258 -50.09 33.67 -60.45
C THR HA 258 -50.99 34.50 -59.54
N CYS HA 259 -50.37 35.22 -58.63
CA CYS HA 259 -51.07 36.16 -57.77
C CYS HA 259 -50.84 37.56 -58.31
N HIS HA 260 -51.90 38.36 -58.36
CA HIS HA 260 -51.81 39.75 -58.83
C HIS HA 260 -52.13 40.72 -57.70
N VAL HA 261 -51.34 41.78 -57.62
CA VAL HA 261 -51.44 42.74 -56.54
C VAL HA 261 -51.56 44.15 -57.12
N GLN HA 262 -52.71 44.81 -56.89
CA GLN HA 262 -52.93 46.18 -57.36
C GLN HA 262 -53.00 47.15 -56.18
N HIS HA 263 -52.12 48.14 -56.17
CA HIS HA 263 -52.04 49.07 -55.05
C HIS HA 263 -51.48 50.41 -55.53
N GLU HA 264 -51.95 51.48 -54.89
CA GLU HA 264 -51.72 52.85 -55.36
C GLU HA 264 -50.24 53.27 -55.28
N GLY HA 265 -49.43 52.49 -54.55
CA GLY HA 265 -47.99 52.78 -54.38
C GLY HA 265 -47.08 52.00 -55.34
N LEU HA 266 -47.67 51.08 -56.08
CA LEU HA 266 -46.97 50.37 -57.15
C LEU HA 266 -47.11 51.16 -58.45
N PRO HA 267 -45.98 51.50 -59.11
CA PRO HA 267 -46.05 52.09 -60.46
C PRO HA 267 -46.89 51.28 -61.45
N LYS HA 268 -46.95 49.95 -61.23
CA LYS HA 268 -47.80 49.07 -62.04
C LYS HA 268 -48.12 47.79 -61.28
N PRO HA 269 -49.21 47.11 -61.67
CA PRO HA 269 -49.57 45.80 -61.13
C PRO HA 269 -48.39 44.82 -61.06
N LEU HA 270 -48.41 43.96 -60.04
CA LEU HA 270 -47.37 42.96 -59.81
C LEU HA 270 -47.95 41.59 -60.07
N THR HA 271 -47.25 40.78 -60.84
CA THR HA 271 -47.55 39.37 -60.99
C THR HA 271 -46.44 38.57 -60.34
N LEU HA 272 -46.78 37.83 -59.29
CA LEU HA 272 -45.86 36.90 -58.63
C LEU HA 272 -46.12 35.51 -59.18
N ARG HA 273 -45.05 34.79 -59.49
CA ARG HA 273 -45.16 33.51 -60.19
C ARG HA 273 -44.41 32.38 -59.45
N TRP HA 274 -44.96 31.17 -59.54
CA TRP HA 274 -44.30 29.97 -59.07
C TRP HA 274 -43.30 29.51 -60.12
N GLU HA 275 -42.24 30.28 -60.27
CA GLU HA 275 -41.13 29.89 -61.12
C GLU HA 275 -39.98 29.54 -60.19
N PRO HA 276 -39.69 28.24 -60.05
CA PRO HA 276 -38.50 27.82 -59.29
C PRO HA 276 -37.30 27.79 -60.24
N MET IA 1 -83.52 45.16 -33.52
CA MET IA 1 -82.30 45.19 -32.67
C MET IA 1 -81.32 44.13 -33.19
N ILE IA 2 -80.48 44.51 -34.15
CA ILE IA 2 -79.64 43.54 -34.84
C ILE IA 2 -78.36 43.22 -34.08
N GLN IA 3 -77.93 41.97 -34.22
CA GLN IA 3 -76.78 41.43 -33.52
C GLN IA 3 -75.86 40.70 -34.49
N ARG IA 4 -74.60 41.11 -34.53
CA ARG IA 4 -73.61 40.50 -35.43
C ARG IA 4 -72.50 39.84 -34.62
N THR IA 5 -72.15 38.61 -35.00
CA THR IA 5 -71.06 37.89 -34.33
C THR IA 5 -69.72 38.35 -34.91
N PRO IA 6 -68.68 38.46 -34.06
CA PRO IA 6 -67.37 38.98 -34.48
C PRO IA 6 -66.56 38.04 -35.34
N LYS IA 7 -65.71 38.61 -36.21
CA LYS IA 7 -64.66 37.87 -36.93
C LYS IA 7 -63.34 38.14 -36.21
N ILE IA 8 -62.47 37.14 -36.14
CA ILE IA 8 -61.24 37.25 -35.37
C ILE IA 8 -60.02 36.87 -36.21
N GLN IA 9 -58.97 37.67 -36.14
CA GLN IA 9 -57.69 37.31 -36.73
C GLN IA 9 -56.62 37.62 -35.70
N VAL IA 10 -55.77 36.63 -35.45
CA VAL IA 10 -54.65 36.72 -34.51
C VAL IA 10 -53.38 36.67 -35.35
N TYR IA 11 -52.49 37.64 -35.18
CA TYR IA 11 -51.33 37.76 -36.05
C TYR IA 11 -50.34 38.69 -35.40
N SER IA 12 -49.18 38.87 -36.03
CA SER IA 12 -48.14 39.75 -35.50
C SER IA 12 -47.94 40.99 -36.37
N ARG IA 13 -47.39 42.05 -35.79
CA ARG IA 13 -47.22 43.30 -36.52
C ARG IA 13 -46.15 43.13 -37.61
N HIS IA 14 -44.99 42.67 -37.19
CA HIS IA 14 -43.91 42.31 -38.09
C HIS IA 14 -43.87 40.80 -38.22
N PRO IA 15 -43.24 40.29 -39.29
CA PRO IA 15 -43.12 38.84 -39.42
C PRO IA 15 -42.38 38.25 -38.22
N ALA IA 16 -42.87 37.10 -37.77
CA ALA IA 16 -42.37 36.44 -36.57
C ALA IA 16 -40.95 35.91 -36.79
N GLU IA 17 -40.08 36.15 -35.81
CA GLU IA 17 -38.80 35.49 -35.69
C GLU IA 17 -38.63 35.14 -34.22
N ASN IA 18 -38.63 33.84 -33.90
CA ASN IA 18 -38.36 33.42 -32.53
C ASN IA 18 -37.12 34.13 -32.02
N GLY IA 19 -37.21 34.68 -30.81
CA GLY IA 19 -36.11 35.40 -30.18
C GLY IA 19 -36.14 36.90 -30.35
N LYS IA 20 -37.07 37.41 -31.16
CA LYS IA 20 -37.11 38.84 -31.53
C LYS IA 20 -38.40 39.57 -31.14
N SER IA 21 -38.24 40.77 -30.58
CA SER IA 21 -39.36 41.55 -30.07
C SER IA 21 -40.32 41.90 -31.20
N ASN IA 22 -41.62 41.85 -30.88
CA ASN IA 22 -42.70 42.05 -31.86
C ASN IA 22 -43.95 42.51 -31.11
N PHE IA 23 -45.09 42.56 -31.79
CA PHE IA 23 -46.38 42.79 -31.16
C PHE IA 23 -47.32 41.69 -31.58
N LEU IA 24 -48.12 41.21 -30.63
CA LEU IA 24 -49.13 40.20 -30.93
C LEU IA 24 -50.48 40.92 -31.01
N ASN IA 25 -51.21 40.67 -32.09
CA ASN IA 25 -52.41 41.41 -32.43
C ASN IA 25 -53.64 40.52 -32.40
N CYS IA 26 -54.75 41.06 -31.90
CA CYS IA 26 -56.04 40.41 -32.05
C CYS IA 26 -57.03 41.42 -32.61
N TYR IA 27 -57.45 41.19 -33.85
CA TYR IA 27 -58.31 42.09 -34.57
C TYR IA 27 -59.70 41.46 -34.59
N VAL IA 28 -60.66 42.15 -33.98
CA VAL IA 28 -62.05 41.73 -34.01
C VAL IA 28 -62.82 42.75 -34.81
N SER IA 29 -63.73 42.27 -35.65
CA SER IA 29 -64.51 43.16 -36.48
C SER IA 29 -65.82 42.50 -36.87
N GLY IA 30 -66.72 43.29 -37.47
CA GLY IA 30 -67.96 42.76 -38.01
C GLY IA 30 -68.97 42.42 -36.92
N PHE IA 31 -68.77 42.95 -35.71
CA PHE IA 31 -69.65 42.63 -34.57
C PHE IA 31 -70.49 43.78 -34.09
N HIS IA 32 -71.59 43.42 -33.43
CA HIS IA 32 -72.54 44.36 -32.89
C HIS IA 32 -73.41 43.55 -31.96
N PRO IA 33 -73.68 44.04 -30.74
CA PRO IA 33 -73.32 45.33 -30.16
C PRO IA 33 -71.87 45.41 -29.70
N SER IA 34 -71.51 46.55 -29.12
CA SER IA 34 -70.14 46.96 -28.86
C SER IA 34 -69.45 46.27 -27.69
N ASP IA 35 -70.23 45.73 -26.77
CA ASP IA 35 -69.67 45.14 -25.56
C ASP IA 35 -68.88 43.89 -25.95
N ILE IA 36 -67.59 43.88 -25.64
CA ILE IA 36 -66.74 42.79 -26.10
C ILE IA 36 -65.61 42.51 -25.14
N GLU IA 37 -65.36 41.22 -24.89
CA GLU IA 37 -64.28 40.77 -24.02
C GLU IA 37 -63.23 40.12 -24.90
N VAL IA 38 -62.05 40.73 -24.95
CA VAL IA 38 -60.94 40.17 -25.73
C VAL IA 38 -59.76 40.06 -24.82
N ASP IA 39 -59.25 38.84 -24.67
CA ASP IA 39 -57.99 38.61 -23.97
C ASP IA 39 -56.99 37.94 -24.90
N LEU IA 40 -55.73 38.27 -24.70
CA LEU IA 40 -54.62 37.58 -25.33
C LEU IA 40 -54.03 36.60 -24.33
N LEU IA 41 -53.85 35.35 -24.76
CA LEU IA 41 -53.36 34.28 -23.88
C LEU IA 41 -51.95 33.81 -24.23
N LYS IA 42 -51.09 33.75 -23.22
CA LYS IA 42 -49.82 33.01 -23.31
C LYS IA 42 -49.99 31.68 -22.59
N ASN IA 43 -49.78 30.58 -23.31
CA ASN IA 43 -49.90 29.24 -22.70
C ASN IA 43 -51.16 29.10 -21.85
N GLY IA 44 -52.27 29.65 -22.35
CA GLY IA 44 -53.56 29.54 -21.64
C GLY IA 44 -53.86 30.64 -20.64
N GLU IA 45 -52.83 31.26 -20.05
CA GLU IA 45 -53.00 32.34 -19.07
C GLU IA 45 -53.14 33.69 -19.76
N ARG IA 46 -53.93 34.60 -19.19
CA ARG IA 46 -54.13 35.93 -19.79
C ARG IA 46 -52.95 36.86 -19.52
N ILE IA 47 -52.69 37.76 -20.47
CA ILE IA 47 -51.64 38.76 -20.39
C ILE IA 47 -52.21 40.08 -19.90
N GLU IA 48 -51.43 40.83 -19.13
CA GLU IA 48 -51.96 41.96 -18.33
C GLU IA 48 -51.81 43.35 -18.96
N LYS IA 49 -50.76 43.58 -19.74
CA LYS IA 49 -50.52 44.91 -20.34
C LYS IA 49 -51.02 44.97 -21.78
N VAL IA 50 -52.29 44.60 -21.95
CA VAL IA 50 -52.90 44.56 -23.27
C VAL IA 50 -53.64 45.86 -23.51
N GLU IA 51 -53.20 46.60 -24.52
CA GLU IA 51 -53.85 47.83 -24.91
C GLU IA 51 -54.75 47.56 -26.10
N HIS IA 52 -55.61 48.51 -26.41
CA HIS IA 52 -56.48 48.39 -27.56
C HIS IA 52 -56.74 49.71 -28.22
N SER IA 53 -57.14 49.65 -29.48
CA SER IA 53 -57.48 50.82 -30.27
C SER IA 53 -58.79 51.44 -29.82
N ASP IA 54 -59.04 52.66 -30.28
CA ASP IA 54 -60.26 53.41 -30.00
C ASP IA 54 -61.39 52.90 -30.89
N LEU IA 55 -62.50 52.50 -30.27
CA LEU IA 55 -63.64 51.89 -30.97
C LEU IA 55 -64.07 52.67 -32.20
N SER IA 56 -64.39 51.95 -33.27
CA SER IA 56 -64.74 52.54 -34.54
C SER IA 56 -65.60 51.56 -35.34
N PHE IA 57 -66.06 51.93 -36.53
CA PHE IA 57 -67.00 51.05 -37.25
C PHE IA 57 -67.04 51.22 -38.76
N SER IA 58 -67.51 50.18 -39.41
CA SER IA 58 -67.51 50.09 -40.86
C SER IA 58 -68.76 50.69 -41.49
N LYS IA 59 -68.74 50.70 -42.82
CA LYS IA 59 -69.86 51.17 -43.63
C LYS IA 59 -71.22 50.60 -43.21
N ASP IA 60 -71.25 49.35 -42.75
CA ASP IA 60 -72.50 48.70 -42.34
C ASP IA 60 -72.81 48.82 -40.84
N TRP IA 61 -72.08 49.69 -40.15
CA TRP IA 61 -72.24 49.96 -38.72
C TRP IA 61 -71.69 48.89 -37.79
N SER IA 62 -71.17 47.77 -38.32
CA SER IA 62 -70.48 46.80 -37.46
C SER IA 62 -69.21 47.43 -36.90
N PHE IA 63 -68.81 47.02 -35.71
CA PHE IA 63 -67.67 47.63 -35.01
C PHE IA 63 -66.37 46.87 -35.26
N TYR IA 64 -65.25 47.50 -35.00
CA TYR IA 64 -63.97 46.82 -35.04
C TYR IA 64 -62.99 47.39 -34.03
N LEU IA 65 -62.04 46.55 -33.64
CA LEU IA 65 -61.10 46.87 -32.57
C LEU IA 65 -59.79 46.07 -32.75
N LEU IA 66 -58.69 46.64 -32.28
CA LEU IA 66 -57.40 45.95 -32.28
C LEU IA 66 -56.83 45.89 -30.86
N TYR IA 67 -56.76 44.69 -30.30
CA TYR IA 67 -56.10 44.49 -29.02
C TYR IA 67 -54.69 44.08 -29.36
N TYR IA 68 -53.70 44.65 -28.67
CA TYR IA 68 -52.29 44.38 -28.93
C TYR IA 68 -51.42 44.42 -27.67
N THR IA 69 -50.29 43.72 -27.75
CA THR IA 69 -49.30 43.73 -26.66
C THR IA 69 -47.92 43.37 -27.19
N GLU IA 70 -46.89 43.96 -26.60
CA GLU IA 70 -45.51 43.72 -27.05
C GLU IA 70 -45.09 42.35 -26.56
N PHE IA 71 -44.32 41.62 -27.36
CA PHE IA 71 -43.86 40.30 -26.94
C PHE IA 71 -42.68 39.80 -27.76
N THR IA 72 -42.01 38.78 -27.25
CA THR IA 72 -40.93 38.10 -27.96
C THR IA 72 -41.28 36.62 -28.11
N PRO IA 73 -41.71 36.19 -29.30
CA PRO IA 73 -42.10 34.79 -29.42
C PRO IA 73 -40.90 33.84 -29.28
N THR IA 74 -41.13 32.68 -28.68
CA THR IA 74 -40.15 31.60 -28.64
C THR IA 74 -40.93 30.34 -28.93
N GLU IA 75 -40.25 29.30 -29.39
CA GLU IA 75 -40.92 28.11 -29.91
C GLU IA 75 -41.73 27.38 -28.84
N LYS IA 76 -41.24 27.38 -27.62
CA LYS IA 76 -41.93 26.65 -26.56
C LYS IA 76 -43.32 27.27 -26.28
N ASN IA 77 -43.39 28.60 -26.18
CA ASN IA 77 -44.62 29.28 -25.78
C ASN IA 77 -45.67 29.40 -26.90
N GLU IA 78 -46.91 29.01 -26.59
CA GLU IA 78 -48.06 29.18 -27.49
C GLU IA 78 -48.87 30.44 -27.14
N TYR IA 79 -49.59 30.97 -28.13
CA TYR IA 79 -50.34 32.22 -28.00
C TYR IA 79 -51.71 32.14 -28.65
N ALA IA 80 -52.71 32.77 -28.05
CA ALA IA 80 -54.07 32.73 -28.58
C ALA IA 80 -54.85 33.98 -28.25
N CYS IA 81 -56.04 34.08 -28.80
CA CYS IA 81 -56.95 35.20 -28.49
C CYS IA 81 -58.26 34.63 -27.98
N ARG IA 82 -58.66 35.01 -26.77
CA ARG IA 82 -59.95 34.58 -26.23
C ARG IA 82 -60.96 35.72 -26.34
N VAL IA 83 -62.12 35.42 -26.89
CA VAL IA 83 -63.10 36.46 -27.17
C VAL IA 83 -64.50 36.06 -26.72
N ASN IA 84 -65.13 36.93 -25.93
CA ASN IA 84 -66.53 36.70 -25.59
C ASN IA 84 -67.44 37.87 -25.99
N HIS IA 85 -68.63 37.49 -26.44
CA HIS IA 85 -69.62 38.41 -27.03
C HIS IA 85 -71.00 37.84 -26.83
N VAL IA 86 -71.99 38.72 -26.80
CA VAL IA 86 -73.35 38.33 -26.51
C VAL IA 86 -73.91 37.36 -27.58
N THR IA 87 -73.35 37.39 -28.79
CA THR IA 87 -73.70 36.45 -29.88
C THR IA 87 -73.05 35.08 -29.79
N LEU IA 88 -72.02 34.94 -28.95
CA LEU IA 88 -71.31 33.66 -28.78
C LEU IA 88 -71.88 32.87 -27.61
N SER IA 89 -72.20 31.59 -27.83
CA SER IA 89 -72.66 30.72 -26.75
C SER IA 89 -71.56 30.38 -25.76
N GLN IA 90 -70.30 30.53 -26.18
CA GLN IA 90 -69.16 30.37 -25.27
C GLN IA 90 -67.94 31.10 -25.82
N PRO IA 91 -66.94 31.36 -24.96
CA PRO IA 91 -65.69 31.96 -25.42
C PRO IA 91 -65.06 31.22 -26.61
N LYS IA 92 -64.67 32.00 -27.61
CA LYS IA 92 -64.01 31.53 -28.79
C LYS IA 92 -62.50 31.72 -28.62
N ILE IA 93 -61.75 30.62 -28.61
CA ILE IA 93 -60.29 30.69 -28.54
C ILE IA 93 -59.76 30.50 -29.95
N VAL IA 94 -59.06 31.51 -30.49
CA VAL IA 94 -58.36 31.39 -31.77
C VAL IA 94 -56.87 31.37 -31.48
N LYS IA 95 -56.21 30.28 -31.87
CA LYS IA 95 -54.76 30.15 -31.70
C LYS IA 95 -53.99 30.96 -32.73
N TRP IA 96 -52.91 31.60 -32.30
CA TRP IA 96 -51.98 32.23 -33.23
C TRP IA 96 -51.23 31.17 -34.03
N ASP IA 97 -51.46 31.18 -35.35
CA ASP IA 97 -50.73 30.34 -36.27
C ASP IA 97 -49.78 31.25 -37.04
N ARG IA 98 -48.48 30.95 -36.98
CA ARG IA 98 -47.43 31.88 -37.44
C ARG IA 98 -47.39 32.10 -38.96
N ASP IA 99 -48.19 31.33 -39.71
CA ASP IA 99 -48.27 31.47 -41.17
C ASP IA 99 -49.68 31.81 -41.67
N MET IA 100 -50.58 32.20 -40.76
CA MET IA 100 -51.95 32.61 -41.11
C MET IA 100 -52.22 34.08 -40.77
N TYR JA 1 -61.54 69.07 -37.70
CA TYR JA 1 -62.23 70.27 -37.13
C TYR JA 1 -63.73 70.01 -37.10
N LEU JA 2 -64.26 69.74 -35.92
CA LEU JA 2 -65.66 69.36 -35.76
C LEU JA 2 -66.68 70.47 -36.04
N LEU JA 3 -67.90 70.03 -36.31
CA LEU JA 3 -69.05 70.90 -36.29
C LEU JA 3 -69.02 71.70 -35.02
N MET JA 4 -69.44 72.96 -35.10
CA MET JA 4 -69.52 73.81 -33.93
C MET JA 4 -70.60 73.30 -32.98
N TRP JA 5 -71.65 72.67 -33.51
CA TRP JA 5 -72.67 72.04 -32.68
C TRP JA 5 -73.54 71.12 -33.53
N ILE JA 6 -74.25 70.21 -32.88
CA ILE JA 6 -75.13 69.28 -33.58
C ILE JA 6 -76.51 69.23 -32.97
N THR JA 7 -77.51 69.07 -33.83
CA THR JA 7 -78.91 69.22 -33.46
C THR JA 7 -79.49 67.88 -33.05
N GLN JA 8 -80.36 67.94 -32.03
CA GLN JA 8 -81.03 66.78 -31.49
C GLN JA 8 -81.85 66.01 -32.52
N VAL JA 9 -82.04 64.72 -32.25
CA VAL JA 9 -82.80 63.84 -33.13
C VAL JA 9 -84.30 63.99 -32.85
N GLY KA 1 -99.70 25.92 15.43
CA GLY KA 1 -99.30 26.65 14.19
C GLY KA 1 -98.70 25.71 13.16
N SER KA 2 -98.89 26.04 11.87
CA SER KA 2 -98.38 25.24 10.75
C SER KA 2 -96.84 25.33 10.64
N HIS KA 3 -96.29 24.59 9.67
CA HIS KA 3 -94.86 24.62 9.35
C HIS KA 3 -94.63 24.34 7.88
N SER KA 4 -93.58 24.93 7.32
CA SER KA 4 -93.26 24.73 5.91
C SER KA 4 -91.80 24.35 5.69
N MET KA 5 -91.56 23.54 4.65
CA MET KA 5 -90.23 23.36 4.09
C MET KA 5 -90.33 23.88 2.68
N ARG KA 6 -89.36 24.68 2.25
CA ARG KA 6 -89.43 25.27 0.90
C ARG KA 6 -88.09 25.50 0.27
N TYR KA 7 -88.05 25.36 -1.04
CA TYR KA 7 -86.83 25.54 -1.82
C TYR KA 7 -87.07 26.55 -2.89
N PHE KA 8 -86.20 27.55 -2.95
CA PHE KA 8 -86.25 28.55 -4.02
C PHE KA 8 -85.03 28.31 -4.90
N PHE KA 9 -85.23 28.40 -6.21
CA PHE KA 9 -84.17 28.24 -7.18
C PHE KA 9 -84.20 29.40 -8.16
N THR KA 10 -83.02 29.93 -8.50
CA THR KA 10 -82.93 30.99 -9.50
C THR KA 10 -81.86 30.63 -10.54
N SER KA 11 -82.17 30.90 -11.81
CA SER KA 11 -81.28 30.60 -12.93
C SER KA 11 -81.25 31.73 -13.90
N VAL KA 12 -80.05 32.23 -14.21
CA VAL KA 12 -79.90 33.40 -15.08
C VAL KA 12 -78.92 33.08 -16.19
N SER KA 13 -79.36 33.22 -17.44
CA SER KA 13 -78.45 33.14 -18.57
C SER KA 13 -77.56 34.38 -18.58
N ARG KA 14 -76.34 34.22 -19.10
CA ARG KA 14 -75.36 35.31 -19.13
C ARG KA 14 -74.59 35.28 -20.44
N PRO KA 15 -75.29 35.48 -21.57
CA PRO KA 15 -74.58 35.44 -22.84
C PRO KA 15 -73.51 36.52 -22.85
N GLY KA 16 -72.31 36.16 -23.31
CA GLY KA 16 -71.19 37.09 -23.37
C GLY KA 16 -70.38 37.20 -22.08
N ARG KA 17 -70.67 36.34 -21.10
CA ARG KA 17 -70.04 36.43 -19.77
C ARG KA 17 -69.65 35.11 -19.09
N GLY KA 18 -70.37 34.02 -19.37
CA GLY KA 18 -69.99 32.72 -18.81
C GLY KA 18 -71.13 31.73 -18.65
N GLU KA 19 -70.93 30.75 -17.77
CA GLU KA 19 -71.97 29.77 -17.44
C GLU KA 19 -73.19 30.47 -16.79
N PRO KA 20 -74.40 29.93 -17.01
CA PRO KA 20 -75.55 30.55 -16.38
C PRO KA 20 -75.51 30.39 -14.87
N ARG KA 21 -75.95 31.44 -14.17
CA ARG KA 21 -75.93 31.47 -12.72
C ARG KA 21 -76.99 30.51 -12.14
N PHE KA 22 -76.68 29.92 -10.99
CA PHE KA 22 -77.64 29.05 -10.31
C PHE KA 22 -77.53 29.12 -8.78
N ILE KA 23 -78.57 29.68 -8.16
CA ILE KA 23 -78.65 29.74 -6.71
C ILE KA 23 -79.83 28.91 -6.19
N ALA KA 24 -79.57 28.15 -5.14
CA ALA KA 24 -80.59 27.35 -4.47
C ALA KA 24 -80.52 27.65 -2.98
N VAL KA 25 -81.68 27.88 -2.38
CA VAL KA 25 -81.77 28.09 -0.94
C VAL KA 25 -82.95 27.29 -0.44
N GLY KA 26 -82.79 26.73 0.76
CA GLY KA 26 -83.82 25.94 1.39
C GLY KA 26 -84.14 26.55 2.72
N TYR KA 27 -85.44 26.61 3.03
CA TYR KA 27 -85.95 27.17 4.28
C TYR KA 27 -86.83 26.16 5.01
N VAL KA 28 -86.73 26.15 6.33
CA VAL KA 28 -87.77 25.58 7.18
C VAL KA 28 -88.41 26.77 7.85
N ASP KA 29 -89.71 26.95 7.63
CA ASP KA 29 -90.41 28.16 8.04
C ASP KA 29 -89.67 29.38 7.49
N ASP KA 30 -89.24 30.28 8.39
CA ASP KA 30 -88.53 31.52 8.04
C ASP KA 30 -87.02 31.42 8.28
N THR KA 31 -86.54 30.20 8.48
CA THR KA 31 -85.15 29.96 8.77
C THR KA 31 -84.52 29.22 7.59
N GLN KA 32 -83.75 29.95 6.78
CA GLN KA 32 -82.85 29.33 5.80
C GLN KA 32 -81.95 28.28 6.46
N PHE KA 33 -81.79 27.12 5.82
CA PHE KA 33 -80.90 26.06 6.38
C PHE KA 33 -79.86 25.47 5.42
N VAL KA 34 -80.03 25.67 4.12
CA VAL KA 34 -79.03 25.23 3.15
C VAL KA 34 -78.99 26.21 1.98
N ARG KA 35 -77.87 26.18 1.26
CA ARG KA 35 -77.75 26.96 0.04
C ARG KA 35 -76.79 26.32 -0.94
N PHE KA 36 -76.96 26.68 -2.20
CA PHE KA 36 -76.01 26.30 -3.22
C PHE KA 36 -75.92 27.42 -4.22
N ASP KA 37 -74.70 27.68 -4.67
CA ASP KA 37 -74.44 28.77 -5.59
C ASP KA 37 -73.41 28.34 -6.62
N SER KA 38 -73.81 28.32 -7.90
CA SER KA 38 -72.93 27.89 -8.98
C SER KA 38 -71.59 28.62 -8.95
N ASP KA 39 -71.62 29.89 -8.56
CA ASP KA 39 -70.42 30.73 -8.55
C ASP KA 39 -69.65 30.75 -7.20
N ALA KA 40 -70.00 29.87 -6.26
CA ALA KA 40 -69.28 29.76 -4.98
C ALA KA 40 -68.07 28.86 -5.16
N ALA KA 41 -67.27 28.70 -4.12
CA ALA KA 41 -65.99 27.97 -4.24
C ALA KA 41 -66.14 26.47 -4.00
N SER KA 42 -67.06 26.11 -3.11
CA SER KA 42 -67.13 24.74 -2.60
C SER KA 42 -67.76 23.77 -3.57
N GLN KA 43 -68.71 24.25 -4.37
CA GLN KA 43 -69.53 23.39 -5.23
C GLN KA 43 -70.15 22.24 -4.44
N ARG KA 44 -70.72 22.59 -3.30
CA ARG KA 44 -71.43 21.68 -2.42
C ARG KA 44 -72.69 22.39 -1.97
N MET KA 45 -73.71 21.63 -1.61
CA MET KA 45 -74.79 22.18 -0.82
C MET KA 45 -74.18 22.48 0.54
N GLU KA 46 -74.24 23.73 0.97
CA GLU KA 46 -73.64 24.13 2.24
C GLU KA 46 -74.72 24.32 3.29
N PRO KA 47 -74.40 24.06 4.56
CA PRO KA 47 -75.33 24.27 5.67
C PRO KA 47 -75.35 25.74 6.12
N ARG KA 48 -76.55 26.23 6.45
CA ARG KA 48 -76.75 27.60 6.96
C ARG KA 48 -77.58 27.64 8.24
N ALA KA 49 -77.40 26.62 9.09
CA ALA KA 49 -78.16 26.47 10.32
C ALA KA 49 -77.59 25.28 11.09
N PRO KA 50 -77.39 25.43 12.41
CA PRO KA 50 -76.64 24.44 13.18
C PRO KA 50 -77.25 23.03 13.29
N TRP KA 51 -78.58 22.93 13.33
CA TRP KA 51 -79.21 21.61 13.54
C TRP KA 51 -78.95 20.68 12.35
N ILE KA 52 -79.12 21.21 11.14
CA ILE KA 52 -78.84 20.45 9.93
C ILE KA 52 -77.33 20.11 9.79
N GLU KA 53 -76.45 20.83 10.50
CA GLU KA 53 -75.01 20.54 10.45
C GLU KA 53 -74.64 19.14 10.95
N GLN KA 54 -75.50 18.54 11.77
CA GLN KA 54 -75.25 17.20 12.33
C GLN KA 54 -75.40 16.09 11.29
N GLU KA 55 -76.10 16.38 10.19
CA GLU KA 55 -76.37 15.40 9.16
C GLU KA 55 -75.03 14.95 8.56
N GLY KA 56 -74.84 13.64 8.42
CA GLY KA 56 -73.55 13.06 8.03
C GLY KA 56 -73.26 13.18 6.54
N PRO KA 57 -72.07 12.71 6.11
CA PRO KA 57 -71.66 12.78 4.72
C PRO KA 57 -72.72 12.34 3.73
N GLU KA 58 -73.26 11.13 3.91
CA GLU KA 58 -74.27 10.61 2.97
C GLU KA 58 -75.33 11.67 2.60
N TYR KA 59 -75.81 12.41 3.60
CA TYR KA 59 -76.82 13.45 3.36
C TYR KA 59 -76.27 14.54 2.46
N TRP KA 60 -75.11 15.09 2.84
CA TRP KA 60 -74.54 16.23 2.12
C TRP KA 60 -74.14 15.92 0.69
N ASP KA 61 -73.59 14.73 0.45
CA ASP KA 61 -73.28 14.31 -0.92
C ASP KA 61 -74.55 14.18 -1.75
N GLY KA 62 -75.56 13.55 -1.18
CA GLY KA 62 -76.85 13.39 -1.84
C GLY KA 62 -77.48 14.72 -2.21
N GLU KA 63 -77.42 15.69 -1.29
CA GLU KA 63 -77.98 17.00 -1.57
C GLU KA 63 -77.15 17.76 -2.61
N THR KA 64 -75.83 17.57 -2.59
CA THR KA 64 -74.97 18.18 -3.61
C THR KA 64 -75.41 17.71 -4.98
N ARG KA 65 -75.48 16.40 -5.17
CA ARG KA 65 -75.72 15.87 -6.51
C ARG KA 65 -77.14 16.09 -7.04
N LYS KA 66 -78.12 16.03 -6.13
CA LYS KA 66 -79.51 16.39 -6.46
C LYS KA 66 -79.62 17.84 -6.90
N VAL KA 67 -78.96 18.73 -6.17
CA VAL KA 67 -78.93 20.17 -6.53
C VAL KA 67 -78.14 20.44 -7.80
N LYS KA 68 -77.07 19.68 -8.05
CA LYS KA 68 -76.36 19.77 -9.34
C LYS KA 68 -77.26 19.25 -10.48
N ALA KA 69 -78.07 18.24 -10.16
CA ALA KA 69 -79.02 17.72 -11.13
C ALA KA 69 -80.07 18.77 -11.45
N HIS KA 70 -80.63 19.40 -10.42
CA HIS KA 70 -81.56 20.52 -10.62
C HIS KA 70 -80.91 21.54 -11.56
N SER KA 71 -79.66 21.90 -11.25
CA SER KA 71 -78.92 22.93 -11.98
C SER KA 71 -78.83 22.69 -13.47
N GLN KA 72 -78.51 21.45 -13.84
CA GLN KA 72 -78.33 21.10 -15.24
C GLN KA 72 -79.67 21.11 -15.99
N THR KA 73 -80.75 20.69 -15.33
CA THR KA 73 -82.09 20.74 -15.96
C THR KA 73 -82.46 22.19 -16.29
N HIS KA 74 -82.12 23.10 -15.39
CA HIS KA 74 -82.28 24.53 -15.64
C HIS KA 74 -81.40 25.06 -16.78
N ARG KA 75 -80.19 24.51 -16.94
CA ARG KA 75 -79.31 24.97 -18.03
C ARG KA 75 -79.95 24.69 -19.37
N VAL KA 76 -80.60 23.54 -19.44
CA VAL KA 76 -81.32 23.16 -20.64
C VAL KA 76 -82.57 24.02 -20.76
N ASP KA 77 -83.38 24.04 -19.71
CA ASP KA 77 -84.62 24.81 -19.76
C ASP KA 77 -84.43 26.20 -20.41
N LEU KA 78 -83.34 26.88 -20.08
CA LEU KA 78 -83.08 28.24 -20.59
C LEU KA 78 -83.06 28.34 -22.12
N GLY KA 79 -82.49 27.35 -22.79
CA GLY KA 79 -82.48 27.28 -24.25
C GLY KA 79 -83.83 26.83 -24.80
N THR KA 80 -84.44 25.87 -24.15
CA THR KA 80 -85.74 25.34 -24.58
C THR KA 80 -86.75 26.46 -24.75
N LEU KA 81 -86.71 27.44 -23.84
CA LEU KA 81 -87.72 28.50 -23.78
C LEU KA 81 -87.45 29.60 -24.78
N ARG KA 82 -86.19 29.98 -24.93
CA ARG KA 82 -85.81 30.86 -26.01
C ARG KA 82 -86.32 30.33 -27.35
N GLY KA 83 -86.41 29.01 -27.46
CA GLY KA 83 -87.07 28.37 -28.59
C GLY KA 83 -88.57 28.66 -28.58
N TYR KA 84 -89.20 28.37 -27.45
CA TYR KA 84 -90.64 28.61 -27.30
C TYR KA 84 -91.06 30.04 -27.68
N TYR KA 85 -90.35 31.04 -27.15
CA TYR KA 85 -90.69 32.45 -27.41
C TYR KA 85 -89.97 33.05 -28.62
N ASN KA 86 -89.14 32.25 -29.28
CA ASN KA 86 -88.36 32.72 -30.42
C ASN KA 86 -87.55 33.97 -30.06
N GLN KA 87 -86.53 33.78 -29.24
CA GLN KA 87 -85.71 34.88 -28.72
C GLN KA 87 -84.24 34.66 -29.06
N SER KA 88 -83.60 35.67 -29.64
CA SER KA 88 -82.17 35.59 -29.95
C SER KA 88 -81.37 35.20 -28.70
N GLU KA 89 -80.46 34.24 -28.85
CA GLU KA 89 -79.57 33.82 -27.76
C GLU KA 89 -79.00 34.99 -26.95
N ALA KA 90 -78.73 36.11 -27.64
CA ALA KA 90 -78.06 37.24 -27.03
C ALA KA 90 -79.01 38.11 -26.18
N GLY KA 91 -79.40 37.59 -25.04
CA GLY KA 91 -80.15 38.33 -24.03
C GLY KA 91 -80.14 37.54 -22.74
N SER KA 92 -79.98 38.22 -21.62
CA SER KA 92 -80.08 37.54 -20.34
C SER KA 92 -81.55 37.26 -20.06
N HIS KA 93 -81.86 36.04 -19.60
CA HIS KA 93 -83.21 35.69 -19.19
C HIS KA 93 -83.15 35.03 -17.84
N THR KA 94 -84.31 34.95 -17.18
CA THR KA 94 -84.39 34.47 -15.80
C THR KA 94 -85.44 33.36 -15.65
N VAL KA 95 -85.05 32.30 -14.96
CA VAL KA 95 -85.93 31.22 -14.59
C VAL KA 95 -85.93 31.09 -13.06
N GLN KA 96 -87.13 30.87 -12.53
CA GLN KA 96 -87.35 30.82 -11.11
C GLN KA 96 -88.32 29.70 -10.85
N ARG KA 97 -88.05 28.93 -9.81
CA ARG KA 97 -88.85 27.78 -9.46
C ARG KA 97 -88.87 27.66 -7.95
N MET KA 98 -90.01 27.23 -7.43
CA MET KA 98 -90.21 27.14 -6.00
C MET KA 98 -91.10 25.95 -5.73
N TYR KA 99 -90.70 25.13 -4.76
CA TYR KA 99 -91.53 24.06 -4.32
C TYR KA 99 -91.31 23.76 -2.85
N GLY KA 100 -92.29 23.12 -2.24
CA GLY KA 100 -92.27 22.85 -0.80
C GLY KA 100 -93.59 22.31 -0.29
N CYS KA 101 -93.64 22.01 1.01
CA CYS KA 101 -94.84 21.44 1.61
C CYS KA 101 -95.18 22.11 2.94
N ASP KA 102 -96.48 22.18 3.25
CA ASP KA 102 -96.99 22.70 4.53
C ASP KA 102 -97.51 21.54 5.36
N VAL KA 103 -97.41 21.67 6.69
CA VAL KA 103 -98.01 20.68 7.60
C VAL KA 103 -98.67 21.39 8.77
N GLY KA 104 -99.86 20.93 9.15
CA GLY KA 104 -100.65 21.56 10.20
C GLY KA 104 -100.04 21.42 11.58
N SER KA 105 -100.84 21.71 12.60
CA SER KA 105 -100.40 21.60 13.99
C SER KA 105 -100.23 20.13 14.37
N ASP KA 106 -101.01 19.27 13.71
CA ASP KA 106 -100.89 17.81 13.84
C ASP KA 106 -99.61 17.21 13.23
N TRP KA 107 -98.79 18.04 12.59
CA TRP KA 107 -97.58 17.60 11.86
C TRP KA 107 -97.93 16.68 10.71
N ARG KA 108 -99.08 16.93 10.07
CA ARG KA 108 -99.56 16.11 8.97
C ARG KA 108 -99.91 16.98 7.76
N PHE KA 109 -99.76 16.38 6.59
CA PHE KA 109 -99.85 17.09 5.31
C PHE KA 109 -101.04 18.05 5.23
N LEU KA 110 -100.78 19.32 4.94
CA LEU KA 110 -101.83 20.30 4.63
C LEU KA 110 -101.90 20.59 3.14
N ARG KA 111 -100.75 20.90 2.54
CA ARG KA 111 -100.66 21.23 1.12
C ARG KA 111 -99.24 21.14 0.60
N GLY KA 112 -99.12 20.88 -0.70
CA GLY KA 112 -97.86 21.00 -1.42
C GLY KA 112 -97.99 22.04 -2.51
N TYR KA 113 -96.86 22.42 -3.11
CA TYR KA 113 -96.86 23.37 -4.21
C TYR KA 113 -95.58 23.29 -5.02
N HIS KA 114 -95.65 23.84 -6.22
CA HIS KA 114 -94.57 23.82 -7.17
C HIS KA 114 -94.90 24.83 -8.26
N GLN KA 115 -94.45 26.06 -8.05
CA GLN KA 115 -94.65 27.15 -9.00
C GLN KA 115 -93.38 27.31 -9.84
N TYR KA 116 -93.56 27.83 -11.06
CA TYR KA 116 -92.47 28.04 -12.01
C TYR KA 116 -92.70 29.32 -12.83
N ALA KA 117 -91.65 30.11 -13.00
CA ALA KA 117 -91.74 31.43 -13.61
C ALA KA 117 -90.64 31.66 -14.63
N TYR KA 118 -90.94 32.48 -15.64
CA TYR KA 118 -89.97 32.80 -16.68
C TYR KA 118 -89.93 34.31 -16.97
N ASP KA 119 -88.74 34.89 -16.79
CA ASP KA 119 -88.51 36.32 -16.96
C ASP KA 119 -89.53 37.11 -16.17
N GLY KA 120 -89.71 36.71 -14.91
CA GLY KA 120 -90.55 37.45 -13.97
C GLY KA 120 -92.04 37.16 -13.96
N LYS KA 121 -92.56 36.48 -14.99
CA LYS KA 121 -94.00 36.19 -15.04
C LYS KA 121 -94.26 34.73 -14.68
N ASP KA 122 -95.48 34.43 -14.24
CA ASP KA 122 -95.89 33.05 -14.00
C ASP KA 122 -95.81 32.30 -15.32
N TYR KA 123 -95.22 31.10 -15.28
CA TYR KA 123 -95.11 30.27 -16.47
C TYR KA 123 -96.05 29.08 -16.32
N ILE KA 124 -95.80 28.27 -15.29
CA ILE KA 124 -96.55 27.05 -15.06
C ILE KA 124 -96.54 26.76 -13.57
N ALA KA 125 -97.70 26.48 -13.01
CA ALA KA 125 -97.79 26.09 -11.61
C ALA KA 125 -98.63 24.82 -11.49
N LEU KA 126 -98.41 24.09 -10.41
CA LEU KA 126 -99.18 22.91 -10.08
C LEU KA 126 -100.44 23.34 -9.34
N LYS KA 127 -101.62 23.07 -9.91
CA LYS KA 127 -102.88 23.42 -9.22
C LYS KA 127 -102.90 22.77 -7.84
N GLU KA 128 -103.86 23.18 -7.00
CA GLU KA 128 -103.86 22.80 -5.59
C GLU KA 128 -104.14 21.31 -5.33
N ASP KA 129 -104.76 20.63 -6.29
CA ASP KA 129 -105.16 19.22 -6.14
C ASP KA 129 -104.00 18.24 -6.37
N LEU KA 130 -102.83 18.78 -6.75
CA LEU KA 130 -101.63 17.98 -7.01
C LEU KA 130 -101.82 16.95 -8.11
N ARG KA 131 -102.71 17.25 -9.05
CA ARG KA 131 -102.94 16.43 -10.24
C ARG KA 131 -102.97 17.26 -11.52
N SER KA 132 -103.25 18.57 -11.43
CA SER KA 132 -103.39 19.42 -12.61
C SER KA 132 -102.51 20.67 -12.57
N TRP KA 133 -102.34 21.27 -13.75
CA TRP KA 133 -101.41 22.38 -13.96
C TRP KA 133 -102.13 23.63 -14.47
N THR KA 134 -101.78 24.80 -13.95
CA THR KA 134 -102.16 26.07 -14.54
C THR KA 134 -101.02 26.54 -15.43
N ALA KA 135 -101.31 26.69 -16.73
CA ALA KA 135 -100.34 27.24 -17.68
C ALA KA 135 -100.71 28.68 -17.98
N ALA KA 136 -99.69 29.53 -18.15
CA ALA KA 136 -99.89 30.96 -18.32
C ALA KA 136 -100.22 31.36 -19.75
N ASP KA 137 -99.57 30.73 -20.72
CA ASP KA 137 -99.70 31.12 -22.13
C ASP KA 137 -99.35 29.97 -23.10
N MET KA 138 -99.36 30.28 -24.40
CA MET KA 138 -99.11 29.28 -25.46
C MET KA 138 -97.82 28.49 -25.27
N ALA KA 139 -96.71 29.21 -25.16
CA ALA KA 139 -95.43 28.59 -24.91
C ALA KA 139 -95.57 27.59 -23.77
N ALA KA 140 -96.20 28.02 -22.68
CA ALA KA 140 -96.37 27.19 -21.48
C ALA KA 140 -97.28 25.98 -21.69
N GLN KA 141 -98.20 26.06 -22.65
CA GLN KA 141 -99.09 24.94 -22.98
C GLN KA 141 -98.32 23.72 -23.45
N THR KA 142 -97.29 23.97 -24.27
CA THR KA 142 -96.41 22.92 -24.77
C THR KA 142 -95.70 22.16 -23.66
N THR KA 143 -95.46 22.82 -22.52
CA THR KA 143 -94.89 22.13 -21.36
C THR KA 143 -95.96 21.23 -20.75
N LYS KA 144 -97.12 21.82 -20.44
CA LYS KA 144 -98.26 21.08 -19.92
C LYS KA 144 -98.47 19.79 -20.70
N HIS KA 145 -98.52 19.90 -22.03
CA HIS KA 145 -98.69 18.74 -22.92
C HIS KA 145 -97.58 17.70 -22.73
N LYS KA 146 -96.40 18.18 -22.35
CA LYS KA 146 -95.24 17.33 -22.15
C LYS KA 146 -95.26 16.72 -20.76
N TRP KA 147 -95.51 17.55 -19.75
CA TRP KA 147 -95.59 17.06 -18.36
C TRP KA 147 -96.82 16.17 -18.14
N GLU KA 148 -97.85 16.36 -18.98
CA GLU KA 148 -99.01 15.45 -19.01
C GLU KA 148 -98.53 14.06 -19.41
N ALA KA 149 -97.96 13.94 -20.61
CA ALA KA 149 -97.47 12.67 -21.15
C ALA KA 149 -96.37 12.07 -20.30
N ALA KA 150 -95.46 12.92 -19.82
CA ALA KA 150 -94.37 12.49 -18.94
C ALA KA 150 -94.82 12.21 -17.51
N HIS KA 151 -96.10 12.41 -17.21
CA HIS KA 151 -96.73 12.03 -15.94
C HIS KA 151 -96.02 12.60 -14.71
N VAL KA 152 -95.89 13.92 -14.68
CA VAL KA 152 -95.07 14.61 -13.65
C VAL KA 152 -95.81 14.85 -12.33
N ALA KA 153 -97.09 15.22 -12.42
CA ALA KA 153 -97.89 15.49 -11.23
C ALA KA 153 -97.82 14.29 -10.30
N GLU KA 154 -97.91 13.13 -10.95
CA GLU KA 154 -97.88 11.84 -10.29
C GLU KA 154 -96.62 11.73 -9.42
N GLN KA 155 -95.47 12.09 -9.98
CA GLN KA 155 -94.20 11.98 -9.24
C GLN KA 155 -94.10 13.03 -8.13
N LEU KA 156 -94.44 14.27 -8.46
CA LEU KA 156 -94.53 15.35 -7.46
C LEU KA 156 -95.40 14.97 -6.26
N ARG KA 157 -96.69 14.71 -6.53
CA ARG KA 157 -97.66 14.38 -5.48
C ARG KA 157 -97.08 13.40 -4.46
N ALA KA 158 -96.37 12.37 -4.94
CA ALA KA 158 -95.75 11.40 -4.07
C ALA KA 158 -94.77 12.05 -3.09
N TYR KA 159 -93.77 12.75 -3.64
CA TYR KA 159 -92.75 13.44 -2.82
C TYR KA 159 -93.40 14.43 -1.85
N LEU KA 160 -94.25 15.31 -2.37
CA LEU KA 160 -94.87 16.34 -1.54
C LEU KA 160 -95.68 15.74 -0.40
N GLU KA 161 -96.50 14.74 -0.74
CA GLU KA 161 -97.33 14.03 0.25
C GLU KA 161 -96.52 13.06 1.11
N GLY KA 162 -95.35 12.63 0.60
CA GLY KA 162 -94.55 11.61 1.26
C GLY KA 162 -93.23 12.09 1.84
N THR KA 163 -92.22 12.27 0.98
CA THR KA 163 -90.87 12.59 1.45
C THR KA 163 -90.72 14.02 2.00
N CYS KA 164 -91.21 15.01 1.24
CA CYS KA 164 -91.12 16.42 1.65
C CYS KA 164 -91.55 16.60 3.09
N VAL KA 165 -92.67 15.97 3.45
CA VAL KA 165 -93.24 16.03 4.80
C VAL KA 165 -92.49 15.22 5.84
N GLU KA 166 -92.03 14.04 5.46
CA GLU KA 166 -91.29 13.19 6.41
C GLU KA 166 -90.06 13.94 6.88
N TRP KA 167 -89.21 14.33 5.93
CA TRP KA 167 -87.96 15.02 6.23
C TRP KA 167 -88.21 16.35 6.92
N LEU KA 168 -89.27 17.05 6.54
CA LEU KA 168 -89.70 18.23 7.27
C LEU KA 168 -89.76 17.96 8.78
N ARG KA 169 -90.39 16.85 9.17
CA ARG KA 169 -90.62 16.57 10.59
C ARG KA 169 -89.33 16.34 11.32
N ARG KA 170 -88.44 15.60 10.67
CA ARG KA 170 -87.12 15.36 11.20
C ARG KA 170 -86.43 16.68 11.50
N TYR KA 171 -86.47 17.58 10.53
CA TYR KA 171 -85.83 18.89 10.69
C TYR KA 171 -86.37 19.58 11.92
N LEU KA 172 -87.70 19.62 12.05
CA LEU KA 172 -88.33 20.23 13.22
C LEU KA 172 -87.85 19.59 14.52
N GLU KA 173 -87.59 18.29 14.46
CA GLU KA 173 -87.18 17.49 15.63
C GLU KA 173 -85.73 17.79 16.05
N ASN KA 174 -84.81 17.77 15.10
CA ASN KA 174 -83.41 18.07 15.43
C ASN KA 174 -83.22 19.55 15.77
N GLY KA 175 -83.96 20.41 15.08
CA GLY KA 175 -83.88 21.86 15.29
C GLY KA 175 -85.00 22.41 16.15
N LYS KA 176 -85.56 21.54 17.00
CA LYS KA 176 -86.69 21.90 17.87
C LYS KA 176 -86.41 23.14 18.73
N GLU KA 177 -85.16 23.26 19.20
CA GLU KA 177 -84.74 24.39 20.06
C GLU KA 177 -84.91 25.72 19.33
N THR KA 178 -84.49 25.76 18.06
CA THR KA 178 -84.58 26.98 17.28
C THR KA 178 -85.91 27.03 16.49
N LEU KA 179 -86.30 25.95 15.85
CA LEU KA 179 -87.44 26.00 14.95
C LEU KA 179 -88.82 25.92 15.60
N GLN KA 180 -88.90 25.53 16.87
CA GLN KA 180 -90.17 25.54 17.61
C GLN KA 180 -90.19 26.58 18.75
N ARG KA 181 -89.14 27.39 18.82
CA ARG KA 181 -89.14 28.63 19.59
C ARG KA 181 -90.18 29.58 19.02
N THR KA 182 -90.51 30.59 19.80
CA THR KA 182 -91.09 31.81 19.29
C THR KA 182 -90.38 32.92 20.04
N ASP KA 183 -90.04 34.00 19.36
CA ASP KA 183 -89.45 35.14 20.03
C ASP KA 183 -90.46 36.27 19.91
N ALA KA 184 -91.11 36.62 21.01
CA ALA KA 184 -92.10 37.68 20.99
C ALA KA 184 -91.37 38.95 20.57
N PRO KA 185 -92.07 39.90 19.93
CA PRO KA 185 -91.45 41.17 19.61
C PRO KA 185 -91.12 41.97 20.86
N LYS KA 186 -89.97 42.61 20.87
CA LYS KA 186 -89.70 43.67 21.86
C LYS KA 186 -90.26 44.96 21.25
N THR KA 187 -91.08 45.68 21.99
CA THR KA 187 -91.83 46.77 21.40
C THR KA 187 -91.60 48.05 22.13
N HIS KA 188 -91.68 49.13 21.38
CA HIS KA 188 -91.64 50.48 21.94
C HIS KA 188 -92.13 51.44 20.85
N MET KA 189 -92.25 52.70 21.21
CA MET KA 189 -92.85 53.71 20.37
C MET KA 189 -91.95 54.91 20.46
N THR KA 190 -92.00 55.77 19.43
CA THR KA 190 -91.24 57.00 19.46
C THR KA 190 -92.11 58.18 19.06
N HIS KA 191 -91.75 59.35 19.58
CA HIS KA 191 -92.43 60.60 19.29
C HIS KA 191 -91.47 61.50 18.53
N HIS KA 192 -91.90 62.09 17.42
CA HIS KA 192 -91.07 63.06 16.69
C HIS KA 192 -91.92 64.28 16.27
N ALA KA 193 -91.74 65.40 16.93
CA ALA KA 193 -92.42 66.63 16.56
C ALA KA 193 -91.97 67.02 15.17
N VAL KA 194 -92.92 67.24 14.30
CA VAL KA 194 -92.62 67.44 12.90
C VAL KA 194 -92.93 68.87 12.47
N SER KA 195 -93.78 69.56 13.24
CA SER KA 195 -94.10 70.97 13.02
C SER KA 195 -94.68 71.52 14.34
N ASP KA 196 -95.22 72.73 14.32
CA ASP KA 196 -95.89 73.28 15.49
C ASP KA 196 -97.26 72.63 15.76
N HIS KA 197 -97.86 71.99 14.75
CA HIS KA 197 -99.21 71.41 14.87
C HIS KA 197 -99.28 69.89 14.65
N GLU KA 198 -98.17 69.25 14.30
CA GLU KA 198 -98.18 67.78 14.08
C GLU KA 198 -96.96 67.10 14.68
N ALA KA 199 -97.13 65.82 15.06
CA ALA KA 199 -96.00 64.98 15.46
C ALA KA 199 -96.12 63.62 14.80
N THR KA 200 -94.97 62.99 14.54
CA THR KA 200 -94.92 61.65 13.99
C THR KA 200 -94.82 60.66 15.15
N LEU KA 201 -95.67 59.67 15.16
CA LEU KA 201 -95.66 58.63 16.18
C LEU KA 201 -95.29 57.34 15.50
N ARG KA 202 -94.19 56.72 15.91
CA ARG KA 202 -93.75 55.52 15.24
C ARG KA 202 -93.77 54.39 16.23
N CYS KA 203 -94.16 53.21 15.77
CA CYS KA 203 -94.35 52.04 16.63
C CYS KA 203 -93.43 50.90 16.17
N TRP KA 204 -92.57 50.44 17.06
CA TRP KA 204 -91.51 49.50 16.66
C TRP KA 204 -91.74 48.12 17.20
N ALA KA 205 -91.47 47.09 16.39
CA ALA KA 205 -91.34 45.73 16.91
C ALA KA 205 -90.02 45.14 16.42
N LEU KA 206 -89.28 44.52 17.34
CA LEU KA 206 -87.93 44.00 17.08
C LEU KA 206 -87.68 42.58 17.64
N SER KA 207 -86.58 41.98 17.17
CA SER KA 207 -86.17 40.61 17.56
C SER KA 207 -87.33 39.63 17.61
N PHE KA 208 -88.09 39.51 16.52
CA PHE KA 208 -89.18 38.55 16.54
C PHE KA 208 -89.05 37.45 15.52
N TYR KA 209 -89.67 36.31 15.85
CA TYR KA 209 -89.66 35.13 15.01
C TYR KA 209 -90.91 34.32 15.33
N PRO KA 210 -91.65 33.85 14.29
CA PRO KA 210 -91.44 34.02 12.85
C PRO KA 210 -91.71 35.44 12.34
N ALA KA 211 -91.72 35.60 11.03
CA ALA KA 211 -91.89 36.90 10.41
C ALA KA 211 -93.31 37.42 10.55
N GLU KA 212 -94.30 36.56 10.40
CA GLU KA 212 -95.70 37.03 10.41
C GLU KA 212 -95.96 37.88 11.66
N ILE KA 213 -96.40 39.13 11.45
CA ILE KA 213 -96.70 40.05 12.55
C ILE KA 213 -97.72 41.04 12.01
N THR KA 214 -98.57 41.60 12.87
CA THR KA 214 -99.44 42.67 12.41
C THR KA 214 -99.32 43.86 13.35
N LEU KA 215 -99.09 45.03 12.74
CA LEU KA 215 -98.95 46.29 13.43
C LEU KA 215 -100.00 47.22 12.90
N THR KA 216 -100.84 47.71 13.79
CA THR KA 216 -102.01 48.48 13.38
C THR KA 216 -102.12 49.64 14.36
N TRP KA 217 -102.49 50.82 13.86
CA TRP KA 217 -102.76 51.94 14.73
C TRP KA 217 -104.27 52.11 14.89
N GLN KA 218 -104.68 52.63 16.04
CA GLN KA 218 -106.07 53.00 16.28
C GLN KA 218 -106.16 54.39 16.86
N ARG KA 219 -107.18 55.13 16.45
CA ARG KA 219 -107.54 56.39 17.08
C ARG KA 219 -108.87 56.15 17.79
N ASP KA 220 -108.94 56.47 19.09
CA ASP KA 220 -110.11 56.13 19.91
C ASP KA 220 -110.53 54.70 19.62
N GLY KA 221 -109.57 53.79 19.50
CA GLY KA 221 -109.86 52.40 19.21
C GLY KA 221 -110.46 52.10 17.84
N GLU KA 222 -110.39 53.05 16.89
CA GLU KA 222 -110.81 52.82 15.51
C GLU KA 222 -109.61 52.63 14.57
N ASP KA 223 -109.67 51.65 13.68
CA ASP KA 223 -108.55 51.36 12.76
C ASP KA 223 -108.19 52.55 11.84
N GLN KA 224 -106.88 52.81 11.70
CA GLN KA 224 -106.36 53.93 10.93
C GLN KA 224 -105.56 53.43 9.74
N THR KA 225 -106.20 52.63 8.90
CA THR KA 225 -105.52 51.94 7.79
C THR KA 225 -104.86 52.89 6.77
N GLN KA 226 -105.68 53.65 6.06
CA GLN KA 226 -105.18 54.53 4.98
C GLN KA 226 -104.10 55.50 5.46
N ASP KA 227 -104.28 56.01 6.67
CA ASP KA 227 -103.47 57.14 7.18
C ASP KA 227 -102.14 56.73 7.83
N THR KA 228 -101.89 55.43 7.94
CA THR KA 228 -100.63 54.95 8.56
C THR KA 228 -99.63 54.38 7.54
N GLU KA 229 -98.36 54.74 7.70
CA GLU KA 229 -97.28 54.22 6.86
C GLU KA 229 -96.68 52.94 7.46
N LEU KA 230 -96.59 51.89 6.64
CA LEU KA 230 -96.07 50.59 7.05
C LEU KA 230 -94.86 50.20 6.23
N VAL KA 231 -93.73 49.87 6.85
CA VAL KA 231 -92.62 49.32 6.09
C VAL KA 231 -92.70 47.80 6.04
N GLU KA 232 -92.06 47.23 5.02
CA GLU KA 232 -92.00 45.80 4.81
C GLU KA 232 -91.18 45.16 5.93
N THR KA 233 -91.65 44.04 6.45
CA THR KA 233 -90.87 43.29 7.41
C THR KA 233 -89.52 43.01 6.80
N ARG KA 234 -88.50 43.07 7.64
CA ARG KA 234 -87.16 43.05 7.17
C ARG KA 234 -86.27 42.30 8.15
N PRO KA 235 -85.29 41.56 7.62
CA PRO KA 235 -84.44 40.73 8.47
C PRO KA 235 -83.45 41.56 9.30
N ALA KA 236 -83.29 41.17 10.55
CA ALA KA 236 -82.31 41.79 11.43
C ALA KA 236 -80.92 41.36 10.99
N GLY KA 237 -80.84 40.16 10.41
CA GLY KA 237 -79.57 39.54 10.10
C GLY KA 237 -79.19 38.40 11.04
N ASP KA 238 -79.82 38.34 12.21
CA ASP KA 238 -79.55 37.24 13.16
C ASP KA 238 -80.70 36.23 13.22
N GLY KA 239 -81.49 36.15 12.15
CA GLY KA 239 -82.58 35.19 12.11
C GLY KA 239 -83.90 35.71 12.69
N THR KA 240 -83.90 36.94 13.20
CA THR KA 240 -85.14 37.57 13.68
C THR KA 240 -85.52 38.68 12.70
N PHE KA 241 -86.61 39.37 13.00
CA PHE KA 241 -87.19 40.33 12.07
C PHE KA 241 -87.60 41.60 12.76
N GLN KA 242 -87.81 42.63 11.95
CA GLN KA 242 -88.15 43.95 12.46
C GLN KA 242 -89.22 44.53 11.58
N LYS KA 243 -90.02 45.40 12.18
CA LYS KA 243 -91.05 46.11 11.45
C LYS KA 243 -91.36 47.34 12.23
N TRP KA 244 -91.82 48.38 11.53
CA TRP KA 244 -92.39 49.55 12.20
C TRP KA 244 -93.62 50.09 11.49
N ALA KA 245 -94.44 50.81 12.25
CA ALA KA 245 -95.67 51.42 11.72
C ALA KA 245 -95.76 52.85 12.23
N ALA KA 246 -95.89 53.81 11.31
CA ALA KA 246 -95.93 55.21 11.70
C ALA KA 246 -97.27 55.86 11.36
N VAL KA 247 -97.60 56.90 12.11
CA VAL KA 247 -98.76 57.75 11.85
C VAL KA 247 -98.48 59.19 12.28
N VAL KA 248 -98.94 60.14 11.49
CA VAL KA 248 -98.76 61.57 11.79
C VAL KA 248 -100.02 62.09 12.45
N VAL KA 249 -99.87 62.74 13.61
CA VAL KA 249 -101.02 63.16 14.41
C VAL KA 249 -101.03 64.65 14.80
N PRO KA 250 -102.22 65.27 14.91
CA PRO KA 250 -102.31 66.67 15.31
C PRO KA 250 -101.81 66.85 16.72
N SER KA 251 -101.21 68.00 17.02
CA SER KA 251 -100.49 68.18 18.28
C SER KA 251 -101.41 68.02 19.47
N GLY KA 252 -100.94 67.29 20.49
CA GLY KA 252 -101.68 67.18 21.73
C GLY KA 252 -102.92 66.30 21.68
N GLN KA 253 -103.01 65.45 20.65
CA GLN KA 253 -104.01 64.39 20.53
C GLN KA 253 -103.34 63.01 20.67
N GLU KA 254 -102.05 62.96 21.02
CA GLU KA 254 -101.30 61.69 21.22
C GLU KA 254 -102.03 60.66 22.06
N GLN KA 255 -102.66 61.12 23.13
CA GLN KA 255 -103.42 60.24 24.02
C GLN KA 255 -104.57 59.46 23.33
N ARG KA 256 -105.01 59.91 22.16
CA ARG KA 256 -106.06 59.22 21.39
C ARG KA 256 -105.56 57.98 20.64
N TYR KA 257 -104.24 57.88 20.47
CA TYR KA 257 -103.65 56.87 19.58
C TYR KA 257 -103.01 55.69 20.30
N THR KA 258 -103.22 54.49 19.76
CA THR KA 258 -102.69 53.26 20.36
C THR KA 258 -102.17 52.35 19.29
N CYS KA 259 -101.06 51.67 19.58
CA CYS KA 259 -100.49 50.70 18.67
C CYS KA 259 -100.89 49.31 19.16
N HIS KA 260 -101.29 48.46 18.23
CA HIS KA 260 -101.74 47.10 18.55
C HIS KA 260 -100.82 46.11 17.84
N VAL KA 261 -100.27 45.15 18.59
CA VAL KA 261 -99.31 44.21 18.07
C VAL KA 261 -99.81 42.77 18.22
N GLN KA 262 -99.88 42.08 17.10
CA GLN KA 262 -100.33 40.69 17.05
C GLN KA 262 -99.23 39.80 16.49
N HIS KA 263 -98.82 38.82 17.29
CA HIS KA 263 -97.75 37.92 16.91
C HIS KA 263 -97.92 36.61 17.67
N GLU KA 264 -97.55 35.51 17.02
CA GLU KA 264 -97.70 34.17 17.61
C GLU KA 264 -96.98 34.06 18.96
N GLY KA 265 -95.92 34.86 19.15
CA GLY KA 265 -95.08 34.75 20.35
C GLY KA 265 -95.61 35.40 21.63
N LEU KA 266 -96.69 36.17 21.52
CA LEU KA 266 -97.30 36.83 22.68
C LEU KA 266 -98.48 36.04 23.27
N PRO KA 267 -98.68 36.10 24.59
CA PRO KA 267 -99.89 35.47 25.18
C PRO KA 267 -101.17 36.02 24.56
N LYS KA 268 -101.29 37.34 24.53
CA LYS KA 268 -102.44 38.02 23.92
C LYS KA 268 -101.97 39.24 23.15
N PRO KA 269 -102.80 39.73 22.21
CA PRO KA 269 -102.48 40.98 21.55
C PRO KA 269 -102.00 42.10 22.52
N LEU KA 270 -101.02 42.89 22.08
CA LEU KA 270 -100.49 44.01 22.86
C LEU KA 270 -101.20 45.31 22.53
N THR KA 271 -101.35 46.18 23.52
CA THR KA 271 -101.80 47.55 23.25
C THR KA 271 -100.81 48.54 23.86
N LEU KA 272 -100.15 49.33 23.01
CA LEU KA 272 -99.20 50.31 23.50
C LEU KA 272 -99.88 51.68 23.52
N ARG KA 273 -99.93 52.27 24.71
CA ARG KA 273 -100.68 53.49 24.94
C ARG KA 273 -99.74 54.64 25.24
N TRP KA 274 -100.17 55.85 24.88
CA TRP KA 274 -99.45 57.08 25.18
C TRP KA 274 -99.93 57.69 26.49
N GLU KA 275 -99.27 57.31 27.58
CA GLU KA 275 -99.60 57.89 28.90
C GLU KA 275 -98.31 58.41 29.56
N PRO KA 276 -98.35 59.66 30.05
CA PRO KA 276 -97.09 60.38 30.28
C PRO KA 276 -96.36 59.97 31.55
N MET LA 1 -91.30 40.41 -20.32
CA MET LA 1 -90.08 40.93 -19.63
C MET LA 1 -90.48 42.04 -18.67
N ILE LA 2 -90.72 41.67 -17.41
CA ILE LA 2 -91.09 42.64 -16.39
C ILE LA 2 -89.84 43.22 -15.73
N GLN LA 3 -89.96 44.48 -15.29
CA GLN LA 3 -88.86 45.21 -14.67
C GLN LA 3 -89.43 45.92 -13.46
N ARG LA 4 -88.98 45.52 -12.27
CA ARG LA 4 -89.49 46.09 -11.02
C ARG LA 4 -88.38 46.84 -10.30
N THR LA 5 -88.70 48.05 -9.86
CA THR LA 5 -87.74 48.88 -9.15
C THR LA 5 -87.59 48.40 -7.70
N PRO LA 6 -86.35 48.41 -7.18
CA PRO LA 6 -86.10 47.96 -5.83
C PRO LA 6 -86.56 48.93 -4.76
N LYS LA 7 -87.12 48.38 -3.70
CA LYS LA 7 -87.35 49.11 -2.46
C LYS LA 7 -86.09 48.90 -1.64
N ILE LA 8 -85.74 49.89 -0.80
CA ILE LA 8 -84.47 49.93 -0.07
C ILE LA 8 -84.69 50.34 1.38
N GLN LA 9 -84.10 49.62 2.32
CA GLN LA 9 -84.14 50.00 3.73
C GLN LA 9 -82.75 49.84 4.30
N VAL LA 10 -82.29 50.86 5.05
CA VAL LA 10 -80.96 50.88 5.67
C VAL LA 10 -81.08 51.08 7.18
N TYR LA 11 -80.48 50.18 7.95
CA TYR LA 11 -80.72 50.14 9.38
C TYR LA 11 -79.71 49.23 10.03
N SER LA 12 -79.53 49.37 11.34
CA SER LA 12 -78.67 48.46 12.08
C SER LA 12 -79.44 47.25 12.58
N ARG LA 13 -78.70 46.20 12.93
CA ARG LA 13 -79.27 44.95 13.40
C ARG LA 13 -79.77 45.05 14.83
N HIS LA 14 -78.97 45.67 15.70
CA HIS LA 14 -79.43 46.01 17.06
C HIS LA 14 -79.56 47.52 17.21
N PRO LA 15 -80.36 47.96 18.19
CA PRO LA 15 -80.46 49.40 18.44
C PRO LA 15 -79.07 50.06 18.51
N ALA LA 16 -78.90 51.17 17.79
CA ALA LA 16 -77.60 51.82 17.66
C ALA LA 16 -77.17 52.55 18.94
N GLU LA 17 -75.92 52.31 19.35
CA GLU LA 17 -75.30 52.93 20.49
C GLU LA 17 -73.89 53.35 20.09
N ASN LA 18 -73.66 54.64 19.88
CA ASN LA 18 -72.33 55.17 19.56
C ASN LA 18 -71.25 54.49 20.41
N GLY LA 19 -70.24 53.94 19.73
CA GLY LA 19 -69.16 53.21 20.39
C GLY LA 19 -69.37 51.72 20.66
N LYS LA 20 -70.53 51.17 20.31
CA LYS LA 20 -70.81 49.72 20.49
C LYS LA 20 -70.91 49.04 19.14
N SER LA 21 -70.23 47.89 18.98
CA SER LA 21 -70.22 47.22 17.69
C SER LA 21 -71.59 46.59 17.36
N ASN LA 22 -71.86 46.51 16.06
CA ASN LA 22 -73.21 46.32 15.53
C ASN LA 22 -73.03 45.89 14.10
N PHE LA 23 -74.12 45.65 13.39
CA PHE LA 23 -74.04 45.43 11.94
C PHE LA 23 -74.89 46.47 11.27
N LEU LA 24 -74.34 47.11 10.25
CA LEU LA 24 -75.11 47.99 9.38
C LEU LA 24 -75.72 47.11 8.30
N ASN LA 25 -77.02 47.25 8.08
CA ASN LA 25 -77.72 46.46 7.09
C ASN LA 25 -78.26 47.33 5.98
N CYS LA 26 -78.34 46.77 4.77
CA CYS LA 26 -79.11 47.34 3.68
C CYS LA 26 -79.94 46.25 3.03
N TYR LA 27 -81.25 46.31 3.25
CA TYR LA 27 -82.18 45.31 2.71
C TYR LA 27 -82.79 45.91 1.47
N VAL LA 28 -82.60 45.24 0.34
CA VAL LA 28 -83.16 45.69 -0.93
C VAL LA 28 -84.07 44.57 -1.34
N SER LA 29 -85.28 44.91 -1.79
CA SER LA 29 -86.22 43.90 -2.27
C SER LA 29 -87.21 44.46 -3.27
N GLY LA 30 -88.02 43.59 -3.85
CA GLY LA 30 -89.10 44.01 -4.73
C GLY LA 30 -88.64 44.31 -6.13
N PHE LA 31 -87.44 43.86 -6.47
CA PHE LA 31 -86.81 44.25 -7.74
C PHE LA 31 -86.64 43.10 -8.67
N HIS LA 32 -86.57 43.41 -9.96
CA HIS LA 32 -86.43 42.42 -11.01
C HIS LA 32 -85.93 43.15 -12.25
N PRO LA 33 -84.96 42.57 -12.98
CA PRO LA 33 -84.30 41.28 -12.80
C PRO LA 33 -83.23 41.32 -11.71
N SER LA 34 -82.50 40.22 -11.60
CA SER LA 34 -81.68 39.93 -10.44
C SER LA 34 -80.40 40.75 -10.33
N ASP LA 35 -79.80 41.14 -11.44
CA ASP LA 35 -78.55 41.91 -11.39
C ASP LA 35 -78.77 43.21 -10.63
N ILE LA 36 -77.87 43.50 -9.68
CA ILE LA 36 -78.02 44.65 -8.80
C ILE LA 36 -76.64 44.98 -8.19
N GLU LA 37 -76.38 46.27 -7.98
CA GLU LA 37 -75.15 46.73 -7.31
C GLU LA 37 -75.48 47.38 -5.97
N VAL LA 38 -74.96 46.82 -4.87
CA VAL LA 38 -75.17 47.41 -3.55
C VAL LA 38 -73.84 47.58 -2.81
N ASP LA 39 -73.56 48.83 -2.41
CA ASP LA 39 -72.43 49.11 -1.53
C ASP LA 39 -72.94 49.84 -0.30
N LEU LA 40 -72.35 49.55 0.85
CA LEU LA 40 -72.49 50.41 2.00
C LEU LA 40 -71.35 51.46 1.96
N LEU LA 41 -71.70 52.69 2.35
CA LEU LA 41 -70.77 53.81 2.35
C LEU LA 41 -70.48 54.30 3.75
N LYS LA 42 -69.23 54.68 4.00
CA LYS LA 42 -68.84 55.36 5.23
C LYS LA 42 -68.31 56.74 4.82
N ASN LA 43 -69.06 57.79 5.14
CA ASN LA 43 -68.71 59.13 4.71
C ASN LA 43 -68.56 59.19 3.20
N GLY LA 44 -69.51 58.59 2.49
CA GLY LA 44 -69.51 58.60 1.03
C GLY LA 44 -68.46 57.74 0.36
N GLU LA 45 -67.73 56.94 1.14
CA GLU LA 45 -66.71 56.04 0.60
C GLU LA 45 -67.09 54.59 0.82
N ARG LA 46 -66.99 53.80 -0.25
CA ARG LA 46 -67.35 52.38 -0.23
C ARG LA 46 -66.60 51.56 0.84
N ILE LA 47 -67.31 50.64 1.48
CA ILE LA 47 -66.78 49.78 2.55
C ILE LA 47 -66.52 48.41 1.95
N GLU LA 48 -65.48 47.73 2.43
CA GLU LA 48 -64.95 46.62 1.65
C GLU LA 48 -65.49 45.23 1.98
N LYS LA 49 -65.24 44.73 3.19
CA LYS LA 49 -65.60 43.33 3.48
C LYS LA 49 -67.12 43.13 3.68
N VAL LA 50 -67.89 43.62 2.71
CA VAL LA 50 -69.34 43.64 2.80
C VAL LA 50 -69.88 42.30 2.26
N GLU LA 51 -70.64 41.60 3.08
CA GLU LA 51 -71.23 40.31 2.73
C GLU LA 51 -72.68 40.47 2.33
N HIS LA 52 -73.26 39.41 1.79
CA HIS LA 52 -74.69 39.37 1.52
C HIS LA 52 -75.30 37.99 1.59
N SER LA 53 -76.62 37.97 1.74
CA SER LA 53 -77.40 36.76 1.79
C SER LA 53 -77.55 36.08 0.42
N ASP LA 54 -78.07 34.87 0.44
CA ASP LA 54 -78.31 34.12 -0.76
C ASP LA 54 -79.58 34.60 -1.43
N LEU LA 55 -79.50 34.90 -2.72
CA LEU LA 55 -80.64 35.39 -3.49
C LEU LA 55 -81.84 34.47 -3.28
N SER LA 56 -82.94 35.05 -2.82
CA SER LA 56 -84.21 34.35 -2.74
C SER LA 56 -85.24 35.32 -3.28
N PHE LA 57 -86.51 34.92 -3.31
CA PHE LA 57 -87.55 35.81 -3.88
C PHE LA 57 -88.92 35.68 -3.25
N SER LA 58 -89.77 36.67 -3.51
CA SER LA 58 -91.13 36.71 -2.97
C SER LA 58 -92.17 36.01 -3.88
N LYS LA 59 -93.34 35.74 -3.30
CA LYS LA 59 -94.48 35.11 -3.98
C LYS LA 59 -94.83 35.76 -5.32
N ASP LA 60 -94.56 37.07 -5.44
CA ASP LA 60 -94.75 37.79 -6.71
C ASP LA 60 -93.54 37.69 -7.63
N TRP LA 61 -92.59 36.81 -7.30
CA TRP LA 61 -91.39 36.62 -8.10
C TRP LA 61 -90.32 37.71 -7.97
N SER LA 62 -90.59 38.79 -7.22
CA SER LA 62 -89.59 39.84 -7.02
C SER LA 62 -88.52 39.31 -6.06
N PHE LA 63 -87.27 39.78 -6.25
CA PHE LA 63 -86.12 39.25 -5.47
C PHE LA 63 -85.82 40.08 -4.27
N TYR LA 64 -85.12 39.49 -3.30
CA TYR LA 64 -84.68 40.21 -2.10
C TYR LA 64 -83.32 39.72 -1.59
N LEU LA 65 -82.52 40.67 -1.10
CA LEU LA 65 -81.14 40.41 -0.67
C LEU LA 65 -80.82 41.29 0.53
N LEU LA 66 -80.06 40.77 1.48
CA LEU LA 66 -79.60 41.58 2.61
C LEU LA 66 -78.09 41.81 2.51
N TYR LA 67 -77.65 43.06 2.38
CA TYR LA 67 -76.21 43.35 2.46
C TYR LA 67 -75.91 43.83 3.85
N TYR LA 68 -74.81 43.36 4.44
CA TYR LA 68 -74.46 43.72 5.83
C TYR LA 68 -72.93 43.79 6.08
N THR LA 69 -72.56 44.38 7.22
CA THR LA 69 -71.15 44.50 7.61
C THR LA 69 -70.97 44.95 9.05
N GLU LA 70 -69.91 44.48 9.69
CA GLU LA 70 -69.63 44.81 11.08
C GLU LA 70 -69.07 46.21 11.18
N PHE LA 71 -69.59 46.99 12.13
CA PHE LA 71 -69.09 48.34 12.37
C PHE LA 71 -69.38 48.83 13.78
N THR LA 72 -68.77 49.97 14.12
CA THR LA 72 -68.93 50.58 15.42
C THR LA 72 -69.33 52.03 15.22
N PRO LA 73 -70.64 52.31 15.21
CA PRO LA 73 -71.05 53.66 14.85
C PRO LA 73 -70.54 54.72 15.82
N THR LA 74 -70.30 55.91 15.30
CA THR LA 74 -69.92 57.09 16.10
C THR LA 74 -70.61 58.29 15.49
N GLU LA 75 -70.72 59.39 16.22
CA GLU LA 75 -71.56 60.51 15.76
C GLU LA 75 -70.96 61.29 14.60
N LYS LA 76 -69.63 61.32 14.50
CA LYS LA 76 -68.92 62.05 13.45
C LYS LA 76 -69.00 61.40 12.06
N ASN LA 77 -69.26 60.09 12.02
CA ASN LA 77 -69.36 59.35 10.76
C ASN LA 77 -70.79 59.25 10.24
N GLU LA 78 -70.94 59.18 8.92
CA GLU LA 78 -72.24 59.03 8.29
C GLU LA 78 -72.19 57.79 7.43
N TYR LA 79 -73.30 57.07 7.39
CA TYR LA 79 -73.39 55.84 6.63
C TYR LA 79 -74.54 55.93 5.65
N ALA LA 80 -74.45 55.12 4.60
CA ALA LA 80 -75.50 55.08 3.58
C ALA LA 80 -75.45 53.78 2.81
N CYS LA 81 -76.50 53.52 2.05
CA CYS LA 81 -76.54 52.39 1.11
C CYS LA 81 -76.62 53.01 -0.28
N ARG LA 82 -75.80 52.51 -1.21
CA ARG LA 82 -75.83 52.96 -2.63
C ARG LA 82 -76.18 51.83 -3.55
N VAL LA 83 -77.18 52.05 -4.38
CA VAL LA 83 -77.79 50.97 -5.11
C VAL LA 83 -77.94 51.36 -6.57
N ASN LA 84 -77.49 50.50 -7.47
CA ASN LA 84 -77.82 50.69 -8.88
C ASN LA 84 -78.49 49.45 -9.48
N HIS LA 85 -79.38 49.70 -10.42
CA HIS LA 85 -80.21 48.68 -11.01
C HIS LA 85 -80.74 49.24 -12.33
N VAL LA 86 -81.03 48.35 -13.26
CA VAL LA 86 -81.40 48.75 -14.60
C VAL LA 86 -82.67 49.64 -14.63
N THR LA 87 -83.54 49.50 -13.63
CA THR LA 87 -84.76 50.31 -13.54
C THR LA 87 -84.54 51.72 -12.96
N LEU LA 88 -83.30 52.06 -12.62
CA LEU LA 88 -82.97 53.38 -12.08
C LEU LA 88 -82.20 54.19 -13.12
N SER LA 89 -82.47 55.49 -13.17
CA SER LA 89 -81.79 56.39 -14.10
C SER LA 89 -80.40 56.77 -13.56
N GLN LA 90 -80.20 56.60 -12.26
CA GLN LA 90 -78.89 56.77 -11.65
C GLN LA 90 -78.86 56.09 -10.30
N PRO LA 91 -77.66 55.95 -9.71
CA PRO LA 91 -77.52 55.42 -8.35
C PRO LA 91 -78.46 56.07 -7.35
N LYS LA 92 -79.05 55.24 -6.48
CA LYS LA 92 -79.88 55.72 -5.37
C LYS LA 92 -79.08 55.61 -4.08
N ILE LA 93 -78.93 56.72 -3.35
CA ILE LA 93 -78.27 56.70 -2.05
C ILE LA 93 -79.28 56.98 -0.96
N VAL LA 94 -79.44 56.02 -0.05
CA VAL LA 94 -80.36 56.12 1.07
C VAL LA 94 -79.53 56.24 2.35
N LYS LA 95 -79.64 57.38 3.02
CA LYS LA 95 -78.87 57.64 4.24
C LYS LA 95 -79.39 56.83 5.41
N TRP LA 96 -78.48 56.31 6.21
CA TRP LA 96 -78.85 55.64 7.45
C TRP LA 96 -79.30 56.64 8.49
N ASP LA 97 -80.56 56.57 8.88
CA ASP LA 97 -81.14 57.42 9.89
C ASP LA 97 -81.35 56.60 11.15
N ARG LA 98 -80.67 56.96 12.23
CA ARG LA 98 -80.61 56.12 13.44
C ARG LA 98 -81.93 55.95 14.21
N ASP LA 99 -82.99 56.64 13.78
CA ASP LA 99 -84.36 56.32 14.21
C ASP LA 99 -85.14 55.81 12.99
N MET LA 100 -84.49 54.94 12.22
CA MET LA 100 -85.14 54.15 11.18
C MET LA 100 -84.30 52.90 10.85
N TYR MA 1 -84.70 18.29 1.99
CA TYR MA 1 -84.38 17.10 1.14
C TYR MA 1 -84.98 17.35 -0.24
N LEU MA 2 -84.11 17.56 -1.22
CA LEU MA 2 -84.55 17.89 -2.58
C LEU MA 2 -85.15 16.70 -3.29
N LEU MA 3 -85.88 16.97 -4.37
CA LEU MA 3 -86.37 15.94 -5.26
C LEU MA 3 -85.18 15.17 -5.83
N MET MA 4 -85.30 13.84 -5.88
CA MET MA 4 -84.23 13.01 -6.43
C MET MA 4 -83.93 13.40 -7.89
N TRP MA 5 -84.88 14.03 -8.58
CA TRP MA 5 -84.64 14.70 -9.87
C TRP MA 5 -85.75 15.68 -10.26
N ILE MA 6 -85.59 16.33 -11.42
CA ILE MA 6 -86.65 17.15 -12.01
C ILE MA 6 -86.67 16.99 -13.53
N THR MA 7 -87.77 17.40 -14.17
CA THR MA 7 -88.04 17.06 -15.56
C THR MA 7 -88.05 18.30 -16.42
N GLN MA 8 -87.40 18.19 -17.57
CA GLN MA 8 -87.16 19.31 -18.46
C GLN MA 8 -88.45 19.98 -18.89
N VAL MA 9 -88.59 21.25 -18.50
CA VAL MA 9 -89.67 22.11 -18.96
C VAL MA 9 -89.99 21.90 -20.43
N GLY NA 1 -65.25 -18.09 -1.24
CA GLY NA 1 -65.13 -18.60 -2.63
C GLY NA 1 -63.72 -19.09 -2.95
N SER NA 2 -63.42 -19.17 -4.23
CA SER NA 2 -62.11 -19.62 -4.70
C SER NA 2 -61.03 -18.55 -4.48
N HIS NA 3 -59.78 -18.90 -4.74
CA HIS NA 3 -58.64 -18.00 -4.50
C HIS NA 3 -57.50 -18.27 -5.46
N SER NA 4 -56.97 -17.21 -6.07
CA SER NA 4 -55.92 -17.34 -7.06
C SER NA 4 -54.59 -16.79 -6.53
N MET NA 5 -53.51 -17.52 -6.82
CA MET NA 5 -52.18 -16.95 -6.73
C MET NA 5 -51.64 -16.87 -8.15
N ARG NA 6 -50.99 -15.76 -8.49
CA ARG NA 6 -50.56 -15.52 -9.85
C ARG NA 6 -49.32 -14.65 -9.91
N TYR NA 7 -48.47 -14.93 -10.91
CA TYR NA 7 -47.30 -14.13 -11.18
C TYR NA 7 -47.29 -13.71 -12.63
N PHE NA 8 -47.23 -12.40 -12.83
CA PHE NA 8 -47.11 -11.82 -14.15
C PHE NA 8 -45.68 -11.36 -14.38
N PHE NA 9 -45.12 -11.71 -15.54
CA PHE NA 9 -43.77 -11.33 -15.91
C PHE NA 9 -43.82 -10.65 -17.27
N THR NA 10 -43.01 -9.63 -17.45
CA THR NA 10 -42.91 -8.91 -18.71
C THR NA 10 -41.45 -8.60 -18.96
N SER NA 11 -40.97 -8.98 -20.13
CA SER NA 11 -39.59 -8.76 -20.51
C SER NA 11 -39.57 -8.11 -21.87
N VAL NA 12 -38.81 -7.03 -22.00
CA VAL NA 12 -38.83 -6.20 -23.21
C VAL NA 12 -37.42 -5.84 -23.59
N SER NA 13 -37.05 -6.14 -24.85
CA SER NA 13 -35.72 -5.83 -25.37
C SER NA 13 -35.58 -4.34 -25.67
N ARG NA 14 -34.38 -3.80 -25.50
CA ARG NA 14 -34.12 -2.39 -25.74
C ARG NA 14 -32.81 -2.17 -26.49
N PRO NA 15 -32.75 -2.66 -27.74
CA PRO NA 15 -31.55 -2.49 -28.55
C PRO NA 15 -31.27 -1.02 -28.79
N GLY NA 16 -30.03 -0.61 -28.54
CA GLY NA 16 -29.63 0.77 -28.77
C GLY NA 16 -29.75 1.66 -27.54
N ARG NA 17 -30.52 1.20 -26.54
CA ARG NA 17 -30.65 1.92 -25.26
C ARG NA 17 -30.14 1.13 -24.07
N GLY NA 18 -30.09 -0.21 -24.17
CA GLY NA 18 -29.38 -1.02 -23.17
C GLY NA 18 -29.96 -2.39 -22.90
N GLU NA 19 -29.69 -2.88 -21.69
CA GLU NA 19 -30.08 -4.22 -21.31
C GLU NA 19 -31.60 -4.30 -21.35
N PRO NA 20 -32.15 -5.53 -21.44
CA PRO NA 20 -33.60 -5.65 -21.54
C PRO NA 20 -34.34 -5.38 -20.22
N ARG NA 21 -35.55 -4.87 -20.32
CA ARG NA 21 -36.34 -4.57 -19.14
C ARG NA 21 -36.99 -5.84 -18.62
N PHE NA 22 -37.02 -5.98 -17.30
CA PHE NA 22 -37.71 -7.11 -16.71
C PHE NA 22 -38.59 -6.63 -15.56
N ILE NA 23 -39.86 -6.98 -15.59
CA ILE NA 23 -40.78 -6.61 -14.52
C ILE NA 23 -41.61 -7.80 -14.08
N ALA NA 24 -41.64 -8.05 -12.77
CA ALA NA 24 -42.37 -9.17 -12.17
C ALA NA 24 -43.24 -8.70 -11.00
N VAL NA 25 -44.47 -9.22 -10.95
CA VAL NA 25 -45.44 -8.80 -9.94
C VAL NA 25 -46.19 -10.04 -9.50
N GLY NA 26 -46.64 -10.06 -8.26
CA GLY NA 26 -47.30 -11.24 -7.71
C GLY NA 26 -48.60 -10.84 -7.05
N TYR NA 27 -49.65 -11.60 -7.33
CA TYR NA 27 -50.99 -11.26 -6.93
C TYR NA 27 -51.57 -12.44 -6.19
N VAL NA 28 -52.18 -12.18 -5.03
CA VAL NA 28 -53.09 -13.14 -4.43
C VAL NA 28 -54.46 -12.49 -4.56
N ASP NA 29 -55.35 -13.17 -5.30
CA ASP NA 29 -56.60 -12.58 -5.72
C ASP NA 29 -56.31 -11.28 -6.47
N ASP NA 30 -56.93 -10.18 -6.07
CA ASP NA 30 -56.78 -8.91 -6.76
C ASP NA 30 -55.76 -7.99 -6.08
N THR NA 31 -55.02 -8.54 -5.12
CA THR NA 31 -54.04 -7.80 -4.31
C THR NA 31 -52.62 -8.11 -4.73
N GLN NA 32 -51.89 -7.11 -5.22
CA GLN NA 32 -50.45 -7.25 -5.44
C GLN NA 32 -49.79 -7.41 -4.10
N PHE NA 33 -48.82 -8.31 -4.01
CA PHE NA 33 -48.04 -8.47 -2.77
C PHE NA 33 -46.52 -8.36 -2.89
N VAL NA 34 -45.96 -8.57 -4.07
CA VAL NA 34 -44.52 -8.41 -4.28
C VAL NA 34 -44.23 -7.89 -5.69
N ARG NA 35 -43.05 -7.33 -5.89
CA ARG NA 35 -42.60 -6.92 -7.22
C ARG NA 35 -41.09 -6.93 -7.37
N PHE NA 36 -40.64 -7.24 -8.57
CA PHE NA 36 -39.28 -6.98 -9.00
C PHE NA 36 -39.31 -6.11 -10.25
N ASP NA 37 -38.28 -5.28 -10.41
CA ASP NA 37 -38.14 -4.43 -11.58
C ASP NA 37 -36.66 -4.19 -11.83
N SER NA 38 -36.15 -4.75 -12.94
CA SER NA 38 -34.73 -4.71 -13.26
C SER NA 38 -34.11 -3.32 -13.26
N ASP NA 39 -34.94 -2.29 -13.39
CA ASP NA 39 -34.48 -0.89 -13.50
C ASP NA 39 -34.40 -0.17 -12.15
N ALA NA 40 -35.08 -0.69 -11.12
CA ALA NA 40 -35.12 -0.02 -9.79
C ALA NA 40 -33.78 -0.14 -9.02
N ALA NA 41 -33.71 0.49 -7.84
CA ALA NA 41 -32.43 0.63 -7.10
C ALA NA 41 -32.02 -0.59 -6.25
N SER NA 42 -33.02 -1.27 -5.70
CA SER NA 42 -32.79 -2.36 -4.74
C SER NA 42 -32.25 -3.65 -5.35
N GLN NA 43 -32.77 -3.99 -6.53
CA GLN NA 43 -32.46 -5.28 -7.15
C GLN NA 43 -32.84 -6.39 -6.16
N ARG NA 44 -33.98 -6.21 -5.52
CA ARG NA 44 -34.56 -7.20 -4.63
C ARG NA 44 -36.00 -7.40 -5.02
N MET NA 45 -36.52 -8.57 -4.71
CA MET NA 45 -37.95 -8.76 -4.63
C MET NA 45 -38.40 -7.85 -3.47
N GLU NA 46 -39.37 -6.98 -3.75
CA GLU NA 46 -39.85 -5.97 -2.81
C GLU NA 46 -41.29 -6.29 -2.37
N PRO NA 47 -41.58 -6.12 -1.08
CA PRO NA 47 -42.94 -6.37 -0.59
C PRO NA 47 -43.89 -5.25 -1.00
N ARG NA 48 -45.12 -5.59 -1.37
CA ARG NA 48 -46.14 -4.59 -1.73
C ARG NA 48 -47.45 -4.74 -0.94
N ALA NA 49 -47.38 -5.47 0.19
CA ALA NA 49 -48.54 -5.70 1.05
C ALA NA 49 -48.06 -5.95 2.49
N PRO NA 50 -48.79 -5.43 3.48
CA PRO NA 50 -48.32 -5.49 4.87
C PRO NA 50 -48.09 -6.91 5.42
N TRP NA 51 -48.93 -7.86 5.02
CA TRP NA 51 -48.84 -9.24 5.52
C TRP NA 51 -47.68 -10.09 4.97
N ILE NA 52 -47.07 -9.67 3.88
CA ILE NA 52 -45.88 -10.33 3.36
C ILE NA 52 -44.63 -9.77 4.03
N GLU NA 53 -44.75 -8.61 4.68
CA GLU NA 53 -43.61 -8.05 5.45
C GLU NA 53 -43.34 -8.89 6.69
N GLN NA 54 -44.29 -9.74 7.04
CA GLN NA 54 -44.13 -10.74 8.10
C GLN NA 54 -42.93 -11.66 7.82
N GLU NA 55 -42.66 -11.91 6.54
CA GLU NA 55 -41.66 -12.92 6.13
C GLU NA 55 -40.23 -12.48 6.43
N GLY NA 56 -39.43 -13.43 6.92
CA GLY NA 56 -38.05 -13.17 7.30
C GLY NA 56 -37.06 -13.21 6.15
N PRO NA 57 -35.81 -12.79 6.41
CA PRO NA 57 -34.72 -12.71 5.43
C PRO NA 57 -34.62 -13.92 4.49
N GLU NA 58 -34.68 -15.13 5.03
CA GLU NA 58 -34.59 -16.32 4.16
C GLU NA 58 -35.56 -16.23 2.98
N TYR NA 59 -36.81 -15.87 3.27
CA TYR NA 59 -37.80 -15.73 2.22
C TYR NA 59 -37.31 -14.76 1.15
N TRP NA 60 -36.89 -13.58 1.58
CA TRP NA 60 -36.61 -12.48 0.64
C TRP NA 60 -35.38 -12.75 -0.20
N ASP NA 61 -34.38 -13.37 0.40
CA ASP NA 61 -33.16 -13.71 -0.29
C ASP NA 61 -33.53 -14.71 -1.38
N GLY NA 62 -34.30 -15.73 -0.98
CA GLY NA 62 -34.76 -16.79 -1.87
C GLY NA 62 -35.62 -16.34 -3.04
N GLU NA 63 -36.54 -15.42 -2.81
CA GLU NA 63 -37.37 -14.90 -3.91
C GLU NA 63 -36.56 -13.98 -4.81
N THR NA 64 -35.71 -13.16 -4.20
CA THR NA 64 -34.87 -12.25 -4.98
C THR NA 64 -34.03 -13.06 -5.95
N ARG NA 65 -33.46 -14.14 -5.46
CA ARG NA 65 -32.53 -14.94 -6.24
C ARG NA 65 -33.26 -15.80 -7.32
N LYS NA 66 -34.50 -16.19 -7.03
CA LYS NA 66 -35.35 -16.86 -8.01
C LYS NA 66 -35.84 -15.91 -9.10
N VAL NA 67 -36.17 -14.67 -8.74
CA VAL NA 67 -36.64 -13.71 -9.75
C VAL NA 67 -35.50 -13.27 -10.68
N LYS NA 68 -34.29 -13.08 -10.15
CA LYS NA 68 -33.13 -12.83 -11.00
C LYS NA 68 -32.87 -14.01 -11.95
N ALA NA 69 -33.15 -15.22 -11.49
CA ALA NA 69 -33.04 -16.42 -12.34
C ALA NA 69 -34.10 -16.42 -13.44
N HIS NA 70 -35.35 -16.10 -13.07
CA HIS NA 70 -36.39 -15.87 -14.07
C HIS NA 70 -35.91 -14.83 -15.09
N SER NA 71 -35.36 -13.73 -14.60
CA SER NA 71 -34.90 -12.64 -15.48
C SER NA 71 -33.83 -13.03 -16.50
N GLN NA 72 -32.94 -13.96 -16.15
CA GLN NA 72 -31.88 -14.39 -17.06
C GLN NA 72 -32.36 -15.39 -18.13
N THR NA 73 -33.24 -16.31 -17.74
CA THR NA 73 -33.84 -17.20 -18.71
C THR NA 73 -34.52 -16.34 -19.78
N HIS NA 74 -35.36 -15.40 -19.32
CA HIS NA 74 -36.04 -14.49 -20.23
C HIS NA 74 -35.09 -13.69 -21.09
N ARG NA 75 -33.97 -13.28 -20.52
CA ARG NA 75 -32.97 -12.61 -21.32
C ARG NA 75 -32.58 -13.54 -22.46
N VAL NA 76 -32.12 -14.74 -22.10
CA VAL NA 76 -31.70 -15.73 -23.10
C VAL NA 76 -32.83 -15.97 -24.10
N ASP NA 77 -34.03 -16.18 -23.57
CA ASP NA 77 -35.17 -16.44 -24.44
C ASP NA 77 -35.30 -15.39 -25.55
N LEU NA 78 -35.32 -14.10 -25.19
CA LEU NA 78 -35.46 -13.03 -26.19
C LEU NA 78 -34.61 -13.22 -27.45
N GLY NA 79 -33.36 -13.66 -27.26
CA GLY NA 79 -32.38 -13.85 -28.34
C GLY NA 79 -32.53 -15.17 -29.07
N THR NA 80 -33.30 -16.09 -28.49
CA THR NA 80 -33.69 -17.32 -29.16
C THR NA 80 -34.91 -17.07 -30.02
N LEU NA 81 -35.91 -16.39 -29.46
CA LEU NA 81 -37.17 -16.14 -30.14
C LEU NA 81 -36.99 -15.40 -31.45
N ARG NA 82 -36.03 -14.47 -31.46
CA ARG NA 82 -35.57 -13.85 -32.71
C ARG NA 82 -35.05 -14.94 -33.64
N GLY NA 83 -34.10 -15.74 -33.14
CA GLY NA 83 -33.46 -16.82 -33.88
C GLY NA 83 -34.46 -17.77 -34.52
N TYR NA 84 -35.57 -18.04 -33.82
CA TYR NA 84 -36.66 -18.86 -34.40
C TYR NA 84 -37.37 -18.13 -35.52
N TYR NA 85 -37.95 -16.99 -35.20
CA TYR NA 85 -38.76 -16.22 -36.10
C TYR NA 85 -37.91 -15.43 -37.04
N ASN NA 86 -36.62 -15.58 -37.01
CA ASN NA 86 -35.84 -14.92 -38.03
C ASN NA 86 -36.25 -13.49 -38.08
N GLN NA 87 -35.75 -12.72 -37.14
CA GLN NA 87 -36.09 -11.32 -37.04
C GLN NA 87 -34.89 -10.41 -36.95
N SER NA 88 -35.03 -9.18 -37.49
CA SER NA 88 -33.98 -8.17 -37.50
C SER NA 88 -33.58 -7.83 -36.07
N GLU NA 89 -32.30 -7.97 -35.78
CA GLU NA 89 -31.75 -7.67 -34.45
C GLU NA 89 -32.19 -6.28 -33.98
N ALA NA 90 -32.62 -5.44 -34.92
CA ALA NA 90 -33.03 -4.07 -34.62
C ALA NA 90 -34.29 -3.97 -33.80
N GLY NA 91 -35.26 -4.82 -34.03
CA GLY NA 91 -36.56 -4.65 -33.38
C GLY NA 91 -36.50 -4.71 -31.86
N SER NA 92 -37.47 -4.06 -31.23
CA SER NA 92 -37.72 -4.26 -29.82
C SER NA 92 -38.93 -5.18 -29.71
N HIS NA 93 -38.76 -6.30 -28.99
CA HIS NA 93 -39.82 -7.30 -28.81
C HIS NA 93 -40.14 -7.52 -27.34
N THR NA 94 -41.20 -8.27 -27.09
CA THR NA 94 -41.82 -8.40 -25.78
C THR NA 94 -42.22 -9.84 -25.49
N VAL NA 95 -41.76 -10.36 -24.35
CA VAL NA 95 -42.09 -11.70 -23.92
C VAL NA 95 -42.89 -11.57 -22.65
N GLN NA 96 -44.02 -12.27 -22.55
CA GLN NA 96 -44.83 -12.21 -21.35
C GLN NA 96 -45.09 -13.60 -20.81
N ARG NA 97 -45.04 -13.75 -19.48
CA ARG NA 97 -45.32 -15.03 -18.85
C ARG NA 97 -46.23 -14.83 -17.68
N MET NA 98 -47.17 -15.74 -17.51
CA MET NA 98 -48.02 -15.80 -16.32
C MET NA 98 -48.22 -17.24 -15.92
N TYR NA 99 -47.94 -17.54 -14.66
CA TYR NA 99 -48.24 -18.84 -14.10
C TYR NA 99 -48.77 -18.71 -12.70
N GLY NA 100 -49.62 -19.67 -12.32
CA GLY NA 100 -50.20 -19.68 -10.99
C GLY NA 100 -51.16 -20.83 -10.78
N CYS NA 101 -51.88 -20.78 -9.66
CA CYS NA 101 -52.81 -21.83 -9.26
C CYS NA 101 -54.02 -21.21 -8.55
N ASP NA 102 -55.15 -21.92 -8.61
CA ASP NA 102 -56.37 -21.54 -7.89
C ASP NA 102 -56.69 -22.59 -6.82
N VAL NA 103 -57.34 -22.17 -5.76
CA VAL NA 103 -57.86 -23.09 -4.75
C VAL NA 103 -59.34 -22.86 -4.60
N GLY NA 104 -60.08 -23.95 -4.36
CA GLY NA 104 -61.52 -23.86 -4.17
C GLY NA 104 -61.83 -23.18 -2.86
N SER NA 105 -63.11 -23.02 -2.57
CA SER NA 105 -63.57 -22.38 -1.34
C SER NA 105 -63.10 -23.15 -0.11
N ASP NA 106 -62.80 -24.42 -0.32
CA ASP NA 106 -62.21 -25.28 0.68
C ASP NA 106 -60.70 -25.21 0.80
N TRP NA 107 -60.03 -24.61 -0.17
CA TRP NA 107 -58.57 -24.49 -0.21
C TRP NA 107 -57.77 -25.66 -0.74
N ARG NA 108 -58.42 -26.57 -1.42
CA ARG NA 108 -57.69 -27.65 -2.03
C ARG NA 108 -57.52 -27.23 -3.44
N PHE NA 109 -56.42 -27.64 -4.01
CA PHE NA 109 -56.10 -27.31 -5.39
C PHE NA 109 -57.30 -27.47 -6.29
N LEU NA 110 -57.57 -26.46 -7.10
CA LEU NA 110 -58.68 -26.44 -8.05
C LEU NA 110 -58.16 -26.43 -9.48
N ARG NA 111 -57.13 -25.63 -9.74
CA ARG NA 111 -56.62 -25.46 -11.11
C ARG NA 111 -55.16 -24.98 -11.09
N GLY NA 112 -54.48 -25.18 -12.21
CA GLY NA 112 -53.12 -24.67 -12.41
C GLY NA 112 -52.93 -24.20 -13.84
N TYR NA 113 -52.02 -23.25 -14.02
CA TYR NA 113 -51.79 -22.69 -15.34
C TYR NA 113 -50.42 -22.06 -15.46
N HIS NA 114 -50.03 -21.87 -16.71
CA HIS NA 114 -48.75 -21.32 -17.04
C HIS NA 114 -48.79 -20.96 -18.52
N GLN NA 115 -48.81 -19.68 -18.82
CA GLN NA 115 -48.97 -19.22 -20.19
C GLN NA 115 -47.81 -18.34 -20.61
N TYR NA 116 -47.53 -18.34 -21.91
CA TYR NA 116 -46.39 -17.66 -22.49
C TYR NA 116 -46.89 -16.93 -23.73
N ALA NA 117 -46.52 -15.66 -23.86
CA ALA NA 117 -46.95 -14.85 -24.99
C ALA NA 117 -45.74 -14.19 -25.61
N TYR NA 118 -45.74 -14.08 -26.95
CA TYR NA 118 -44.70 -13.33 -27.65
C TYR NA 118 -45.36 -12.21 -28.42
N ASP NA 119 -44.85 -11.00 -28.24
CA ASP NA 119 -45.35 -9.83 -28.95
C ASP NA 119 -46.87 -9.79 -29.02
N GLY NA 120 -47.51 -10.05 -27.89
CA GLY NA 120 -48.97 -9.92 -27.75
C GLY NA 120 -49.80 -11.10 -28.25
N LYS NA 121 -49.14 -12.20 -28.60
CA LYS NA 121 -49.84 -13.38 -29.14
C LYS NA 121 -49.45 -14.63 -28.37
N ASP NA 122 -50.43 -15.51 -28.15
CA ASP NA 122 -50.15 -16.82 -27.58
C ASP NA 122 -48.91 -17.39 -28.28
N TYR NA 123 -48.00 -17.94 -27.50
CA TYR NA 123 -46.85 -18.65 -28.04
C TYR NA 123 -46.89 -20.10 -27.59
N ILE NA 124 -47.01 -20.30 -26.28
CA ILE NA 124 -47.21 -21.63 -25.68
C ILE NA 124 -47.90 -21.54 -24.33
N ALA NA 125 -48.69 -22.56 -24.00
CA ALA NA 125 -49.52 -22.56 -22.79
C ALA NA 125 -49.79 -23.99 -22.34
N LEU NA 126 -49.98 -24.17 -21.04
CA LEU NA 126 -50.21 -25.49 -20.45
C LEU NA 126 -51.70 -25.79 -20.42
N LYS NA 127 -52.08 -27.00 -20.82
CA LYS NA 127 -53.49 -27.38 -20.87
C LYS NA 127 -54.01 -27.76 -19.49
N GLU NA 128 -55.33 -27.65 -19.34
CA GLU NA 128 -56.00 -27.83 -18.05
C GLU NA 128 -55.64 -29.14 -17.35
N ASP NA 129 -55.24 -30.14 -18.14
CA ASP NA 129 -54.80 -31.45 -17.63
C ASP NA 129 -53.41 -31.47 -17.01
N LEU NA 130 -52.63 -30.41 -17.25
CA LEU NA 130 -51.27 -30.24 -16.69
C LEU NA 130 -50.21 -31.24 -17.19
N ARG NA 131 -50.46 -31.88 -18.33
CA ARG NA 131 -49.55 -32.91 -18.87
C ARG NA 131 -49.01 -32.62 -20.27
N SER NA 132 -49.74 -31.81 -21.04
CA SER NA 132 -49.38 -31.51 -22.44
C SER NA 132 -49.42 -30.00 -22.67
N TRP NA 133 -49.09 -29.58 -23.89
CA TRP NA 133 -49.04 -28.17 -24.24
C TRP NA 133 -49.86 -27.79 -25.49
N THR NA 134 -50.56 -26.65 -25.42
CA THR NA 134 -51.18 -25.97 -26.58
C THR NA 134 -50.13 -25.06 -27.22
N ALA NA 135 -49.61 -25.46 -28.37
CA ALA NA 135 -48.55 -24.70 -29.05
C ALA NA 135 -49.13 -23.84 -30.17
N ALA NA 136 -48.44 -22.73 -30.45
CA ALA NA 136 -48.89 -21.76 -31.47
C ALA NA 136 -48.51 -22.13 -32.93
N ASP NA 137 -47.21 -22.21 -33.22
CA ASP NA 137 -46.71 -22.33 -34.61
C ASP NA 137 -45.41 -23.14 -34.69
N MET NA 138 -44.75 -23.09 -35.85
CA MET NA 138 -43.49 -23.81 -36.07
C MET NA 138 -42.48 -23.56 -34.95
N ALA NA 139 -42.17 -22.27 -34.73
CA ALA NA 139 -41.28 -21.88 -33.63
C ALA NA 139 -41.72 -22.47 -32.29
N ALA NA 140 -42.99 -22.29 -31.96
CA ALA NA 140 -43.55 -22.86 -30.72
C ALA NA 140 -43.29 -24.35 -30.66
N GLN NA 141 -43.58 -25.05 -31.75
CA GLN NA 141 -43.39 -26.51 -31.79
C GLN NA 141 -41.94 -26.91 -31.55
N THR NA 142 -40.98 -26.15 -32.08
CA THR NA 142 -39.57 -26.39 -31.75
C THR NA 142 -39.33 -26.34 -30.24
N THR NA 143 -40.03 -25.42 -29.54
CA THR NA 143 -39.96 -25.30 -28.08
C THR NA 143 -40.66 -26.45 -27.40
N LYS NA 144 -41.92 -26.68 -27.76
CA LYS NA 144 -42.69 -27.86 -27.30
C LYS NA 144 -41.88 -29.17 -27.32
N HIS NA 145 -41.10 -29.39 -28.38
CA HIS NA 145 -40.34 -30.63 -28.51
C HIS NA 145 -39.28 -30.74 -27.44
N LYS NA 146 -38.72 -29.59 -27.07
CA LYS NA 146 -37.64 -29.51 -26.10
C LYS NA 146 -38.17 -29.73 -24.67
N TRP NA 147 -39.45 -29.42 -24.45
CA TRP NA 147 -40.09 -29.43 -23.10
C TRP NA 147 -40.80 -30.75 -22.79
N GLU NA 148 -41.12 -31.50 -23.84
CA GLU NA 148 -41.48 -32.90 -23.70
C GLU NA 148 -40.19 -33.69 -23.46
N ALA NA 149 -39.17 -33.38 -24.26
CA ALA NA 149 -37.87 -34.04 -24.15
C ALA NA 149 -37.10 -33.71 -22.86
N ALA NA 150 -37.57 -32.73 -22.10
CA ALA NA 150 -36.97 -32.39 -20.82
C ALA NA 150 -37.93 -32.57 -19.64
N HIS NA 151 -39.08 -33.19 -19.92
CA HIS NA 151 -40.07 -33.54 -18.90
C HIS NA 151 -40.45 -32.34 -18.00
N VAL NA 152 -40.70 -31.21 -18.67
CA VAL NA 152 -41.08 -29.97 -17.99
C VAL NA 152 -42.45 -30.05 -17.32
N ALA NA 153 -43.46 -30.53 -18.06
CA ALA NA 153 -44.83 -30.62 -17.54
C ALA NA 153 -44.84 -31.26 -16.16
N GLU NA 154 -44.05 -32.31 -15.97
CA GLU NA 154 -43.95 -32.99 -14.68
C GLU NA 154 -43.52 -32.02 -13.57
N GLN NA 155 -42.35 -31.42 -13.73
CA GLN NA 155 -41.84 -30.42 -12.75
C GLN NA 155 -42.96 -29.44 -12.40
N LEU NA 156 -43.53 -28.79 -13.42
CA LEU NA 156 -44.62 -27.83 -13.22
C LEU NA 156 -45.78 -28.43 -12.44
N ARG NA 157 -46.20 -29.63 -12.83
CA ARG NA 157 -47.28 -30.33 -12.13
C ARG NA 157 -46.97 -30.32 -10.63
N ALA NA 158 -45.79 -30.81 -10.26
CA ALA NA 158 -45.34 -30.79 -8.86
C ALA NA 158 -45.57 -29.44 -8.17
N TYR NA 159 -45.18 -28.34 -8.83
CA TYR NA 159 -45.31 -27.00 -8.25
C TYR NA 159 -46.76 -26.55 -8.10
N LEU NA 160 -47.50 -26.62 -9.20
CA LEU NA 160 -48.87 -26.09 -9.21
C LEU NA 160 -49.74 -26.82 -8.19
N GLU NA 161 -49.61 -28.14 -8.13
CA GLU NA 161 -50.41 -28.95 -7.20
C GLU NA 161 -49.77 -29.00 -5.81
N GLY NA 162 -48.50 -28.62 -5.71
CA GLY NA 162 -47.75 -28.74 -4.46
C GLY NA 162 -47.44 -27.40 -3.85
N THR NA 163 -46.30 -26.83 -4.20
CA THR NA 163 -45.80 -25.62 -3.56
C THR NA 163 -46.74 -24.43 -3.78
N CYS NA 164 -47.13 -24.22 -5.03
CA CYS NA 164 -47.95 -23.07 -5.39
C CYS NA 164 -49.06 -22.92 -4.38
N VAL NA 165 -49.70 -24.05 -4.09
CA VAL NA 165 -50.92 -24.07 -3.30
C VAL NA 165 -50.62 -24.10 -1.79
N GLU NA 166 -49.49 -24.69 -1.41
CA GLU NA 166 -49.08 -24.66 -0.01
C GLU NA 166 -48.87 -23.22 0.41
N TRP NA 167 -48.21 -22.45 -0.44
CA TRP NA 167 -47.91 -21.04 -0.15
C TRP NA 167 -49.12 -20.14 -0.27
N LEU NA 168 -49.98 -20.42 -1.24
CA LEU NA 168 -51.20 -19.64 -1.38
C LEU NA 168 -51.94 -19.66 -0.06
N ARG NA 169 -52.12 -20.86 0.49
CA ARG NA 169 -52.78 -21.04 1.79
C ARG NA 169 -52.06 -20.27 2.88
N ARG NA 170 -50.76 -20.46 2.94
CA ARG NA 170 -49.94 -19.77 3.91
C ARG NA 170 -50.15 -18.27 3.85
N TYR NA 171 -50.20 -17.73 2.64
CA TYR NA 171 -50.42 -16.30 2.47
C TYR NA 171 -51.84 -15.93 2.88
N LEU NA 172 -52.82 -16.76 2.50
CA LEU NA 172 -54.21 -16.48 2.83
C LEU NA 172 -54.41 -16.32 4.32
N GLU NA 173 -53.82 -17.21 5.09
CA GLU NA 173 -53.90 -17.18 6.55
C GLU NA 173 -53.20 -15.95 7.14
N ASN NA 174 -52.01 -15.63 6.63
CA ASN NA 174 -51.25 -14.48 7.15
C ASN NA 174 -51.90 -13.13 6.82
N GLY NA 175 -52.64 -13.10 5.71
CA GLY NA 175 -53.40 -11.93 5.30
C GLY NA 175 -54.88 -12.09 5.59
N LYS NA 176 -55.21 -12.93 6.56
CA LYS NA 176 -56.59 -13.19 6.98
C LYS NA 176 -57.41 -11.90 7.00
N GLU NA 177 -56.97 -10.94 7.81
CA GLU NA 177 -57.76 -9.73 8.07
C GLU NA 177 -58.05 -8.94 6.79
N THR NA 178 -57.11 -8.98 5.84
CA THR NA 178 -57.28 -8.28 4.55
C THR NA 178 -57.81 -9.20 3.46
N LEU NA 179 -57.00 -10.17 3.04
CA LEU NA 179 -57.32 -11.00 1.88
C LEU NA 179 -58.64 -11.77 1.98
N GLN NA 180 -59.10 -12.06 3.20
CA GLN NA 180 -60.36 -12.79 3.38
C GLN NA 180 -61.54 -11.86 3.68
N ARG NA 181 -61.26 -10.56 3.80
CA ARG NA 181 -62.32 -9.56 3.84
C ARG NA 181 -62.97 -9.48 2.46
N THR NA 182 -64.16 -8.89 2.45
CA THR NA 182 -64.77 -8.41 1.23
C THR NA 182 -65.31 -7.03 1.62
N ASP NA 183 -65.08 -6.01 0.78
CA ASP NA 183 -65.60 -4.66 1.03
C ASP NA 183 -66.86 -4.44 0.22
N ALA NA 184 -67.96 -4.18 0.90
CA ALA NA 184 -69.24 -3.97 0.23
C ALA NA 184 -69.13 -2.70 -0.61
N PRO NA 185 -69.65 -2.74 -1.85
CA PRO NA 185 -69.63 -1.52 -2.67
C PRO NA 185 -70.52 -0.44 -2.10
N LYS NA 186 -70.09 0.82 -2.23
CA LYS NA 186 -70.89 1.97 -1.85
C LYS NA 186 -71.49 2.50 -3.13
N THR NA 187 -72.81 2.65 -3.14
CA THR NA 187 -73.51 2.91 -4.38
C THR NA 187 -74.32 4.18 -4.34
N HIS NA 188 -74.64 4.70 -5.51
CA HIS NA 188 -75.50 5.87 -5.65
C HIS NA 188 -75.68 6.18 -7.12
N MET NA 189 -76.55 7.12 -7.45
CA MET NA 189 -76.90 7.41 -8.83
C MET NA 189 -76.91 8.92 -9.06
N THR NA 190 -76.64 9.30 -10.31
CA THR NA 190 -76.67 10.68 -10.72
C THR NA 190 -77.63 10.84 -11.90
N HIS NA 191 -78.09 12.09 -12.05
CA HIS NA 191 -79.00 12.47 -13.11
C HIS NA 191 -78.46 13.72 -13.77
N HIS NA 192 -78.50 13.74 -15.11
CA HIS NA 192 -77.88 14.79 -15.92
C HIS NA 192 -78.68 14.92 -17.22
N ALA NA 193 -79.38 16.03 -17.37
CA ALA NA 193 -80.17 16.29 -18.56
C ALA NA 193 -79.22 16.66 -19.67
N VAL NA 194 -79.30 15.97 -20.81
CA VAL NA 194 -78.46 16.27 -21.98
C VAL NA 194 -79.19 17.10 -23.04
N SER NA 195 -80.53 17.03 -23.04
CA SER NA 195 -81.34 17.83 -23.95
C SER NA 195 -82.71 18.07 -23.30
N ASP NA 196 -83.63 18.65 -24.05
CA ASP NA 196 -84.97 18.94 -23.51
C ASP NA 196 -85.90 17.70 -23.42
N HIS NA 197 -85.48 16.57 -23.97
CA HIS NA 197 -86.33 15.36 -23.98
C HIS NA 197 -85.64 14.11 -23.44
N GLU NA 198 -84.48 14.29 -22.81
CA GLU NA 198 -83.65 13.15 -22.42
C GLU NA 198 -82.63 13.47 -21.30
N ALA NA 199 -82.02 12.41 -20.78
CA ALA NA 199 -81.14 12.50 -19.62
C ALA NA 199 -80.27 11.24 -19.48
N THR NA 200 -79.02 11.44 -19.05
CA THR NA 200 -78.15 10.34 -18.71
C THR NA 200 -78.42 9.95 -17.27
N LEU NA 201 -78.68 8.67 -17.03
CA LEU NA 201 -78.69 8.14 -15.67
C LEU NA 201 -77.40 7.36 -15.50
N ARG NA 202 -76.66 7.61 -14.42
CA ARG NA 202 -75.42 6.86 -14.15
C ARG NA 202 -75.46 6.17 -12.79
N CYS NA 203 -74.95 4.95 -12.76
CA CYS NA 203 -74.97 4.10 -11.57
C CYS NA 203 -73.53 3.85 -11.13
N TRP NA 204 -73.21 4.20 -9.89
CA TRP NA 204 -71.84 4.10 -9.38
C TRP NA 204 -71.69 3.06 -8.31
N ALA NA 205 -70.66 2.25 -8.43
CA ALA NA 205 -70.18 1.41 -7.34
C ALA NA 205 -68.73 1.80 -7.07
N LEU NA 206 -68.40 2.11 -5.81
CA LEU NA 206 -67.04 2.52 -5.41
C LEU NA 206 -66.59 1.76 -4.18
N SER NA 207 -65.28 1.77 -3.93
CA SER NA 207 -64.69 1.24 -2.71
C SER NA 207 -65.03 -0.21 -2.44
N PHE NA 208 -65.09 -1.02 -3.49
CA PHE NA 208 -65.43 -2.43 -3.32
C PHE NA 208 -64.24 -3.35 -3.56
N TYR NA 209 -64.20 -4.43 -2.81
CA TYR NA 209 -63.19 -5.48 -2.96
C TYR NA 209 -63.87 -6.84 -2.74
N PRO NA 210 -63.58 -7.83 -3.61
CA PRO NA 210 -62.73 -7.85 -4.79
C PRO NA 210 -63.40 -7.28 -6.05
N ALA NA 211 -62.73 -7.38 -7.19
CA ALA NA 211 -63.11 -6.63 -8.39
C ALA NA 211 -64.27 -7.21 -9.19
N GLU NA 212 -64.74 -8.40 -8.87
CA GLU NA 212 -65.84 -8.97 -9.64
C GLU NA 212 -67.13 -8.33 -9.18
N ILE NA 213 -67.77 -7.62 -10.10
CA ILE NA 213 -69.01 -6.91 -9.84
C ILE NA 213 -69.87 -6.98 -11.11
N THR NA 214 -71.19 -6.93 -10.94
CA THR NA 214 -72.07 -6.79 -12.08
C THR NA 214 -73.00 -5.64 -11.78
N LEU NA 215 -73.05 -4.69 -12.70
CA LEU NA 215 -73.99 -3.57 -12.63
C LEU NA 215 -74.88 -3.66 -13.83
N THR NA 216 -76.18 -3.65 -13.59
CA THR NA 216 -77.13 -3.82 -14.68
C THR NA 216 -78.28 -2.82 -14.55
N TRP NA 217 -78.59 -2.18 -15.66
CA TRP NA 217 -79.75 -1.33 -15.76
C TRP NA 217 -80.94 -2.15 -16.27
N GLN NA 218 -82.14 -1.81 -15.78
CA GLN NA 218 -83.37 -2.45 -16.20
C GLN NA 218 -84.52 -1.47 -16.38
N ARG NA 219 -85.31 -1.66 -17.44
CA ARG NA 219 -86.54 -0.90 -17.63
C ARG NA 219 -87.75 -1.77 -17.34
N ASP NA 220 -88.59 -1.31 -16.41
CA ASP NA 220 -89.83 -2.00 -16.04
C ASP NA 220 -89.61 -3.46 -15.65
N GLY NA 221 -88.35 -3.84 -15.42
CA GLY NA 221 -87.99 -5.21 -15.08
C GLY NA 221 -87.12 -5.91 -16.10
N GLU NA 222 -87.08 -5.40 -17.33
CA GLU NA 222 -86.33 -6.05 -18.42
C GLU NA 222 -84.91 -5.49 -18.53
N ASP NA 223 -83.95 -6.37 -18.81
CA ASP NA 223 -82.55 -5.97 -19.03
C ASP NA 223 -82.42 -4.98 -20.20
N GLN NA 224 -81.31 -4.25 -20.23
CA GLN NA 224 -81.09 -3.18 -21.20
C GLN NA 224 -79.70 -3.25 -21.84
N THR NA 225 -79.16 -4.45 -21.96
CA THR NA 225 -77.75 -4.64 -22.35
C THR NA 225 -77.33 -3.78 -23.55
N GLN NA 226 -78.06 -3.88 -24.65
CA GLN NA 226 -77.74 -3.15 -25.87
C GLN NA 226 -77.65 -1.63 -25.65
N ASP NA 227 -78.31 -1.15 -24.59
CA ASP NA 227 -78.40 0.29 -24.31
C ASP NA 227 -77.44 0.80 -23.22
N THR NA 228 -76.86 -0.09 -22.42
CA THR NA 228 -76.00 0.36 -21.33
C THR NA 228 -74.65 0.80 -21.87
N GLU NA 229 -74.01 1.71 -21.16
CA GLU NA 229 -72.61 2.07 -21.39
C GLU NA 229 -71.90 1.66 -20.12
N LEU NA 230 -70.86 0.84 -20.27
CA LEU NA 230 -70.15 0.21 -19.15
C LEU NA 230 -68.68 0.48 -19.31
N VAL NA 231 -68.09 1.23 -18.38
CA VAL NA 231 -66.64 1.36 -18.38
C VAL NA 231 -65.98 0.16 -17.77
N GLU NA 232 -64.75 -0.10 -18.22
CA GLU NA 232 -63.86 -1.09 -17.63
C GLU NA 232 -63.83 -0.82 -16.13
N THR NA 233 -63.92 -1.87 -15.32
CA THR NA 233 -63.69 -1.76 -13.87
C THR NA 233 -62.29 -1.26 -13.62
N ARG NA 234 -62.13 -0.32 -12.69
CA ARG NA 234 -60.85 0.34 -12.50
C ARG NA 234 -60.41 0.38 -11.04
N PRO NA 235 -59.09 0.42 -10.81
CA PRO NA 235 -58.59 0.49 -9.47
C PRO NA 235 -58.69 1.91 -8.92
N ALA NA 236 -58.92 2.02 -7.61
CA ALA NA 236 -58.97 3.33 -6.94
C ALA NA 236 -57.57 3.80 -6.49
N GLY NA 237 -56.63 2.87 -6.32
CA GLY NA 237 -55.28 3.18 -5.82
C GLY NA 237 -55.12 2.92 -4.33
N ASP NA 238 -56.20 2.49 -3.68
CA ASP NA 238 -56.17 2.13 -2.26
C ASP NA 238 -56.38 0.63 -2.08
N GLY NA 239 -56.37 -0.11 -3.18
CA GLY NA 239 -56.63 -1.55 -3.13
C GLY NA 239 -58.07 -1.90 -3.48
N THR NA 240 -58.98 -0.93 -3.42
CA THR NA 240 -60.39 -1.17 -3.73
C THR NA 240 -60.64 -0.82 -5.20
N PHE NA 241 -61.89 -0.90 -5.66
CA PHE NA 241 -62.21 -0.71 -7.09
C PHE NA 241 -63.47 0.11 -7.29
N GLN NA 242 -63.67 0.60 -8.52
CA GLN NA 242 -64.82 1.43 -8.85
C GLN NA 242 -65.38 1.07 -10.21
N LYS NA 243 -66.67 1.35 -10.41
CA LYS NA 243 -67.30 1.10 -11.70
C LYS NA 243 -68.63 1.86 -11.79
N TRP NA 244 -68.93 2.31 -13.02
CA TRP NA 244 -70.26 2.84 -13.33
C TRP NA 244 -70.88 2.27 -14.63
N ALA NA 245 -72.19 2.45 -14.73
CA ALA NA 245 -72.95 2.15 -15.95
C ALA NA 245 -73.99 3.25 -16.14
N ALA NA 246 -74.26 3.60 -17.38
CA ALA NA 246 -75.11 4.75 -17.65
C ALA NA 246 -76.09 4.39 -18.75
N VAL NA 247 -77.28 4.95 -18.66
CA VAL NA 247 -78.30 4.76 -19.67
C VAL NA 247 -78.93 6.13 -19.95
N VAL NA 248 -79.00 6.49 -21.22
CA VAL NA 248 -79.70 7.71 -21.63
C VAL NA 248 -81.19 7.38 -21.71
N VAL NA 249 -82.00 8.09 -20.91
CA VAL NA 249 -83.45 7.83 -20.86
C VAL NA 249 -84.26 9.02 -21.36
N PRO NA 250 -85.53 8.77 -21.76
CA PRO NA 250 -86.42 9.87 -22.17
C PRO NA 250 -87.09 10.56 -20.96
N SER NA 251 -87.62 11.76 -21.17
CA SER NA 251 -88.15 12.59 -20.08
C SER NA 251 -89.34 11.98 -19.35
N GLY NA 252 -89.36 12.15 -18.02
CA GLY NA 252 -90.48 11.71 -17.19
C GLY NA 252 -90.53 10.20 -17.02
N GLN NA 253 -89.52 9.50 -17.55
CA GLN NA 253 -89.48 8.05 -17.58
C GLN NA 253 -88.41 7.46 -16.69
N GLU NA 254 -87.82 8.29 -15.82
CA GLU NA 254 -86.73 7.87 -14.94
C GLU NA 254 -87.10 6.67 -14.07
N GLN NA 255 -88.31 6.70 -13.50
CA GLN NA 255 -88.76 5.68 -12.53
C GLN NA 255 -88.89 4.29 -13.11
N ARG NA 256 -89.06 4.20 -14.42
CA ARG NA 256 -89.08 2.90 -15.08
C ARG NA 256 -87.73 2.19 -14.96
N TYR NA 257 -86.65 2.97 -14.77
CA TYR NA 257 -85.31 2.40 -14.73
C TYR NA 257 -84.86 2.09 -13.32
N THR NA 258 -84.00 1.08 -13.20
CA THR NA 258 -83.49 0.61 -11.92
C THR NA 258 -82.10 0.01 -12.13
N CYS NA 259 -81.21 0.25 -11.17
CA CYS NA 259 -79.84 -0.26 -11.27
C CYS NA 259 -79.66 -1.44 -10.35
N HIS NA 260 -79.01 -2.47 -10.86
CA HIS NA 260 -78.86 -3.73 -10.15
C HIS NA 260 -77.38 -4.02 -9.92
N VAL NA 261 -77.04 -4.35 -8.68
CA VAL NA 261 -75.65 -4.51 -8.26
C VAL NA 261 -75.44 -5.85 -7.59
N GLN NA 262 -74.57 -6.67 -8.17
CA GLN NA 262 -74.22 -7.98 -7.60
C GLN NA 262 -72.74 -8.01 -7.26
N HIS NA 263 -72.43 -8.33 -6.01
CA HIS NA 263 -71.05 -8.40 -5.55
C HIS NA 263 -70.99 -9.36 -4.36
N GLU NA 264 -69.88 -10.10 -4.29
CA GLU NA 264 -69.62 -11.07 -3.22
C GLU NA 264 -69.80 -10.51 -1.80
N GLY NA 265 -69.63 -9.19 -1.65
CA GLY NA 265 -69.79 -8.54 -0.34
C GLY NA 265 -71.21 -8.17 0.04
N LEU NA 266 -72.16 -8.41 -0.86
CA LEU NA 266 -73.57 -8.06 -0.62
C LEU NA 266 -74.36 -9.29 -0.16
N PRO NA 267 -74.93 -9.25 1.07
CA PRO NA 267 -75.83 -10.33 1.50
C PRO NA 267 -76.78 -10.74 0.39
N LYS NA 268 -77.42 -9.76 -0.24
CA LYS NA 268 -78.23 -10.00 -1.42
C LYS NA 268 -78.08 -8.84 -2.42
N PRO NA 269 -78.30 -9.12 -3.73
CA PRO NA 269 -78.25 -8.09 -4.77
C PRO NA 269 -79.08 -6.85 -4.46
N LEU NA 270 -78.49 -5.68 -4.70
CA LEU NA 270 -79.15 -4.40 -4.47
C LEU NA 270 -79.81 -3.94 -5.74
N THR NA 271 -81.05 -3.48 -5.59
CA THR NA 271 -81.73 -2.71 -6.62
C THR NA 271 -81.75 -1.26 -6.14
N LEU NA 272 -81.58 -0.33 -7.07
CA LEU NA 272 -81.59 1.10 -6.73
C LEU NA 272 -82.66 1.77 -7.58
N ARG NA 273 -83.52 2.55 -6.92
CA ARG NA 273 -84.74 3.04 -7.54
C ARG NA 273 -84.80 4.56 -7.66
N TRP NA 274 -85.42 5.03 -8.74
CA TRP NA 274 -85.73 6.43 -8.91
C TRP NA 274 -87.08 6.71 -8.30
N GLU NA 275 -87.07 6.86 -6.97
CA GLU NA 275 -88.24 7.26 -6.23
C GLU NA 275 -88.11 8.76 -5.99
N PRO NA 276 -88.94 9.57 -6.68
CA PRO NA 276 -88.80 11.03 -6.71
C PRO NA 276 -88.83 11.62 -5.32
N MET OA 1 -46.56 -9.09 -34.47
CA MET OA 1 -46.52 -7.97 -33.49
C MET OA 1 -47.82 -7.19 -33.55
N ILE OA 2 -48.77 -7.56 -32.71
CA ILE OA 2 -50.02 -6.82 -32.60
C ILE OA 2 -49.74 -5.42 -32.08
N GLN OA 3 -50.67 -4.51 -32.33
CA GLN OA 3 -50.63 -3.20 -31.74
C GLN OA 3 -52.03 -2.87 -31.26
N ARG OA 4 -52.15 -2.56 -29.97
CA ARG OA 4 -53.42 -2.17 -29.39
C ARG OA 4 -53.29 -0.73 -28.90
N THR OA 5 -54.41 -0.03 -28.90
CA THR OA 5 -54.45 1.38 -28.52
C THR OA 5 -54.98 1.50 -27.11
N PRO OA 6 -54.36 2.37 -26.29
CA PRO OA 6 -54.80 2.50 -24.91
C PRO OA 6 -56.19 3.10 -24.73
N LYS OA 7 -56.95 2.54 -23.78
CA LYS OA 7 -58.14 3.18 -23.25
C LYS OA 7 -57.71 3.95 -22.01
N ILE OA 8 -58.36 5.07 -21.76
CA ILE OA 8 -57.92 5.99 -20.72
C ILE OA 8 -59.09 6.36 -19.83
N GLN OA 9 -58.84 6.42 -18.51
CA GLN OA 9 -59.78 7.01 -17.56
C GLN OA 9 -59.08 7.91 -16.56
N VAL OA 10 -59.62 9.11 -16.37
CA VAL OA 10 -59.11 10.08 -15.43
C VAL OA 10 -60.17 10.30 -14.37
N TYR OA 11 -59.78 10.18 -13.10
CA TYR OA 11 -60.73 10.20 -12.00
C TYR OA 11 -59.95 10.34 -10.71
N SER OA 12 -60.66 10.56 -9.60
CA SER OA 12 -60.02 10.73 -8.32
C SER OA 12 -60.21 9.47 -7.49
N ARG OA 13 -59.30 9.24 -6.55
CA ARG OA 13 -59.43 8.08 -5.67
C ARG OA 13 -60.73 8.09 -4.84
N HIS OA 14 -61.00 9.21 -4.17
CA HIS OA 14 -62.26 9.41 -3.43
C HIS OA 14 -63.11 10.46 -4.13
N PRO OA 15 -64.43 10.47 -3.86
CA PRO OA 15 -65.29 11.48 -4.47
C PRO OA 15 -64.71 12.89 -4.29
N ALA OA 16 -64.58 13.63 -5.39
CA ALA OA 16 -63.98 14.96 -5.36
C ALA OA 16 -64.80 15.91 -4.50
N GLU OA 17 -64.09 16.85 -3.89
CA GLU OA 17 -64.65 17.75 -2.89
C GLU OA 17 -63.66 18.90 -2.81
N ASN OA 18 -64.00 20.01 -3.47
CA ASN OA 18 -63.13 21.18 -3.54
C ASN OA 18 -62.54 21.53 -2.19
N GLY OA 19 -61.20 21.57 -2.11
CA GLY OA 19 -60.49 21.87 -0.87
C GLY OA 19 -60.20 20.71 0.06
N LYS OA 20 -60.40 19.48 -0.40
CA LYS OA 20 -60.04 18.29 0.40
C LYS OA 20 -59.04 17.44 -0.36
N SER OA 21 -57.95 17.04 0.30
CA SER OA 21 -56.90 16.29 -0.37
C SER OA 21 -57.42 14.93 -0.83
N ASN OA 22 -56.88 14.48 -1.96
CA ASN OA 22 -57.43 13.37 -2.72
C ASN OA 22 -56.26 12.81 -3.55
N PHE OA 23 -56.56 11.93 -4.48
CA PHE OA 23 -55.57 11.51 -5.46
C PHE OA 23 -56.19 11.59 -6.83
N LEU OA 24 -55.45 12.14 -7.79
CA LEU OA 24 -55.85 12.17 -9.19
C LEU OA 24 -55.26 10.93 -9.85
N ASN OA 25 -56.14 10.08 -10.40
CA ASN OA 25 -55.72 8.84 -11.09
C ASN OA 25 -55.81 8.99 -12.61
N CYS OA 26 -54.84 8.39 -13.31
CA CYS OA 26 -54.96 8.12 -14.74
C CYS OA 26 -54.66 6.63 -15.01
N TYR OA 27 -55.69 5.91 -15.42
CA TYR OA 27 -55.63 4.49 -15.64
C TYR OA 27 -55.66 4.20 -17.14
N VAL OA 28 -54.53 3.74 -17.67
CA VAL OA 28 -54.39 3.36 -19.07
C VAL OA 28 -54.31 1.85 -19.15
N SER OA 29 -55.02 1.27 -20.12
CA SER OA 29 -55.24 -0.17 -20.17
C SER OA 29 -55.51 -0.61 -21.58
N GLY OA 30 -55.44 -1.91 -21.81
CA GLY OA 30 -55.72 -2.48 -23.11
C GLY OA 30 -54.79 -1.98 -24.19
N PHE OA 31 -53.51 -1.74 -23.86
CA PHE OA 31 -52.53 -1.28 -24.86
C PHE OA 31 -51.36 -2.25 -25.07
N HIS OA 32 -50.77 -2.19 -26.27
CA HIS OA 32 -49.61 -2.97 -26.59
C HIS OA 32 -48.93 -2.28 -27.78
N PRO OA 33 -47.58 -2.16 -27.75
CA PRO OA 33 -46.63 -2.61 -26.75
C PRO OA 33 -46.49 -1.66 -25.54
N SER OA 34 -45.59 -2.03 -24.62
CA SER OA 34 -45.56 -1.49 -23.26
C SER OA 34 -45.00 -0.09 -23.11
N ASP OA 35 -44.16 0.36 -24.04
CA ASP OA 35 -43.67 1.74 -24.00
C ASP OA 35 -44.86 2.69 -24.09
N ILE OA 36 -44.86 3.69 -23.22
CA ILE OA 36 -45.97 4.62 -23.14
C ILE OA 36 -45.58 5.79 -22.23
N GLU OA 37 -45.97 7.00 -22.64
CA GLU OA 37 -45.72 8.21 -21.86
C GLU OA 37 -47.05 8.75 -21.36
N VAL OA 38 -47.14 8.96 -20.06
CA VAL OA 38 -48.34 9.49 -19.45
C VAL OA 38 -47.99 10.63 -18.50
N ASP OA 39 -48.60 11.79 -18.74
CA ASP OA 39 -48.49 12.89 -17.81
C ASP OA 39 -49.84 13.29 -17.28
N LEU OA 40 -49.81 13.94 -16.12
CA LEU OA 40 -50.96 14.55 -15.51
C LEU OA 40 -50.76 16.06 -15.56
N LEU OA 41 -51.79 16.78 -16.00
CA LEU OA 41 -51.71 18.22 -16.16
C LEU OA 41 -52.54 18.99 -15.13
N LYS OA 42 -51.97 20.11 -14.68
CA LYS OA 42 -52.67 21.10 -13.88
C LYS OA 42 -52.67 22.39 -14.70
N ASN OA 43 -53.83 22.77 -15.22
CA ASN OA 43 -53.92 23.89 -16.17
C ASN OA 43 -52.88 23.81 -17.30
N GLY OA 44 -52.74 22.63 -17.90
CA GLY OA 44 -51.93 22.43 -19.10
C GLY OA 44 -50.45 22.11 -18.88
N GLU OA 45 -49.97 22.30 -17.66
CA GLU OA 45 -48.57 22.06 -17.29
C GLU OA 45 -48.43 20.72 -16.59
N ARG OA 46 -47.45 19.91 -17.01
CA ARG OA 46 -47.30 18.59 -16.41
C ARG OA 46 -46.89 18.68 -14.93
N ILE OA 47 -47.40 17.75 -14.13
CA ILE OA 47 -47.11 17.67 -12.69
C ILE OA 47 -45.96 16.69 -12.46
N GLU OA 48 -45.05 17.04 -11.57
CA GLU OA 48 -43.77 16.32 -11.50
C GLU OA 48 -43.88 15.01 -10.71
N LYS OA 49 -43.97 15.08 -9.38
CA LYS OA 49 -43.87 13.87 -8.55
C LYS OA 49 -45.11 12.97 -8.76
N VAL OA 50 -45.12 12.29 -9.90
CA VAL OA 50 -46.21 11.40 -10.27
C VAL OA 50 -45.72 9.96 -10.20
N GLU OA 51 -46.47 9.14 -9.47
CA GLU OA 51 -46.13 7.74 -9.30
C GLU OA 51 -47.03 6.91 -10.17
N HIS OA 52 -46.51 5.80 -10.69
CA HIS OA 52 -47.33 4.82 -11.40
C HIS OA 52 -47.19 3.44 -10.80
N SER OA 53 -48.16 2.57 -11.07
CA SER OA 53 -48.13 1.21 -10.55
C SER OA 53 -47.15 0.36 -11.33
N ASP OA 54 -47.00 -0.89 -10.89
CA ASP OA 54 -46.12 -1.84 -11.53
C ASP OA 54 -46.81 -2.48 -12.71
N LEU OA 55 -46.18 -2.37 -13.89
CA LEU OA 55 -46.73 -2.91 -15.13
C LEU OA 55 -47.20 -4.35 -14.90
N SER OA 56 -48.49 -4.60 -15.16
CA SER OA 56 -49.01 -5.97 -15.26
C SER OA 56 -49.90 -5.99 -16.49
N PHE OA 57 -50.58 -7.10 -16.75
CA PHE OA 57 -51.36 -7.24 -17.97
C PHE OA 57 -52.51 -8.19 -17.78
N SER OA 58 -53.46 -8.12 -18.71
CA SER OA 58 -54.72 -8.83 -18.64
C SER OA 58 -54.66 -10.12 -19.46
N LYS OA 59 -55.73 -10.89 -19.38
CA LYS OA 59 -55.88 -12.15 -20.12
C LYS OA 59 -55.50 -12.03 -21.59
N ASP OA 60 -55.95 -10.96 -22.24
CA ASP OA 60 -55.69 -10.83 -23.68
C ASP OA 60 -54.26 -10.35 -23.97
N TRP OA 61 -53.40 -10.36 -22.93
CA TRP OA 61 -51.98 -9.94 -23.01
C TRP OA 61 -51.76 -8.45 -23.15
N SER OA 62 -52.82 -7.65 -23.09
CA SER OA 62 -52.69 -6.19 -23.14
C SER OA 62 -52.37 -5.68 -21.74
N PHE OA 63 -51.67 -4.55 -21.66
CA PHE OA 63 -51.12 -4.01 -20.41
C PHE OA 63 -52.03 -2.96 -19.76
N TYR OA 64 -51.85 -2.79 -18.45
CA TYR OA 64 -52.47 -1.72 -17.70
C TYR OA 64 -51.52 -1.10 -16.67
N LEU OA 65 -51.64 0.22 -16.49
CA LEU OA 65 -50.87 0.97 -15.51
C LEU OA 65 -51.76 2.04 -14.88
N LEU OA 66 -51.57 2.27 -13.58
CA LEU OA 66 -52.21 3.40 -12.89
C LEU OA 66 -51.20 4.49 -12.55
N TYR OA 67 -51.31 5.64 -13.20
CA TYR OA 67 -50.57 6.83 -12.80
C TYR OA 67 -51.39 7.61 -11.76
N TYR OA 68 -50.70 8.18 -10.77
CA TYR OA 68 -51.37 8.90 -9.67
C TYR OA 68 -50.50 9.94 -8.97
N THR OA 69 -51.11 11.04 -8.55
CA THR OA 69 -50.45 12.07 -7.75
C THR OA 69 -51.43 12.64 -6.73
N GLU OA 70 -50.91 13.13 -5.62
CA GLU OA 70 -51.73 13.70 -4.58
C GLU OA 70 -52.08 15.12 -4.99
N PHE OA 71 -53.27 15.58 -4.60
CA PHE OA 71 -53.70 16.93 -4.98
C PHE OA 71 -54.91 17.34 -4.18
N THR OA 72 -55.16 18.65 -4.18
CA THR OA 72 -56.32 19.26 -3.54
C THR OA 72 -57.04 20.04 -4.63
N PRO OA 73 -58.20 19.53 -5.09
CA PRO OA 73 -58.89 20.19 -6.21
C PRO OA 73 -59.60 21.46 -5.76
N THR OA 74 -59.70 22.42 -6.67
CA THR OA 74 -60.43 23.67 -6.43
C THR OA 74 -60.95 24.13 -7.77
N GLU OA 75 -61.97 24.99 -7.77
CA GLU OA 75 -62.76 25.24 -8.98
C GLU OA 75 -62.04 26.10 -10.04
N LYS OA 76 -61.03 26.85 -9.63
CA LYS OA 76 -60.22 27.59 -10.58
C LYS OA 76 -59.32 26.68 -11.45
N ASN OA 77 -59.00 25.49 -10.94
CA ASN OA 77 -58.05 24.56 -11.57
C ASN OA 77 -58.69 23.41 -12.35
N GLU OA 78 -58.19 23.18 -13.57
CA GLU OA 78 -58.59 22.06 -14.42
C GLU OA 78 -57.47 21.01 -14.49
N TYR OA 79 -57.85 19.73 -14.53
CA TYR OA 79 -56.89 18.63 -14.58
C TYR OA 79 -57.10 17.73 -15.78
N ALA OA 80 -56.03 17.09 -16.23
CA ALA OA 80 -56.10 16.28 -17.43
C ALA OA 80 -55.04 15.18 -17.39
N CYS OA 81 -55.21 14.19 -18.25
CA CYS OA 81 -54.18 13.17 -18.48
C CYS OA 81 -53.74 13.27 -19.94
N ARG OA 82 -52.44 13.23 -20.18
CA ARG OA 82 -51.89 13.27 -21.53
C ARG OA 82 -51.14 11.97 -21.77
N VAL OA 83 -51.48 11.27 -22.86
CA VAL OA 83 -50.92 9.98 -23.14
C VAL OA 83 -50.37 9.92 -24.57
N ASN OA 84 -49.10 9.53 -24.72
CA ASN OA 84 -48.59 9.18 -26.03
C ASN OA 84 -48.15 7.72 -26.11
N HIS OA 85 -48.51 7.10 -27.23
CA HIS OA 85 -48.24 5.69 -27.47
C HIS OA 85 -47.93 5.54 -28.97
N VAL OA 86 -47.18 4.52 -29.33
CA VAL OA 86 -46.79 4.34 -30.72
C VAL OA 86 -48.00 4.20 -31.67
N THR OA 87 -49.18 3.84 -31.14
CA THR OA 87 -50.38 3.64 -31.93
C THR OA 87 -51.18 4.93 -32.09
N LEU OA 88 -50.74 6.03 -31.48
CA LEU OA 88 -51.44 7.31 -31.58
C LEU OA 88 -50.69 8.30 -32.46
N SER OA 89 -51.42 8.96 -33.36
CA SER OA 89 -50.81 9.93 -34.28
C SER OA 89 -50.31 11.18 -33.54
N GLN OA 90 -50.99 11.52 -32.44
CA GLN OA 90 -50.58 12.65 -31.61
C GLN OA 90 -51.04 12.46 -30.17
N PRO OA 91 -50.37 13.12 -29.21
CA PRO OA 91 -50.72 12.99 -27.79
C PRO OA 91 -52.22 13.08 -27.57
N LYS OA 92 -52.78 12.20 -26.75
CA LYS OA 92 -54.21 12.29 -26.41
C LYS OA 92 -54.39 12.91 -25.03
N ILE OA 93 -55.26 13.91 -24.99
CA ILE OA 93 -55.62 14.59 -23.76
C ILE OA 93 -57.05 14.24 -23.40
N VAL OA 94 -57.22 13.69 -22.20
CA VAL OA 94 -58.54 13.39 -21.63
C VAL OA 94 -58.69 14.22 -20.35
N LYS OA 95 -59.59 15.20 -20.39
CA LYS OA 95 -59.82 16.11 -19.25
C LYS OA 95 -60.51 15.39 -18.11
N TRP OA 96 -60.30 15.86 -16.88
CA TRP OA 96 -60.95 15.25 -15.72
C TRP OA 96 -62.33 15.84 -15.46
N ASP OA 97 -63.36 15.12 -15.88
CA ASP OA 97 -64.74 15.49 -15.56
C ASP OA 97 -65.03 14.92 -14.18
N ARG OA 98 -65.51 15.76 -13.27
CA ARG OA 98 -65.72 15.35 -11.88
C ARG OA 98 -66.96 14.48 -11.67
N ASP OA 99 -67.63 14.11 -12.77
CA ASP OA 99 -68.81 13.26 -12.72
C ASP OA 99 -68.64 12.00 -13.58
N MET OA 100 -67.39 11.57 -13.75
CA MET OA 100 -67.07 10.37 -14.52
C MET OA 100 -65.79 9.70 -13.99
N TYR PA 1 -44.61 -17.02 -3.91
CA TYR PA 1 -43.46 -17.98 -3.87
C TYR PA 1 -43.18 -18.61 -5.24
N LEU PA 2 -42.07 -18.21 -5.85
CA LEU PA 2 -41.74 -18.55 -7.24
C LEU PA 2 -41.18 -19.95 -7.45
N LEU PA 3 -41.15 -20.35 -8.72
CA LEU PA 3 -40.51 -21.58 -9.15
C LEU PA 3 -39.04 -21.43 -8.87
N MET PA 4 -38.36 -22.52 -8.51
CA MET PA 4 -36.95 -22.45 -8.19
C MET PA 4 -36.13 -22.10 -9.43
N TRP PA 5 -36.62 -22.53 -10.59
CA TRP PA 5 -35.98 -22.16 -11.85
C TRP PA 5 -36.96 -22.25 -12.99
N ILE PA 6 -36.61 -21.62 -14.11
CA ILE PA 6 -37.39 -21.78 -15.35
C ILE PA 6 -36.53 -22.18 -16.54
N THR PA 7 -37.12 -23.00 -17.41
CA THR PA 7 -36.39 -23.61 -18.52
C THR PA 7 -36.54 -22.78 -19.77
N GLN PA 8 -35.46 -22.76 -20.55
CA GLN PA 8 -35.40 -22.00 -21.78
C GLN PA 8 -36.51 -22.38 -22.76
N VAL PA 9 -36.69 -21.53 -23.75
CA VAL PA 9 -37.75 -21.68 -24.73
C VAL PA 9 -37.08 -22.26 -25.99
#